data_6YTQ
#
_entry.id   6YTQ
#
_cell.length_a   1.00
_cell.length_b   1.00
_cell.length_c   1.00
_cell.angle_alpha   90.00
_cell.angle_beta   90.00
_cell.angle_gamma   90.00
#
_symmetry.space_group_name_H-M   'P 1'
#
_entity_poly.entity_id   1
_entity_poly.type   'polypeptide(L)'
_entity_poly.pdbx_seq_one_letter_code
;MCPTLNNIVSSLQRNGIFINSLIAALTIGGQQLFSSSTFSCPCQVGKNFYYGSAFLVIPALILLVAGFALRSQMWTITGE
YCCSCAPPYRRISPLECKLACLRFFSITGRAVIAPLTWLAVTLLTGTYYECAASEFASVDHYPMFDNVSASKREEILAGF
PCCRSAPSDVILVRDEIALLHRYQSQMLGWILITLATIAALVSCCVAKCCSPLTSLQHCYWTSHLQNERELFEQAAEQHS
RLLMMHRIKKLFGFIPGSEDVKHIRIPSCQDWKDISVPTLLCMGDDLQGHYSFLGNRVDEDNEEDRSRGIELKP
;
_entity_poly.pdbx_strand_id   A,B,C,D,E,F,G,H,I,J,K,L,M,N,O,P,Q,R,S,T,U,V
#
# COMPACT_ATOMS: atom_id res chain seq x y z
N THR A 4 -2.26 32.97 -2.45
CA THR A 4 -2.68 33.96 -1.45
C THR A 4 -2.90 35.33 -2.07
N LEU A 5 -2.48 35.46 -3.33
CA LEU A 5 -2.56 36.75 -4.01
C LEU A 5 -3.99 37.25 -4.10
N ASN A 6 -4.87 36.45 -4.70
CA ASN A 6 -6.25 36.89 -4.95
C ASN A 6 -6.98 37.29 -3.68
N ASN A 7 -6.61 36.70 -2.53
CA ASN A 7 -7.18 37.15 -1.26
C ASN A 7 -6.91 38.63 -1.02
N ILE A 8 -5.63 39.02 -1.05
CA ILE A 8 -5.29 40.42 -0.79
C ILE A 8 -5.80 41.32 -1.91
N VAL A 9 -5.86 40.80 -3.14
CA VAL A 9 -6.38 41.60 -4.25
C VAL A 9 -7.84 41.95 -3.99
N SER A 10 -8.65 40.96 -3.64
CA SER A 10 -10.05 41.23 -3.33
C SER A 10 -10.19 42.10 -2.09
N SER A 11 -9.32 41.92 -1.10
CA SER A 11 -9.41 42.71 0.11
C SER A 11 -9.21 44.19 -0.19
N LEU A 12 -8.18 44.52 -0.97
CA LEU A 12 -7.99 45.92 -1.35
C LEU A 12 -9.08 46.39 -2.29
N GLN A 13 -9.56 45.53 -3.20
CA GLN A 13 -10.58 45.94 -4.15
C GLN A 13 -11.88 46.32 -3.45
N ARG A 14 -12.19 45.66 -2.34
CA ARG A 14 -13.36 46.10 -1.57
C ARG A 14 -13.07 47.38 -0.81
N ASN A 15 -11.82 47.58 -0.38
CA ASN A 15 -11.45 48.71 0.45
C ASN A 15 -11.59 50.00 -0.35
N GLY A 16 -12.59 50.81 0.00
CA GLY A 16 -12.79 52.07 -0.71
C GLY A 16 -11.68 53.08 -0.52
N ILE A 17 -11.05 53.09 0.65
CA ILE A 17 -10.02 54.09 0.94
C ILE A 17 -8.88 53.99 -0.04
N PHE A 18 -8.40 52.77 -0.29
CA PHE A 18 -7.27 52.60 -1.19
C PHE A 18 -7.62 53.03 -2.61
N ILE A 19 -8.81 52.66 -3.08
CA ILE A 19 -9.22 53.03 -4.43
C ILE A 19 -9.30 54.54 -4.58
N ASN A 20 -9.93 55.21 -3.61
CA ASN A 20 -10.04 56.66 -3.68
C ASN A 20 -8.66 57.32 -3.64
N SER A 21 -7.78 56.83 -2.76
CA SER A 21 -6.45 57.41 -2.68
C SER A 21 -5.69 57.22 -3.99
N LEU A 22 -5.81 56.05 -4.61
CA LEU A 22 -5.14 55.84 -5.88
C LEU A 22 -5.67 56.77 -6.96
N ILE A 23 -6.99 56.96 -7.00
CA ILE A 23 -7.56 57.89 -7.97
C ILE A 23 -7.00 59.29 -7.75
N ALA A 24 -6.95 59.73 -6.51
CA ALA A 24 -6.44 61.08 -6.25
C ALA A 24 -4.98 61.21 -6.66
N ALA A 25 -4.16 60.20 -6.35
CA ALA A 25 -2.75 60.26 -6.73
C ALA A 25 -2.59 60.30 -8.24
N LEU A 26 -3.35 59.47 -8.94
CA LEU A 26 -3.30 59.47 -10.39
C LEU A 26 -3.69 60.82 -10.97
N THR A 27 -4.74 61.44 -10.43
CA THR A 27 -5.12 62.76 -10.95
C THR A 27 -4.05 63.80 -10.66
N ILE A 28 -3.40 63.72 -9.50
CA ILE A 28 -2.35 64.69 -9.20
C ILE A 28 -1.21 64.55 -10.20
N GLY A 29 -0.74 63.33 -10.39
CA GLY A 29 0.36 63.11 -11.33
C GLY A 29 0.01 63.52 -12.74
N GLY A 30 -1.18 63.13 -13.20
CA GLY A 30 -1.59 63.50 -14.54
C GLY A 30 -1.69 64.99 -14.73
N GLN A 31 -2.26 65.69 -13.74
CA GLN A 31 -2.35 67.14 -13.84
C GLN A 31 -0.97 67.76 -13.92
N GLN A 32 -0.05 67.28 -13.09
CA GLN A 32 1.30 67.85 -13.10
C GLN A 32 1.95 67.68 -14.46
N LEU A 33 1.92 66.47 -14.99
CA LEU A 33 2.52 66.23 -16.31
C LEU A 33 1.86 67.09 -17.37
N PHE A 34 0.53 67.12 -17.37
CA PHE A 34 -0.22 67.91 -18.35
C PHE A 34 0.19 69.37 -18.31
N SER A 35 0.13 69.98 -17.13
CA SER A 35 0.46 71.39 -17.01
C SER A 35 1.91 71.65 -17.42
N SER A 36 2.83 70.76 -17.03
CA SER A 36 4.22 71.00 -17.38
C SER A 36 4.46 70.88 -18.87
N SER A 37 3.66 70.09 -19.58
CA SER A 37 3.98 69.86 -20.97
C SER A 37 3.33 70.87 -21.90
N THR A 38 2.01 71.06 -21.80
CA THR A 38 1.28 71.75 -22.86
C THR A 38 0.57 73.01 -22.37
N PHE A 39 1.25 73.86 -21.62
CA PHE A 39 0.64 75.09 -21.12
C PHE A 39 1.54 76.28 -21.40
N SER A 40 0.95 77.34 -21.98
CA SER A 40 1.66 78.58 -22.23
C SER A 40 0.63 79.68 -22.36
N CYS A 41 0.80 80.75 -21.59
CA CYS A 41 -0.19 81.81 -21.57
C CYS A 41 -0.22 82.48 -22.94
N PRO A 42 -1.39 82.79 -23.48
CA PRO A 42 -1.44 83.45 -24.79
C PRO A 42 -0.91 84.86 -24.80
N CYS A 43 -1.06 85.63 -23.72
CA CYS A 43 -0.62 87.02 -23.68
C CYS A 43 -1.21 87.82 -24.84
N GLN A 44 -2.43 87.48 -25.22
CA GLN A 44 -3.17 88.24 -26.21
C GLN A 44 -3.96 89.35 -25.54
N VAL A 45 -4.87 89.98 -26.27
CA VAL A 45 -5.54 91.17 -25.77
C VAL A 45 -6.75 90.82 -24.93
N GLY A 46 -7.68 90.04 -25.48
CA GLY A 46 -8.90 89.71 -24.77
C GLY A 46 -9.12 88.21 -24.69
N LYS A 47 -8.23 87.46 -25.31
CA LYS A 47 -8.34 86.01 -25.41
C LYS A 47 -7.50 85.28 -24.38
N ASN A 48 -7.29 85.88 -23.21
CA ASN A 48 -6.53 85.25 -22.14
C ASN A 48 -7.44 84.56 -21.13
N PHE A 49 -8.51 85.23 -20.72
CA PHE A 49 -9.38 84.70 -19.68
C PHE A 49 -10.00 83.38 -20.10
N TYR A 50 -10.34 83.23 -21.38
CA TYR A 50 -10.86 81.96 -21.85
C TYR A 50 -9.80 80.87 -21.77
N TYR A 51 -8.57 81.19 -22.17
CA TYR A 51 -7.52 80.18 -22.15
C TYR A 51 -7.23 79.73 -20.73
N GLY A 52 -7.48 80.59 -19.75
CA GLY A 52 -7.34 80.15 -18.38
C GLY A 52 -8.52 79.30 -17.95
N SER A 53 -9.73 79.82 -18.16
CA SER A 53 -10.92 79.15 -17.66
C SER A 53 -11.07 77.76 -18.26
N ALA A 54 -10.65 77.56 -19.50
CA ALA A 54 -10.78 76.23 -20.11
C ALA A 54 -9.99 75.21 -19.30
N PHE A 55 -8.69 75.44 -19.14
CA PHE A 55 -7.88 74.51 -18.37
C PHE A 55 -8.35 74.40 -16.94
N LEU A 56 -8.98 75.46 -16.41
CA LEU A 56 -9.40 75.39 -15.02
C LEU A 56 -10.64 74.53 -14.84
N VAL A 57 -11.57 74.57 -15.79
CA VAL A 57 -12.90 74.01 -15.61
C VAL A 57 -13.10 72.74 -16.43
N ILE A 58 -12.85 72.80 -17.74
CA ILE A 58 -13.28 71.70 -18.62
C ILE A 58 -12.80 70.34 -18.13
N PRO A 59 -11.55 70.15 -17.71
CA PRO A 59 -11.17 68.86 -17.14
C PRO A 59 -12.04 68.43 -15.98
N ALA A 60 -12.51 69.38 -15.15
CA ALA A 60 -13.38 69.01 -14.06
C ALA A 60 -14.67 68.38 -14.58
N LEU A 61 -15.33 69.05 -15.51
CA LEU A 61 -16.56 68.51 -16.07
C LEU A 61 -16.32 67.15 -16.73
N ILE A 62 -15.24 67.04 -17.50
CA ILE A 62 -14.97 65.79 -18.19
C ILE A 62 -14.76 64.66 -17.19
N LEU A 63 -13.89 64.87 -16.22
CA LEU A 63 -13.59 63.81 -15.26
C LEU A 63 -14.81 63.47 -14.42
N LEU A 64 -15.63 64.47 -14.08
CA LEU A 64 -16.82 64.20 -13.30
C LEU A 64 -17.83 63.36 -14.08
N VAL A 65 -18.12 63.75 -15.32
CA VAL A 65 -19.04 62.97 -16.14
C VAL A 65 -18.49 61.58 -16.37
N ALA A 66 -17.18 61.45 -16.56
CA ALA A 66 -16.60 60.13 -16.76
C ALA A 66 -16.73 59.27 -15.52
N GLY A 67 -16.41 59.83 -14.35
CA GLY A 67 -16.52 59.10 -13.10
C GLY A 67 -17.95 58.74 -12.74
N PHE A 68 -18.91 59.49 -13.25
CA PHE A 68 -20.32 59.14 -13.01
C PHE A 68 -20.78 58.06 -13.98
N ALA A 69 -20.62 58.30 -15.28
CA ALA A 69 -21.18 57.42 -16.29
C ALA A 69 -20.51 56.05 -16.33
N LEU A 70 -19.27 55.94 -15.88
CA LEU A 70 -18.57 54.67 -15.96
C LEU A 70 -19.02 53.66 -14.91
N ARG A 71 -19.78 54.08 -13.90
CA ARG A 71 -20.23 53.15 -12.88
C ARG A 71 -21.43 52.38 -13.40
N SER A 72 -21.27 51.06 -13.50
CA SER A 72 -22.31 50.22 -14.08
C SER A 72 -23.64 50.40 -13.37
N GLN A 73 -23.62 50.53 -12.04
CA GLN A 73 -24.87 50.59 -11.30
C GLN A 73 -25.68 51.84 -11.65
N MET A 74 -25.00 52.93 -12.00
CA MET A 74 -25.72 54.15 -12.32
C MET A 74 -26.59 53.97 -13.55
N TRP A 75 -26.13 53.19 -14.53
CA TRP A 75 -26.97 52.93 -15.69
C TRP A 75 -28.22 52.15 -15.32
N THR A 76 -28.07 51.15 -14.45
CA THR A 76 -29.23 50.37 -14.02
C THR A 76 -30.22 51.24 -13.25
N ILE A 77 -29.71 52.12 -12.39
CA ILE A 77 -30.60 53.00 -11.63
C ILE A 77 -31.34 53.94 -12.57
N THR A 78 -30.64 54.49 -13.56
CA THR A 78 -31.32 55.34 -14.54
C THR A 78 -32.37 54.55 -15.30
N GLY A 79 -32.07 53.31 -15.68
CA GLY A 79 -33.05 52.49 -16.37
C GLY A 79 -34.29 52.25 -15.53
N GLU A 80 -34.10 52.01 -14.23
CA GLU A 80 -35.23 52.00 -13.30
C GLU A 80 -35.98 53.32 -13.34
N TYR A 81 -35.26 54.44 -13.47
CA TYR A 81 -35.91 55.74 -13.48
C TYR A 81 -36.43 56.13 -14.86
N CYS A 82 -35.63 55.93 -15.90
CA CYS A 82 -36.01 56.35 -17.24
C CYS A 82 -37.20 55.53 -17.75
N CYS A 83 -37.86 56.07 -18.77
CA CYS A 83 -38.98 55.40 -19.39
C CYS A 83 -38.51 54.24 -20.27
N PRO A 94 -42.46 55.00 -2.21
CA PRO A 94 -42.38 54.16 -1.01
C PRO A 94 -40.95 53.95 -0.53
N LEU A 95 -40.50 52.69 -0.52
CA LEU A 95 -39.13 52.40 -0.11
C LEU A 95 -38.18 52.37 -1.28
N GLU A 96 -38.67 51.99 -2.47
CA GLU A 96 -37.79 51.88 -3.63
C GLU A 96 -37.15 53.22 -3.97
N CYS A 97 -37.90 54.32 -3.80
CA CYS A 97 -37.36 55.63 -4.11
C CYS A 97 -36.20 55.98 -3.17
N LYS A 98 -36.39 55.81 -1.87
CA LYS A 98 -35.33 56.11 -0.93
C LYS A 98 -34.11 55.23 -1.16
N LEU A 99 -34.34 53.95 -1.47
CA LEU A 99 -33.21 53.07 -1.73
C LEU A 99 -32.46 53.48 -2.98
N ALA A 100 -33.17 53.87 -4.03
CA ALA A 100 -32.51 54.37 -5.22
C ALA A 100 -31.70 55.61 -4.91
N CYS A 101 -32.25 56.50 -4.07
CA CYS A 101 -31.51 57.71 -3.71
C CYS A 101 -30.23 57.36 -2.97
N LEU A 102 -30.29 56.38 -2.07
CA LEU A 102 -29.08 55.97 -1.35
C LEU A 102 -28.04 55.35 -2.29
N ARG A 103 -28.50 54.53 -3.23
CA ARG A 103 -27.59 53.94 -4.20
C ARG A 103 -26.88 55.01 -5.02
N PHE A 104 -27.66 55.94 -5.58
CA PHE A 104 -27.13 57.05 -6.35
C PHE A 104 -26.15 57.87 -5.52
N PHE A 105 -26.47 58.08 -4.24
CA PHE A 105 -25.59 58.87 -3.39
C PHE A 105 -24.27 58.17 -3.17
N SER A 106 -24.29 56.86 -2.97
CA SER A 106 -23.03 56.14 -2.79
C SER A 106 -22.16 56.25 -4.04
N ILE A 107 -22.77 56.07 -5.22
CA ILE A 107 -21.99 56.19 -6.44
C ILE A 107 -21.43 57.61 -6.59
N THR A 108 -22.22 58.61 -6.22
CA THR A 108 -21.74 59.99 -6.25
C THR A 108 -20.55 60.17 -5.33
N GLY A 109 -20.63 59.64 -4.12
CA GLY A 109 -19.53 59.75 -3.19
C GLY A 109 -18.26 59.14 -3.74
N ARG A 110 -18.39 58.10 -4.57
CA ARG A 110 -17.20 57.58 -5.23
C ARG A 110 -16.72 58.53 -6.32
N ALA A 111 -17.63 59.05 -7.13
CA ALA A 111 -17.23 59.72 -8.36
C ALA A 111 -16.70 61.13 -8.14
N VAL A 112 -17.14 61.81 -7.08
CA VAL A 112 -16.77 63.21 -6.90
C VAL A 112 -15.29 63.40 -6.58
N ILE A 113 -14.57 62.34 -6.23
CA ILE A 113 -13.19 62.49 -5.77
C ILE A 113 -12.29 63.08 -6.84
N ALA A 114 -12.56 62.78 -8.11
CA ALA A 114 -11.61 63.19 -9.15
C ALA A 114 -11.69 64.69 -9.45
N PRO A 115 -12.86 65.24 -9.81
CA PRO A 115 -12.87 66.67 -10.17
C PRO A 115 -12.44 67.57 -9.04
N LEU A 116 -12.83 67.26 -7.81
CA LEU A 116 -12.47 68.13 -6.70
C LEU A 116 -10.98 68.12 -6.45
N THR A 117 -10.33 66.95 -6.58
CA THR A 117 -8.89 66.93 -6.40
C THR A 117 -8.17 67.62 -7.56
N TRP A 118 -8.72 67.54 -8.77
CA TRP A 118 -8.12 68.27 -9.88
C TRP A 118 -8.17 69.78 -9.62
N LEU A 119 -9.37 70.28 -9.30
CA LEU A 119 -9.49 71.70 -8.97
C LEU A 119 -8.57 72.08 -7.82
N ALA A 120 -8.48 71.25 -6.80
CA ALA A 120 -7.65 71.59 -5.65
C ALA A 120 -6.20 71.73 -6.04
N VAL A 121 -5.67 70.74 -6.77
CA VAL A 121 -4.25 70.80 -7.07
C VAL A 121 -3.95 71.94 -8.05
N THR A 122 -4.86 72.20 -8.99
CA THR A 122 -4.56 73.25 -9.96
C THR A 122 -4.71 74.63 -9.34
N LEU A 123 -5.58 74.80 -8.34
CA LEU A 123 -5.63 76.08 -7.67
C LEU A 123 -4.46 76.26 -6.72
N LEU A 124 -4.02 75.18 -6.07
CA LEU A 124 -2.92 75.31 -5.13
C LEU A 124 -1.61 75.62 -5.85
N THR A 125 -1.34 74.93 -6.96
CA THR A 125 -0.20 75.35 -7.77
C THR A 125 -0.43 76.74 -8.34
N GLY A 126 -1.68 77.05 -8.70
CA GLY A 126 -2.08 78.39 -9.05
C GLY A 126 -1.61 78.91 -10.39
N THR A 127 -0.69 78.21 -11.06
CA THR A 127 -0.15 78.73 -12.31
C THR A 127 -1.23 78.88 -13.37
N TYR A 128 -2.38 78.24 -13.20
CA TYR A 128 -3.47 78.42 -14.14
C TYR A 128 -4.21 79.71 -13.87
N TYR A 129 -4.47 80.02 -12.60
CA TYR A 129 -5.33 81.13 -12.28
C TYR A 129 -4.71 82.45 -12.69
N GLU A 130 -3.39 82.59 -12.52
CA GLU A 130 -2.75 83.84 -12.90
C GLU A 130 -2.96 84.14 -14.38
N CYS A 131 -2.87 83.12 -15.24
CA CYS A 131 -3.19 83.32 -16.64
C CYS A 131 -4.69 83.56 -16.82
N ALA A 132 -5.50 82.99 -15.94
CA ALA A 132 -6.95 83.14 -16.10
C ALA A 132 -7.38 84.58 -15.91
N ALA A 133 -6.83 85.26 -14.92
CA ALA A 133 -7.26 86.61 -14.57
C ALA A 133 -6.08 87.56 -14.50
N SER A 134 -5.16 87.45 -15.46
CA SER A 134 -4.05 88.40 -15.53
C SER A 134 -4.46 89.74 -16.09
N GLU A 135 -5.70 89.90 -16.53
CA GLU A 135 -6.17 91.16 -17.08
C GLU A 135 -7.04 91.95 -16.12
N PHE A 136 -7.63 91.31 -15.11
CA PHE A 136 -8.54 91.99 -14.21
C PHE A 136 -7.84 92.73 -13.08
N ALA A 137 -6.51 92.76 -13.06
CA ALA A 137 -5.81 93.40 -11.95
C ALA A 137 -6.16 94.88 -11.87
N SER A 138 -6.70 95.29 -10.74
CA SER A 138 -7.10 96.68 -10.54
C SER A 138 -5.85 97.52 -10.32
N VAL A 139 -5.46 98.26 -11.34
CA VAL A 139 -4.28 99.12 -11.27
C VAL A 139 -4.78 100.57 -11.16
N ASP A 140 -4.57 101.15 -9.99
CA ASP A 140 -4.91 102.55 -9.74
C ASP A 140 -3.84 103.32 -8.99
N HIS A 141 -2.88 102.65 -8.35
CA HIS A 141 -1.93 103.34 -7.50
C HIS A 141 -0.50 103.04 -7.95
N TYR A 142 -0.26 103.14 -9.25
CA TYR A 142 1.04 102.90 -9.81
C TYR A 142 1.43 104.03 -10.75
N PRO A 143 2.71 104.37 -10.81
CA PRO A 143 3.11 105.60 -11.53
C PRO A 143 3.15 105.44 -13.04
N MET A 144 3.38 104.22 -13.52
CA MET A 144 3.54 104.00 -14.95
C MET A 144 2.22 103.75 -15.68
N PHE A 145 1.11 103.66 -14.96
CA PHE A 145 -0.20 103.46 -15.58
C PHE A 145 -1.07 104.71 -15.52
N ASP A 146 -0.48 105.89 -15.33
CA ASP A 146 -1.28 107.10 -15.20
C ASP A 146 -1.63 107.70 -16.56
N ASN A 147 -0.62 108.08 -17.34
CA ASN A 147 -0.88 108.81 -18.58
C ASN A 147 -1.19 107.88 -19.75
N VAL A 148 -0.75 106.62 -19.68
CA VAL A 148 -0.85 105.72 -20.81
C VAL A 148 -2.31 105.47 -21.17
N SER A 149 -2.55 105.16 -22.44
CA SER A 149 -3.90 104.97 -22.92
C SER A 149 -4.48 103.66 -22.39
N ALA A 150 -5.81 103.54 -22.48
CA ALA A 150 -6.50 102.39 -21.92
C ALA A 150 -6.11 101.11 -22.67
N SER A 151 -6.22 101.12 -24.00
CA SER A 151 -5.84 99.94 -24.76
C SER A 151 -4.35 99.64 -24.60
N LYS A 152 -3.52 100.68 -24.52
CA LYS A 152 -2.11 100.45 -24.23
C LYS A 152 -1.94 99.80 -22.87
N ARG A 153 -2.77 100.18 -21.90
CA ARG A 153 -2.72 99.54 -20.60
C ARG A 153 -3.11 98.07 -20.67
N GLU A 154 -4.17 97.76 -21.43
CA GLU A 154 -4.55 96.36 -21.62
C GLU A 154 -3.42 95.57 -22.23
N GLU A 155 -2.78 96.13 -23.26
CA GLU A 155 -1.68 95.43 -23.93
C GLU A 155 -0.53 95.18 -22.96
N ILE A 156 -0.13 96.19 -22.20
CA ILE A 156 1.00 96.02 -21.31
C ILE A 156 0.63 95.17 -20.10
N LEU A 157 -0.66 95.07 -19.80
CA LEU A 157 -1.09 94.29 -18.64
C LEU A 157 -1.18 92.81 -18.96
N ALA A 158 -1.71 92.48 -20.14
CA ALA A 158 -1.87 91.08 -20.49
C ALA A 158 -0.57 90.40 -20.85
N GLY A 159 0.51 91.16 -21.04
CA GLY A 159 1.79 90.57 -21.38
C GLY A 159 2.61 90.13 -20.20
N PHE A 160 2.14 90.41 -19.00
CA PHE A 160 2.92 90.13 -17.79
C PHE A 160 3.27 88.66 -17.61
N PRO A 161 2.33 87.71 -17.65
CA PRO A 161 2.67 86.36 -17.18
C PRO A 161 3.77 85.67 -17.97
N CYS A 162 3.75 85.75 -19.29
CA CYS A 162 4.60 84.88 -20.10
C CYS A 162 6.06 85.33 -20.10
N CYS A 163 6.36 86.58 -20.42
CA CYS A 163 7.76 86.96 -20.60
C CYS A 163 8.03 88.30 -19.93
N ARG A 164 9.31 88.65 -19.89
CA ARG A 164 9.76 89.91 -19.31
C ARG A 164 10.99 90.42 -20.03
N SER A 165 10.93 91.65 -20.53
CA SER A 165 12.07 92.31 -21.13
C SER A 165 12.19 93.79 -20.76
N ALA A 166 11.26 94.31 -19.98
CA ALA A 166 11.14 95.75 -19.74
C ALA A 166 12.13 96.19 -18.66
N PRO A 167 12.19 97.50 -18.36
CA PRO A 167 13.05 97.98 -17.26
C PRO A 167 12.64 97.45 -15.88
N SER A 168 13.40 97.87 -14.86
CA SER A 168 13.27 97.28 -13.54
C SER A 168 11.89 97.51 -12.94
N ASP A 169 11.41 98.76 -12.98
CA ASP A 169 10.15 99.06 -12.32
C ASP A 169 9.00 98.23 -12.89
N VAL A 170 9.02 98.00 -14.20
CA VAL A 170 7.98 97.21 -14.82
C VAL A 170 8.04 95.77 -14.32
N ILE A 171 9.24 95.18 -14.25
CA ILE A 171 9.30 93.79 -13.82
C ILE A 171 8.97 93.69 -12.33
N LEU A 172 9.22 94.74 -11.57
CA LEU A 172 8.85 94.72 -10.16
C LEU A 172 7.34 94.76 -9.98
N VAL A 173 6.66 95.66 -10.69
CA VAL A 173 5.20 95.67 -10.59
C VAL A 173 4.63 94.36 -11.14
N ARG A 174 5.32 93.75 -12.10
CA ARG A 174 4.93 92.43 -12.59
C ARG A 174 5.01 91.39 -11.49
N ASP A 175 6.15 91.33 -10.79
CA ASP A 175 6.30 90.41 -9.68
C ASP A 175 5.23 90.63 -8.63
N GLU A 176 4.89 91.89 -8.38
CA GLU A 176 3.89 92.18 -7.36
C GLU A 176 2.52 91.66 -7.78
N ILE A 177 2.11 91.93 -9.03
CA ILE A 177 0.82 91.44 -9.51
C ILE A 177 0.78 89.92 -9.45
N ALA A 178 1.89 89.28 -9.82
CA ALA A 178 1.93 87.82 -9.82
C ALA A 178 1.75 87.27 -8.41
N LEU A 179 2.45 87.87 -7.43
CA LEU A 179 2.29 87.39 -6.05
C LEU A 179 0.87 87.58 -5.55
N LEU A 180 0.27 88.74 -5.84
CA LEU A 180 -1.11 88.97 -5.43
C LEU A 180 -2.03 87.89 -6.02
N HIS A 181 -1.87 87.61 -7.31
CA HIS A 181 -2.78 86.67 -7.94
C HIS A 181 -2.55 85.26 -7.42
N ARG A 182 -1.30 84.89 -7.14
CA ARG A 182 -1.05 83.57 -6.57
C ARG A 182 -1.69 83.45 -5.20
N TYR A 183 -1.60 84.51 -4.39
CA TYR A 183 -2.27 84.50 -3.09
C TYR A 183 -3.77 84.27 -3.26
N GLN A 184 -4.38 85.00 -4.18
CA GLN A 184 -5.81 84.83 -4.40
C GLN A 184 -6.15 83.41 -4.82
N SER A 185 -5.34 82.84 -5.71
CA SER A 185 -5.61 81.48 -6.16
C SER A 185 -5.54 80.50 -5.01
N GLN A 186 -4.50 80.60 -4.19
CA GLN A 186 -4.36 79.61 -3.11
C GLN A 186 -5.47 79.77 -2.07
N MET A 187 -5.87 81.00 -1.76
CA MET A 187 -6.98 81.16 -0.84
C MET A 187 -8.26 80.58 -1.41
N LEU A 188 -8.52 80.83 -2.69
CA LEU A 188 -9.70 80.26 -3.31
C LEU A 188 -9.67 78.74 -3.25
N GLY A 189 -8.49 78.16 -3.43
CA GLY A 189 -8.36 76.71 -3.34
C GLY A 189 -8.70 76.18 -1.96
N TRP A 190 -8.16 76.83 -0.92
CA TRP A 190 -8.46 76.37 0.42
C TRP A 190 -9.94 76.51 0.73
N ILE A 191 -10.56 77.59 0.24
CA ILE A 191 -11.99 77.77 0.44
C ILE A 191 -12.77 76.64 -0.23
N LEU A 192 -12.38 76.28 -1.45
CA LEU A 192 -13.04 75.18 -2.13
C LEU A 192 -12.91 73.88 -1.35
N ILE A 193 -11.71 73.60 -0.84
CA ILE A 193 -11.52 72.37 -0.07
C ILE A 193 -12.40 72.35 1.17
N THR A 194 -12.39 73.45 1.94
CA THR A 194 -13.16 73.43 3.19
C THR A 194 -14.65 73.32 2.91
N LEU A 195 -15.15 74.04 1.90
CA LEU A 195 -16.57 73.96 1.61
C LEU A 195 -16.95 72.58 1.11
N ALA A 196 -16.10 71.97 0.26
CA ALA A 196 -16.38 70.64 -0.22
C ALA A 196 -16.43 69.64 0.92
N THR A 197 -15.48 69.73 1.85
CA THR A 197 -15.47 68.79 2.96
C THR A 197 -16.69 68.96 3.85
N ILE A 198 -17.04 70.21 4.20
CA ILE A 198 -18.18 70.40 5.09
C ILE A 198 -19.47 69.95 4.41
N ALA A 199 -19.58 70.20 3.10
CA ALA A 199 -20.76 69.76 2.38
C ALA A 199 -20.85 68.24 2.32
N ALA A 200 -19.72 67.57 2.04
CA ALA A 200 -19.72 66.12 2.01
C ALA A 200 -20.13 65.55 3.36
N LEU A 201 -19.60 66.12 4.44
CA LEU A 201 -19.93 65.60 5.77
C LEU A 201 -21.40 65.78 6.09
N VAL A 202 -21.93 66.99 5.89
CA VAL A 202 -23.33 67.21 6.21
C VAL A 202 -24.23 66.37 5.32
N SER A 203 -23.84 66.17 4.07
CA SER A 203 -24.66 65.36 3.17
C SER A 203 -24.65 63.90 3.57
N CYS A 204 -23.49 63.36 3.95
CA CYS A 204 -23.45 61.98 4.40
C CYS A 204 -24.26 61.80 5.67
N CYS A 205 -24.18 62.76 6.59
CA CYS A 205 -24.96 62.66 7.82
C CYS A 205 -26.46 62.71 7.52
N VAL A 206 -26.87 63.59 6.61
CA VAL A 206 -28.28 63.67 6.24
C VAL A 206 -28.74 62.36 5.62
N ALA A 207 -27.90 61.77 4.75
CA ALA A 207 -28.27 60.51 4.12
C ALA A 207 -28.41 59.42 5.16
N LYS A 208 -27.52 59.39 6.15
CA LYS A 208 -27.65 58.41 7.22
C LYS A 208 -28.88 58.67 8.07
N CYS A 209 -29.29 59.93 8.18
CA CYS A 209 -30.47 60.28 8.94
C CYS A 209 -31.75 59.81 8.25
N CYS A 210 -31.92 60.18 6.99
CA CYS A 210 -33.15 59.87 6.26
C CYS A 210 -33.23 58.41 5.85
N SER A 211 -32.25 57.59 6.20
CA SER A 211 -32.27 56.20 5.79
C SER A 211 -33.36 55.46 6.56
N PRO A 212 -34.15 54.63 5.88
CA PRO A 212 -35.17 53.85 6.59
C PRO A 212 -34.64 52.58 7.22
N LEU A 213 -33.40 52.20 6.96
CA LEU A 213 -32.86 50.94 7.45
C LEU A 213 -32.02 51.15 8.70
N THR A 214 -31.78 50.04 9.41
CA THR A 214 -31.02 50.08 10.64
C THR A 214 -29.53 50.08 10.34
N SER A 215 -28.72 49.90 11.37
CA SER A 215 -27.27 49.84 11.21
C SER A 215 -26.79 48.49 10.71
N LEU A 216 -27.68 47.51 10.61
CA LEU A 216 -27.32 46.16 10.16
C LEU A 216 -27.95 45.79 8.84
N GLN A 217 -29.20 46.20 8.59
CA GLN A 217 -29.83 45.91 7.32
C GLN A 217 -29.07 46.52 6.16
N HIS A 218 -28.38 47.64 6.39
CA HIS A 218 -27.66 48.30 5.31
C HIS A 218 -26.52 47.43 4.76
N CYS A 219 -25.72 46.85 5.65
CA CYS A 219 -24.62 46.01 5.21
C CYS A 219 -25.14 44.79 4.47
N TYR A 220 -26.15 44.12 5.06
CA TYR A 220 -26.82 43.02 4.38
C TYR A 220 -27.28 43.44 2.99
N TRP A 221 -27.79 44.65 2.87
CA TRP A 221 -28.34 45.11 1.60
C TRP A 221 -27.24 45.28 0.56
N THR A 222 -26.11 45.87 0.95
CA THR A 222 -25.02 46.06 0.01
C THR A 222 -24.49 44.71 -0.47
N SER A 223 -24.29 43.79 0.48
CA SER A 223 -23.83 42.47 0.08
C SER A 223 -24.83 41.79 -0.84
N HIS A 224 -26.12 41.97 -0.56
CA HIS A 224 -27.17 41.46 -1.43
C HIS A 224 -26.99 41.96 -2.85
N LEU A 225 -26.85 43.27 -3.02
CA LEU A 225 -26.72 43.84 -4.36
C LEU A 225 -25.51 43.27 -5.09
N GLN A 226 -24.33 43.34 -4.46
CA GLN A 226 -23.11 42.93 -5.13
C GLN A 226 -23.17 41.45 -5.53
N ASN A 227 -23.48 40.58 -4.57
CA ASN A 227 -23.50 39.16 -4.86
C ASN A 227 -24.59 38.81 -5.86
N GLU A 228 -25.72 39.52 -5.81
CA GLU A 228 -26.76 39.32 -6.81
C GLU A 228 -26.21 39.53 -8.21
N ARG A 229 -25.61 40.70 -8.44
CA ARG A 229 -25.06 40.98 -9.76
C ARG A 229 -24.11 39.89 -10.21
N GLU A 230 -23.14 39.56 -9.36
CA GLU A 230 -22.11 38.60 -9.76
C GLU A 230 -22.71 37.24 -10.09
N LEU A 231 -23.53 36.71 -9.18
CA LEU A 231 -24.08 35.37 -9.38
C LEU A 231 -24.97 35.32 -10.60
N PHE A 232 -25.80 36.33 -10.81
CA PHE A 232 -26.66 36.29 -11.99
C PHE A 232 -25.84 36.30 -13.27
N GLU A 233 -24.76 37.09 -13.29
CA GLU A 233 -23.90 37.08 -14.47
C GLU A 233 -23.36 35.68 -14.73
N GLN A 234 -22.80 35.05 -13.71
CA GLN A 234 -22.20 33.74 -13.90
C GLN A 234 -23.25 32.72 -14.36
N ALA A 235 -24.43 32.77 -13.75
CA ALA A 235 -25.46 31.79 -14.08
C ALA A 235 -25.95 31.97 -15.51
N ALA A 236 -26.21 33.21 -15.91
CA ALA A 236 -26.65 33.45 -17.28
C ALA A 236 -25.62 32.96 -18.27
N GLU A 237 -24.34 33.24 -18.01
CA GLU A 237 -23.29 32.77 -18.91
C GLU A 237 -23.35 31.25 -19.04
N GLN A 238 -23.34 30.55 -17.90
CA GLN A 238 -23.29 29.09 -17.95
C GLN A 238 -24.52 28.51 -18.64
N HIS A 239 -25.69 29.09 -18.38
CA HIS A 239 -26.92 28.57 -18.97
C HIS A 239 -26.91 28.74 -20.47
N SER A 240 -26.54 29.92 -20.96
CA SER A 240 -26.50 30.12 -22.40
C SER A 240 -25.46 29.22 -23.04
N ARG A 241 -24.33 29.01 -22.36
CA ARG A 241 -23.32 28.11 -22.89
C ARG A 241 -23.89 26.70 -23.04
N LEU A 242 -24.60 26.21 -22.01
CA LEU A 242 -25.16 24.87 -22.10
C LEU A 242 -26.19 24.77 -23.22
N LEU A 243 -27.04 25.78 -23.37
CA LEU A 243 -28.05 25.70 -24.41
C LEU A 243 -27.42 25.70 -25.80
N MET A 244 -26.44 26.58 -26.03
CA MET A 244 -25.77 26.57 -27.32
C MET A 244 -25.06 25.25 -27.56
N MET A 245 -24.50 24.67 -26.49
CA MET A 245 -23.84 23.37 -26.62
C MET A 245 -24.83 22.29 -27.02
N HIS A 246 -26.04 22.33 -26.46
CA HIS A 246 -27.05 21.36 -26.84
C HIS A 246 -27.47 21.54 -28.29
N ARG A 247 -27.63 22.78 -28.75
CA ARG A 247 -27.95 22.97 -30.16
C ARG A 247 -26.85 22.45 -31.06
N ILE A 248 -25.59 22.69 -30.68
CA ILE A 248 -24.49 22.18 -31.47
C ILE A 248 -24.52 20.67 -31.54
N LYS A 249 -24.77 20.01 -30.40
CA LYS A 249 -24.80 18.56 -30.40
C LYS A 249 -25.96 18.03 -31.22
N LYS A 250 -27.10 18.72 -31.21
CA LYS A 250 -28.21 18.31 -32.05
C LYS A 250 -27.85 18.43 -33.52
N LEU A 251 -27.07 19.45 -33.88
CA LEU A 251 -26.71 19.63 -35.28
C LEU A 251 -25.65 18.62 -35.72
N PHE A 252 -24.47 18.67 -35.12
CA PHE A 252 -23.36 17.86 -35.60
C PHE A 252 -23.42 16.43 -35.08
N GLY A 253 -24.04 16.21 -33.94
CA GLY A 253 -24.21 14.88 -33.40
C GLY A 253 -23.36 14.53 -32.22
N PHE A 254 -22.82 15.51 -31.50
CA PHE A 254 -21.96 15.23 -30.37
C PHE A 254 -21.75 16.52 -29.60
N ILE A 255 -21.44 16.38 -28.32
CA ILE A 255 -21.16 17.54 -27.49
C ILE A 255 -19.74 18.00 -27.76
N PRO A 256 -19.51 19.30 -27.99
CA PRO A 256 -18.15 19.73 -28.36
C PRO A 256 -17.11 19.44 -27.30
N GLY A 257 -17.45 19.63 -26.02
CA GLY A 257 -16.49 19.37 -24.96
C GLY A 257 -16.14 17.91 -24.81
N SER A 258 -16.55 17.08 -25.76
CA SER A 258 -16.32 15.65 -25.69
C SER A 258 -15.00 15.24 -26.32
N GLU A 259 -14.66 13.98 -26.09
CA GLU A 259 -13.51 13.30 -26.67
C GLU A 259 -13.87 11.88 -27.04
N ASP A 260 -13.13 11.35 -28.03
CA ASP A 260 -13.28 9.98 -28.54
C ASP A 260 -14.74 9.68 -28.94
N VAL A 261 -15.39 10.67 -29.53
CA VAL A 261 -16.77 10.51 -29.97
C VAL A 261 -16.82 9.49 -31.09
N LYS A 262 -17.73 8.54 -31.00
CA LYS A 262 -17.83 7.49 -32.01
C LYS A 262 -19.01 7.69 -32.95
N HIS A 263 -19.63 8.86 -32.97
CA HIS A 263 -20.73 9.07 -33.89
C HIS A 263 -20.73 10.51 -34.39
N ILE A 264 -20.87 10.68 -35.70
CA ILE A 264 -20.81 11.98 -36.36
C ILE A 264 -22.02 12.10 -37.28
N ARG A 265 -22.70 13.23 -37.23
CA ARG A 265 -23.84 13.48 -38.10
C ARG A 265 -23.48 14.57 -39.09
N ILE A 266 -23.47 14.21 -40.37
CA ILE A 266 -23.20 15.21 -41.41
C ILE A 266 -24.39 16.15 -41.55
N PRO A 267 -24.20 17.46 -41.58
CA PRO A 267 -25.32 18.37 -41.70
C PRO A 267 -25.91 18.35 -43.10
N SER A 268 -27.17 18.78 -43.19
CA SER A 268 -27.83 18.93 -44.47
C SER A 268 -27.69 20.37 -44.96
N CYS A 269 -28.00 20.57 -46.23
CA CYS A 269 -27.88 21.91 -46.80
C CYS A 269 -28.91 22.88 -46.24
N GLN A 270 -29.81 22.41 -45.37
CA GLN A 270 -30.79 23.26 -44.72
C GLN A 270 -30.48 23.52 -43.26
N ASP A 271 -29.86 22.55 -42.57
CA ASP A 271 -29.53 22.72 -41.16
C ASP A 271 -28.74 24.01 -40.93
N TRP A 272 -27.87 24.36 -41.87
CA TRP A 272 -27.18 25.64 -41.78
C TRP A 272 -28.17 26.79 -41.77
N LYS A 273 -29.22 26.69 -42.60
CA LYS A 273 -30.27 27.71 -42.59
C LYS A 273 -30.98 27.75 -41.24
N ASP A 274 -31.13 26.60 -40.60
CA ASP A 274 -31.84 26.55 -39.32
C ASP A 274 -31.03 27.21 -38.22
N ILE A 275 -29.75 26.83 -38.08
CA ILE A 275 -28.93 27.35 -36.99
C ILE A 275 -28.63 28.82 -37.16
N SER A 276 -29.01 29.40 -38.30
CA SER A 276 -28.71 30.80 -38.58
C SER A 276 -29.35 31.74 -37.59
N VAL A 277 -30.53 31.41 -37.07
CA VAL A 277 -31.22 32.35 -36.18
C VAL A 277 -30.76 32.11 -34.73
N PRO A 278 -30.70 33.15 -33.91
CA PRO A 278 -30.12 33.01 -32.56
C PRO A 278 -31.12 32.74 -31.45
N THR A 279 -32.43 32.76 -31.74
CA THR A 279 -33.52 32.52 -30.80
C THR A 279 -33.57 33.62 -29.74
N LEU A 280 -32.65 34.57 -29.76
CA LEU A 280 -32.61 35.68 -28.81
C LEU A 280 -32.58 35.18 -27.36
N THR B 4 -2.32 30.48 -12.75
CA THR B 4 -3.21 31.58 -12.38
C THR B 4 -3.15 32.70 -13.41
N LEU B 5 -2.20 32.60 -14.33
CA LEU B 5 -1.99 33.65 -15.32
C LEU B 5 -3.24 33.85 -16.17
N ASN B 6 -3.69 32.79 -16.85
CA ASN B 6 -4.80 32.91 -17.80
C ASN B 6 -6.06 33.47 -17.17
N ASN B 7 -6.27 33.25 -15.86
CA ASN B 7 -7.39 33.89 -15.17
C ASN B 7 -7.32 35.40 -15.29
N ILE B 8 -6.20 35.99 -14.85
CA ILE B 8 -6.09 37.45 -14.89
C ILE B 8 -6.03 37.95 -16.33
N VAL B 9 -5.47 37.14 -17.25
CA VAL B 9 -5.45 37.55 -18.65
C VAL B 9 -6.87 37.68 -19.19
N SER B 10 -7.71 36.68 -18.96
CA SER B 10 -9.09 36.78 -19.41
C SER B 10 -9.84 37.88 -18.68
N SER B 11 -9.53 38.10 -17.39
CA SER B 11 -10.23 39.13 -16.64
C SER B 11 -9.98 40.50 -17.25
N LEU B 12 -8.71 40.80 -17.55
CA LEU B 12 -8.41 42.08 -18.20
C LEU B 12 -8.94 42.12 -19.62
N GLN B 13 -8.90 40.99 -20.33
CA GLN B 13 -9.36 40.97 -21.72
C GLN B 13 -10.84 41.27 -21.82
N ARG B 14 -11.64 40.87 -20.83
CA ARG B 14 -13.04 41.26 -20.83
C ARG B 14 -13.20 42.72 -20.42
N ASN B 15 -12.31 43.23 -19.58
CA ASN B 15 -12.44 44.57 -19.03
C ASN B 15 -12.23 45.59 -20.16
N GLY B 16 -13.31 46.27 -20.55
CA GLY B 16 -13.20 47.27 -21.61
C GLY B 16 -12.35 48.48 -21.25
N ILE B 17 -12.36 48.88 -19.98
CA ILE B 17 -11.64 50.08 -19.58
C ILE B 17 -10.15 49.94 -19.87
N PHE B 18 -9.57 48.80 -19.50
CA PHE B 18 -8.15 48.63 -19.71
C PHE B 18 -7.79 48.62 -21.19
N ILE B 19 -8.60 47.97 -22.01
CA ILE B 19 -8.33 47.91 -23.44
C ILE B 19 -8.39 49.31 -24.04
N ASN B 20 -9.43 50.07 -23.71
CA ASN B 20 -9.55 51.42 -24.25
C ASN B 20 -8.40 52.30 -23.79
N SER B 21 -8.02 52.20 -22.51
CA SER B 21 -6.91 53.01 -22.02
C SER B 21 -5.62 52.65 -22.73
N LEU B 22 -5.38 51.36 -22.98
CA LEU B 22 -4.17 50.97 -23.68
C LEU B 22 -4.17 51.50 -25.10
N ILE B 23 -5.32 51.45 -25.77
CA ILE B 23 -5.39 52.00 -27.12
C ILE B 23 -5.06 53.48 -27.12
N ALA B 24 -5.63 54.22 -26.17
CA ALA B 24 -5.36 55.65 -26.11
C ALA B 24 -3.89 55.93 -25.85
N ALA B 25 -3.28 55.19 -24.93
CA ALA B 25 -1.86 55.41 -24.64
C ALA B 25 -1.00 55.11 -25.87
N LEU B 26 -1.30 54.01 -26.54
CA LEU B 26 -0.57 53.67 -27.75
C LEU B 26 -0.68 54.75 -28.81
N THR B 27 -1.88 55.29 -29.00
CA THR B 27 -2.02 56.35 -29.99
C THR B 27 -1.27 57.60 -29.59
N ILE B 28 -1.25 57.93 -28.30
CA ILE B 28 -0.51 59.11 -27.86
C ILE B 28 0.96 58.95 -28.16
N GLY B 29 1.53 57.80 -27.75
CA GLY B 29 2.94 57.57 -27.99
C GLY B 29 3.30 57.56 -29.46
N GLY B 30 2.49 56.86 -30.26
CA GLY B 30 2.76 56.81 -31.69
C GLY B 30 2.69 58.19 -32.34
N GLN B 31 1.69 58.99 -31.96
CA GLN B 31 1.60 60.34 -32.50
C GLN B 31 2.81 61.16 -32.14
N GLN B 32 3.25 61.06 -30.88
CA GLN B 32 4.41 61.84 -30.47
C GLN B 32 5.64 61.46 -31.27
N LEU B 33 5.93 60.15 -31.38
CA LEU B 33 7.09 59.73 -32.16
C LEU B 33 6.97 60.18 -33.61
N PHE B 34 5.81 59.97 -34.21
CA PHE B 34 5.58 60.36 -35.59
C PHE B 34 5.87 61.84 -35.81
N SER B 35 5.22 62.70 -35.02
CA SER B 35 5.40 64.13 -35.19
C SER B 35 6.86 64.52 -34.97
N SER B 36 7.51 63.93 -33.97
CA SER B 36 8.89 64.32 -33.71
C SER B 36 9.82 63.90 -34.84
N SER B 37 9.48 62.83 -35.55
CA SER B 37 10.44 62.33 -36.52
C SER B 37 10.27 62.96 -37.90
N THR B 38 9.06 62.93 -38.46
CA THR B 38 8.88 63.20 -39.88
C THR B 38 7.97 64.39 -40.15
N PHE B 39 8.19 65.52 -39.47
CA PHE B 39 7.37 66.69 -39.68
C PHE B 39 8.23 67.93 -39.87
N SER B 40 7.95 68.68 -40.93
CA SER B 40 8.64 69.94 -41.19
C SER B 40 7.74 70.78 -42.08
N CYS B 41 7.48 72.02 -41.67
CA CYS B 41 6.56 72.86 -42.40
C CYS B 41 7.16 73.16 -43.78
N PRO B 42 6.37 73.12 -44.85
CA PRO B 42 6.93 73.43 -46.17
C PRO B 42 7.35 74.87 -46.36
N CYS B 43 6.66 75.83 -45.74
CA CYS B 43 6.97 77.25 -45.92
C CYS B 43 6.97 77.63 -47.40
N GLN B 44 6.09 77.00 -48.17
CA GLN B 44 5.89 77.35 -49.56
C GLN B 44 4.83 78.44 -49.66
N VAL B 45 4.35 78.70 -50.88
CA VAL B 45 3.48 79.84 -51.10
C VAL B 45 2.02 79.50 -50.84
N GLY B 46 1.50 78.46 -51.49
CA GLY B 46 0.12 78.09 -51.33
C GLY B 46 -0.06 76.65 -50.91
N LYS B 47 1.05 75.94 -50.82
CA LYS B 47 1.06 74.51 -50.52
C LYS B 47 1.34 74.20 -49.05
N ASN B 48 0.94 75.10 -48.15
CA ASN B 48 1.12 74.89 -46.73
C ASN B 48 -0.13 74.31 -46.07
N PHE B 49 -1.29 74.87 -46.40
CA PHE B 49 -2.53 74.46 -45.76
C PHE B 49 -2.81 72.98 -45.99
N TYR B 50 -2.50 72.48 -47.18
CA TYR B 50 -2.68 71.05 -47.44
C TYR B 50 -1.75 70.22 -46.58
N TYR B 51 -0.48 70.65 -46.47
CA TYR B 51 0.47 69.88 -45.68
C TYR B 51 0.07 69.84 -44.23
N GLY B 52 -0.65 70.84 -43.76
CA GLY B 52 -1.17 70.78 -42.41
C GLY B 52 -2.38 69.87 -42.31
N SER B 53 -3.35 70.10 -43.18
CA SER B 53 -4.61 69.38 -43.10
C SER B 53 -4.41 67.87 -43.26
N ALA B 54 -3.44 67.45 -44.07
CA ALA B 54 -3.20 66.03 -44.24
C ALA B 54 -2.86 65.38 -42.91
N PHE B 55 -1.79 65.87 -42.26
CA PHE B 55 -1.41 65.30 -40.97
C PHE B 55 -2.50 65.47 -39.94
N LEU B 56 -3.35 66.48 -40.08
CA LEU B 56 -4.38 66.68 -39.08
C LEU B 56 -5.52 65.68 -39.23
N VAL B 57 -5.88 65.34 -40.46
CA VAL B 57 -7.11 64.60 -40.73
C VAL B 57 -6.84 63.16 -41.13
N ILE B 58 -6.01 62.94 -42.15
CA ILE B 58 -5.91 61.62 -42.76
C ILE B 58 -5.67 60.51 -41.73
N PRO B 59 -4.76 60.65 -40.76
CA PRO B 59 -4.65 59.61 -39.74
C PRO B 59 -5.94 59.35 -39.01
N ALA B 60 -6.79 60.37 -38.80
CA ALA B 60 -8.07 60.12 -38.14
C ALA B 60 -8.92 59.17 -38.97
N LEU B 61 -9.09 59.47 -40.26
CA LEU B 61 -9.88 58.59 -41.12
C LEU B 61 -9.29 57.19 -41.17
N ILE B 62 -7.97 57.08 -41.31
CA ILE B 62 -7.35 55.76 -41.41
C ILE B 62 -7.59 54.97 -40.14
N LEU B 63 -7.30 55.56 -38.98
CA LEU B 63 -7.46 54.84 -37.73
C LEU B 63 -8.91 54.50 -37.46
N LEU B 64 -9.84 55.39 -37.84
CA LEU B 64 -11.25 55.11 -37.63
C LEU B 64 -11.72 53.94 -38.48
N VAL B 65 -11.40 53.97 -39.78
CA VAL B 65 -11.79 52.87 -40.65
C VAL B 65 -11.14 51.57 -40.18
N ALA B 66 -9.89 51.64 -39.72
CA ALA B 66 -9.23 50.42 -39.26
C ALA B 66 -9.89 49.88 -38.00
N GLY B 67 -10.20 50.75 -37.04
CA GLY B 67 -10.87 50.34 -35.82
C GLY B 67 -12.26 49.84 -36.04
N PHE B 68 -12.92 50.26 -37.12
CA PHE B 68 -14.23 49.73 -37.44
C PHE B 68 -14.14 48.38 -38.15
N ALA B 69 -13.39 48.33 -39.24
CA ALA B 69 -13.36 47.15 -40.09
C ALA B 69 -12.70 45.95 -39.42
N LEU B 70 -11.83 46.17 -38.45
CA LEU B 70 -11.12 45.06 -37.83
C LEU B 70 -11.97 44.27 -36.85
N ARG B 71 -13.13 44.78 -36.46
CA ARG B 71 -13.98 44.06 -35.53
C ARG B 71 -14.74 42.98 -36.27
N SER B 72 -14.51 41.73 -35.89
CA SER B 72 -15.10 40.61 -36.59
C SER B 72 -16.62 40.72 -36.65
N GLN B 73 -17.24 41.16 -35.55
CA GLN B 73 -18.70 41.18 -35.50
C GLN B 73 -19.29 42.14 -36.51
N MET B 74 -18.57 43.22 -36.84
CA MET B 74 -19.10 44.19 -37.80
C MET B 74 -19.28 43.55 -39.16
N TRP B 75 -18.37 42.66 -39.56
CA TRP B 75 -18.54 41.98 -40.84
C TRP B 75 -19.78 41.11 -40.84
N THR B 76 -20.03 40.40 -39.74
CA THR B 76 -21.22 39.55 -39.68
C THR B 76 -22.49 40.39 -39.72
N ILE B 77 -22.49 41.53 -39.02
CA ILE B 77 -23.66 42.38 -39.04
C ILE B 77 -23.91 42.93 -40.44
N THR B 78 -22.85 43.35 -41.13
CA THR B 78 -23.00 43.79 -42.51
C THR B 78 -23.54 42.68 -43.39
N GLY B 79 -23.03 41.46 -43.20
CA GLY B 79 -23.54 40.34 -43.98
C GLY B 79 -25.01 40.10 -43.75
N GLU B 80 -25.46 40.21 -42.50
CA GLU B 80 -26.89 40.21 -42.22
C GLU B 80 -27.59 41.33 -42.97
N TYR B 81 -26.94 42.49 -43.09
CA TYR B 81 -27.56 43.63 -43.77
C TYR B 81 -27.38 43.57 -45.29
N CYS B 82 -26.17 43.28 -45.74
CA CYS B 82 -25.90 43.29 -47.18
C CYS B 82 -26.64 42.17 -47.89
N CYS B 83 -26.76 42.32 -49.21
CA CYS B 83 -27.43 41.34 -50.04
C CYS B 83 -26.55 40.11 -50.22
N PRO B 94 -38.67 44.49 -36.94
CA PRO B 94 -39.13 43.98 -35.64
C PRO B 94 -38.09 44.14 -34.54
N LEU B 95 -37.64 43.03 -33.96
CA LEU B 95 -36.63 43.08 -32.92
C LEU B 95 -35.22 42.94 -33.48
N GLU B 96 -35.07 42.21 -34.58
CA GLU B 96 -33.75 41.98 -35.14
C GLU B 96 -33.09 43.29 -35.53
N CYS B 97 -33.87 44.24 -36.06
CA CYS B 97 -33.30 45.52 -36.46
C CYS B 97 -32.74 46.28 -35.27
N LYS B 98 -33.52 46.39 -34.20
CA LYS B 98 -33.05 47.11 -33.02
C LYS B 98 -31.84 46.41 -32.40
N LEU B 99 -31.84 45.08 -32.40
CA LEU B 99 -30.69 44.37 -31.85
C LEU B 99 -29.44 44.61 -32.69
N ALA B 100 -29.59 44.59 -34.02
CA ALA B 100 -28.46 44.90 -34.88
C ALA B 100 -27.95 46.31 -34.61
N CYS B 101 -28.87 47.25 -34.41
CA CYS B 101 -28.45 48.63 -34.13
C CYS B 101 -27.65 48.70 -32.84
N LEU B 102 -28.09 47.96 -31.82
CA LEU B 102 -27.36 47.97 -30.55
C LEU B 102 -25.98 47.34 -30.70
N ARG B 103 -25.89 46.24 -31.45
CA ARG B 103 -24.60 45.61 -31.69
C ARG B 103 -23.64 46.56 -32.39
N PHE B 104 -24.09 47.16 -33.49
CA PHE B 104 -23.30 48.13 -34.22
C PHE B 104 -22.88 49.28 -33.33
N PHE B 105 -23.78 49.74 -32.45
CA PHE B 105 -23.45 50.85 -31.58
C PHE B 105 -22.36 50.48 -30.60
N SER B 106 -22.42 49.27 -30.04
CA SER B 106 -21.36 48.85 -29.12
C SER B 106 -20.00 48.81 -29.82
N ILE B 107 -19.97 48.24 -31.03
CA ILE B 107 -18.71 48.20 -31.76
C ILE B 107 -18.22 49.62 -32.05
N THR B 108 -19.13 50.52 -32.39
CA THR B 108 -18.74 51.92 -32.61
C THR B 108 -18.15 52.53 -31.35
N GLY B 109 -18.78 52.28 -30.20
CA GLY B 109 -18.26 52.81 -28.96
C GLY B 109 -16.85 52.32 -28.69
N ARG B 110 -16.53 51.11 -29.14
CA ARG B 110 -15.14 50.66 -29.01
C ARG B 110 -14.24 51.40 -30.00
N ALA B 111 -14.69 51.53 -31.25
CA ALA B 111 -13.77 51.94 -32.31
C ALA B 111 -13.47 53.44 -32.30
N VAL B 112 -14.39 54.27 -31.80
CA VAL B 112 -14.21 55.71 -31.89
C VAL B 112 -13.08 56.22 -31.03
N ILE B 113 -12.56 55.42 -30.09
CA ILE B 113 -11.58 55.93 -29.14
C ILE B 113 -10.30 56.39 -29.82
N ALA B 114 -9.90 55.75 -30.92
CA ALA B 114 -8.61 56.06 -31.50
C ALA B 114 -8.59 57.41 -32.23
N PRO B 115 -9.46 57.64 -33.22
CA PRO B 115 -9.37 58.91 -33.95
C PRO B 115 -9.56 60.13 -33.06
N LEU B 116 -10.48 60.04 -32.10
CA LEU B 116 -10.74 61.21 -31.27
C LEU B 116 -9.54 61.52 -30.38
N THR B 117 -8.86 60.50 -29.87
CA THR B 117 -7.68 60.78 -29.07
C THR B 117 -6.54 61.27 -29.92
N TRP B 118 -6.43 60.81 -31.17
CA TRP B 118 -5.40 61.35 -32.06
C TRP B 118 -5.64 62.84 -32.31
N LEU B 119 -6.86 63.19 -32.71
CA LEU B 119 -7.19 64.60 -32.91
C LEU B 119 -6.93 65.40 -31.65
N ALA B 120 -7.32 64.87 -30.49
CA ALA B 120 -7.16 65.61 -29.25
C ALA B 120 -5.69 65.91 -28.98
N VAL B 121 -4.85 64.89 -29.06
CA VAL B 121 -3.45 65.12 -28.71
C VAL B 121 -2.78 66.03 -29.74
N THR B 122 -3.14 65.88 -31.02
CA THR B 122 -2.46 66.71 -32.01
C THR B 122 -2.93 68.16 -31.96
N LEU B 123 -4.18 68.39 -31.55
CA LEU B 123 -4.61 69.77 -31.39
C LEU B 123 -4.04 70.38 -30.12
N LEU B 124 -3.92 69.58 -29.05
CA LEU B 124 -3.40 70.12 -27.81
C LEU B 124 -1.93 70.47 -27.93
N THR B 125 -1.12 69.60 -28.55
CA THR B 125 0.24 70.02 -28.84
C THR B 125 0.25 71.16 -29.84
N GLY B 126 -0.68 71.15 -30.79
CA GLY B 126 -0.92 72.28 -31.65
C GLY B 126 0.10 72.52 -32.73
N THR B 127 1.27 71.86 -32.68
CA THR B 127 2.30 72.15 -33.65
C THR B 127 1.86 71.85 -35.08
N TYR B 128 0.80 71.08 -35.26
CA TYR B 128 0.28 70.83 -36.59
C TYR B 128 -0.55 72.01 -37.08
N TYR B 129 -1.40 72.55 -36.20
CA TYR B 129 -2.36 73.53 -36.65
C TYR B 129 -1.66 74.80 -37.10
N GLU B 130 -0.59 75.22 -36.42
CA GLU B 130 0.10 76.43 -36.82
C GLU B 130 0.60 76.32 -38.25
N CYS B 131 1.14 75.16 -38.64
CA CYS B 131 1.51 74.96 -40.03
C CYS B 131 0.28 74.88 -40.91
N ALA B 132 -0.83 74.41 -40.37
CA ALA B 132 -2.03 74.25 -41.19
C ALA B 132 -2.58 75.59 -41.64
N ALA B 133 -2.58 76.58 -40.76
CA ALA B 133 -3.19 77.87 -41.06
C ALA B 133 -2.22 79.01 -40.76
N SER B 134 -0.95 78.85 -41.12
CA SER B 134 0.01 79.93 -40.97
C SER B 134 -0.13 81.00 -42.03
N GLU B 135 -1.02 80.82 -42.99
CA GLU B 135 -1.22 81.81 -44.04
C GLU B 135 -2.48 82.64 -43.84
N PHE B 136 -3.45 82.16 -43.07
CA PHE B 136 -4.71 82.87 -42.91
C PHE B 136 -4.66 83.97 -41.86
N ALA B 137 -3.51 84.25 -41.27
CA ALA B 137 -3.45 85.24 -40.20
C ALA B 137 -3.85 86.60 -40.72
N SER B 138 -4.89 87.18 -40.13
CA SER B 138 -5.40 88.49 -40.55
C SER B 138 -4.44 89.56 -40.06
N VAL B 139 -3.63 90.10 -40.97
CA VAL B 139 -2.67 91.14 -40.64
C VAL B 139 -3.22 92.46 -41.19
N ASP B 140 -3.62 93.33 -40.27
CA ASP B 140 -4.09 94.66 -40.63
C ASP B 140 -3.55 95.77 -39.76
N HIS B 141 -2.99 95.46 -38.59
CA HIS B 141 -2.57 96.49 -37.64
C HIS B 141 -1.10 96.34 -37.30
N TYR B 142 -0.27 96.17 -38.32
CA TYR B 142 1.15 96.03 -38.14
C TYR B 142 1.90 96.95 -39.11
N PRO B 143 3.04 97.50 -38.69
CA PRO B 143 3.68 98.56 -39.47
C PRO B 143 4.43 98.05 -40.68
N MET B 144 4.91 96.81 -40.63
CA MET B 144 5.75 96.29 -41.69
C MET B 144 4.96 95.64 -42.82
N PHE B 145 3.63 95.53 -42.70
CA PHE B 145 2.78 94.97 -43.74
C PHE B 145 1.94 96.02 -44.45
N ASP B 146 2.33 97.30 -44.37
CA ASP B 146 1.51 98.34 -44.97
C ASP B 146 1.81 98.52 -46.45
N ASN B 147 3.06 98.87 -46.78
CA ASN B 147 3.40 99.22 -48.16
C ASN B 147 3.73 98.00 -49.01
N VAL B 148 4.13 96.90 -48.38
CA VAL B 148 4.62 95.75 -49.12
C VAL B 148 3.52 95.16 -50.00
N SER B 149 3.92 94.52 -51.09
CA SER B 149 2.97 93.98 -52.04
C SER B 149 2.27 92.75 -51.46
N ALA B 150 1.14 92.40 -52.09
CA ALA B 150 0.33 91.30 -51.60
C ALA B 150 1.07 89.97 -51.67
N SER B 151 1.62 89.65 -52.84
CA SER B 151 2.37 88.40 -52.97
C SER B 151 3.61 88.41 -52.08
N LYS B 152 4.26 89.57 -51.96
CA LYS B 152 5.37 89.68 -51.02
C LYS B 152 4.89 89.41 -49.59
N ARG B 153 3.68 89.85 -49.27
CA ARG B 153 3.13 89.58 -47.94
C ARG B 153 2.89 88.08 -47.76
N GLU B 154 2.34 87.42 -48.78
CA GLU B 154 2.14 85.97 -48.69
C GLU B 154 3.47 85.26 -48.47
N GLU B 155 4.49 85.65 -49.22
CA GLU B 155 5.81 85.04 -49.09
C GLU B 155 6.36 85.22 -47.69
N ILE B 156 6.31 86.44 -47.17
CA ILE B 156 6.89 86.69 -45.85
C ILE B 156 6.02 86.10 -44.75
N LEU B 157 4.75 85.86 -45.03
CA LEU B 157 3.85 85.31 -44.01
C LEU B 157 3.99 83.81 -43.90
N ALA B 158 4.10 83.12 -45.03
CA ALA B 158 4.18 81.66 -44.99
C ALA B 158 5.53 81.16 -44.50
N GLY B 159 6.54 82.02 -44.41
CA GLY B 159 7.85 81.61 -43.96
C GLY B 159 8.02 81.62 -42.46
N PHE B 160 7.01 82.10 -41.74
CA PHE B 160 7.14 82.26 -40.29
C PHE B 160 7.43 80.97 -39.54
N PRO B 161 6.66 79.88 -39.72
CA PRO B 161 6.79 78.76 -38.77
C PRO B 161 8.15 78.11 -38.73
N CYS B 162 8.77 77.87 -39.90
CA CYS B 162 9.94 77.00 -39.94
C CYS B 162 11.20 77.67 -39.42
N CYS B 163 11.56 78.85 -39.94
CA CYS B 163 12.85 79.41 -39.58
C CYS B 163 12.73 80.89 -39.29
N ARG B 164 13.82 81.46 -38.78
CA ARG B 164 13.88 82.89 -38.46
C ARG B 164 15.29 83.42 -38.67
N SER B 165 15.41 84.47 -39.48
CA SER B 165 16.68 85.15 -39.67
C SER B 165 16.54 86.66 -39.76
N ALA B 166 15.33 87.20 -39.66
CA ALA B 166 15.05 88.60 -39.93
C ALA B 166 15.39 89.46 -38.71
N PRO B 167 15.25 90.79 -38.82
CA PRO B 167 15.44 91.66 -37.65
C PRO B 167 14.46 91.42 -36.51
N SER B 168 14.62 92.20 -35.44
CA SER B 168 13.91 91.93 -34.19
C SER B 168 12.40 92.05 -34.37
N ASP B 169 11.94 93.14 -34.99
CA ASP B 169 10.50 93.37 -35.08
C ASP B 169 9.80 92.24 -35.83
N VAL B 170 10.46 91.71 -36.86
CA VAL B 170 9.87 90.61 -37.62
C VAL B 170 9.75 89.38 -36.74
N ILE B 171 10.79 89.05 -35.97
CA ILE B 171 10.69 87.83 -35.17
C ILE B 171 9.70 88.03 -34.03
N LEU B 172 9.50 89.27 -33.59
CA LEU B 172 8.51 89.52 -32.55
C LEU B 172 7.10 89.34 -33.08
N VAL B 173 6.80 89.90 -34.26
CA VAL B 173 5.48 89.67 -34.82
C VAL B 173 5.30 88.19 -35.15
N ARG B 174 6.39 87.50 -35.48
CA ARG B 174 6.33 86.06 -35.68
C ARG B 174 5.92 85.34 -34.40
N ASP B 175 6.59 85.66 -33.29
CA ASP B 175 6.24 85.07 -32.00
C ASP B 175 4.78 85.34 -31.67
N GLU B 176 4.32 86.55 -31.97
CA GLU B 176 2.93 86.89 -31.64
C GLU B 176 1.94 86.06 -32.46
N ILE B 177 2.18 85.93 -33.77
CA ILE B 177 1.29 85.13 -34.60
C ILE B 177 1.30 83.69 -34.12
N ALA B 178 2.48 83.18 -33.76
CA ALA B 178 2.57 81.79 -33.30
C ALA B 178 1.76 81.59 -32.03
N LEU B 179 1.88 82.51 -31.07
CA LEU B 179 1.11 82.36 -29.83
C LEU B 179 -0.39 82.41 -30.10
N LEU B 180 -0.82 83.34 -30.95
CA LEU B 180 -2.25 83.40 -31.29
C LEU B 180 -2.72 82.09 -31.87
N HIS B 181 -1.96 81.53 -32.81
CA HIS B 181 -2.41 80.31 -33.48
C HIS B 181 -2.40 79.13 -32.52
N ARG B 182 -1.42 79.07 -31.62
CA ARG B 182 -1.42 78.00 -30.64
C ARG B 182 -2.63 78.10 -29.72
N TYR B 183 -2.98 79.32 -29.31
CA TYR B 183 -4.19 79.50 -28.51
C TYR B 183 -5.41 78.98 -29.25
N GLN B 184 -5.55 79.35 -30.52
CA GLN B 184 -6.69 78.89 -31.29
C GLN B 184 -6.72 77.37 -31.37
N SER B 185 -5.56 76.75 -31.60
CA SER B 185 -5.52 75.30 -31.69
C SER B 185 -5.98 74.64 -30.41
N GLN B 186 -5.46 75.12 -29.27
CA GLN B 186 -5.81 74.47 -28.01
C GLN B 186 -7.28 74.67 -27.68
N MET B 187 -7.84 75.85 -27.95
CA MET B 187 -9.26 76.03 -27.71
C MET B 187 -10.09 75.11 -28.60
N LEU B 188 -9.71 74.99 -29.87
CA LEU B 188 -10.43 74.09 -30.76
C LEU B 188 -10.36 72.66 -30.23
N GLY B 189 -9.21 72.27 -29.68
CA GLY B 189 -9.09 70.93 -29.14
C GLY B 189 -10.02 70.70 -27.96
N TRP B 190 -10.07 71.66 -27.03
CA TRP B 190 -10.96 71.50 -25.89
C TRP B 190 -12.41 71.45 -26.33
N ILE B 191 -12.76 72.25 -27.34
CA ILE B 191 -14.13 72.22 -27.86
C ILE B 191 -14.44 70.84 -28.44
N LEU B 192 -13.50 70.27 -29.20
CA LEU B 192 -13.71 68.94 -29.74
C LEU B 192 -13.91 67.91 -28.64
N ILE B 193 -13.09 67.99 -27.58
CA ILE B 193 -13.24 67.02 -26.49
C ILE B 193 -14.61 67.15 -25.83
N THR B 194 -15.01 68.38 -25.49
CA THR B 194 -16.27 68.52 -24.77
C THR B 194 -17.46 68.10 -25.64
N LEU B 195 -17.43 68.45 -26.93
CA LEU B 195 -18.53 68.05 -27.79
C LEU B 195 -18.57 66.54 -27.96
N ALA B 196 -17.41 65.92 -28.13
CA ALA B 196 -17.37 64.46 -28.27
C ALA B 196 -17.91 63.79 -27.03
N THR B 197 -17.53 64.27 -25.84
CA THR B 197 -18.00 63.64 -24.62
C THR B 197 -19.51 63.80 -24.47
N ILE B 198 -20.03 65.01 -24.69
CA ILE B 198 -21.47 65.20 -24.51
C ILE B 198 -22.25 64.38 -25.53
N ALA B 199 -21.73 64.28 -26.76
CA ALA B 199 -22.42 63.49 -27.76
C ALA B 199 -22.39 62.01 -27.40
N ALA B 200 -21.25 61.51 -26.94
CA ALA B 200 -21.16 60.11 -26.53
C ALA B 200 -22.15 59.82 -25.41
N LEU B 201 -22.23 60.71 -24.43
CA LEU B 201 -23.12 60.47 -23.29
C LEU B 201 -24.58 60.46 -23.74
N VAL B 202 -24.99 61.48 -24.50
CA VAL B 202 -26.39 61.53 -24.91
C VAL B 202 -26.72 60.36 -25.81
N SER B 203 -25.77 59.92 -26.64
CA SER B 203 -26.02 58.79 -27.53
C SER B 203 -26.16 57.49 -26.75
N CYS B 204 -25.28 57.28 -25.76
CA CYS B 204 -25.41 56.08 -24.96
C CYS B 204 -26.72 56.06 -24.19
N CYS B 205 -27.13 57.22 -23.66
CA CYS B 205 -28.40 57.27 -22.94
C CYS B 205 -29.57 56.99 -23.87
N VAL B 206 -29.54 57.54 -25.08
CA VAL B 206 -30.61 57.28 -26.04
C VAL B 206 -30.64 55.80 -26.38
N ALA B 207 -29.48 55.19 -26.58
CA ALA B 207 -29.44 53.76 -26.90
C ALA B 207 -30.02 52.94 -25.76
N LYS B 208 -29.70 53.30 -24.52
CA LYS B 208 -30.28 52.60 -23.38
C LYS B 208 -31.78 52.84 -23.29
N CYS B 209 -32.26 54.00 -23.76
CA CYS B 209 -33.68 54.31 -23.74
C CYS B 209 -34.44 53.46 -24.75
N CYS B 210 -34.01 53.50 -26.00
CA CYS B 210 -34.72 52.80 -27.07
C CYS B 210 -34.54 51.30 -27.03
N SER B 211 -33.81 50.77 -26.05
CA SER B 211 -33.58 49.35 -25.99
C SER B 211 -34.86 48.62 -25.61
N PRO B 212 -35.21 47.53 -26.29
CA PRO B 212 -36.40 46.77 -25.91
C PRO B 212 -36.19 45.80 -24.77
N LEU B 213 -34.95 45.59 -24.33
CA LEU B 213 -34.66 44.60 -23.31
C LEU B 213 -34.53 45.26 -21.93
N THR B 214 -34.61 44.41 -20.91
CA THR B 214 -34.53 44.88 -19.53
C THR B 214 -33.08 45.07 -19.13
N SER B 215 -32.85 45.29 -17.83
CA SER B 215 -31.51 45.45 -17.31
C SER B 215 -30.79 44.13 -17.11
N LEU B 216 -31.47 43.01 -17.31
CA LEU B 216 -30.90 41.68 -17.14
C LEU B 216 -30.79 40.89 -18.42
N GLN B 217 -31.80 41.01 -19.30
CA GLN B 217 -31.73 40.31 -20.58
C GLN B 217 -30.53 40.76 -21.41
N HIS B 218 -30.08 41.99 -21.22
CA HIS B 218 -28.96 42.50 -22.02
C HIS B 218 -27.68 41.73 -21.72
N CYS B 219 -27.37 41.54 -20.44
CA CYS B 219 -26.15 40.81 -20.08
C CYS B 219 -26.21 39.38 -20.57
N TYR B 220 -27.34 38.72 -20.33
CA TYR B 220 -27.56 37.38 -20.87
C TYR B 220 -27.33 37.36 -22.37
N TRP B 221 -27.78 38.40 -23.06
CA TRP B 221 -27.67 38.44 -24.52
C TRP B 221 -26.21 38.54 -24.96
N THR B 222 -25.43 39.41 -24.31
CA THR B 222 -24.03 39.55 -24.66
C THR B 222 -23.27 38.24 -24.43
N SER B 223 -23.50 37.62 -23.28
CA SER B 223 -22.87 36.34 -23.01
C SER B 223 -23.28 35.31 -24.04
N HIS B 224 -24.55 35.32 -24.43
CA HIS B 224 -25.03 34.44 -25.48
C HIS B 224 -24.21 34.59 -26.74
N LEU B 225 -24.07 35.84 -27.22
CA LEU B 225 -23.34 36.08 -28.46
C LEU B 225 -21.91 35.57 -28.37
N GLN B 226 -21.18 36.00 -27.34
CA GLN B 226 -19.77 35.66 -27.24
C GLN B 226 -19.57 34.15 -27.17
N ASN B 227 -20.27 33.49 -26.23
CA ASN B 227 -20.08 32.05 -26.07
C ASN B 227 -20.55 31.29 -27.30
N GLU B 228 -21.59 31.79 -27.97
CA GLU B 228 -22.02 31.16 -29.22
C GLU B 228 -20.88 31.13 -30.21
N ARG B 229 -20.29 32.29 -30.49
CA ARG B 229 -19.20 32.34 -31.45
C ARG B 229 -18.10 31.36 -31.08
N GLU B 230 -17.63 31.43 -29.82
CA GLU B 230 -16.50 30.60 -29.43
C GLU B 230 -16.82 29.12 -29.57
N LEU B 231 -17.96 28.67 -29.01
CA LEU B 231 -18.27 27.26 -29.03
C LEU B 231 -18.47 26.75 -30.44
N PHE B 232 -19.14 27.51 -31.29
CA PHE B 232 -19.34 27.05 -32.66
C PHE B 232 -18.01 26.90 -33.37
N GLU B 233 -17.08 27.83 -33.15
CA GLU B 233 -15.77 27.69 -33.76
C GLU B 233 -15.11 26.39 -33.32
N GLN B 234 -15.08 26.14 -32.01
CA GLN B 234 -14.41 24.94 -31.53
C GLN B 234 -15.06 23.68 -32.09
N ALA B 235 -16.39 23.65 -32.11
CA ALA B 235 -17.10 22.47 -32.56
C ALA B 235 -16.85 22.20 -34.04
N ALA B 236 -16.94 23.25 -34.87
CA ALA B 236 -16.68 23.06 -36.29
C ALA B 236 -15.28 22.54 -36.52
N GLU B 237 -14.30 23.10 -35.82
CA GLU B 237 -12.94 22.62 -35.97
C GLU B 237 -12.85 21.13 -35.65
N GLN B 238 -13.35 20.74 -34.49
CA GLN B 238 -13.23 19.34 -34.07
C GLN B 238 -13.96 18.41 -35.03
N HIS B 239 -15.14 18.80 -35.50
CA HIS B 239 -15.91 17.95 -36.39
C HIS B 239 -15.19 17.75 -37.71
N SER B 240 -14.69 18.84 -38.30
CA SER B 240 -13.97 18.67 -39.56
C SER B 240 -12.71 17.85 -39.37
N ARG B 241 -12.04 18.01 -38.24
CA ARG B 241 -10.86 17.20 -37.97
C ARG B 241 -11.23 15.72 -37.94
N LEU B 242 -12.32 15.37 -37.24
CA LEU B 242 -12.72 13.98 -37.17
C LEU B 242 -13.08 13.42 -38.54
N LEU B 243 -13.80 14.21 -39.34
CA LEU B 243 -14.19 13.71 -40.66
C LEU B 243 -12.97 13.48 -41.54
N MET B 244 -12.04 14.44 -41.56
CA MET B 244 -10.84 14.24 -42.36
C MET B 244 -10.04 13.05 -41.84
N MET B 245 -10.04 12.85 -40.52
CA MET B 245 -9.35 11.69 -39.95
C MET B 245 -9.98 10.40 -40.42
N HIS B 246 -11.31 10.36 -40.49
CA HIS B 246 -11.98 9.16 -40.98
C HIS B 246 -11.65 8.91 -42.44
N ARG B 247 -11.63 9.96 -43.27
CA ARG B 247 -11.24 9.74 -44.66
C ARG B 247 -9.82 9.22 -44.77
N ILE B 248 -8.92 9.77 -43.97
CA ILE B 248 -7.54 9.28 -43.99
C ILE B 248 -7.49 7.81 -43.62
N LYS B 249 -8.21 7.43 -42.58
CA LYS B 249 -8.18 6.03 -42.17
C LYS B 249 -8.79 5.12 -43.21
N LYS B 250 -9.81 5.58 -43.92
CA LYS B 250 -10.38 4.79 -45.00
C LYS B 250 -9.36 4.61 -46.11
N LEU B 251 -8.55 5.64 -46.37
CA LEU B 251 -7.57 5.53 -47.46
C LEU B 251 -6.39 4.65 -47.06
N PHE B 252 -5.65 5.06 -46.03
CA PHE B 252 -4.41 4.36 -45.71
C PHE B 252 -4.66 3.11 -44.88
N GLY B 253 -5.73 3.07 -44.12
CA GLY B 253 -6.08 1.90 -43.36
C GLY B 253 -5.88 1.99 -41.87
N PHE B 254 -5.78 3.19 -41.31
CA PHE B 254 -5.56 3.36 -39.88
C PHE B 254 -5.80 4.80 -39.52
N ILE B 255 -6.13 5.04 -38.26
CA ILE B 255 -6.33 6.40 -37.78
C ILE B 255 -4.97 7.02 -37.51
N PRO B 256 -4.71 8.25 -37.98
CA PRO B 256 -3.36 8.80 -37.82
C PRO B 256 -2.94 8.96 -36.37
N GLY B 257 -3.86 9.39 -35.50
CA GLY B 257 -3.51 9.57 -34.10
C GLY B 257 -3.21 8.26 -33.38
N SER B 258 -3.09 7.17 -34.13
CA SER B 258 -2.86 5.88 -33.54
C SER B 258 -1.38 5.57 -33.36
N GLU B 259 -1.14 4.48 -32.65
CA GLU B 259 0.17 3.90 -32.43
C GLU B 259 0.10 2.37 -32.49
N ASP B 260 1.24 1.76 -32.83
CA ASP B 260 1.40 0.31 -32.93
C ASP B 260 0.33 -0.34 -33.83
N VAL B 261 0.00 0.36 -34.91
CA VAL B 261 -1.00 -0.14 -35.85
C VAL B 261 -0.45 -1.38 -36.52
N LYS B 262 -1.27 -2.43 -36.57
CA LYS B 262 -0.83 -3.69 -37.15
C LYS B 262 -1.42 -3.94 -38.53
N HIS B 263 -2.02 -2.94 -39.17
CA HIS B 263 -2.55 -3.15 -40.51
C HIS B 263 -2.37 -1.91 -41.35
N ILE B 264 -1.87 -2.08 -42.57
CA ILE B 264 -1.56 -0.99 -43.48
C ILE B 264 -2.18 -1.30 -44.83
N ARG B 265 -2.85 -0.33 -45.43
CA ARG B 265 -3.46 -0.51 -46.74
C ARG B 265 -2.71 0.35 -47.74
N ILE B 266 -2.08 -0.29 -48.72
CA ILE B 266 -1.38 0.47 -49.77
C ILE B 266 -2.41 1.11 -50.69
N PRO B 267 -2.27 2.39 -51.02
CA PRO B 267 -3.24 3.04 -51.89
C PRO B 267 -3.09 2.58 -53.33
N SER B 268 -4.17 2.75 -54.08
CA SER B 268 -4.16 2.46 -55.51
C SER B 268 -3.86 3.73 -56.28
N CYS B 269 -3.52 3.57 -57.56
CA CYS B 269 -3.21 4.74 -58.39
C CYS B 269 -4.42 5.61 -58.66
N GLN B 270 -5.60 5.22 -58.19
CA GLN B 270 -6.82 6.00 -58.32
C GLN B 270 -7.25 6.67 -57.01
N ASP B 271 -6.99 6.01 -55.88
CA ASP B 271 -7.38 6.58 -54.59
C ASP B 271 -6.86 7.99 -54.42
N TRP B 272 -5.65 8.26 -54.94
CA TRP B 272 -5.14 9.62 -54.93
C TRP B 272 -6.07 10.55 -55.70
N LYS B 273 -6.59 10.07 -56.84
CA LYS B 273 -7.55 10.87 -57.60
C LYS B 273 -8.82 11.11 -56.79
N ASP B 274 -9.21 10.12 -55.98
CA ASP B 274 -10.45 10.27 -55.20
C ASP B 274 -10.29 11.30 -54.10
N ILE B 275 -9.21 11.20 -53.30
CA ILE B 275 -9.03 12.10 -52.16
C ILE B 275 -8.75 13.52 -52.61
N SER B 276 -8.56 13.73 -53.91
CA SER B 276 -8.22 15.05 -54.43
C SER B 276 -9.30 16.08 -54.16
N VAL B 277 -10.57 15.68 -54.14
CA VAL B 277 -11.64 16.67 -53.97
C VAL B 277 -11.92 16.87 -52.48
N PRO B 278 -12.30 18.06 -52.06
CA PRO B 278 -12.43 18.36 -50.62
C PRO B 278 -13.83 18.19 -50.05
N THR B 279 -14.83 17.91 -50.89
CA THR B 279 -16.23 17.72 -50.50
C THR B 279 -16.84 19.01 -49.95
N LEU B 280 -16.05 20.08 -49.84
CA LEU B 280 -16.51 21.37 -49.34
C LEU B 280 -17.15 21.24 -47.97
N THR C 4 2.84 25.67 -20.95
CA THR C 4 1.83 26.66 -21.33
C THR C 4 2.31 27.50 -22.51
N LEU C 5 3.59 27.34 -22.85
CA LEU C 5 4.18 28.15 -23.91
C LEU C 5 3.47 27.92 -25.24
N ASN C 6 3.43 26.67 -25.70
CA ASN C 6 2.89 26.37 -27.02
C ASN C 6 1.46 26.84 -27.20
N ASN C 7 0.68 26.90 -26.11
CA ASN C 7 -0.67 27.47 -26.20
C ASN C 7 -0.62 28.91 -26.70
N ILE C 8 0.14 29.77 -26.02
CA ILE C 8 0.20 31.17 -26.42
C ILE C 8 0.89 31.31 -27.78
N VAL C 9 1.85 30.43 -28.09
CA VAL C 9 2.50 30.48 -29.38
C VAL C 9 1.50 30.25 -30.50
N SER C 10 0.69 29.19 -30.38
CA SER C 10 -0.33 28.94 -31.39
C SER C 10 -1.38 30.03 -31.41
N SER C 11 -1.71 30.60 -30.25
CA SER C 11 -2.72 31.65 -30.21
C SER C 11 -2.28 32.86 -31.01
N LEU C 12 -1.03 33.30 -30.81
CA LEU C 12 -0.53 34.41 -31.60
C LEU C 12 -0.34 34.02 -33.06
N GLN C 13 0.09 32.79 -33.32
CA GLN C 13 0.33 32.35 -34.69
C GLN C 13 -0.96 32.36 -35.51
N ARG C 14 -2.09 32.07 -34.88
CA ARG C 14 -3.36 32.21 -35.61
C ARG C 14 -3.75 33.67 -35.76
N ASN C 15 -3.38 34.50 -34.80
CA ASN C 15 -3.80 35.90 -34.78
C ASN C 15 -3.14 36.64 -35.95
N GLY C 16 -3.94 37.01 -36.95
CA GLY C 16 -3.40 37.73 -38.09
C GLY C 16 -2.87 39.11 -37.78
N ILE C 17 -3.48 39.80 -36.82
CA ILE C 17 -3.09 41.17 -36.51
C ILE C 17 -1.63 41.23 -36.06
N PHE C 18 -1.24 40.33 -35.17
CA PHE C 18 0.13 40.35 -34.68
C PHE C 18 1.13 40.06 -35.78
N ILE C 19 0.83 39.09 -36.65
CA ILE C 19 1.73 38.75 -37.73
C ILE C 19 1.90 39.93 -38.68
N ASN C 20 0.79 40.56 -39.07
CA ASN C 20 0.88 41.70 -39.97
C ASN C 20 1.64 42.85 -39.34
N SER C 21 1.39 43.13 -38.06
CA SER C 21 2.10 44.20 -37.39
C SER C 21 3.60 43.93 -37.33
N LEU C 22 3.97 42.67 -37.06
CA LEU C 22 5.39 42.33 -37.02
C LEU C 22 6.03 42.51 -38.39
N ILE C 23 5.33 42.09 -39.44
CA ILE C 23 5.87 42.29 -40.79
C ILE C 23 6.09 43.77 -41.07
N ALA C 24 5.11 44.60 -40.71
CA ALA C 24 5.27 46.03 -40.97
C ALA C 24 6.44 46.60 -40.19
N ALA C 25 6.58 46.22 -38.92
CA ALA C 25 7.69 46.75 -38.13
C ALA C 25 9.02 46.32 -38.71
N LEU C 26 9.13 45.06 -39.09
CA LEU C 26 10.35 44.57 -39.71
C LEU C 26 10.69 45.33 -40.97
N THR C 27 9.69 45.60 -41.82
CA THR C 27 9.98 46.35 -43.04
C THR C 27 10.41 47.77 -42.72
N ILE C 28 9.81 48.40 -41.71
CA ILE C 28 10.21 49.76 -41.36
C ILE C 28 11.66 49.78 -40.93
N GLY C 29 12.02 48.89 -40.00
CA GLY C 29 13.39 48.85 -39.51
C GLY C 29 14.39 48.56 -40.62
N GLY C 30 14.08 47.55 -41.45
CA GLY C 30 14.98 47.22 -42.54
C GLY C 30 15.17 48.36 -43.51
N GLN C 31 14.07 49.04 -43.86
CA GLN C 31 14.18 50.18 -44.76
C GLN C 31 15.06 51.27 -44.15
N GLN C 32 14.86 51.55 -42.86
CA GLN C 32 15.65 52.60 -42.23
C GLN C 32 17.14 52.25 -42.28
N LEU C 33 17.50 51.04 -41.87
CA LEU C 33 18.90 50.63 -41.90
C LEU C 33 19.46 50.70 -43.31
N PHE C 34 18.71 50.16 -44.27
CA PHE C 34 19.14 50.16 -45.67
C PHE C 34 19.43 51.57 -46.16
N SER C 35 18.45 52.47 -46.02
CA SER C 35 18.63 53.83 -46.50
C SER C 35 19.79 54.51 -45.79
N SER C 36 19.93 54.31 -44.49
CA SER C 36 21.01 54.97 -43.77
C SER C 36 22.38 54.46 -44.21
N SER C 37 22.46 53.21 -44.65
CA SER C 37 23.78 52.66 -44.92
C SER C 37 24.24 52.91 -46.35
N THR C 38 23.43 52.54 -47.35
CA THR C 38 23.93 52.43 -48.71
C THR C 38 23.20 53.35 -49.69
N PHE C 39 23.03 54.62 -49.34
CA PHE C 39 22.34 55.56 -50.22
C PHE C 39 23.15 56.84 -50.36
N SER C 40 23.35 57.26 -51.61
CA SER C 40 24.02 58.51 -51.90
C SER C 40 23.62 58.95 -53.29
N CYS C 41 23.13 60.19 -53.41
CA CYS C 41 22.63 60.66 -54.68
C CYS C 41 23.79 60.73 -55.68
N PRO C 42 23.59 60.30 -56.93
CA PRO C 42 24.68 60.37 -57.89
C PRO C 42 25.08 61.78 -58.30
N CYS C 43 24.14 62.72 -58.35
CA CYS C 43 24.44 64.09 -58.78
C CYS C 43 25.10 64.10 -60.15
N GLN C 44 24.71 63.17 -61.01
CA GLN C 44 25.17 63.13 -62.38
C GLN C 44 24.23 63.96 -63.25
N VAL C 45 24.37 63.84 -64.57
CA VAL C 45 23.64 64.73 -65.46
C VAL C 45 22.24 64.21 -65.77
N GLY C 46 22.13 62.98 -66.25
CA GLY C 46 20.85 62.42 -66.61
C GLY C 46 20.56 61.12 -65.92
N LYS C 47 21.54 60.64 -65.14
CA LYS C 47 21.46 59.35 -64.47
C LYS C 47 21.05 59.46 -63.01
N ASN C 48 20.24 60.46 -62.68
CA ASN C 48 19.74 60.63 -61.32
C ASN C 48 18.36 60.02 -61.14
N PHE C 49 17.46 60.27 -62.09
CA PHE C 49 16.08 59.82 -61.96
C PHE C 49 16.01 58.30 -61.84
N TYR C 50 16.86 57.59 -62.58
CA TYR C 50 16.88 56.14 -62.47
C TYR C 50 17.35 55.71 -61.09
N TYR C 51 18.39 56.35 -60.56
CA TYR C 51 18.90 55.97 -59.25
C TYR C 51 17.88 56.22 -58.17
N GLY C 52 16.97 57.16 -58.39
CA GLY C 52 15.89 57.33 -57.44
C GLY C 52 14.81 56.28 -57.62
N SER C 53 14.35 56.12 -58.85
CA SER C 53 13.23 55.22 -59.11
C SER C 53 13.55 53.79 -58.72
N ALA C 54 14.80 53.37 -58.88
CA ALA C 54 15.15 52.01 -58.50
C ALA C 54 14.87 51.76 -57.03
N PHE C 55 15.48 52.57 -56.15
CA PHE C 55 15.25 52.39 -54.72
C PHE C 55 13.79 52.61 -54.37
N LEU C 56 13.07 53.40 -55.16
CA LEU C 56 11.68 53.65 -54.80
C LEU C 56 10.78 52.46 -55.13
N VAL C 57 11.05 51.78 -56.24
CA VAL C 57 10.12 50.81 -56.80
C VAL C 57 10.61 49.37 -56.59
N ILE C 58 11.83 49.07 -57.03
CA ILE C 58 12.26 47.68 -57.13
C ILE C 58 12.05 46.90 -55.83
N PRO C 59 12.39 47.42 -54.65
CA PRO C 59 12.05 46.70 -53.42
C PRO C 59 10.58 46.40 -53.29
N ALA C 60 9.70 47.27 -53.77
CA ALA C 60 8.28 46.97 -53.70
C ALA C 60 7.95 45.72 -54.51
N LEU C 61 8.38 45.66 -55.76
CA LEU C 61 8.12 44.49 -56.58
C LEU C 61 8.72 43.24 -55.96
N ILE C 62 9.97 43.33 -55.48
CA ILE C 62 10.62 42.15 -54.91
C ILE C 62 9.84 41.65 -53.69
N LEU C 63 9.53 42.55 -52.76
CA LEU C 63 8.85 42.12 -51.55
C LEU C 63 7.45 41.62 -51.86
N LEU C 64 6.77 42.22 -52.84
CA LEU C 64 5.44 41.75 -53.19
C LEU C 64 5.48 40.34 -53.78
N VAL C 65 6.36 40.12 -54.76
CA VAL C 65 6.46 38.79 -55.34
C VAL C 65 6.88 37.78 -54.29
N ALA C 66 7.76 38.17 -53.37
CA ALA C 66 8.19 37.23 -52.34
C ALA C 66 7.05 36.90 -51.39
N GLY C 67 6.28 37.91 -50.96
CA GLY C 67 5.15 37.68 -50.09
C GLY C 67 4.03 36.91 -50.74
N PHE C 68 3.95 36.94 -52.07
CA PHE C 68 2.95 36.14 -52.76
C PHE C 68 3.42 34.70 -52.92
N ALA C 69 4.60 34.52 -53.52
CA ALA C 69 5.07 33.19 -53.88
C ALA C 69 5.40 32.32 -52.69
N LEU C 70 5.71 32.91 -51.54
CA LEU C 70 6.10 32.12 -50.38
C LEU C 70 4.92 31.45 -49.68
N ARG C 71 3.69 31.83 -50.01
CA ARG C 71 2.54 31.22 -49.37
C ARG C 71 2.25 29.88 -50.03
N SER C 72 2.35 28.82 -49.24
CA SER C 72 2.19 27.47 -49.77
C SER C 72 0.86 27.30 -50.50
N GLN C 73 -0.21 27.88 -49.96
CA GLN C 73 -1.53 27.66 -50.55
C GLN C 73 -1.61 28.24 -51.96
N MET C 74 -0.88 29.32 -52.23
CA MET C 74 -0.95 29.91 -53.56
C MET C 74 -0.44 28.95 -54.63
N TRP C 75 0.59 28.17 -54.31
CA TRP C 75 1.07 27.18 -55.27
C TRP C 75 0.01 26.13 -55.56
N THR C 76 -0.69 25.67 -54.54
CA THR C 76 -1.74 24.67 -54.74
C THR C 76 -2.88 25.24 -55.57
N ILE C 77 -3.25 26.50 -55.31
CA ILE C 77 -4.32 27.11 -56.09
C ILE C 77 -3.90 27.26 -57.54
N THR C 78 -2.66 27.68 -57.79
CA THR C 78 -2.18 27.74 -59.16
C THR C 78 -2.20 26.37 -59.83
N GLY C 79 -1.78 25.33 -59.09
CA GLY C 79 -1.82 23.99 -59.65
C GLY C 79 -3.23 23.57 -60.02
N GLU C 80 -4.20 23.90 -59.18
CA GLU C 80 -5.60 23.72 -59.57
C GLU C 80 -5.91 24.50 -60.84
N TYR C 81 -5.34 25.68 -60.99
CA TYR C 81 -5.62 26.50 -62.17
C TYR C 81 -4.75 26.12 -63.37
N CYS C 82 -3.45 25.93 -63.14
CA CYS C 82 -2.54 25.66 -64.25
C CYS C 82 -2.83 24.29 -64.87
N CYS C 83 -2.32 24.09 -66.07
CA CYS C 83 -2.48 22.84 -66.79
C CYS C 83 -1.56 21.77 -66.21
N PRO C 94 -18.65 27.03 -61.41
CA PRO C 94 -19.64 26.77 -60.37
C PRO C 94 -19.23 27.36 -59.02
N LEU C 95 -19.07 26.52 -58.01
CA LEU C 95 -18.66 26.99 -56.70
C LEU C 95 -17.15 26.97 -56.52
N GLU C 96 -16.47 26.03 -57.19
CA GLU C 96 -15.04 25.91 -57.02
C GLU C 96 -14.32 27.18 -57.45
N CYS C 97 -14.81 27.83 -58.51
CA CYS C 97 -14.18 29.06 -58.98
C CYS C 97 -14.28 30.16 -57.94
N LYS C 98 -15.47 30.39 -57.40
CA LYS C 98 -15.64 31.44 -56.40
C LYS C 98 -14.81 31.12 -55.16
N LEU C 99 -14.75 29.85 -54.76
CA LEU C 99 -13.96 29.51 -53.58
C LEU C 99 -12.48 29.74 -53.82
N ALA C 100 -11.99 29.39 -55.02
CA ALA C 100 -10.60 29.67 -55.35
C ALA C 100 -10.34 31.17 -55.31
N CYS C 101 -11.28 31.97 -55.81
CA CYS C 101 -11.10 33.42 -55.80
C CYS C 101 -11.01 33.93 -54.36
N LEU C 102 -11.83 33.40 -53.47
CA LEU C 102 -11.78 33.83 -52.08
C LEU C 102 -10.47 33.42 -51.42
N ARG C 103 -9.99 32.22 -51.71
CA ARG C 103 -8.71 31.77 -51.16
C ARG C 103 -7.57 32.69 -51.61
N PHE C 104 -7.50 32.92 -52.93
CA PHE C 104 -6.49 33.82 -53.49
C PHE C 104 -6.59 35.20 -52.88
N PHE C 105 -7.80 35.69 -52.65
CA PHE C 105 -7.97 37.02 -52.09
C PHE C 105 -7.45 37.08 -50.66
N SER C 106 -7.70 36.04 -49.87
CA SER C 106 -7.18 36.05 -48.51
C SER C 106 -5.66 36.07 -48.51
N ILE C 107 -5.05 35.25 -49.36
CA ILE C 107 -3.59 35.26 -49.41
C ILE C 107 -3.07 36.62 -49.85
N THR C 108 -3.76 37.25 -50.81
CA THR C 108 -3.38 38.61 -51.23
C THR C 108 -3.46 39.58 -50.08
N GLY C 109 -4.54 39.51 -49.31
CA GLY C 109 -4.68 40.40 -48.17
C GLY C 109 -3.54 40.24 -47.18
N ARG C 110 -3.01 39.03 -47.08
CA ARG C 110 -1.82 38.88 -46.24
C ARG C 110 -0.59 39.50 -46.90
N ALA C 111 -0.40 39.26 -48.20
CA ALA C 111 0.88 39.55 -48.82
C ALA C 111 1.07 41.04 -49.12
N VAL C 112 -0.01 41.79 -49.34
CA VAL C 112 0.13 43.18 -49.76
C VAL C 112 0.71 44.08 -48.67
N ILE C 113 0.76 43.62 -47.42
CA ILE C 113 1.16 44.50 -46.33
C ILE C 113 2.59 44.99 -46.49
N ALA C 114 3.47 44.19 -47.07
CA ALA C 114 4.89 44.58 -47.09
C ALA C 114 5.17 45.68 -48.10
N PRO C 115 4.85 45.53 -49.39
CA PRO C 115 5.22 46.59 -50.34
C PRO C 115 4.58 47.92 -50.02
N LEU C 116 3.33 47.93 -49.58
CA LEU C 116 2.66 49.19 -49.32
C LEU C 116 3.30 49.90 -48.13
N THR C 117 3.70 49.15 -47.10
CA THR C 117 4.36 49.82 -45.99
C THR C 117 5.76 50.29 -46.36
N TRP C 118 6.45 49.57 -47.25
CA TRP C 118 7.74 50.05 -47.71
C TRP C 118 7.58 51.37 -48.46
N LEU C 119 6.68 51.40 -49.44
CA LEU C 119 6.42 52.64 -50.16
C LEU C 119 6.01 53.77 -49.21
N ALA C 120 5.17 53.46 -48.23
CA ALA C 120 4.70 54.49 -47.33
C ALA C 120 5.86 55.09 -46.54
N VAL C 121 6.69 54.25 -45.95
CA VAL C 121 7.75 54.79 -45.10
C VAL C 121 8.78 55.52 -45.95
N THR C 122 9.06 55.03 -47.16
CA THR C 122 10.09 55.70 -47.95
C THR C 122 9.58 57.00 -48.53
N LEU C 123 8.29 57.11 -48.80
CA LEU C 123 7.77 58.40 -49.25
C LEU C 123 7.66 59.38 -48.09
N LEU C 124 7.30 58.90 -46.90
CA LEU C 124 7.15 59.80 -45.77
C LEU C 124 8.49 60.36 -45.34
N THR C 125 9.52 59.52 -45.27
CA THR C 125 10.85 60.07 -45.03
C THR C 125 11.28 60.93 -46.21
N GLY C 126 10.89 60.54 -47.42
CA GLY C 126 11.04 61.36 -48.59
C GLY C 126 12.44 61.52 -49.14
N THR C 127 13.46 61.10 -48.40
CA THR C 127 14.83 61.33 -48.87
C THR C 127 15.11 60.63 -50.19
N TYR C 128 14.29 59.66 -50.57
CA TYR C 128 14.47 59.02 -51.86
C TYR C 128 13.90 59.88 -52.98
N TYR C 129 12.72 60.46 -52.76
CA TYR C 129 12.03 61.14 -53.85
C TYR C 129 12.80 62.36 -54.31
N GLU C 130 13.41 63.10 -53.37
CA GLU C 130 14.16 64.29 -53.76
C GLU C 130 15.28 63.93 -54.73
N CYS C 131 15.98 62.82 -54.49
CA CYS C 131 16.97 62.36 -55.46
C CYS C 131 16.30 61.86 -56.72
N ALA C 132 15.08 61.35 -56.61
CA ALA C 132 14.41 60.79 -57.78
C ALA C 132 14.07 61.87 -58.79
N ALA C 133 13.62 63.03 -58.33
CA ALA C 133 13.17 64.09 -59.22
C ALA C 133 13.83 65.42 -58.89
N SER C 134 15.13 65.39 -58.59
CA SER C 134 15.86 66.62 -58.36
C SER C 134 16.18 67.37 -59.63
N GLU C 135 15.84 66.81 -60.79
CA GLU C 135 16.11 67.47 -62.05
C GLU C 135 14.88 68.11 -62.68
N PHE C 136 13.68 67.67 -62.30
CA PHE C 136 12.46 68.16 -62.92
C PHE C 136 11.96 69.47 -62.33
N ALA C 137 12.70 70.08 -61.39
CA ALA C 137 12.21 71.29 -60.75
C ALA C 137 12.03 72.40 -61.77
N SER C 138 10.82 72.91 -61.88
CA SER C 138 10.52 73.97 -62.84
C SER C 138 11.08 75.28 -62.32
N VAL C 139 12.19 75.71 -62.90
CA VAL C 139 12.84 76.96 -62.50
C VAL C 139 12.55 77.99 -63.59
N ASP C 140 11.74 78.98 -63.24
CA ASP C 140 11.43 80.08 -64.14
C ASP C 140 11.45 81.45 -63.47
N HIS C 141 11.42 81.52 -62.14
CA HIS C 141 11.29 82.80 -61.45
C HIS C 141 12.45 82.99 -60.49
N TYR C 142 13.67 82.73 -60.95
CA TYR C 142 14.85 82.89 -60.13
C TYR C 142 15.91 83.67 -60.91
N PRO C 143 16.70 84.48 -60.21
CA PRO C 143 17.58 85.42 -60.91
C PRO C 143 18.84 84.78 -61.46
N MET C 144 19.29 83.69 -60.85
CA MET C 144 20.55 83.07 -61.23
C MET C 144 20.40 82.06 -62.36
N PHE C 145 19.18 81.76 -62.79
CA PHE C 145 18.94 80.82 -63.88
C PHE C 145 18.47 81.51 -65.16
N ASP C 146 18.73 82.81 -65.30
CA ASP C 146 18.23 83.53 -66.47
C ASP C 146 19.19 83.40 -67.66
N ASN C 147 20.43 83.88 -67.50
CA ASN C 147 21.35 83.94 -68.62
C ASN C 147 22.08 82.63 -68.85
N VAL C 148 22.20 81.79 -67.82
CA VAL C 148 23.02 80.60 -67.90
C VAL C 148 22.49 79.64 -68.96
N SER C 149 23.39 78.84 -69.53
CA SER C 149 23.01 77.94 -70.60
C SER C 149 22.17 76.78 -70.06
N ALA C 150 21.50 76.10 -70.97
CA ALA C 150 20.58 75.02 -70.59
C ALA C 150 21.34 73.87 -69.94
N SER C 151 22.38 73.36 -70.61
CA SER C 151 23.16 72.28 -70.03
C SER C 151 23.84 72.71 -68.74
N LYS C 152 24.30 73.96 -68.68
CA LYS C 152 24.83 74.48 -67.43
C LYS C 152 23.77 74.48 -66.35
N ARG C 153 22.53 74.77 -66.72
CA ARG C 153 21.43 74.72 -65.76
C ARG C 153 21.20 73.31 -65.27
N GLU C 154 21.21 72.33 -66.18
CA GLU C 154 21.07 70.93 -65.77
C GLU C 154 22.18 70.54 -64.79
N GLU C 155 23.41 70.91 -65.11
CA GLU C 155 24.54 70.58 -64.25
C GLU C 155 24.37 71.18 -62.87
N ILE C 156 24.02 72.47 -62.80
CA ILE C 156 23.92 73.11 -61.50
C ILE C 156 22.66 72.67 -60.76
N LEU C 157 21.68 72.15 -61.48
CA LEU C 157 20.44 71.72 -60.86
C LEU C 157 20.56 70.33 -60.26
N ALA C 158 21.22 69.41 -60.97
CA ALA C 158 21.33 68.05 -60.47
C ALA C 158 22.33 67.91 -59.33
N GLY C 159 23.14 68.94 -59.06
CA GLY C 159 24.10 68.88 -57.99
C GLY C 159 23.56 69.27 -56.64
N PHE C 160 22.31 69.74 -56.60
CA PHE C 160 21.74 70.25 -55.36
C PHE C 160 21.70 69.23 -54.22
N PRO C 161 21.16 68.02 -54.39
CA PRO C 161 20.88 67.20 -53.20
C PRO C 161 22.10 66.82 -52.39
N CYS C 162 23.19 66.42 -53.04
CA CYS C 162 24.28 65.78 -52.31
C CYS C 162 25.14 66.77 -51.53
N CYS C 163 25.64 67.83 -52.14
CA CYS C 163 26.59 68.68 -51.45
C CYS C 163 26.27 70.15 -51.68
N ARG C 164 26.98 71.00 -50.94
CA ARG C 164 26.82 72.44 -51.06
C ARG C 164 28.14 73.14 -50.78
N SER C 165 28.57 73.97 -51.72
CA SER C 165 29.76 74.80 -51.53
C SER C 165 29.61 76.20 -52.10
N ALA C 166 28.48 76.53 -52.70
CA ALA C 166 28.29 77.76 -53.46
C ALA C 166 27.98 78.93 -52.52
N PRO C 167 27.85 80.16 -53.07
CA PRO C 167 27.44 81.30 -52.24
C PRO C 167 26.06 81.17 -51.62
N SER C 168 25.66 82.20 -50.86
CA SER C 168 24.45 82.11 -50.04
C SER C 168 23.21 81.93 -50.87
N ASP C 169 23.04 82.75 -51.92
CA ASP C 169 21.80 82.69 -52.69
C ASP C 169 21.59 81.31 -53.30
N VAL C 170 22.67 80.67 -53.74
CA VAL C 170 22.55 79.34 -54.32
C VAL C 170 22.08 78.34 -53.27
N ILE C 171 22.66 78.39 -52.07
CA ILE C 171 22.26 77.40 -51.07
C ILE C 171 20.84 77.69 -50.59
N LEU C 172 20.40 78.95 -50.65
CA LEU C 172 19.04 79.27 -50.27
C LEU C 172 18.05 78.72 -51.29
N VAL C 173 18.30 78.92 -52.58
CA VAL C 173 17.40 78.35 -53.57
C VAL C 173 17.46 76.83 -53.51
N ARG C 174 18.61 76.27 -53.11
CA ARG C 174 18.72 74.84 -52.89
C ARG C 174 17.80 74.39 -51.76
N ASP C 175 17.85 75.07 -50.62
CA ASP C 175 16.97 74.75 -49.51
C ASP C 175 15.51 74.84 -49.93
N GLU C 176 15.17 75.84 -50.74
CA GLU C 176 13.79 76.01 -51.16
C GLU C 176 13.34 74.84 -52.04
N ILE C 177 14.16 74.46 -53.03
CA ILE C 177 13.79 73.33 -53.89
C ILE C 177 13.64 72.07 -53.06
N ALA C 178 14.54 71.87 -52.08
CA ALA C 178 14.46 70.68 -51.26
C ALA C 178 13.17 70.64 -50.46
N LEU C 179 12.78 71.77 -49.86
CA LEU C 179 11.55 71.79 -49.09
C LEU C 179 10.34 71.51 -49.98
N LEU C 180 10.31 72.12 -51.17
CA LEU C 180 9.21 71.87 -52.09
C LEU C 180 9.11 70.38 -52.42
N HIS C 181 10.25 69.76 -52.73
CA HIS C 181 10.21 68.36 -53.14
C HIS C 181 9.82 67.46 -51.97
N ARG C 182 10.29 67.78 -50.76
CA ARG C 182 9.87 66.99 -49.60
C ARG C 182 8.37 67.09 -49.38
N TYR C 183 7.81 68.30 -49.54
CA TYR C 183 6.37 68.45 -49.44
C TYR C 183 5.65 67.57 -50.44
N GLN C 184 6.11 67.60 -51.69
CA GLN C 184 5.47 66.77 -52.71
C GLN C 184 5.55 65.30 -52.36
N SER C 185 6.71 64.85 -51.86
CA SER C 185 6.85 63.45 -51.51
C SER C 185 5.88 63.06 -50.42
N GLN C 186 5.78 63.87 -49.36
CA GLN C 186 4.92 63.48 -48.25
C GLN C 186 3.45 63.50 -48.66
N MET C 187 3.04 64.47 -49.48
CA MET C 187 1.66 64.45 -49.96
C MET C 187 1.39 63.22 -50.80
N LEU C 188 2.32 62.87 -51.68
CA LEU C 188 2.13 61.67 -52.49
C LEU C 188 2.01 60.44 -51.60
N GLY C 189 2.79 60.40 -50.52
CA GLY C 189 2.70 59.27 -49.61
C GLY C 189 1.34 59.16 -48.94
N TRP C 190 0.83 60.29 -48.45
CA TRP C 190 -0.49 60.26 -47.82
C TRP C 190 -1.57 59.85 -48.82
N ILE C 191 -1.44 60.32 -50.05
CA ILE C 191 -2.39 59.93 -51.08
C ILE C 191 -2.35 58.42 -51.30
N LEU C 192 -1.14 57.87 -51.38
CA LEU C 192 -1.02 56.42 -51.55
C LEU C 192 -1.66 55.67 -50.40
N ILE C 193 -1.43 56.13 -49.17
CA ILE C 193 -2.02 55.45 -48.02
C ILE C 193 -3.55 55.49 -48.09
N THR C 194 -4.12 56.67 -48.33
CA THR C 194 -5.57 56.76 -48.31
C THR C 194 -6.20 55.94 -49.44
N LEU C 195 -5.59 55.98 -50.63
CA LEU C 195 -6.15 55.20 -51.73
C LEU C 195 -6.04 53.71 -51.45
N ALA C 196 -4.89 53.28 -50.90
CA ALA C 196 -4.74 51.87 -50.59
C ALA C 196 -5.76 51.42 -49.57
N THR C 197 -5.99 52.22 -48.53
CA THR C 197 -6.96 51.83 -47.51
C THR C 197 -8.36 51.76 -48.08
N ILE C 198 -8.77 52.77 -48.85
CA ILE C 198 -10.14 52.76 -49.38
C ILE C 198 -10.32 51.60 -50.34
N ALA C 199 -9.29 51.30 -51.14
CA ALA C 199 -9.39 50.18 -52.06
C ALA C 199 -9.47 48.85 -51.31
N ALA C 200 -8.66 48.69 -50.27
CA ALA C 200 -8.71 47.46 -49.49
C ALA C 200 -10.09 47.28 -48.87
N LEU C 201 -10.66 48.35 -48.32
CA LEU C 201 -11.96 48.24 -47.68
C LEU C 201 -13.04 47.87 -48.69
N VAL C 202 -13.10 48.59 -49.82
CA VAL C 202 -14.14 48.30 -50.79
C VAL C 202 -13.97 46.90 -51.36
N SER C 203 -12.72 46.46 -51.52
CA SER C 203 -12.48 45.13 -52.06
C SER C 203 -12.91 44.05 -51.08
N CYS C 204 -12.59 44.23 -49.80
CA CYS C 204 -13.02 43.25 -48.81
C CYS C 204 -14.54 43.19 -48.72
N CYS C 205 -15.19 44.35 -48.80
CA CYS C 205 -16.65 44.35 -48.75
C CYS C 205 -17.25 43.66 -49.96
N VAL C 206 -16.67 43.91 -51.14
CA VAL C 206 -17.15 43.24 -52.34
C VAL C 206 -16.97 41.73 -52.23
N ALA C 207 -15.82 41.30 -51.71
CA ALA C 207 -15.57 39.88 -51.55
C ALA C 207 -16.59 39.26 -50.59
N LYS C 208 -16.90 39.96 -49.50
CA LYS C 208 -17.90 39.46 -48.58
C LYS C 208 -19.29 39.44 -49.23
N CYS C 209 -19.53 40.36 -50.16
CA CYS C 209 -20.82 40.42 -50.85
C CYS C 209 -20.98 39.24 -51.80
N CYS C 210 -20.03 39.04 -52.69
CA CYS C 210 -20.13 38.01 -53.71
C CYS C 210 -19.92 36.61 -53.15
N SER C 211 -19.70 36.47 -51.86
CA SER C 211 -19.46 35.15 -51.29
C SER C 211 -20.74 34.33 -51.31
N PRO C 212 -20.69 33.07 -51.72
CA PRO C 212 -21.89 32.22 -51.70
C PRO C 212 -22.18 31.61 -50.35
N LEU C 213 -21.29 31.73 -49.38
CA LEU C 213 -21.46 31.08 -48.09
C LEU C 213 -22.02 32.04 -47.05
N THR C 214 -22.52 31.47 -45.97
CA THR C 214 -23.11 32.25 -44.90
C THR C 214 -22.03 32.79 -43.97
N SER C 215 -22.44 33.35 -42.84
CA SER C 215 -21.50 33.85 -41.86
C SER C 215 -20.89 32.76 -41.00
N LEU C 216 -21.36 31.52 -41.14
CA LEU C 216 -20.88 30.40 -40.35
C LEU C 216 -20.15 29.36 -41.18
N GLN C 217 -20.63 29.08 -42.39
CA GLN C 217 -19.95 28.12 -43.25
C GLN C 217 -18.53 28.56 -43.57
N HIS C 218 -18.26 29.86 -43.57
CA HIS C 218 -16.93 30.35 -43.91
C HIS C 218 -15.90 29.92 -42.87
N CYS C 219 -16.21 30.08 -41.60
CA CYS C 219 -15.28 29.69 -40.54
C CYS C 219 -15.03 28.19 -40.58
N TYR C 220 -16.12 27.42 -40.66
CA TYR C 220 -16.00 25.98 -40.83
C TYR C 220 -15.09 25.64 -42.01
N TRP C 221 -15.21 26.40 -43.10
CA TRP C 221 -14.43 26.10 -44.30
C TRP C 221 -12.95 26.35 -44.07
N THR C 222 -12.61 27.46 -43.43
CA THR C 222 -11.20 27.75 -43.16
C THR C 222 -10.60 26.69 -42.26
N SER C 223 -11.30 26.33 -41.19
CA SER C 223 -10.81 25.29 -40.32
C SER C 223 -10.64 23.98 -41.07
N HIS C 224 -11.59 23.69 -41.96
CA HIS C 224 -11.49 22.50 -42.80
C HIS C 224 -10.18 22.50 -43.58
N LEU C 225 -9.89 23.59 -44.28
CA LEU C 225 -8.68 23.66 -45.09
C LEU C 225 -7.43 23.44 -44.24
N GLN C 226 -7.29 24.22 -43.17
CA GLN C 226 -6.07 24.15 -42.37
C GLN C 226 -5.87 22.76 -41.79
N ASN C 227 -6.88 22.24 -41.10
CA ASN C 227 -6.73 20.95 -40.47
C ASN C 227 -6.54 19.83 -41.49
N GLU C 228 -7.17 19.97 -42.67
CA GLU C 228 -6.94 19.01 -43.73
C GLU C 228 -5.46 18.94 -44.08
N ARG C 229 -4.87 20.09 -44.39
CA ARG C 229 -3.46 20.10 -44.76
C ARG C 229 -2.61 19.43 -43.68
N GLU C 230 -2.80 19.87 -42.42
CA GLU C 230 -1.95 19.37 -41.35
C GLU C 230 -2.09 17.86 -41.17
N LEU C 231 -3.33 17.38 -41.07
CA LEU C 231 -3.55 15.96 -40.81
C LEU C 231 -3.04 15.10 -41.95
N PHE C 232 -3.27 15.52 -43.20
CA PHE C 232 -2.79 14.71 -44.30
C PHE C 232 -1.28 14.63 -44.30
N GLU C 233 -0.60 15.75 -43.97
CA GLU C 233 0.85 15.69 -43.88
C GLU C 233 1.29 14.66 -42.85
N GLN C 234 0.72 14.74 -41.65
CA GLN C 234 1.14 13.82 -40.59
C GLN C 234 0.88 12.37 -40.98
N ALA C 235 -0.29 12.11 -41.57
CA ALA C 235 -0.65 10.74 -41.92
C ALA C 235 0.26 10.18 -43.00
N ALA C 236 0.52 10.97 -44.04
CA ALA C 236 1.42 10.51 -45.09
C ALA C 236 2.79 10.19 -44.53
N GLU C 237 3.31 11.07 -43.66
CA GLU C 237 4.60 10.80 -43.06
C GLU C 237 4.60 9.47 -42.32
N GLN C 238 3.62 9.28 -41.43
CA GLN C 238 3.60 8.06 -40.61
C GLN C 238 3.45 6.82 -41.48
N HIS C 239 2.61 6.89 -42.51
CA HIS C 239 2.38 5.73 -43.36
C HIS C 239 3.63 5.35 -44.12
N SER C 240 4.32 6.33 -44.71
CA SER C 240 5.53 6.00 -45.43
C SER C 240 6.60 5.46 -44.48
N ARG C 241 6.66 6.02 -43.27
CA ARG C 241 7.60 5.49 -42.30
C ARG C 241 7.33 4.04 -41.99
N LEU C 242 6.06 3.68 -41.77
CA LEU C 242 5.73 2.30 -41.47
C LEU C 242 6.08 1.38 -42.64
N LEU C 243 5.78 1.80 -43.87
CA LEU C 243 6.07 0.95 -45.01
C LEU C 243 7.57 0.74 -45.17
N MET C 244 8.36 1.81 -45.06
CA MET C 244 9.80 1.64 -45.16
C MET C 244 10.31 0.76 -44.03
N MET C 245 9.72 0.88 -42.84
CA MET C 245 10.12 0.03 -41.72
C MET C 245 9.83 -1.43 -42.02
N HIS C 246 8.69 -1.71 -42.65
CA HIS C 246 8.38 -3.09 -43.01
C HIS C 246 9.35 -3.62 -44.04
N ARG C 247 9.72 -2.82 -45.04
CA ARG C 247 10.71 -3.29 -46.00
C ARG C 247 12.04 -3.57 -45.32
N ILE C 248 12.44 -2.70 -44.40
CA ILE C 248 13.69 -2.92 -43.68
C ILE C 248 13.64 -4.23 -42.92
N LYS C 249 12.52 -4.49 -42.22
CA LYS C 249 12.42 -5.71 -41.45
C LYS C 249 12.41 -6.94 -42.35
N LYS C 250 11.81 -6.83 -43.54
CA LYS C 250 11.85 -7.96 -44.46
C LYS C 250 13.28 -8.21 -44.92
N LEU C 251 14.07 -7.15 -45.10
CA LEU C 251 15.44 -7.34 -45.56
C LEU C 251 16.34 -7.88 -44.45
N PHE C 252 16.51 -7.12 -43.38
CA PHE C 252 17.48 -7.49 -42.35
C PHE C 252 16.93 -8.54 -41.39
N GLY C 253 15.63 -8.58 -41.19
CA GLY C 253 15.01 -9.58 -40.35
C GLY C 253 14.50 -9.10 -39.03
N PHE C 254 14.26 -7.80 -38.87
CA PHE C 254 13.79 -7.27 -37.60
C PHE C 254 13.35 -5.83 -37.82
N ILE C 255 12.46 -5.37 -36.94
CA ILE C 255 12.00 -3.99 -37.02
C ILE C 255 13.05 -3.10 -36.38
N PRO C 256 13.44 -1.99 -37.03
CA PRO C 256 14.54 -1.19 -36.46
C PRO C 256 14.22 -0.63 -35.10
N GLY C 257 13.00 -0.16 -34.88
CA GLY C 257 12.64 0.39 -33.58
C GLY C 257 12.63 -0.62 -32.46
N SER C 258 13.13 -1.82 -32.73
CA SER C 258 13.12 -2.89 -31.74
C SER C 258 14.35 -2.88 -30.87
N GLU C 259 14.29 -3.71 -29.84
CA GLU C 259 15.37 -3.99 -28.91
C GLU C 259 15.40 -5.47 -28.54
N ASP C 260 16.59 -5.94 -28.17
CA ASP C 260 16.84 -7.33 -27.77
C ASP C 260 16.35 -8.33 -28.80
N VAL C 261 16.53 -7.99 -30.07
CA VAL C 261 16.10 -8.86 -31.16
C VAL C 261 16.95 -10.12 -31.13
N LYS C 262 16.30 -11.27 -31.22
CA LYS C 262 17.01 -12.54 -31.16
C LYS C 262 17.14 -13.21 -32.52
N HIS C 263 16.86 -12.50 -33.62
CA HIS C 263 17.04 -13.12 -34.92
C HIS C 263 17.53 -12.09 -35.93
N ILE C 264 18.55 -12.47 -36.69
CA ILE C 264 19.20 -11.59 -37.66
C ILE C 264 19.29 -12.32 -38.99
N ARG C 265 18.93 -11.64 -40.07
CA ARG C 265 19.01 -12.23 -41.41
C ARG C 265 20.11 -11.51 -42.19
N ILE C 266 21.15 -12.25 -42.55
CA ILE C 266 22.22 -11.66 -43.37
C ILE C 266 21.71 -11.44 -44.79
N PRO C 267 21.93 -10.27 -45.38
CA PRO C 267 21.45 -10.03 -46.73
C PRO C 267 22.26 -10.79 -47.76
N SER C 268 21.65 -10.99 -48.93
CA SER C 268 22.35 -11.60 -50.04
C SER C 268 22.92 -10.51 -50.95
N CYS C 269 23.81 -10.91 -51.84
CA CYS C 269 24.43 -9.95 -52.75
C CYS C 269 23.44 -9.38 -53.76
N GLN C 270 22.20 -9.86 -53.76
CA GLN C 270 21.15 -9.33 -54.63
C GLN C 270 20.13 -8.48 -53.90
N ASP C 271 19.86 -8.77 -52.63
CA ASP C 271 18.88 -8.00 -51.86
C ASP C 271 19.21 -6.51 -51.90
N TRP C 272 20.50 -6.17 -51.89
CA TRP C 272 20.89 -4.78 -52.06
C TRP C 272 20.39 -4.25 -53.39
N LYS C 273 20.48 -5.05 -54.45
CA LYS C 273 19.95 -4.65 -55.74
C LYS C 273 18.44 -4.45 -55.68
N ASP C 274 17.75 -5.26 -54.87
CA ASP C 274 16.30 -5.15 -54.78
C ASP C 274 15.88 -3.86 -54.07
N ILE C 275 16.46 -3.59 -52.90
CA ILE C 275 16.06 -2.43 -52.12
C ILE C 275 16.45 -1.13 -52.78
N SER C 276 17.21 -1.21 -53.87
CA SER C 276 17.69 -0.01 -54.55
C SER C 276 16.57 0.85 -55.09
N VAL C 277 15.46 0.25 -55.51
CA VAL C 277 14.39 1.06 -56.11
C VAL C 277 13.44 1.55 -55.02
N PRO C 278 12.85 2.72 -55.17
CA PRO C 278 12.06 3.33 -54.09
C PRO C 278 10.56 3.07 -54.16
N THR C 279 10.07 2.42 -55.23
CA THR C 279 8.67 2.09 -55.46
C THR C 279 7.82 3.35 -55.62
N LEU C 280 8.42 4.53 -55.50
CA LEU C 280 7.72 5.81 -55.65
C LEU C 280 6.52 5.91 -54.72
N THR D 4 11.47 20.12 -24.02
CA THR D 4 10.73 20.79 -25.07
C THR D 4 11.67 21.38 -26.12
N LEU D 5 12.96 21.37 -25.81
CA LEU D 5 13.95 21.98 -26.69
C LEU D 5 13.96 21.33 -28.06
N ASN D 6 14.18 20.01 -28.09
CA ASN D 6 14.34 19.30 -29.37
C ASN D 6 13.13 19.46 -30.28
N ASN D 7 11.94 19.65 -29.71
CA ASN D 7 10.77 19.95 -30.54
C ASN D 7 10.98 21.20 -31.38
N ILE D 8 11.31 22.31 -30.72
CA ILE D 8 11.49 23.57 -31.46
C ILE D 8 12.73 23.49 -32.35
N VAL D 9 13.75 22.73 -31.93
CA VAL D 9 14.93 22.59 -32.76
C VAL D 9 14.58 21.91 -34.07
N SER D 10 13.85 20.80 -34.00
CA SER D 10 13.44 20.14 -35.24
C SER D 10 12.47 20.99 -36.04
N SER D 11 11.61 21.75 -35.37
CA SER D 11 10.66 22.59 -36.09
C SER D 11 11.38 23.64 -36.94
N LEU D 12 12.37 24.31 -36.34
CA LEU D 12 13.14 25.28 -37.13
C LEU D 12 14.01 24.58 -38.17
N GLN D 13 14.55 23.40 -37.84
CA GLN D 13 15.43 22.70 -38.77
C GLN D 13 14.67 22.29 -40.03
N ARG D 14 13.39 21.96 -39.91
CA ARG D 14 12.61 21.70 -41.11
C ARG D 14 12.28 22.98 -41.85
N ASN D 15 12.11 24.08 -41.12
CA ASN D 15 11.68 25.34 -41.71
C ASN D 15 12.78 25.88 -42.63
N GLY D 16 12.53 25.85 -43.93
CA GLY D 16 13.51 26.35 -44.89
C GLY D 16 13.77 27.84 -44.79
N ILE D 17 12.75 28.63 -44.44
CA ILE D 17 12.90 30.08 -44.42
C ILE D 17 13.98 30.50 -43.43
N PHE D 18 13.95 29.92 -42.23
CA PHE D 18 14.92 30.30 -41.23
C PHE D 18 16.34 29.92 -41.64
N ILE D 19 16.50 28.74 -42.22
CA ILE D 19 17.83 28.31 -42.64
C ILE D 19 18.37 29.22 -43.72
N ASN D 20 17.54 29.54 -44.72
CA ASN D 20 18.00 30.42 -45.79
C ASN D 20 18.33 31.81 -45.26
N SER D 21 17.50 32.34 -44.36
CA SER D 21 17.79 33.65 -43.81
C SER D 21 19.08 33.66 -43.02
N LEU D 22 19.33 32.59 -42.25
CA LEU D 22 20.58 32.52 -41.50
C LEU D 22 21.78 32.47 -42.43
N ILE D 23 21.67 31.69 -43.52
CA ILE D 23 22.77 31.64 -44.48
C ILE D 23 23.04 33.02 -45.05
N ALA D 24 21.97 33.73 -45.43
CA ALA D 24 22.18 35.06 -46.00
C ALA D 24 22.82 36.01 -45.00
N ALA D 25 22.36 35.98 -43.75
CA ALA D 25 22.95 36.87 -42.75
C ALA D 25 24.42 36.55 -42.53
N LEU D 26 24.75 35.26 -42.44
CA LEU D 26 26.13 34.86 -42.28
C LEU D 26 27.00 35.34 -43.43
N THR D 27 26.50 35.21 -44.67
CA THR D 27 27.29 35.68 -45.80
C THR D 27 27.47 37.19 -45.77
N ILE D 28 26.43 37.92 -45.35
CA ILE D 28 26.57 39.38 -45.29
C ILE D 28 27.65 39.76 -44.29
N GLY D 29 27.57 39.20 -43.08
CA GLY D 29 28.56 39.51 -42.06
C GLY D 29 29.96 39.13 -42.48
N GLY D 30 30.12 37.92 -43.01
CA GLY D 30 31.44 37.49 -43.45
C GLY D 30 32.00 38.38 -44.54
N GLN D 31 31.17 38.75 -45.52
CA GLN D 31 31.65 39.64 -46.56
C GLN D 31 32.10 40.97 -45.99
N GLN D 32 31.32 41.52 -45.06
CA GLN D 32 31.68 42.81 -44.49
C GLN D 32 33.02 42.74 -43.78
N LEU D 33 33.19 41.73 -42.92
CA LEU D 33 34.47 41.58 -42.21
C LEU D 33 35.62 41.40 -43.19
N PHE D 34 35.43 40.52 -44.17
CA PHE D 34 36.46 40.26 -45.17
C PHE D 34 36.88 41.53 -45.87
N SER D 35 35.92 42.26 -46.45
CA SER D 35 36.24 43.46 -47.18
C SER D 35 36.92 44.49 -46.28
N SER D 36 36.44 44.63 -45.04
CA SER D 36 37.03 45.63 -44.16
C SER D 36 38.46 45.26 -43.79
N SER D 37 38.80 43.98 -43.76
CA SER D 37 40.11 43.62 -43.25
C SER D 37 41.18 43.59 -44.34
N THR D 38 40.93 42.85 -45.42
CA THR D 38 42.02 42.51 -46.34
C THR D 38 41.79 43.01 -47.75
N PHE D 39 41.42 44.28 -47.91
CA PHE D 39 41.20 44.84 -49.23
C PHE D 39 41.92 46.17 -49.39
N SER D 40 42.68 46.30 -50.48
CA SER D 40 43.35 47.55 -50.81
C SER D 40 43.62 47.55 -52.30
N CYS D 41 43.20 48.61 -52.98
CA CYS D 41 43.33 48.67 -54.41
C CYS D 41 44.83 48.69 -54.77
N PRO D 42 45.24 47.94 -55.79
CA PRO D 42 46.66 47.96 -56.17
C PRO D 42 47.14 49.27 -56.74
N CYS D 43 46.30 50.00 -57.48
CA CYS D 43 46.72 51.25 -58.12
C CYS D 43 47.94 51.05 -59.00
N GLN D 44 48.03 49.88 -59.61
CA GLN D 44 49.08 49.58 -60.58
C GLN D 44 48.62 50.00 -61.97
N VAL D 45 49.36 49.58 -62.99
CA VAL D 45 49.12 50.09 -64.34
C VAL D 45 48.04 49.29 -65.05
N GLY D 46 48.22 47.96 -65.14
CA GLY D 46 47.27 47.13 -65.85
C GLY D 46 46.75 46.00 -64.99
N LYS D 47 47.26 45.91 -63.77
CA LYS D 47 46.94 44.83 -62.85
C LYS D 47 45.88 45.21 -61.83
N ASN D 48 44.97 46.11 -62.19
CA ASN D 48 43.89 46.52 -61.31
C ASN D 48 42.61 45.74 -61.57
N PHE D 49 42.25 45.60 -62.84
CA PHE D 49 40.99 44.96 -63.20
C PHE D 49 40.92 43.52 -62.69
N TYR D 50 42.06 42.81 -62.73
CA TYR D 50 42.08 41.46 -62.19
C TYR D 50 41.87 41.46 -60.69
N TYR D 51 42.51 42.39 -59.98
CA TYR D 51 42.36 42.43 -58.53
C TYR D 51 40.94 42.76 -58.13
N GLY D 52 40.21 43.45 -58.99
CA GLY D 52 38.81 43.66 -58.71
C GLY D 52 37.98 42.43 -59.01
N SER D 53 38.15 41.89 -60.23
CA SER D 53 37.32 40.78 -60.67
C SER D 53 37.48 39.57 -59.78
N ALA D 54 38.67 39.34 -59.23
CA ALA D 54 38.86 38.18 -58.35
C ALA D 54 37.93 38.27 -57.16
N PHE D 55 38.04 39.35 -56.39
CA PHE D 55 37.17 39.50 -55.22
C PHE D 55 35.71 39.54 -55.61
N LEU D 56 35.40 39.98 -56.83
CA LEU D 56 34.00 40.07 -57.22
C LEU D 56 33.41 38.70 -57.53
N VAL D 57 34.20 37.82 -58.16
CA VAL D 57 33.67 36.60 -58.74
C VAL D 57 34.07 35.36 -57.94
N ILE D 58 35.36 35.18 -57.69
CA ILE D 58 35.84 33.89 -57.16
C ILE D 58 35.08 33.43 -55.93
N PRO D 59 34.81 34.28 -54.93
CA PRO D 59 33.97 33.83 -53.82
C PRO D 59 32.62 33.32 -54.26
N ALA D 60 32.03 33.88 -55.31
CA ALA D 60 30.75 33.36 -55.79
C ALA D 60 30.89 31.92 -56.24
N LEU D 61 31.86 31.64 -57.10
CA LEU D 61 32.06 30.27 -57.57
C LEU D 61 32.35 29.33 -56.40
N ILE D 62 33.22 29.75 -55.48
CA ILE D 62 33.57 28.88 -54.36
C ILE D 62 32.34 28.57 -53.52
N LEU D 63 31.60 29.60 -53.13
CA LEU D 63 30.44 29.37 -52.27
C LEU D 63 29.37 28.57 -52.99
N LEU D 64 29.20 28.78 -54.29
CA LEU D 64 28.20 28.03 -55.04
C LEU D 64 28.58 26.55 -55.10
N VAL D 65 29.82 26.25 -55.49
CA VAL D 65 30.24 24.85 -55.54
C VAL D 65 30.16 24.21 -54.16
N ALA D 66 30.50 24.96 -53.12
CA ALA D 66 30.42 24.40 -51.78
C ALA D 66 28.98 24.12 -51.38
N GLY D 67 28.07 25.05 -51.64
CA GLY D 67 26.67 24.85 -51.33
C GLY D 67 26.02 23.77 -52.14
N PHE D 68 26.56 23.46 -53.32
CA PHE D 68 26.04 22.34 -54.11
C PHE D 68 26.60 21.02 -53.61
N ALA D 69 27.91 20.90 -53.54
CA ALA D 69 28.55 19.62 -53.26
C ALA D 69 28.32 19.14 -51.83
N LEU D 70 28.04 20.04 -50.90
CA LEU D 70 27.86 19.63 -49.51
C LEU D 70 26.53 18.97 -49.24
N ARG D 71 25.58 19.03 -50.16
CA ARG D 71 24.28 18.41 -49.94
C ARG D 71 24.40 16.92 -50.23
N SER D 72 24.15 16.11 -49.19
CA SER D 72 24.31 14.68 -49.32
C SER D 72 23.48 14.11 -50.47
N GLN D 73 22.27 14.60 -50.65
CA GLN D 73 21.39 14.02 -51.67
C GLN D 73 21.95 14.21 -53.07
N MET D 74 22.68 15.30 -53.30
CA MET D 74 23.22 15.54 -54.64
C MET D 74 24.21 14.45 -55.03
N TRP D 75 24.99 13.96 -54.08
CA TRP D 75 25.91 12.86 -54.40
C TRP D 75 25.15 11.61 -54.80
N THR D 76 24.07 11.29 -54.09
CA THR D 76 23.28 10.11 -54.42
C THR D 76 22.64 10.25 -55.80
N ILE D 77 22.14 11.45 -56.12
CA ILE D 77 21.54 11.67 -57.42
C ILE D 77 22.57 11.52 -58.52
N THR D 78 23.77 12.07 -58.31
CA THR D 78 24.83 11.89 -59.29
C THR D 78 25.19 10.41 -59.45
N GLY D 79 25.25 9.67 -58.34
CA GLY D 79 25.53 8.25 -58.43
C GLY D 79 24.48 7.51 -59.23
N GLU D 80 23.22 7.86 -59.05
CA GLU D 80 22.17 7.36 -59.93
C GLU D 80 22.46 7.73 -61.38
N TYR D 81 22.99 8.93 -61.61
CA TYR D 81 23.25 9.38 -62.97
C TYR D 81 24.59 8.86 -63.49
N CYS D 82 25.65 8.96 -62.69
CA CYS D 82 26.99 8.58 -63.14
C CYS D 82 27.07 7.08 -63.38
N CYS D 83 28.09 6.69 -64.14
CA CYS D 83 28.34 5.29 -64.44
C CYS D 83 28.92 4.56 -63.23
N PRO D 94 11.38 7.81 -68.18
CA PRO D 94 10.02 7.64 -67.64
C PRO D 94 9.72 8.61 -66.50
N LEU D 95 9.43 8.08 -65.31
CA LEU D 95 9.17 8.93 -64.16
C LEU D 95 10.41 9.20 -63.35
N GLU D 96 11.36 8.27 -63.35
CA GLU D 96 12.56 8.43 -62.54
C GLU D 96 13.35 9.67 -62.97
N CYS D 97 13.37 9.94 -64.27
CA CYS D 97 14.11 11.11 -64.76
C CYS D 97 13.49 12.40 -64.25
N LYS D 98 12.17 12.55 -64.38
CA LYS D 98 11.52 13.76 -63.90
C LYS D 98 11.68 13.91 -62.40
N LEU D 99 11.59 12.81 -61.66
CA LEU D 99 11.75 12.90 -60.21
C LEU D 99 13.17 13.32 -59.84
N ALA D 100 14.17 12.78 -60.53
CA ALA D 100 15.53 13.20 -60.30
C ALA D 100 15.69 14.69 -60.60
N CYS D 101 15.06 15.16 -61.67
CA CYS D 101 15.16 16.58 -62.00
C CYS D 101 14.55 17.44 -60.90
N LEU D 102 13.43 17.01 -60.34
CA LEU D 102 12.80 17.77 -59.26
C LEU D 102 13.67 17.77 -58.02
N ARG D 103 14.27 16.63 -57.69
CA ARG D 103 15.17 16.56 -56.54
C ARG D 103 16.34 17.52 -56.69
N PHE D 104 17.01 17.44 -57.84
CA PHE D 104 18.13 18.32 -58.15
C PHE D 104 17.71 19.78 -58.09
N PHE D 105 16.50 20.08 -58.57
CA PHE D 105 16.04 21.47 -58.56
C PHE D 105 15.84 21.96 -57.14
N SER D 106 15.28 21.13 -56.26
CA SER D 106 15.10 21.55 -54.89
C SER D 106 16.44 21.83 -54.22
N ILE D 107 17.42 20.95 -54.43
CA ILE D 107 18.74 21.20 -53.84
C ILE D 107 19.35 22.48 -54.40
N THR D 108 19.16 22.73 -55.70
CA THR D 108 19.64 23.97 -56.29
C THR D 108 18.98 25.19 -55.65
N GLY D 109 17.67 25.12 -55.44
CA GLY D 109 16.98 26.22 -54.80
C GLY D 109 17.53 26.50 -53.42
N ARG D 110 18.01 25.47 -52.73
CA ARG D 110 18.67 25.73 -51.45
C ARG D 110 20.04 26.38 -51.67
N ALA D 111 20.82 25.86 -52.61
CA ALA D 111 22.23 26.21 -52.67
C ALA D 111 22.48 27.59 -53.29
N VAL D 112 21.60 28.06 -54.16
CA VAL D 112 21.86 29.31 -54.87
C VAL D 112 21.83 30.53 -53.96
N ILE D 113 21.30 30.41 -52.74
CA ILE D 113 21.12 31.58 -51.90
C ILE D 113 22.44 32.27 -51.55
N ALA D 114 23.52 31.51 -51.43
CA ALA D 114 24.75 32.12 -50.94
C ALA D 114 25.44 32.98 -52.00
N PRO D 115 25.76 32.46 -53.19
CA PRO D 115 26.50 33.30 -54.14
C PRO D 115 25.73 34.54 -54.55
N LEU D 116 24.41 34.43 -54.72
CA LEU D 116 23.66 35.60 -55.17
C LEU D 116 23.64 36.67 -54.10
N THR D 117 23.54 36.29 -52.82
CA THR D 117 23.57 37.30 -51.78
C THR D 117 24.95 37.90 -51.64
N TRP D 118 26.01 37.12 -51.88
CA TRP D 118 27.35 37.68 -51.85
C TRP D 118 27.51 38.73 -52.94
N LEU D 119 27.17 38.37 -54.18
CA LEU D 119 27.22 39.33 -55.27
C LEU D 119 26.38 40.56 -54.97
N ALA D 120 25.18 40.36 -54.42
CA ALA D 120 24.30 41.48 -54.16
C ALA D 120 24.94 42.45 -53.18
N VAL D 121 25.43 41.93 -52.05
CA VAL D 121 25.95 42.84 -51.03
C VAL D 121 27.23 43.52 -51.51
N THR D 122 28.06 42.80 -52.28
CA THR D 122 29.30 43.41 -52.70
C THR D 122 29.08 44.43 -53.80
N LEU D 123 28.06 44.25 -54.63
CA LEU D 123 27.76 45.28 -55.62
C LEU D 123 27.08 46.47 -54.96
N LEU D 124 26.22 46.24 -53.97
CA LEU D 124 25.53 47.35 -53.34
C LEU D 124 26.49 48.23 -52.56
N THR D 125 27.40 47.62 -51.79
CA THR D 125 28.45 48.43 -51.18
C THR D 125 29.35 49.04 -52.25
N GLY D 126 29.58 48.30 -53.33
CA GLY D 126 30.22 48.83 -54.52
C GLY D 126 31.71 49.09 -54.42
N THR D 127 32.29 49.05 -53.22
CA THR D 127 33.70 49.38 -53.08
C THR D 127 34.59 48.44 -53.86
N TYR D 128 34.08 47.28 -54.27
CA TYR D 128 34.87 46.38 -55.09
C TYR D 128 34.87 46.83 -56.55
N TYR D 129 33.70 47.24 -57.05
CA TYR D 129 33.56 47.50 -58.47
C TYR D 129 34.41 48.69 -58.89
N GLU D 130 34.48 49.72 -58.05
CA GLU D 130 35.27 50.89 -58.41
C GLU D 130 36.74 50.50 -58.64
N CYS D 131 37.29 49.63 -57.80
CA CYS D 131 38.64 49.12 -58.05
C CYS D 131 38.65 48.22 -59.27
N ALA D 132 37.54 47.55 -59.55
CA ALA D 132 37.52 46.63 -60.67
C ALA D 132 37.66 47.34 -62.00
N ALA D 133 36.99 48.49 -62.15
CA ALA D 133 36.96 49.20 -63.42
C ALA D 133 37.34 50.66 -63.23
N SER D 134 38.34 50.93 -62.41
CA SER D 134 38.83 52.29 -62.26
C SER D 134 39.68 52.75 -63.42
N GLU D 135 39.96 51.87 -64.39
CA GLU D 135 40.75 52.24 -65.54
C GLU D 135 39.93 52.48 -66.80
N PHE D 136 38.71 51.95 -66.86
CA PHE D 136 37.91 52.06 -68.07
C PHE D 136 37.15 53.37 -68.18
N ALA D 137 37.33 54.30 -67.25
CA ALA D 137 36.55 55.54 -67.27
C ALA D 137 36.83 56.31 -68.54
N SER D 138 35.78 56.57 -69.32
CA SER D 138 35.92 57.29 -70.58
C SER D 138 36.13 58.76 -70.28
N VAL D 139 37.36 59.22 -70.40
CA VAL D 139 37.70 60.62 -70.16
C VAL D 139 37.92 61.29 -71.51
N ASP D 140 36.99 62.18 -71.86
CA ASP D 140 37.09 62.96 -73.09
C ASP D 140 36.75 64.42 -72.93
N HIS D 141 36.10 64.81 -71.83
CA HIS D 141 35.61 66.18 -71.68
C HIS D 141 36.17 66.81 -70.41
N TYR D 142 37.47 66.65 -70.20
CA TYR D 142 38.13 67.20 -69.03
C TYR D 142 39.39 67.94 -69.45
N PRO D 143 39.74 69.03 -68.76
CA PRO D 143 40.80 69.90 -69.25
C PRO D 143 42.19 69.37 -68.98
N MET D 144 42.35 68.56 -67.93
CA MET D 144 43.67 68.10 -67.53
C MET D 144 44.11 66.82 -68.26
N PHE D 145 43.24 66.23 -69.07
CA PHE D 145 43.57 65.02 -69.82
C PHE D 145 43.74 65.29 -71.31
N ASP D 146 43.97 66.54 -71.71
CA ASP D 146 44.06 66.85 -73.13
C ASP D 146 45.46 66.60 -73.67
N ASN D 147 46.45 67.31 -73.14
CA ASN D 147 47.80 67.26 -73.72
C ASN D 147 48.61 66.08 -73.21
N VAL D 148 48.26 65.55 -72.02
CA VAL D 148 49.07 64.54 -71.39
C VAL D 148 49.13 63.27 -72.23
N SER D 149 50.22 62.52 -72.08
CA SER D 149 50.42 61.33 -72.89
C SER D 149 49.48 60.21 -72.45
N ALA D 150 49.34 59.22 -73.32
CA ALA D 150 48.39 58.13 -73.08
C ALA D 150 48.79 57.32 -71.85
N SER D 151 50.05 56.85 -71.82
CA SER D 151 50.52 56.10 -70.66
C SER D 151 50.50 56.95 -69.40
N LYS D 152 50.83 58.22 -69.52
CA LYS D 152 50.70 59.12 -68.38
C LYS D 152 49.25 59.20 -67.92
N ARG D 153 48.31 59.17 -68.87
CA ARG D 153 46.90 59.17 -68.51
C ARG D 153 46.52 57.90 -67.79
N GLU D 154 47.00 56.75 -68.26
CA GLU D 154 46.74 55.49 -67.55
C GLU D 154 47.26 55.54 -66.13
N GLU D 155 48.50 56.04 -65.98
CA GLU D 155 49.09 56.11 -64.65
C GLU D 155 48.28 57.01 -63.72
N ILE D 156 47.89 58.19 -64.21
CA ILE D 156 47.16 59.11 -63.33
C ILE D 156 45.74 58.65 -63.13
N LEU D 157 45.21 57.81 -64.02
CA LEU D 157 43.84 57.34 -63.90
C LEU D 157 43.74 56.18 -62.91
N ALA D 158 44.69 55.24 -62.97
CA ALA D 158 44.60 54.08 -62.09
C ALA D 158 44.96 54.41 -60.64
N GLY D 159 45.51 55.58 -60.37
CA GLY D 159 45.86 55.95 -59.02
C GLY D 159 44.73 56.56 -58.23
N PHE D 160 43.59 56.81 -58.87
CA PHE D 160 42.48 57.50 -58.22
C PHE D 160 41.96 56.80 -56.97
N PRO D 161 41.60 55.51 -56.99
CA PRO D 161 40.84 54.97 -55.86
C PRO D 161 41.55 55.01 -54.52
N CYS D 162 42.84 54.67 -54.48
CA CYS D 162 43.49 54.42 -53.20
C CYS D 162 43.83 55.70 -52.45
N CYS D 163 44.52 56.65 -53.07
CA CYS D 163 45.00 57.79 -52.31
C CYS D 163 44.77 59.08 -53.09
N ARG D 164 45.02 60.20 -52.41
CA ARG D 164 44.88 61.52 -53.00
C ARG D 164 45.88 62.49 -52.39
N SER D 165 46.68 63.12 -53.25
CA SER D 165 47.60 64.16 -52.82
C SER D 165 47.67 65.33 -53.78
N ALA D 166 46.94 65.31 -54.89
CA ALA D 166 47.08 66.26 -55.98
C ALA D 166 46.33 67.55 -55.66
N PRO D 167 46.41 68.56 -56.54
CA PRO D 167 45.61 69.79 -56.36
C PRO D 167 44.11 69.58 -56.40
N SER D 168 43.36 70.68 -56.23
CA SER D 168 41.92 70.59 -56.03
C SER D 168 41.22 69.99 -57.23
N ASP D 169 41.53 70.49 -58.44
CA ASP D 169 40.79 70.04 -59.62
C ASP D 169 40.94 68.53 -59.82
N VAL D 170 42.13 68.00 -59.54
CA VAL D 170 42.35 66.57 -59.68
C VAL D 170 41.48 65.79 -58.70
N ILE D 171 41.43 66.23 -57.44
CA ILE D 171 40.65 65.46 -56.48
C ILE D 171 39.16 65.61 -56.77
N LEU D 172 38.76 66.72 -57.38
CA LEU D 172 37.36 66.88 -57.76
C LEU D 172 36.98 65.93 -58.89
N VAL D 173 37.80 65.86 -59.93
CA VAL D 173 37.49 64.91 -61.00
C VAL D 173 37.57 63.49 -60.47
N ARG D 174 38.42 63.26 -59.46
CA ARG D 174 38.48 61.96 -58.80
C ARG D 174 37.15 61.64 -58.12
N ASP D 175 36.64 62.59 -57.32
CA ASP D 175 35.36 62.40 -56.67
C ASP D 175 34.26 62.13 -57.69
N GLU D 176 34.31 62.83 -58.82
CA GLU D 176 33.27 62.65 -59.83
C GLU D 176 33.33 61.24 -60.43
N ILE D 177 34.53 60.78 -60.79
CA ILE D 177 34.66 59.44 -61.35
C ILE D 177 34.19 58.40 -60.34
N ALA D 178 34.54 58.61 -59.06
CA ALA D 178 34.12 57.66 -58.03
C ALA D 178 32.61 57.59 -57.92
N LEU D 179 31.94 58.75 -57.91
CA LEU D 179 30.49 58.74 -57.80
C LEU D 179 29.86 58.05 -59.01
N LEU D 180 30.36 58.33 -60.21
CA LEU D 180 29.83 57.67 -61.39
C LEU D 180 29.96 56.16 -61.27
N HIS D 181 31.13 55.69 -60.86
CA HIS D 181 31.34 54.25 -60.80
C HIS D 181 30.48 53.61 -59.71
N ARG D 182 30.31 54.29 -58.58
CA ARG D 182 29.43 53.75 -57.55
C ARG D 182 28.01 53.65 -58.04
N TYR D 183 27.55 54.65 -58.78
CA TYR D 183 26.21 54.57 -59.37
C TYR D 183 26.09 53.36 -60.28
N GLN D 184 27.08 53.17 -61.15
CA GLN D 184 27.02 52.02 -62.04
C GLN D 184 26.98 50.72 -61.27
N SER D 185 27.80 50.61 -60.22
CA SER D 185 27.81 49.38 -59.43
C SER D 185 26.46 49.11 -58.81
N GLN D 186 25.85 50.12 -58.20
CA GLN D 186 24.58 49.88 -57.52
C GLN D 186 23.47 49.53 -58.51
N MET D 187 23.46 50.19 -59.67
CA MET D 187 22.46 49.82 -60.67
C MET D 187 22.66 48.40 -61.14
N LEU D 188 23.91 48.00 -61.39
CA LEU D 188 24.17 46.63 -61.80
C LEU D 188 23.69 45.65 -60.73
N GLY D 189 23.88 46.01 -59.47
CA GLY D 189 23.42 45.14 -58.39
C GLY D 189 21.91 44.97 -58.39
N TRP D 190 21.18 46.08 -58.53
CA TRP D 190 19.73 45.97 -58.55
C TRP D 190 19.26 45.16 -59.75
N ILE D 191 19.93 45.32 -60.89
CA ILE D 191 19.58 44.53 -62.06
C ILE D 191 19.79 43.05 -61.79
N LEU D 192 20.92 42.71 -61.16
CA LEU D 192 21.16 41.31 -60.83
C LEU D 192 20.08 40.77 -59.90
N ILE D 193 19.69 41.54 -58.89
CA ILE D 193 18.65 41.06 -57.97
C ILE D 193 17.34 40.83 -58.71
N THR D 194 16.91 41.80 -59.51
CA THR D 194 15.61 41.64 -60.16
C THR D 194 15.62 40.48 -61.14
N LEU D 195 16.70 40.32 -61.90
CA LEU D 195 16.76 39.22 -62.84
C LEU D 195 16.79 37.88 -62.13
N ALA D 196 17.56 37.80 -61.03
CA ALA D 196 17.61 36.56 -60.27
C ALA D 196 16.24 36.20 -59.72
N THR D 197 15.53 37.18 -59.19
CA THR D 197 14.21 36.90 -58.62
C THR D 197 13.23 36.44 -59.70
N ILE D 198 13.19 37.15 -60.83
CA ILE D 198 12.23 36.77 -61.86
C ILE D 198 12.57 35.40 -62.43
N ALA D 199 13.86 35.09 -62.57
CA ALA D 199 14.26 33.78 -63.06
C ALA D 199 13.88 32.69 -62.07
N ALA D 200 14.13 32.93 -60.77
CA ALA D 200 13.76 31.94 -59.77
C ALA D 200 12.27 31.67 -59.79
N LEU D 201 11.46 32.73 -59.89
CA LEU D 201 10.02 32.56 -59.88
C LEU D 201 9.55 31.78 -61.10
N VAL D 202 9.98 32.18 -62.30
CA VAL D 202 9.54 31.48 -63.49
C VAL D 202 10.02 30.04 -63.49
N SER D 203 11.21 29.79 -62.95
CA SER D 203 11.73 28.43 -62.92
C SER D 203 10.93 27.57 -61.94
N CYS D 204 10.61 28.11 -60.77
CA CYS D 204 9.82 27.33 -59.82
C CYS D 204 8.43 27.04 -60.39
N CYS D 205 7.83 28.02 -61.08
CA CYS D 205 6.53 27.78 -61.68
C CYS D 205 6.60 26.73 -62.77
N VAL D 206 7.65 26.77 -63.59
CA VAL D 206 7.81 25.75 -64.63
C VAL D 206 7.98 24.38 -64.00
N ALA D 207 8.76 24.29 -62.93
CA ALA D 207 8.96 23.01 -62.26
C ALA D 207 7.65 22.48 -61.71
N LYS D 208 6.83 23.36 -61.13
CA LYS D 208 5.53 22.94 -60.64
C LYS D 208 4.62 22.52 -61.79
N CYS D 209 4.80 23.13 -62.96
CA CYS D 209 3.99 22.79 -64.12
C CYS D 209 4.33 21.41 -64.65
N CYS D 210 5.60 21.17 -64.93
CA CYS D 210 6.03 19.91 -65.52
C CYS D 210 6.01 18.75 -64.55
N SER D 211 5.60 18.97 -63.32
CA SER D 211 5.60 17.90 -62.34
C SER D 211 4.52 16.89 -62.68
N PRO D 212 4.81 15.59 -62.62
CA PRO D 212 3.77 14.58 -62.88
C PRO D 212 2.90 14.27 -61.68
N LEU D 213 3.23 14.78 -60.50
CA LEU D 213 2.50 14.44 -59.29
C LEU D 213 1.49 15.52 -58.93
N THR D 214 0.56 15.15 -58.07
CA THR D 214 -0.50 16.06 -57.65
C THR D 214 0.01 16.99 -56.55
N SER D 215 -0.91 17.72 -55.92
CA SER D 215 -0.57 18.61 -54.83
C SER D 215 -0.38 17.88 -53.52
N LEU D 216 -0.68 16.59 -53.47
CA LEU D 216 -0.58 15.79 -52.26
C LEU D 216 0.49 14.72 -52.33
N GLN D 217 0.65 14.08 -53.49
CA GLN D 217 1.69 13.07 -53.64
C GLN D 217 3.07 13.65 -53.42
N HIS D 218 3.26 14.94 -53.69
CA HIS D 218 4.57 15.56 -53.54
C HIS D 218 5.02 15.57 -52.08
N CYS D 219 4.13 15.99 -51.18
CA CYS D 219 4.50 16.03 -49.77
C CYS D 219 4.78 14.63 -49.24
N TYR D 220 3.89 13.69 -49.57
CA TYR D 220 4.13 12.29 -49.23
C TYR D 220 5.49 11.85 -49.73
N TRP D 221 5.87 12.27 -50.92
CA TRP D 221 7.12 11.84 -51.52
C TRP D 221 8.32 12.38 -50.75
N THR D 222 8.28 13.66 -50.39
CA THR D 222 9.38 14.24 -49.63
C THR D 222 9.55 13.56 -48.29
N SER D 223 8.44 13.36 -47.59
CA SER D 223 8.50 12.65 -46.31
C SER D 223 9.05 11.26 -46.50
N HIS D 224 8.64 10.59 -47.58
CA HIS D 224 9.17 9.28 -47.90
C HIS D 224 10.69 9.30 -47.98
N LEU D 225 11.23 10.23 -48.77
CA LEU D 225 12.68 10.31 -48.96
C LEU D 225 13.39 10.52 -47.63
N GLN D 226 12.98 11.55 -46.89
CA GLN D 226 13.70 11.90 -45.66
C GLN D 226 13.65 10.74 -44.66
N ASN D 227 12.45 10.24 -44.36
CA ASN D 227 12.35 9.18 -43.37
C ASN D 227 13.04 7.90 -43.84
N GLU D 228 13.03 7.63 -45.15
CA GLU D 228 13.76 6.50 -45.67
C GLU D 228 15.23 6.60 -45.30
N ARG D 229 15.86 7.72 -45.65
CA ARG D 229 17.28 7.89 -45.34
C ARG D 229 17.54 7.67 -43.85
N GLU D 230 16.78 8.36 -43.00
CA GLU D 230 17.06 8.28 -41.57
C GLU D 230 16.90 6.87 -41.04
N LEU D 231 15.78 6.22 -41.35
CA LEU D 231 15.51 4.90 -40.80
C LEU D 231 16.54 3.88 -41.29
N PHE D 232 16.89 3.94 -42.58
CA PHE D 232 17.87 2.98 -43.06
C PHE D 232 19.21 3.17 -42.38
N GLU D 233 19.61 4.42 -42.13
CA GLU D 233 20.85 4.63 -41.41
C GLU D 233 20.80 3.99 -40.03
N GLN D 234 19.72 4.25 -39.28
CA GLN D 234 19.64 3.71 -37.93
C GLN D 234 19.64 2.19 -37.95
N ALA D 235 18.91 1.59 -38.88
CA ALA D 235 18.80 0.14 -38.93
C ALA D 235 20.14 -0.49 -39.28
N ALA D 236 20.82 0.05 -40.29
CA ALA D 236 22.12 -0.50 -40.65
C ALA D 236 23.08 -0.43 -39.48
N GLU D 237 23.11 0.71 -38.78
CA GLU D 237 23.97 0.82 -37.62
C GLU D 237 23.67 -0.26 -36.61
N GLN D 238 22.41 -0.40 -36.22
CA GLN D 238 22.05 -1.36 -35.18
C GLN D 238 22.37 -2.79 -35.60
N HIS D 239 22.11 -3.11 -36.86
CA HIS D 239 22.35 -4.47 -37.34
C HIS D 239 23.83 -4.80 -37.32
N SER D 240 24.67 -3.89 -37.82
CA SER D 240 26.10 -4.17 -37.81
C SER D 240 26.61 -4.26 -36.38
N ARG D 241 26.08 -3.44 -35.49
CA ARG D 241 26.48 -3.53 -34.10
C ARG D 241 26.15 -4.90 -33.52
N LEU D 242 24.94 -5.39 -33.79
CA LEU D 242 24.57 -6.71 -33.26
C LEU D 242 25.46 -7.80 -33.83
N LEU D 243 25.75 -7.75 -35.13
CA LEU D 243 26.57 -8.79 -35.72
C LEU D 243 27.98 -8.78 -35.14
N MET D 244 28.58 -7.60 -35.02
CA MET D 244 29.91 -7.54 -34.42
C MET D 244 29.87 -8.01 -32.97
N MET D 245 28.78 -7.71 -32.26
CA MET D 245 28.64 -8.17 -30.89
C MET D 245 28.59 -9.69 -30.83
N HIS D 246 27.89 -10.31 -31.77
CA HIS D 246 27.83 -11.76 -31.81
C HIS D 246 29.20 -12.36 -32.10
N ARG D 247 29.96 -11.77 -33.04
CA ARG D 247 31.30 -12.28 -33.28
C ARG D 247 32.17 -12.16 -32.03
N ILE D 248 32.06 -11.03 -31.33
CA ILE D 248 32.84 -10.86 -30.11
C ILE D 248 32.48 -11.92 -29.10
N LYS D 249 31.19 -12.19 -28.93
CA LYS D 249 30.78 -13.19 -27.95
C LYS D 249 31.24 -14.58 -28.35
N LYS D 250 31.25 -14.87 -29.65
CA LYS D 250 31.78 -16.16 -30.09
C LYS D 250 33.27 -16.27 -29.78
N LEU D 251 34.00 -15.17 -29.90
CA LEU D 251 35.43 -15.22 -29.63
C LEU D 251 35.73 -15.32 -28.14
N PHE D 252 35.34 -14.29 -27.38
CA PHE D 252 35.73 -14.24 -25.98
C PHE D 252 34.84 -15.09 -25.09
N GLY D 253 33.60 -15.31 -25.48
CA GLY D 253 32.72 -16.16 -24.74
C GLY D 253 31.61 -15.47 -23.98
N PHE D 254 31.28 -14.23 -24.32
CA PHE D 254 30.25 -13.50 -23.61
C PHE D 254 29.91 -12.26 -24.42
N ILE D 255 28.69 -11.76 -24.21
CA ILE D 255 28.26 -10.54 -24.88
C ILE D 255 28.87 -9.35 -24.14
N PRO D 256 29.47 -8.39 -24.85
CA PRO D 256 30.13 -7.29 -24.13
C PRO D 256 29.19 -6.47 -23.27
N GLY D 257 27.99 -6.18 -23.75
CA GLY D 257 27.05 -5.40 -22.98
C GLY D 257 26.56 -6.10 -21.73
N SER D 258 27.17 -7.22 -21.39
CA SER D 258 26.74 -8.00 -20.24
C SER D 258 27.43 -7.57 -18.95
N GLU D 259 26.92 -8.12 -17.86
CA GLU D 259 27.45 -7.97 -16.52
C GLU D 259 27.36 -9.30 -15.77
N ASP D 260 28.26 -9.45 -14.78
CA ASP D 260 28.35 -10.62 -13.91
C ASP D 260 28.44 -11.92 -14.71
N VAL D 261 29.17 -11.87 -15.82
CA VAL D 261 29.34 -13.04 -16.66
C VAL D 261 30.13 -14.09 -15.90
N LYS D 262 29.65 -15.32 -15.91
CA LYS D 262 30.28 -16.40 -15.18
C LYS D 262 31.07 -17.34 -16.08
N HIS D 263 31.32 -16.99 -17.34
CA HIS D 263 32.10 -17.86 -18.19
C HIS D 263 32.96 -17.04 -19.14
N ILE D 264 34.24 -17.41 -19.23
CA ILE D 264 35.22 -16.70 -20.03
C ILE D 264 35.95 -17.71 -20.90
N ARG D 265 36.12 -17.39 -22.18
CA ARG D 265 36.84 -18.25 -23.10
C ARG D 265 38.14 -17.58 -23.49
N ILE D 266 39.26 -18.19 -23.14
CA ILE D 266 40.57 -17.64 -23.54
C ILE D 266 40.77 -17.86 -25.03
N PRO D 267 41.20 -16.86 -25.78
CA PRO D 267 41.39 -17.05 -27.22
C PRO D 267 42.62 -17.87 -27.51
N SER D 268 42.64 -18.45 -28.70
CA SER D 268 43.80 -19.20 -29.17
C SER D 268 44.68 -18.28 -30.02
N CYS D 269 45.92 -18.72 -30.26
CA CYS D 269 46.83 -17.92 -31.05
C CYS D 269 46.41 -17.80 -32.51
N GLN D 270 45.33 -18.46 -32.91
CA GLN D 270 44.79 -18.36 -34.26
C GLN D 270 43.52 -17.54 -34.34
N ASP D 271 42.69 -17.56 -33.29
CA ASP D 271 41.45 -16.81 -33.29
C ASP D 271 41.69 -15.34 -33.63
N TRP D 272 42.81 -14.78 -33.16
CA TRP D 272 43.18 -13.43 -33.54
C TRP D 272 43.34 -13.33 -35.05
N LYS D 273 43.95 -14.35 -35.66
CA LYS D 273 44.07 -14.36 -37.12
C LYS D 273 42.70 -14.42 -37.78
N ASP D 274 41.75 -15.12 -37.15
CA ASP D 274 40.42 -15.24 -37.74
C ASP D 274 39.66 -13.92 -37.71
N ILE D 275 39.62 -13.27 -36.54
CA ILE D 275 38.85 -12.04 -36.39
C ILE D 275 39.45 -10.89 -37.18
N SER D 276 40.63 -11.10 -37.74
CA SER D 276 41.34 -10.04 -38.46
C SER D 276 40.55 -9.54 -39.67
N VAL D 277 39.80 -10.41 -40.34
CA VAL D 277 39.10 -9.98 -41.55
C VAL D 277 37.75 -9.41 -41.18
N PRO D 278 37.25 -8.41 -41.92
CA PRO D 278 36.01 -7.71 -41.52
C PRO D 278 34.73 -8.24 -42.16
N THR D 279 34.83 -9.20 -43.09
CA THR D 279 33.71 -9.81 -43.79
C THR D 279 32.99 -8.79 -44.68
N LEU D 280 33.41 -7.53 -44.67
CA LEU D 280 32.81 -6.48 -45.48
C LEU D 280 31.31 -6.37 -45.24
N THR E 4 20.80 15.34 -21.44
CA THR E 4 20.63 15.60 -22.86
C THR E 4 21.92 16.08 -23.51
N LEU E 5 22.91 16.37 -22.66
CA LEU E 5 24.17 16.92 -23.16
C LEU E 5 24.85 15.96 -24.12
N ASN E 6 25.12 14.73 -23.66
CA ASN E 6 25.89 13.78 -24.46
C ASN E 6 25.25 13.49 -25.81
N ASN E 7 23.92 13.60 -25.92
CA ASN E 7 23.27 13.48 -27.22
C ASN E 7 23.81 14.51 -28.20
N ILE E 8 23.73 15.79 -27.84
CA ILE E 8 24.20 16.83 -28.76
C ILE E 8 25.71 16.76 -28.93
N VAL E 9 26.45 16.33 -27.91
CA VAL E 9 27.88 16.19 -28.04
C VAL E 9 28.22 15.17 -29.11
N SER E 10 27.60 13.99 -29.05
CA SER E 10 27.84 12.98 -30.07
C SER E 10 27.34 13.45 -31.43
N SER E 11 26.23 14.18 -31.48
CA SER E 11 25.70 14.64 -32.75
C SER E 11 26.68 15.55 -33.45
N LEU E 12 27.25 16.51 -32.73
CA LEU E 12 28.26 17.37 -33.34
C LEU E 12 29.54 16.61 -33.63
N GLN E 13 29.91 15.67 -32.76
CA GLN E 13 31.15 14.93 -32.96
C GLN E 13 31.11 14.10 -34.22
N ARG E 14 29.93 13.58 -34.59
CA ARG E 14 29.82 12.90 -35.88
C ARG E 14 29.84 13.89 -37.04
N ASN E 15 29.29 15.10 -36.81
CA ASN E 15 29.14 16.08 -37.88
C ASN E 15 30.51 16.56 -38.33
N GLY E 16 30.92 16.17 -39.55
CA GLY E 16 32.21 16.59 -40.06
C GLY E 16 32.34 18.08 -40.31
N ILE E 17 31.24 18.74 -40.70
CA ILE E 17 31.30 20.15 -41.04
C ILE E 17 31.76 20.98 -39.85
N PHE E 18 31.18 20.71 -38.68
CA PHE E 18 31.55 21.50 -37.51
C PHE E 18 33.01 21.28 -37.12
N ILE E 19 33.49 20.04 -37.19
CA ILE E 19 34.87 19.75 -36.83
C ILE E 19 35.82 20.47 -37.79
N ASN E 20 35.55 20.38 -39.08
CA ASN E 20 36.42 21.04 -40.05
C ASN E 20 36.40 22.56 -39.86
N SER E 21 35.22 23.13 -39.63
CA SER E 21 35.15 24.57 -39.42
C SER E 21 35.92 24.99 -38.18
N LEU E 22 35.82 24.21 -37.11
CA LEU E 22 36.57 24.54 -35.90
C LEU E 22 38.07 24.48 -36.15
N ILE E 23 38.52 23.46 -36.88
CA ILE E 23 39.94 23.37 -37.20
C ILE E 23 40.39 24.59 -37.98
N ALA E 24 39.61 24.99 -38.98
CA ALA E 24 40.00 26.15 -39.76
C ALA E 24 40.05 27.41 -38.91
N ALA E 25 39.06 27.61 -38.04
CA ALA E 25 39.07 28.80 -37.21
C ALA E 25 40.26 28.81 -36.28
N LEU E 26 40.56 27.67 -35.68
CA LEU E 26 41.73 27.56 -34.81
C LEU E 26 43.01 27.89 -35.55
N THR E 27 43.17 27.38 -36.77
CA THR E 27 44.37 27.69 -37.51
C THR E 27 44.45 29.17 -37.86
N ILE E 28 43.32 29.80 -38.18
CA ILE E 28 43.34 31.22 -38.50
C ILE E 28 43.81 32.02 -37.29
N GLY E 29 43.18 31.76 -36.14
CA GLY E 29 43.56 32.48 -34.93
C GLY E 29 45.01 32.27 -34.55
N GLY E 30 45.45 31.00 -34.58
CA GLY E 30 46.83 30.73 -34.24
C GLY E 30 47.81 31.41 -35.17
N GLN E 31 47.53 31.38 -36.47
CA GLN E 31 48.41 32.06 -37.42
C GLN E 31 48.47 33.55 -37.13
N GLN E 32 47.32 34.16 -36.86
CA GLN E 32 47.32 35.59 -36.59
C GLN E 32 48.17 35.92 -35.37
N LEU E 33 47.95 35.21 -34.26
CA LEU E 33 48.74 35.47 -33.07
C LEU E 33 50.22 35.26 -33.33
N PHE E 34 50.56 34.14 -33.99
CA PHE E 34 51.95 33.83 -34.29
C PHE E 34 52.60 34.95 -35.08
N SER E 35 51.99 35.33 -36.21
CA SER E 35 52.58 36.37 -37.05
C SER E 35 52.70 37.68 -36.29
N SER E 36 51.69 38.03 -35.50
CA SER E 36 51.75 39.30 -34.78
C SER E 36 52.84 39.30 -33.72
N SER E 37 53.18 38.14 -33.18
CA SER E 37 54.11 38.15 -32.06
C SER E 37 55.56 38.04 -32.50
N THR E 38 55.90 37.04 -33.30
CA THR E 38 57.30 36.67 -33.49
C THR E 38 57.75 36.78 -34.95
N PHE E 39 57.45 37.87 -35.62
CA PHE E 39 57.85 38.05 -37.01
C PHE E 39 58.50 39.40 -37.21
N SER E 40 59.68 39.40 -37.85
CA SER E 40 60.37 40.63 -38.19
C SER E 40 61.32 40.32 -39.33
N CYS E 41 61.23 41.10 -40.40
CA CYS E 41 62.02 40.83 -41.59
C CYS E 41 63.50 41.01 -41.24
N PRO E 42 64.38 40.13 -41.69
CA PRO E 42 65.81 40.31 -41.39
C PRO E 42 66.45 41.50 -42.06
N CYS E 43 66.03 41.88 -43.27
CA CYS E 43 66.64 42.98 -44.00
C CYS E 43 68.15 42.79 -44.15
N GLN E 44 68.57 41.54 -44.27
CA GLN E 44 69.96 41.22 -44.54
C GLN E 44 70.20 41.19 -46.04
N VAL E 45 71.35 40.68 -46.46
CA VAL E 45 71.74 40.79 -47.85
C VAL E 45 71.17 39.65 -48.70
N GLY E 46 71.42 38.42 -48.30
CA GLY E 46 70.96 37.27 -49.07
C GLY E 46 70.14 36.31 -48.25
N LYS E 47 70.02 36.62 -46.95
CA LYS E 47 69.35 35.75 -45.99
C LYS E 47 67.92 36.18 -45.71
N ASN E 48 67.26 36.78 -46.69
CA ASN E 48 65.86 37.20 -46.54
C ASN E 48 64.89 36.17 -47.09
N PHE E 49 65.19 35.66 -48.29
CA PHE E 49 64.27 34.73 -48.96
C PHE E 49 64.04 33.48 -48.13
N TYR E 50 65.08 33.00 -47.46
CA TYR E 50 64.90 31.84 -46.59
C TYR E 50 64.00 32.17 -45.41
N TYR E 51 64.20 33.34 -44.81
CA TYR E 51 63.39 33.71 -43.66
C TYR E 51 61.93 33.86 -44.04
N GLY E 52 61.66 34.18 -45.29
CA GLY E 52 60.28 34.20 -45.74
C GLY E 52 59.75 32.80 -45.98
N SER E 53 60.50 32.04 -46.78
CA SER E 53 60.03 30.73 -47.19
C SER E 53 59.79 29.81 -46.00
N ALA E 54 60.60 29.93 -44.95
CA ALA E 54 60.39 29.08 -43.78
C ALA E 54 59.00 29.28 -43.20
N PHE E 55 58.68 30.53 -42.83
CA PHE E 55 57.37 30.79 -42.27
C PHE E 55 56.26 30.48 -43.26
N LEU E 56 56.56 30.55 -44.56
CA LEU E 56 55.50 30.29 -45.53
C LEU E 56 55.19 28.81 -45.65
N VAL E 57 56.20 27.95 -45.57
CA VAL E 57 56.08 26.55 -45.93
C VAL E 57 56.10 25.64 -44.71
N ILE E 58 57.13 25.75 -43.87
CA ILE E 58 57.35 24.74 -42.84
C ILE E 58 56.12 24.47 -41.99
N PRO E 59 55.37 25.47 -41.51
CA PRO E 59 54.13 25.16 -40.81
C PRO E 59 53.17 24.32 -41.63
N ALA E 60 53.12 24.51 -42.95
CA ALA E 60 52.24 23.68 -43.76
C ALA E 60 52.63 22.21 -43.66
N LEU E 61 53.91 21.90 -43.86
CA LEU E 61 54.37 20.52 -43.76
C LEU E 61 54.11 19.97 -42.37
N ILE E 62 54.42 20.73 -41.34
CA ILE E 62 54.24 20.24 -39.98
C ILE E 62 52.78 19.93 -39.72
N LEU E 63 51.89 20.88 -40.01
CA LEU E 63 50.48 20.66 -39.73
C LEU E 63 49.90 19.54 -40.57
N LEU E 64 50.37 19.39 -41.82
CA LEU E 64 49.88 18.32 -42.67
C LEU E 64 50.30 16.96 -42.12
N VAL E 65 51.59 16.79 -41.80
CA VAL E 65 52.05 15.53 -41.25
C VAL E 65 51.35 15.24 -39.93
N ALA E 66 51.11 16.27 -39.12
CA ALA E 66 50.43 16.04 -37.85
C ALA E 66 49.00 15.61 -38.06
N GLY E 67 48.27 16.28 -38.96
CA GLY E 67 46.90 15.92 -39.26
C GLY E 67 46.76 14.57 -39.91
N PHE E 68 47.81 14.08 -40.57
CA PHE E 68 47.77 12.74 -41.14
C PHE E 68 48.07 11.69 -40.08
N ALA E 69 49.21 11.83 -39.41
CA ALA E 69 49.69 10.79 -38.51
C ALA E 69 48.84 10.64 -37.26
N LEU E 70 48.10 11.67 -36.87
CA LEU E 70 47.31 11.59 -35.64
C LEU E 70 46.03 10.78 -35.80
N ARG E 71 45.64 10.45 -37.02
CA ARG E 71 44.41 9.69 -37.22
C ARG E 71 44.72 8.22 -36.98
N SER E 72 44.04 7.65 -35.97
CA SER E 72 44.30 6.28 -35.57
C SER E 72 44.16 5.31 -36.74
N GLN E 73 43.14 5.53 -37.59
CA GLN E 73 42.88 4.56 -38.65
C GLN E 73 44.02 4.51 -39.65
N MET E 74 44.73 5.62 -39.85
CA MET E 74 45.82 5.62 -40.82
C MET E 74 46.93 4.66 -40.39
N TRP E 75 47.20 4.56 -39.09
CA TRP E 75 48.19 3.59 -38.63
C TRP E 75 47.77 2.16 -38.94
N THR E 76 46.49 1.85 -38.72
CA THR E 76 46.01 0.50 -38.99
C THR E 76 46.09 0.19 -40.49
N ILE E 77 45.75 1.17 -41.33
CA ILE E 77 45.83 0.95 -42.77
C ILE E 77 47.26 0.73 -43.19
N THR E 78 48.20 1.52 -42.66
CA THR E 78 49.61 1.29 -42.96
C THR E 78 50.06 -0.09 -42.50
N GLY E 79 49.61 -0.52 -41.32
CA GLY E 79 49.96 -1.84 -40.85
C GLY E 79 49.46 -2.94 -41.77
N GLU E 80 48.23 -2.78 -42.26
CA GLU E 80 47.75 -3.65 -43.33
C GLU E 80 48.68 -3.60 -44.54
N TYR E 81 49.20 -2.42 -44.86
CA TYR E 81 50.06 -2.28 -46.03
C TYR E 81 51.51 -2.65 -45.72
N CYS E 82 52.06 -2.17 -44.61
CA CYS E 82 53.46 -2.42 -44.29
C CYS E 82 53.72 -3.89 -44.02
N CYS E 83 54.99 -4.27 -44.08
CA CYS E 83 55.40 -5.64 -43.82
C CYS E 83 55.37 -5.92 -42.33
N PRO E 94 42.15 -7.13 -55.21
CA PRO E 94 40.71 -7.39 -55.31
C PRO E 94 39.87 -6.25 -54.76
N LEU E 95 39.07 -6.52 -53.73
CA LEU E 95 38.25 -5.47 -53.13
C LEU E 95 38.95 -4.79 -51.96
N GLU E 96 39.82 -5.52 -51.26
CA GLU E 96 40.49 -4.95 -50.10
C GLU E 96 41.32 -3.74 -50.49
N CYS E 97 41.97 -3.79 -51.66
CA CYS E 97 42.79 -2.67 -52.09
C CYS E 97 41.95 -1.41 -52.32
N LYS E 98 40.85 -1.55 -53.06
CA LYS E 98 40.00 -0.38 -53.30
C LYS E 98 39.41 0.15 -52.00
N LEU E 99 39.03 -0.74 -51.08
CA LEU E 99 38.48 -0.27 -49.82
C LEU E 99 39.54 0.46 -49.00
N ALA E 100 40.77 -0.04 -48.98
CA ALA E 100 41.85 0.67 -48.31
C ALA E 100 42.07 2.04 -48.93
N CYS E 101 42.00 2.12 -50.26
CA CYS E 101 42.18 3.40 -50.92
C CYS E 101 41.09 4.38 -50.51
N LEU E 102 39.85 3.91 -50.41
CA LEU E 102 38.76 4.79 -50.00
C LEU E 102 38.93 5.25 -48.55
N ARG E 103 39.36 4.35 -47.67
CA ARG E 103 39.60 4.71 -46.29
C ARG E 103 40.67 5.79 -46.18
N PHE E 104 41.81 5.56 -46.84
CA PHE E 104 42.90 6.52 -46.86
C PHE E 104 42.43 7.86 -47.43
N PHE E 105 41.60 7.81 -48.46
CA PHE E 105 41.12 9.06 -49.07
C PHE E 105 40.25 9.84 -48.11
N SER E 106 39.38 9.15 -47.36
CA SER E 106 38.55 9.86 -46.39
C SER E 106 39.41 10.53 -45.33
N ILE E 107 40.40 9.81 -44.81
CA ILE E 107 41.28 10.42 -43.81
C ILE E 107 42.02 11.61 -44.39
N THR E 108 42.45 11.50 -45.64
CA THR E 108 43.10 12.63 -46.31
C THR E 108 42.17 13.83 -46.40
N GLY E 109 40.92 13.58 -46.79
CA GLY E 109 39.97 14.66 -46.88
C GLY E 109 39.79 15.37 -45.56
N ARG E 110 39.91 14.64 -44.45
CA ARG E 110 39.89 15.31 -43.16
C ARG E 110 41.16 16.12 -42.93
N ALA E 111 42.32 15.53 -43.23
CA ALA E 111 43.58 16.10 -42.76
C ALA E 111 44.03 17.30 -43.57
N VAL E 112 43.65 17.39 -44.85
CA VAL E 112 44.16 18.45 -45.71
C VAL E 112 43.65 19.84 -45.31
N ILE E 113 42.62 19.92 -44.48
CA ILE E 113 42.00 21.22 -44.19
C ILE E 113 42.97 22.18 -43.52
N ALA E 114 43.90 21.69 -42.71
CA ALA E 114 44.73 22.60 -41.93
C ALA E 114 45.80 23.30 -42.79
N PRO E 115 46.67 22.56 -43.49
CA PRO E 115 47.73 23.26 -44.23
C PRO E 115 47.20 24.21 -45.28
N LEU E 116 46.12 23.83 -45.98
CA LEU E 116 45.62 24.69 -47.02
C LEU E 116 45.04 25.98 -46.45
N THR E 117 44.37 25.90 -45.31
CA THR E 117 43.87 27.13 -44.71
C THR E 117 45.00 27.99 -44.14
N TRP E 118 46.06 27.36 -43.65
CA TRP E 118 47.20 28.15 -43.21
C TRP E 118 47.82 28.91 -44.38
N LEU E 119 48.12 28.20 -45.47
CA LEU E 119 48.64 28.87 -46.65
C LEU E 119 47.71 29.96 -47.13
N ALA E 120 46.41 29.69 -47.14
CA ALA E 120 45.46 30.68 -47.64
C ALA E 120 45.51 31.95 -46.81
N VAL E 121 45.43 31.82 -45.49
CA VAL E 121 45.38 33.02 -44.67
C VAL E 121 46.69 33.77 -44.71
N THR E 122 47.81 33.05 -44.77
CA THR E 122 49.10 33.75 -44.77
C THR E 122 49.37 34.42 -46.10
N LEU E 123 48.86 33.86 -47.21
CA LEU E 123 49.03 34.55 -48.47
C LEU E 123 48.08 35.73 -48.58
N LEU E 124 46.86 35.60 -48.05
CA LEU E 124 45.91 36.69 -48.15
C LEU E 124 46.34 37.88 -47.32
N THR E 125 46.81 37.65 -46.09
CA THR E 125 47.40 38.76 -45.36
C THR E 125 48.67 39.24 -46.04
N GLY E 126 49.43 38.31 -46.63
CA GLY E 126 50.53 38.64 -47.51
C GLY E 126 51.77 39.18 -46.85
N THR E 127 51.72 39.53 -45.56
CA THR E 127 52.88 40.13 -44.92
C THR E 127 54.08 39.20 -44.91
N TYR E 128 53.88 37.91 -45.13
CA TYR E 128 55.00 36.98 -45.22
C TYR E 128 55.65 37.06 -46.59
N TYR E 129 54.85 37.13 -47.64
CA TYR E 129 55.39 37.00 -48.99
C TYR E 129 56.29 38.19 -49.32
N GLU E 130 55.91 39.39 -48.88
CA GLU E 130 56.73 40.56 -49.18
C GLU E 130 58.14 40.39 -48.62
N CYS E 131 58.27 39.86 -47.41
CA CYS E 131 59.59 39.54 -46.87
C CYS E 131 60.21 38.39 -47.62
N ALA E 132 59.40 37.48 -48.17
CA ALA E 132 59.96 36.33 -48.84
C ALA E 132 60.67 36.72 -50.12
N ALA E 133 60.11 37.65 -50.89
CA ALA E 133 60.66 38.02 -52.18
C ALA E 133 60.84 39.52 -52.29
N SER E 134 61.32 40.16 -51.23
CA SER E 134 61.62 41.59 -51.29
C SER E 134 62.90 41.89 -52.04
N GLU E 135 63.64 40.87 -52.47
CA GLU E 135 64.87 41.08 -53.21
C GLU E 135 64.73 40.85 -54.71
N PHE E 136 63.71 40.12 -55.15
CA PHE E 136 63.57 39.78 -56.55
C PHE E 136 62.89 40.87 -57.37
N ALA E 137 62.57 42.02 -56.78
CA ALA E 137 61.85 43.05 -57.50
C ALA E 137 62.66 43.54 -58.69
N SER E 138 62.10 43.41 -59.88
CA SER E 138 62.79 43.81 -61.11
C SER E 138 62.77 45.33 -61.19
N VAL E 139 63.89 45.96 -60.90
CA VAL E 139 64.01 47.41 -60.96
C VAL E 139 64.81 47.76 -62.21
N ASP E 140 64.13 48.35 -63.18
CA ASP E 140 64.77 48.82 -64.40
C ASP E 140 64.33 50.20 -64.84
N HIS E 141 63.22 50.73 -64.32
CA HIS E 141 62.67 51.98 -64.82
C HIS E 141 62.53 52.97 -63.67
N TYR E 142 63.58 53.11 -62.89
CA TYR E 142 63.59 54.04 -61.77
C TYR E 142 64.86 54.87 -61.78
N PRO E 143 64.79 56.13 -61.37
CA PRO E 143 65.93 57.04 -61.57
C PRO E 143 67.04 56.84 -60.57
N MET E 144 66.72 56.35 -59.38
CA MET E 144 67.71 56.23 -58.32
C MET E 144 68.49 54.92 -58.35
N PHE E 145 68.14 54.00 -59.25
CA PHE E 145 68.83 52.73 -59.38
C PHE E 145 69.68 52.64 -60.65
N ASP E 146 70.01 53.79 -61.26
CA ASP E 146 70.75 53.76 -62.52
C ASP E 146 72.25 53.63 -62.29
N ASN E 147 72.86 54.61 -61.61
CA ASN E 147 74.30 54.66 -61.48
C ASN E 147 74.82 53.80 -60.35
N VAL E 148 73.98 53.51 -59.34
CA VAL E 148 74.43 52.85 -58.13
C VAL E 148 74.94 51.45 -58.46
N SER E 149 75.86 50.96 -57.63
CA SER E 149 76.47 49.66 -57.86
C SER E 149 75.48 48.54 -57.57
N ALA E 150 75.81 47.36 -58.08
CA ALA E 150 74.90 46.22 -57.96
C ALA E 150 74.72 45.81 -56.51
N SER E 151 75.82 45.59 -55.79
CA SER E 151 75.72 45.23 -54.38
C SER E 151 75.08 46.34 -53.57
N LYS E 152 75.37 47.60 -53.91
CA LYS E 152 74.67 48.70 -53.26
C LYS E 152 73.18 48.63 -53.54
N ARG E 153 72.80 48.22 -54.75
CA ARG E 153 71.39 48.06 -55.07
C ARG E 153 70.76 46.94 -54.24
N GLU E 154 71.45 45.82 -54.09
CA GLU E 154 70.95 44.74 -53.24
C GLU E 154 70.74 45.23 -51.81
N GLU E 155 71.72 45.97 -51.28
CA GLU E 155 71.62 46.47 -49.92
C GLU E 155 70.43 47.39 -49.77
N ILE E 156 70.27 48.34 -50.69
CA ILE E 156 69.17 49.29 -50.55
C ILE E 156 67.83 48.65 -50.87
N LEU E 157 67.84 47.54 -51.59
CA LEU E 157 66.59 46.88 -51.96
C LEU E 157 66.08 45.99 -50.84
N ALA E 158 66.98 45.26 -50.18
CA ALA E 158 66.55 44.35 -49.13
C ALA E 158 66.15 45.07 -47.85
N GLY E 159 66.46 46.36 -47.73
CA GLY E 159 66.11 47.10 -46.54
C GLY E 159 64.72 47.68 -46.55
N PHE E 160 64.01 47.55 -47.67
CA PHE E 160 62.70 48.18 -47.81
C PHE E 160 61.69 47.72 -46.77
N PRO E 161 61.44 46.43 -46.56
CA PRO E 161 60.24 46.05 -45.78
C PRO E 161 60.23 46.54 -44.35
N CYS E 162 61.36 46.44 -43.65
CA CYS E 162 61.34 46.63 -42.19
C CYS E 162 61.23 48.10 -41.79
N CYS E 163 62.09 48.97 -42.31
CA CYS E 163 62.10 50.33 -41.78
C CYS E 163 62.22 51.33 -42.92
N ARG E 164 62.06 52.60 -42.57
CA ARG E 164 62.16 53.70 -43.53
C ARG E 164 62.72 54.94 -42.86
N SER E 165 63.80 55.49 -43.42
CA SER E 165 64.36 56.74 -42.96
C SER E 165 64.83 57.65 -44.09
N ALA E 166 64.71 57.22 -45.35
CA ALA E 166 65.32 57.89 -46.48
C ALA E 166 64.44 59.06 -46.93
N PRO E 167 64.89 59.83 -47.94
CA PRO E 167 64.05 60.90 -48.50
C PRO E 167 62.77 60.43 -49.13
N SER E 168 61.98 61.38 -49.65
CA SER E 168 60.62 61.09 -50.09
C SER E 168 60.59 60.11 -51.25
N ASP E 169 61.41 60.34 -52.27
CA ASP E 169 61.34 59.49 -53.46
C ASP E 169 61.63 58.04 -53.12
N VAL E 170 62.57 57.81 -52.20
CA VAL E 170 62.89 56.45 -51.80
C VAL E 170 61.70 55.80 -51.12
N ILE E 171 61.04 56.51 -50.20
CA ILE E 171 59.93 55.87 -49.51
C ILE E 171 58.74 55.69 -50.46
N LEU E 172 58.64 56.52 -51.49
CA LEU E 172 57.58 56.34 -52.47
C LEU E 172 57.82 55.09 -53.31
N VAL E 173 59.05 54.92 -53.82
CA VAL E 173 59.31 53.69 -54.57
C VAL E 173 59.19 52.48 -53.66
N ARG E 174 59.48 52.64 -52.37
CA ARG E 174 59.26 51.58 -51.40
C ARG E 174 57.79 51.21 -51.31
N ASP E 175 56.92 52.21 -51.13
CA ASP E 175 55.49 51.97 -51.10
C ASP E 175 55.02 51.27 -52.37
N GLU E 176 55.57 51.67 -53.51
CA GLU E 176 55.15 51.07 -54.77
C GLU E 176 55.54 49.59 -54.83
N ILE E 177 56.79 49.28 -54.47
CA ILE E 177 57.22 47.88 -54.49
C ILE E 177 56.36 47.06 -53.54
N ALA E 178 56.06 47.63 -52.37
CA ALA E 178 55.26 46.90 -51.39
C ALA E 178 53.87 46.59 -51.94
N LEU E 179 53.23 47.58 -52.57
CA LEU E 179 51.90 47.34 -53.12
C LEU E 179 51.94 46.28 -54.21
N LEU E 180 52.94 46.35 -55.09
CA LEU E 180 53.07 45.34 -56.14
C LEU E 180 53.19 43.95 -55.53
N HIS E 181 54.04 43.81 -54.52
CA HIS E 181 54.26 42.48 -53.95
C HIS E 181 53.03 41.98 -53.21
N ARG E 182 52.30 42.88 -52.54
CA ARG E 182 51.07 42.45 -51.88
C ARG E 182 50.05 41.99 -52.91
N TYR E 183 49.95 42.69 -54.03
CA TYR E 183 49.05 42.24 -55.10
C TYR E 183 49.43 40.84 -55.56
N GLN E 184 50.71 40.61 -55.80
CA GLN E 184 51.14 39.30 -56.25
C GLN E 184 50.79 38.23 -55.22
N SER E 185 51.01 38.53 -53.94
CA SER E 185 50.72 37.55 -52.90
C SER E 185 49.24 37.20 -52.90
N GLN E 186 48.37 38.21 -52.94
CA GLN E 186 46.94 37.92 -52.86
C GLN E 186 46.45 37.16 -54.08
N MET E 187 46.96 37.49 -55.27
CA MET E 187 46.57 36.73 -56.44
C MET E 187 47.03 35.28 -56.33
N LEU E 188 48.26 35.07 -55.87
CA LEU E 188 48.74 33.71 -55.70
C LEU E 188 47.85 32.95 -54.71
N GLY E 189 47.40 33.63 -53.66
CA GLY E 189 46.53 32.99 -52.70
C GLY E 189 45.22 32.56 -53.31
N TRP E 190 44.59 33.45 -54.08
CA TRP E 190 43.32 33.08 -54.71
C TRP E 190 43.52 31.94 -55.69
N ILE E 191 44.64 31.94 -56.41
CA ILE E 191 44.92 30.83 -57.32
C ILE E 191 45.03 29.53 -56.56
N LEU E 192 45.74 29.55 -55.42
CA LEU E 192 45.86 28.34 -54.62
C LEU E 192 44.50 27.85 -54.15
N ILE E 193 43.65 28.77 -53.70
CA ILE E 193 42.31 28.36 -53.23
C ILE E 193 41.51 27.73 -54.36
N THR E 194 41.47 28.37 -55.53
CA THR E 194 40.65 27.84 -56.61
C THR E 194 41.17 26.49 -57.09
N LEU E 195 42.49 26.34 -57.20
CA LEU E 195 43.04 25.08 -57.65
C LEU E 195 42.77 23.98 -56.63
N ALA E 196 42.93 24.31 -55.35
CA ALA E 196 42.67 23.31 -54.31
C ALA E 196 41.22 22.86 -54.34
N THR E 197 40.30 23.80 -54.50
CA THR E 197 38.89 23.43 -54.51
C THR E 197 38.55 22.57 -55.72
N ILE E 198 39.03 22.97 -56.90
CA ILE E 198 38.69 22.18 -58.09
C ILE E 198 39.31 20.80 -58.01
N ALA E 199 40.53 20.70 -57.46
CA ALA E 199 41.16 19.39 -57.32
C ALA E 199 40.41 18.53 -56.32
N ALA E 200 40.00 19.11 -55.19
CA ALA E 200 39.25 18.35 -54.21
C ALA E 200 37.95 17.83 -54.81
N LEU E 201 37.25 18.67 -55.56
CA LEU E 201 35.97 18.26 -56.14
C LEU E 201 36.18 17.13 -57.15
N VAL E 202 37.11 17.30 -58.09
CA VAL E 202 37.31 16.26 -59.09
C VAL E 202 37.79 14.97 -58.45
N SER E 203 38.60 15.08 -57.39
CA SER E 203 39.09 13.88 -56.73
C SER E 203 37.97 13.15 -55.99
N CYS E 204 37.11 13.90 -55.30
CA CYS E 204 35.99 13.25 -54.64
C CYS E 204 35.05 12.59 -55.64
N CYS E 205 34.82 13.25 -56.78
CA CYS E 205 33.96 12.64 -57.79
C CYS E 205 34.59 11.38 -58.36
N VAL E 206 35.89 11.41 -58.61
CA VAL E 206 36.56 10.22 -59.11
C VAL E 206 36.48 9.08 -58.10
N ALA E 207 36.67 9.41 -56.82
CA ALA E 207 36.58 8.38 -55.79
C ALA E 207 35.19 7.78 -55.74
N LYS E 208 34.16 8.62 -55.87
CA LYS E 208 32.80 8.10 -55.90
C LYS E 208 32.56 7.26 -57.16
N CYS E 209 33.24 7.59 -58.25
CA CYS E 209 33.09 6.84 -59.49
C CYS E 209 33.70 5.45 -59.38
N CYS E 210 34.97 5.39 -58.98
CA CYS E 210 35.68 4.12 -58.92
C CYS E 210 35.25 3.24 -57.76
N SER E 211 34.29 3.68 -56.96
CA SER E 211 33.87 2.90 -55.81
C SER E 211 33.12 1.65 -56.28
N PRO E 212 33.40 0.48 -55.72
CA PRO E 212 32.66 -0.73 -56.10
C PRO E 212 31.34 -0.88 -55.36
N LEU E 213 31.05 -0.05 -54.38
CA LEU E 213 29.85 -0.21 -53.58
C LEU E 213 28.75 0.74 -54.05
N THR E 214 27.53 0.43 -53.62
CA THR E 214 26.36 1.20 -54.00
C THR E 214 26.25 2.45 -53.11
N SER E 215 25.12 3.13 -53.21
CA SER E 215 24.86 4.31 -52.39
C SER E 215 24.43 3.96 -50.98
N LEU E 216 24.20 2.69 -50.69
CA LEU E 216 23.76 2.25 -49.38
C LEU E 216 24.78 1.38 -48.66
N GLN E 217 25.49 0.52 -49.37
CA GLN E 217 26.52 -0.29 -48.75
C GLN E 217 27.60 0.57 -48.11
N HIS E 218 27.84 1.75 -48.66
CA HIS E 218 28.90 2.61 -48.12
C HIS E 218 28.61 3.06 -46.69
N CYS E 219 27.38 3.53 -46.45
CA CYS E 219 27.02 3.97 -45.11
C CYS E 219 27.08 2.81 -44.12
N TYR E 220 26.50 1.68 -44.50
CA TYR E 220 26.60 0.47 -43.70
C TYR E 220 28.06 0.16 -43.39
N TRP E 221 28.95 0.35 -44.36
CA TRP E 221 30.35 0.01 -44.18
C TRP E 221 31.01 0.92 -43.17
N THR E 222 30.75 2.22 -43.25
CA THR E 222 31.35 3.15 -42.31
C THR E 222 30.88 2.87 -40.90
N SER E 223 29.57 2.64 -40.73
CA SER E 223 29.06 2.30 -39.41
C SER E 223 29.69 1.01 -38.91
N HIS E 224 29.87 0.04 -39.80
CA HIS E 224 30.54 -1.20 -39.45
C HIS E 224 31.92 -0.93 -38.87
N LEU E 225 32.73 -0.14 -39.57
CA LEU E 225 34.09 0.15 -39.10
C LEU E 225 34.07 0.80 -37.72
N GLN E 226 33.32 1.89 -37.59
CA GLN E 226 33.35 2.64 -36.34
C GLN E 226 32.89 1.78 -35.17
N ASN E 227 31.72 1.16 -35.29
CA ASN E 227 31.20 0.37 -34.18
C ASN E 227 32.08 -0.83 -33.91
N GLU E 228 32.70 -1.41 -34.94
CA GLU E 228 33.64 -2.50 -34.71
C GLU E 228 34.76 -2.06 -33.78
N ARG E 229 35.42 -0.96 -34.13
CA ARG E 229 36.52 -0.47 -33.29
C ARG E 229 36.06 -0.27 -31.86
N GLU E 230 34.95 0.45 -31.68
CA GLU E 230 34.52 0.79 -30.32
C GLU E 230 34.20 -0.47 -29.52
N LEU E 231 33.38 -1.36 -30.09
CA LEU E 231 32.94 -2.53 -29.34
C LEU E 231 34.12 -3.44 -29.01
N PHE E 232 35.04 -3.63 -29.96
CA PHE E 232 36.17 -4.50 -29.65
C PHE E 232 37.01 -3.92 -28.54
N GLU E 233 37.19 -2.59 -28.52
CA GLU E 233 37.93 -1.99 -27.42
C GLU E 233 37.26 -2.28 -26.09
N GLN E 234 35.96 -2.03 -26.01
CA GLN E 234 35.26 -2.25 -24.74
C GLN E 234 35.34 -3.70 -24.31
N ALA E 235 35.16 -4.62 -25.24
CA ALA E 235 35.15 -6.04 -24.90
C ALA E 235 36.52 -6.49 -24.42
N ALA E 236 37.58 -6.11 -25.13
CA ALA E 236 38.91 -6.49 -24.69
C ALA E 236 39.21 -5.96 -23.30
N GLU E 237 38.84 -4.70 -23.04
CA GLU E 237 39.05 -4.15 -21.71
C GLU E 237 38.36 -5.01 -20.65
N GLN E 238 37.06 -5.26 -20.84
CA GLN E 238 36.30 -5.98 -19.83
C GLN E 238 36.85 -7.39 -19.63
N HIS E 239 37.22 -8.06 -20.72
CA HIS E 239 37.72 -9.43 -20.62
C HIS E 239 39.02 -9.48 -19.85
N SER E 240 39.96 -8.59 -20.17
CA SER E 240 41.22 -8.59 -19.44
C SER E 240 41.00 -8.25 -17.99
N ARG E 241 40.08 -7.33 -17.70
CA ARG E 241 39.77 -7.02 -16.32
C ARG E 241 39.27 -8.24 -15.57
N LEU E 242 38.34 -8.99 -16.18
CA LEU E 242 37.83 -10.17 -15.52
C LEU E 242 38.92 -11.21 -15.28
N LEU E 243 39.80 -11.42 -16.27
CA LEU E 243 40.85 -12.41 -16.09
C LEU E 243 41.81 -12.01 -14.98
N MET E 244 42.23 -10.75 -14.97
CA MET E 244 43.11 -10.31 -13.89
C MET E 244 42.42 -10.41 -12.54
N MET E 245 41.11 -10.15 -12.51
CA MET E 245 40.35 -10.28 -11.28
C MET E 245 40.34 -11.72 -10.80
N HIS E 246 40.19 -12.66 -11.73
CA HIS E 246 40.22 -14.07 -11.34
C HIS E 246 41.60 -14.47 -10.80
N ARG E 247 42.67 -14.00 -11.44
CA ARG E 247 43.99 -14.31 -10.91
C ARG E 247 44.16 -13.73 -9.50
N ILE E 248 43.69 -12.51 -9.29
CA ILE E 248 43.79 -11.91 -7.97
C ILE E 248 43.04 -12.75 -6.95
N LYS E 249 41.83 -13.19 -7.30
CA LYS E 249 41.05 -13.97 -6.35
C LYS E 249 41.71 -15.32 -6.07
N LYS E 250 42.35 -15.91 -7.08
CA LYS E 250 43.07 -17.16 -6.84
C LYS E 250 44.24 -16.92 -5.89
N LEU E 251 44.88 -15.77 -5.99
CA LEU E 251 46.03 -15.50 -5.12
C LEU E 251 45.59 -15.18 -3.70
N PHE E 252 44.84 -14.08 -3.52
CA PHE E 252 44.52 -13.62 -2.18
C PHE E 252 43.35 -14.37 -1.57
N GLY E 253 42.46 -14.90 -2.38
CA GLY E 253 41.36 -15.69 -1.90
C GLY E 253 40.00 -15.04 -1.94
N PHE E 254 39.82 -14.00 -2.75
CA PHE E 254 38.55 -13.31 -2.81
C PHE E 254 38.57 -12.38 -4.02
N ILE E 255 37.38 -12.07 -4.53
CA ILE E 255 37.27 -11.14 -5.65
C ILE E 255 37.40 -9.72 -5.11
N PRO E 256 38.23 -8.87 -5.74
CA PRO E 256 38.43 -7.53 -5.15
C PRO E 256 37.17 -6.70 -5.08
N GLY E 257 36.32 -6.77 -6.11
CA GLY E 257 35.09 -6.00 -6.11
C GLY E 257 34.09 -6.45 -5.06
N SER E 258 34.52 -7.32 -4.16
CA SER E 258 33.63 -7.86 -3.14
C SER E 258 33.60 -7.02 -1.88
N GLU E 259 32.66 -7.38 -1.02
CA GLU E 259 32.49 -6.81 0.31
C GLU E 259 32.10 -7.90 1.31
N ASP E 260 32.44 -7.65 2.57
CA ASP E 260 32.16 -8.54 3.70
C ASP E 260 32.67 -9.97 3.45
N VAL E 261 33.84 -10.06 2.82
CA VAL E 261 34.43 -11.35 2.53
C VAL E 261 34.81 -12.03 3.84
N LYS E 262 34.45 -13.30 3.97
CA LYS E 262 34.71 -14.02 5.20
C LYS E 262 35.87 -15.00 5.06
N HIS E 263 36.65 -14.93 3.99
CA HIS E 263 37.79 -15.83 3.88
C HIS E 263 38.96 -15.13 3.22
N ILE E 264 40.15 -15.28 3.81
CA ILE E 264 41.36 -14.62 3.36
C ILE E 264 42.46 -15.66 3.25
N ARG E 265 43.20 -15.64 2.14
CA ARG E 265 44.30 -16.56 1.93
C ARG E 265 45.60 -15.79 1.98
N ILE E 266 46.45 -16.09 2.95
CA ILE E 266 47.76 -15.43 3.03
C ILE E 266 48.66 -15.97 1.93
N PRO E 267 49.35 -15.11 1.18
CA PRO E 267 50.20 -15.60 0.09
C PRO E 267 51.47 -16.24 0.65
N SER E 268 52.07 -17.09 -0.18
CA SER E 268 53.34 -17.70 0.15
C SER E 268 54.47 -16.88 -0.45
N CYS E 269 55.68 -17.15 0.02
CA CYS E 269 56.84 -16.41 -0.48
C CYS E 269 57.16 -16.72 -1.94
N GLN E 270 56.43 -17.64 -2.56
CA GLN E 270 56.58 -17.97 -3.97
C GLN E 270 55.46 -17.43 -4.84
N ASP E 271 54.25 -17.34 -4.31
CA ASP E 271 53.12 -16.83 -5.09
C ASP E 271 53.43 -15.48 -5.69
N TRP E 272 54.17 -14.64 -4.96
CA TRP E 272 54.63 -13.38 -5.54
C TRP E 272 55.47 -13.62 -6.77
N LYS E 273 56.34 -14.63 -6.72
CA LYS E 273 57.14 -14.98 -7.90
C LYS E 273 56.24 -15.44 -9.05
N ASP E 274 55.14 -16.11 -8.73
CA ASP E 274 54.25 -16.61 -9.78
C ASP E 274 53.52 -15.47 -10.47
N ILE E 275 52.90 -14.58 -9.70
CA ILE E 275 52.10 -13.51 -10.28
C ILE E 275 52.96 -12.49 -11.01
N SER E 276 54.28 -12.62 -10.91
CA SER E 276 55.18 -11.66 -11.52
C SER E 276 55.05 -11.62 -13.04
N VAL E 277 54.73 -12.74 -13.68
CA VAL E 277 54.68 -12.74 -15.14
C VAL E 277 53.28 -12.35 -15.60
N PRO E 278 53.15 -11.67 -16.74
CA PRO E 278 51.86 -11.12 -17.16
C PRO E 278 51.06 -12.00 -18.11
N THR E 279 51.61 -13.12 -18.56
CA THR E 279 50.99 -14.09 -19.47
C THR E 279 50.73 -13.46 -20.84
N LEU E 280 51.04 -12.17 -21.02
CA LEU E 280 50.85 -11.47 -22.29
C LEU E 280 49.42 -11.57 -22.78
N THR F 4 27.30 13.00 -13.27
CA THR F 4 27.80 12.87 -14.64
C THR F 4 29.22 13.41 -14.76
N LEU F 5 29.68 14.07 -13.69
CA LEU F 5 30.99 14.70 -13.71
C LEU F 5 32.10 13.68 -13.94
N ASN F 6 32.18 12.66 -13.07
CA ASN F 6 33.28 11.70 -13.12
C ASN F 6 33.37 11.00 -14.47
N ASN F 7 32.25 10.83 -15.18
CA ASN F 7 32.31 10.29 -16.52
C ASN F 7 33.19 11.14 -17.43
N ILE F 8 32.90 12.44 -17.53
CA ILE F 8 33.69 13.29 -18.40
C ILE F 8 35.10 13.45 -17.87
N VAL F 9 35.28 13.42 -16.56
CA VAL F 9 36.62 13.51 -15.99
C VAL F 9 37.46 12.34 -16.44
N SER F 10 36.95 11.12 -16.32
CA SER F 10 37.69 9.96 -16.77
C SER F 10 37.88 9.98 -18.29
N SER F 11 36.88 10.48 -19.03
CA SER F 11 37.01 10.51 -20.49
C SER F 11 38.17 11.40 -20.92
N LEU F 12 38.27 12.59 -20.33
CA LEU F 12 39.40 13.45 -20.66
C LEU F 12 40.71 12.89 -20.11
N GLN F 13 40.66 12.26 -18.92
CA GLN F 13 41.89 11.72 -18.33
C GLN F 13 42.49 10.62 -19.18
N ARG F 14 41.65 9.84 -19.86
CA ARG F 14 42.21 8.86 -20.80
C ARG F 14 42.71 9.53 -22.06
N ASN F 15 42.08 10.63 -22.47
CA ASN F 15 42.40 11.29 -23.73
C ASN F 15 43.79 11.89 -23.64
N GLY F 16 44.75 11.31 -24.38
CA GLY F 16 46.11 11.81 -24.37
C GLY F 16 46.27 13.20 -24.97
N ILE F 17 45.47 13.53 -25.97
CA ILE F 17 45.61 14.81 -26.65
C ILE F 17 45.41 15.97 -25.68
N PHE F 18 44.36 15.89 -24.87
CA PHE F 18 44.08 16.98 -23.94
C PHE F 18 45.19 17.14 -22.91
N ILE F 19 45.70 16.02 -22.39
CA ILE F 19 46.76 16.09 -21.39
C ILE F 19 48.01 16.71 -21.99
N ASN F 20 48.40 16.26 -23.18
CA ASN F 20 49.59 16.82 -23.81
C ASN F 20 49.42 18.30 -24.11
N SER F 21 48.24 18.70 -24.60
CA SER F 21 48.02 20.11 -24.88
C SER F 21 48.08 20.95 -23.62
N LEU F 22 47.52 20.44 -22.52
CA LEU F 22 47.59 21.18 -21.27
C LEU F 22 49.02 21.33 -20.80
N ILE F 23 49.81 20.26 -20.92
CA ILE F 23 51.22 20.35 -20.53
C ILE F 23 51.93 21.41 -21.35
N ALA F 24 51.70 21.42 -22.65
CA ALA F 24 52.36 22.41 -23.50
C ALA F 24 51.95 23.83 -23.13
N ALA F 25 50.65 24.04 -22.89
CA ALA F 25 50.19 25.38 -22.52
C ALA F 25 50.81 25.83 -21.20
N LEU F 26 50.85 24.93 -20.23
CA LEU F 26 51.46 25.25 -18.95
C LEU F 26 52.92 25.62 -19.11
N THR F 27 53.66 24.87 -19.92
CA THR F 27 55.06 25.21 -20.11
C THR F 27 55.22 26.55 -20.81
N ILE F 28 54.35 26.86 -21.77
CA ILE F 28 54.46 28.15 -22.44
C ILE F 28 54.25 29.29 -21.45
N GLY F 29 53.17 29.20 -20.67
CA GLY F 29 52.89 30.24 -19.70
C GLY F 29 53.99 30.39 -18.66
N GLY F 30 54.46 29.26 -18.12
CA GLY F 30 55.52 29.32 -17.14
C GLY F 30 56.79 29.93 -17.69
N GLN F 31 57.17 29.54 -18.92
CA GLN F 31 58.35 30.12 -19.53
C GLN F 31 58.20 31.62 -19.70
N GLN F 32 57.03 32.06 -20.15
CA GLN F 32 56.83 33.49 -20.36
C GLN F 32 56.99 34.26 -19.05
N LEU F 33 56.31 33.80 -17.99
CA LEU F 33 56.41 34.47 -16.70
C LEU F 33 57.85 34.48 -16.21
N PHE F 34 58.51 33.31 -16.29
CA PHE F 34 59.89 33.19 -15.85
C PHE F 34 60.79 34.19 -16.55
N SER F 35 60.77 34.18 -17.88
CA SER F 35 61.63 35.08 -18.64
C SER F 35 61.32 36.53 -18.33
N SER F 36 60.04 36.87 -18.21
CA SER F 36 59.70 38.26 -17.96
C SER F 36 60.15 38.71 -16.58
N SER F 37 60.24 37.80 -15.63
CA SER F 37 60.53 38.24 -14.27
C SER F 37 62.02 38.29 -13.96
N THR F 38 62.75 37.20 -14.21
CA THR F 38 64.08 37.06 -13.64
C THR F 38 65.16 36.90 -14.70
N PHE F 39 65.17 37.73 -15.72
CA PHE F 39 66.17 37.65 -16.77
C PHE F 39 66.78 39.00 -17.06
N SER F 40 68.11 39.06 -17.07
CA SER F 40 68.82 40.28 -17.42
C SER F 40 70.22 39.89 -17.88
N CYS F 41 70.61 40.35 -19.06
CA CYS F 41 71.88 39.95 -19.63
C CYS F 41 73.00 40.48 -18.73
N PRO F 42 74.03 39.69 -18.47
CA PRO F 42 75.13 40.19 -17.63
C PRO F 42 75.96 41.29 -18.27
N CYS F 43 76.15 41.28 -19.59
CA CYS F 43 76.99 42.27 -20.27
C CYS F 43 78.38 42.32 -19.66
N GLN F 44 78.88 41.17 -19.23
CA GLN F 44 80.24 41.05 -18.74
C GLN F 44 81.16 40.72 -19.90
N VAL F 45 82.39 40.33 -19.59
CA VAL F 45 83.40 40.18 -20.63
C VAL F 45 83.35 38.79 -21.26
N GLY F 46 83.44 37.74 -20.45
CA GLY F 46 83.46 36.39 -20.97
C GLY F 46 82.39 35.52 -20.34
N LYS F 47 81.66 36.10 -19.39
CA LYS F 47 80.65 35.38 -18.62
C LYS F 47 79.24 35.60 -19.14
N ASN F 48 79.09 35.83 -20.44
CA ASN F 48 77.78 36.01 -21.05
C ASN F 48 77.24 34.71 -21.65
N PHE F 49 78.09 33.99 -22.38
CA PHE F 49 77.66 32.79 -23.08
C PHE F 49 77.11 31.75 -22.11
N TYR F 50 77.73 31.63 -20.93
CA TYR F 50 77.22 30.70 -19.94
C TYR F 50 75.85 31.14 -19.43
N TYR F 51 75.67 32.44 -19.18
CA TYR F 51 74.40 32.91 -18.67
C TYR F 51 73.29 32.71 -19.69
N GLY F 52 73.64 32.67 -20.97
CA GLY F 52 72.64 32.33 -21.95
C GLY F 52 72.35 30.84 -21.99
N SER F 53 73.43 30.06 -22.10
CA SER F 53 73.27 28.61 -22.28
C SER F 53 72.54 27.98 -21.11
N ALA F 54 72.74 28.49 -19.89
CA ALA F 54 72.05 27.93 -18.74
C ALA F 54 70.54 28.01 -18.93
N PHE F 55 70.03 29.23 -19.11
CA PHE F 55 68.58 29.38 -19.31
C PHE F 55 68.11 28.63 -20.55
N LEU F 56 68.98 28.46 -21.54
CA LEU F 56 68.52 27.78 -22.74
C LEU F 56 68.38 26.28 -22.54
N VAL F 57 69.28 25.67 -21.77
CA VAL F 57 69.40 24.22 -21.72
C VAL F 57 68.88 23.65 -20.41
N ILE F 58 69.38 24.13 -19.27
CA ILE F 58 69.14 23.46 -18.01
C ILE F 58 67.66 23.19 -17.76
N PRO F 59 66.73 24.11 -17.98
CA PRO F 59 65.31 23.76 -17.84
C PRO F 59 64.90 22.60 -18.72
N ALA F 60 65.48 22.45 -19.90
CA ALA F 60 65.14 21.30 -20.73
C ALA F 60 65.50 20.00 -20.03
N LEU F 61 66.74 19.88 -19.57
CA LEU F 61 67.15 18.67 -18.87
C LEU F 61 66.29 18.43 -17.64
N ILE F 62 66.03 19.47 -16.85
CA ILE F 62 65.25 19.29 -15.63
C ILE F 62 63.85 18.79 -15.97
N LEU F 63 63.17 19.45 -16.89
CA LEU F 63 61.81 19.06 -17.21
C LEU F 63 61.76 17.69 -17.86
N LEU F 64 62.77 17.34 -18.65
CA LEU F 64 62.79 16.02 -19.26
C LEU F 64 62.96 14.93 -18.21
N VAL F 65 63.95 15.08 -17.34
CA VAL F 65 64.16 14.09 -16.29
C VAL F 65 62.92 14.00 -15.39
N ALA F 66 62.29 15.13 -15.12
CA ALA F 66 61.10 15.10 -14.27
C ALA F 66 59.95 14.37 -14.96
N GLY F 67 59.72 14.68 -16.24
CA GLY F 67 58.67 14.01 -17.00
C GLY F 67 58.91 12.53 -17.22
N PHE F 68 60.17 12.10 -17.17
CA PHE F 68 60.47 10.68 -17.27
C PHE F 68 60.29 9.99 -15.93
N ALA F 69 60.96 10.49 -14.89
CA ALA F 69 61.00 9.81 -13.61
C ALA F 69 59.67 9.79 -12.89
N LEU F 70 58.78 10.74 -13.19
CA LEU F 70 57.52 10.81 -12.48
C LEU F 70 56.51 9.77 -12.93
N ARG F 71 56.75 9.10 -14.05
CA ARG F 71 55.81 8.11 -14.54
C ARG F 71 56.02 6.81 -13.76
N SER F 72 54.99 6.39 -13.04
CA SER F 72 55.09 5.21 -12.18
C SER F 72 55.56 3.99 -12.96
N GLN F 73 55.07 3.81 -14.18
CA GLN F 73 55.38 2.60 -14.91
C GLN F 73 56.87 2.51 -15.24
N MET F 74 57.53 3.66 -15.42
CA MET F 74 58.95 3.62 -15.75
C MET F 74 59.76 3.00 -14.62
N TRP F 75 59.38 3.26 -13.37
CA TRP F 75 60.09 2.64 -12.26
C TRP F 75 59.93 1.12 -12.28
N THR F 76 58.72 0.64 -12.57
CA THR F 76 58.50 -0.80 -12.63
C THR F 76 59.28 -1.43 -13.75
N ILE F 77 59.34 -0.76 -14.91
CA ILE F 77 60.10 -1.30 -16.03
C ILE F 77 61.58 -1.36 -15.69
N THR F 78 62.11 -0.31 -15.05
CA THR F 78 63.50 -0.35 -14.62
C THR F 78 63.73 -1.47 -13.63
N GLY F 79 62.80 -1.68 -12.69
CA GLY F 79 62.95 -2.77 -11.74
C GLY F 79 63.00 -4.12 -12.43
N GLU F 80 62.15 -4.31 -13.44
CA GLU F 80 62.28 -5.49 -14.30
C GLU F 80 63.66 -5.56 -14.93
N TYR F 81 64.22 -4.41 -15.32
CA TYR F 81 65.52 -4.40 -15.96
C TYR F 81 66.68 -4.43 -14.96
N CYS F 82 66.60 -3.60 -13.91
CA CYS F 82 67.69 -3.51 -12.96
C CYS F 82 67.85 -4.81 -12.16
N CYS F 83 69.02 -4.94 -11.55
CA CYS F 83 69.33 -6.11 -10.73
C CYS F 83 68.61 -6.04 -9.40
N PRO F 94 63.16 -12.65 -25.81
CA PRO F 94 61.96 -13.18 -26.46
C PRO F 94 60.90 -12.10 -26.70
N LEU F 95 59.73 -12.25 -26.10
CA LEU F 95 58.67 -11.27 -26.26
C LEU F 95 58.70 -10.22 -25.16
N GLU F 96 59.17 -10.59 -23.98
CA GLU F 96 59.17 -9.65 -22.85
C GLU F 96 60.04 -8.43 -23.17
N CYS F 97 61.16 -8.64 -23.87
CA CYS F 97 62.04 -7.53 -24.20
C CYS F 97 61.35 -6.53 -25.14
N LYS F 98 60.73 -7.03 -26.21
CA LYS F 98 60.05 -6.14 -27.14
C LYS F 98 58.89 -5.42 -26.45
N LEU F 99 58.16 -6.12 -25.57
CA LEU F 99 57.06 -5.48 -24.88
C LEU F 99 57.56 -4.39 -23.94
N ALA F 100 58.66 -4.65 -23.24
CA ALA F 100 59.25 -3.61 -22.40
C ALA F 100 59.68 -2.41 -23.23
N CYS F 101 60.24 -2.67 -24.41
CA CYS F 101 60.65 -1.56 -25.27
C CYS F 101 59.45 -0.73 -25.69
N LEU F 102 58.34 -1.38 -26.01
CA LEU F 102 57.14 -0.65 -26.41
C LEU F 102 56.59 0.17 -25.24
N ARG F 103 56.58 -0.40 -24.05
CA ARG F 103 56.12 0.32 -22.87
C ARG F 103 56.96 1.57 -22.63
N PHE F 104 58.28 1.40 -22.61
CA PHE F 104 59.21 2.51 -22.44
C PHE F 104 59.01 3.56 -23.51
N PHE F 105 58.76 3.12 -24.75
CA PHE F 105 58.58 4.09 -25.83
C PHE F 105 57.31 4.89 -25.64
N SER F 106 56.23 4.27 -25.19
CA SER F 106 55.01 5.02 -24.95
C SER F 106 55.22 6.07 -23.86
N ILE F 107 55.89 5.68 -22.77
CA ILE F 107 56.14 6.66 -21.72
C ILE F 107 57.02 7.80 -22.23
N THR F 108 58.01 7.47 -23.07
CA THR F 108 58.83 8.51 -23.67
C THR F 108 58.00 9.46 -24.52
N GLY F 109 57.11 8.91 -25.33
CA GLY F 109 56.25 9.75 -26.15
C GLY F 109 55.43 10.70 -25.31
N ARG F 110 55.06 10.29 -24.11
CA ARG F 110 54.39 11.24 -23.22
C ARG F 110 55.37 12.29 -22.70
N ALA F 111 56.55 11.87 -22.27
CA ALA F 111 57.40 12.75 -21.49
C ALA F 111 58.13 13.79 -22.33
N VAL F 112 58.39 13.50 -23.61
CA VAL F 112 59.20 14.40 -24.41
C VAL F 112 58.51 15.72 -24.71
N ILE F 113 57.20 15.82 -24.49
CA ILE F 113 56.45 17.01 -24.91
C ILE F 113 56.94 18.27 -24.20
N ALA F 114 57.40 18.15 -22.96
CA ALA F 114 57.71 19.36 -22.20
C ALA F 114 59.03 20.01 -22.65
N PRO F 115 60.16 19.30 -22.65
CA PRO F 115 61.41 19.98 -23.01
C PRO F 115 61.39 20.54 -24.42
N LEU F 116 60.80 19.82 -25.36
CA LEU F 116 60.82 20.31 -26.74
C LEU F 116 59.99 21.57 -26.88
N THR F 117 58.85 21.64 -26.18
CA THR F 117 58.06 22.86 -26.26
C THR F 117 58.75 24.01 -25.54
N TRP F 118 59.48 23.73 -24.46
CA TRP F 118 60.24 24.79 -23.82
C TRP F 118 61.29 25.36 -24.75
N LEU F 119 62.11 24.47 -25.34
CA LEU F 119 63.10 24.92 -26.31
C LEU F 119 62.45 25.69 -27.45
N ALA F 120 61.32 25.19 -27.95
CA ALA F 120 60.69 25.84 -29.08
C ALA F 120 60.28 27.26 -28.73
N VAL F 121 59.59 27.43 -27.62
CA VAL F 121 59.08 28.77 -27.30
C VAL F 121 60.23 29.71 -26.97
N THR F 122 61.28 29.20 -26.32
CA THR F 122 62.36 30.11 -25.95
C THR F 122 63.21 30.49 -27.16
N LEU F 123 63.32 29.60 -28.14
CA LEU F 123 64.03 29.98 -29.35
C LEU F 123 63.19 30.91 -30.21
N LEU F 124 61.87 30.69 -30.26
CA LEU F 124 61.03 31.54 -31.09
C LEU F 124 60.97 32.95 -30.55
N THR F 125 60.80 33.10 -29.24
CA THR F 125 60.92 34.45 -28.67
C THR F 125 62.35 34.97 -28.84
N GLY F 126 63.33 34.08 -28.73
CA GLY F 126 64.70 34.38 -29.08
C GLY F 126 65.45 35.28 -28.12
N THR F 127 64.78 35.91 -27.17
CA THR F 127 65.46 36.85 -26.29
C THR F 127 66.55 36.18 -25.47
N TYR F 128 66.54 34.85 -25.37
CA TYR F 128 67.62 34.16 -24.68
C TYR F 128 68.85 34.02 -25.57
N TYR F 129 68.63 33.68 -26.84
CA TYR F 129 69.76 33.35 -27.70
C TYR F 129 70.64 34.56 -27.93
N GLU F 130 70.05 35.74 -28.08
CA GLU F 130 70.86 36.94 -28.32
C GLU F 130 71.84 37.16 -27.17
N CYS F 131 71.39 36.96 -25.93
CA CYS F 131 72.31 37.03 -24.80
C CYS F 131 73.29 35.87 -24.83
N ALA F 132 72.86 34.73 -25.38
CA ALA F 132 73.73 33.56 -25.36
C ALA F 132 74.95 33.75 -26.25
N ALA F 133 74.77 34.37 -27.41
CA ALA F 133 75.85 34.51 -28.37
C ALA F 133 75.99 35.95 -28.84
N SER F 134 75.88 36.90 -27.91
CA SER F 134 76.11 38.29 -28.25
C SER F 134 77.57 38.63 -28.40
N GLU F 135 78.47 37.69 -28.14
CA GLU F 135 79.89 37.95 -28.28
C GLU F 135 80.49 37.34 -29.55
N PHE F 136 79.83 36.35 -30.15
CA PHE F 136 80.40 35.68 -31.31
C PHE F 136 80.14 36.39 -32.62
N ALA F 137 79.53 37.58 -32.60
CA ALA F 137 79.19 38.26 -33.84
C ALA F 137 80.45 38.59 -34.63
N SER F 138 80.53 38.07 -35.85
CA SER F 138 81.69 38.29 -36.71
C SER F 138 81.64 39.71 -37.24
N VAL F 139 82.45 40.59 -36.67
CA VAL F 139 82.52 41.98 -37.09
C VAL F 139 83.80 42.17 -37.90
N ASP F 140 83.63 42.38 -39.20
CA ASP F 140 84.76 42.64 -40.09
C ASP F 140 84.51 43.77 -41.07
N HIS F 141 83.27 44.20 -41.27
CA HIS F 141 82.96 45.18 -42.31
C HIS F 141 82.25 46.38 -41.70
N TYR F 142 82.78 46.89 -40.60
CA TYR F 142 82.21 48.03 -39.92
C TYR F 142 83.31 49.05 -39.62
N PRO F 143 82.99 50.34 -39.67
CA PRO F 143 84.03 51.36 -39.62
C PRO F 143 84.56 51.62 -38.20
N MET F 144 83.73 51.37 -37.19
CA MET F 144 84.10 51.70 -35.83
C MET F 144 84.86 50.58 -35.13
N PHE F 145 85.02 49.42 -35.77
CA PHE F 145 85.76 48.30 -35.19
C PHE F 145 87.10 48.07 -35.88
N ASP F 146 87.64 49.08 -36.57
CA ASP F 146 88.88 48.89 -37.30
C ASP F 146 90.10 49.08 -36.41
N ASN F 147 90.26 50.29 -35.86
CA ASN F 147 91.47 50.62 -35.13
C ASN F 147 91.43 50.17 -33.68
N VAL F 148 90.22 49.99 -33.11
CA VAL F 148 90.08 49.73 -31.69
C VAL F 148 90.74 48.40 -31.33
N SER F 149 91.18 48.30 -30.08
CA SER F 149 91.89 47.12 -29.63
C SER F 149 90.93 45.93 -29.49
N ALA F 150 91.53 44.74 -29.43
CA ALA F 150 90.73 43.51 -29.38
C ALA F 150 89.89 43.44 -28.12
N SER F 151 90.54 43.60 -26.96
CA SER F 151 89.79 43.57 -25.70
C SER F 151 88.78 44.71 -25.63
N LYS F 152 89.14 45.88 -26.16
CA LYS F 152 88.18 46.97 -26.25
C LYS F 152 86.99 46.57 -27.12
N ARG F 153 87.25 45.81 -28.19
CA ARG F 153 86.17 45.33 -29.04
C ARG F 153 85.28 44.35 -28.28
N GLU F 154 85.88 43.44 -27.52
CA GLU F 154 85.08 42.53 -26.70
C GLU F 154 84.20 43.29 -25.74
N GLU F 155 84.77 44.29 -25.06
CA GLU F 155 84.00 45.08 -24.10
C GLU F 155 82.84 45.79 -24.77
N ILE F 156 83.09 46.44 -25.91
CA ILE F 156 82.02 47.19 -26.56
C ILE F 156 81.03 46.26 -27.23
N LEU F 157 81.43 45.02 -27.52
CA LEU F 157 80.54 44.08 -28.18
C LEU F 157 79.60 43.41 -27.19
N ALA F 158 80.11 43.03 -26.03
CA ALA F 158 79.27 42.33 -25.05
C ALA F 158 78.29 43.26 -24.36
N GLY F 159 78.44 44.57 -24.50
CA GLY F 159 77.53 45.49 -23.87
C GLY F 159 76.29 45.80 -24.66
N PHE F 160 76.20 45.28 -25.88
CA PHE F 160 75.08 45.61 -26.76
C PHE F 160 73.72 45.23 -26.20
N PRO F 161 73.46 44.00 -25.76
CA PRO F 161 72.06 43.61 -25.51
C PRO F 161 71.35 44.42 -24.44
N CYS F 162 72.01 44.70 -23.32
CA CYS F 162 71.29 45.22 -22.16
C CYS F 162 70.94 46.70 -22.30
N CYS F 163 71.89 47.57 -22.60
CA CYS F 163 71.59 48.99 -22.56
C CYS F 163 72.19 49.70 -23.77
N ARG F 164 71.82 50.97 -23.92
CA ARG F 164 72.32 51.80 -25.00
C ARG F 164 72.42 53.25 -24.56
N SER F 165 73.62 53.82 -24.71
CA SER F 165 73.83 55.24 -24.45
C SER F 165 74.74 55.91 -25.46
N ALA F 166 75.25 55.18 -26.45
CA ALA F 166 76.29 55.66 -27.35
C ALA F 166 75.68 56.52 -28.45
N PRO F 167 76.53 57.10 -29.34
CA PRO F 167 76.00 57.84 -30.50
C PRO F 167 75.19 56.99 -31.48
N SER F 168 74.70 57.64 -32.54
CA SER F 168 73.72 57.02 -33.42
C SER F 168 74.30 55.79 -34.12
N ASP F 169 75.49 55.92 -34.71
CA ASP F 169 76.05 54.82 -35.49
C ASP F 169 76.21 53.57 -34.64
N VAL F 170 76.59 53.74 -33.38
CA VAL F 170 76.76 52.59 -32.50
C VAL F 170 75.42 51.91 -32.26
N ILE F 171 74.37 52.69 -31.98
CA ILE F 171 73.10 52.05 -31.70
C ILE F 171 72.52 51.43 -32.96
N LEU F 172 72.87 51.96 -34.13
CA LEU F 172 72.42 51.36 -35.38
C LEU F 172 73.08 50.01 -35.63
N VAL F 173 74.41 49.94 -35.45
CA VAL F 173 75.06 48.66 -35.61
C VAL F 173 74.58 47.69 -34.54
N ARG F 174 74.20 48.22 -33.37
CA ARG F 174 73.60 47.38 -32.33
C ARG F 174 72.28 46.79 -32.80
N ASP F 175 71.40 47.62 -33.32
CA ASP F 175 70.13 47.13 -33.86
C ASP F 175 70.36 46.09 -34.93
N GLU F 176 71.36 46.30 -35.78
CA GLU F 176 71.62 45.35 -36.85
C GLU F 176 72.07 44.00 -36.29
N ILE F 177 73.01 44.00 -35.35
CA ILE F 177 73.46 42.74 -34.76
C ILE F 177 72.29 42.04 -34.08
N ALA F 178 71.44 42.80 -33.39
CA ALA F 178 70.31 42.19 -32.72
C ALA F 178 69.36 41.52 -33.69
N LEU F 179 69.06 42.20 -34.80
CA LEU F 179 68.16 41.60 -35.80
C LEU F 179 68.77 40.33 -36.39
N LEU F 180 70.06 40.37 -36.71
CA LEU F 180 70.71 39.18 -37.24
C LEU F 180 70.59 38.02 -36.27
N HIS F 181 70.87 38.28 -34.99
CA HIS F 181 70.86 37.19 -34.02
C HIS F 181 69.44 36.67 -33.79
N ARG F 182 68.44 37.56 -33.81
CA ARG F 182 67.07 37.09 -33.68
C ARG F 182 66.68 36.20 -34.86
N TYR F 183 67.09 36.59 -36.06
CA TYR F 183 66.84 35.75 -37.22
C TYR F 183 67.45 34.37 -37.03
N GLN F 184 68.71 34.33 -36.60
CA GLN F 184 69.36 33.03 -36.41
C GLN F 184 68.61 32.20 -35.37
N SER F 185 68.19 32.83 -34.28
CA SER F 185 67.47 32.09 -33.25
C SER F 185 66.19 31.49 -33.79
N GLN F 186 65.41 32.29 -34.52
CA GLN F 186 64.12 31.77 -34.98
C GLN F 186 64.31 30.67 -36.01
N MET F 187 65.30 30.80 -36.89
CA MET F 187 65.56 29.71 -37.83
C MET F 187 65.98 28.44 -37.11
N LEU F 188 66.85 28.57 -36.11
CA LEU F 188 67.26 27.41 -35.35
C LEU F 188 66.04 26.76 -34.69
N GLY F 189 65.12 27.57 -34.20
CA GLY F 189 63.92 27.03 -33.58
C GLY F 189 63.07 26.24 -34.55
N TRP F 190 62.85 26.79 -35.74
CA TRP F 190 62.06 26.06 -36.73
C TRP F 190 62.75 24.78 -37.14
N ILE F 191 64.08 24.80 -37.24
CA ILE F 191 64.80 23.58 -37.57
C ILE F 191 64.60 22.55 -36.48
N LEU F 192 64.69 22.95 -35.22
CA LEU F 192 64.46 22.02 -34.13
C LEU F 192 63.06 21.42 -34.19
N ILE F 193 62.05 22.24 -34.45
CA ILE F 193 60.69 21.72 -34.53
C ILE F 193 60.55 20.71 -35.65
N THR F 194 61.05 21.04 -36.85
CA THR F 194 60.86 20.13 -37.97
C THR F 194 61.61 18.82 -37.75
N LEU F 195 62.83 18.90 -37.22
CA LEU F 195 63.58 17.68 -36.99
C LEU F 195 62.91 16.83 -35.91
N ALA F 196 62.43 17.46 -34.85
CA ALA F 196 61.76 16.73 -33.80
C ALA F 196 60.52 16.02 -34.33
N THR F 197 59.73 16.71 -35.14
CA THR F 197 58.51 16.10 -35.68
C THR F 197 58.85 14.93 -36.59
N ILE F 198 59.80 15.11 -37.51
CA ILE F 198 60.11 14.02 -38.43
C ILE F 198 60.68 12.83 -37.68
N ALA F 199 61.49 13.09 -36.65
CA ALA F 199 62.04 11.99 -35.86
C ALA F 199 60.95 11.27 -35.09
N ALA F 200 60.02 12.02 -34.48
CA ALA F 200 58.93 11.39 -33.77
C ALA F 200 58.10 10.51 -34.69
N LEU F 201 57.80 11.01 -35.89
CA LEU F 201 56.98 10.25 -36.82
C LEU F 201 57.69 8.97 -37.25
N VAL F 202 58.95 9.09 -37.68
CA VAL F 202 59.65 7.89 -38.14
C VAL F 202 59.83 6.90 -37.00
N SER F 203 60.04 7.39 -35.78
CA SER F 203 60.20 6.50 -34.64
C SER F 203 58.91 5.78 -34.30
N CYS F 204 57.78 6.49 -34.32
CA CYS F 204 56.51 5.83 -34.05
C CYS F 204 56.20 4.80 -35.12
N CYS F 205 56.51 5.11 -36.38
CA CYS F 205 56.26 4.14 -37.45
C CYS F 205 57.14 2.91 -37.29
N VAL F 206 58.40 3.11 -36.92
CA VAL F 206 59.29 1.98 -36.70
C VAL F 206 58.79 1.12 -35.55
N ALA F 207 58.33 1.76 -34.48
CA ALA F 207 57.81 1.02 -33.34
C ALA F 207 56.60 0.20 -33.74
N LYS F 208 55.71 0.78 -34.55
CA LYS F 208 54.56 0.04 -35.03
C LYS F 208 54.98 -1.10 -35.95
N CYS F 209 56.08 -0.92 -36.66
CA CYS F 209 56.58 -1.96 -37.56
C CYS F 209 57.13 -3.14 -36.79
N CYS F 210 58.06 -2.90 -35.87
CA CYS F 210 58.72 -3.96 -35.14
C CYS F 210 57.82 -4.60 -34.08
N SER F 211 56.58 -4.16 -33.95
CA SER F 211 55.71 -4.71 -32.94
C SER F 211 55.33 -6.14 -33.30
N PRO F 212 55.37 -7.08 -32.35
CA PRO F 212 54.94 -8.45 -32.65
C PRO F 212 53.45 -8.67 -32.57
N LEU F 213 52.69 -7.69 -32.11
CA LEU F 213 51.26 -7.87 -31.91
C LEU F 213 50.46 -7.28 -33.07
N THR F 214 49.21 -7.68 -33.15
CA THR F 214 48.32 -7.25 -34.22
C THR F 214 47.75 -5.87 -33.89
N SER F 215 46.77 -5.44 -34.68
CA SER F 215 46.11 -4.17 -34.45
C SER F 215 45.06 -4.24 -33.33
N LEU F 216 44.79 -5.43 -32.81
CA LEU F 216 43.79 -5.62 -31.78
C LEU F 216 44.39 -6.08 -30.45
N GLN F 217 45.39 -6.95 -30.49
CA GLN F 217 46.03 -7.39 -29.26
C GLN F 217 46.65 -6.23 -28.50
N HIS F 218 47.06 -5.17 -29.20
CA HIS F 218 47.70 -4.05 -28.53
C HIS F 218 46.74 -3.33 -27.59
N CYS F 219 45.52 -3.05 -28.07
CA CYS F 219 44.55 -2.37 -27.22
C CYS F 219 44.19 -3.23 -26.02
N TYR F 220 43.91 -4.50 -26.27
CA TYR F 220 43.68 -5.45 -25.17
C TYR F 220 44.83 -5.40 -24.18
N TRP F 221 46.06 -5.31 -24.67
CA TRP F 221 47.22 -5.33 -23.80
C TRP F 221 47.28 -4.10 -22.91
N THR F 222 47.02 -2.93 -23.49
CA THR F 222 47.05 -1.70 -22.70
C THR F 222 45.98 -1.73 -21.62
N SER F 223 44.77 -2.14 -21.99
CA SER F 223 43.70 -2.24 -21.00
C SER F 223 44.08 -3.24 -19.92
N HIS F 224 44.72 -4.34 -20.31
CA HIS F 224 45.20 -5.32 -19.35
C HIS F 224 46.11 -4.67 -18.33
N LEU F 225 47.13 -3.95 -18.79
CA LEU F 225 48.09 -3.32 -17.88
C LEU F 225 47.39 -2.37 -16.91
N GLN F 226 46.61 -1.43 -17.45
CA GLN F 226 46.01 -0.41 -16.61
C GLN F 226 45.08 -1.04 -15.56
N ASN F 227 44.14 -1.87 -16.00
CA ASN F 227 43.20 -2.46 -15.06
C ASN F 227 43.89 -3.38 -14.07
N GLU F 228 44.96 -4.06 -14.50
CA GLU F 228 45.73 -4.87 -13.58
C GLU F 228 46.25 -4.03 -12.43
N ARG F 229 46.95 -2.94 -12.76
CA ARG F 229 47.49 -2.09 -11.70
C ARG F 229 46.38 -1.64 -10.75
N GLU F 230 45.31 -1.09 -11.30
CA GLU F 230 44.26 -0.53 -10.44
C GLU F 230 43.65 -1.60 -9.53
N LEU F 231 43.25 -2.74 -10.11
CA LEU F 231 42.57 -3.75 -9.33
C LEU F 231 43.48 -4.33 -8.26
N PHE F 232 44.75 -4.58 -8.60
CA PHE F 232 45.64 -5.12 -7.58
C PHE F 232 45.82 -4.15 -6.44
N GLU F 233 45.91 -2.85 -6.74
CA GLU F 233 46.01 -1.88 -5.66
C GLU F 233 44.81 -1.96 -4.74
N GLN F 234 43.61 -1.94 -5.32
CA GLN F 234 42.40 -1.96 -4.50
C GLN F 234 42.33 -3.23 -3.65
N ALA F 235 42.67 -4.37 -4.26
CA ALA F 235 42.56 -5.64 -3.56
C ALA F 235 43.55 -5.72 -2.41
N ALA F 236 44.80 -5.32 -2.66
CA ALA F 236 45.79 -5.34 -1.59
C ALA F 236 45.35 -4.46 -0.43
N GLU F 237 44.85 -3.27 -0.74
CA GLU F 237 44.38 -2.38 0.32
C GLU F 237 43.31 -3.07 1.15
N GLN F 238 42.27 -3.59 0.49
CA GLN F 238 41.16 -4.18 1.23
C GLN F 238 41.61 -5.38 2.06
N HIS F 239 42.49 -6.20 1.49
CA HIS F 239 42.94 -7.39 2.20
C HIS F 239 43.72 -7.02 3.44
N SER F 240 44.66 -6.08 3.33
CA SER F 240 45.42 -5.69 4.50
C SER F 240 44.52 -5.04 5.54
N ARG F 241 43.53 -4.28 5.09
CA ARG F 241 42.58 -3.70 6.04
C ARG F 241 41.85 -4.78 6.81
N LEU F 242 41.36 -5.80 6.11
CA LEU F 242 40.65 -6.88 6.80
C LEU F 242 41.55 -7.61 7.79
N LEU F 243 42.79 -7.88 7.40
CA LEU F 243 43.68 -8.60 8.30
C LEU F 243 43.98 -7.78 9.55
N MET F 244 44.28 -6.49 9.38
CA MET F 244 44.53 -5.66 10.54
C MET F 244 43.28 -5.57 11.42
N MET F 245 42.10 -5.54 10.78
CA MET F 245 40.85 -5.51 11.54
C MET F 245 40.68 -6.77 12.36
N HIS F 246 41.04 -7.92 11.79
CA HIS F 246 40.96 -9.16 12.54
C HIS F 246 41.93 -9.17 13.72
N ARG F 247 43.14 -8.68 13.52
CA ARG F 247 44.07 -8.61 14.66
C ARG F 247 43.52 -7.70 15.74
N ILE F 248 42.95 -6.56 15.35
CA ILE F 248 42.39 -5.66 16.34
C ILE F 248 41.28 -6.35 17.12
N LYS F 249 40.41 -7.07 16.42
CA LYS F 249 39.30 -7.74 17.10
C LYS F 249 39.81 -8.83 18.03
N LYS F 250 40.88 -9.53 17.63
CA LYS F 250 41.46 -10.52 18.52
C LYS F 250 42.02 -9.86 19.77
N LEU F 251 42.59 -8.66 19.64
CA LEU F 251 43.17 -8.01 20.80
C LEU F 251 42.08 -7.43 21.71
N PHE F 252 41.30 -6.49 21.21
CA PHE F 252 40.35 -5.78 22.07
C PHE F 252 39.08 -6.56 22.29
N GLY F 253 38.70 -7.42 21.37
CA GLY F 253 37.54 -8.26 21.52
C GLY F 253 36.34 -7.90 20.69
N PHE F 254 36.51 -7.12 19.62
CA PHE F 254 35.39 -6.71 18.79
C PHE F 254 35.94 -6.11 17.51
N ILE F 255 35.13 -6.14 16.46
CA ILE F 255 35.51 -5.55 15.19
C ILE F 255 35.32 -4.04 15.28
N PRO F 256 36.28 -3.22 14.87
CA PRO F 256 36.12 -1.77 15.06
C PRO F 256 34.94 -1.20 14.31
N GLY F 257 34.69 -1.66 13.10
CA GLY F 257 33.57 -1.13 12.33
C GLY F 257 32.21 -1.50 12.91
N SER F 258 32.20 -2.04 14.12
CA SER F 258 30.97 -2.48 14.73
C SER F 258 30.31 -1.37 15.55
N GLU F 259 29.09 -1.68 15.97
CA GLU F 259 28.28 -0.86 16.85
C GLU F 259 27.52 -1.73 17.84
N ASP F 260 27.20 -1.12 18.99
CA ASP F 260 26.45 -1.77 20.08
C ASP F 260 27.09 -3.09 20.52
N VAL F 261 28.42 -3.11 20.53
CA VAL F 261 29.15 -4.31 20.93
C VAL F 261 28.89 -4.58 22.40
N LYS F 262 28.56 -5.82 22.73
CA LYS F 262 28.25 -6.17 24.10
C LYS F 262 29.37 -6.94 24.79
N HIS F 263 30.57 -6.97 24.21
CA HIS F 263 31.66 -7.65 24.88
C HIS F 263 32.97 -6.93 24.62
N ILE F 264 33.74 -6.72 25.70
CA ILE F 264 34.99 -5.99 25.66
C ILE F 264 36.06 -6.81 26.35
N ARG F 265 37.23 -6.91 25.74
CA ARG F 265 38.34 -7.65 26.33
C ARG F 265 39.43 -6.66 26.70
N ILE F 266 39.72 -6.57 27.99
CA ILE F 266 40.81 -5.69 28.44
C ILE F 266 42.15 -6.29 28.07
N PRO F 267 43.06 -5.53 27.49
CA PRO F 267 44.36 -6.10 27.09
C PRO F 267 45.24 -6.36 28.30
N SER F 268 46.20 -7.26 28.12
CA SER F 268 47.19 -7.53 29.14
C SER F 268 48.43 -6.68 28.90
N CYS F 269 49.29 -6.61 29.91
CA CYS F 269 50.50 -5.81 29.78
C CYS F 269 51.50 -6.40 28.78
N GLN F 270 51.19 -7.55 28.20
CA GLN F 270 52.01 -8.18 27.17
C GLN F 270 51.42 -8.07 25.77
N ASP F 271 50.08 -8.08 25.67
CA ASP F 271 49.44 -7.99 24.36
C ASP F 271 49.94 -6.79 23.57
N TRP F 272 50.20 -5.67 24.28
CA TRP F 272 50.81 -4.52 23.63
C TRP F 272 52.16 -4.90 23.02
N LYS F 273 52.94 -5.70 23.75
CA LYS F 273 54.22 -6.16 23.20
C LYS F 273 54.00 -7.03 21.97
N ASP F 274 52.92 -7.81 21.95
CA ASP F 274 52.67 -8.69 20.82
C ASP F 274 52.28 -7.90 19.57
N ILE F 275 51.33 -6.97 19.69
CA ILE F 275 50.86 -6.24 18.53
C ILE F 275 51.91 -5.29 17.98
N SER F 276 53.02 -5.14 18.69
CA SER F 276 54.07 -4.21 18.29
C SER F 276 54.67 -4.55 16.94
N VAL F 277 54.75 -5.83 16.59
CA VAL F 277 55.40 -6.20 15.33
C VAL F 277 54.36 -6.18 14.20
N PRO F 278 54.77 -5.83 12.98
CA PRO F 278 53.80 -5.64 11.89
C PRO F 278 53.59 -6.85 10.99
N THR F 279 54.35 -7.93 11.18
CA THR F 279 54.27 -9.17 10.42
C THR F 279 54.67 -8.96 8.96
N LEU F 280 54.97 -7.71 8.57
CA LEU F 280 55.38 -7.37 7.21
C LEU F 280 54.35 -7.85 6.18
N THR G 4 29.78 14.15 -3.23
CA THR G 4 30.88 13.79 -4.12
C THR G 4 32.16 14.53 -3.75
N LEU G 5 32.03 15.50 -2.84
CA LEU G 5 33.16 16.33 -2.47
C LEU G 5 34.29 15.50 -1.87
N ASN G 6 33.99 14.75 -0.80
CA ASN G 6 35.02 14.02 -0.07
C ASN G 6 35.78 13.03 -0.96
N ASN G 7 35.13 12.50 -2.01
CA ASN G 7 35.86 11.67 -2.97
C ASN G 7 37.03 12.42 -3.59
N ILE G 8 36.75 13.58 -4.19
CA ILE G 8 37.82 14.33 -4.84
C ILE G 8 38.81 14.86 -3.81
N VAL G 9 38.34 15.18 -2.60
CA VAL G 9 39.25 15.65 -1.56
C VAL G 9 40.26 14.56 -1.22
N SER G 10 39.79 13.35 -0.98
CA SER G 10 40.73 12.26 -0.71
C SER G 10 41.60 11.95 -1.91
N SER G 11 41.06 12.07 -3.12
CA SER G 11 41.85 11.77 -4.31
C SER G 11 43.04 12.71 -4.42
N LEU G 12 42.80 14.01 -4.23
CA LEU G 12 43.91 14.97 -4.26
C LEU G 12 44.82 14.78 -3.05
N GLN G 13 44.25 14.46 -1.88
CA GLN G 13 45.07 14.31 -0.69
C GLN G 13 46.05 13.16 -0.82
N ARG G 14 45.68 12.10 -1.53
CA ARG G 14 46.64 11.04 -1.79
C ARG G 14 47.66 11.46 -2.83
N ASN G 15 47.25 12.31 -3.78
CA ASN G 15 48.09 12.69 -4.90
C ASN G 15 49.26 13.53 -4.39
N GLY G 16 50.47 12.97 -4.42
CA GLY G 16 51.64 13.69 -3.95
C GLY G 16 52.00 14.90 -4.80
N ILE G 17 51.76 14.84 -6.11
CA ILE G 17 52.15 15.92 -7.00
C ILE G 17 51.46 17.22 -6.62
N PHE G 18 50.16 17.16 -6.36
CA PHE G 18 49.43 18.37 -6.03
C PHE G 18 49.92 18.96 -4.71
N ILE G 19 50.16 18.11 -3.71
CA ILE G 19 50.61 18.60 -2.42
C ILE G 19 51.97 19.28 -2.56
N ASN G 20 52.90 18.64 -3.26
CA ASN G 20 54.22 19.23 -3.43
C ASN G 20 54.13 20.54 -4.20
N SER G 21 53.32 20.59 -5.25
CA SER G 21 53.19 21.82 -6.02
C SER G 21 52.61 22.94 -5.16
N LEU G 22 51.62 22.62 -4.33
CA LEU G 22 51.06 23.64 -3.46
C LEU G 22 52.08 24.15 -2.47
N ILE G 23 52.88 23.24 -1.90
CA ILE G 23 53.93 23.68 -0.98
C ILE G 23 54.90 24.63 -1.68
N ALA G 24 55.31 24.27 -2.89
CA ALA G 24 56.26 25.13 -3.60
C ALA G 24 55.64 26.50 -3.89
N ALA G 25 54.39 26.53 -4.32
CA ALA G 25 53.75 27.81 -4.61
C ALA G 25 53.65 28.66 -3.35
N LEU G 26 53.25 28.05 -2.25
CA LEU G 26 53.18 28.77 -0.99
C LEU G 26 54.52 29.35 -0.59
N THR G 27 55.59 28.57 -0.73
CA THR G 27 56.90 29.09 -0.37
C THR G 27 57.31 30.23 -1.28
N ILE G 28 56.98 30.15 -2.57
CA ILE G 28 57.35 31.23 -3.48
C ILE G 28 56.64 32.52 -3.07
N GLY G 29 55.32 32.43 -2.86
CA GLY G 29 54.57 33.61 -2.47
C GLY G 29 55.04 34.20 -1.16
N GLY G 30 55.24 33.34 -0.16
CA GLY G 30 55.71 33.82 1.13
C GLY G 30 57.06 34.48 1.04
N GLN G 31 57.99 33.89 0.29
CA GLN G 31 59.30 34.51 0.12
C GLN G 31 59.18 35.87 -0.54
N GLN G 32 58.34 35.97 -1.57
CA GLN G 32 58.20 37.25 -2.25
C GLN G 32 57.68 38.32 -1.30
N LEU G 33 56.61 38.02 -0.57
CA LEU G 33 56.06 38.99 0.37
C LEU G 33 57.09 39.38 1.42
N PHE G 34 57.76 38.37 1.98
CA PHE G 34 58.76 38.60 3.02
C PHE G 34 59.85 39.55 2.51
N SER G 35 60.47 39.21 1.38
CA SER G 35 61.54 40.03 0.86
C SER G 35 61.06 41.43 0.55
N SER G 36 59.86 41.56 -0.02
CA SER G 36 59.38 42.89 -0.37
C SER G 36 59.10 43.73 0.86
N SER G 37 58.76 43.11 1.99
CA SER G 37 58.35 43.91 3.13
C SER G 37 59.52 44.30 4.04
N THR G 38 60.32 43.33 4.47
CA THR G 38 61.24 43.57 5.59
C THR G 38 62.69 43.35 5.22
N PHE G 39 63.14 43.90 4.10
CA PHE G 39 64.53 43.74 3.68
C PHE G 39 65.14 45.08 3.31
N SER G 40 66.31 45.36 3.86
CA SER G 40 67.06 46.57 3.52
C SER G 40 68.51 46.33 3.87
N CYS G 41 69.40 46.57 2.90
CA CYS G 41 70.80 46.27 3.10
C CYS G 41 71.34 47.19 4.19
N PRO G 42 72.16 46.67 5.11
CA PRO G 42 72.71 47.56 6.15
C PRO G 42 73.70 48.60 5.66
N CYS G 43 74.48 48.30 4.63
CA CYS G 43 75.49 49.23 4.13
C CYS G 43 76.43 49.68 5.23
N GLN G 44 76.72 48.78 6.17
CA GLN G 44 77.68 49.02 7.22
C GLN G 44 79.06 48.59 6.75
N VAL G 45 80.02 48.52 7.66
CA VAL G 45 81.40 48.29 7.28
C VAL G 45 81.72 46.82 7.13
N GLY G 46 81.46 46.03 8.16
CA GLY G 46 81.78 44.62 8.14
C GLY G 46 80.58 43.75 8.46
N LYS G 47 79.45 44.39 8.76
CA LYS G 47 78.24 43.71 9.18
C LYS G 47 77.24 43.54 8.05
N ASN G 48 77.71 43.42 6.82
CA ASN G 48 76.85 43.21 5.67
C ASN G 48 76.71 41.74 5.31
N PHE G 49 77.83 41.02 5.28
CA PHE G 49 77.83 39.63 4.85
C PHE G 49 76.94 38.78 5.74
N TYR G 50 76.94 39.06 7.04
CA TYR G 50 76.05 38.32 7.93
C TYR G 50 74.59 38.61 7.63
N TYR G 51 74.26 39.89 7.39
CA TYR G 51 72.88 40.24 7.10
C TYR G 51 72.40 39.59 5.82
N GLY G 52 73.31 39.31 4.90
CA GLY G 52 72.92 38.57 3.72
C GLY G 52 72.75 37.09 4.01
N SER G 53 73.78 36.51 4.62
CA SER G 53 73.78 35.06 4.83
C SER G 53 72.61 34.62 5.69
N ALA G 54 72.19 35.43 6.66
CA ALA G 54 71.07 35.05 7.49
C ALA G 54 69.83 34.81 6.64
N PHE G 55 69.41 35.83 5.90
CA PHE G 55 68.23 35.67 5.05
C PHE G 55 68.43 34.59 4.02
N LEU G 56 69.66 34.33 3.62
CA LEU G 56 69.87 33.32 2.59
C LEU G 56 69.71 31.91 3.13
N VAL G 57 70.16 31.66 4.36
CA VAL G 57 70.31 30.32 4.89
C VAL G 57 69.26 29.99 5.94
N ILE G 58 69.14 30.82 6.98
CA ILE G 58 68.35 30.44 8.16
C ILE G 58 66.95 29.97 7.79
N PRO G 59 66.20 30.65 6.92
CA PRO G 59 64.90 30.09 6.51
C PRO G 59 65.00 28.70 5.94
N ALA G 60 66.09 28.37 5.23
CA ALA G 60 66.22 27.01 4.71
C ALA G 60 66.27 26.01 5.85
N LEU G 61 67.14 26.23 6.83
CA LEU G 61 67.23 25.31 7.97
C LEU G 61 65.90 25.22 8.70
N ILE G 62 65.25 26.36 8.94
CA ILE G 62 63.99 26.34 9.67
C ILE G 62 62.94 25.53 8.93
N LEU G 63 62.76 25.83 7.64
CA LEU G 63 61.73 25.14 6.89
C LEU G 63 62.05 23.66 6.73
N LEU G 64 63.33 23.31 6.60
CA LEU G 64 63.70 21.91 6.48
C LEU G 64 63.40 21.15 7.77
N VAL G 65 63.85 21.68 8.90
CA VAL G 65 63.57 21.03 10.17
C VAL G 65 62.07 20.94 10.42
N ALA G 66 61.32 21.98 10.03
CA ALA G 66 59.88 21.93 10.24
C ALA G 66 59.23 20.88 9.36
N GLY G 67 59.62 20.80 8.08
CA GLY G 67 59.09 19.80 7.18
C GLY G 67 59.48 18.39 7.54
N PHE G 68 60.57 18.22 8.26
CA PHE G 68 60.95 16.89 8.73
C PHE G 68 60.18 16.52 9.99
N ALA G 69 60.26 17.36 11.02
CA ALA G 69 59.73 17.02 12.33
C ALA G 69 58.20 16.95 12.35
N LEU G 70 57.53 17.62 11.43
CA LEU G 70 56.07 17.64 11.45
C LEU G 70 55.45 16.35 10.92
N ARG G 71 56.22 15.49 10.29
CA ARG G 71 55.67 14.25 9.75
C ARG G 71 55.55 13.24 10.89
N SER G 72 54.30 12.83 11.16
CA SER G 72 54.05 11.94 12.28
C SER G 72 54.88 10.67 12.20
N GLN G 73 55.03 10.11 11.00
CA GLN G 73 55.72 8.83 10.87
C GLN G 73 57.18 8.93 11.28
N MET G 74 57.79 10.09 11.08
CA MET G 74 59.21 10.24 11.44
C MET G 74 59.41 10.06 12.94
N TRP G 75 58.48 10.55 13.75
CA TRP G 75 58.59 10.35 15.19
C TRP G 75 58.53 8.87 15.55
N THR G 76 57.62 8.12 14.92
CA THR G 76 57.52 6.70 15.20
C THR G 76 58.78 5.96 14.77
N ILE G 77 59.34 6.33 13.63
CA ILE G 77 60.56 5.68 13.17
C ILE G 77 61.71 5.98 14.13
N THR G 78 61.82 7.22 14.59
CA THR G 78 62.84 7.54 15.58
C THR G 78 62.64 6.75 16.86
N GLY G 79 61.38 6.61 17.30
CA GLY G 79 61.11 5.82 18.50
C GLY G 79 61.53 4.38 18.33
N GLU G 80 61.28 3.81 17.16
CA GLU G 80 61.84 2.50 16.84
C GLU G 80 63.36 2.52 16.94
N TYR G 81 63.99 3.62 16.51
CA TYR G 81 65.44 3.72 16.55
C TYR G 81 65.98 4.13 17.91
N CYS G 82 65.37 5.15 18.52
CA CYS G 82 65.88 5.68 19.78
C CYS G 82 65.70 4.66 20.91
N CYS G 83 66.45 4.87 21.98
CA CYS G 83 66.38 4.01 23.15
C CYS G 83 65.10 4.28 23.94
N PRO G 94 68.40 -6.95 9.60
CA PRO G 94 67.66 -7.83 8.68
C PRO G 94 66.81 -7.04 7.69
N LEU G 95 65.50 -7.26 7.72
CA LEU G 95 64.60 -6.55 6.83
C LEU G 95 64.06 -5.28 7.46
N GLU G 96 63.92 -5.26 8.78
CA GLU G 96 63.36 -4.09 9.45
C GLU G 96 64.22 -2.85 9.21
N CYS G 97 65.54 -3.02 9.18
CA CYS G 97 66.42 -1.88 8.95
C CYS G 97 66.21 -1.28 7.57
N LYS G 98 66.20 -2.13 6.53
CA LYS G 98 66.00 -1.62 5.18
C LYS G 98 64.63 -0.98 5.04
N LEU G 99 63.61 -1.56 5.66
CA LEU G 99 62.28 -0.97 5.56
C LEU G 99 62.22 0.39 6.26
N ALA G 100 62.87 0.51 7.43
CA ALA G 100 62.94 1.79 8.09
C ALA G 100 63.65 2.81 7.21
N CYS G 101 64.73 2.39 6.54
CA CYS G 101 65.45 3.31 5.67
C CYS G 101 64.56 3.79 4.53
N LEU G 102 63.76 2.89 3.96
CA LEU G 102 62.86 3.29 2.89
C LEU G 102 61.79 4.25 3.38
N ARG G 103 61.24 3.98 4.57
CA ARG G 103 60.24 4.88 5.13
C ARG G 103 60.81 6.28 5.35
N PHE G 104 61.98 6.35 5.99
CA PHE G 104 62.65 7.62 6.22
C PHE G 104 62.94 8.33 4.91
N PHE G 105 63.33 7.57 3.88
CA PHE G 105 63.64 8.19 2.60
C PHE G 105 62.40 8.78 1.96
N SER G 106 61.26 8.10 2.05
CA SER G 106 60.03 8.66 1.50
C SER G 106 59.67 9.97 2.20
N ILE G 107 59.75 9.97 3.53
CA ILE G 107 59.43 11.21 4.24
C ILE G 107 60.40 12.32 3.86
N THR G 108 61.68 11.99 3.69
CA THR G 108 62.65 12.98 3.23
C THR G 108 62.28 13.53 1.86
N GLY G 109 61.90 12.66 0.95
CA GLY G 109 61.50 13.11 -0.38
C GLY G 109 60.32 14.07 -0.31
N ARG G 110 59.45 13.90 0.67
CA ARG G 110 58.40 14.89 0.84
C ARG G 110 58.96 16.20 1.40
N ALA G 111 59.82 16.11 2.42
CA ALA G 111 60.16 17.30 3.19
C ALA G 111 61.15 18.21 2.49
N VAL G 112 62.01 17.67 1.62
CA VAL G 112 63.06 18.49 1.02
C VAL G 112 62.53 19.55 0.07
N ILE G 113 61.26 19.47 -0.35
CA ILE G 113 60.76 20.36 -1.39
C ILE G 113 60.79 21.82 -0.94
N ALA G 114 60.61 22.10 0.34
CA ALA G 114 60.47 23.49 0.78
C ALA G 114 61.81 24.23 0.78
N PRO G 115 62.84 23.75 1.49
CA PRO G 115 64.08 24.54 1.53
C PRO G 115 64.72 24.73 0.17
N LEU G 116 64.67 23.71 -0.68
CA LEU G 116 65.32 23.84 -1.98
C LEU G 116 64.60 24.86 -2.84
N THR G 117 63.27 24.90 -2.78
CA THR G 117 62.56 25.91 -3.56
C THR G 117 62.77 27.30 -2.98
N TRP G 118 62.92 27.42 -1.66
CA TRP G 118 63.23 28.73 -1.09
C TRP G 118 64.57 29.23 -1.59
N LEU G 119 65.60 28.39 -1.47
CA LEU G 119 66.92 28.76 -1.97
C LEU G 119 66.86 29.10 -3.46
N ALA G 120 66.13 28.31 -4.23
CA ALA G 120 66.07 28.54 -5.67
C ALA G 120 65.49 29.90 -5.97
N VAL G 121 64.34 30.22 -5.39
CA VAL G 121 63.69 31.47 -5.74
C VAL G 121 64.51 32.66 -5.23
N THR G 122 65.14 32.52 -4.06
CA THR G 122 65.87 33.67 -3.54
C THR G 122 67.17 33.87 -4.30
N LEU G 123 67.78 32.81 -4.83
CA LEU G 123 68.95 33.01 -5.64
C LEU G 123 68.59 33.55 -7.02
N LEU G 124 67.46 33.09 -7.58
CA LEU G 124 67.08 33.54 -8.90
C LEU G 124 66.69 35.02 -8.89
N THR G 125 65.93 35.46 -7.90
CA THR G 125 65.70 36.88 -7.77
C THR G 125 67.01 37.60 -7.43
N GLY G 126 67.87 36.95 -6.64
CA GLY G 126 69.22 37.40 -6.43
C GLY G 126 69.39 38.62 -5.55
N THR G 127 68.32 39.34 -5.22
CA THR G 127 68.46 40.56 -4.45
C THR G 127 69.06 40.31 -3.08
N TYR G 128 69.06 39.07 -2.60
CA TYR G 128 69.71 38.76 -1.34
C TYR G 128 71.21 38.64 -1.52
N TYR G 129 71.65 37.97 -2.58
CA TYR G 129 73.06 37.64 -2.71
C TYR G 129 73.90 38.90 -2.88
N GLU G 130 73.40 39.89 -3.62
CA GLU G 130 74.16 41.11 -3.82
C GLU G 130 74.46 41.78 -2.47
N CYS G 131 73.50 41.81 -1.57
CA CYS G 131 73.77 42.31 -0.22
C CYS G 131 74.68 41.37 0.53
N ALA G 132 74.62 40.07 0.22
CA ALA G 132 75.43 39.12 0.95
C ALA G 132 76.91 39.31 0.69
N ALA G 133 77.29 39.58 -0.56
CA ALA G 133 78.68 39.68 -0.93
C ALA G 133 78.96 40.97 -1.69
N SER G 134 78.39 42.07 -1.24
CA SER G 134 78.68 43.35 -1.84
C SER G 134 80.03 43.91 -1.42
N GLU G 135 80.74 43.23 -0.53
CA GLU G 135 82.05 43.69 -0.10
C GLU G 135 83.19 42.92 -0.73
N PHE G 136 82.95 41.72 -1.22
CA PHE G 136 84.03 40.89 -1.76
C PHE G 136 84.39 41.21 -3.21
N ALA G 137 83.78 42.24 -3.81
CA ALA G 137 84.05 42.53 -5.21
C ALA G 137 85.51 42.88 -5.41
N SER G 138 86.18 42.10 -6.26
CA SER G 138 87.60 42.31 -6.54
C SER G 138 87.75 43.54 -7.43
N VAL G 139 88.16 44.66 -6.85
CA VAL G 139 88.36 45.89 -7.59
C VAL G 139 89.86 46.10 -7.76
N ASP G 140 90.32 45.95 -9.00
CA ASP G 140 91.72 46.20 -9.34
C ASP G 140 91.91 47.00 -10.61
N HIS G 141 90.90 47.13 -11.46
CA HIS G 141 91.06 47.76 -12.76
C HIS G 141 90.11 48.93 -12.91
N TYR G 142 90.03 49.78 -11.89
CA TYR G 142 89.16 50.93 -11.92
C TYR G 142 89.93 52.17 -11.47
N PRO G 143 89.62 53.33 -12.04
CA PRO G 143 90.47 54.51 -11.83
C PRO G 143 90.25 55.18 -10.49
N MET G 144 89.05 55.05 -9.92
CA MET G 144 88.71 55.74 -8.70
C MET G 144 89.11 54.98 -7.43
N PHE G 145 89.59 53.75 -7.57
CA PHE G 145 90.03 52.96 -6.42
C PHE G 145 91.54 52.82 -6.34
N ASP G 146 92.29 53.69 -7.00
CA ASP G 146 93.74 53.55 -7.00
C ASP G 146 94.38 54.18 -5.77
N ASN G 147 94.20 55.49 -5.59
CA ASN G 147 94.91 56.21 -4.53
C ASN G 147 94.20 56.12 -3.19
N VAL G 148 92.89 55.87 -3.19
CA VAL G 148 92.11 55.93 -1.98
C VAL G 148 92.57 54.87 -0.98
N SER G 149 92.36 55.16 0.30
CA SER G 149 92.82 54.26 1.35
C SER G 149 91.97 52.99 1.39
N ALA G 150 92.51 51.98 2.07
CA ALA G 150 91.85 50.68 2.11
C ALA G 150 90.51 50.76 2.84
N SER G 151 90.52 51.31 4.05
CA SER G 151 89.27 51.45 4.80
C SER G 151 88.30 52.38 4.07
N LYS G 152 88.81 53.43 3.44
CA LYS G 152 87.96 54.26 2.61
C LYS G 152 87.35 53.46 1.47
N ARG G 153 88.13 52.54 0.91
CA ARG G 153 87.60 51.68 -0.14
C ARG G 153 86.50 50.78 0.39
N GLU G 154 86.70 50.19 1.57
CA GLU G 154 85.65 49.37 2.18
C GLU G 154 84.37 50.18 2.38
N GLU G 155 84.52 51.39 2.91
CA GLU G 155 83.37 52.25 3.15
C GLU G 155 82.63 52.55 1.85
N ILE G 156 83.36 52.94 0.81
CA ILE G 156 82.69 53.31 -0.42
C ILE G 156 82.17 52.09 -1.16
N LEU G 157 82.71 50.91 -0.86
CA LEU G 157 82.29 49.69 -1.53
C LEU G 157 81.03 49.12 -0.92
N ALA G 158 80.94 49.13 0.41
CA ALA G 158 79.77 48.55 1.07
C ALA G 158 78.53 49.42 0.95
N GLY G 159 78.68 50.66 0.51
CA GLY G 159 77.54 51.55 0.37
C GLY G 159 76.81 51.41 -0.94
N PHE G 160 77.33 50.62 -1.86
CA PHE G 160 76.76 50.51 -3.19
C PHE G 160 75.31 50.05 -3.22
N PRO G 161 74.93 48.94 -2.59
CA PRO G 161 73.60 48.37 -2.88
C PRO G 161 72.43 49.28 -2.53
N CYS G 162 72.46 49.93 -1.37
CA CYS G 162 71.25 50.58 -0.87
C CYS G 162 70.94 51.89 -1.57
N CYS G 163 71.89 52.82 -1.66
CA CYS G 163 71.54 54.14 -2.19
C CYS G 163 72.61 54.62 -3.16
N ARG G 164 72.30 55.74 -3.82
CA ARG G 164 73.22 56.35 -4.77
C ARG G 164 73.03 57.87 -4.77
N SER G 165 74.14 58.59 -4.55
CA SER G 165 74.13 60.04 -4.65
C SER G 165 75.38 60.60 -5.31
N ALA G 166 76.33 59.76 -5.70
CA ALA G 166 77.64 60.19 -6.14
C ALA G 166 77.60 60.63 -7.61
N PRO G 167 78.74 61.11 -8.16
CA PRO G 167 78.80 61.44 -9.59
C PRO G 167 78.57 60.26 -10.52
N SER G 168 78.62 60.54 -11.83
CA SER G 168 78.21 59.55 -12.82
C SER G 168 79.11 58.32 -12.80
N ASP G 169 80.43 58.52 -12.80
CA ASP G 169 81.33 57.37 -12.89
C ASP G 169 81.13 56.41 -11.73
N VAL G 170 80.86 56.95 -10.54
CA VAL G 170 80.64 56.09 -9.39
C VAL G 170 79.37 55.26 -9.58
N ILE G 171 78.29 55.89 -10.03
CA ILE G 171 77.06 55.11 -10.17
C ILE G 171 77.18 54.11 -11.31
N LEU G 172 78.02 54.41 -12.31
CA LEU G 172 78.24 53.45 -13.39
C LEU G 172 79.00 52.23 -12.89
N VAL G 173 80.09 52.44 -12.15
CA VAL G 173 80.80 51.29 -11.61
C VAL G 173 79.90 50.53 -10.63
N ARG G 174 79.00 51.26 -9.95
CA ARG G 174 78.02 50.61 -9.09
C ARG G 174 77.10 49.68 -9.90
N ASP G 175 76.54 50.21 -10.99
CA ASP G 175 75.70 49.39 -11.85
C ASP G 175 76.45 48.16 -12.36
N GLU G 176 77.73 48.34 -12.68
CA GLU G 176 78.50 47.22 -13.20
C GLU G 176 78.69 46.14 -12.13
N ILE G 177 79.08 46.54 -10.91
CA ILE G 177 79.24 45.57 -9.85
C ILE G 177 77.93 44.85 -9.58
N ALA G 178 76.82 45.59 -9.60
CA ALA G 178 75.53 44.98 -9.34
C ALA G 178 75.19 43.93 -10.39
N LEU G 179 75.41 44.25 -11.67
CA LEU G 179 75.13 43.28 -12.72
C LEU G 179 76.00 42.04 -12.58
N LEU G 180 77.28 42.23 -12.30
CA LEU G 180 78.16 41.08 -12.10
C LEU G 180 77.65 40.19 -10.98
N HIS G 181 77.27 40.79 -9.86
CA HIS G 181 76.85 39.98 -8.72
C HIS G 181 75.52 39.29 -9.00
N ARG G 182 74.62 39.95 -9.71
CA ARG G 182 73.36 39.29 -10.07
C ARG G 182 73.62 38.10 -10.98
N TYR G 183 74.53 38.25 -11.93
CA TYR G 183 74.90 37.12 -12.78
C TYR G 183 75.41 35.96 -11.94
N GLN G 184 76.32 36.24 -11.00
CA GLN G 184 76.85 35.18 -10.17
C GLN G 184 75.75 34.51 -9.37
N SER G 185 74.82 35.29 -8.83
CA SER G 185 73.74 34.71 -8.05
C SER G 185 72.89 33.77 -8.89
N GLN G 186 72.51 34.22 -10.09
CA GLN G 186 71.63 33.38 -10.90
C GLN G 186 72.34 32.11 -11.37
N MET G 187 73.62 32.20 -11.72
CA MET G 187 74.33 30.99 -12.07
C MET G 187 74.42 30.03 -10.90
N LEU G 188 74.70 30.55 -9.70
CA LEU G 188 74.75 29.68 -8.53
C LEU G 188 73.40 29.01 -8.32
N GLY G 189 72.31 29.75 -8.55
CA GLY G 189 70.99 29.16 -8.40
C GLY G 189 70.74 28.02 -9.36
N TRP G 190 71.09 28.22 -10.64
CA TRP G 190 70.90 27.16 -11.60
C TRP G 190 71.75 25.95 -11.26
N ILE G 191 72.96 26.18 -10.78
CA ILE G 191 73.81 25.07 -10.37
C ILE G 191 73.16 24.30 -9.23
N LEU G 192 72.63 25.02 -8.25
CA LEU G 192 71.96 24.35 -7.14
C LEU G 192 70.78 23.51 -7.63
N ILE G 193 69.98 24.06 -8.55
CA ILE G 193 68.84 23.30 -9.06
C ILE G 193 69.30 22.04 -9.77
N THR G 194 70.28 22.15 -10.67
CA THR G 194 70.68 20.97 -11.43
C THR G 194 71.30 19.91 -10.52
N LEU G 195 72.12 20.33 -9.55
CA LEU G 195 72.73 19.36 -8.66
C LEU G 195 71.67 18.69 -7.80
N ALA G 196 70.71 19.47 -7.29
CA ALA G 196 69.65 18.89 -6.49
C ALA G 196 68.85 17.88 -7.28
N THR G 197 68.51 18.20 -8.52
CA THR G 197 67.73 17.27 -9.33
C THR G 197 68.49 15.99 -9.61
N ILE G 198 69.76 16.11 -10.01
CA ILE G 198 70.51 14.90 -10.34
C ILE G 198 70.72 14.05 -9.09
N ALA G 199 70.93 14.69 -7.94
CA ALA G 199 71.09 13.93 -6.70
C ALA G 199 69.79 13.23 -6.33
N ALA G 200 68.66 13.93 -6.44
CA ALA G 200 67.39 13.31 -6.12
C ALA G 200 67.14 12.10 -7.02
N LEU G 201 67.42 12.24 -8.32
CA LEU G 201 67.18 11.13 -9.23
C LEU G 201 68.05 9.94 -8.91
N VAL G 202 69.37 10.17 -8.75
CA VAL G 202 70.25 9.04 -8.47
C VAL G 202 69.91 8.40 -7.13
N SER G 203 69.49 9.20 -6.16
CA SER G 203 69.14 8.65 -4.86
C SER G 203 67.87 7.82 -4.93
N CYS G 204 66.86 8.30 -5.66
CA CYS G 204 65.64 7.51 -5.79
C CYS G 204 65.92 6.21 -6.52
N CYS G 205 66.78 6.26 -7.55
CA CYS G 205 67.10 5.03 -8.28
C CYS G 205 67.85 4.05 -7.39
N VAL G 206 68.79 4.55 -6.58
CA VAL G 206 69.51 3.69 -5.66
C VAL G 206 68.56 3.06 -4.65
N ALA G 207 67.62 3.85 -4.13
CA ALA G 207 66.66 3.31 -3.18
C ALA G 207 65.81 2.23 -3.81
N LYS G 208 65.40 2.43 -5.07
CA LYS G 208 64.64 1.40 -5.76
C LYS G 208 65.50 0.17 -6.01
N CYS G 209 66.81 0.36 -6.18
CA CYS G 209 67.71 -0.75 -6.42
C CYS G 209 67.88 -1.61 -5.18
N CYS G 210 68.25 -0.98 -4.06
CA CYS G 210 68.53 -1.70 -2.84
C CYS G 210 67.27 -2.22 -2.15
N SER G 211 66.10 -1.99 -2.71
CA SER G 211 64.88 -2.43 -2.08
C SER G 211 64.78 -3.95 -2.13
N PRO G 212 64.40 -4.60 -1.03
CA PRO G 212 64.23 -6.06 -1.06
C PRO G 212 62.89 -6.51 -1.59
N LEU G 213 61.95 -5.60 -1.82
CA LEU G 213 60.62 -5.99 -2.23
C LEU G 213 60.44 -5.84 -3.74
N THR G 214 59.39 -6.47 -4.25
CA THR G 214 59.10 -6.46 -5.68
C THR G 214 58.37 -5.19 -6.05
N SER G 215 57.87 -5.13 -7.28
CA SER G 215 57.12 -3.98 -7.76
C SER G 215 55.68 -3.97 -7.26
N LEU G 216 55.24 -5.03 -6.59
CA LEU G 216 53.88 -5.14 -6.08
C LEU G 216 53.80 -5.16 -4.57
N GLN G 217 54.75 -5.81 -3.90
CA GLN G 217 54.75 -5.83 -2.45
C GLN G 217 54.87 -4.42 -1.88
N HIS G 218 55.52 -3.51 -2.60
CA HIS G 218 55.72 -2.15 -2.08
C HIS G 218 54.39 -1.42 -1.93
N CYS G 219 53.53 -1.48 -2.94
CA CYS G 219 52.24 -0.80 -2.85
C CYS G 219 51.40 -1.39 -1.75
N TYR G 220 51.33 -2.72 -1.70
CA TYR G 220 50.65 -3.40 -0.60
C TYR G 220 51.18 -2.91 0.75
N TRP G 221 52.50 -2.72 0.84
CA TRP G 221 53.10 -2.33 2.10
C TRP G 221 52.68 -0.92 2.50
N THR G 222 52.68 0.01 1.56
CA THR G 222 52.27 1.37 1.89
C THR G 222 50.82 1.42 2.32
N SER G 223 49.95 0.72 1.60
CA SER G 223 48.55 0.67 2.00
C SER G 223 48.41 0.05 3.38
N HIS G 224 49.20 -0.99 3.65
CA HIS G 224 49.21 -1.60 4.97
C HIS G 224 49.50 -0.58 6.05
N LEU G 225 50.59 0.19 5.88
CA LEU G 225 50.97 1.17 6.89
C LEU G 225 49.85 2.19 7.12
N GLN G 226 49.39 2.82 6.04
CA GLN G 226 48.41 3.89 6.19
C GLN G 226 47.13 3.38 6.86
N ASN G 227 46.55 2.31 6.31
CA ASN G 227 45.30 1.81 6.87
C ASN G 227 45.48 1.29 8.28
N GLU G 228 46.65 0.72 8.59
CA GLU G 228 46.92 0.31 9.95
C GLU G 228 46.80 1.49 10.91
N ARG G 229 47.52 2.57 10.62
CA ARG G 229 47.46 3.74 11.50
C ARG G 229 46.02 4.19 11.69
N GLU G 230 45.30 4.39 10.58
CA GLU G 230 43.95 4.95 10.68
C GLU G 230 43.03 4.04 11.49
N LEU G 231 43.00 2.74 11.16
CA LEU G 231 42.08 1.84 11.83
C LEU G 231 42.41 1.71 13.31
N PHE G 232 43.69 1.61 13.65
CA PHE G 232 44.02 1.50 15.06
C PHE G 232 43.58 2.74 15.83
N GLU G 233 43.76 3.92 15.23
CA GLU G 233 43.28 5.13 15.90
C GLU G 233 41.79 5.05 16.17
N GLN G 234 41.01 4.72 15.14
CA GLN G 234 39.56 4.68 15.31
C GLN G 234 39.16 3.66 16.37
N ALA G 235 39.79 2.48 16.34
CA ALA G 235 39.42 1.43 17.27
C ALA G 235 39.76 1.82 18.71
N ALA G 236 40.95 2.35 18.92
CA ALA G 236 41.31 2.76 20.28
C ALA G 236 40.34 3.81 20.80
N GLU G 237 40.00 4.78 19.96
CA GLU G 237 39.04 5.80 20.39
C GLU G 237 37.73 5.15 20.82
N GLN G 238 37.16 4.31 19.96
CA GLN G 238 35.85 3.73 20.27
C GLN G 238 35.91 2.86 21.52
N HIS G 239 36.98 2.09 21.69
CA HIS G 239 37.10 1.21 22.84
C HIS G 239 37.18 2.01 24.13
N SER G 240 38.02 3.04 24.16
CA SER G 240 38.11 3.83 25.37
C SER G 240 36.79 4.53 25.66
N ARG G 241 36.10 4.98 24.62
CA ARG G 241 34.81 5.60 24.83
C ARG G 241 33.84 4.62 25.48
N LEU G 242 33.80 3.39 24.97
CA LEU G 242 32.89 2.41 25.56
C LEU G 242 33.24 2.11 27.01
N LEU G 243 34.52 1.97 27.31
CA LEU G 243 34.91 1.66 28.68
C LEU G 243 34.55 2.80 29.63
N MET G 244 34.83 4.04 29.23
CA MET G 244 34.46 5.16 30.09
C MET G 244 32.95 5.23 30.24
N MET G 245 32.21 4.90 29.18
CA MET G 245 30.75 4.89 29.26
C MET G 245 30.27 3.85 30.26
N HIS G 246 30.91 2.68 30.27
CA HIS G 246 30.53 1.66 31.23
C HIS G 246 30.82 2.11 32.66
N ARG G 247 31.97 2.75 32.89
CA ARG G 247 32.24 3.26 34.23
C ARG G 247 31.21 4.29 34.64
N ILE G 248 30.84 5.18 33.73
CA ILE G 248 29.83 6.17 34.04
C ILE G 248 28.52 5.50 34.42
N LYS G 249 28.11 4.49 33.64
CA LYS G 249 26.85 3.82 33.95
C LYS G 249 26.90 3.09 35.27
N LYS G 250 28.06 2.53 35.62
CA LYS G 250 28.20 1.90 36.93
C LYS G 250 28.08 2.93 38.04
N LEU G 251 28.58 4.14 37.82
CA LEU G 251 28.51 5.15 38.86
C LEU G 251 27.09 5.72 38.99
N PHE G 252 26.60 6.37 37.93
CA PHE G 252 25.33 7.08 38.03
C PHE G 252 24.14 6.16 37.88
N GLY G 253 24.28 5.05 37.19
CA GLY G 253 23.22 4.08 37.07
C GLY G 253 22.55 4.01 35.72
N PHE G 254 23.18 4.52 34.65
CA PHE G 254 22.57 4.52 33.34
C PHE G 254 23.63 4.88 32.32
N ILE G 255 23.40 4.45 31.09
CA ILE G 255 24.33 4.78 30.00
C ILE G 255 24.04 6.21 29.55
N PRO G 256 25.05 7.06 29.39
CA PRO G 256 24.76 8.45 29.05
C PRO G 256 24.05 8.62 27.72
N GLY G 257 24.42 7.84 26.71
CA GLY G 257 23.79 7.95 25.41
C GLY G 257 22.34 7.51 25.41
N SER G 258 21.78 7.28 26.59
CA SER G 258 20.42 6.79 26.70
C SER G 258 19.40 7.92 26.77
N GLU G 259 18.14 7.51 26.67
CA GLU G 259 16.97 8.37 26.81
C GLU G 259 15.88 7.64 27.58
N ASP G 260 15.02 8.44 28.23
CA ASP G 260 13.88 7.96 29.02
C ASP G 260 14.28 6.92 30.06
N VAL G 261 15.45 7.14 30.67
CA VAL G 261 15.95 6.21 31.68
C VAL G 261 15.04 6.27 32.89
N LYS G 262 14.65 5.11 33.39
CA LYS G 262 13.74 5.04 34.52
C LYS G 262 14.43 4.67 35.82
N HIS G 263 15.77 4.72 35.87
CA HIS G 263 16.44 4.41 37.13
C HIS G 263 17.68 5.28 37.29
N ILE G 264 17.84 5.88 38.46
CA ILE G 264 18.92 6.80 38.77
C ILE G 264 19.57 6.38 40.07
N ARG G 265 20.90 6.33 40.10
CA ARG G 265 21.63 5.96 41.30
C ARG G 265 22.36 7.19 41.82
N ILE G 266 22.00 7.65 43.00
CA ILE G 266 22.71 8.79 43.60
C ILE G 266 24.09 8.35 44.06
N PRO G 267 25.14 9.11 43.75
CA PRO G 267 26.48 8.70 44.16
C PRO G 267 26.70 8.90 45.64
N SER G 268 27.67 8.17 46.18
CA SER G 268 28.06 8.33 47.56
C SER G 268 29.23 9.30 47.65
N CYS G 269 29.51 9.77 48.86
CA CYS G 269 30.61 10.71 49.05
C CYS G 269 31.97 10.08 48.82
N GLN G 270 32.03 8.78 48.54
CA GLN G 270 33.27 8.10 48.21
C GLN G 270 33.41 7.75 46.74
N ASP G 271 32.29 7.48 46.06
CA ASP G 271 32.33 7.14 44.64
C ASP G 271 33.09 8.20 43.84
N TRP G 272 32.95 9.46 44.22
CA TRP G 272 33.74 10.52 43.60
C TRP G 272 35.22 10.25 43.79
N LYS G 273 35.61 9.80 44.99
CA LYS G 273 37.01 9.46 45.23
C LYS G 273 37.44 8.29 44.35
N ASP G 274 36.52 7.36 44.09
CA ASP G 274 36.88 6.20 43.27
C ASP G 274 37.10 6.58 41.82
N ILE G 275 36.17 7.33 41.22
CA ILE G 275 36.27 7.66 39.81
C ILE G 275 37.41 8.62 39.53
N SER G 276 38.05 9.13 40.59
CA SER G 276 39.11 10.11 40.43
C SER G 276 40.30 9.56 39.65
N VAL G 277 40.60 8.27 39.76
CA VAL G 277 41.78 7.73 39.09
C VAL G 277 41.40 7.29 37.68
N PRO G 278 42.32 7.40 36.72
CA PRO G 278 41.98 7.16 35.31
C PRO G 278 42.28 5.74 34.82
N THR G 279 42.90 4.90 35.64
CA THR G 279 43.25 3.51 35.32
C THR G 279 44.28 3.45 34.19
N LEU G 280 44.67 4.59 33.63
CA LEU G 280 45.66 4.65 32.56
C LEU G 280 45.27 3.77 31.37
N THR H 4 27.29 18.03 6.20
CA THR H 4 28.69 17.66 6.02
C THR H 4 29.61 18.68 6.69
N LEU H 5 29.02 19.79 7.12
CA LEU H 5 29.82 20.87 7.71
C LEU H 5 30.57 20.40 8.95
N ASN H 6 29.83 19.89 9.94
CA ASN H 6 30.43 19.53 11.23
C ASN H 6 31.55 18.51 11.09
N ASN H 7 31.50 17.66 10.07
CA ASN H 7 32.62 16.75 9.80
C ASN H 7 33.91 17.52 9.57
N ILE H 8 33.90 18.44 8.60
CA ILE H 8 35.13 19.19 8.30
C ILE H 8 35.49 20.12 9.46
N VAL H 9 34.50 20.62 10.19
CA VAL H 9 34.79 21.46 11.35
C VAL H 9 35.57 20.69 12.39
N SER H 10 35.10 19.49 12.73
CA SER H 10 35.83 18.68 13.69
C SER H 10 37.18 18.24 13.15
N SER H 11 37.27 17.99 11.84
CA SER H 11 38.54 17.55 11.27
C SER H 11 39.60 18.64 11.42
N LEU H 12 39.24 19.88 11.10
CA LEU H 12 40.20 20.97 11.29
C LEU H 12 40.44 21.23 12.77
N GLN H 13 39.40 21.11 13.61
CA GLN H 13 39.56 21.38 15.03
C GLN H 13 40.54 20.42 15.69
N ARG H 14 40.59 19.18 15.22
CA ARG H 14 41.61 18.27 15.73
C ARG H 14 42.98 18.60 15.16
N ASN H 15 43.03 19.11 13.93
CA ASN H 15 44.28 19.36 13.24
C ASN H 15 45.03 20.49 13.95
N GLY H 16 46.14 20.14 14.61
CA GLY H 16 46.93 21.14 15.31
C GLY H 16 47.58 22.16 14.41
N ILE H 17 47.99 21.75 13.20
CA ILE H 17 48.71 22.64 12.30
C ILE H 17 47.87 23.86 11.96
N PHE H 18 46.60 23.64 11.62
CA PHE H 18 45.75 24.76 11.24
C PHE H 18 45.53 25.72 12.41
N ILE H 19 45.32 25.17 13.60
CA ILE H 19 45.10 26.03 14.76
C ILE H 19 46.32 26.87 15.05
N ASN H 20 47.50 26.25 15.04
CA ASN H 20 48.72 27.00 15.30
C ASN H 20 48.96 28.07 14.24
N SER H 21 48.72 27.72 12.97
CA SER H 21 48.91 28.71 11.91
C SER H 21 47.96 29.87 12.06
N LEU H 22 46.71 29.60 12.43
CA LEU H 22 45.76 30.68 12.62
C LEU H 22 46.17 31.57 13.77
N ILE H 23 46.65 30.99 14.87
CA ILE H 23 47.13 31.79 15.99
C ILE H 23 48.26 32.69 15.55
N ALA H 24 49.22 32.14 14.81
CA ALA H 24 50.35 32.96 14.36
C ALA H 24 49.89 34.09 13.46
N ALA H 25 48.98 33.81 12.52
CA ALA H 25 48.51 34.87 11.63
C ALA H 25 47.79 35.96 12.41
N LEU H 26 46.95 35.56 13.36
CA LEU H 26 46.25 36.53 14.20
C LEU H 26 47.22 37.41 14.96
N THR H 27 48.26 36.82 15.53
CA THR H 27 49.23 37.62 16.25
C THR H 27 49.98 38.57 15.33
N ILE H 28 50.30 38.13 14.12
CA ILE H 28 50.99 39.02 13.19
C ILE H 28 50.12 40.22 12.87
N GLY H 29 48.87 39.96 12.49
CA GLY H 29 47.97 41.06 12.15
C GLY H 29 47.76 42.01 13.31
N GLY H 30 47.50 41.45 14.50
CA GLY H 30 47.28 42.29 15.66
C GLY H 30 48.49 43.14 15.99
N GLN H 31 49.69 42.55 15.92
CA GLN H 31 50.90 43.33 16.17
C GLN H 31 51.04 44.46 15.18
N GLN H 32 50.78 44.18 13.90
CA GLN H 32 50.93 45.22 12.89
C GLN H 32 49.98 46.36 13.17
N LEU H 33 48.70 46.07 13.40
CA LEU H 33 47.72 47.13 13.68
C LEU H 33 48.13 47.91 14.92
N PHE H 34 48.49 47.20 15.99
CA PHE H 34 48.89 47.83 17.23
C PHE H 34 50.05 48.81 17.01
N SER H 35 51.13 48.32 16.42
CA SER H 35 52.29 49.17 16.21
C SER H 35 51.96 50.36 15.33
N SER H 36 51.15 50.14 14.28
CA SER H 36 50.84 51.25 13.39
C SER H 36 49.98 52.30 14.08
N SER H 37 49.19 51.90 15.07
CA SER H 37 48.25 52.86 15.63
C SER H 37 48.84 53.65 16.80
N THR H 38 49.38 52.96 17.80
CA THR H 38 49.65 53.62 19.08
C THR H 38 51.12 53.56 19.47
N PHE H 39 52.03 53.90 18.56
CA PHE H 39 53.45 53.88 18.86
C PHE H 39 54.10 55.18 18.43
N SER H 40 54.87 55.79 19.33
CA SER H 40 55.63 56.99 19.02
C SER H 40 56.76 57.09 20.03
N CYS H 41 57.99 57.24 19.52
CA CYS H 41 59.15 57.25 20.40
C CYS H 41 59.07 58.48 21.30
N PRO H 42 59.38 58.34 22.59
CA PRO H 42 59.34 59.52 23.47
C PRO H 42 60.40 60.57 23.18
N CYS H 43 61.59 60.17 22.74
CA CYS H 43 62.67 61.12 22.48
C CYS H 43 62.97 61.97 23.71
N GLN H 44 62.81 61.37 24.89
CA GLN H 44 63.16 62.01 26.15
C GLN H 44 64.62 61.72 26.46
N VAL H 45 65.04 62.03 27.68
CA VAL H 45 66.45 61.97 28.03
C VAL H 45 66.86 60.57 28.47
N GLY H 46 66.18 60.01 29.47
CA GLY H 46 66.53 58.71 29.99
C GLY H 46 65.37 57.76 29.98
N LYS H 47 64.20 58.24 29.55
CA LYS H 47 62.96 57.48 29.58
C LYS H 47 62.61 56.89 28.22
N ASN H 48 63.62 56.57 27.41
CA ASN H 48 63.40 55.95 26.11
C ASN H 48 63.51 54.43 26.17
N PHE H 49 64.55 53.94 26.85
CA PHE H 49 64.80 52.50 26.88
C PHE H 49 63.63 51.74 27.49
N TYR H 50 63.00 52.32 28.51
CA TYR H 50 61.84 51.66 29.09
C TYR H 50 60.69 51.62 28.10
N TYR H 51 60.46 52.72 27.39
CA TYR H 51 59.34 52.76 26.45
C TYR H 51 59.56 51.76 25.33
N GLY H 52 60.80 51.43 25.03
CA GLY H 52 61.04 50.38 24.06
C GLY H 52 60.83 49.00 24.66
N SER H 53 61.47 48.75 25.80
CA SER H 53 61.43 47.44 26.39
C SER H 53 60.02 47.01 26.74
N ALA H 54 59.16 47.94 27.14
CA ALA H 54 57.79 47.57 27.47
C ALA H 54 57.10 46.94 26.27
N PHE H 55 57.04 47.67 25.16
CA PHE H 55 56.40 47.12 23.96
C PHE H 55 57.11 45.87 23.48
N LEU H 56 58.41 45.74 23.76
CA LEU H 56 59.11 44.56 23.26
C LEU H 56 58.77 43.32 24.07
N VAL H 57 58.60 43.46 25.38
CA VAL H 57 58.55 42.31 26.28
C VAL H 57 57.14 42.06 26.81
N ILE H 58 56.51 43.08 27.39
CA ILE H 58 55.28 42.86 28.16
C ILE H 58 54.23 42.09 27.37
N PRO H 59 53.95 42.40 26.10
CA PRO H 59 53.02 41.54 25.34
C PRO H 59 53.43 40.10 25.30
N ALA H 60 54.74 39.80 25.27
CA ALA H 60 55.16 38.41 25.28
C ALA H 60 54.71 37.72 26.56
N LEU H 61 55.01 38.32 27.70
CA LEU H 61 54.59 37.72 28.97
C LEU H 61 53.08 37.57 29.05
N ILE H 62 52.35 38.61 28.64
CA ILE H 62 50.89 38.55 28.72
C ILE H 62 50.35 37.42 27.85
N LEU H 63 50.78 37.37 26.59
CA LEU H 63 50.25 36.36 25.69
C LEU H 63 50.67 34.97 26.13
N LEU H 64 51.88 34.82 26.67
CA LEU H 64 52.32 33.51 27.14
C LEU H 64 51.49 33.04 28.33
N VAL H 65 51.32 33.89 29.33
CA VAL H 65 50.51 33.50 30.48
C VAL H 65 49.07 33.22 30.05
N ALA H 66 48.56 34.00 29.11
CA ALA H 66 47.19 33.76 28.66
C ALA H 66 47.07 32.43 27.92
N GLY H 67 48.01 32.14 27.03
CA GLY H 67 48.02 30.88 26.31
C GLY H 67 48.24 29.67 27.20
N PHE H 68 48.88 29.86 28.34
CA PHE H 68 49.04 28.76 29.29
C PHE H 68 47.80 28.57 30.13
N ALA H 69 47.35 29.63 30.81
CA ALA H 69 46.27 29.53 31.77
C ALA H 69 44.93 29.20 31.14
N LEU H 70 44.73 29.52 29.87
CA LEU H 70 43.44 29.28 29.24
C LEU H 70 43.19 27.83 28.88
N ARG H 71 44.20 26.98 28.93
CA ARG H 71 44.02 25.58 28.59
C ARG H 71 43.42 24.86 29.79
N SER H 72 42.22 24.33 29.60
CA SER H 72 41.50 23.68 30.70
C SER H 72 42.33 22.59 31.36
N GLN H 73 43.05 21.80 30.56
CA GLN H 73 43.76 20.66 31.12
C GLN H 73 44.86 21.11 32.08
N MET H 74 45.45 22.28 31.85
CA MET H 74 46.51 22.74 32.73
C MET H 74 46.01 22.96 34.15
N TRP H 75 44.77 23.44 34.29
CA TRP H 75 44.22 23.62 35.62
C TRP H 75 44.05 22.27 36.33
N THR H 76 43.58 21.26 35.60
CA THR H 76 43.41 19.94 36.20
C THR H 76 44.76 19.35 36.61
N ILE H 77 45.78 19.53 35.77
CA ILE H 77 47.10 19.01 36.11
C ILE H 77 47.64 19.71 37.35
N THR H 78 47.48 21.03 37.43
CA THR H 78 47.90 21.74 38.63
C THR H 78 47.14 21.25 39.86
N GLY H 79 45.83 21.01 39.72
CA GLY H 79 45.07 20.49 40.84
C GLY H 79 45.58 19.14 41.31
N GLU H 80 45.94 18.27 40.35
CA GLU H 80 46.64 17.05 40.71
C GLU H 80 47.94 17.34 41.45
N TYR H 81 48.63 18.41 41.05
CA TYR H 81 49.90 18.75 41.69
C TYR H 81 49.71 19.56 42.96
N CYS H 82 48.85 20.58 42.93
CA CYS H 82 48.69 21.46 44.07
C CYS H 82 48.05 20.72 45.24
N CYS H 83 48.19 21.31 46.43
CA CYS H 83 47.61 20.74 47.64
C CYS H 83 46.11 20.96 47.68
N PRO H 94 56.22 7.42 40.13
CA PRO H 94 56.04 6.24 39.28
C PRO H 94 55.72 6.61 37.84
N LEU H 95 54.55 6.19 37.35
CA LEU H 95 54.15 6.51 35.99
C LEU H 95 53.32 7.78 35.92
N GLU H 96 52.58 8.08 36.98
CA GLU H 96 51.72 9.27 36.97
C GLU H 96 52.53 10.54 36.79
N CYS H 97 53.73 10.59 37.38
CA CYS H 97 54.56 11.78 37.26
C CYS H 97 55.00 12.00 35.81
N LYS H 98 55.51 10.95 35.18
CA LYS H 98 55.95 11.08 33.78
C LYS H 98 54.78 11.43 32.87
N LEU H 99 53.61 10.84 33.12
CA LEU H 99 52.46 11.16 32.30
C LEU H 99 52.03 12.60 32.48
N ALA H 100 52.04 13.11 33.71
CA ALA H 100 51.74 14.51 33.94
C ALA H 100 52.74 15.39 33.22
N CYS H 101 54.02 15.01 33.23
CA CYS H 101 55.02 15.81 32.55
C CYS H 101 54.76 15.86 31.05
N LEU H 102 54.36 14.72 30.47
CA LEU H 102 54.06 14.70 29.05
C LEU H 102 52.83 15.55 28.72
N ARG H 103 51.81 15.48 29.56
CA ARG H 103 50.62 16.30 29.36
C ARG H 103 50.96 17.79 29.38
N PHE H 104 51.68 18.21 30.43
CA PHE H 104 52.12 19.60 30.55
C PHE H 104 52.95 20.01 29.36
N PHE H 105 53.81 19.11 28.87
CA PHE H 105 54.67 19.45 27.74
C PHE H 105 53.84 19.67 26.48
N SER H 106 52.82 18.84 26.26
CA SER H 106 51.98 19.05 25.08
C SER H 106 51.28 20.39 25.15
N ILE H 107 50.72 20.72 26.31
CA ILE H 107 50.06 22.02 26.43
C ILE H 107 51.04 23.16 26.20
N THR H 108 52.27 23.01 26.72
CA THR H 108 53.29 24.02 26.47
C THR H 108 53.59 24.17 24.98
N GLY H 109 53.72 23.05 24.29
CA GLY H 109 53.96 23.11 22.86
C GLY H 109 52.86 23.85 22.12
N ARG H 110 51.64 23.76 22.62
CA ARG H 110 50.59 24.57 22.02
C ARG H 110 50.76 26.05 22.37
N ALA H 111 51.05 26.35 23.63
CA ALA H 111 50.94 27.72 24.11
C ALA H 111 52.10 28.60 23.68
N VAL H 112 53.28 28.03 23.47
CA VAL H 112 54.46 28.85 23.18
C VAL H 112 54.40 29.55 21.84
N ILE H 113 53.48 29.16 20.96
CA ILE H 113 53.49 29.69 19.59
C ILE H 113 53.24 31.19 19.57
N ALA H 114 52.47 31.72 20.51
CA ALA H 114 52.09 33.13 20.41
C ALA H 114 53.23 34.07 20.79
N PRO H 115 53.83 33.96 21.98
CA PRO H 115 54.87 34.93 22.33
C PRO H 115 56.05 34.91 21.40
N LEU H 116 56.46 33.73 20.95
CA LEU H 116 57.64 33.65 20.09
C LEU H 116 57.36 34.31 18.74
N THR H 117 56.15 34.13 18.20
CA THR H 117 55.86 34.79 16.95
C THR H 117 55.71 36.29 17.12
N TRP H 118 55.21 36.74 18.28
CA TRP H 118 55.16 38.18 18.52
C TRP H 118 56.57 38.77 18.55
N LEU H 119 57.45 38.18 19.36
CA LEU H 119 58.84 38.62 19.39
C LEU H 119 59.47 38.60 18.01
N ALA H 120 59.22 37.53 17.25
CA ALA H 120 59.84 37.41 15.94
C ALA H 120 59.41 38.54 15.03
N VAL H 121 58.10 38.79 14.94
CA VAL H 121 57.63 39.80 13.99
C VAL H 121 58.07 41.19 14.44
N THR H 122 58.08 41.44 15.75
CA THR H 122 58.44 42.79 16.19
C THR H 122 59.94 43.03 16.06
N LEU H 123 60.76 42.00 16.17
CA LEU H 123 62.18 42.20 15.94
C LEU H 123 62.48 42.32 14.46
N LEU H 124 61.76 41.56 13.61
CA LEU H 124 62.03 41.62 12.19
C LEU H 124 61.63 42.96 11.61
N THR H 125 60.46 43.48 11.99
CA THR H 125 60.14 44.85 11.60
C THR H 125 61.10 45.82 12.24
N GLY H 126 61.51 45.54 13.48
CA GLY H 126 62.59 46.26 14.14
C GLY H 126 62.28 47.65 14.60
N THR H 127 61.15 48.23 14.20
CA THR H 127 60.86 49.61 14.57
C THR H 127 60.76 49.79 16.07
N TYR H 128 60.59 48.72 16.83
CA TYR H 128 60.59 48.83 18.29
C TYR H 128 62.00 48.93 18.83
N TYR H 129 62.91 48.11 18.31
CA TYR H 129 64.22 48.01 18.91
C TYR H 129 64.99 49.32 18.78
N GLU H 130 64.85 50.00 17.64
CA GLU H 130 65.57 51.26 17.46
C GLU H 130 65.18 52.26 18.54
N CYS H 131 63.90 52.34 18.89
CA CYS H 131 63.49 53.18 20.00
C CYS H 131 63.98 52.61 21.32
N ALA H 132 64.13 51.29 21.39
CA ALA H 132 64.54 50.69 22.66
C ALA H 132 65.96 51.06 23.03
N ALA H 133 66.86 51.09 22.04
CA ALA H 133 68.27 51.33 22.31
C ALA H 133 68.81 52.43 21.42
N SER H 134 68.05 53.50 21.24
CA SER H 134 68.53 54.64 20.48
C SER H 134 69.51 55.49 21.27
N GLU H 135 69.74 55.17 22.54
CA GLU H 135 70.68 55.94 23.35
C GLU H 135 72.01 55.26 23.55
N PHE H 136 72.08 53.94 23.35
CA PHE H 136 73.32 53.21 23.61
C PHE H 136 74.29 53.24 22.45
N ALA H 137 74.01 53.98 21.37
CA ALA H 137 74.88 53.97 20.21
C ALA H 137 76.26 54.50 20.58
N SER H 138 77.27 53.69 20.38
CA SER H 138 78.65 54.06 20.70
C SER H 138 79.14 55.05 19.66
N VAL H 139 79.19 56.32 20.01
CA VAL H 139 79.66 57.37 19.12
C VAL H 139 81.05 57.79 19.57
N ASP H 140 82.05 57.44 18.76
CA ASP H 140 83.43 57.82 19.02
C ASP H 140 84.17 58.33 17.78
N HIS H 141 83.67 58.08 16.58
CA HIS H 141 84.39 58.41 15.37
C HIS H 141 83.57 59.33 14.47
N TYR H 142 82.99 60.35 15.08
CA TYR H 142 82.19 61.31 14.34
C TYR H 142 82.60 62.73 14.70
N PRO H 143 82.54 63.66 13.74
CA PRO H 143 83.15 64.98 13.96
C PRO H 143 82.30 65.90 14.81
N MET H 144 80.98 65.70 14.81
CA MET H 144 80.08 66.60 15.50
C MET H 144 79.86 66.23 16.97
N PHE H 145 80.41 65.11 17.43
CA PHE H 145 80.29 64.68 18.81
C PHE H 145 81.59 64.83 19.59
N ASP H 146 82.52 65.65 19.11
CA ASP H 146 83.81 65.76 19.78
C ASP H 146 83.77 66.76 20.93
N ASN H 147 83.47 68.02 20.63
CA ASN H 147 83.56 69.07 21.64
C ASN H 147 82.32 69.18 22.50
N VAL H 148 81.18 68.72 21.98
CA VAL H 148 79.91 68.93 22.66
C VAL H 148 79.90 68.23 24.02
N SER H 149 79.10 68.77 24.93
CA SER H 149 79.04 68.23 26.29
C SER H 149 78.34 66.89 26.31
N ALA H 150 78.54 66.16 27.41
CA ALA H 150 77.99 64.82 27.53
C ALA H 150 76.46 64.84 27.54
N SER H 151 75.88 65.65 28.42
CA SER H 151 74.42 65.75 28.46
C SER H 151 73.87 66.29 27.16
N LYS H 152 74.57 67.25 26.54
CA LYS H 152 74.17 67.71 25.22
C LYS H 152 74.20 66.57 24.21
N ARG H 153 75.19 65.68 24.34
CA ARG H 153 75.26 64.52 23.46
C ARG H 153 74.07 63.59 23.69
N GLU H 154 73.71 63.34 24.95
CA GLU H 154 72.54 62.53 25.24
C GLU H 154 71.30 63.13 24.63
N GLU H 155 71.13 64.44 24.79
CA GLU H 155 69.96 65.11 24.24
C GLU H 155 69.89 64.98 22.73
N ILE H 156 71.01 65.24 22.05
CA ILE H 156 71.00 65.18 20.60
C ILE H 156 70.92 63.74 20.10
N LEU H 157 71.32 62.79 20.93
CA LEU H 157 71.31 61.39 20.50
C LEU H 157 69.93 60.78 20.64
N ALA H 158 69.23 61.08 21.73
CA ALA H 158 67.92 60.48 21.94
C ALA H 158 66.84 61.07 21.06
N GLY H 159 67.12 62.19 20.38
CA GLY H 159 66.15 62.79 19.51
C GLY H 159 66.11 62.25 18.11
N PHE H 160 67.05 61.35 17.80
CA PHE H 160 67.17 60.85 16.43
C PHE H 160 65.93 60.15 15.91
N PRO H 161 65.33 59.17 16.60
CA PRO H 161 64.32 58.33 15.92
C PRO H 161 63.09 59.08 15.45
N CYS H 162 62.55 59.99 16.26
CA CYS H 162 61.22 60.52 15.99
C CYS H 162 61.22 61.56 14.86
N CYS H 163 62.07 62.58 14.93
CA CYS H 163 61.95 63.66 13.96
C CYS H 163 63.33 64.07 13.46
N ARG H 164 63.31 64.94 12.45
CA ARG H 164 64.54 65.46 11.87
C ARG H 164 64.31 66.88 11.35
N SER H 165 65.15 67.81 11.81
CA SER H 165 65.13 69.17 11.31
C SER H 165 66.52 69.77 11.15
N ALA H 166 67.58 69.03 11.47
CA ALA H 166 68.94 69.57 11.54
C ALA H 166 69.56 69.63 10.15
N PRO H 167 70.80 70.16 10.04
CA PRO H 167 71.51 70.16 8.75
C PRO H 167 71.81 68.77 8.21
N SER H 168 72.45 68.73 7.03
CA SER H 168 72.59 67.49 6.29
C SER H 168 73.42 66.46 7.05
N ASP H 169 74.59 66.88 7.58
CA ASP H 169 75.47 65.91 8.22
C ASP H 169 74.79 65.23 9.40
N VAL H 170 73.97 65.98 10.14
CA VAL H 170 73.27 65.39 11.27
C VAL H 170 72.27 64.34 10.79
N ILE H 171 71.51 64.65 9.74
CA ILE H 171 70.52 63.66 9.31
C ILE H 171 71.20 62.46 8.68
N LEU H 172 72.40 62.66 8.12
CA LEU H 172 73.13 61.53 7.56
C LEU H 172 73.64 60.59 8.67
N VAL H 173 74.23 61.16 9.72
CA VAL H 173 74.65 60.31 10.82
C VAL H 173 73.43 59.66 11.49
N ARG H 174 72.29 60.35 11.46
CA ARG H 174 71.05 59.76 11.94
C ARG H 174 70.66 58.55 11.11
N ASP H 175 70.65 58.69 9.80
CA ASP H 175 70.34 57.56 8.92
C ASP H 175 71.30 56.40 9.18
N GLU H 176 72.57 56.71 9.41
CA GLU H 176 73.54 55.65 9.63
C GLU H 176 73.26 54.90 10.92
N ILE H 177 73.01 55.64 12.01
CA ILE H 177 72.69 54.98 13.28
C ILE H 177 71.44 54.13 13.15
N ALA H 178 70.44 54.64 12.42
CA ALA H 178 69.20 53.89 12.25
C ALA H 178 69.45 52.59 11.50
N LEU H 179 70.23 52.63 10.43
CA LEU H 179 70.51 51.41 9.68
C LEU H 179 71.27 50.41 10.54
N LEU H 180 72.26 50.87 11.29
CA LEU H 180 72.99 49.97 12.18
C LEU H 180 72.05 49.29 13.16
N HIS H 181 71.17 50.07 13.77
CA HIS H 181 70.29 49.49 14.79
C HIS H 181 69.28 48.53 14.17
N ARG H 182 68.78 48.85 12.97
CA ARG H 182 67.88 47.92 12.31
C ARG H 182 68.57 46.60 11.99
N TYR H 183 69.84 46.68 11.54
CA TYR H 183 70.60 45.47 11.30
C TYR H 183 70.71 44.64 12.56
N GLN H 184 71.05 45.29 13.68
CA GLN H 184 71.17 44.55 14.93
C GLN H 184 69.86 43.89 15.32
N SER H 185 68.75 44.62 15.15
CA SER H 185 67.46 44.07 15.51
C SER H 185 67.15 42.83 14.68
N GLN H 186 67.34 42.91 13.37
CA GLN H 186 66.99 41.77 12.52
C GLN H 186 67.88 40.57 12.81
N MET H 187 69.18 40.79 13.05
CA MET H 187 70.03 39.67 13.41
C MET H 187 69.58 39.03 14.72
N LEU H 188 69.26 39.86 15.71
CA LEU H 188 68.78 39.32 16.98
C LEU H 188 67.52 38.49 16.76
N GLY H 189 66.65 38.96 15.87
CA GLY H 189 65.43 38.21 15.59
C GLY H 189 65.71 36.85 14.99
N TRP H 190 66.61 36.80 14.00
CA TRP H 190 66.93 35.51 13.40
C TRP H 190 67.57 34.59 14.41
N ILE H 191 68.41 35.14 15.30
CA ILE H 191 69.01 34.31 16.33
C ILE H 191 67.94 33.74 17.24
N LEU H 192 66.97 34.56 17.63
CA LEU H 192 65.89 34.06 18.47
C LEU H 192 65.12 32.95 17.77
N ILE H 193 64.82 33.11 16.49
CA ILE H 193 64.09 32.08 15.77
C ILE H 193 64.88 30.78 15.73
N THR H 194 66.16 30.85 15.36
CA THR H 194 66.92 29.60 15.23
C THR H 194 67.09 28.92 16.57
N LEU H 195 67.34 29.67 17.63
CA LEU H 195 67.50 29.05 18.94
C LEU H 195 66.19 28.44 19.41
N ALA H 196 65.07 29.14 19.18
CA ALA H 196 63.78 28.59 19.58
C ALA H 196 63.48 27.30 18.85
N THR H 197 63.76 27.26 17.54
CA THR H 197 63.48 26.06 16.78
C THR H 197 64.35 24.89 17.24
N ILE H 198 65.65 25.13 17.42
CA ILE H 198 66.52 24.02 17.82
C ILE H 198 66.14 23.53 19.22
N ALA H 199 65.76 24.46 20.11
CA ALA H 199 65.36 24.04 21.44
C ALA H 199 64.07 23.25 21.40
N ALA H 200 63.10 23.69 20.61
CA ALA H 200 61.85 22.95 20.50
C ALA H 200 62.10 21.55 19.96
N LEU H 201 62.95 21.42 18.95
CA LEU H 201 63.21 20.11 18.37
C LEU H 201 63.88 19.19 19.38
N VAL H 202 64.95 19.67 20.03
CA VAL H 202 65.66 18.80 20.97
C VAL H 202 64.75 18.45 22.14
N SER H 203 63.88 19.38 22.56
CA SER H 203 63.00 19.09 23.67
C SER H 203 61.94 18.06 23.29
N CYS H 204 61.37 18.18 22.10
CA CYS H 204 60.40 17.18 21.67
C CYS H 204 61.05 15.81 21.54
N CYS H 205 62.27 15.76 21.03
CA CYS H 205 62.96 14.48 20.91
C CYS H 205 63.25 13.88 22.28
N VAL H 206 63.66 14.71 23.23
CA VAL H 206 63.91 14.21 24.57
C VAL H 206 62.63 13.69 25.19
N ALA H 207 61.53 14.40 24.99
CA ALA H 207 60.24 13.96 25.54
C ALA H 207 59.84 12.62 24.94
N LYS H 208 60.06 12.45 23.64
CA LYS H 208 59.76 11.17 23.01
C LYS H 208 60.69 10.08 23.52
N CYS H 209 61.91 10.44 23.89
CA CYS H 209 62.87 9.48 24.41
C CYS H 209 62.46 8.98 25.80
N CYS H 210 62.24 9.91 26.72
CA CYS H 210 61.95 9.55 28.10
C CYS H 210 60.54 9.00 28.29
N SER H 211 59.77 8.89 27.22
CA SER H 211 58.39 8.41 27.35
C SER H 211 58.40 6.93 27.69
N PRO H 212 57.58 6.49 28.65
CA PRO H 212 57.50 5.06 28.97
C PRO H 212 56.59 4.28 28.06
N LEU H 213 55.84 4.94 27.18
CA LEU H 213 54.86 4.25 26.35
C LEU H 213 55.41 4.00 24.95
N THR H 214 54.75 3.09 24.25
CA THR H 214 55.16 2.72 22.90
C THR H 214 54.64 3.74 21.90
N SER H 215 54.78 3.41 20.62
CA SER H 215 54.29 4.28 19.55
C SER H 215 52.79 4.16 19.34
N LEU H 216 52.12 3.23 20.02
CA LEU H 216 50.69 3.00 19.89
C LEU H 216 49.91 3.34 21.14
N GLN H 217 50.46 3.01 22.32
CA GLN H 217 49.78 3.36 23.55
C GLN H 217 49.56 4.85 23.69
N HIS H 218 50.43 5.66 23.10
CA HIS H 218 50.31 7.11 23.23
C HIS H 218 49.03 7.63 22.58
N CYS H 219 48.75 7.18 21.36
CA CYS H 219 47.55 7.63 20.67
C CYS H 219 46.30 7.18 21.41
N TYR H 220 46.28 5.91 21.80
CA TYR H 220 45.20 5.40 22.64
C TYR H 220 45.01 6.27 23.86
N TRP H 221 46.12 6.71 24.47
CA TRP H 221 46.04 7.48 25.70
C TRP H 221 45.42 8.85 25.46
N THR H 222 45.82 9.52 24.39
CA THR H 222 45.26 10.83 24.09
C THR H 222 43.77 10.73 23.82
N SER H 223 43.38 9.75 23.01
CA SER H 223 41.95 9.55 22.76
C SER H 223 41.21 9.25 24.05
N HIS H 224 41.83 8.46 24.92
CA HIS H 224 41.24 8.19 26.24
C HIS H 224 40.94 9.47 26.98
N LEU H 225 41.94 10.34 27.10
CA LEU H 225 41.77 11.60 27.84
C LEU H 225 40.64 12.43 27.25
N GLN H 226 40.70 12.70 25.96
CA GLN H 226 39.72 13.58 25.35
C GLN H 226 38.30 13.04 25.49
N ASN H 227 38.09 11.79 25.09
CA ASN H 227 36.75 11.23 25.14
C ASN H 227 36.27 11.09 26.58
N GLU H 228 37.18 10.82 27.52
CA GLU H 228 36.80 10.79 28.92
C GLU H 228 36.20 12.12 29.34
N ARG H 229 36.92 13.21 29.10
CA ARG H 229 36.40 14.52 29.48
C ARG H 229 35.03 14.77 28.88
N GLU H 230 34.90 14.56 27.57
CA GLU H 230 33.64 14.89 26.90
C GLU H 230 32.49 14.05 27.45
N LEU H 231 32.68 12.74 27.52
CA LEU H 231 31.59 11.87 27.96
C LEU H 231 31.19 12.14 29.38
N PHE H 232 32.15 12.36 30.27
CA PHE H 232 31.79 12.63 31.65
C PHE H 232 30.99 13.93 31.76
N GLU H 233 31.38 14.95 30.98
CA GLU H 233 30.60 16.18 31.00
C GLU H 233 29.16 15.91 30.60
N GLN H 234 28.96 15.22 29.48
CA GLN H 234 27.61 14.98 29.00
C GLN H 234 26.80 14.18 30.01
N ALA H 235 27.41 13.17 30.60
CA ALA H 235 26.70 12.30 31.53
C ALA H 235 26.31 13.06 32.79
N ALA H 236 27.24 13.83 33.35
CA ALA H 236 26.90 14.60 34.54
C ALA H 236 25.76 15.56 34.26
N GLU H 237 25.81 16.24 33.12
CA GLU H 237 24.72 17.15 32.77
C GLU H 237 23.39 16.41 32.74
N GLN H 238 23.32 15.31 32.00
CA GLN H 238 22.06 14.59 31.86
C GLN H 238 21.55 14.07 33.19
N HIS H 239 22.46 13.56 34.03
CA HIS H 239 22.05 13.00 35.32
C HIS H 239 21.49 14.07 36.22
N SER H 240 22.17 15.22 36.32
CA SER H 240 21.65 16.27 37.16
C SER H 240 20.33 16.79 36.64
N ARG H 241 20.18 16.87 35.31
CA ARG H 241 18.91 17.27 34.74
C ARG H 241 17.79 16.33 35.15
N LEU H 242 18.04 15.02 35.06
CA LEU H 242 17.01 14.07 35.44
C LEU H 242 16.66 14.18 36.91
N LEU H 243 17.66 14.34 37.77
CA LEU H 243 17.36 14.43 39.20
C LEU H 243 16.54 15.67 39.52
N MET H 244 16.93 16.82 38.96
CA MET H 244 16.15 18.03 39.20
C MET H 244 14.75 17.87 38.64
N MET H 245 14.61 17.19 37.50
CA MET H 245 13.29 16.95 36.94
C MET H 245 12.44 16.10 37.88
N HIS H 246 13.04 15.09 38.50
CA HIS H 246 12.30 14.28 39.45
C HIS H 246 11.87 15.10 40.67
N ARG H 247 12.75 15.96 41.18
CA ARG H 247 12.34 16.81 42.30
C ARG H 247 11.19 17.72 41.90
N ILE H 248 11.26 18.28 40.70
CA ILE H 248 10.17 19.15 40.24
C ILE H 248 8.87 18.36 40.18
N LYS H 249 8.92 17.14 39.63
CA LYS H 249 7.69 16.37 39.52
C LYS H 249 7.15 15.98 40.89
N LYS H 250 8.03 15.72 41.85
CA LYS H 250 7.56 15.45 43.21
C LYS H 250 6.88 16.67 43.80
N LEU H 251 7.39 17.86 43.49
CA LEU H 251 6.79 19.06 44.06
C LEU H 251 5.46 19.40 43.38
N PHE H 252 5.49 19.69 42.08
CA PHE H 252 4.29 20.18 41.41
C PHE H 252 3.35 19.06 41.02
N GLY H 253 3.85 17.86 40.81
CA GLY H 253 3.03 16.72 40.51
C GLY H 253 3.06 16.23 39.08
N PHE H 254 4.08 16.57 38.32
CA PHE H 254 4.16 16.15 36.93
C PHE H 254 5.56 16.44 36.42
N ILE H 255 5.96 15.70 35.40
CA ILE H 255 7.27 15.92 34.79
C ILE H 255 7.18 17.13 33.86
N PRO H 256 8.11 18.08 33.93
CA PRO H 256 7.95 19.29 33.10
C PRO H 256 7.94 19.01 31.62
N GLY H 257 8.78 18.10 31.14
CA GLY H 257 8.81 17.79 29.73
C GLY H 257 7.55 17.12 29.22
N SER H 258 6.52 17.07 30.04
CA SER H 258 5.28 16.41 29.67
C SER H 258 4.32 17.33 28.97
N GLU H 259 3.26 16.71 28.45
CA GLU H 259 2.13 17.36 27.81
C GLU H 259 0.83 16.65 28.20
N ASP H 260 -0.27 17.42 28.14
CA ASP H 260 -1.62 16.95 28.45
C ASP H 260 -1.69 16.27 29.81
N VAL H 261 -0.96 16.82 30.77
CA VAL H 261 -0.95 16.26 32.12
C VAL H 261 -2.33 16.44 32.73
N LYS H 262 -2.86 15.38 33.33
CA LYS H 262 -4.19 15.42 33.91
C LYS H 262 -4.17 15.51 35.42
N HIS H 263 -3.03 15.78 36.05
CA HIS H 263 -3.01 15.90 37.50
C HIS H 263 -2.02 16.98 37.92
N ILE H 264 -2.47 17.85 38.82
CA ILE H 264 -1.69 18.99 39.29
C ILE H 264 -1.71 19.00 40.81
N ARG H 265 -0.55 19.18 41.43
CA ARG H 265 -0.45 19.24 42.88
C ARG H 265 -0.10 20.66 43.29
N ILE H 266 -1.00 21.31 44.01
CA ILE H 266 -0.71 22.67 44.50
C ILE H 266 0.32 22.60 45.62
N PRO H 267 1.36 23.42 45.60
CA PRO H 267 2.37 23.35 46.66
C PRO H 267 1.84 23.93 47.96
N SER H 268 2.49 23.52 49.05
CA SER H 268 2.18 24.07 50.35
C SER H 268 3.13 25.22 50.68
N CYS H 269 2.79 26.00 51.69
CA CYS H 269 3.62 27.13 52.06
C CYS H 269 4.97 26.71 52.63
N GLN H 270 5.20 25.41 52.80
CA GLN H 270 6.48 24.88 53.27
C GLN H 270 7.31 24.24 52.17
N ASP H 271 6.65 23.63 51.17
CA ASP H 271 7.37 22.98 50.09
C ASP H 271 8.36 23.92 49.44
N TRP H 272 8.00 25.21 49.33
CA TRP H 272 8.95 26.19 48.85
C TRP H 272 10.18 26.25 49.75
N LYS H 273 9.98 26.17 51.06
CA LYS H 273 11.12 26.13 51.98
C LYS H 273 11.96 24.88 51.75
N ASP H 274 11.32 23.76 51.39
CA ASP H 274 12.05 22.52 51.18
C ASP H 274 12.92 22.59 49.94
N ILE H 275 12.34 23.00 48.81
CA ILE H 275 13.08 23.01 47.55
C ILE H 275 14.18 24.06 47.54
N SER H 276 14.23 24.90 48.58
CA SER H 276 15.20 25.98 48.63
C SER H 276 16.64 25.48 48.65
N VAL H 277 16.90 24.32 49.24
CA VAL H 277 18.28 23.85 49.34
C VAL H 277 18.63 23.04 48.10
N PRO H 278 19.88 23.08 47.65
CA PRO H 278 20.25 22.45 46.37
C PRO H 278 20.80 21.03 46.49
N THR H 279 21.01 20.51 47.70
CA THR H 279 21.52 19.18 47.99
C THR H 279 22.96 19.02 47.50
N LEU H 280 23.53 20.06 46.86
CA LEU H 280 24.89 20.03 46.36
C LEU H 280 25.15 18.84 45.44
N THR I 4 19.96 23.50 11.84
CA THR I 4 21.29 23.36 12.43
C THR I 4 21.75 24.64 13.10
N LEU I 5 20.98 25.71 12.88
CA LEU I 5 21.36 27.02 13.40
C LEU I 5 21.45 27.00 14.92
N ASN I 6 20.34 26.62 15.59
CA ASN I 6 20.28 26.70 17.04
C ASN I 6 21.38 25.89 17.73
N ASN I 7 21.85 24.82 17.10
CA ASN I 7 23.00 24.09 17.64
C ASN I 7 24.21 24.99 17.78
N ILE I 8 24.63 25.64 16.68
CA ILE I 8 25.81 26.50 16.76
C ILE I 8 25.54 27.72 17.62
N VAL I 9 24.29 28.20 17.65
CA VAL I 9 23.97 29.34 18.51
C VAL I 9 24.19 28.99 19.97
N SER I 10 23.66 27.84 20.40
CA SER I 10 23.88 27.43 21.78
C SER I 10 25.35 27.13 22.05
N SER I 11 26.06 26.57 21.05
CA SER I 11 27.47 26.25 21.25
C SER I 11 28.27 27.50 21.54
N LEU I 12 28.06 28.55 20.74
CA LEU I 12 28.77 29.80 21.01
C LEU I 12 28.28 30.46 22.29
N GLN I 13 26.97 30.35 22.57
CA GLN I 13 26.43 31.00 23.76
C GLN I 13 27.00 30.41 25.03
N ARG I 14 27.33 29.11 25.03
CA ARG I 14 28.02 28.54 26.18
C ARG I 14 29.48 28.97 26.21
N ASN I 15 30.09 29.17 25.03
CA ASN I 15 31.51 29.46 24.94
C ASN I 15 31.79 30.84 25.53
N GLY I 16 32.46 30.86 26.70
CA GLY I 16 32.77 32.12 27.33
C GLY I 16 33.74 33.00 26.56
N ILE I 17 34.68 32.38 25.83
CA ILE I 17 35.71 33.14 25.14
C ILE I 17 35.08 34.07 24.12
N PHE I 18 34.13 33.56 23.32
CA PHE I 18 33.52 34.38 22.30
C PHE I 18 32.74 35.54 22.90
N ILE I 19 32.00 35.27 23.98
CA ILE I 19 31.22 36.33 24.60
C ILE I 19 32.13 37.43 25.15
N ASN I 20 33.20 37.03 25.84
CA ASN I 20 34.11 38.03 26.38
C ASN I 20 34.78 38.83 25.27
N SER I 21 35.19 38.15 24.20
CA SER I 21 35.82 38.87 23.10
C SER I 21 34.86 39.85 22.45
N LEU I 22 33.60 39.46 22.30
CA LEU I 22 32.62 40.38 21.71
C LEU I 22 32.41 41.58 22.61
N ILE I 23 32.33 41.36 23.92
CA ILE I 23 32.19 42.49 24.84
C ILE I 23 33.36 43.44 24.71
N ALA I 24 34.58 42.90 24.66
CA ALA I 24 35.75 43.77 24.55
C ALA I 24 35.73 44.56 23.24
N ALA I 25 35.37 43.90 22.13
CA ALA I 25 35.34 44.60 20.85
C ALA I 25 34.29 45.71 20.87
N LEU I 26 33.12 45.41 21.42
CA LEU I 26 32.07 46.42 21.52
C LEU I 26 32.53 47.62 22.35
N THR I 27 33.20 47.36 23.47
CA THR I 27 33.67 48.49 24.28
C THR I 27 34.72 49.29 23.54
N ILE I 28 35.60 48.63 22.78
CA ILE I 28 36.62 49.38 22.05
C ILE I 28 35.96 50.30 21.03
N GLY I 29 35.04 49.74 20.23
CA GLY I 29 34.37 50.55 19.23
C GLY I 29 33.59 51.69 19.83
N GLY I 30 32.82 51.40 20.88
CA GLY I 30 32.05 52.45 21.52
C GLY I 30 32.92 53.56 22.08
N GLN I 31 34.02 53.19 22.73
CA GLN I 31 34.93 54.20 23.25
C GLN I 31 35.49 55.06 22.13
N GLN I 32 35.88 54.44 21.02
CA GLN I 32 36.44 55.21 19.93
C GLN I 32 35.43 56.21 19.39
N LEU I 33 34.20 55.75 19.12
CA LEU I 33 33.18 56.66 18.61
C LEU I 33 32.91 57.79 19.61
N PHE I 34 32.76 57.43 20.88
CA PHE I 34 32.49 58.40 21.93
C PHE I 34 33.56 59.48 21.96
N SER I 35 34.82 59.06 22.09
CA SER I 35 35.91 60.03 22.17
C SER I 35 35.98 60.89 20.92
N SER I 36 35.78 60.29 19.74
CA SER I 36 35.88 61.08 18.52
C SER I 36 34.75 62.09 18.42
N SER I 37 33.60 61.81 19.02
CA SER I 37 32.47 62.71 18.79
C SER I 37 32.40 63.84 19.81
N THR I 38 32.43 63.53 21.10
CA THR I 38 32.04 64.50 22.12
C THR I 38 33.15 64.80 23.11
N PHE I 39 34.35 65.07 22.64
CA PHE I 39 35.46 65.38 23.53
C PHE I 39 36.20 66.62 23.06
N SER I 40 36.42 67.56 23.99
CA SER I 40 37.18 68.76 23.71
C SER I 40 37.70 69.29 25.04
N CYS I 41 39.01 69.53 25.11
CA CYS I 41 39.61 69.95 26.36
C CYS I 41 39.06 71.33 26.72
N PRO I 42 38.73 71.56 27.99
CA PRO I 42 38.22 72.90 28.37
C PRO I 42 39.25 74.02 28.28
N CYS I 43 40.52 73.74 28.55
CA CYS I 43 41.56 74.77 28.53
C CYS I 43 41.20 75.93 29.45
N GLN I 44 40.53 75.62 30.55
CA GLN I 44 40.22 76.60 31.58
C GLN I 44 41.36 76.66 32.59
N VAL I 45 41.13 77.32 33.71
CA VAL I 45 42.21 77.58 34.65
C VAL I 45 42.42 76.43 35.61
N GLY I 46 41.37 76.03 36.32
CA GLY I 46 41.49 74.97 37.31
C GLY I 46 40.51 73.84 37.06
N LYS I 47 39.67 74.01 36.05
CA LYS I 47 38.60 73.08 35.75
C LYS I 47 38.96 72.12 34.62
N ASN I 48 40.24 71.78 34.48
CA ASN I 48 40.68 70.84 33.46
C ASN I 48 40.82 69.43 34.01
N PHE I 49 41.44 69.30 35.18
CA PHE I 49 41.71 67.99 35.76
C PHE I 49 40.41 67.20 35.97
N TYR I 50 39.36 67.89 36.40
CA TYR I 50 38.08 67.21 36.57
C TYR I 50 37.53 66.72 35.23
N TYR I 51 37.63 67.56 34.20
CA TYR I 51 37.10 67.17 32.90
C TYR I 51 37.86 65.98 32.34
N GLY I 52 39.11 65.81 32.73
CA GLY I 52 39.82 64.62 32.33
C GLY I 52 39.40 63.41 33.15
N SER I 53 39.44 63.56 34.46
CA SER I 53 39.18 62.45 35.35
C SER I 53 37.79 61.87 35.15
N ALA I 54 36.80 62.71 34.82
CA ALA I 54 35.46 62.19 34.61
C ALA I 54 35.45 61.18 33.47
N PHE I 55 35.89 61.59 32.29
CA PHE I 55 35.93 60.67 31.16
C PHE I 55 36.83 59.48 31.43
N LEU I 56 37.84 59.66 32.28
CA LEU I 56 38.74 58.53 32.52
C LEU I 56 38.11 57.49 33.43
N VAL I 57 37.34 57.90 34.42
CA VAL I 57 36.91 57.02 35.49
C VAL I 57 35.43 56.67 35.38
N ILE I 58 34.56 57.67 35.31
CA ILE I 58 33.12 57.42 35.47
C ILE I 58 32.60 56.31 34.57
N PRO I 59 32.95 56.25 33.28
CA PRO I 59 32.53 55.10 32.48
C PRO I 59 32.97 53.77 33.06
N ALA I 60 34.14 53.71 33.69
CA ALA I 60 34.57 52.46 34.30
C ALA I 60 33.59 52.03 35.39
N LEU I 61 33.29 52.93 36.32
CA LEU I 61 32.34 52.60 37.38
C LEU I 61 30.99 52.20 36.81
N ILE I 62 30.49 52.97 35.84
CA ILE I 62 29.18 52.68 35.28
C ILE I 62 29.16 51.30 34.64
N LEU I 63 30.13 51.02 33.77
CA LEU I 63 30.14 49.74 33.08
C LEU I 63 30.36 48.59 34.05
N LEU I 64 31.17 48.79 35.09
CA LEU I 64 31.39 47.74 36.07
C LEU I 64 30.11 47.43 36.84
N VAL I 65 29.45 48.45 37.37
CA VAL I 65 28.21 48.22 38.10
C VAL I 65 27.16 47.60 37.19
N ALA I 66 27.12 48.01 35.92
CA ALA I 66 26.15 47.44 35.00
C ALA I 66 26.44 45.97 34.73
N GLY I 67 27.71 45.64 34.47
CA GLY I 67 28.11 44.27 34.24
C GLY I 67 27.93 43.37 35.45
N PHE I 68 27.95 43.94 36.65
CA PHE I 68 27.69 43.15 37.85
C PHE I 68 26.20 42.95 38.06
N ALA I 69 25.44 44.06 38.11
CA ALA I 69 24.04 44.00 38.49
C ALA I 69 23.17 43.30 37.46
N LEU I 70 23.58 43.26 36.20
CA LEU I 70 22.76 42.66 35.16
C LEU I 70 22.77 41.13 35.18
N ARG I 71 23.68 40.52 35.92
CA ARG I 71 23.73 39.06 35.97
C ARG I 71 22.67 38.56 36.94
N SER I 72 21.72 37.79 36.40
CA SER I 72 20.59 37.32 37.20
C SER I 72 21.05 36.58 38.45
N GLN I 73 22.09 35.76 38.32
CA GLN I 73 22.51 34.94 39.45
C GLN I 73 22.99 35.79 40.62
N MET I 74 23.57 36.95 40.34
CA MET I 74 24.07 37.79 41.42
C MET I 74 22.95 38.26 42.33
N TRP I 75 21.77 38.55 41.76
CA TRP I 75 20.64 38.93 42.60
C TRP I 75 20.21 37.79 43.51
N THR I 76 20.19 36.56 42.99
CA THR I 76 19.82 35.42 43.81
C THR I 76 20.82 35.19 44.92
N ILE I 77 22.12 35.34 44.61
CA ILE I 77 23.14 35.16 45.64
C ILE I 77 23.00 36.23 46.72
N THR I 78 22.75 37.47 46.32
CA THR I 78 22.53 38.51 47.32
C THR I 78 21.30 38.21 48.17
N GLY I 79 20.23 37.72 47.54
CA GLY I 79 19.05 37.36 48.31
C GLY I 79 19.33 36.27 49.33
N GLU I 80 20.13 35.28 48.94
CA GLU I 80 20.63 34.31 49.91
C GLU I 80 21.40 35.01 51.02
N TYR I 81 22.16 36.05 50.68
CA TYR I 81 22.96 36.75 51.68
C TYR I 81 22.15 37.80 52.44
N CYS I 82 21.38 38.61 51.72
CA CYS I 82 20.65 39.70 52.36
C CYS I 82 19.56 39.16 53.28
N CYS I 83 19.09 40.04 54.17
CA CYS I 83 18.04 39.70 55.11
C CYS I 83 16.69 39.65 54.41
N PRO I 94 29.72 26.67 56.52
CA PRO I 94 30.02 25.31 56.07
C PRO I 94 30.40 25.26 54.60
N LEU I 95 29.63 24.53 53.79
CA LEU I 95 29.91 24.44 52.37
C LEU I 95 29.16 25.49 51.56
N GLU I 96 27.99 25.91 52.05
CA GLU I 96 27.19 26.88 51.31
C GLU I 96 27.94 28.19 51.14
N CYS I 97 28.71 28.60 52.15
CA CYS I 97 29.45 29.85 52.06
C CYS I 97 30.51 29.78 50.97
N LYS I 98 31.31 28.71 50.96
CA LYS I 98 32.35 28.57 49.95
C LYS I 98 31.74 28.48 48.56
N LEU I 99 30.61 27.78 48.42
CA LEU I 99 29.98 27.68 47.11
C LEU I 99 29.46 29.02 46.64
N ALA I 100 28.87 29.80 47.55
CA ALA I 100 28.44 31.15 47.20
C ALA I 100 29.62 31.99 46.76
N CYS I 101 30.75 31.86 47.46
CA CYS I 101 31.93 32.63 47.08
C CYS I 101 32.40 32.27 45.68
N LEU I 102 32.37 30.98 45.35
CA LEU I 102 32.78 30.55 44.01
C LEU I 102 31.83 31.07 42.95
N ARG I 103 30.52 31.04 43.23
CA ARG I 103 29.55 31.56 42.29
C ARG I 103 29.78 33.04 42.02
N PHE I 104 29.89 33.82 43.10
CA PHE I 104 30.16 35.26 42.99
C PHE I 104 31.45 35.51 42.23
N PHE I 105 32.47 34.69 42.46
CA PHE I 105 33.74 34.88 41.78
C PHE I 105 33.61 34.63 40.29
N SER I 106 32.86 33.61 39.90
CA SER I 106 32.67 33.37 38.46
C SER I 106 31.95 34.55 37.81
N ILE I 107 30.90 35.05 38.45
CA ILE I 107 30.21 36.20 37.87
C ILE I 107 31.14 37.41 37.79
N THR I 108 31.98 37.61 38.80
CA THR I 108 32.95 38.69 38.74
C THR I 108 33.91 38.52 37.57
N GLY I 109 34.41 37.30 37.37
CA GLY I 109 35.30 37.05 36.26
C GLY I 109 34.65 37.39 34.93
N ARG I 110 33.34 37.21 34.83
CA ARG I 110 32.67 37.67 33.61
C ARG I 110 32.59 39.19 33.56
N ALA I 111 32.24 39.83 34.66
CA ALA I 111 31.85 41.24 34.61
C ALA I 111 33.04 42.17 34.50
N VAL I 112 34.21 41.79 35.02
CA VAL I 112 35.35 42.70 35.05
C VAL I 112 35.89 43.03 33.67
N ILE I 113 35.52 42.28 32.64
CA ILE I 113 36.15 42.47 31.34
C ILE I 113 35.88 43.86 30.76
N ALA I 114 34.74 44.46 31.05
CA ALA I 114 34.39 45.71 30.39
C ALA I 114 35.18 46.90 30.93
N PRO I 115 35.14 47.18 32.24
CA PRO I 115 35.85 48.38 32.71
C PRO I 115 37.34 48.33 32.46
N LEU I 116 37.96 47.17 32.61
CA LEU I 116 39.40 47.11 32.42
C LEU I 116 39.77 47.34 30.96
N THR I 117 38.97 46.84 30.03
CA THR I 117 39.28 47.10 28.62
C THR I 117 39.01 48.56 28.26
N TRP I 118 38.01 49.18 28.89
CA TRP I 118 37.79 50.60 28.66
C TRP I 118 38.99 51.42 29.12
N LEU I 119 39.40 51.21 30.37
CA LEU I 119 40.58 51.89 30.88
C LEU I 119 41.80 51.64 29.99
N ALA I 120 41.98 50.39 29.57
CA ALA I 120 43.15 50.07 28.76
C ALA I 120 43.16 50.85 27.46
N VAL I 121 42.05 50.83 26.74
CA VAL I 121 42.05 51.49 25.43
C VAL I 121 42.16 52.99 25.60
N THR I 122 41.53 53.56 26.64
CA THR I 122 41.59 55.01 26.77
C THR I 122 42.95 55.47 27.24
N LEU I 123 43.66 54.66 28.02
CA LEU I 123 45.02 55.04 28.39
C LEU I 123 45.98 54.85 27.23
N LEU I 124 45.78 53.80 26.43
CA LEU I 124 46.69 53.56 25.32
C LEU I 124 46.55 54.63 24.26
N THR I 125 45.32 55.02 23.90
CA THR I 125 45.18 56.17 23.02
C THR I 125 45.67 57.43 23.72
N GLY I 126 45.46 57.52 25.02
CA GLY I 126 46.07 58.55 25.84
C GLY I 126 45.51 59.95 25.69
N THR I 127 44.68 60.20 24.67
CA THR I 127 44.20 61.56 24.45
C THR I 127 43.40 62.08 25.63
N TYR I 128 42.92 61.20 26.51
CA TYR I 128 42.22 61.66 27.70
C TYR I 128 43.20 62.13 28.76
N TYR I 129 44.28 61.39 28.96
CA TYR I 129 45.16 61.67 30.08
C TYR I 129 45.84 63.02 29.92
N GLU I 130 46.23 63.37 28.70
CA GLU I 130 46.89 64.65 28.50
C GLU I 130 46.00 65.80 28.95
N CYS I 131 44.71 65.74 28.63
CA CYS I 131 43.78 66.74 29.15
C CYS I 131 43.62 66.59 30.65
N ALA I 132 43.77 65.39 31.18
CA ALA I 132 43.54 65.19 32.60
C ALA I 132 44.61 65.88 33.43
N ALA I 133 45.86 65.83 32.99
CA ALA I 133 46.97 66.37 33.77
C ALA I 133 47.82 67.30 32.93
N SER I 134 47.19 68.14 32.12
CA SER I 134 47.93 69.14 31.36
C SER I 134 48.37 70.31 32.21
N GLU I 135 48.00 70.36 33.48
CA GLU I 135 48.40 71.45 34.35
C GLU I 135 49.51 71.07 35.31
N PHE I 136 49.72 69.78 35.57
CA PHE I 136 50.71 69.37 36.55
C PHE I 136 52.13 69.29 35.99
N ALA I 137 52.35 69.68 34.74
CA ALA I 137 53.66 69.54 34.14
C ALA I 137 54.68 70.39 34.91
N SER I 138 55.71 69.73 35.42
CA SER I 138 56.74 70.41 36.20
C SER I 138 57.63 71.19 35.24
N VAL I 139 57.46 72.50 35.19
CA VAL I 139 58.25 73.36 34.33
C VAL I 139 59.24 74.11 35.20
N ASP I 140 60.52 73.76 35.06
CA ASP I 140 61.59 74.43 35.78
C ASP I 140 62.81 74.74 34.92
N HIS I 141 62.94 74.13 33.74
CA HIS I 141 64.15 74.27 32.94
C HIS I 141 63.81 74.79 31.56
N TYR I 142 62.97 75.82 31.49
CA TYR I 142 62.58 76.41 30.23
C TYR I 142 62.71 77.93 30.31
N PRO I 143 63.08 78.56 29.19
CA PRO I 143 63.45 79.99 29.26
C PRO I 143 62.25 80.92 29.33
N MET I 144 61.11 80.49 28.80
CA MET I 144 59.95 81.37 28.72
C MET I 144 59.08 81.33 29.97
N PHE I 145 59.39 80.46 30.93
CA PHE I 145 58.64 80.37 32.18
C PHE I 145 59.41 80.93 33.37
N ASP I 146 60.42 81.76 33.14
CA ASP I 146 61.23 82.26 34.24
C ASP I 146 60.61 83.48 34.90
N ASN I 147 60.45 84.56 34.14
CA ASN I 147 60.01 85.83 34.72
C ASN I 147 58.50 85.92 34.87
N VAL I 148 57.75 85.15 34.07
CA VAL I 148 56.30 85.29 34.00
C VAL I 148 55.68 84.95 35.36
N SER I 149 54.52 85.55 35.63
CA SER I 149 53.86 85.36 36.90
C SER I 149 53.27 83.95 37.01
N ALA I 150 52.96 83.56 38.24
CA ALA I 150 52.48 82.21 38.50
C ALA I 150 51.13 81.97 37.83
N SER I 151 50.16 82.85 38.06
CA SER I 151 48.86 82.70 37.43
C SER I 151 48.97 82.80 35.92
N LYS I 152 49.84 83.69 35.43
CA LYS I 152 50.09 83.74 33.99
C LYS I 152 50.65 82.41 33.50
N ARG I 153 51.49 81.77 34.31
CA ARG I 153 52.01 80.46 33.93
C ARG I 153 50.91 79.43 33.88
N GLU I 154 50.00 79.44 34.86
CA GLU I 154 48.87 78.52 34.83
C GLU I 154 48.04 78.72 33.57
N GLU I 155 47.76 79.99 33.25
CA GLU I 155 46.96 80.29 32.07
C GLU I 155 47.64 79.78 30.80
N ILE I 156 48.93 80.06 30.64
CA ILE I 156 49.60 79.64 29.42
C ILE I 156 49.84 78.15 29.40
N LEU I 157 49.84 77.50 30.56
CA LEU I 157 50.08 76.07 30.62
C LEU I 157 48.83 75.27 30.30
N ALA I 158 47.68 75.70 30.82
CA ALA I 158 46.45 74.96 30.60
C ALA I 158 45.91 75.11 29.19
N GLY I 159 46.43 76.07 28.42
CA GLY I 159 45.96 76.27 27.06
C GLY I 159 46.62 75.40 26.04
N PHE I 160 47.63 74.63 26.44
CA PHE I 160 48.39 73.84 25.49
C PHE I 160 47.59 72.83 24.70
N PRO I 161 46.78 71.95 25.32
CA PRO I 161 46.24 70.81 24.54
C PRO I 161 45.36 71.20 23.38
N CYS I 162 44.46 72.16 23.55
CA CYS I 162 43.40 72.37 22.57
C CYS I 162 43.89 73.08 21.32
N CYS I 163 44.56 74.24 21.44
CA CYS I 163 44.86 75.00 20.25
C CYS I 163 46.29 75.53 20.31
N ARG I 164 46.73 76.11 19.20
CA ARG I 164 48.06 76.67 19.09
C ARG I 164 48.06 77.86 18.14
N SER I 165 48.54 79.01 18.63
CA SER I 165 48.70 80.19 17.79
C SER I 165 49.97 80.96 18.08
N ALA I 166 50.78 80.51 19.04
CA ALA I 166 51.91 81.27 19.55
C ALA I 166 53.12 81.12 18.63
N PRO I 167 54.24 81.82 18.93
CA PRO I 167 55.48 81.62 18.16
C PRO I 167 56.05 80.22 18.24
N SER I 168 57.18 80.02 17.54
CA SER I 168 57.71 78.67 17.34
C SER I 168 58.12 78.03 18.66
N ASP I 169 58.86 78.75 19.49
CA ASP I 169 59.38 78.14 20.72
C ASP I 169 58.25 77.65 21.61
N VAL I 170 57.15 78.40 21.66
CA VAL I 170 56.02 77.99 22.47
C VAL I 170 55.42 76.70 21.94
N ILE I 171 55.23 76.61 20.63
CA ILE I 171 54.61 75.39 20.12
C ILE I 171 55.56 74.21 20.24
N LEU I 172 56.87 74.46 20.24
CA LEU I 172 57.82 73.38 20.43
C LEU I 172 57.78 72.85 21.86
N VAL I 173 57.78 73.75 22.84
CA VAL I 173 57.66 73.28 24.23
C VAL I 173 56.30 72.60 24.43
N ARG I 174 55.28 73.06 23.69
CA ARG I 174 53.98 72.40 23.73
C ARG I 174 54.08 70.96 23.22
N ASP I 175 54.69 70.78 22.06
CA ASP I 175 54.89 69.44 21.52
C ASP I 175 55.65 68.57 22.50
N GLU I 176 56.65 69.14 23.17
CA GLU I 176 57.44 68.35 24.10
C GLU I 176 56.61 67.90 25.29
N ILE I 177 55.84 68.82 25.88
CA ILE I 177 54.99 68.44 27.01
C ILE I 177 54.00 67.37 26.59
N ALA I 178 53.43 67.52 25.39
CA ALA I 178 52.46 66.55 24.91
C ALA I 178 53.09 65.16 24.78
N LEU I 179 54.28 65.08 24.20
CA LEU I 179 54.93 63.79 24.06
C LEU I 179 55.22 63.16 25.41
N LEU I 180 55.73 63.97 26.35
CA LEU I 180 55.99 63.45 27.69
C LEU I 180 54.72 62.87 28.30
N HIS I 181 53.62 63.60 28.21
CA HIS I 181 52.39 63.15 28.85
C HIS I 181 51.84 61.91 28.16
N ARG I 182 51.96 61.83 26.83
CA ARG I 182 51.51 60.62 26.15
C ARG I 182 52.34 59.41 26.57
N TYR I 183 53.65 59.60 26.73
CA TYR I 183 54.48 58.52 27.22
C TYR I 183 54.01 58.05 28.59
N GLN I 184 53.75 59.00 29.49
CA GLN I 184 53.30 58.63 30.82
C GLN I 184 51.99 57.87 30.75
N SER I 185 51.06 58.32 29.91
CA SER I 185 49.77 57.64 29.80
C SER I 185 49.95 56.21 29.33
N GLN I 186 50.76 56.01 28.29
CA GLN I 186 50.89 54.65 27.76
C GLN I 186 51.58 53.73 28.74
N MET I 187 52.59 54.23 29.46
CA MET I 187 53.22 53.40 30.47
C MET I 187 52.24 53.03 31.57
N LEU I 188 51.45 54.00 32.02
CA LEU I 188 50.45 53.70 33.04
C LEU I 188 49.47 52.64 32.55
N GLY I 189 49.10 52.72 31.27
CA GLY I 189 48.20 51.72 30.72
C GLY I 189 48.80 50.33 30.73
N TRP I 190 50.05 50.21 30.31
CA TRP I 190 50.67 48.89 30.32
C TRP I 190 50.80 48.36 31.74
N ILE I 191 51.09 49.24 32.69
CA ILE I 191 51.17 48.81 34.08
C ILE I 191 49.82 48.29 34.54
N LEU I 192 48.74 49.01 34.20
CA LEU I 192 47.41 48.55 34.58
C LEU I 192 47.11 47.18 33.99
N ILE I 193 47.45 46.97 32.71
CA ILE I 193 47.20 45.68 32.09
C ILE I 193 47.96 44.57 32.79
N THR I 194 49.26 44.77 33.03
CA THR I 194 50.04 43.69 33.62
C THR I 194 49.57 43.38 35.03
N LEU I 195 49.26 44.42 35.82
CA LEU I 195 48.80 44.16 37.18
C LEU I 195 47.45 43.47 37.17
N ALA I 196 46.55 43.88 36.28
CA ALA I 196 45.25 43.23 36.21
C ALA I 196 45.40 41.76 35.84
N THR I 197 46.26 41.46 34.87
CA THR I 197 46.43 40.08 34.45
C THR I 197 47.02 39.23 35.58
N ILE I 198 48.06 39.72 36.24
CA ILE I 198 48.69 38.92 37.29
C ILE I 198 47.72 38.73 38.44
N ALA I 199 46.92 39.76 38.76
CA ALA I 199 45.94 39.62 39.83
C ALA I 199 44.86 38.61 39.46
N ALA I 200 44.37 38.68 38.22
CA ALA I 200 43.36 37.72 37.80
C ALA I 200 43.88 36.30 37.88
N LEU I 201 45.12 36.09 37.43
CA LEU I 201 45.68 34.74 37.45
C LEU I 201 45.82 34.22 38.87
N VAL I 202 46.44 35.02 39.75
CA VAL I 202 46.64 34.55 41.11
C VAL I 202 45.31 34.34 41.81
N SER I 203 44.31 35.17 41.51
CA SER I 203 43.01 35.01 42.15
C SER I 203 42.31 33.76 41.66
N CYS I 204 42.37 33.48 40.35
CA CYS I 204 41.76 32.25 39.86
C CYS I 204 42.45 31.02 40.45
N CYS I 205 43.77 31.06 40.56
CA CYS I 205 44.48 29.93 41.15
C CYS I 205 44.12 29.74 42.62
N VAL I 206 43.99 30.85 43.36
CA VAL I 206 43.59 30.74 44.76
C VAL I 206 42.19 30.16 44.86
N ALA I 207 41.28 30.60 44.00
CA ALA I 207 39.92 30.08 44.02
C ALA I 207 39.91 28.59 43.73
N LYS I 208 40.72 28.15 42.77
CA LYS I 208 40.81 26.73 42.49
C LYS I 208 41.43 25.97 43.65
N CYS I 209 42.31 26.63 44.41
CA CYS I 209 42.95 25.99 45.56
C CYS I 209 41.95 25.79 46.69
N CYS I 210 41.29 26.86 47.11
CA CYS I 210 40.38 26.80 48.24
C CYS I 210 39.08 26.08 47.94
N SER I 211 38.91 25.57 46.73
CA SER I 211 37.67 24.91 46.37
C SER I 211 37.56 23.57 47.10
N PRO I 212 36.41 23.25 47.68
CA PRO I 212 36.25 21.95 48.34
C PRO I 212 35.90 20.81 47.40
N LEU I 213 35.63 21.09 46.13
CA LEU I 213 35.20 20.07 45.20
C LEU I 213 36.35 19.59 44.33
N THR I 214 36.15 18.44 43.71
CA THR I 214 37.17 17.83 42.87
C THR I 214 37.15 18.46 41.48
N SER I 215 37.89 17.87 40.54
CA SER I 215 37.93 18.34 39.18
C SER I 215 36.71 17.92 38.37
N LEU I 216 35.85 17.09 38.93
CA LEU I 216 34.66 16.59 38.24
C LEU I 216 33.36 17.06 38.86
N GLN I 217 33.30 17.14 40.19
CA GLN I 217 32.10 17.64 40.84
C GLN I 217 31.78 19.07 40.42
N HIS I 218 32.80 19.86 40.07
CA HIS I 218 32.56 21.24 39.70
C HIS I 218 31.73 21.35 38.42
N CYS I 219 32.09 20.59 37.40
CA CYS I 219 31.34 20.64 36.15
C CYS I 219 29.91 20.18 36.36
N TYR I 220 29.75 19.05 37.05
CA TYR I 220 28.43 18.58 37.43
C TYR I 220 27.64 19.67 38.13
N TRP I 221 28.31 20.42 39.01
CA TRP I 221 27.63 21.46 39.79
C TRP I 221 27.14 22.58 38.90
N THR I 222 27.97 23.03 37.96
CA THR I 222 27.56 24.12 37.08
C THR I 222 26.39 23.70 36.22
N SER I 223 26.46 22.49 35.66
CA SER I 223 25.35 21.99 34.87
C SER I 223 24.09 21.89 35.71
N HIS I 224 24.25 21.45 36.96
CA HIS I 224 23.12 21.40 37.89
C HIS I 224 22.46 22.76 38.02
N LEU I 225 23.24 23.80 38.30
CA LEU I 225 22.68 25.14 38.48
C LEU I 225 21.93 25.60 37.24
N GLN I 226 22.59 25.54 36.08
CA GLN I 226 21.99 26.08 34.87
C GLN I 226 20.69 25.34 34.53
N ASN I 227 20.75 24.01 34.46
CA ASN I 227 19.56 23.27 34.08
C ASN I 227 18.47 23.40 35.12
N GLU I 228 18.84 23.52 36.41
CA GLU I 228 17.84 23.77 37.44
C GLU I 228 17.05 25.03 37.12
N ARG I 229 17.75 26.14 36.92
CA ARG I 229 17.07 27.40 36.63
C ARG I 229 16.13 27.23 35.44
N GLU I 230 16.65 26.71 34.32
CA GLU I 230 15.85 26.63 33.11
C GLU I 230 14.61 25.77 33.31
N LEU I 231 14.79 24.56 33.84
CA LEU I 231 13.66 23.64 33.98
C LEU I 231 12.62 24.19 34.94
N PHE I 232 13.04 24.78 36.05
CA PHE I 232 12.06 25.30 36.97
C PHE I 232 11.26 26.42 36.33
N GLU I 233 11.92 27.28 35.54
CA GLU I 233 11.17 28.32 34.85
C GLU I 233 10.11 27.72 33.94
N GLN I 234 10.51 26.75 33.11
CA GLN I 234 9.54 26.17 32.18
C GLN I 234 8.39 25.51 32.92
N ALA I 235 8.69 24.78 33.99
CA ALA I 235 7.66 24.06 34.71
C ALA I 235 6.68 25.02 35.38
N ALA I 236 7.19 26.06 36.04
CA ALA I 236 6.31 27.02 36.67
C ALA I 236 5.39 27.67 35.64
N GLU I 237 5.96 28.05 34.50
CA GLU I 237 5.13 28.64 33.45
C GLU I 237 3.99 27.69 33.06
N GLN I 238 4.34 26.45 32.73
CA GLN I 238 3.32 25.52 32.25
C GLN I 238 2.26 25.25 33.32
N HIS I 239 2.69 25.13 34.57
CA HIS I 239 1.74 24.83 35.65
C HIS I 239 0.77 25.98 35.84
N SER I 240 1.28 27.21 35.90
CA SER I 240 0.37 28.34 36.06
C SER I 240 -0.56 28.46 34.88
N ARG I 241 -0.06 28.19 33.67
CA ARG I 241 -0.92 28.22 32.50
C ARG I 241 -2.06 27.22 32.64
N LEU I 242 -1.75 25.99 33.06
CA LEU I 242 -2.80 25.00 33.20
C LEU I 242 -3.81 25.40 34.26
N LEU I 243 -3.34 25.94 35.39
CA LEU I 243 -4.28 26.31 36.44
C LEU I 243 -5.20 27.44 35.97
N MET I 244 -4.65 28.46 35.33
CA MET I 244 -5.49 29.53 34.83
C MET I 244 -6.46 29.01 33.78
N MET I 245 -6.01 28.06 32.97
CA MET I 245 -6.89 27.46 31.97
C MET I 245 -8.05 26.72 32.64
N HIS I 246 -7.78 26.02 33.73
CA HIS I 246 -8.84 25.35 34.45
C HIS I 246 -9.84 26.34 35.05
N ARG I 247 -9.34 27.44 35.62
CA ARG I 247 -10.27 28.44 36.13
C ARG I 247 -11.13 29.01 35.01
N ILE I 248 -10.52 29.28 33.86
CA ILE I 248 -11.29 29.80 32.74
C ILE I 248 -12.38 28.81 32.33
N LYS I 249 -12.03 27.53 32.25
CA LYS I 249 -13.02 26.54 31.85
C LYS I 249 -14.12 26.41 32.88
N LYS I 250 -13.80 26.55 34.16
CA LYS I 250 -14.85 26.53 35.18
C LYS I 250 -15.77 27.72 35.02
N LEU I 251 -15.23 28.87 34.63
CA LEU I 251 -16.08 30.04 34.49
C LEU I 251 -16.93 29.98 33.22
N PHE I 252 -16.30 29.94 32.05
CA PHE I 252 -17.06 30.03 30.82
C PHE I 252 -17.65 28.71 30.40
N GLY I 253 -17.07 27.60 30.79
CA GLY I 253 -17.61 26.29 30.51
C GLY I 253 -16.88 25.49 29.47
N PHE I 254 -15.63 25.81 29.18
CA PHE I 254 -14.88 25.09 28.16
C PHE I 254 -13.42 25.49 28.26
N ILE I 255 -12.56 24.61 27.79
CA ILE I 255 -11.12 24.89 27.79
C ILE I 255 -10.81 25.80 26.60
N PRO I 256 -10.07 26.89 26.79
CA PRO I 256 -9.86 27.82 25.67
C PRO I 256 -9.16 27.19 24.49
N GLY I 257 -8.15 26.35 24.72
CA GLY I 257 -7.43 25.73 23.64
C GLY I 257 -8.27 24.74 22.85
N SER I 258 -9.57 24.72 23.10
CA SER I 258 -10.46 23.77 22.44
C SER I 258 -11.01 24.31 21.13
N GLU I 259 -11.66 23.41 20.42
CA GLU I 259 -12.39 23.67 19.18
C GLU I 259 -13.68 22.87 19.14
N ASP I 260 -14.65 23.39 18.38
CA ASP I 260 -15.97 22.78 18.18
C ASP I 260 -16.65 22.44 19.50
N VAL I 261 -16.49 23.33 20.48
CA VAL I 261 -17.10 23.12 21.79
C VAL I 261 -18.61 23.20 21.65
N LYS I 262 -19.31 22.24 22.23
CA LYS I 262 -20.76 22.19 22.11
C LYS I 262 -21.46 22.64 23.38
N HIS I 263 -20.76 23.25 24.32
CA HIS I 263 -21.44 23.72 25.53
C HIS I 263 -20.82 25.03 26.01
N ILE I 264 -21.67 26.00 26.31
CA ILE I 264 -21.26 27.34 26.73
C ILE I 264 -22.00 27.71 28.00
N ARG I 265 -21.29 28.24 28.98
CA ARG I 265 -21.89 28.67 30.23
C ARG I 265 -21.83 30.19 30.30
N ILE I 266 -22.99 30.83 30.33
CA ILE I 266 -23.02 32.29 30.47
C ILE I 266 -22.64 32.67 31.90
N PRO I 267 -21.76 33.63 32.10
CA PRO I 267 -21.37 34.00 33.46
C PRO I 267 -22.47 34.78 34.15
N SER I 268 -22.41 34.76 35.48
CA SER I 268 -23.33 35.55 36.29
C SER I 268 -22.69 36.88 36.64
N CYS I 269 -23.50 37.82 37.11
CA CYS I 269 -22.99 39.13 37.46
C CYS I 269 -22.07 39.11 38.67
N GLN I 270 -21.88 37.95 39.30
CA GLN I 270 -20.97 37.79 40.41
C GLN I 270 -19.69 37.05 40.04
N ASP I 271 -19.77 36.11 39.10
CA ASP I 271 -18.59 35.35 38.70
C ASP I 271 -17.44 36.27 38.31
N TRP I 272 -17.77 37.41 37.67
CA TRP I 272 -16.74 38.41 37.38
C TRP I 272 -16.09 38.88 38.68
N LYS I 273 -16.89 39.09 39.72
CA LYS I 273 -16.32 39.47 41.01
C LYS I 273 -15.43 38.38 41.56
N ASP I 274 -15.77 37.11 41.30
CA ASP I 274 -14.97 36.01 41.83
C ASP I 274 -13.62 35.93 41.13
N ILE I 275 -13.61 35.94 39.80
CA ILE I 275 -12.36 35.77 39.06
C ILE I 275 -11.44 36.96 39.23
N SER I 276 -11.91 38.02 39.87
CA SER I 276 -11.14 39.24 40.03
C SER I 276 -9.87 39.02 40.83
N VAL I 277 -9.86 38.10 41.79
CA VAL I 277 -8.68 37.91 42.63
C VAL I 277 -7.75 36.91 41.98
N PRO I 278 -6.43 37.05 42.14
CA PRO I 278 -5.48 36.21 41.41
C PRO I 278 -4.99 34.98 42.16
N THR I 279 -5.37 34.82 43.44
CA THR I 279 -4.99 33.70 44.31
C THR I 279 -3.49 33.70 44.58
N LEU I 280 -2.73 34.61 43.99
CA LEU I 280 -1.29 34.71 44.18
C LEU I 280 -0.59 33.40 43.85
N THR J 4 11.22 28.55 12.42
CA THR J 4 12.12 28.79 13.54
C THR J 4 12.14 30.26 13.93
N LEU J 5 11.53 31.09 13.09
CA LEU J 5 11.56 32.54 13.30
C LEU J 5 10.91 32.91 14.63
N ASN J 6 9.64 32.52 14.82
CA ASN J 6 8.89 32.93 15.99
C ASN J 6 9.56 32.53 17.31
N ASN J 7 10.33 31.43 17.30
CA ASN J 7 11.10 31.07 18.49
C ASN J 7 12.06 32.18 18.88
N ILE J 8 12.92 32.60 17.95
CA ILE J 8 13.89 33.65 18.27
C ILE J 8 13.20 34.98 18.51
N VAL J 9 12.06 35.22 17.84
CA VAL J 9 11.33 36.46 18.07
C VAL J 9 10.84 36.53 19.52
N SER J 10 10.21 35.45 19.99
CA SER J 10 9.78 35.43 21.37
C SER J 10 10.95 35.46 22.34
N SER J 11 12.06 34.82 21.99
CA SER J 11 13.22 34.81 22.88
C SER J 11 13.75 36.22 23.10
N LEU J 12 13.90 36.98 22.02
CA LEU J 12 14.33 38.36 22.18
C LEU J 12 13.26 39.22 22.84
N GLN J 13 11.99 38.96 22.54
CA GLN J 13 10.92 39.76 23.11
C GLN J 13 10.84 39.62 24.62
N ARG J 14 11.18 38.44 25.14
CA ARG J 14 11.26 38.31 26.59
C ARG J 14 12.52 38.97 27.14
N ASN J 15 13.60 38.98 26.36
CA ASN J 15 14.88 39.49 26.82
C ASN J 15 14.78 41.00 27.04
N GLY J 16 14.82 41.42 28.31
CA GLY J 16 14.74 42.85 28.60
C GLY J 16 15.94 43.64 28.12
N ILE J 17 17.12 43.06 28.12
CA ILE J 17 18.33 43.79 27.75
C ILE J 17 18.23 44.31 26.33
N PHE J 18 17.80 43.46 25.40
CA PHE J 18 17.71 43.89 24.01
C PHE J 18 16.69 45.00 23.83
N ILE J 19 15.54 44.89 24.48
CA ILE J 19 14.50 45.91 24.35
C ILE J 19 15.01 47.24 24.88
N ASN J 20 15.63 47.23 26.06
CA ASN J 20 16.13 48.47 26.62
C ASN J 20 17.22 49.08 25.75
N SER J 21 18.12 48.25 25.22
CA SER J 21 19.17 48.77 24.37
C SER J 21 18.60 49.38 23.10
N LEU J 22 17.58 48.74 22.52
CA LEU J 22 16.96 49.30 21.33
C LEU J 22 16.30 50.63 21.62
N ILE J 23 15.61 50.73 22.77
CA ILE J 23 15.01 52.00 23.14
C ILE J 23 16.06 53.08 23.26
N ALA J 24 17.17 52.78 23.92
CA ALA J 24 18.21 53.78 24.08
C ALA J 24 18.79 54.21 22.74
N ALA J 25 19.04 53.25 21.84
CA ALA J 25 19.59 53.59 20.54
C ALA J 25 18.62 54.47 19.76
N LEU J 26 17.34 54.12 19.78
CA LEU J 26 16.33 54.92 19.10
C LEU J 26 16.28 56.33 19.64
N THR J 27 16.35 56.49 20.97
CA THR J 27 16.33 57.84 21.52
C THR J 27 17.58 58.61 21.12
N ILE J 28 18.74 57.96 21.07
CA ILE J 28 19.95 58.67 20.68
C ILE J 28 19.82 59.17 19.25
N GLY J 29 19.42 58.29 18.34
CA GLY J 29 19.28 58.69 16.95
C GLY J 29 18.25 59.79 16.76
N GLY J 30 17.09 59.64 17.40
CA GLY J 30 16.07 60.66 17.28
C GLY J 30 16.52 62.01 17.81
N GLN J 31 17.19 62.00 18.95
CA GLN J 31 17.70 63.26 19.49
C GLN J 31 18.69 63.90 18.54
N GLN J 32 19.59 63.11 17.97
CA GLN J 32 20.58 63.67 17.06
C GLN J 32 19.89 64.32 15.85
N LEU J 33 18.97 63.59 15.22
CA LEU J 33 18.28 64.16 14.07
C LEU J 33 17.52 65.43 14.45
N PHE J 34 16.79 65.36 15.56
CA PHE J 34 16.02 66.51 16.03
C PHE J 34 16.91 67.73 16.22
N SER J 35 17.97 67.59 17.00
CA SER J 35 18.85 68.72 17.27
C SER J 35 19.47 69.25 15.99
N SER J 36 19.88 68.35 15.08
CA SER J 36 20.51 68.81 13.86
C SER J 36 19.53 69.56 12.96
N SER J 37 18.25 69.25 13.05
CA SER J 37 17.33 69.84 12.09
C SER J 37 16.73 71.16 12.58
N THR J 38 16.16 71.18 13.78
CA THR J 38 15.29 72.29 14.16
C THR J 38 15.78 73.01 15.41
N PHE J 39 17.06 73.36 15.46
CA PHE J 39 17.59 74.08 16.62
C PHE J 39 18.41 75.28 16.17
N SER J 40 18.12 76.43 16.77
CA SER J 40 18.88 77.65 16.51
C SER J 40 18.68 78.57 17.70
N CYS J 41 19.79 79.05 18.28
CA CYS J 41 19.70 79.86 19.48
C CYS J 41 18.99 81.17 19.12
N PRO J 42 18.09 81.65 19.98
CA PRO J 42 17.41 82.91 19.67
C PRO J 42 18.30 84.14 19.71
N CYS J 43 19.31 84.18 20.60
CA CYS J 43 20.18 85.34 20.73
C CYS J 43 19.38 86.61 21.00
N GLN J 44 18.28 86.46 21.73
CA GLN J 44 17.48 87.59 22.15
C GLN J 44 18.00 88.09 23.50
N VAL J 45 17.23 88.97 24.15
CA VAL J 45 17.73 89.64 25.34
C VAL J 45 17.49 88.81 26.59
N GLY J 46 16.26 88.41 26.84
CA GLY J 46 15.93 87.67 28.05
C GLY J 46 15.23 86.36 27.74
N LYS J 47 14.97 86.13 26.46
CA LYS J 47 14.21 84.97 26.01
C LYS J 47 15.10 83.84 25.51
N ASN J 48 16.31 83.72 26.05
CA ASN J 48 17.23 82.65 25.67
C ASN J 48 17.14 81.46 26.63
N PHE J 49 17.12 81.74 27.92
CA PHE J 49 17.14 80.67 28.92
C PHE J 49 15.93 79.75 28.78
N TYR J 50 14.77 80.32 28.45
CA TYR J 50 13.59 79.49 28.23
C TYR J 50 13.78 78.60 27.01
N TYR J 51 14.31 79.16 25.92
CA TYR J 51 14.49 78.38 24.71
C TYR J 51 15.47 77.24 24.93
N GLY J 52 16.39 77.40 25.87
CA GLY J 52 17.25 76.29 26.20
C GLY J 52 16.54 75.26 27.07
N SER J 53 15.94 75.74 28.16
CA SER J 53 15.34 74.85 29.13
C SER J 53 14.24 73.99 28.50
N ALA J 54 13.49 74.54 27.55
CA ALA J 54 12.44 73.77 26.92
C ALA J 54 13.01 72.52 26.26
N PHE J 55 13.94 72.69 25.34
CA PHE J 55 14.54 71.55 24.68
C PHE J 55 15.26 70.64 25.66
N LEU J 56 15.74 71.19 26.77
CA LEU J 56 16.45 70.35 27.71
C LEU J 56 15.52 69.45 28.51
N VAL J 57 14.35 69.95 28.88
CA VAL J 57 13.49 69.31 29.87
C VAL J 57 12.26 68.68 29.22
N ILE J 58 11.49 69.46 28.46
CA ILE J 58 10.16 69.01 28.05
C ILE J 58 10.18 67.65 27.39
N PRO J 59 11.09 67.33 26.46
CA PRO J 59 11.16 65.96 25.95
C PRO J 59 11.33 64.92 27.04
N ALA J 60 12.05 65.22 28.11
CA ALA J 60 12.19 64.25 29.18
C ALA J 60 10.83 63.94 29.80
N LEU J 61 10.08 64.97 30.18
CA LEU J 61 8.76 64.74 30.75
C LEU J 61 7.85 63.99 29.79
N ILE J 62 7.86 64.39 28.52
CA ILE J 62 6.98 63.75 27.55
C ILE J 62 7.33 62.28 27.42
N LEU J 63 8.59 61.97 27.21
CA LEU J 63 8.98 60.58 27.01
C LEU J 63 8.76 59.75 28.26
N LEU J 64 8.97 60.35 29.44
CA LEU J 64 8.74 59.62 30.68
C LEU J 64 7.26 59.29 30.86
N VAL J 65 6.39 60.29 30.70
CA VAL J 65 4.97 60.03 30.83
C VAL J 65 4.51 59.02 29.79
N ALA J 66 5.06 59.10 28.57
CA ALA J 66 4.65 58.15 27.54
C ALA J 66 5.11 56.74 27.88
N GLY J 67 6.35 56.59 28.33
CA GLY J 67 6.86 55.29 28.72
C GLY J 67 6.18 54.70 29.93
N PHE J 68 5.59 55.54 30.78
CA PHE J 68 4.83 55.03 31.91
C PHE J 68 3.42 54.64 31.49
N ALA J 69 2.69 55.57 30.87
CA ALA J 69 1.28 55.35 30.58
C ALA J 69 1.03 54.28 29.53
N LEU J 70 2.01 54.01 28.67
CA LEU J 70 1.80 53.04 27.61
C LEU J 70 1.85 51.59 28.08
N ARG J 71 2.33 51.34 29.30
CA ARG J 71 2.40 49.98 29.80
C ARG J 71 1.04 49.55 30.29
N SER J 72 0.49 48.52 29.65
CA SER J 72 -0.87 48.06 29.96
C SER J 72 -1.02 47.75 31.44
N GLN J 73 -0.02 47.12 32.05
CA GLN J 73 -0.16 46.69 33.43
C GLN J 73 -0.32 47.87 34.38
N MET J 74 0.27 49.01 34.05
CA MET J 74 0.17 50.16 34.94
C MET J 74 -1.27 50.63 35.06
N TRP J 75 -2.04 50.55 33.97
CA TRP J 75 -3.46 50.93 34.06
C TRP J 75 -4.21 49.99 34.98
N THR J 76 -3.94 48.69 34.90
CA THR J 76 -4.62 47.74 35.77
C THR J 76 -4.25 47.98 37.23
N ILE J 77 -2.98 48.27 37.50
CA ILE J 77 -2.56 48.53 38.87
C ILE J 77 -3.24 49.77 39.40
N THR J 78 -3.31 50.83 38.58
CA THR J 78 -4.03 52.02 39.01
C THR J 78 -5.50 51.73 39.28
N GLY J 79 -6.13 50.92 38.41
CA GLY J 79 -7.51 50.56 38.64
C GLY J 79 -7.71 49.82 39.95
N GLU J 80 -6.78 48.91 40.28
CA GLU J 80 -6.77 48.33 41.61
C GLU J 80 -6.64 49.40 42.69
N TYR J 81 -5.85 50.44 42.42
CA TYR J 81 -5.66 51.50 43.41
C TYR J 81 -6.77 52.54 43.37
N CYS J 82 -7.15 53.00 42.19
CA CYS J 82 -8.13 54.06 42.07
C CYS J 82 -9.50 53.59 42.53
N CYS J 83 -10.37 54.56 42.82
CA CYS J 83 -11.73 54.28 43.24
C CYS J 83 -12.58 53.82 42.06
N PRO J 94 -1.63 44.27 53.52
CA PRO J 94 -1.10 42.91 53.68
C PRO J 94 -0.06 42.57 52.62
N LEU J 95 -0.33 41.54 51.82
CA LEU J 95 0.60 41.16 50.77
C LEU J 95 0.29 41.84 49.45
N GLU J 96 -0.99 42.14 49.21
CA GLU J 96 -1.37 42.74 47.93
C GLU J 96 -0.68 44.08 47.74
N CYS J 97 -0.52 44.86 48.80
CA CYS J 97 0.14 46.16 48.68
C CYS J 97 1.59 46.01 48.26
N LYS J 98 2.33 45.14 48.93
CA LYS J 98 3.73 44.94 48.57
C LYS J 98 3.87 44.40 47.15
N LEU J 99 2.97 43.49 46.75
CA LEU J 99 3.05 42.97 45.40
C LEU J 99 2.76 44.05 44.36
N ALA J 100 1.77 44.91 44.63
CA ALA J 100 1.51 46.02 43.74
C ALA J 100 2.72 46.93 43.65
N CYS J 101 3.39 47.18 44.77
CA CYS J 101 4.58 48.03 44.75
C CYS J 101 5.66 47.41 43.89
N LEU J 102 5.85 46.11 43.99
CA LEU J 102 6.86 45.44 43.16
C LEU J 102 6.51 45.51 41.68
N ARG J 103 5.24 45.31 41.36
CA ARG J 103 4.80 45.41 39.97
C ARG J 103 5.08 46.79 39.40
N PHE J 104 4.64 47.82 40.12
CA PHE J 104 4.86 49.20 39.73
C PHE J 104 6.35 49.49 39.58
N PHE J 105 7.17 48.94 40.47
CA PHE J 105 8.60 49.19 40.40
C PHE J 105 9.20 48.57 39.16
N SER J 106 8.78 47.36 38.80
CA SER J 106 9.30 46.75 37.58
C SER J 106 8.94 47.58 36.36
N ILE J 107 7.68 48.03 36.28
CA ILE J 107 7.30 48.86 35.14
C ILE J 107 8.11 50.15 35.11
N THR J 108 8.37 50.73 36.28
CA THR J 108 9.20 51.93 36.35
C THR J 108 10.61 51.66 35.83
N GLY J 109 11.19 50.53 36.25
CA GLY J 109 12.51 50.18 35.77
C GLY J 109 12.56 50.06 34.28
N ARG J 110 11.46 49.63 33.66
CA ARG J 110 11.44 49.65 32.20
C ARG J 110 11.34 51.07 31.66
N ALA J 111 10.47 51.88 32.24
CA ALA J 111 10.10 53.15 31.60
C ALA J 111 11.16 54.23 31.76
N VAL J 112 11.96 54.19 32.82
CA VAL J 112 12.89 55.27 33.09
C VAL J 112 14.03 55.35 32.07
N ILE J 113 14.23 54.31 31.26
CA ILE J 113 15.40 54.28 30.38
C ILE J 113 15.38 55.42 29.36
N ALA J 114 14.20 55.85 28.92
CA ALA J 114 14.17 56.82 27.83
C ALA J 114 14.56 58.23 28.28
N PRO J 115 13.89 58.82 29.29
CA PRO J 115 14.23 60.20 29.65
C PRO J 115 15.66 60.35 30.10
N LEU J 116 16.18 59.39 30.84
CA LEU J 116 17.55 59.53 31.35
C LEU J 116 18.55 59.48 30.22
N THR J 117 18.32 58.62 29.22
CA THR J 117 19.24 58.59 28.09
C THR J 117 19.12 59.84 27.24
N TRP J 118 17.91 60.41 27.13
CA TRP J 118 17.78 61.67 26.40
C TRP J 118 18.57 62.77 27.09
N LEU J 119 18.36 62.95 28.40
CA LEU J 119 19.12 63.93 29.14
C LEU J 119 20.62 63.69 29.02
N ALA J 120 21.04 62.43 29.10
CA ALA J 120 22.46 62.13 29.04
C ALA J 120 23.06 62.55 27.72
N VAL J 121 22.42 62.16 26.61
CA VAL J 121 23.02 62.47 25.32
C VAL J 121 22.98 63.97 25.05
N THR J 122 21.91 64.65 25.48
CA THR J 122 21.84 66.08 25.18
C THR J 122 22.79 66.88 26.05
N LEU J 123 23.07 66.41 27.26
CA LEU J 123 24.08 67.11 28.06
C LEU J 123 25.48 66.81 27.57
N LEU J 124 25.73 65.57 27.12
CA LEU J 124 27.06 65.24 26.66
C LEU J 124 27.41 65.97 25.37
N THR J 125 26.49 66.03 24.42
CA THR J 125 26.73 66.89 23.26
C THR J 125 26.79 68.35 23.69
N GLY J 126 25.97 68.73 24.67
CA GLY J 126 26.08 70.01 25.33
C GLY J 126 25.60 71.20 24.53
N THR J 127 25.35 71.06 23.23
CA THR J 127 24.98 72.20 22.42
C THR J 127 23.68 72.85 22.90
N TYR J 128 22.89 72.15 23.70
CA TYR J 128 21.68 72.76 24.25
C TYR J 128 22.02 73.64 25.44
N TYR J 129 22.91 73.17 26.31
CA TYR J 129 23.13 73.87 27.57
C TYR J 129 23.75 75.24 27.33
N GLU J 130 24.67 75.34 26.36
CA GLU J 130 25.30 76.63 26.10
C GLU J 130 24.25 77.67 25.73
N CYS J 131 23.26 77.32 24.93
CA CYS J 131 22.16 78.23 24.65
C CYS J 131 21.31 78.43 25.89
N ALA J 132 21.23 77.43 26.75
CA ALA J 132 20.37 77.55 27.92
C ALA J 132 20.88 78.61 28.89
N ALA J 133 22.19 78.67 29.09
CA ALA J 133 22.77 79.57 30.08
C ALA J 133 23.89 80.40 29.47
N SER J 134 23.68 80.89 28.24
CA SER J 134 24.65 81.79 27.64
C SER J 134 24.60 83.20 28.20
N GLU J 135 23.65 83.48 29.08
CA GLU J 135 23.55 84.80 29.67
C GLU J 135 24.08 84.88 31.10
N PHE J 136 24.19 83.75 31.79
CA PHE J 136 24.61 83.78 33.18
C PHE J 136 26.12 83.81 33.36
N ALA J 137 26.89 83.92 32.29
CA ALA J 137 28.35 83.87 32.41
C ALA J 137 28.84 85.04 33.26
N SER J 138 29.52 84.72 34.35
CA SER J 138 30.04 85.75 35.25
C SER J 138 31.24 86.41 34.61
N VAL J 139 31.06 87.62 34.09
CA VAL J 139 32.13 88.36 33.46
C VAL J 139 32.56 89.47 34.42
N ASP J 140 33.76 89.32 34.97
CA ASP J 140 34.34 90.33 35.85
C ASP J 140 35.80 90.63 35.57
N HIS J 141 36.51 89.79 34.82
CA HIS J 141 37.94 89.95 34.64
C HIS J 141 38.28 90.03 33.16
N TYR J 142 37.54 90.85 32.43
CA TYR J 142 37.77 91.03 31.01
C TYR J 142 37.79 92.52 30.68
N PRO J 143 38.61 92.91 29.72
CA PRO J 143 38.86 94.35 29.50
C PRO J 143 37.73 95.05 28.76
N MET J 144 37.00 94.31 27.92
CA MET J 144 35.99 94.92 27.08
C MET J 144 34.62 95.04 27.76
N PHE J 145 34.47 94.50 28.97
CA PHE J 145 33.22 94.60 29.72
C PHE J 145 33.30 95.55 30.90
N ASP J 146 34.27 96.46 30.90
CA ASP J 146 34.44 97.35 32.05
C ASP J 146 33.53 98.57 31.95
N ASN J 147 33.70 99.38 30.91
CA ASN J 147 32.99 100.65 30.83
C ASN J 147 31.59 100.51 30.26
N VAL J 148 31.34 99.45 29.48
CA VAL J 148 30.10 99.31 28.74
C VAL J 148 28.92 99.21 29.71
N SER J 149 27.75 99.64 29.24
CA SER J 149 26.57 99.66 30.09
C SER J 149 26.06 98.24 30.33
N ALA J 150 25.21 98.12 31.36
CA ALA J 150 24.72 96.80 31.77
C ALA J 150 23.87 96.17 30.67
N SER J 151 22.87 96.90 30.18
CA SER J 151 22.03 96.38 29.11
C SER J 151 22.85 96.12 27.84
N LYS J 152 23.81 97.00 27.56
CA LYS J 152 24.71 96.74 26.45
C LYS J 152 25.50 95.45 26.66
N ARG J 153 25.87 95.18 27.91
CA ARG J 153 26.56 93.93 28.23
C ARG J 153 25.66 92.73 28.00
N GLU J 154 24.40 92.83 28.43
CA GLU J 154 23.45 91.74 28.17
C GLU J 154 23.31 91.48 26.67
N GLU J 155 23.17 92.56 25.90
CA GLU J 155 23.02 92.41 24.46
C GLU J 155 24.23 91.74 23.84
N ILE J 156 25.44 92.20 24.20
CA ILE J 156 26.62 91.63 23.59
C ILE J 156 26.91 90.23 24.13
N LEU J 157 26.37 89.89 25.30
CA LEU J 157 26.62 88.58 25.88
C LEU J 157 25.71 87.53 25.30
N ALA J 158 24.43 87.87 25.10
CA ALA J 158 23.49 86.88 24.59
C ALA J 158 23.67 86.59 23.12
N GLY J 159 24.45 87.40 22.41
CA GLY J 159 24.68 87.17 20.99
C GLY J 159 25.79 86.21 20.68
N PHE J 160 26.51 85.75 21.70
CA PHE J 160 27.68 84.91 21.48
C PHE J 160 27.37 83.61 20.75
N PRO J 161 26.42 82.78 21.18
CA PRO J 161 26.35 81.41 20.64
C PRO J 161 26.12 81.34 19.14
N CYS J 162 25.20 82.14 18.60
CA CYS J 162 24.73 81.91 17.23
C CYS J 162 25.73 82.37 16.18
N CYS J 163 26.21 83.61 16.24
CA CYS J 163 27.02 84.11 15.14
C CYS J 163 28.22 84.87 15.67
N ARG J 164 29.12 85.23 14.75
CA ARG J 164 30.31 85.98 15.08
C ARG J 164 30.71 86.88 13.92
N SER J 165 30.86 88.17 14.19
CA SER J 165 31.36 89.12 13.21
C SER J 165 32.30 90.15 13.80
N ALA J 166 32.57 90.10 15.09
CA ALA J 166 33.29 91.17 15.80
C ALA J 166 34.80 91.00 15.61
N PRO J 167 35.61 91.94 16.15
CA PRO J 167 37.07 91.77 16.10
C PRO J 167 37.60 90.56 16.85
N SER J 168 38.93 90.39 16.81
CA SER J 168 39.54 89.16 17.29
C SER J 168 39.30 88.94 18.78
N ASP J 169 39.54 89.97 19.60
CA ASP J 169 39.43 89.78 21.05
C ASP J 169 38.02 89.33 21.44
N VAL J 170 37.01 89.86 20.76
CA VAL J 170 35.64 89.47 21.08
C VAL J 170 35.41 88.01 20.75
N ILE J 171 35.88 87.55 19.59
CA ILE J 171 35.63 86.16 19.24
C ILE J 171 36.45 85.24 20.12
N LEU J 172 37.59 85.71 20.62
CA LEU J 172 38.38 84.90 21.53
C LEU J 172 37.68 84.73 22.88
N VAL J 173 37.17 85.84 23.44
CA VAL J 173 36.44 85.69 24.70
C VAL J 173 35.18 84.87 24.47
N ARG J 174 34.61 84.94 23.25
CA ARG J 174 33.48 84.09 22.91
C ARG J 174 33.86 82.62 22.95
N ASP J 175 34.98 82.26 22.30
CA ASP J 175 35.45 80.89 22.34
C ASP J 175 35.69 80.43 23.76
N GLU J 176 36.22 81.31 24.60
CA GLU J 176 36.50 80.93 25.98
C GLU J 176 35.22 80.65 26.74
N ILE J 177 34.22 81.54 26.62
CA ILE J 177 32.96 81.30 27.31
C ILE J 177 32.33 80.01 26.83
N ALA J 178 32.40 79.75 25.52
CA ALA J 178 31.81 78.53 24.99
C ALA J 178 32.48 77.30 25.56
N LEU J 179 33.80 77.29 25.62
CA LEU J 179 34.50 76.13 26.19
C LEU J 179 34.13 75.93 27.65
N LEU J 180 34.10 77.01 28.43
CA LEU J 180 33.71 76.89 29.83
C LEU J 180 32.33 76.26 29.96
N HIS J 181 31.37 76.75 29.16
CA HIS J 181 30.02 76.25 29.30
C HIS J 181 29.90 74.80 28.84
N ARG J 182 30.64 74.42 27.80
CA ARG J 182 30.63 73.02 27.38
C ARG J 182 31.20 72.13 28.47
N TYR J 183 32.27 72.57 29.12
CA TYR J 183 32.81 71.80 30.24
C TYR J 183 31.75 71.62 31.32
N GLN J 184 31.07 72.70 31.68
CA GLN J 184 30.05 72.58 32.73
C GLN J 184 28.96 71.62 32.31
N SER J 185 28.53 71.68 31.05
CA SER J 185 27.48 70.78 30.59
C SER J 185 27.91 69.33 30.71
N GLN J 186 29.12 69.01 30.24
CA GLN J 186 29.54 67.62 30.25
C GLN J 186 29.72 67.11 31.67
N MET J 187 30.25 67.94 32.57
CA MET J 187 30.36 67.50 33.96
C MET J 187 28.98 67.25 34.56
N LEU J 188 28.04 68.15 34.30
CA LEU J 188 26.69 67.93 34.81
C LEU J 188 26.10 66.63 34.27
N GLY J 189 26.39 66.33 33.00
CA GLY J 189 25.89 65.09 32.44
C GLY J 189 26.46 63.87 33.13
N TRP J 190 27.78 63.86 33.37
CA TRP J 190 28.37 62.72 34.05
C TRP J 190 27.83 62.58 35.46
N ILE J 191 27.59 63.71 36.14
CA ILE J 191 27.01 63.66 37.47
C ILE J 191 25.62 63.04 37.42
N LEU J 192 24.82 63.44 36.44
CA LEU J 192 23.49 62.86 36.30
C LEU J 192 23.57 61.36 36.08
N ILE J 193 24.48 60.91 35.21
CA ILE J 193 24.60 59.47 34.96
C ILE J 193 24.98 58.73 36.23
N THR J 194 26.00 59.20 36.95
CA THR J 194 26.46 58.46 38.11
C THR J 194 25.39 58.43 39.19
N LEU J 195 24.69 59.56 39.41
CA LEU J 195 23.65 59.57 40.43
C LEU J 195 22.50 58.66 40.04
N ALA J 196 22.11 58.68 38.76
CA ALA J 196 21.04 57.81 38.31
C ALA J 196 21.39 56.35 38.51
N THR J 197 22.63 55.98 38.15
CA THR J 197 23.02 54.59 38.30
C THR J 197 23.04 54.15 39.76
N ILE J 198 23.63 54.97 40.64
CA ILE J 198 23.70 54.58 42.04
C ILE J 198 22.31 54.51 42.65
N ALA J 199 21.42 55.42 42.25
CA ALA J 199 20.06 55.38 42.76
C ALA J 199 19.32 54.14 42.26
N ALA J 200 19.47 53.81 40.99
CA ALA J 200 18.82 52.62 40.45
C ALA J 200 19.31 51.37 41.19
N LEU J 201 20.62 51.28 41.43
CA LEU J 201 21.16 50.10 42.10
C LEU J 201 20.63 49.99 43.52
N VAL J 202 20.71 51.07 44.29
CA VAL J 202 20.26 50.99 45.68
C VAL J 202 18.76 50.72 45.74
N SER J 203 18.01 51.27 44.79
CA SER J 203 16.56 51.05 44.79
C SER J 203 16.24 49.60 44.45
N CYS J 204 16.92 49.02 43.46
CA CYS J 204 16.66 47.62 43.13
C CYS J 204 17.03 46.73 44.30
N CYS J 205 18.14 47.02 44.98
CA CYS J 205 18.54 46.22 46.13
C CYS J 205 17.51 46.33 47.25
N VAL J 206 17.02 47.54 47.50
CA VAL J 206 16.00 47.71 48.54
C VAL J 206 14.74 46.94 48.18
N ALA J 207 14.34 46.99 46.91
CA ALA J 207 13.16 46.26 46.48
C ALA J 207 13.34 44.77 46.68
N LYS J 208 14.53 44.25 46.36
CA LYS J 208 14.80 42.84 46.59
C LYS J 208 14.82 42.52 48.08
N CYS J 209 15.21 43.48 48.91
CA CYS J 209 15.24 43.27 50.35
C CYS J 209 13.84 43.19 50.93
N CYS J 210 13.01 44.19 50.66
CA CYS J 210 11.67 44.24 51.24
C CYS J 210 10.71 43.25 50.62
N SER J 211 11.16 42.44 49.67
CA SER J 211 10.26 41.50 49.02
C SER J 211 9.87 40.39 49.99
N PRO J 212 8.60 40.02 50.07
CA PRO J 212 8.19 38.92 50.94
C PRO J 212 8.39 37.54 50.33
N LEU J 213 8.74 37.46 49.06
CA LEU J 213 8.85 36.17 48.39
C LEU J 213 10.29 35.71 48.31
N THR J 214 10.46 34.42 48.03
CA THR J 214 11.78 33.81 47.97
C THR J 214 12.39 34.08 46.59
N SER J 215 13.51 33.40 46.31
CA SER J 215 14.17 33.53 45.03
C SER J 215 13.51 32.71 43.93
N LEU J 216 12.52 31.90 44.28
CA LEU J 216 11.83 31.04 43.32
C LEU J 216 10.37 31.43 43.12
N GLN J 217 9.68 31.81 44.20
CA GLN J 217 8.30 32.24 44.06
C GLN J 217 8.16 33.44 43.13
N HIS J 218 9.19 34.28 43.05
CA HIS J 218 9.11 35.47 42.21
C HIS J 218 8.98 35.12 40.74
N CYS J 219 9.81 34.19 40.26
CA CYS J 219 9.74 33.81 38.86
C CYS J 219 8.40 33.16 38.53
N TYR J 220 7.99 32.23 39.39
CA TYR J 220 6.66 31.64 39.26
C TYR J 220 5.58 32.72 39.18
N TRP J 221 5.73 33.77 39.99
CA TRP J 221 4.72 34.82 40.03
C TRP J 221 4.66 35.60 38.73
N THR J 222 5.83 35.94 38.18
CA THR J 222 5.85 36.68 36.93
C THR J 222 5.24 35.86 35.80
N SER J 223 5.63 34.58 35.72
CA SER J 223 5.04 33.72 34.71
C SER J 223 3.53 33.61 34.90
N HIS J 224 3.09 33.53 36.15
CA HIS J 224 1.67 33.52 36.45
C HIS J 224 0.97 34.73 35.85
N LEU J 225 1.49 35.92 36.12
CA LEU J 225 0.85 37.13 35.62
C LEU J 225 0.77 37.14 34.10
N GLN J 226 1.90 36.92 33.44
CA GLN J 226 1.92 37.02 31.98
C GLN J 226 0.98 36.01 31.35
N ASN J 227 1.12 34.74 31.72
CA ASN J 227 0.28 33.72 31.10
C ASN J 227 -1.18 33.90 31.45
N GLU J 228 -1.47 34.40 32.65
CA GLU J 228 -2.84 34.72 33.00
C GLU J 228 -3.44 35.70 32.01
N ARG J 229 -2.77 36.84 31.81
CA ARG J 229 -3.29 37.84 30.89
C ARG J 229 -3.53 37.23 29.52
N GLU J 230 -2.53 36.55 28.98
CA GLU J 230 -2.66 36.04 27.61
C GLU J 230 -3.80 35.04 27.48
N LEU J 231 -3.85 34.05 28.38
CA LEU J 231 -4.86 33.01 28.26
C LEU J 231 -6.26 33.58 28.45
N PHE J 232 -6.44 34.49 29.40
CA PHE J 232 -7.77 35.04 29.59
C PHE J 232 -8.21 35.82 28.35
N GLU J 233 -7.28 36.55 27.72
CA GLU J 233 -7.65 37.24 26.49
C GLU J 233 -8.13 36.26 25.44
N GLN J 234 -7.35 35.20 25.21
CA GLN J 234 -7.72 34.25 24.16
C GLN J 234 -9.07 33.60 24.47
N ALA J 235 -9.28 33.22 25.73
CA ALA J 235 -10.51 32.53 26.09
C ALA J 235 -11.72 33.43 25.94
N ALA J 236 -11.62 34.68 26.41
CA ALA J 236 -12.74 35.59 26.26
C ALA J 236 -13.07 35.79 24.79
N GLU J 237 -12.05 35.98 23.95
CA GLU J 237 -12.31 36.13 22.53
C GLU J 237 -13.08 34.95 21.98
N GLN J 238 -12.57 33.73 22.23
CA GLN J 238 -13.20 32.55 21.65
C GLN J 238 -14.62 32.37 22.17
N HIS J 239 -14.85 32.63 23.45
CA HIS J 239 -16.18 32.45 24.03
C HIS J 239 -17.17 33.41 23.41
N SER J 240 -16.79 34.69 23.31
CA SER J 240 -17.72 35.65 22.71
C SER J 240 -17.98 35.31 21.26
N ARG J 241 -16.96 34.84 20.55
CA ARG J 241 -17.16 34.44 19.17
C ARG J 241 -18.18 33.31 19.08
N LEU J 242 -18.05 32.31 19.94
CA LEU J 242 -19.00 31.19 19.89
C LEU J 242 -20.41 31.66 20.22
N LEU J 243 -20.56 32.53 21.21
CA LEU J 243 -21.91 32.99 21.57
C LEU J 243 -22.54 33.78 20.43
N MET J 244 -21.78 34.70 19.83
CA MET J 244 -22.32 35.45 18.71
C MET J 244 -22.65 34.52 17.55
N MET J 245 -21.84 33.49 17.35
CA MET J 245 -22.12 32.51 16.30
C MET J 245 -23.42 31.78 16.57
N HIS J 246 -23.67 31.43 17.82
CA HIS J 246 -24.93 30.77 18.16
C HIS J 246 -26.12 31.69 17.92
N ARG J 247 -26.00 32.97 18.29
CA ARG J 247 -27.10 33.88 18.00
C ARG J 247 -27.35 34.01 16.51
N ILE J 248 -26.27 34.08 15.72
CA ILE J 248 -26.43 34.17 14.28
C ILE J 248 -27.15 32.93 13.75
N LYS J 249 -26.76 31.75 14.23
CA LYS J 249 -27.40 30.53 13.75
C LYS J 249 -28.85 30.47 14.16
N LYS J 250 -29.19 30.97 15.35
CA LYS J 250 -30.59 31.03 15.75
C LYS J 250 -31.37 31.95 14.85
N LEU J 251 -30.76 33.05 14.41
CA LEU J 251 -31.48 33.98 13.56
C LEU J 251 -31.63 33.46 12.14
N PHE J 252 -30.52 33.24 11.45
CA PHE J 252 -30.59 32.89 10.03
C PHE J 252 -30.87 31.42 9.81
N GLY J 253 -30.49 30.57 10.74
CA GLY J 253 -30.78 29.16 10.65
C GLY J 253 -29.61 28.26 10.33
N PHE J 254 -28.39 28.72 10.55
CA PHE J 254 -27.21 27.91 10.24
C PHE J 254 -26.00 28.58 10.86
N ILE J 255 -24.98 27.78 11.11
CA ILE J 255 -23.73 28.31 11.65
C ILE J 255 -22.93 28.94 10.51
N PRO J 256 -22.41 30.15 10.68
CA PRO J 256 -21.74 30.80 9.54
C PRO J 256 -20.53 30.03 9.05
N GLY J 257 -19.73 29.46 9.95
CA GLY J 257 -18.56 28.72 9.54
C GLY J 257 -18.88 27.44 8.80
N SER J 258 -20.14 27.25 8.44
CA SER J 258 -20.56 26.04 7.77
C SER J 258 -20.44 26.13 6.26
N GLU J 259 -20.64 24.98 5.64
CA GLU J 259 -20.70 24.80 4.20
C GLU J 259 -21.77 23.79 3.83
N ASP J 260 -22.28 23.94 2.60
CA ASP J 260 -23.32 23.07 2.03
C ASP J 260 -24.55 22.96 2.94
N VAL J 261 -24.90 24.06 3.57
CA VAL J 261 -26.06 24.09 4.47
C VAL J 261 -27.32 23.86 3.65
N LYS J 262 -28.17 22.96 4.11
CA LYS J 262 -29.38 22.63 3.39
C LYS J 262 -30.64 23.24 4.01
N HIS J 263 -30.49 24.18 4.94
CA HIS J 263 -31.68 24.80 5.51
C HIS J 263 -31.41 26.28 5.80
N ILE J 264 -32.35 27.13 5.39
CA ILE J 264 -32.23 28.57 5.52
C ILE J 264 -33.50 29.11 6.14
N ARG J 265 -33.36 29.99 7.14
CA ARG J 265 -34.51 30.60 7.79
C ARG J 265 -34.55 32.07 7.43
N ILE J 266 -35.61 32.48 6.75
CA ILE J 266 -35.77 33.90 6.41
C ILE J 266 -36.13 34.69 7.67
N PRO J 267 -35.49 35.81 7.95
CA PRO J 267 -35.80 36.56 9.15
C PRO J 267 -37.13 37.28 9.02
N SER J 268 -37.71 37.61 10.18
CA SER J 268 -38.93 38.39 10.21
C SER J 268 -38.59 39.86 10.38
N CYS J 269 -39.58 40.72 10.14
CA CYS J 269 -39.34 42.15 10.27
C CYS J 269 -39.10 42.58 11.72
N GLN J 270 -39.19 41.67 12.67
CA GLN J 270 -38.91 41.95 14.07
C GLN J 270 -37.59 41.38 14.55
N ASP J 271 -37.16 40.24 13.99
CA ASP J 271 -35.91 39.63 14.40
C ASP J 271 -34.75 40.61 14.31
N TRP J 272 -34.77 41.48 13.29
CA TRP J 272 -33.78 42.55 13.21
C TRP J 272 -33.84 43.43 14.44
N LYS J 273 -35.05 43.75 14.91
CA LYS J 273 -35.19 44.52 16.13
C LYS J 273 -34.62 43.78 17.32
N ASP J 274 -34.75 42.44 17.33
CA ASP J 274 -34.25 41.67 18.46
C ASP J 274 -32.73 41.65 18.51
N ILE J 275 -32.09 41.35 17.37
CA ILE J 275 -30.63 41.22 17.35
C ILE J 275 -29.95 42.56 17.55
N SER J 276 -30.72 43.65 17.57
CA SER J 276 -30.15 44.98 17.68
C SER J 276 -29.41 45.19 18.99
N VAL J 277 -29.84 44.56 20.07
CA VAL J 277 -29.19 44.79 21.36
C VAL J 277 -28.01 43.83 21.52
N PRO J 278 -26.95 44.24 22.21
CA PRO J 278 -25.72 43.43 22.27
C PRO J 278 -25.61 42.53 23.50
N THR J 279 -26.54 42.63 24.45
CA THR J 279 -26.58 41.84 25.68
C THR J 279 -25.39 42.16 26.58
N LEU J 280 -24.48 43.03 26.14
CA LEU J 280 -23.30 43.42 26.91
C LEU J 280 -22.48 42.21 27.34
N THR K 4 2.73 32.20 7.11
CA THR K 4 2.98 32.86 8.39
C THR K 4 2.75 34.36 8.30
N LEU K 5 2.58 34.84 7.06
CA LEU K 5 2.44 36.28 6.82
C LEU K 5 1.24 36.84 7.56
N ASN K 6 0.05 36.30 7.27
CA ASN K 6 -1.19 36.84 7.81
C ASN K 6 -1.20 36.88 9.33
N ASN K 7 -0.49 35.97 10.00
CA ASN K 7 -0.35 36.05 11.44
C ASN K 7 0.26 37.38 11.88
N ILE K 8 1.45 37.71 11.34
CA ILE K 8 2.09 38.95 11.74
C ILE K 8 1.32 40.16 11.24
N VAL K 9 0.63 40.03 10.10
CA VAL K 9 -0.17 41.14 9.61
C VAL K 9 -1.29 41.46 10.59
N SER K 10 -2.02 40.45 11.03
CA SER K 10 -3.07 40.68 12.02
C SER K 10 -2.50 41.15 13.35
N SER K 11 -1.32 40.65 13.73
CA SER K 11 -0.73 41.06 15.00
C SER K 11 -0.43 42.54 15.00
N LEU K 12 0.19 43.04 13.93
CA LEU K 12 0.45 44.47 13.85
C LEU K 12 -0.85 45.26 13.68
N GLN K 13 -1.81 44.72 12.94
CA GLN K 13 -3.06 45.43 12.71
C GLN K 13 -3.84 45.65 14.00
N ARG K 14 -3.74 44.71 14.95
CA ARG K 14 -4.36 44.95 16.25
C ARG K 14 -3.54 45.94 17.06
N ASN K 15 -2.22 45.94 16.88
CA ASN K 15 -1.32 46.76 17.70
C ASN K 15 -1.57 48.24 17.38
N GLY K 16 -2.16 48.96 18.34
CA GLY K 16 -2.43 50.37 18.15
C GLY K 16 -1.19 51.23 18.02
N ILE K 17 -0.11 50.87 18.73
CA ILE K 17 1.09 51.70 18.73
C ILE K 17 1.66 51.84 17.32
N PHE K 18 1.75 50.72 16.60
CA PHE K 18 2.32 50.78 15.26
C PHE K 18 1.46 51.61 14.33
N ILE K 19 0.14 51.46 14.40
CA ILE K 19 -0.74 52.23 13.53
C ILE K 19 -0.61 53.72 13.82
N ASN K 20 -0.63 54.10 15.09
CA ASN K 20 -0.50 55.51 15.42
C ASN K 20 0.85 56.07 14.98
N SER K 21 1.92 55.30 15.18
CA SER K 21 3.24 55.78 14.77
C SER K 21 3.30 55.95 13.26
N LEU K 22 2.71 55.03 12.51
CA LEU K 22 2.71 55.16 11.06
C LEU K 22 1.93 56.39 10.62
N ILE K 23 0.79 56.64 11.26
CA ILE K 23 0.02 57.83 10.93
C ILE K 23 0.85 59.09 11.18
N ALA K 24 1.52 59.14 12.32
CA ALA K 24 2.32 60.32 12.62
C ALA K 24 3.45 60.51 11.61
N ALA K 25 4.13 59.42 11.25
CA ALA K 25 5.22 59.53 10.28
C ALA K 25 4.70 60.01 8.93
N LEU K 26 3.57 59.45 8.49
CA LEU K 26 2.97 59.88 7.24
C LEU K 26 2.62 61.36 7.25
N THR K 27 2.05 61.84 8.36
CA THR K 27 1.72 63.25 8.41
C THR K 27 2.96 64.12 8.41
N ILE K 28 4.03 63.67 9.07
CA ILE K 28 5.26 64.47 9.06
C ILE K 28 5.80 64.59 7.64
N GLY K 29 5.92 63.45 6.96
CA GLY K 29 6.44 63.47 5.60
C GLY K 29 5.58 64.30 4.66
N GLY K 30 4.26 64.11 4.73
CA GLY K 30 3.37 64.86 3.87
C GLY K 30 3.47 66.36 4.13
N GLN K 31 3.52 66.76 5.40
CA GLN K 31 3.65 68.17 5.72
C GLN K 31 4.95 68.73 5.15
N GLN K 32 6.05 67.99 5.29
CA GLN K 32 7.31 68.48 4.79
C GLN K 32 7.26 68.69 3.29
N LEU K 33 6.78 67.68 2.55
CA LEU K 33 6.70 67.82 1.10
C LEU K 33 5.80 68.99 0.71
N PHE K 34 4.63 69.07 1.36
CA PHE K 34 3.68 70.14 1.07
C PHE K 34 4.32 71.51 1.26
N SER K 35 4.89 71.75 2.44
CA SER K 35 5.50 73.05 2.72
C SER K 35 6.62 73.35 1.75
N SER K 36 7.45 72.35 1.43
CA SER K 36 8.56 72.61 0.54
C SER K 36 8.10 72.93 -0.87
N SER K 37 6.95 72.42 -1.27
CA SER K 37 6.56 72.60 -2.67
C SER K 37 5.76 73.87 -2.91
N THR K 38 4.68 74.08 -2.16
CA THR K 38 3.69 75.08 -2.54
C THR K 38 3.50 76.17 -1.49
N PHE K 39 4.58 76.73 -0.97
CA PHE K 39 4.48 77.78 0.03
C PHE K 39 5.35 78.97 -0.34
N SER K 40 4.77 80.16 -0.30
CA SER K 40 5.51 81.39 -0.54
C SER K 40 4.74 82.54 0.11
N CYS K 41 5.41 83.31 0.93
CA CYS K 41 4.74 84.37 1.67
C CYS K 41 4.23 85.41 0.68
N PRO K 42 3.00 85.91 0.86
CA PRO K 42 2.51 86.93 -0.08
C PRO K 42 3.22 88.26 0.00
N CYS K 43 3.70 88.68 1.17
CA CYS K 43 4.35 89.98 1.34
C CYS K 43 3.46 91.11 0.83
N GLN K 44 2.16 90.96 1.00
CA GLN K 44 1.20 92.00 0.68
C GLN K 44 1.00 92.89 1.89
N VAL K 45 -0.02 93.75 1.85
CA VAL K 45 -0.18 94.77 2.88
C VAL K 45 -0.94 94.25 4.08
N GLY K 46 -2.13 93.71 3.86
CA GLY K 46 -2.96 93.22 4.95
C GLY K 46 -3.38 91.78 4.78
N LYS K 47 -2.99 91.20 3.64
CA LYS K 47 -3.39 89.86 3.27
C LYS K 47 -2.32 88.81 3.57
N ASN K 48 -1.52 89.04 4.61
CA ASN K 48 -0.50 88.09 5.00
C ASN K 48 -0.97 87.17 6.12
N PHE K 49 -1.61 87.74 7.14
CA PHE K 49 -2.02 86.97 8.30
C PHE K 49 -2.97 85.85 7.92
N TYR K 50 -3.87 86.11 6.96
CA TYR K 50 -4.76 85.05 6.50
C TYR K 50 -3.99 83.95 5.80
N TYR K 51 -3.02 84.32 4.95
CA TYR K 51 -2.26 83.30 4.24
C TYR K 51 -1.46 82.44 5.19
N GLY K 52 -1.11 82.98 6.35
CA GLY K 52 -0.45 82.15 7.34
C GLY K 52 -1.45 81.26 8.07
N SER K 53 -2.51 81.87 8.58
CA SER K 53 -3.46 81.14 9.39
C SER K 53 -4.10 80.00 8.63
N ALA K 54 -4.32 80.15 7.33
CA ALA K 54 -4.93 79.07 6.57
C ALA K 54 -4.06 77.82 6.62
N PHE K 55 -2.81 77.94 6.21
CA PHE K 55 -1.91 76.78 6.25
C PHE K 55 -1.72 76.28 7.66
N LEU K 56 -1.85 77.16 8.65
CA LEU K 56 -1.63 76.70 10.02
C LEU K 56 -2.80 75.88 10.54
N VAL K 57 -4.02 76.25 10.19
CA VAL K 57 -5.21 75.72 10.84
C VAL K 57 -5.97 74.75 9.93
N ILE K 58 -6.32 75.17 8.72
CA ILE K 58 -7.27 74.41 7.91
C ILE K 58 -6.88 72.95 7.76
N PRO K 59 -5.63 72.59 7.48
CA PRO K 59 -5.28 71.17 7.48
C PRO K 59 -5.59 70.47 8.78
N ALA K 60 -5.48 71.14 9.92
CA ALA K 60 -5.84 70.50 11.18
C ALA K 60 -7.29 70.11 11.19
N LEU K 61 -8.18 71.05 10.88
CA LEU K 61 -9.61 70.74 10.85
C LEU K 61 -9.91 69.64 9.85
N ILE K 62 -9.34 69.72 8.65
CA ILE K 62 -9.62 68.71 7.64
C ILE K 62 -9.19 67.34 8.12
N LEU K 63 -7.96 67.21 8.59
CA LEU K 63 -7.46 65.91 9.01
C LEU K 63 -8.22 65.39 10.22
N LEU K 64 -8.62 66.28 11.13
CA LEU K 64 -9.38 65.84 12.29
C LEU K 64 -10.75 65.31 11.89
N VAL K 65 -11.48 66.06 11.07
CA VAL K 65 -12.79 65.60 10.63
C VAL K 65 -12.66 64.31 9.83
N ALA K 66 -11.60 64.19 9.03
CA ALA K 66 -11.43 62.96 8.26
C ALA K 66 -11.13 61.78 9.17
N GLY K 67 -10.25 61.95 10.15
CA GLY K 67 -9.93 60.90 11.08
C GLY K 67 -11.07 60.51 11.98
N PHE K 68 -12.03 61.42 12.19
CA PHE K 68 -13.22 61.07 12.96
C PHE K 68 -14.24 60.35 12.09
N ALA K 69 -14.62 60.95 10.98
CA ALA K 69 -15.72 60.43 10.17
C ALA K 69 -15.39 59.12 9.49
N LEU K 70 -14.12 58.82 9.27
CA LEU K 70 -13.76 57.60 8.56
C LEU K 70 -13.88 56.34 9.42
N ARG K 71 -14.03 56.48 10.72
CA ARG K 71 -14.14 55.32 11.59
C ARG K 71 -15.56 54.78 11.52
N SER K 72 -15.69 53.55 11.05
CA SER K 72 -17.02 52.95 10.84
C SER K 72 -17.84 52.98 12.12
N GLN K 73 -17.22 52.71 13.27
CA GLN K 73 -17.98 52.61 14.51
C GLN K 73 -18.62 53.93 14.89
N MET K 74 -17.99 55.05 14.53
CA MET K 74 -18.55 56.35 14.89
C MET K 74 -19.90 56.56 14.22
N TRP K 75 -20.05 56.10 12.98
CA TRP K 75 -21.35 56.22 12.32
C TRP K 75 -22.42 55.43 13.04
N THR K 76 -22.09 54.21 13.48
CA THR K 76 -23.05 53.39 14.20
C THR K 76 -23.44 54.04 15.52
N ILE K 77 -22.45 54.60 16.23
CA ILE K 77 -22.75 55.25 17.50
C ILE K 77 -23.65 56.46 17.28
N THR K 78 -23.37 57.25 16.24
CA THR K 78 -24.24 58.37 15.93
C THR K 78 -25.65 57.90 15.59
N GLY K 79 -25.77 56.81 14.83
CA GLY K 79 -27.08 56.27 14.52
C GLY K 79 -27.84 55.85 15.76
N GLU K 80 -27.14 55.23 16.71
CA GLU K 80 -27.74 54.99 18.03
C GLU K 80 -28.18 56.29 18.67
N TYR K 81 -27.40 57.37 18.49
CA TYR K 81 -27.75 58.64 19.09
C TYR K 81 -28.74 59.44 18.26
N CYS K 82 -28.52 59.53 16.95
CA CYS K 82 -29.39 60.34 16.11
C CYS K 82 -30.79 59.76 16.03
N CYS K 83 -31.73 60.60 15.60
CA CYS K 83 -33.12 60.19 15.44
C CYS K 83 -33.29 59.33 14.20
N PRO K 94 -28.70 54.90 31.58
CA PRO K 94 -28.25 53.73 32.35
C PRO K 94 -26.81 53.33 32.02
N LEU K 95 -26.63 52.11 31.51
CA LEU K 95 -25.30 51.65 31.15
C LEU K 95 -24.98 51.92 29.70
N GLU K 96 -26.00 51.94 28.83
CA GLU K 96 -25.76 52.13 27.42
C GLU K 96 -25.11 53.49 27.15
N CYS K 97 -25.50 54.51 27.90
CA CYS K 97 -24.93 55.83 27.70
C CYS K 97 -23.44 55.85 28.03
N LYS K 98 -23.07 55.30 29.19
CA LYS K 98 -21.66 55.27 29.56
C LYS K 98 -20.85 54.44 28.57
N LEU K 99 -21.41 53.33 28.11
CA LEU K 99 -20.69 52.50 27.15
C LEU K 99 -20.49 53.25 25.83
N ALA K 100 -21.52 53.95 25.37
CA ALA K 100 -21.37 54.76 24.16
C ALA K 100 -20.30 55.81 24.35
N CYS K 101 -20.26 56.43 25.53
CA CYS K 101 -19.24 57.45 25.78
C CYS K 101 -17.85 56.84 25.72
N LEU K 102 -17.67 55.64 26.27
CA LEU K 102 -16.37 54.99 26.22
C LEU K 102 -15.98 54.63 24.79
N ARG K 103 -16.93 54.14 24.01
CA ARG K 103 -16.66 53.83 22.61
C ARG K 103 -16.21 55.06 21.84
N PHE K 104 -16.99 56.14 21.95
CA PHE K 104 -16.65 57.40 21.31
C PHE K 104 -15.29 57.91 21.76
N PHE K 105 -14.97 57.74 23.05
CA PHE K 105 -13.68 58.21 23.54
C PHE K 105 -12.53 57.42 22.94
N SER K 106 -12.70 56.11 22.80
CA SER K 106 -11.64 55.31 22.19
C SER K 106 -11.40 55.75 20.75
N ILE K 107 -12.49 55.95 19.99
CA ILE K 107 -12.31 56.40 18.60
C ILE K 107 -11.64 57.76 18.56
N THR K 108 -12.00 58.65 19.50
CA THR K 108 -11.34 59.95 19.57
C THR K 108 -9.86 59.80 19.83
N GLY K 109 -9.50 58.93 20.78
CA GLY K 109 -8.09 58.72 21.06
C GLY K 109 -7.33 58.24 19.85
N ARG K 110 -7.99 57.50 18.97
CA ARG K 110 -7.32 57.16 17.71
C ARG K 110 -7.21 58.36 16.79
N ALA K 111 -8.28 59.14 16.67
CA ALA K 111 -8.35 60.12 15.58
C ALA K 111 -7.54 61.38 15.87
N VAL K 112 -7.35 61.73 17.14
CA VAL K 112 -6.69 62.99 17.45
C VAL K 112 -5.21 63.02 17.07
N ILE K 113 -4.62 61.87 16.78
CA ILE K 113 -3.17 61.83 16.56
C ILE K 113 -2.74 62.67 15.35
N ALA K 114 -3.58 62.77 14.33
CA ALA K 114 -3.14 63.42 13.11
C ALA K 114 -3.07 64.95 13.24
N PRO K 115 -4.16 65.64 13.62
CA PRO K 115 -4.08 67.10 13.68
C PRO K 115 -3.05 67.61 14.64
N LEU K 116 -2.90 66.96 15.80
CA LEU K 116 -1.95 67.45 16.78
C LEU K 116 -0.53 67.30 16.28
N THR K 117 -0.22 66.20 15.59
CA THR K 117 1.13 66.07 15.06
C THR K 117 1.37 67.03 13.90
N TRP K 118 0.34 67.34 13.11
CA TRP K 118 0.51 68.34 12.07
C TRP K 118 0.84 69.70 12.67
N LEU K 119 0.03 70.13 13.63
CA LEU K 119 0.31 71.40 14.31
C LEU K 119 1.69 71.39 14.93
N ALA K 120 2.07 70.29 15.57
CA ALA K 120 3.37 70.23 16.24
C ALA K 120 4.49 70.43 15.24
N VAL K 121 4.48 69.67 14.15
CA VAL K 121 5.60 69.75 13.23
C VAL K 121 5.63 71.11 12.53
N THR K 122 4.46 71.69 12.23
CA THR K 122 4.49 72.96 11.52
C THR K 122 4.87 74.10 12.45
N LEU K 123 4.57 73.99 13.74
CA LEU K 123 5.04 75.02 14.65
C LEU K 123 6.53 74.87 14.94
N LEU K 124 7.01 73.63 15.03
CA LEU K 124 8.42 73.43 15.34
C LEU K 124 9.30 73.88 14.19
N THR K 125 8.93 73.55 12.94
CA THR K 125 9.66 74.13 11.83
C THR K 125 9.44 75.63 11.78
N GLY K 126 8.25 76.08 12.13
CA GLY K 126 7.98 77.49 12.35
C GLY K 126 7.89 78.36 11.12
N THR K 127 8.29 77.86 9.95
CA THR K 127 8.30 78.69 8.76
C THR K 127 6.91 79.19 8.40
N TYR K 128 5.86 78.59 8.94
CA TYR K 128 4.51 79.08 8.69
C TYR K 128 4.21 80.28 9.59
N TYR K 129 4.59 80.19 10.85
CA TYR K 129 4.17 81.20 11.81
C TYR K 129 4.77 82.56 11.49
N GLU K 130 6.02 82.58 11.04
CA GLU K 130 6.65 83.86 10.71
C GLU K 130 5.86 84.59 9.64
N CYS K 131 5.40 83.87 8.62
CA CYS K 131 4.52 84.49 7.63
C CYS K 131 3.18 84.83 8.23
N ALA K 132 2.74 84.07 9.24
CA ALA K 132 1.42 84.32 9.80
C ALA K 132 1.37 85.65 10.53
N ALA K 133 2.43 85.98 11.27
CA ALA K 133 2.43 87.19 12.09
C ALA K 133 3.66 88.02 11.82
N SER K 134 4.04 88.16 10.55
CA SER K 134 5.15 89.04 10.21
C SER K 134 4.78 90.51 10.24
N GLU K 135 3.52 90.83 10.49
CA GLU K 135 3.09 92.22 10.54
C GLU K 135 2.88 92.73 11.97
N PHE K 136 2.70 91.84 12.94
CA PHE K 136 2.40 92.26 14.30
C PHE K 136 3.65 92.62 15.11
N ALA K 137 4.83 92.58 14.51
CA ALA K 137 6.05 92.84 15.27
C ALA K 137 6.04 94.23 15.85
N SER K 138 6.13 94.32 17.18
CA SER K 138 6.11 95.60 17.87
C SER K 138 7.46 96.29 17.66
N VAL K 139 7.49 97.28 16.78
CA VAL K 139 8.70 98.03 16.50
C VAL K 139 8.57 99.39 17.17
N ASP K 140 9.37 99.59 18.21
CA ASP K 140 9.42 100.87 18.92
C ASP K 140 10.83 101.34 19.23
N HIS K 141 11.84 100.49 19.17
CA HIS K 141 13.18 100.84 19.61
C HIS K 141 14.17 100.62 18.48
N TYR K 142 13.84 101.10 17.29
CA TYR K 142 14.70 100.97 16.14
C TYR K 142 14.82 102.31 15.43
N PRO K 143 15.98 102.61 14.85
CA PRO K 143 16.23 103.96 14.35
C PRO K 143 15.58 104.25 13.02
N MET K 144 15.36 103.22 12.21
CA MET K 144 14.84 103.42 10.86
C MET K 144 13.31 103.46 10.81
N PHE K 145 12.63 103.22 11.92
CA PHE K 145 11.17 103.26 11.97
C PHE K 145 10.65 104.48 12.73
N ASP K 146 11.46 105.52 12.89
CA ASP K 146 11.03 106.68 13.68
C ASP K 146 10.22 107.66 12.84
N ASN K 147 10.83 108.21 11.79
CA ASN K 147 10.19 109.28 11.03
C ASN K 147 9.24 108.75 9.96
N VAL K 148 9.44 107.52 9.51
CA VAL K 148 8.69 106.99 8.37
C VAL K 148 7.21 106.92 8.70
N SER K 149 6.38 107.01 7.66
CA SER K 149 4.94 107.02 7.85
C SER K 149 4.43 105.64 8.25
N ALA K 150 3.20 105.62 8.78
CA ALA K 150 2.64 104.39 9.30
C ALA K 150 2.43 103.36 8.18
N SER K 151 1.76 103.77 7.10
CA SER K 151 1.55 102.86 5.99
C SER K 151 2.88 102.46 5.35
N LYS K 152 3.83 103.39 5.27
CA LYS K 152 5.16 103.03 4.80
C LYS K 152 5.79 101.99 5.72
N ARG K 153 5.54 102.10 7.03
CA ARG K 153 6.06 101.12 7.96
C ARG K 153 5.42 99.75 7.72
N GLU K 154 4.10 99.73 7.50
CA GLU K 154 3.43 98.47 7.18
C GLU K 154 4.02 97.83 5.93
N GLU K 155 4.23 98.64 4.90
CA GLU K 155 4.78 98.13 3.65
C GLU K 155 6.17 97.54 3.86
N ILE K 156 7.03 98.28 4.57
CA ILE K 156 8.40 97.80 4.75
C ILE K 156 8.45 96.64 5.74
N LEU K 157 7.44 96.51 6.59
CA LEU K 157 7.43 95.45 7.58
C LEU K 157 6.94 94.14 6.99
N ALA K 158 5.90 94.20 6.16
CA ALA K 158 5.36 92.96 5.61
C ALA K 158 6.23 92.36 4.52
N GLY K 159 7.22 93.10 4.03
CA GLY K 159 8.10 92.59 3.00
C GLY K 159 9.27 91.78 3.51
N PHE K 160 9.43 91.72 4.83
CA PHE K 160 10.60 91.06 5.41
C PHE K 160 10.73 89.59 5.05
N PRO K 161 9.72 88.74 5.22
CA PRO K 161 9.98 87.29 5.14
C PRO K 161 10.49 86.81 3.79
N CYS K 162 9.90 87.29 2.69
CA CYS K 162 10.15 86.66 1.39
C CYS K 162 11.51 87.02 0.81
N CYS K 163 11.84 88.30 0.70
CA CYS K 163 13.06 88.65 -0.02
C CYS K 163 13.83 89.72 0.75
N ARG K 164 15.05 89.99 0.26
CA ARG K 164 15.91 90.99 0.84
C ARG K 164 16.78 91.64 -0.23
N SER K 165 16.71 92.97 -0.32
CA SER K 165 17.58 93.73 -1.21
C SER K 165 18.10 95.01 -0.60
N ALA K 166 17.72 95.33 0.63
CA ALA K 166 17.98 96.63 1.24
C ALA K 166 19.40 96.69 1.79
N PRO K 167 19.82 97.87 2.33
CA PRO K 167 21.13 97.95 2.98
C PRO K 167 21.29 97.07 4.21
N SER K 168 22.48 97.13 4.82
CA SER K 168 22.85 96.18 5.86
C SER K 168 21.94 96.29 7.08
N ASP K 169 21.71 97.51 7.57
CA ASP K 169 20.94 97.65 8.80
C ASP K 169 19.54 97.08 8.64
N VAL K 170 18.94 97.25 7.48
CA VAL K 170 17.61 96.72 7.24
C VAL K 170 17.62 95.20 7.29
N ILE K 171 18.61 94.56 6.65
CA ILE K 171 18.61 93.11 6.66
C ILE K 171 18.95 92.57 8.04
N LEU K 172 19.70 93.35 8.83
CA LEU K 172 19.99 92.93 10.20
C LEU K 172 18.74 92.98 11.07
N VAL K 173 17.98 94.08 11.01
CA VAL K 173 16.74 94.12 11.77
C VAL K 173 15.77 93.05 11.26
N ARG K 174 15.86 92.73 9.97
CA ARG K 174 15.06 91.64 9.43
C ARG K 174 15.44 90.31 10.06
N ASP K 175 16.73 90.00 10.12
CA ASP K 175 17.19 88.79 10.76
C ASP K 175 16.75 88.73 12.21
N GLU K 176 16.78 89.87 12.89
CA GLU K 176 16.40 89.90 14.29
C GLU K 176 14.91 89.58 14.47
N ILE K 177 14.06 90.23 13.66
CA ILE K 177 12.63 89.96 13.75
C ILE K 177 12.35 88.49 13.45
N ALA K 178 13.05 87.94 12.45
CA ALA K 178 12.84 86.54 12.09
C ALA K 178 13.19 85.62 13.23
N LEU K 179 14.34 85.86 13.89
CA LEU K 179 14.73 85.01 15.00
C LEU K 179 13.72 85.11 16.14
N LEU K 180 13.27 86.32 16.46
CA LEU K 180 12.27 86.47 17.52
C LEU K 180 11.03 85.67 17.19
N HIS K 181 10.54 85.78 15.96
CA HIS K 181 9.30 85.10 15.62
C HIS K 181 9.48 83.58 15.61
N ARG K 182 10.64 83.09 15.17
CA ARG K 182 10.88 81.66 15.22
C ARG K 182 10.90 81.16 16.66
N TYR K 183 11.51 81.93 17.56
CA TYR K 183 11.50 81.57 18.97
C TYR K 183 10.06 81.47 19.48
N GLN K 184 9.24 82.46 19.16
CA GLN K 184 7.86 82.43 19.62
C GLN K 184 7.13 81.21 19.08
N SER K 185 7.35 80.89 17.80
CA SER K 185 6.68 79.74 17.21
C SER K 185 7.08 78.46 17.93
N GLN K 186 8.37 78.26 18.15
CA GLN K 186 8.79 77.01 18.76
C GLN K 186 8.30 76.89 20.20
N MET K 187 8.30 77.99 20.96
CA MET K 187 7.75 77.93 22.31
C MET K 187 6.27 77.59 22.28
N LEU K 188 5.53 78.22 21.37
CA LEU K 188 4.10 77.91 21.26
C LEU K 188 3.90 76.43 20.94
N GLY K 189 4.76 75.88 20.09
CA GLY K 189 4.64 74.47 19.75
C GLY K 189 4.87 73.57 20.95
N TRP K 190 5.92 73.86 21.74
CA TRP K 190 6.16 73.04 22.91
C TRP K 190 5.02 73.16 23.91
N ILE K 191 4.44 74.35 24.04
CA ILE K 191 3.30 74.52 24.93
C ILE K 191 2.14 73.67 24.46
N LEU K 192 1.88 73.69 23.15
CA LEU K 192 0.80 72.87 22.62
C LEU K 192 1.03 71.39 22.91
N ILE K 193 2.27 70.92 22.71
CA ILE K 193 2.54 69.50 22.98
C ILE K 193 2.32 69.16 24.44
N THR K 194 2.86 69.97 25.35
CA THR K 194 2.72 69.62 26.76
C THR K 194 1.27 69.67 27.22
N LEU K 195 0.51 70.67 26.76
CA LEU K 195 -0.88 70.75 27.16
C LEU K 195 -1.67 69.59 26.58
N ALA K 196 -1.41 69.22 25.33
CA ALA K 196 -2.11 68.10 24.72
C ALA K 196 -1.82 66.82 25.48
N THR K 197 -0.56 66.59 25.84
CA THR K 197 -0.23 65.37 26.55
C THR K 197 -0.88 65.31 27.92
N ILE K 198 -0.82 66.41 28.67
CA ILE K 198 -1.39 66.39 30.02
C ILE K 198 -2.91 66.22 29.94
N ALA K 199 -3.55 66.85 28.94
CA ALA K 199 -4.98 66.69 28.77
C ALA K 199 -5.34 65.26 28.41
N ALA K 200 -4.59 64.66 27.49
CA ALA K 200 -4.86 63.28 27.10
C ALA K 200 -4.73 62.35 28.30
N LEU K 201 -3.68 62.55 29.11
CA LEU K 201 -3.49 61.68 30.26
C LEU K 201 -4.61 61.83 31.27
N VAL K 202 -4.95 63.06 31.64
CA VAL K 202 -6.00 63.24 32.64
C VAL K 202 -7.33 62.74 32.11
N SER K 203 -7.58 62.89 30.80
CA SER K 203 -8.83 62.43 30.22
C SER K 203 -8.91 60.91 30.22
N CYS K 204 -7.82 60.24 29.86
CA CYS K 204 -7.82 58.78 29.88
C CYS K 204 -8.01 58.27 31.31
N CYS K 205 -7.37 58.92 32.28
CA CYS K 205 -7.53 58.49 33.66
C CYS K 205 -8.97 58.69 34.14
N VAL K 206 -9.57 59.82 33.77
CA VAL K 206 -10.97 60.06 34.14
C VAL K 206 -11.88 59.01 33.51
N ALA K 207 -11.63 58.68 32.24
CA ALA K 207 -12.44 57.68 31.57
C ALA K 207 -12.31 56.33 32.26
N LYS K 208 -11.10 55.97 32.67
CA LYS K 208 -10.90 54.72 33.40
C LYS K 208 -11.58 54.78 34.76
N CYS K 209 -11.67 55.97 35.35
CA CYS K 209 -12.31 56.12 36.64
C CYS K 209 -13.82 55.93 36.55
N CYS K 210 -14.46 56.67 35.65
CA CYS K 210 -15.91 56.64 35.53
C CYS K 210 -16.43 55.38 34.88
N SER K 211 -15.55 54.45 34.51
CA SER K 211 -15.99 53.24 33.84
C SER K 211 -16.75 52.35 34.82
N PRO K 212 -17.89 51.79 34.42
CA PRO K 212 -18.61 50.88 35.32
C PRO K 212 -18.09 49.46 35.29
N LEU K 213 -17.18 49.12 34.40
CA LEU K 213 -16.72 47.75 34.26
C LEU K 213 -15.39 47.55 34.96
N THR K 214 -15.07 46.28 35.19
CA THR K 214 -13.84 45.90 35.89
C THR K 214 -12.66 45.94 34.93
N SER K 215 -11.52 45.42 35.38
CA SER K 215 -10.34 45.35 34.55
C SER K 215 -10.36 44.19 33.57
N LEU K 216 -11.36 43.32 33.66
CA LEU K 216 -11.48 42.16 32.80
C LEU K 216 -12.68 42.21 31.88
N GLN K 217 -13.81 42.73 32.36
CA GLN K 217 -14.99 42.86 31.51
C GLN K 217 -14.72 43.75 30.32
N HIS K 218 -13.81 44.72 30.45
CA HIS K 218 -13.54 45.64 29.35
C HIS K 218 -12.93 44.92 28.16
N CYS K 219 -11.93 44.07 28.39
CA CYS K 219 -11.31 43.35 27.28
C CYS K 219 -12.31 42.42 26.61
N TYR K 220 -13.05 41.67 27.42
CA TYR K 220 -14.13 40.84 26.90
C TYR K 220 -15.08 41.66 26.05
N TRP K 221 -15.38 42.88 26.47
CA TRP K 221 -16.33 43.72 25.76
C TRP K 221 -15.79 44.13 24.40
N THR K 222 -14.53 44.54 24.35
CA THR K 222 -13.95 44.95 23.07
C THR K 222 -13.91 43.78 22.09
N SER K 223 -13.48 42.61 22.57
CA SER K 223 -13.49 41.44 21.71
C SER K 223 -14.89 41.12 21.24
N HIS K 224 -15.87 41.27 22.13
CA HIS K 224 -17.27 41.07 21.75
C HIS K 224 -17.64 41.96 20.59
N LEU K 225 -17.37 43.26 20.69
CA LEU K 225 -17.75 44.19 19.63
C LEU K 225 -17.10 43.81 18.31
N GLN K 226 -15.78 43.65 18.31
CA GLN K 226 -15.07 43.39 17.06
C GLN K 226 -15.55 42.11 16.40
N ASN K 227 -15.56 41.00 17.15
CA ASN K 227 -15.95 39.73 16.55
C ASN K 227 -17.41 39.74 16.15
N GLU K 228 -18.26 40.46 16.89
CA GLU K 228 -19.65 40.60 16.48
C GLU K 228 -19.74 41.20 15.09
N ARG K 229 -19.11 42.35 14.90
CA ARG K 229 -19.16 42.99 13.59
C ARG K 229 -18.70 42.04 12.49
N GLU K 230 -17.53 41.43 12.67
CA GLU K 230 -16.98 40.59 11.62
C GLU K 230 -17.89 39.42 11.30
N LEU K 231 -18.31 38.68 12.32
CA LEU K 231 -19.11 37.48 12.09
C LEU K 231 -20.44 37.83 11.46
N PHE K 232 -21.10 38.89 11.92
CA PHE K 232 -22.38 39.23 11.32
C PHE K 232 -22.20 39.60 9.85
N GLU K 233 -21.13 40.31 9.52
CA GLU K 233 -20.90 40.60 8.10
C GLU K 233 -20.78 39.32 7.29
N GLN K 234 -19.94 38.39 7.75
CA GLN K 234 -19.74 37.17 6.98
C GLN K 234 -21.03 36.39 6.84
N ALA K 235 -21.80 36.29 7.92
CA ALA K 235 -23.02 35.50 7.89
C ALA K 235 -24.05 36.13 6.95
N ALA K 236 -24.24 37.44 7.03
CA ALA K 236 -25.19 38.08 6.14
C ALA K 236 -24.79 37.86 4.69
N GLU K 237 -23.51 38.01 4.38
CA GLU K 237 -23.07 37.77 3.01
C GLU K 237 -23.43 36.37 2.56
N GLN K 238 -23.06 35.35 3.35
CA GLN K 238 -23.29 33.98 2.94
C GLN K 238 -24.78 33.68 2.79
N HIS K 239 -25.60 34.21 3.71
CA HIS K 239 -27.02 33.94 3.66
C HIS K 239 -27.65 34.55 2.42
N SER K 240 -27.33 35.80 2.12
CA SER K 240 -27.89 36.41 0.91
C SER K 240 -27.41 35.69 -0.33
N ARG K 241 -26.16 35.25 -0.34
CA ARG K 241 -25.67 34.50 -1.48
C ARG K 241 -26.48 33.22 -1.68
N LEU K 242 -26.74 32.48 -0.59
CA LEU K 242 -27.50 31.25 -0.72
C LEU K 242 -28.92 31.53 -1.21
N LEU K 243 -29.56 32.57 -0.69
CA LEU K 243 -30.92 32.85 -1.12
C LEU K 243 -30.97 33.23 -2.59
N MET K 244 -30.07 34.09 -3.04
CA MET K 244 -30.04 34.44 -4.45
C MET K 244 -29.74 33.22 -5.31
N MET K 245 -28.89 32.33 -4.81
CA MET K 245 -28.59 31.10 -5.53
C MET K 245 -29.84 30.23 -5.66
N HIS K 246 -30.64 30.16 -4.61
CA HIS K 246 -31.87 29.38 -4.69
C HIS K 246 -32.84 30.00 -5.69
N ARG K 247 -32.97 31.33 -5.70
CA ARG K 247 -33.84 31.95 -6.69
C ARG K 247 -33.35 31.65 -8.11
N ILE K 248 -32.04 31.72 -8.32
CA ILE K 248 -31.50 31.42 -9.63
C ILE K 248 -31.84 30.00 -10.04
N LYS K 249 -31.67 29.05 -9.11
CA LYS K 249 -31.95 27.66 -9.44
C LYS K 249 -33.43 27.45 -9.72
N LYS K 250 -34.30 28.16 -9.01
CA LYS K 250 -35.73 28.06 -9.31
C LYS K 250 -36.02 28.59 -10.69
N LEU K 251 -35.32 29.64 -11.11
CA LEU K 251 -35.59 30.20 -12.43
C LEU K 251 -35.03 29.32 -13.55
N PHE K 252 -33.70 29.15 -13.58
CA PHE K 252 -33.09 28.46 -14.70
C PHE K 252 -33.16 26.95 -14.58
N GLY K 253 -33.24 26.43 -13.37
CA GLY K 253 -33.39 25.01 -13.16
C GLY K 253 -32.18 24.29 -12.64
N PHE K 254 -31.22 24.99 -12.05
CA PHE K 254 -30.01 24.35 -11.57
C PHE K 254 -29.26 25.35 -10.70
N ILE K 255 -28.46 24.82 -9.79
CA ILE K 255 -27.63 25.67 -8.94
C ILE K 255 -26.42 26.14 -9.73
N PRO K 256 -26.10 27.43 -9.72
CA PRO K 256 -24.98 27.89 -10.58
C PRO K 256 -23.66 27.25 -10.23
N GLY K 257 -23.36 27.07 -8.95
CA GLY K 257 -22.10 26.47 -8.56
C GLY K 257 -21.97 25.01 -8.95
N SER K 258 -22.90 24.52 -9.75
CA SER K 258 -22.91 23.12 -10.14
C SER K 258 -22.10 22.86 -11.41
N GLU K 259 -21.92 21.58 -11.67
CA GLU K 259 -21.29 21.05 -12.87
C GLU K 259 -22.02 19.81 -13.37
N ASP K 260 -21.90 19.57 -14.68
CA ASP K 260 -22.50 18.42 -15.36
C ASP K 260 -24.00 18.31 -15.10
N VAL K 261 -24.66 19.47 -15.05
CA VAL K 261 -26.10 19.50 -14.80
C VAL K 261 -26.81 18.86 -15.99
N LYS K 262 -27.75 17.97 -15.71
CA LYS K 262 -28.46 17.27 -16.75
C LYS K 262 -29.87 17.79 -16.96
N HIS K 263 -30.23 18.94 -16.39
CA HIS K 263 -31.57 19.46 -16.62
C HIS K 263 -31.53 20.98 -16.69
N ILE K 264 -32.20 21.53 -17.70
CA ILE K 264 -32.21 22.96 -17.97
C ILE K 264 -33.65 23.41 -18.16
N ARG K 265 -34.04 24.51 -17.52
CA ARG K 265 -35.38 25.04 -17.65
C ARG K 265 -35.31 26.35 -18.42
N ILE K 266 -35.92 26.40 -19.58
CA ILE K 266 -35.96 27.64 -20.35
C ILE K 266 -36.91 28.63 -19.68
N PRO K 267 -36.52 29.88 -19.49
CA PRO K 267 -37.41 30.84 -18.83
C PRO K 267 -38.55 31.26 -19.74
N SER K 268 -39.61 31.75 -19.12
CA SER K 268 -40.73 32.30 -19.86
C SER K 268 -40.57 33.81 -19.99
N CYS K 269 -41.37 34.39 -20.89
CA CYS K 269 -41.28 35.84 -21.10
C CYS K 269 -41.77 36.64 -19.91
N GLN K 270 -42.26 35.98 -18.87
CA GLN K 270 -42.69 36.63 -17.64
C GLN K 270 -41.74 36.43 -16.48
N ASP K 271 -41.05 35.28 -16.43
CA ASP K 271 -40.11 35.02 -15.34
C ASP K 271 -39.09 36.13 -15.20
N TRP K 272 -38.66 36.71 -16.33
CA TRP K 272 -37.80 37.88 -16.28
C TRP K 272 -38.47 39.02 -15.52
N LYS K 273 -39.77 39.22 -15.75
CA LYS K 273 -40.51 40.23 -15.00
C LYS K 273 -40.54 39.90 -13.53
N ASP K 274 -40.60 38.62 -13.18
CA ASP K 274 -40.66 38.23 -11.78
C ASP K 274 -39.35 38.50 -11.07
N ILE K 275 -38.24 38.04 -11.64
CA ILE K 275 -36.93 38.17 -10.98
C ILE K 275 -36.49 39.62 -10.91
N SER K 276 -37.22 40.51 -11.56
CA SER K 276 -36.83 41.92 -11.60
C SER K 276 -36.80 42.56 -10.23
N VAL K 277 -37.67 42.14 -9.31
CA VAL K 277 -37.71 42.80 -8.00
C VAL K 277 -36.72 42.13 -7.05
N PRO K 278 -36.12 42.87 -6.13
CA PRO K 278 -35.04 42.33 -5.30
C PRO K 278 -35.48 41.78 -3.94
N THR K 279 -36.75 41.94 -3.57
CA THR K 279 -37.35 41.48 -2.32
C THR K 279 -36.74 42.22 -1.12
N LEU K 280 -35.76 43.10 -1.35
CA LEU K 280 -35.11 43.86 -0.30
C LEU K 280 -34.54 42.96 0.79
N THR L 4 -25.70 -19.29 -8.55
CA THR L 4 -25.95 -19.88 -9.86
C THR L 4 -27.37 -20.45 -9.85
N LEU L 5 -27.97 -20.48 -8.66
CA LEU L 5 -29.29 -21.08 -8.51
C LEU L 5 -30.33 -20.36 -9.36
N ASN L 6 -30.47 -19.05 -9.15
CA ASN L 6 -31.53 -18.30 -9.82
C ASN L 6 -31.43 -18.39 -11.34
N ASN L 7 -30.22 -18.58 -11.87
CA ASN L 7 -30.06 -18.83 -13.29
C ASN L 7 -30.84 -20.06 -13.74
N ILE L 8 -30.58 -21.21 -13.10
CA ILE L 8 -31.26 -22.43 -13.50
C ILE L 8 -32.76 -22.35 -13.17
N VAL L 9 -33.11 -21.63 -12.10
CA VAL L 9 -34.52 -21.48 -11.76
C VAL L 9 -35.25 -20.74 -12.89
N SER L 10 -34.70 -19.62 -13.34
CA SER L 10 -35.33 -18.90 -14.44
C SER L 10 -35.30 -19.72 -15.73
N SER L 11 -34.23 -20.50 -15.94
CA SER L 11 -34.13 -21.29 -17.17
C SER L 11 -35.26 -22.31 -17.24
N LEU L 12 -35.49 -23.03 -16.14
CA LEU L 12 -36.59 -23.98 -16.12
C LEU L 12 -37.94 -23.27 -16.14
N GLN L 13 -38.04 -22.11 -15.47
CA GLN L 13 -39.31 -21.41 -15.41
C GLN L 13 -39.75 -20.92 -16.79
N ARG L 14 -38.80 -20.57 -17.66
CA ARG L 14 -39.17 -20.24 -19.02
C ARG L 14 -39.51 -21.51 -19.81
N ASN L 15 -38.87 -22.63 -19.49
CA ASN L 15 -39.02 -23.87 -20.25
C ASN L 15 -40.44 -24.40 -20.06
N GLY L 16 -41.25 -24.32 -21.11
CA GLY L 16 -42.62 -24.81 -21.02
C GLY L 16 -42.74 -26.31 -20.82
N ILE L 17 -41.82 -27.09 -21.38
CA ILE L 17 -41.93 -28.55 -21.29
C ILE L 17 -41.92 -29.01 -19.85
N PHE L 18 -41.00 -28.48 -19.04
CA PHE L 18 -40.91 -28.93 -17.65
C PHE L 18 -42.16 -28.55 -16.88
N ILE L 19 -42.67 -27.34 -17.09
CA ILE L 19 -43.87 -26.92 -16.37
C ILE L 19 -45.06 -27.81 -16.73
N ASN L 20 -45.25 -28.07 -18.02
CA ASN L 20 -46.37 -28.91 -18.42
C ASN L 20 -46.22 -30.33 -17.87
N SER L 21 -45.01 -30.88 -17.92
CA SER L 21 -44.80 -32.22 -17.40
C SER L 21 -45.07 -32.28 -15.89
N LEU L 22 -44.65 -31.25 -15.17
CA LEU L 22 -44.91 -31.22 -13.73
C LEU L 22 -46.40 -31.15 -13.45
N ILE L 23 -47.13 -30.34 -14.22
CA ILE L 23 -48.58 -30.27 -14.04
C ILE L 23 -49.21 -31.64 -14.26
N ALA L 24 -48.80 -32.32 -15.32
CA ALA L 24 -49.38 -33.63 -15.60
C ALA L 24 -49.06 -34.62 -14.50
N ALA L 25 -47.83 -34.62 -14.00
CA ALA L 25 -47.48 -35.55 -12.93
C ALA L 25 -48.28 -35.26 -11.67
N LEU L 26 -48.42 -33.98 -11.33
CA LEU L 26 -49.20 -33.61 -10.17
C LEU L 26 -50.65 -34.07 -10.29
N THR L 27 -51.24 -33.90 -11.47
CA THR L 27 -52.62 -34.34 -11.65
C THR L 27 -52.73 -35.85 -11.54
N ILE L 28 -51.74 -36.58 -12.04
CA ILE L 28 -51.79 -38.03 -11.94
C ILE L 28 -51.78 -38.45 -10.48
N GLY L 29 -50.83 -37.91 -9.71
CA GLY L 29 -50.74 -38.27 -8.31
C GLY L 29 -51.99 -37.89 -7.53
N GLY L 30 -52.47 -36.67 -7.75
CA GLY L 30 -53.68 -36.25 -7.05
C GLY L 30 -54.88 -37.11 -7.39
N GLN L 31 -55.05 -37.44 -8.67
CA GLN L 31 -56.17 -38.30 -9.05
C GLN L 31 -56.06 -39.66 -8.37
N GLN L 32 -54.86 -40.24 -8.35
CA GLN L 32 -54.70 -41.54 -7.73
C GLN L 32 -55.08 -41.50 -6.26
N LEU L 33 -54.54 -40.53 -5.52
CA LEU L 33 -54.87 -40.42 -4.10
C LEU L 33 -56.36 -40.22 -3.90
N PHE L 34 -56.95 -39.31 -4.67
CA PHE L 34 -58.37 -39.02 -4.56
C PHE L 34 -59.20 -40.29 -4.76
N SER L 35 -59.00 -40.97 -5.88
CA SER L 35 -59.78 -42.17 -6.17
C SER L 35 -59.57 -43.23 -5.10
N SER L 36 -58.34 -43.40 -4.63
CA SER L 36 -58.09 -44.44 -3.63
C SER L 36 -58.76 -44.12 -2.31
N SER L 37 -58.94 -42.83 -2.00
CA SER L 37 -59.43 -42.51 -0.67
C SER L 37 -60.95 -42.45 -0.60
N THR L 38 -61.59 -41.67 -1.48
CA THR L 38 -62.99 -41.31 -1.27
C THR L 38 -63.90 -41.77 -2.41
N PHE L 39 -63.79 -43.03 -2.82
CA PHE L 39 -64.63 -43.54 -3.89
C PHE L 39 -65.25 -44.87 -3.50
N SER L 40 -66.56 -44.98 -3.67
CA SER L 40 -67.27 -46.22 -3.42
C SER L 40 -68.58 -46.18 -4.21
N CYS L 41 -68.81 -47.22 -5.01
CA CYS L 41 -69.97 -47.23 -5.87
C CYS L 41 -71.23 -47.25 -5.00
N PRO L 42 -72.26 -46.48 -5.34
CA PRO L 42 -73.48 -46.51 -4.53
C PRO L 42 -74.26 -47.81 -4.60
N CYS L 43 -74.25 -48.49 -5.75
CA CYS L 43 -75.02 -49.72 -5.92
C CYS L 43 -76.50 -49.51 -5.59
N GLN L 44 -77.00 -48.33 -5.88
CA GLN L 44 -78.42 -48.03 -5.73
C GLN L 44 -79.14 -48.39 -7.02
N VAL L 45 -80.39 -47.96 -7.15
CA VAL L 45 -81.23 -48.41 -8.26
C VAL L 45 -81.03 -47.55 -9.49
N GLY L 46 -81.20 -46.23 -9.36
CA GLY L 46 -81.08 -45.35 -10.49
C GLY L 46 -80.08 -44.24 -10.26
N LYS L 47 -79.52 -44.20 -9.06
CA LYS L 47 -78.60 -43.15 -8.66
C LYS L 47 -77.14 -43.55 -8.78
N ASN L 48 -76.82 -44.42 -9.72
CA ASN L 48 -75.45 -44.85 -9.96
C ASN L 48 -74.78 -44.05 -11.07
N PHE L 49 -75.49 -43.85 -12.17
CA PHE L 49 -74.90 -43.18 -13.33
C PHE L 49 -74.46 -41.76 -12.99
N TYR L 50 -75.22 -41.06 -12.15
CA TYR L 50 -74.81 -39.74 -11.73
C TYR L 50 -73.54 -39.79 -10.89
N TYR L 51 -73.47 -40.75 -9.97
CA TYR L 51 -72.29 -40.84 -9.11
C TYR L 51 -71.05 -41.16 -9.92
N GLY L 52 -71.21 -41.81 -11.06
CA GLY L 52 -70.08 -42.01 -11.93
C GLY L 52 -69.73 -40.76 -12.71
N SER L 53 -70.73 -40.19 -13.36
CA SER L 53 -70.50 -39.06 -14.24
C SER L 53 -69.91 -37.87 -13.48
N ALA L 54 -70.30 -37.68 -12.22
CA ALA L 54 -69.75 -36.56 -11.47
C ALA L 54 -68.24 -36.67 -11.37
N PHE L 55 -67.76 -37.78 -10.81
CA PHE L 55 -66.31 -37.96 -10.69
C PHE L 55 -65.63 -37.96 -12.05
N LEU L 56 -66.35 -38.36 -13.09
CA LEU L 56 -65.70 -38.40 -14.40
C LEU L 56 -65.52 -37.02 -15.00
N VAL L 57 -66.49 -36.13 -14.81
CA VAL L 57 -66.56 -34.88 -15.54
C VAL L 57 -66.21 -33.68 -14.67
N ILE L 58 -66.88 -33.52 -13.53
CA ILE L 58 -66.79 -32.26 -12.78
C ILE L 58 -65.35 -31.85 -12.51
N PRO L 59 -64.44 -32.72 -12.07
CA PRO L 59 -63.04 -32.29 -11.96
C PRO L 59 -62.46 -31.75 -13.24
N ALA L 60 -62.87 -32.26 -14.40
CA ALA L 60 -62.36 -31.71 -15.65
C ALA L 60 -62.77 -30.25 -15.79
N LEU L 61 -64.05 -29.95 -15.63
CA LEU L 61 -64.51 -28.58 -15.74
C LEU L 61 -63.82 -27.68 -14.72
N ILE L 62 -63.72 -28.14 -13.48
CA ILE L 62 -63.11 -27.32 -12.44
C ILE L 62 -61.66 -27.02 -12.79
N LEU L 63 -60.88 -28.05 -13.11
CA LEU L 63 -59.48 -27.83 -13.40
C LEU L 63 -59.28 -26.99 -14.65
N LEU L 64 -60.14 -27.16 -15.65
CA LEU L 64 -60.03 -26.36 -16.87
C LEU L 64 -60.30 -24.89 -16.58
N VAL L 65 -61.41 -24.60 -15.90
CA VAL L 65 -61.71 -23.20 -15.57
C VAL L 65 -60.62 -22.61 -14.69
N ALA L 66 -60.08 -23.40 -13.78
CA ALA L 66 -59.02 -22.89 -12.93
C ALA L 66 -57.76 -22.58 -13.72
N GLY L 67 -57.36 -23.50 -14.60
CA GLY L 67 -56.19 -23.30 -15.44
C GLY L 67 -56.34 -22.17 -16.42
N PHE L 68 -57.58 -21.83 -16.79
CA PHE L 68 -57.80 -20.68 -17.67
C PHE L 68 -57.78 -19.38 -16.89
N ALA L 69 -58.61 -19.29 -15.86
CA ALA L 69 -58.81 -18.03 -15.13
C ALA L 69 -57.59 -17.59 -14.35
N LEU L 70 -56.71 -18.51 -13.97
CA LEU L 70 -55.55 -18.15 -13.16
C LEU L 70 -54.45 -17.47 -13.95
N ARG L 71 -54.50 -17.49 -15.28
CA ARG L 71 -53.47 -16.87 -16.08
C ARG L 71 -53.73 -15.37 -16.14
N SER L 72 -52.78 -14.59 -15.61
CA SER L 72 -52.96 -13.15 -15.51
C SER L 72 -53.26 -12.53 -16.88
N GLN L 73 -52.59 -13.00 -17.92
CA GLN L 73 -52.76 -12.37 -19.22
C GLN L 73 -54.17 -12.52 -19.75
N MET L 74 -54.85 -13.61 -19.40
CA MET L 74 -56.20 -13.81 -19.89
C MET L 74 -57.14 -12.73 -19.38
N TRP L 75 -56.95 -12.27 -18.15
CA TRP L 75 -57.78 -11.19 -17.64
C TRP L 75 -57.56 -9.91 -18.43
N THR L 76 -56.30 -9.60 -18.76
CA THR L 76 -56.00 -8.40 -19.53
C THR L 76 -56.60 -8.49 -20.92
N ILE L 77 -56.52 -9.66 -21.54
CA ILE L 77 -57.10 -9.84 -22.88
C ILE L 77 -58.61 -9.66 -22.83
N THR L 78 -59.26 -10.23 -21.81
CA THR L 78 -60.70 -10.03 -21.67
C THR L 78 -61.03 -8.56 -21.46
N GLY L 79 -60.23 -7.86 -20.66
CA GLY L 79 -60.46 -6.43 -20.45
C GLY L 79 -60.35 -5.65 -21.75
N GLU L 80 -59.37 -6.00 -22.58
CA GLU L 80 -59.32 -5.45 -23.93
C GLU L 80 -60.60 -5.77 -24.70
N TYR L 81 -61.15 -6.98 -24.49
CA TYR L 81 -62.35 -7.36 -25.21
C TYR L 81 -63.63 -6.85 -24.54
N CYS L 82 -63.73 -6.99 -23.22
CA CYS L 82 -64.95 -6.61 -22.52
C CYS L 82 -65.15 -5.10 -22.56
N CYS L 83 -66.38 -4.68 -22.29
CA CYS L 83 -66.73 -3.28 -22.27
C CYS L 83 -66.19 -2.61 -21.00
N PRO L 94 -58.29 -5.43 -37.47
CA PRO L 94 -56.99 -5.27 -38.13
C PRO L 94 -55.97 -6.29 -37.62
N LEU L 95 -54.88 -5.81 -37.03
CA LEU L 95 -53.86 -6.69 -36.49
C LEU L 95 -54.08 -7.02 -35.03
N GLU L 96 -54.67 -6.09 -34.28
CA GLU L 96 -54.86 -6.30 -32.85
C GLU L 96 -55.73 -7.51 -32.59
N CYS L 97 -56.73 -7.74 -33.44
CA CYS L 97 -57.60 -8.90 -33.24
C CYS L 97 -56.84 -10.21 -33.41
N LYS L 98 -56.07 -10.32 -34.49
CA LYS L 98 -55.30 -11.54 -34.71
C LYS L 98 -54.27 -11.75 -33.61
N LEU L 99 -53.64 -10.67 -33.14
CA LEU L 99 -52.67 -10.82 -32.06
C LEU L 99 -53.34 -11.27 -30.78
N ALA L 100 -54.51 -10.72 -30.47
CA ALA L 100 -55.26 -11.18 -29.31
C ALA L 100 -55.61 -12.65 -29.46
N CYS L 101 -55.99 -13.07 -30.66
CA CYS L 101 -56.33 -14.48 -30.86
C CYS L 101 -55.13 -15.38 -30.60
N LEU L 102 -53.94 -14.95 -31.05
CA LEU L 102 -52.74 -15.73 -30.83
C LEU L 102 -52.39 -15.79 -29.35
N ARG L 103 -52.53 -14.68 -28.65
CA ARG L 103 -52.28 -14.66 -27.21
C ARG L 103 -53.19 -15.63 -26.47
N PHE L 104 -54.49 -15.51 -26.73
CA PHE L 104 -55.47 -16.40 -26.13
C PHE L 104 -55.16 -17.86 -26.45
N PHE L 105 -54.71 -18.12 -27.68
CA PHE L 105 -54.42 -19.50 -28.06
C PHE L 105 -53.25 -20.05 -27.29
N SER L 106 -52.20 -19.25 -27.08
CA SER L 106 -51.06 -19.74 -26.30
C SER L 106 -51.48 -20.06 -24.88
N ILE L 107 -52.26 -19.17 -24.27
CA ILE L 107 -52.71 -19.44 -22.91
C ILE L 107 -53.57 -20.71 -22.86
N THR L 108 -54.40 -20.90 -23.88
CA THR L 108 -55.19 -22.13 -23.96
C THR L 108 -54.27 -23.35 -24.06
N GLY L 109 -53.24 -23.27 -24.90
CA GLY L 109 -52.31 -24.38 -25.02
C GLY L 109 -51.66 -24.73 -23.70
N ARG L 110 -51.44 -23.72 -22.85
CA ARG L 110 -50.95 -24.03 -21.51
C ARG L 110 -52.03 -24.69 -20.66
N ALA L 111 -53.24 -24.15 -20.69
CA ALA L 111 -54.25 -24.52 -19.70
C ALA L 111 -54.89 -25.88 -19.96
N VAL L 112 -54.95 -26.31 -21.22
CA VAL L 112 -55.68 -27.54 -21.53
C VAL L 112 -55.01 -28.80 -20.99
N ILE L 113 -53.75 -28.71 -20.56
CA ILE L 113 -53.03 -29.92 -20.18
C ILE L 113 -53.67 -30.63 -18.99
N ALA L 114 -54.28 -29.90 -18.07
CA ALA L 114 -54.76 -30.55 -16.85
C ALA L 114 -56.02 -31.38 -17.08
N PRO L 115 -57.12 -30.81 -17.61
CA PRO L 115 -58.33 -31.62 -17.74
C PRO L 115 -58.14 -32.83 -18.62
N LEU L 116 -57.39 -32.71 -19.71
CA LEU L 116 -57.24 -33.83 -20.62
C LEU L 116 -56.45 -34.94 -19.97
N THR L 117 -55.43 -34.61 -19.18
CA THR L 117 -54.69 -35.67 -18.50
C THR L 117 -55.52 -36.29 -17.38
N TRP L 118 -56.38 -35.51 -16.73
CA TRP L 118 -57.26 -36.10 -15.73
C TRP L 118 -58.19 -37.12 -16.37
N LEU L 119 -58.90 -36.70 -17.43
CA LEU L 119 -59.76 -37.62 -18.16
C LEU L 119 -59.00 -38.86 -18.62
N ALA L 120 -57.79 -38.66 -19.15
CA ALA L 120 -57.02 -39.78 -19.67
C ALA L 120 -56.73 -40.78 -18.58
N VAL L 121 -56.21 -40.31 -17.45
CA VAL L 121 -55.82 -41.25 -16.40
C VAL L 121 -57.02 -41.93 -15.80
N THR L 122 -58.13 -41.20 -15.64
CA THR L 122 -59.28 -41.82 -15.01
C THR L 122 -59.96 -42.81 -15.95
N LEU L 123 -59.90 -42.58 -17.26
CA LEU L 123 -60.45 -43.57 -18.17
C LEU L 123 -59.53 -44.77 -18.30
N LEU L 124 -58.22 -44.57 -18.27
CA LEU L 124 -57.30 -45.69 -18.40
C LEU L 124 -57.36 -46.60 -17.20
N THR L 125 -57.38 -46.03 -15.99
CA THR L 125 -57.63 -46.89 -14.82
C THR L 125 -59.03 -47.47 -14.89
N GLY L 126 -59.99 -46.70 -15.40
CA GLY L 126 -61.31 -47.20 -15.72
C GLY L 126 -62.22 -47.48 -14.55
N THR L 127 -61.71 -47.49 -13.33
CA THR L 127 -62.55 -47.85 -12.19
C THR L 127 -63.72 -46.90 -12.01
N TYR L 128 -63.67 -45.71 -12.62
CA TYR L 128 -64.80 -44.79 -12.56
C TYR L 128 -65.88 -45.20 -13.54
N TYR L 129 -65.49 -45.57 -14.75
CA TYR L 129 -66.47 -45.78 -15.81
C TYR L 129 -67.37 -46.96 -15.50
N GLU L 130 -66.81 -48.02 -14.93
CA GLU L 130 -67.62 -49.20 -14.61
C GLU L 130 -68.76 -48.82 -13.66
N CYS L 131 -68.48 -47.99 -12.66
CA CYS L 131 -69.56 -47.49 -11.81
C CYS L 131 -70.46 -46.55 -12.58
N ALA L 132 -69.92 -45.85 -13.57
CA ALA L 132 -70.73 -44.87 -14.30
C ALA L 132 -71.82 -45.55 -15.10
N ALA L 133 -71.51 -46.68 -15.74
CA ALA L 133 -72.45 -47.35 -16.63
C ALA L 133 -72.58 -48.82 -16.28
N SER L 134 -72.65 -49.13 -14.98
CA SER L 134 -72.88 -50.51 -14.57
C SER L 134 -74.32 -50.94 -14.73
N GLU L 135 -75.21 -50.04 -15.13
CA GLU L 135 -76.61 -50.38 -15.32
C GLU L 135 -76.99 -50.56 -16.78
N PHE L 136 -76.23 -50.00 -17.72
CA PHE L 136 -76.60 -50.07 -19.12
C PHE L 136 -76.18 -51.36 -19.81
N ALA L 137 -75.63 -52.32 -19.08
CA ALA L 137 -75.14 -53.54 -19.72
C ALA L 137 -76.29 -54.28 -20.38
N SER L 138 -76.18 -54.50 -21.68
CA SER L 138 -77.22 -55.18 -22.45
C SER L 138 -77.15 -56.66 -22.13
N VAL L 139 -78.07 -57.15 -21.32
CA VAL L 139 -78.12 -58.55 -20.95
C VAL L 139 -79.29 -59.19 -21.71
N ASP L 140 -78.95 -60.05 -22.67
CA ASP L 140 -79.94 -60.78 -23.44
C ASP L 140 -79.60 -62.26 -23.63
N HIS L 141 -78.36 -62.67 -23.40
CA HIS L 141 -77.94 -64.03 -23.71
C HIS L 141 -77.37 -64.70 -22.47
N TYR L 142 -78.08 -64.57 -21.36
CA TYR L 142 -77.66 -65.18 -20.11
C TYR L 142 -78.82 -65.92 -19.47
N PRO L 143 -78.55 -67.03 -18.79
CA PRO L 143 -79.64 -67.91 -18.35
C PRO L 143 -80.37 -67.41 -17.11
N MET L 144 -79.68 -66.64 -16.28
CA MET L 144 -80.26 -66.20 -15.01
C MET L 144 -81.05 -64.92 -15.12
N PHE L 145 -81.08 -64.27 -16.28
CA PHE L 145 -81.85 -63.06 -16.49
C PHE L 145 -83.07 -63.27 -17.38
N ASP L 146 -83.53 -64.51 -17.51
CA ASP L 146 -84.66 -64.78 -18.41
C ASP L 146 -86.00 -64.53 -17.72
N ASN L 147 -86.29 -65.27 -16.64
CA ASN L 147 -87.60 -65.22 -16.04
C ASN L 147 -87.75 -64.07 -15.05
N VAL L 148 -86.63 -63.58 -14.50
CA VAL L 148 -86.69 -62.60 -13.43
C VAL L 148 -87.33 -61.31 -13.91
N SER L 149 -87.95 -60.58 -12.98
CA SER L 149 -88.65 -59.36 -13.32
C SER L 149 -87.68 -58.24 -13.69
N ALA L 150 -88.22 -57.22 -14.35
CA ALA L 150 -87.39 -56.12 -14.85
C ALA L 150 -86.74 -55.37 -13.70
N SER L 151 -87.54 -54.92 -12.73
CA SER L 151 -86.98 -54.21 -11.59
C SER L 151 -86.05 -55.10 -10.79
N LYS L 152 -86.37 -56.38 -10.67
CA LYS L 152 -85.45 -57.31 -10.03
C LYS L 152 -84.14 -57.38 -10.81
N ARG L 153 -84.22 -57.32 -12.14
CA ARG L 153 -83.02 -57.31 -12.95
C ARG L 153 -82.20 -56.05 -12.71
N GLU L 154 -82.85 -54.89 -12.62
CA GLU L 154 -82.14 -53.66 -12.31
C GLU L 154 -81.44 -53.76 -10.97
N GLU L 155 -82.13 -54.28 -9.97
CA GLU L 155 -81.55 -54.41 -8.64
C GLU L 155 -80.33 -55.32 -8.66
N ILE L 156 -80.45 -56.48 -9.31
CA ILE L 156 -79.33 -57.42 -9.31
C ILE L 156 -78.21 -56.93 -10.22
N LEU L 157 -78.52 -56.06 -11.17
CA LEU L 157 -77.51 -55.57 -12.09
C LEU L 157 -76.69 -54.45 -11.49
N ALA L 158 -77.34 -53.53 -10.78
CA ALA L 158 -76.62 -52.40 -10.22
C ALA L 158 -75.78 -52.78 -9.01
N GLY L 159 -75.96 -53.97 -8.45
CA GLY L 159 -75.19 -54.39 -7.31
C GLY L 159 -73.87 -55.01 -7.64
N PHE L 160 -73.59 -55.21 -8.93
CA PHE L 160 -72.38 -55.91 -9.34
C PHE L 160 -71.09 -55.25 -8.87
N PRO L 161 -70.85 -53.95 -9.11
CA PRO L 161 -69.48 -53.43 -8.91
C PRO L 161 -68.96 -53.54 -7.50
N CYS L 162 -69.78 -53.21 -6.50
CA CYS L 162 -69.25 -53.01 -5.15
C CYS L 162 -68.93 -54.32 -4.44
N CYS L 163 -69.88 -55.26 -4.37
CA CYS L 163 -69.64 -56.44 -3.54
C CYS L 163 -70.08 -57.69 -4.27
N ARG L 164 -69.75 -58.84 -3.67
CA ARG L 164 -70.12 -60.14 -4.22
C ARG L 164 -70.35 -61.13 -3.10
N SER L 165 -71.54 -61.75 -3.09
CA SER L 165 -71.85 -62.83 -2.16
C SER L 165 -72.63 -63.96 -2.78
N ALA L 166 -72.96 -63.88 -4.06
CA ALA L 166 -73.89 -64.81 -4.70
C ALA L 166 -73.17 -66.09 -5.10
N PRO L 167 -73.90 -67.08 -5.66
CA PRO L 167 -73.26 -68.30 -6.18
C PRO L 167 -72.28 -68.07 -7.31
N SER L 168 -71.68 -69.15 -7.80
CA SER L 168 -70.56 -69.05 -8.73
C SER L 168 -70.98 -68.41 -10.05
N ASP L 169 -72.10 -68.87 -10.64
CA ASP L 169 -72.47 -68.36 -11.94
C ASP L 169 -72.70 -66.85 -11.92
N VAL L 170 -73.27 -66.35 -10.82
CA VAL L 170 -73.51 -64.92 -10.71
C VAL L 170 -72.19 -64.16 -10.67
N ILE L 171 -71.22 -64.64 -9.88
CA ILE L 171 -69.97 -63.90 -9.80
C ILE L 171 -69.20 -64.02 -11.10
N LEU L 172 -69.41 -65.10 -11.85
CA LEU L 172 -68.75 -65.23 -13.15
C LEU L 172 -69.33 -64.24 -14.15
N VAL L 173 -70.66 -64.15 -14.24
CA VAL L 173 -71.23 -63.16 -15.15
C VAL L 173 -70.85 -61.75 -14.68
N ARG L 174 -70.69 -61.56 -13.37
CA ARG L 174 -70.21 -60.28 -12.86
C ARG L 174 -68.81 -59.97 -13.37
N ASP L 175 -67.90 -60.92 -13.23
CA ASP L 175 -66.55 -60.73 -13.76
C ASP L 175 -66.58 -60.42 -15.25
N GLU L 176 -67.45 -61.10 -15.99
CA GLU L 176 -67.50 -60.88 -17.42
C GLU L 176 -67.96 -59.46 -17.74
N ILE L 177 -69.03 -59.00 -17.08
CA ILE L 177 -69.51 -57.64 -17.32
C ILE L 177 -68.43 -56.64 -16.96
N ALA L 178 -67.71 -56.89 -15.85
CA ALA L 178 -66.68 -55.96 -15.43
C ALA L 178 -65.57 -55.86 -16.47
N LEU L 179 -65.13 -57.00 -17.01
CA LEU L 179 -64.09 -56.98 -18.02
C LEU L 179 -64.55 -56.25 -19.27
N LEU L 180 -65.79 -56.50 -19.71
CA LEU L 180 -66.31 -55.80 -20.87
C LEU L 180 -66.28 -54.28 -20.65
N HIS L 181 -66.74 -53.84 -19.48
CA HIS L 181 -66.83 -52.41 -19.25
C HIS L 181 -65.44 -51.79 -19.14
N ARG L 182 -64.49 -52.51 -18.54
CA ARG L 182 -63.12 -51.98 -18.49
C ARG L 182 -62.54 -51.85 -19.88
N TYR L 183 -62.79 -52.83 -20.75
CA TYR L 183 -62.34 -52.71 -22.13
C TYR L 183 -62.92 -51.47 -22.79
N GLN L 184 -64.22 -51.25 -22.63
CA GLN L 184 -64.84 -50.08 -23.23
C GLN L 184 -64.21 -48.79 -22.70
N SER L 185 -63.97 -48.74 -21.39
CA SER L 185 -63.38 -47.54 -20.81
C SER L 185 -62.00 -47.27 -21.41
N GLN L 186 -61.16 -48.30 -21.48
CA GLN L 186 -59.80 -48.06 -21.97
C GLN L 186 -59.80 -47.67 -23.44
N MET L 187 -60.66 -48.28 -24.25
CA MET L 187 -60.74 -47.86 -25.65
C MET L 187 -61.20 -46.43 -25.76
N LEU L 188 -62.21 -46.04 -24.98
CA LEU L 188 -62.67 -44.65 -25.02
C LEU L 188 -61.54 -43.72 -24.63
N GLY L 189 -60.72 -44.12 -23.65
CA GLY L 189 -59.60 -43.28 -23.25
C GLY L 189 -58.59 -43.08 -24.36
N TRP L 190 -58.23 -44.18 -25.04
CA TRP L 190 -57.27 -44.05 -26.13
C TRP L 190 -57.84 -43.19 -27.25
N ILE L 191 -59.14 -43.32 -27.51
CA ILE L 191 -59.76 -42.48 -28.53
C ILE L 191 -59.67 -41.01 -28.14
N LEU L 192 -59.95 -40.71 -26.87
CA LEU L 192 -59.84 -39.34 -26.41
C LEU L 192 -58.43 -38.80 -26.59
N ILE L 193 -57.42 -39.60 -26.24
CA ILE L 193 -56.04 -39.15 -26.39
C ILE L 193 -55.71 -38.86 -27.85
N THR L 194 -56.05 -39.79 -28.74
CA THR L 194 -55.67 -39.59 -30.14
C THR L 194 -56.39 -38.39 -30.74
N LEU L 195 -57.68 -38.22 -30.42
CA LEU L 195 -58.41 -37.08 -30.96
C LEU L 195 -57.86 -35.78 -30.40
N ALA L 196 -57.54 -35.75 -29.11
CA ALA L 196 -56.97 -34.55 -28.51
C ALA L 196 -55.64 -34.19 -29.16
N THR L 197 -54.79 -35.18 -29.39
CA THR L 197 -53.50 -34.90 -30.00
C THR L 197 -53.66 -34.38 -31.42
N ILE L 198 -54.51 -35.03 -32.22
CA ILE L 198 -54.66 -34.59 -33.61
C ILE L 198 -55.27 -33.19 -33.66
N ALA L 199 -56.21 -32.91 -32.76
CA ALA L 199 -56.81 -31.58 -32.73
C ALA L 199 -55.79 -30.53 -32.32
N ALA L 200 -54.98 -30.82 -31.31
CA ALA L 200 -53.95 -29.88 -30.89
C ALA L 200 -52.98 -29.59 -32.02
N LEU L 201 -52.56 -30.64 -32.73
CA LEU L 201 -51.59 -30.46 -33.81
C LEU L 201 -52.19 -29.61 -34.93
N VAL L 202 -53.39 -29.96 -35.40
CA VAL L 202 -53.97 -29.21 -36.49
C VAL L 202 -54.24 -27.78 -36.07
N SER L 203 -54.62 -27.56 -34.81
CA SER L 203 -54.90 -26.20 -34.35
C SER L 203 -53.63 -25.37 -34.28
N CYS L 204 -52.54 -25.95 -33.77
CA CYS L 204 -51.30 -25.21 -33.73
C CYS L 204 -50.80 -24.89 -35.13
N CYS L 205 -50.96 -25.83 -36.06
CA CYS L 205 -50.53 -25.57 -37.43
C CYS L 205 -51.37 -24.47 -38.06
N VAL L 206 -52.68 -24.49 -37.83
CA VAL L 206 -53.54 -23.44 -38.36
C VAL L 206 -53.15 -22.09 -37.78
N ALA L 207 -52.88 -22.05 -36.48
CA ALA L 207 -52.49 -20.79 -35.85
C ALA L 207 -51.19 -20.27 -36.44
N LYS L 208 -50.24 -21.16 -36.69
CA LYS L 208 -49.00 -20.74 -37.32
C LYS L 208 -49.23 -20.28 -38.75
N CYS L 209 -50.23 -20.86 -39.42
CA CYS L 209 -50.54 -20.47 -40.79
C CYS L 209 -51.14 -19.08 -40.85
N CYS L 210 -52.21 -18.84 -40.09
CA CYS L 210 -52.92 -17.57 -40.13
C CYS L 210 -52.17 -16.44 -39.45
N SER L 211 -50.98 -16.70 -38.93
CA SER L 211 -50.24 -15.66 -38.23
C SER L 211 -49.75 -14.62 -39.23
N PRO L 212 -49.89 -13.33 -38.94
CA PRO L 212 -49.38 -12.30 -39.84
C PRO L 212 -47.89 -12.01 -39.66
N LEU L 213 -47.24 -12.57 -38.66
CA LEU L 213 -45.86 -12.26 -38.38
C LEU L 213 -44.93 -13.34 -38.94
N THR L 214 -43.65 -12.98 -39.05
CA THR L 214 -42.66 -13.88 -39.59
C THR L 214 -42.18 -14.86 -38.51
N SER L 215 -41.12 -15.60 -38.81
CA SER L 215 -40.55 -16.53 -37.85
C SER L 215 -39.68 -15.86 -36.81
N LEU L 216 -39.42 -14.56 -36.96
CA LEU L 216 -38.58 -13.81 -36.04
C LEU L 216 -39.33 -12.75 -35.27
N GLN L 217 -40.28 -12.07 -35.90
CA GLN L 217 -41.07 -11.07 -35.19
C GLN L 217 -41.84 -11.68 -34.03
N HIS L 218 -42.19 -12.96 -34.12
CA HIS L 218 -42.97 -13.59 -33.06
C HIS L 218 -42.18 -13.67 -31.75
N CYS L 219 -40.92 -14.10 -31.83
CA CYS L 219 -40.11 -14.20 -30.62
C CYS L 219 -39.88 -12.83 -30.01
N TYR L 220 -39.51 -11.86 -30.85
CA TYR L 220 -39.40 -10.48 -30.39
C TYR L 220 -40.68 -10.03 -29.70
N TRP L 221 -41.83 -10.43 -30.24
CA TRP L 221 -43.10 -9.98 -29.69
C TRP L 221 -43.34 -10.57 -28.31
N THR L 222 -43.05 -11.86 -28.14
CA THR L 222 -43.25 -12.50 -26.85
C THR L 222 -42.34 -11.87 -25.80
N SER L 223 -41.07 -11.68 -26.15
CA SER L 223 -40.16 -11.03 -25.22
C SER L 223 -40.64 -9.63 -24.88
N HIS L 224 -41.15 -8.91 -25.88
CA HIS L 224 -41.72 -7.59 -25.66
C HIS L 224 -42.80 -7.64 -24.59
N LEU L 225 -43.77 -8.55 -24.75
CA LEU L 225 -44.87 -8.63 -23.80
C LEU L 225 -44.36 -8.91 -22.39
N GLN L 226 -43.55 -9.97 -22.24
CA GLN L 226 -43.11 -10.36 -20.91
C GLN L 226 -42.32 -9.26 -20.22
N ASN L 227 -41.29 -8.74 -20.90
CA ASN L 227 -40.46 -7.72 -20.27
C ASN L 227 -41.24 -6.44 -20.03
N GLU L 228 -42.20 -6.12 -20.90
CA GLU L 228 -43.06 -4.97 -20.67
C GLU L 228 -43.77 -5.10 -19.33
N ARG L 229 -44.47 -6.22 -19.14
CA ARG L 229 -45.19 -6.41 -17.89
C ARG L 229 -44.26 -6.24 -16.70
N GLU L 230 -43.13 -6.95 -16.71
CA GLU L 230 -42.25 -6.93 -15.54
C GLU L 230 -41.72 -5.53 -15.26
N LEU L 231 -41.20 -4.85 -16.28
CA LEU L 231 -40.61 -3.55 -16.07
C LEU L 231 -41.63 -2.52 -15.60
N PHE L 232 -42.83 -2.54 -16.20
CA PHE L 232 -43.83 -1.59 -15.76
C PHE L 232 -44.21 -1.81 -14.32
N GLU L 233 -44.33 -3.07 -13.90
CA GLU L 233 -44.62 -3.33 -12.50
C GLU L 233 -43.55 -2.73 -11.60
N GLN L 234 -42.29 -3.02 -11.90
CA GLN L 234 -41.20 -2.52 -11.05
C GLN L 234 -41.19 -1.01 -11.00
N ALA L 235 -41.38 -0.37 -12.15
CA ALA L 235 -41.31 1.09 -12.21
C ALA L 235 -42.44 1.72 -11.43
N ALA L 236 -43.67 1.21 -11.61
CA ALA L 236 -44.79 1.76 -10.87
C ALA L 236 -44.56 1.63 -9.38
N GLU L 237 -44.08 0.46 -8.93
CA GLU L 237 -43.80 0.30 -7.51
C GLU L 237 -42.82 1.35 -7.02
N GLN L 238 -41.68 1.48 -7.70
CA GLN L 238 -40.66 2.41 -7.23
C GLN L 238 -41.16 3.84 -7.24
N HIS L 239 -41.93 4.22 -8.26
CA HIS L 239 -42.41 5.60 -8.36
C HIS L 239 -43.38 5.90 -7.23
N SER L 240 -44.32 5.00 -6.97
CA SER L 240 -45.26 5.26 -5.88
C SER L 240 -44.55 5.29 -4.55
N ARG L 241 -43.54 4.44 -4.38
CA ARG L 241 -42.76 4.48 -3.15
C ARG L 241 -42.09 5.83 -2.97
N LEU L 242 -41.47 6.36 -4.03
CA LEU L 242 -40.82 7.65 -3.91
C LEU L 242 -41.81 8.76 -3.59
N LEU L 243 -42.98 8.74 -4.23
CA LEU L 243 -43.95 9.80 -3.97
C LEU L 243 -44.45 9.74 -2.54
N MET L 244 -44.78 8.55 -2.05
CA MET L 244 -45.22 8.44 -0.66
C MET L 244 -44.11 8.86 0.29
N MET L 245 -42.86 8.55 -0.06
CA MET L 245 -41.73 8.98 0.77
C MET L 245 -41.63 10.49 0.81
N HIS L 246 -41.85 11.15 -0.32
CA HIS L 246 -41.83 12.60 -0.32
C HIS L 246 -42.95 13.19 0.52
N ARG L 247 -44.15 12.62 0.43
CA ARG L 247 -45.22 13.11 1.29
C ARG L 247 -44.88 12.93 2.77
N ILE L 248 -44.30 11.79 3.12
CA ILE L 248 -43.91 11.56 4.50
C ILE L 248 -42.90 12.61 4.95
N LYS L 249 -41.91 12.89 4.11
CA LYS L 249 -40.90 13.85 4.49
C LYS L 249 -41.49 15.25 4.61
N LYS L 250 -42.46 15.59 3.77
CA LYS L 250 -43.13 16.88 3.91
C LYS L 250 -43.89 16.95 5.23
N LEU L 251 -44.47 15.83 5.65
CA LEU L 251 -45.23 15.87 6.90
C LEU L 251 -44.31 15.91 8.12
N PHE L 252 -43.50 14.87 8.30
CA PHE L 252 -42.71 14.76 9.53
C PHE L 252 -41.44 15.60 9.48
N GLY L 253 -40.91 15.85 8.31
CA GLY L 253 -39.75 16.69 8.16
C GLY L 253 -38.46 16.00 7.83
N PHE L 254 -38.52 14.77 7.31
CA PHE L 254 -37.31 14.03 6.99
C PHE L 254 -37.68 12.82 6.16
N ILE L 255 -36.72 12.33 5.39
CA ILE L 255 -36.94 11.13 4.58
C ILE L 255 -36.78 9.92 5.48
N PRO L 256 -37.72 8.96 5.44
CA PRO L 256 -37.62 7.83 6.39
C PRO L 256 -36.36 7.01 6.23
N GLY L 257 -35.92 6.76 5.01
CA GLY L 257 -34.72 5.97 4.78
C GLY L 257 -33.47 6.65 5.28
N SER L 258 -33.63 7.74 5.99
CA SER L 258 -32.48 8.48 6.46
C SER L 258 -32.01 7.99 7.81
N GLU L 259 -30.86 8.50 8.19
CA GLU L 259 -30.19 8.33 9.47
C GLU L 259 -29.56 9.65 9.90
N ASP L 260 -29.42 9.77 11.22
CA ASP L 260 -28.84 10.93 11.90
C ASP L 260 -29.49 12.26 11.49
N VAL L 261 -30.81 12.23 11.29
CA VAL L 261 -31.53 13.43 10.91
C VAL L 261 -31.48 14.45 12.04
N LYS L 262 -31.15 15.70 11.71
CA LYS L 262 -31.03 16.72 12.73
C LYS L 262 -32.21 17.68 12.76
N HIS L 263 -33.31 17.37 12.08
CA HIS L 263 -34.46 18.26 12.13
C HIS L 263 -35.74 17.44 12.10
N ILE L 264 -36.67 17.77 13.00
CA ILE L 264 -37.92 17.06 13.17
C ILE L 264 -39.05 18.06 13.18
N ARG L 265 -40.12 17.79 12.43
CA ARG L 265 -41.27 18.68 12.40
C ARG L 265 -42.43 17.98 13.07
N ILE L 266 -42.90 18.56 14.17
CA ILE L 266 -44.08 18.00 14.86
C ILE L 266 -45.32 18.27 14.03
N PRO L 267 -46.19 17.28 13.81
CA PRO L 267 -47.38 17.52 13.00
C PRO L 267 -48.41 18.33 13.76
N SER L 268 -49.29 18.97 13.00
CA SER L 268 -50.40 19.70 13.59
C SER L 268 -51.63 18.80 13.64
N CYS L 269 -52.63 19.24 14.42
CA CYS L 269 -53.84 18.44 14.55
C CYS L 269 -54.65 18.38 13.27
N GLN L 270 -54.22 19.08 12.21
CA GLN L 270 -54.87 19.04 10.91
C GLN L 270 -54.10 18.24 9.88
N ASP L 271 -52.75 18.24 9.97
CA ASP L 271 -51.94 17.51 9.02
C ASP L 271 -52.38 16.05 8.93
N TRP L 272 -52.78 15.46 10.06
CA TRP L 272 -53.34 14.12 10.04
C TRP L 272 -54.58 14.07 9.15
N LYS L 273 -55.42 15.10 9.23
CA LYS L 273 -56.59 15.16 8.35
C LYS L 273 -56.17 15.25 6.90
N ASP L 274 -55.06 15.94 6.61
CA ASP L 274 -54.62 16.09 5.24
C ASP L 274 -54.10 14.77 4.67
N ILE L 275 -53.21 14.10 5.39
CA ILE L 275 -52.60 12.87 4.88
C ILE L 275 -53.60 11.73 4.79
N SER L 276 -54.80 11.93 5.32
CA SER L 276 -55.80 10.87 5.35
C SER L 276 -56.21 10.42 3.95
N VAL L 277 -56.22 11.33 2.98
CA VAL L 277 -56.66 10.96 1.64
C VAL L 277 -55.48 10.45 0.81
N PRO L 278 -55.71 9.51 -0.10
CA PRO L 278 -54.59 8.85 -0.81
C PRO L 278 -54.23 9.44 -2.17
N THR L 279 -54.97 10.41 -2.68
CA THR L 279 -54.75 11.08 -3.97
C THR L 279 -54.94 10.10 -5.13
N LEU L 280 -55.22 8.83 -4.85
CA LEU L 280 -55.44 7.82 -5.88
C LEU L 280 -54.27 7.73 -6.85
N THR M 4 -29.75 -14.94 0.41
CA THR M 4 -30.66 -15.10 -0.73
C THR M 4 -32.01 -15.59 -0.20
N LEU M 5 -32.02 -15.94 1.09
CA LEU M 5 -33.23 -16.50 1.70
C LEU M 5 -34.39 -15.51 1.63
N ASN M 6 -34.20 -14.32 2.19
CA ASN M 6 -35.29 -13.36 2.29
C ASN M 6 -35.88 -13.01 0.93
N ASN M 7 -35.07 -13.09 -0.13
CA ASN M 7 -35.60 -12.90 -1.48
C ASN M 7 -36.69 -13.92 -1.78
N ILE M 8 -36.39 -15.21 -1.64
CA ILE M 8 -37.38 -16.23 -1.96
C ILE M 8 -38.54 -16.19 -0.96
N VAL M 9 -38.27 -15.80 0.29
CA VAL M 9 -39.34 -15.68 1.28
C VAL M 9 -40.34 -14.62 0.84
N SER M 10 -39.84 -13.44 0.46
CA SER M 10 -40.76 -12.41 -0.01
C SER M 10 -41.43 -12.80 -1.31
N SER M 11 -40.72 -13.53 -2.19
CA SER M 11 -41.32 -13.93 -3.45
C SER M 11 -42.51 -14.83 -3.24
N LEU M 12 -42.36 -15.84 -2.37
CA LEU M 12 -43.50 -16.70 -2.07
C LEU M 12 -44.57 -15.95 -1.28
N GLN M 13 -44.17 -15.05 -0.39
CA GLN M 13 -45.13 -14.32 0.43
C GLN M 13 -46.04 -13.44 -0.42
N ARG M 14 -45.52 -12.90 -1.52
CA ARG M 14 -46.39 -12.17 -2.43
C ARG M 14 -47.26 -13.12 -3.25
N ASN M 15 -46.74 -14.31 -3.54
CA ASN M 15 -47.42 -15.27 -4.41
C ASN M 15 -48.68 -15.77 -3.71
N GLY M 16 -49.85 -15.35 -4.21
CA GLY M 16 -51.11 -15.78 -3.62
C GLY M 16 -51.39 -17.27 -3.75
N ILE M 17 -50.95 -17.88 -4.84
CA ILE M 17 -51.26 -19.29 -5.07
C ILE M 17 -50.71 -20.17 -3.95
N PHE M 18 -49.45 -19.94 -3.58
CA PHE M 18 -48.85 -20.78 -2.54
C PHE M 18 -49.55 -20.59 -1.21
N ILE M 19 -49.89 -19.35 -0.85
CA ILE M 19 -50.55 -19.11 0.42
C ILE M 19 -51.90 -19.79 0.46
N ASN M 20 -52.69 -19.65 -0.61
CA ASN M 20 -54.00 -20.29 -0.63
C ASN M 20 -53.88 -21.81 -0.57
N SER M 21 -52.92 -22.38 -1.31
CA SER M 21 -52.75 -23.82 -1.29
C SER M 21 -52.35 -24.30 0.09
N LEU M 22 -51.48 -23.55 0.77
CA LEU M 22 -51.08 -23.94 2.12
C LEU M 22 -52.26 -23.89 3.07
N ILE M 23 -53.09 -22.85 2.95
CA ILE M 23 -54.28 -22.77 3.80
C ILE M 23 -55.17 -23.98 3.58
N ALA M 24 -55.40 -24.34 2.31
CA ALA M 24 -56.26 -25.49 2.03
C ALA M 24 -55.67 -26.78 2.60
N ALA M 25 -54.37 -26.98 2.43
CA ALA M 25 -53.75 -28.19 2.97
C ALA M 25 -53.87 -28.25 4.48
N LEU M 26 -53.62 -27.13 5.14
CA LEU M 26 -53.74 -27.07 6.58
C LEU M 26 -55.15 -27.40 7.04
N THR M 27 -56.15 -26.87 6.36
CA THR M 27 -57.52 -27.18 6.75
C THR M 27 -57.84 -28.65 6.53
N ILE M 28 -57.32 -29.25 5.46
CA ILE M 28 -57.57 -30.66 5.22
C ILE M 28 -56.99 -31.49 6.37
N GLY M 29 -55.73 -31.24 6.70
CA GLY M 29 -55.10 -32.00 7.76
C GLY M 29 -55.80 -31.82 9.10
N GLY M 30 -56.11 -30.56 9.44
CA GLY M 30 -56.80 -30.31 10.70
C GLY M 30 -58.15 -30.98 10.77
N GLN M 31 -58.92 -30.92 9.68
CA GLN M 31 -60.22 -31.58 9.67
C GLN M 31 -60.07 -33.08 9.87
N GLN M 32 -59.09 -33.68 9.19
CA GLN M 32 -58.92 -35.12 9.32
C GLN M 32 -58.60 -35.50 10.76
N LEU M 33 -57.64 -34.80 11.38
CA LEU M 33 -57.29 -35.10 12.76
C LEU M 33 -58.49 -34.91 13.68
N PHE M 34 -59.18 -33.79 13.51
CA PHE M 34 -60.34 -33.48 14.34
C PHE M 34 -61.38 -34.59 14.26
N SER M 35 -61.81 -34.93 13.04
CA SER M 35 -62.83 -35.94 12.88
C SER M 35 -62.37 -37.28 13.44
N SER M 36 -61.11 -37.64 13.22
CA SER M 36 -60.64 -38.93 13.70
C SER M 36 -60.59 -38.99 15.22
N SER M 37 -60.40 -37.85 15.87
CA SER M 37 -60.19 -37.91 17.31
C SER M 37 -61.49 -37.81 18.10
N THR M 38 -62.30 -36.78 17.84
CA THR M 38 -63.38 -36.43 18.75
C THR M 38 -64.75 -36.49 18.11
N PHE M 39 -65.06 -37.56 17.40
CA PHE M 39 -66.37 -37.71 16.76
C PHE M 39 -66.97 -39.06 17.06
N SER M 40 -68.23 -39.06 17.50
CA SER M 40 -68.97 -40.29 17.74
C SER M 40 -70.45 -39.96 17.70
N CYS M 41 -71.19 -40.70 16.88
CA CYS M 41 -72.59 -40.40 16.69
C CYS M 41 -73.33 -40.62 18.01
N PRO M 42 -74.24 -39.75 18.39
CA PRO M 42 -74.98 -39.95 19.64
C PRO M 42 -75.93 -41.14 19.62
N CYS M 43 -76.54 -41.45 18.48
CA CYS M 43 -77.52 -42.55 18.41
C CYS M 43 -78.64 -42.38 19.43
N GLN M 44 -79.00 -41.13 19.70
CA GLN M 44 -80.13 -40.83 20.56
C GLN M 44 -81.40 -40.75 19.71
N VAL M 45 -82.48 -40.26 20.30
CA VAL M 45 -83.77 -40.33 19.63
C VAL M 45 -83.98 -39.14 18.69
N GLY M 46 -83.85 -37.92 19.20
CA GLY M 46 -84.08 -36.75 18.39
C GLY M 46 -82.91 -35.80 18.39
N LYS M 47 -81.87 -36.15 19.15
CA LYS M 47 -80.71 -35.30 19.33
C LYS M 47 -79.54 -35.72 18.45
N ASN M 48 -79.82 -36.28 17.28
CA ASN M 48 -78.79 -36.69 16.34
C ASN M 48 -78.53 -35.62 15.27
N PHE M 49 -79.61 -35.07 14.70
CA PHE M 49 -79.48 -34.12 13.61
C PHE M 49 -78.68 -32.90 14.03
N TYR M 50 -78.88 -32.44 15.27
CA TYR M 50 -78.10 -31.31 15.75
C TYR M 50 -76.63 -31.67 15.87
N TYR M 51 -76.33 -32.86 16.38
CA TYR M 51 -74.93 -33.25 16.54
C TYR M 51 -74.25 -33.37 15.19
N GLY M 52 -75.00 -33.66 14.15
CA GLY M 52 -74.40 -33.64 12.82
C GLY M 52 -74.21 -32.23 12.31
N SER M 53 -75.29 -31.44 12.35
CA SER M 53 -75.26 -30.12 11.77
C SER M 53 -74.21 -29.23 12.41
N ALA M 54 -73.97 -29.40 13.72
CA ALA M 54 -72.96 -28.58 14.38
C ALA M 54 -71.60 -28.79 13.73
N PHE M 55 -71.13 -30.03 13.71
CA PHE M 55 -69.83 -30.31 13.10
C PHE M 55 -69.82 -29.94 11.63
N LEU M 56 -70.98 -29.98 10.97
CA LEU M 56 -70.98 -29.67 9.55
C LEU M 56 -70.84 -28.17 9.28
N VAL M 57 -71.46 -27.34 10.12
CA VAL M 57 -71.63 -25.92 9.82
C VAL M 57 -70.72 -25.05 10.69
N ILE M 58 -70.79 -25.20 12.01
CA ILE M 58 -70.16 -24.23 12.91
C ILE M 58 -68.69 -23.97 12.56
N PRO M 59 -67.87 -24.98 12.30
CA PRO M 59 -66.50 -24.67 11.85
C PRO M 59 -66.45 -23.79 10.62
N ALA M 60 -67.40 -23.93 9.70
CA ALA M 60 -67.41 -23.06 8.54
C ALA M 60 -67.57 -21.60 8.94
N LEU M 61 -68.58 -21.31 9.76
CA LEU M 61 -68.79 -19.94 10.21
C LEU M 61 -67.58 -19.41 10.97
N ILE M 62 -67.03 -20.23 11.87
CA ILE M 62 -65.89 -19.77 12.67
C ILE M 62 -64.72 -19.45 11.76
N LEU M 63 -64.35 -20.37 10.87
CA LEU M 63 -63.19 -20.14 10.03
C LEU M 63 -63.42 -18.98 9.07
N LEU M 64 -64.65 -18.81 8.59
CA LEU M 64 -64.93 -17.70 7.69
C LEU M 64 -64.80 -16.37 8.41
N VAL M 65 -65.42 -16.23 9.58
CA VAL M 65 -65.30 -14.99 10.33
C VAL M 65 -63.85 -14.73 10.71
N ALA M 66 -63.11 -15.78 11.05
CA ALA M 66 -61.71 -15.58 11.40
C ALA M 66 -60.89 -15.12 10.21
N GLY M 67 -61.08 -15.75 9.05
CA GLY M 67 -60.39 -15.36 7.85
C GLY M 67 -60.75 -13.99 7.35
N PHE M 68 -61.94 -13.51 7.69
CA PHE M 68 -62.31 -12.14 7.33
C PHE M 68 -61.73 -11.13 8.29
N ALA M 69 -62.00 -11.31 9.59
CA ALA M 69 -61.64 -10.31 10.59
C ALA M 69 -60.14 -10.17 10.79
N LEU M 70 -59.36 -11.21 10.49
CA LEU M 70 -57.93 -11.15 10.72
C LEU M 70 -57.18 -10.32 9.70
N ARG M 71 -57.81 -9.95 8.59
CA ARG M 71 -57.12 -9.16 7.57
C ARG M 71 -57.11 -7.70 8.01
N SER M 72 -55.91 -7.16 8.20
CA SER M 72 -55.77 -5.80 8.71
C SER M 72 -56.52 -4.80 7.84
N GLN M 73 -56.47 -4.96 6.52
CA GLN M 73 -57.07 -3.97 5.64
C GLN M 73 -58.58 -3.90 5.82
N MET M 74 -59.22 -5.01 6.17
CA MET M 74 -60.66 -5.00 6.34
C MET M 74 -61.09 -4.07 7.47
N TRP M 75 -60.30 -4.01 8.54
CA TRP M 75 -60.62 -3.08 9.62
C TRP M 75 -60.54 -1.64 9.15
N THR M 76 -59.52 -1.31 8.36
CA THR M 76 -59.38 0.06 7.85
C THR M 76 -60.54 0.40 6.93
N ILE M 77 -60.94 -0.55 6.08
CA ILE M 77 -62.05 -0.27 5.18
C ILE M 77 -63.34 -0.06 5.96
N THR M 78 -63.58 -0.88 6.99
CA THR M 78 -64.74 -0.67 7.84
C THR M 78 -64.69 0.70 8.52
N GLY M 79 -63.50 1.09 9.01
CA GLY M 79 -63.37 2.40 9.62
C GLY M 79 -63.70 3.53 8.66
N GLU M 80 -63.25 3.40 7.41
CA GLU M 80 -63.71 4.31 6.36
C GLU M 80 -65.22 4.29 6.24
N TYR M 81 -65.83 3.11 6.38
CA TYR M 81 -67.28 3.00 6.24
C TYR M 81 -68.02 3.35 7.52
N CYS M 82 -67.56 2.83 8.66
CA CYS M 82 -68.26 3.04 9.92
C CYS M 82 -68.19 4.51 10.34
N CYS M 83 -69.09 4.88 11.25
CA CYS M 83 -69.14 6.23 11.77
C CYS M 83 -67.99 6.47 12.76
N PRO M 94 -68.69 8.27 -5.62
CA PRO M 94 -67.80 8.55 -6.75
C PRO M 94 -66.86 7.39 -7.04
N LEU M 95 -65.55 7.63 -6.94
CA LEU M 95 -64.58 6.58 -7.17
C LEU M 95 -64.18 5.84 -5.90
N GLU M 96 -64.22 6.54 -4.76
CA GLU M 96 -63.80 5.93 -3.51
C GLU M 96 -64.67 4.72 -3.18
N CYS M 97 -65.98 4.80 -3.47
CA CYS M 97 -66.85 3.68 -3.17
C CYS M 97 -66.48 2.45 -3.99
N LYS M 98 -66.29 2.63 -5.31
CA LYS M 98 -65.92 1.49 -6.14
C LYS M 98 -64.57 0.91 -5.73
N LEU M 99 -63.62 1.78 -5.37
CA LEU M 99 -62.32 1.28 -4.95
C LEU M 99 -62.44 0.50 -3.65
N ALA M 100 -63.24 0.99 -2.71
CA ALA M 100 -63.48 0.24 -1.49
C ALA M 100 -64.11 -1.11 -1.79
N CYS M 101 -65.04 -1.14 -2.73
CA CYS M 101 -65.68 -2.41 -3.09
C CYS M 101 -64.66 -3.39 -3.65
N LEU M 102 -63.74 -2.89 -4.49
CA LEU M 102 -62.71 -3.78 -5.04
C LEU M 102 -61.76 -4.28 -3.97
N ARG M 103 -61.39 -3.42 -3.03
CA ARG M 103 -60.54 -3.83 -1.93
C ARG M 103 -61.20 -4.94 -1.10
N PHE M 104 -62.44 -4.69 -0.69
CA PHE M 104 -63.20 -5.67 0.07
C PHE M 104 -63.32 -6.97 -0.70
N PHE M 105 -63.51 -6.89 -2.02
CA PHE M 105 -63.65 -8.10 -2.80
C PHE M 105 -62.37 -8.92 -2.84
N SER M 106 -61.23 -8.26 -2.95
CA SER M 106 -59.97 -9.00 -2.95
C SER M 106 -59.77 -9.71 -1.61
N ILE M 107 -60.04 -9.00 -0.51
CA ILE M 107 -59.89 -9.64 0.79
C ILE M 107 -60.85 -10.82 0.92
N THR M 108 -62.07 -10.68 0.40
CA THR M 108 -63.00 -11.79 0.40
C THR M 108 -62.46 -12.97 -0.40
N GLY M 109 -61.90 -12.70 -1.57
CA GLY M 109 -61.31 -13.75 -2.38
C GLY M 109 -60.23 -14.50 -1.65
N ARG M 110 -59.50 -13.81 -0.78
CA ARG M 110 -58.53 -14.51 0.05
C ARG M 110 -59.23 -15.35 1.12
N ALA M 111 -60.23 -14.78 1.79
CA ALA M 111 -60.73 -15.37 3.02
C ALA M 111 -61.66 -16.56 2.77
N VAL M 112 -62.34 -16.60 1.62
CA VAL M 112 -63.34 -17.65 1.40
C VAL M 112 -62.73 -19.04 1.26
N ILE M 113 -61.41 -19.13 1.04
CA ILE M 113 -60.81 -20.43 0.75
C ILE M 113 -60.99 -21.43 1.88
N ALA M 114 -61.01 -20.98 3.13
CA ALA M 114 -61.01 -21.93 4.24
C ALA M 114 -62.37 -22.60 4.43
N PRO M 115 -63.47 -21.86 4.62
CA PRO M 115 -64.74 -22.55 4.89
C PRO M 115 -65.18 -23.45 3.76
N LEU M 116 -64.96 -23.04 2.51
CA LEU M 116 -65.42 -23.85 1.40
C LEU M 116 -64.63 -25.15 1.32
N THR M 117 -63.33 -25.10 1.59
CA THR M 117 -62.56 -26.34 1.57
C THR M 117 -62.92 -27.23 2.76
N TRP M 118 -63.26 -26.63 3.90
CA TRP M 118 -63.70 -27.46 5.02
C TRP M 118 -64.99 -28.19 4.67
N LEU M 119 -65.99 -27.45 4.19
CA LEU M 119 -67.24 -28.08 3.76
C LEU M 119 -66.99 -29.15 2.71
N ALA M 120 -66.12 -28.86 1.75
CA ALA M 120 -65.87 -29.81 0.68
C ALA M 120 -65.30 -31.11 1.23
N VAL M 121 -64.27 -31.02 2.06
CA VAL M 121 -63.63 -32.24 2.53
C VAL M 121 -64.55 -33.01 3.46
N THR M 122 -65.34 -32.30 4.28
CA THR M 122 -66.18 -33.04 5.20
C THR M 122 -67.37 -33.67 4.49
N LEU M 123 -67.84 -33.07 3.40
CA LEU M 123 -68.90 -33.72 2.65
C LEU M 123 -68.36 -34.88 1.83
N LEU M 124 -67.14 -34.74 1.28
CA LEU M 124 -66.60 -35.81 0.47
C LEU M 124 -66.28 -37.04 1.30
N THR M 125 -65.68 -36.85 2.48
CA THR M 125 -65.54 -38.00 3.37
C THR M 125 -66.91 -38.48 3.84
N GLY M 126 -67.84 -37.54 4.04
CA GLY M 126 -69.24 -37.87 4.26
C GLY M 126 -69.58 -38.44 5.61
N THR M 127 -68.60 -38.83 6.41
CA THR M 127 -68.91 -39.48 7.68
C THR M 127 -69.70 -38.56 8.62
N TYR M 128 -69.70 -37.25 8.36
CA TYR M 128 -70.51 -36.35 9.16
C TYR M 128 -71.96 -36.39 8.73
N TYR M 129 -72.21 -36.41 7.42
CA TYR M 129 -73.58 -36.25 6.94
C TYR M 129 -74.44 -37.44 7.34
N GLU M 130 -73.88 -38.65 7.30
CA GLU M 130 -74.67 -39.82 7.67
C GLU M 130 -75.19 -39.69 9.10
N CYS M 131 -74.37 -39.20 10.02
CA CYS M 131 -74.86 -38.93 11.37
C CYS M 131 -75.82 -37.76 11.37
N ALA M 132 -75.66 -36.82 10.44
CA ALA M 132 -76.52 -35.65 10.44
C ALA M 132 -77.96 -36.01 10.09
N ALA M 133 -78.15 -36.91 9.14
CA ALA M 133 -79.49 -37.24 8.66
C ALA M 133 -79.71 -38.75 8.67
N SER M 134 -79.26 -39.42 9.72
CA SER M 134 -79.52 -40.85 9.85
C SER M 134 -80.94 -41.15 10.29
N GLU M 135 -81.74 -40.12 10.58
CA GLU M 135 -83.11 -40.34 10.99
C GLU M 135 -84.12 -40.05 9.88
N PHE M 136 -83.76 -39.29 8.87
CA PHE M 136 -84.72 -38.91 7.83
C PHE M 136 -84.87 -39.97 6.74
N ALA M 137 -84.23 -41.13 6.86
CA ALA M 137 -84.30 -42.13 5.81
C ALA M 137 -85.73 -42.59 5.60
N SER M 138 -86.24 -42.41 4.39
CA SER M 138 -87.61 -42.80 4.05
C SER M 138 -87.68 -44.30 3.93
N VAL M 139 -88.22 -44.96 4.95
CA VAL M 139 -88.35 -46.42 4.95
C VAL M 139 -89.82 -46.74 4.69
N ASP M 140 -90.09 -47.30 3.51
CA ASP M 140 -91.43 -47.73 3.15
C ASP M 140 -91.47 -49.09 2.47
N HIS M 141 -90.35 -49.62 1.98
CA HIS M 141 -90.36 -50.83 1.19
C HIS M 141 -89.43 -51.88 1.83
N TYR M 142 -89.54 -52.05 3.13
CA TYR M 142 -88.73 -53.00 3.86
C TYR M 142 -89.62 -53.84 4.76
N PRO M 143 -89.28 -55.12 4.95
CA PRO M 143 -90.20 -56.04 5.62
C PRO M 143 -90.21 -55.90 7.13
N MET M 144 -89.11 -55.43 7.71
CA MET M 144 -88.99 -55.37 9.16
C MET M 144 -89.52 -54.07 9.75
N PHE M 145 -89.93 -53.11 8.92
CA PHE M 145 -90.49 -51.86 9.39
C PHE M 145 -91.98 -51.74 9.16
N ASP M 146 -92.68 -52.87 8.98
CA ASP M 146 -94.10 -52.81 8.67
C ASP M 146 -94.95 -52.71 9.93
N ASN M 147 -94.86 -53.72 10.81
CA ASN M 147 -95.75 -53.80 11.96
C ASN M 147 -95.24 -52.98 13.14
N VAL M 148 -93.93 -52.72 13.20
CA VAL M 148 -93.33 -52.10 14.38
C VAL M 148 -93.90 -50.70 14.57
N SER M 149 -93.90 -50.25 15.84
CA SER M 149 -94.46 -48.95 16.17
C SER M 149 -93.57 -47.83 15.66
N ALA M 150 -94.15 -46.63 15.60
CA ALA M 150 -93.44 -45.48 15.05
C ALA M 150 -92.23 -45.12 15.91
N SER M 151 -92.45 -44.94 17.21
CA SER M 151 -91.33 -44.62 18.09
C SER M 151 -90.31 -45.75 18.12
N LYS M 152 -90.77 -46.99 18.07
CA LYS M 152 -89.84 -48.11 17.95
C LYS M 152 -89.04 -48.01 16.67
N ARG M 153 -89.67 -47.54 15.59
CA ARG M 153 -88.95 -47.35 14.33
C ARG M 153 -87.91 -46.27 14.47
N GLU M 154 -88.25 -45.15 15.11
CA GLU M 154 -87.27 -44.10 15.35
C GLU M 154 -86.08 -44.62 16.13
N GLU M 155 -86.36 -45.38 17.20
CA GLU M 155 -85.28 -45.93 18.02
C GLU M 155 -84.39 -46.84 17.21
N ILE M 156 -84.96 -47.76 16.43
CA ILE M 156 -84.14 -48.70 15.69
C ILE M 156 -83.47 -48.02 14.50
N LEU M 157 -84.00 -46.89 14.05
CA LEU M 157 -83.43 -46.20 12.91
C LEU M 157 -82.24 -45.35 13.31
N ALA M 158 -82.34 -44.65 14.44
CA ALA M 158 -81.26 -43.76 14.85
C ALA M 158 -80.07 -44.52 15.40
N GLY M 159 -80.19 -45.81 15.66
CA GLY M 159 -79.09 -46.59 16.18
C GLY M 159 -78.17 -47.14 15.12
N PHE M 160 -78.52 -46.96 13.86
CA PHE M 160 -77.75 -47.56 12.77
C PHE M 160 -76.29 -47.13 12.72
N PRO M 161 -75.96 -45.83 12.72
CA PRO M 161 -74.58 -45.45 12.37
C PRO M 161 -73.51 -46.00 13.31
N CYS M 162 -73.75 -45.94 14.62
CA CYS M 162 -72.66 -46.17 15.58
C CYS M 162 -72.30 -47.64 15.71
N CYS M 163 -73.27 -48.51 15.99
CA CYS M 163 -72.91 -49.90 16.30
C CYS M 163 -73.84 -50.86 15.58
N ARG M 164 -73.49 -52.15 15.67
CA ARG M 164 -74.28 -53.20 15.06
C ARG M 164 -74.16 -54.49 15.88
N SER M 165 -75.32 -55.02 16.29
CA SER M 165 -75.37 -56.30 16.97
C SER M 165 -76.54 -57.17 16.53
N ALA M 166 -77.37 -56.70 15.62
CA ALA M 166 -78.63 -57.35 15.28
C ALA M 166 -78.40 -58.50 14.30
N PRO M 167 -79.46 -59.24 13.93
CA PRO M 167 -79.33 -60.29 12.90
C PRO M 167 -78.92 -59.77 11.53
N SER M 168 -78.79 -60.70 10.57
CA SER M 168 -78.20 -60.37 9.28
C SER M 168 -79.02 -59.35 8.52
N ASP M 169 -80.34 -59.57 8.43
CA ASP M 169 -81.17 -58.68 7.61
C ASP M 169 -81.09 -57.25 8.10
N VAL M 170 -81.03 -57.06 9.42
CA VAL M 170 -80.94 -55.72 9.97
C VAL M 170 -79.62 -55.07 9.56
N ILE M 171 -78.51 -55.80 9.68
CA ILE M 171 -77.24 -55.17 9.34
C ILE M 171 -77.14 -54.93 7.84
N LEU M 172 -77.85 -55.73 7.04
CA LEU M 172 -77.85 -55.50 5.60
C LEU M 172 -78.63 -54.24 5.25
N VAL M 173 -79.82 -54.06 5.82
CA VAL M 173 -80.54 -52.83 5.56
C VAL M 173 -79.77 -51.63 6.12
N ARG M 174 -79.01 -51.85 7.20
CA ARG M 174 -78.15 -50.80 7.72
C ARG M 174 -77.08 -50.41 6.71
N ASP M 175 -76.38 -51.40 6.16
CA ASP M 175 -75.38 -51.12 5.13
C ASP M 175 -75.99 -50.40 3.96
N GLU M 176 -77.21 -50.78 3.57
CA GLU M 176 -77.85 -50.14 2.42
C GLU M 176 -78.14 -48.68 2.71
N ILE M 177 -78.72 -48.38 3.88
CA ILE M 177 -79.00 -47.00 4.23
C ILE M 177 -77.71 -46.19 4.27
N ALA M 178 -76.64 -46.79 4.82
CA ALA M 178 -75.38 -46.07 4.91
C ALA M 178 -74.84 -45.73 3.52
N LEU M 179 -74.90 -46.69 2.60
CA LEU M 179 -74.41 -46.41 1.25
C LEU M 179 -75.23 -45.32 0.59
N LEU M 180 -76.55 -45.37 0.73
CA LEU M 180 -77.40 -44.33 0.16
C LEU M 180 -77.01 -42.96 0.68
N HIS M 181 -76.84 -42.86 2.01
CA HIS M 181 -76.56 -41.55 2.58
C HIS M 181 -75.17 -41.06 2.18
N ARG M 182 -74.19 -41.96 2.07
CA ARG M 182 -72.88 -41.54 1.61
C ARG M 182 -72.94 -41.03 0.18
N TYR M 183 -73.73 -41.70 -0.67
CA TYR M 183 -73.90 -41.20 -2.03
C TYR M 183 -74.48 -39.79 -2.02
N GLN M 184 -75.53 -39.58 -1.22
CA GLN M 184 -76.12 -38.25 -1.17
C GLN M 184 -75.12 -37.21 -0.70
N SER M 185 -74.32 -37.55 0.31
CA SER M 185 -73.33 -36.60 0.81
C SER M 185 -72.33 -36.23 -0.27
N GLN M 186 -71.80 -37.23 -0.97
CA GLN M 186 -70.78 -36.92 -1.97
C GLN M 186 -71.35 -36.12 -3.13
N MET M 187 -72.56 -36.42 -3.56
CA MET M 187 -73.16 -35.61 -4.62
C MET M 187 -73.37 -34.18 -4.15
N LEU M 188 -73.85 -34.00 -2.93
CA LEU M 188 -74.02 -32.65 -2.40
C LEU M 188 -72.69 -31.91 -2.37
N GLY M 189 -71.63 -32.62 -2.02
CA GLY M 189 -70.31 -31.99 -2.00
C GLY M 189 -69.87 -31.52 -3.37
N TRP M 190 -70.04 -32.38 -4.38
CA TRP M 190 -69.64 -31.98 -5.73
C TRP M 190 -70.48 -30.81 -6.21
N ILE M 191 -71.77 -30.79 -5.85
CA ILE M 191 -72.61 -29.67 -6.23
C ILE M 191 -72.11 -28.39 -5.58
N LEU M 192 -71.75 -28.46 -4.30
CA LEU M 192 -71.21 -27.28 -3.63
C LEU M 192 -69.94 -26.79 -4.32
N ILE M 193 -69.05 -27.71 -4.68
CA ILE M 193 -67.81 -27.29 -5.34
C ILE M 193 -68.11 -26.60 -6.67
N THR M 194 -68.96 -27.21 -7.50
CA THR M 194 -69.19 -26.62 -8.81
C THR M 194 -69.88 -25.27 -8.70
N LEU M 195 -70.85 -25.13 -7.78
CA LEU M 195 -71.52 -23.86 -7.63
C LEU M 195 -70.56 -22.81 -7.10
N ALA M 196 -69.71 -23.17 -6.15
CA ALA M 196 -68.74 -22.23 -5.62
C ALA M 196 -67.80 -21.75 -6.70
N THR M 197 -67.32 -22.67 -7.54
CA THR M 197 -66.40 -22.28 -8.59
C THR M 197 -67.06 -21.35 -9.60
N ILE M 198 -68.27 -21.70 -10.04
CA ILE M 198 -68.92 -20.87 -11.05
C ILE M 198 -69.25 -19.49 -10.46
N ALA M 199 -69.64 -19.44 -9.19
CA ALA M 199 -69.92 -18.16 -8.56
C ALA M 199 -68.65 -17.32 -8.45
N ALA M 200 -67.55 -17.93 -8.04
CA ALA M 200 -66.29 -17.20 -7.93
C ALA M 200 -65.88 -16.65 -9.28
N LEU M 201 -66.00 -17.46 -10.33
CA LEU M 201 -65.59 -17.00 -11.65
C LEU M 201 -66.45 -15.84 -12.13
N VAL M 202 -67.77 -15.98 -12.05
CA VAL M 202 -68.64 -14.90 -12.52
C VAL M 202 -68.44 -13.65 -11.69
N SER M 203 -68.19 -13.80 -10.39
CA SER M 203 -67.99 -12.63 -9.54
C SER M 203 -66.69 -11.91 -9.88
N CYS M 204 -65.62 -12.67 -10.09
CA CYS M 204 -64.37 -12.04 -10.47
C CYS M 204 -64.49 -11.34 -11.81
N CYS M 205 -65.20 -11.95 -12.76
CA CYS M 205 -65.37 -11.31 -14.06
C CYS M 205 -66.19 -10.05 -13.95
N VAL M 206 -67.25 -10.07 -13.13
CA VAL M 206 -68.05 -8.87 -12.94
C VAL M 206 -67.23 -7.77 -12.29
N ALA M 207 -66.40 -8.13 -11.30
CA ALA M 207 -65.56 -7.14 -10.64
C ALA M 207 -64.59 -6.53 -11.64
N LYS M 208 -64.01 -7.35 -12.51
CA LYS M 208 -63.11 -6.82 -13.52
C LYS M 208 -63.86 -5.94 -14.52
N CYS M 209 -65.14 -6.25 -14.76
CA CYS M 209 -65.94 -5.46 -15.69
C CYS M 209 -66.26 -4.09 -15.13
N CYS M 210 -66.82 -4.04 -13.92
CA CYS M 210 -67.25 -2.78 -13.32
C CYS M 210 -66.09 -1.94 -12.81
N SER M 211 -64.86 -2.38 -12.99
CA SER M 211 -63.72 -1.63 -12.50
C SER M 211 -63.54 -0.37 -13.33
N PRO M 212 -63.30 0.78 -12.70
CA PRO M 212 -63.06 2.01 -13.46
C PRO M 212 -61.62 2.17 -13.94
N LEU M 213 -60.71 1.31 -13.52
CA LEU M 213 -59.31 1.46 -13.85
C LEU M 213 -58.93 0.55 -15.02
N THR M 214 -57.78 0.86 -15.62
CA THR M 214 -57.29 0.12 -16.77
C THR M 214 -56.58 -1.15 -16.30
N SER M 215 -55.90 -1.82 -17.23
CA SER M 215 -55.15 -3.02 -16.92
C SER M 215 -53.81 -2.71 -16.28
N LEU M 216 -53.41 -1.45 -16.20
CA LEU M 216 -52.14 -1.04 -15.64
C LEU M 216 -52.28 -0.21 -14.37
N GLN M 217 -53.28 0.66 -14.31
CA GLN M 217 -53.50 1.44 -13.10
C GLN M 217 -53.77 0.55 -11.89
N HIS M 218 -54.35 -0.63 -12.11
CA HIS M 218 -54.68 -1.51 -11.00
C HIS M 218 -53.43 -2.01 -10.28
N CYS M 219 -52.43 -2.45 -11.03
CA CYS M 219 -51.20 -2.94 -10.41
C CYS M 219 -50.49 -1.81 -9.66
N TYR M 220 -50.36 -0.66 -10.31
CA TYR M 220 -49.82 0.52 -9.66
C TYR M 220 -50.57 0.80 -8.36
N TRP M 221 -51.89 0.63 -8.37
CA TRP M 221 -52.69 0.95 -7.20
C TRP M 221 -52.41 -0.01 -6.06
N THR M 222 -52.31 -1.30 -6.36
CA THR M 222 -52.03 -2.28 -5.32
C THR M 222 -50.66 -2.04 -4.70
N SER M 223 -49.66 -1.80 -5.55
CA SER M 223 -48.33 -1.50 -5.03
C SER M 223 -48.36 -0.23 -4.18
N HIS M 224 -49.13 0.76 -4.62
CA HIS M 224 -49.29 1.98 -3.84
C HIS M 224 -49.79 1.66 -2.44
N LEU M 225 -50.88 0.90 -2.35
CA LEU M 225 -51.45 0.58 -1.04
C LEU M 225 -50.43 -0.11 -0.15
N GLN M 226 -49.84 -1.20 -0.65
CA GLN M 226 -48.95 -1.99 0.18
C GLN M 226 -47.76 -1.18 0.66
N ASN M 227 -47.05 -0.53 -0.28
CA ASN M 227 -45.87 0.22 0.12
C ASN M 227 -46.22 1.40 1.00
N GLU M 228 -47.39 2.01 0.78
CA GLU M 228 -47.85 3.08 1.66
C GLU M 228 -47.92 2.59 3.09
N ARG M 229 -48.64 1.49 3.32
CA ARG M 229 -48.77 0.98 4.67
C ARG M 229 -47.40 0.75 5.30
N GLU M 230 -46.54 0.03 4.58
CA GLU M 230 -45.25 -0.34 5.17
C GLU M 230 -44.41 0.90 5.51
N LEU M 231 -44.27 1.82 4.54
CA LEU M 231 -43.42 2.98 4.77
C LEU M 231 -43.95 3.86 5.88
N PHE M 232 -45.27 4.07 5.94
CA PHE M 232 -45.79 4.91 7.01
C PHE M 232 -45.54 4.28 8.36
N GLU M 233 -45.69 2.96 8.46
CA GLU M 233 -45.37 2.31 9.73
C GLU M 233 -43.93 2.57 10.15
N GLN M 234 -43.00 2.32 9.22
CA GLN M 234 -41.59 2.50 9.56
C GLN M 234 -41.29 3.94 9.96
N ALA M 235 -41.84 4.90 9.22
CA ALA M 235 -41.55 6.30 9.49
C ALA M 235 -42.11 6.72 10.84
N ALA M 236 -43.35 6.35 11.14
CA ALA M 236 -43.92 6.70 12.42
C ALA M 236 -43.09 6.13 13.56
N GLU M 237 -42.69 4.86 13.43
CA GLU M 237 -41.85 4.27 14.46
C GLU M 237 -40.58 5.09 14.67
N GLN M 238 -39.85 5.36 13.60
CA GLN M 238 -38.58 6.07 13.73
C GLN M 238 -38.77 7.46 14.31
N HIS M 239 -39.82 8.16 13.89
CA HIS M 239 -40.05 9.51 14.36
C HIS M 239 -40.36 9.52 15.85
N SER M 240 -41.24 8.63 16.29
CA SER M 240 -41.56 8.59 17.72
C SER M 240 -40.33 8.20 18.52
N ARG M 241 -39.51 7.30 17.99
CA ARG M 241 -38.28 6.93 18.68
C ARG M 241 -37.38 8.14 18.86
N LEU M 242 -37.20 8.92 17.80
CA LEU M 242 -36.34 10.09 17.90
C LEU M 242 -36.89 11.10 18.90
N LEU M 243 -38.20 11.33 18.90
CA LEU M 243 -38.77 12.30 19.82
C LEU M 243 -38.59 11.85 21.26
N MET M 244 -38.88 10.58 21.54
CA MET M 244 -38.68 10.09 22.90
C MET M 244 -37.22 10.17 23.30
N MET M 245 -36.31 9.92 22.34
CA MET M 245 -34.89 10.03 22.62
C MET M 245 -34.51 11.45 22.97
N HIS M 246 -35.09 12.43 22.28
CA HIS M 246 -34.81 13.82 22.60
C HIS M 246 -35.33 14.18 23.99
N ARG M 247 -36.53 13.71 24.34
CA ARG M 247 -37.01 13.97 25.70
C ARG M 247 -36.10 13.36 26.74
N ILE M 248 -35.64 12.13 26.50
CA ILE M 248 -34.73 11.49 27.43
C ILE M 248 -33.46 12.31 27.60
N LYS M 249 -32.90 12.78 26.48
CA LYS M 249 -31.67 13.55 26.56
C LYS M 249 -31.89 14.87 27.28
N LYS M 250 -33.06 15.49 27.10
CA LYS M 250 -33.35 16.71 27.84
C LYS M 250 -33.44 16.42 29.33
N LEU M 251 -33.97 15.26 29.70
CA LEU M 251 -34.09 14.96 31.13
C LEU M 251 -32.74 14.59 31.74
N PHE M 252 -32.12 13.51 31.28
CA PHE M 252 -30.92 13.01 31.93
C PHE M 252 -29.67 13.76 31.49
N GLY M 253 -29.67 14.33 30.30
CA GLY M 253 -28.55 15.13 29.84
C GLY M 253 -27.69 14.50 28.78
N PHE M 254 -28.18 13.49 28.07
CA PHE M 254 -27.38 12.82 27.06
C PHE M 254 -28.29 11.93 26.24
N ILE M 255 -27.86 11.64 25.01
CA ILE M 255 -28.61 10.75 24.14
C ILE M 255 -28.30 9.31 24.55
N PRO M 256 -29.30 8.45 24.72
CA PRO M 256 -29.01 7.10 25.21
C PRO M 256 -28.11 6.30 24.29
N GLY M 257 -28.30 6.41 22.97
CA GLY M 257 -27.48 5.67 22.04
C GLY M 257 -26.04 6.11 22.03
N SER M 258 -25.67 6.95 22.98
CA SER M 258 -24.33 7.47 23.01
C SER M 258 -23.41 6.56 23.83
N GLU M 259 -22.14 6.90 23.73
CA GLU M 259 -21.02 6.33 24.48
C GLU M 259 -20.05 7.44 24.87
N ASP M 260 -19.33 7.16 25.95
CA ASP M 260 -18.31 8.03 26.54
C ASP M 260 -18.84 9.45 26.80
N VAL M 261 -20.08 9.54 27.25
CA VAL M 261 -20.68 10.84 27.55
C VAL M 261 -19.96 11.47 28.72
N LYS M 262 -19.60 12.74 28.60
CA LYS M 262 -18.87 13.43 29.65
C LYS M 262 -19.73 14.38 30.45
N HIS M 263 -21.05 14.33 30.31
CA HIS M 263 -21.89 15.22 31.11
C HIS M 263 -23.17 14.50 31.50
N ILE M 264 -23.54 14.60 32.78
CA ILE M 264 -24.70 13.92 33.33
C ILE M 264 -25.51 14.94 34.12
N ARG M 265 -26.83 14.94 33.91
CA ARG M 265 -27.71 15.85 34.62
C ARG M 265 -28.56 15.04 35.58
N ILE M 266 -28.40 15.29 36.87
CA ILE M 266 -29.22 14.60 37.87
C ILE M 266 -30.65 15.16 37.82
N PRO M 267 -31.67 14.32 37.79
CA PRO M 267 -33.04 14.84 37.73
C PRO M 267 -33.46 15.44 39.05
N SER M 268 -34.47 16.31 38.96
CA SER M 268 -35.07 16.88 40.15
C SER M 268 -36.28 16.06 40.56
N CYS M 269 -36.75 16.30 41.79
CA CYS M 269 -37.91 15.55 42.28
C CYS M 269 -39.19 15.92 41.54
N GLN M 270 -39.15 16.87 40.62
CA GLN M 270 -40.29 17.25 39.81
C GLN M 270 -40.19 16.75 38.38
N ASP M 271 -38.98 16.66 37.83
CA ASP M 271 -38.81 16.20 36.46
C ASP M 271 -39.49 14.85 36.24
N TRP M 272 -39.45 13.98 37.25
CA TRP M 272 -40.19 12.73 37.17
C TRP M 272 -41.67 13.00 36.98
N LYS M 273 -42.21 14.00 37.69
CA LYS M 273 -43.61 14.37 37.51
C LYS M 273 -43.86 14.87 36.09
N ASP M 274 -42.87 15.55 35.50
CA ASP M 274 -43.06 16.08 34.16
C ASP M 274 -43.09 14.97 33.11
N ILE M 275 -42.10 14.07 33.15
CA ILE M 275 -42.00 13.03 32.13
C ILE M 275 -43.12 12.01 32.25
N SER M 276 -43.92 12.10 33.32
CA SER M 276 -44.98 11.12 33.55
C SER M 276 -46.02 11.12 32.44
N VAL M 277 -46.30 12.27 31.84
CA VAL M 277 -47.34 12.34 30.81
C VAL M 277 -46.75 12.03 29.44
N PRO M 278 -47.51 11.42 28.54
CA PRO M 278 -46.95 10.95 27.26
C PRO M 278 -47.11 11.89 26.08
N THR M 279 -47.83 13.02 26.22
CA THR M 279 -48.06 14.01 25.18
C THR M 279 -48.91 13.43 24.04
N LEU M 280 -49.27 12.15 24.12
CA LEU M 280 -50.09 11.50 23.09
C LEU M 280 -49.49 11.64 21.70
N THR N 4 -28.52 -13.13 10.94
CA THR N 4 -29.84 -12.93 10.36
C THR N 4 -30.89 -13.49 11.32
N LEU N 5 -30.40 -14.21 12.34
CA LEU N 5 -31.30 -14.86 13.29
C LEU N 5 -32.18 -13.85 14.00
N ASN N 6 -31.56 -12.88 14.68
CA ASN N 6 -32.32 -11.94 15.51
C ASN N 6 -33.37 -11.19 14.71
N ASN N 7 -33.14 -10.99 13.41
CA ASN N 7 -34.16 -10.39 12.55
C ASN N 7 -35.44 -11.23 12.55
N ILE N 8 -35.33 -12.52 12.22
CA ILE N 8 -36.52 -13.35 12.19
C ILE N 8 -37.09 -13.55 13.58
N VAL N 9 -36.24 -13.56 14.62
CA VAL N 9 -36.74 -13.69 15.98
C VAL N 9 -37.63 -12.50 16.32
N SER N 10 -37.16 -11.29 16.05
CA SER N 10 -37.99 -10.13 16.33
C SER N 10 -39.23 -10.09 15.44
N SER N 11 -39.10 -10.56 14.19
CA SER N 11 -40.25 -10.54 13.28
C SER N 11 -41.37 -11.43 13.81
N LEU N 12 -41.03 -12.65 14.24
CA LEU N 12 -42.05 -13.50 14.83
C LEU N 12 -42.53 -12.97 16.17
N GLN N 13 -41.62 -12.39 16.97
CA GLN N 13 -42.00 -11.89 18.28
C GLN N 13 -43.02 -10.77 18.19
N ARG N 14 -42.94 -9.95 17.14
CA ARG N 14 -43.98 -8.94 16.95
C ARG N 14 -45.26 -9.58 16.43
N ASN N 15 -45.14 -10.66 15.65
CA ASN N 15 -46.29 -11.28 15.01
C ASN N 15 -47.19 -11.92 16.07
N GLY N 16 -48.36 -11.32 16.28
CA GLY N 16 -49.29 -11.84 17.27
C GLY N 16 -49.84 -13.21 16.94
N ILE N 17 -50.05 -13.51 15.66
CA ILE N 17 -50.67 -14.77 15.27
C ILE N 17 -49.84 -15.95 15.76
N PHE N 18 -48.53 -15.90 15.54
CA PHE N 18 -47.69 -17.03 15.94
C PHE N 18 -47.69 -17.22 17.45
N ILE N 19 -47.62 -16.12 18.21
CA ILE N 19 -47.61 -16.22 19.66
C ILE N 19 -48.92 -16.83 20.16
N ASN N 20 -50.05 -16.35 19.64
CA ASN N 20 -51.32 -16.91 20.09
C ASN N 20 -51.46 -18.37 19.71
N SER N 21 -51.04 -18.74 18.50
CA SER N 21 -51.12 -20.14 18.10
C SER N 21 -50.24 -21.02 18.98
N LEU N 22 -49.05 -20.54 19.32
CA LEU N 22 -48.18 -21.33 20.19
C LEU N 22 -48.80 -21.50 21.57
N ILE N 23 -49.40 -20.44 22.10
CA ILE N 23 -50.07 -20.56 23.39
C ILE N 23 -51.16 -21.62 23.33
N ALA N 24 -51.97 -21.58 22.28
CA ALA N 24 -53.06 -22.55 22.16
C ALA N 24 -52.52 -23.97 22.07
N ALA N 25 -51.47 -24.17 21.28
CA ALA N 25 -50.91 -25.51 21.14
C ALA N 25 -50.36 -26.01 22.47
N LEU N 26 -49.65 -25.14 23.19
CA LEU N 26 -49.13 -25.50 24.49
C LEU N 26 -50.23 -25.90 25.46
N THR N 27 -51.33 -25.14 25.46
CA THR N 27 -52.42 -25.49 26.36
C THR N 27 -53.05 -26.82 25.98
N ILE N 28 -53.15 -27.09 24.67
CA ILE N 28 -53.73 -28.37 24.25
C ILE N 28 -52.86 -29.51 24.76
N GLY N 29 -51.56 -29.44 24.51
CA GLY N 29 -50.66 -30.50 24.94
C GLY N 29 -50.67 -30.68 26.45
N GLY N 30 -50.58 -29.57 27.19
CA GLY N 30 -50.60 -29.66 28.63
C GLY N 30 -51.88 -30.26 29.17
N GLN N 31 -53.02 -29.85 28.62
CA GLN N 31 -54.28 -30.43 29.06
C GLN N 31 -54.33 -31.92 28.80
N GLN N 32 -53.87 -32.34 27.62
CA GLN N 32 -53.91 -33.77 27.31
C GLN N 32 -53.06 -34.56 28.30
N LEU N 33 -51.83 -34.12 28.53
CA LEU N 33 -50.97 -34.83 29.48
C LEU N 33 -51.59 -34.85 30.87
N PHE N 34 -52.08 -33.70 31.32
CA PHE N 34 -52.69 -33.61 32.64
C PHE N 34 -53.84 -34.59 32.79
N SER N 35 -54.80 -34.54 31.86
CA SER N 35 -55.96 -35.43 31.96
C SER N 35 -55.53 -36.89 31.90
N SER N 36 -54.57 -37.22 31.04
CA SER N 36 -54.18 -38.61 30.92
C SER N 36 -53.49 -39.11 32.18
N SER N 37 -52.83 -38.22 32.92
CA SER N 37 -52.04 -38.71 34.04
C SER N 37 -52.83 -38.78 35.34
N THR N 38 -53.48 -37.69 35.74
CA THR N 38 -53.97 -37.57 37.10
C THR N 38 -55.48 -37.38 37.18
N PHE N 39 -56.24 -38.20 36.46
CA PHE N 39 -57.69 -38.08 36.50
C PHE N 39 -58.33 -39.44 36.72
N SER N 40 -59.25 -39.52 37.67
CA SER N 40 -60.01 -40.74 37.93
C SER N 40 -61.28 -40.34 38.65
N CYS N 41 -62.42 -40.78 38.13
CA CYS N 41 -63.70 -40.37 38.69
C CYS N 41 -63.81 -40.95 40.11
N PRO N 42 -64.30 -40.17 41.06
CA PRO N 42 -64.44 -40.71 42.42
C PRO N 42 -65.49 -41.79 42.57
N CYS N 43 -66.58 -41.73 41.81
CA CYS N 43 -67.67 -42.71 41.93
C CYS N 43 -68.18 -42.80 43.36
N GLN N 44 -68.17 -41.68 44.06
CA GLN N 44 -68.74 -41.58 45.40
C GLN N 44 -70.21 -41.22 45.28
N VAL N 45 -70.83 -40.87 46.41
CA VAL N 45 -72.28 -40.67 46.43
C VAL N 45 -72.67 -39.26 46.02
N GLY N 46 -72.11 -38.26 46.68
CA GLY N 46 -72.48 -36.89 46.38
C GLY N 46 -71.27 -36.03 46.05
N LYS N 47 -70.09 -36.63 46.14
CA LYS N 47 -68.83 -35.92 45.94
C LYS N 47 -68.25 -36.12 44.55
N ASN N 48 -69.11 -36.30 43.56
CA ASN N 48 -68.68 -36.45 42.17
C ASN N 48 -68.73 -35.14 41.40
N PHE N 49 -69.84 -34.40 41.55
CA PHE N 49 -70.04 -33.18 40.79
C PHE N 49 -68.94 -32.16 41.07
N TYR N 50 -68.49 -32.08 42.33
CA TYR N 50 -67.39 -31.19 42.65
C TYR N 50 -66.10 -31.62 41.96
N TYR N 51 -65.82 -32.93 41.98
CA TYR N 51 -64.59 -33.40 41.37
C TYR N 51 -64.58 -33.15 39.88
N GLY N 52 -65.76 -33.08 39.27
CA GLY N 52 -65.80 -32.70 37.87
C GLY N 52 -65.62 -31.21 37.68
N SER N 53 -66.41 -30.43 38.40
CA SER N 53 -66.42 -29.00 38.21
C SER N 53 -65.05 -28.38 38.49
N ALA N 54 -64.30 -28.94 39.44
CA ALA N 54 -62.97 -28.39 39.73
C ALA N 54 -62.09 -28.46 38.50
N PHE N 55 -61.89 -29.66 37.95
CA PHE N 55 -61.08 -29.80 36.77
C PHE N 55 -61.63 -29.02 35.60
N LEU N 56 -62.95 -28.81 35.57
CA LEU N 56 -63.52 -28.10 34.43
C LEU N 56 -63.25 -26.60 34.50
N VAL N 57 -63.29 -26.02 35.69
CA VAL N 57 -63.32 -24.58 35.86
C VAL N 57 -61.99 -24.04 36.38
N ILE N 58 -61.50 -24.57 37.51
CA ILE N 58 -60.39 -23.92 38.21
C ILE N 58 -59.20 -23.64 37.29
N PRO N 59 -58.75 -24.56 36.45
CA PRO N 59 -57.69 -24.19 35.50
C PRO N 59 -58.03 -23.00 34.64
N ALA N 60 -59.30 -22.82 34.27
CA ALA N 60 -59.65 -21.64 33.48
C ALA N 60 -59.37 -20.37 34.25
N LEU N 61 -59.86 -20.28 35.49
CA LEU N 61 -59.61 -19.10 36.30
C LEU N 61 -58.12 -18.87 36.51
N ILE N 62 -57.38 -19.94 36.82
CA ILE N 62 -55.96 -19.78 37.08
C ILE N 62 -55.24 -19.26 35.84
N LEU N 63 -55.48 -19.89 34.69
CA LEU N 63 -54.78 -19.48 33.48
C LEU N 63 -55.19 -18.09 33.06
N LEU N 64 -56.47 -17.73 33.26
CA LEU N 64 -56.91 -16.38 32.89
C LEU N 64 -56.24 -15.32 33.76
N VAL N 65 -56.27 -15.51 35.09
CA VAL N 65 -55.61 -14.55 35.97
C VAL N 65 -54.12 -14.48 35.67
N ALA N 66 -53.50 -15.61 35.36
CA ALA N 66 -52.07 -15.59 35.06
C ALA N 66 -51.80 -14.84 33.77
N GLY N 67 -52.58 -15.09 32.72
CA GLY N 67 -52.42 -14.40 31.47
C GLY N 67 -52.73 -12.92 31.54
N PHE N 68 -53.55 -12.51 32.50
CA PHE N 68 -53.80 -11.08 32.70
C PHE N 68 -52.68 -10.42 33.49
N ALA N 69 -52.38 -10.96 34.67
CA ALA N 69 -51.46 -10.32 35.59
C ALA N 69 -50.02 -10.30 35.10
N LEU N 70 -49.65 -11.24 34.23
CA LEU N 70 -48.28 -11.31 33.77
C LEU N 70 -47.91 -10.26 32.74
N ARG N 71 -48.88 -9.55 32.19
CA ARG N 71 -48.59 -8.53 31.19
C ARG N 71 -48.14 -7.26 31.91
N SER N 72 -46.90 -6.85 31.65
CA SER N 72 -46.31 -5.71 32.34
C SER N 72 -47.18 -4.46 32.18
N GLN N 73 -47.74 -4.25 31.00
CA GLN N 73 -48.48 -3.02 30.77
C GLN N 73 -49.72 -2.93 31.64
N MET N 74 -50.33 -4.07 31.97
CA MET N 74 -51.54 -4.04 32.79
C MET N 74 -51.25 -3.46 34.18
N TRP N 75 -50.08 -3.76 34.74
CA TRP N 75 -49.73 -3.18 36.02
C TRP N 75 -49.61 -1.66 35.93
N THR N 76 -49.00 -1.16 34.86
CA THR N 76 -48.87 0.28 34.69
C THR N 76 -50.23 0.94 34.52
N ILE N 77 -51.12 0.30 33.77
CA ILE N 77 -52.45 0.86 33.58
C ILE N 77 -53.20 0.90 34.90
N THR N 78 -53.10 -0.17 35.69
CA THR N 78 -53.73 -0.16 37.01
C THR N 78 -53.15 0.93 37.89
N GLY N 79 -51.83 1.12 37.84
CA GLY N 79 -51.21 2.18 38.62
C GLY N 79 -51.73 3.55 38.22
N GLU N 80 -51.90 3.78 36.92
CA GLU N 80 -52.60 4.98 36.47
C GLU N 80 -54.00 5.05 37.06
N TYR N 81 -54.67 3.92 37.18
CA TYR N 81 -56.03 3.91 37.71
C TYR N 81 -56.07 3.90 39.23
N CYS N 82 -55.26 3.05 39.86
CA CYS N 82 -55.29 2.92 41.31
C CYS N 82 -54.80 4.19 41.98
N CYS N 83 -55.12 4.31 43.27
CA CYS N 83 -54.71 5.47 44.06
C CYS N 83 -53.23 5.36 44.42
N PRO N 94 -61.54 12.48 29.53
CA PRO N 94 -61.19 13.03 28.22
C PRO N 94 -60.68 11.97 27.25
N LEU N 95 -59.44 12.11 26.79
CA LEU N 95 -58.87 11.13 25.88
C LEU N 95 -58.09 10.05 26.61
N GLU N 96 -57.51 10.39 27.76
CA GLU N 96 -56.71 9.41 28.48
C GLU N 96 -57.53 8.20 28.89
N CYS N 97 -58.79 8.42 29.25
CA CYS N 97 -59.64 7.30 29.65
C CYS N 97 -59.88 6.35 28.48
N LYS N 98 -60.25 6.88 27.33
CA LYS N 98 -60.48 6.03 26.16
C LYS N 98 -59.22 5.30 25.75
N LEU N 99 -58.07 5.99 25.82
CA LEU N 99 -56.82 5.32 25.45
C LEU N 99 -56.49 4.20 26.42
N ALA N 100 -56.70 4.43 27.72
CA ALA N 100 -56.51 3.37 28.69
C ALA N 100 -57.44 2.20 28.40
N CYS N 101 -58.68 2.48 28.03
CA CYS N 101 -59.61 1.40 27.72
C CYS N 101 -59.13 0.59 26.54
N LEU N 102 -58.59 1.26 25.51
CA LEU N 102 -58.08 0.55 24.34
C LEU N 102 -56.87 -0.30 24.71
N ARG N 103 -55.98 0.24 25.52
CA ARG N 103 -54.81 -0.52 25.97
C ARG N 103 -55.23 -1.78 26.72
N PHE N 104 -56.10 -1.61 27.71
CA PHE N 104 -56.62 -2.74 28.48
C PHE N 104 -57.27 -3.76 27.56
N PHE N 105 -58.00 -3.28 26.55
CA PHE N 105 -58.69 -4.21 25.66
C PHE N 105 -57.72 -5.04 24.84
N SER N 106 -56.63 -4.42 24.35
CA SER N 106 -55.64 -5.19 23.60
C SER N 106 -55.01 -6.26 24.47
N ILE N 107 -54.65 -5.89 25.70
CA ILE N 107 -54.07 -6.89 26.59
C ILE N 107 -55.06 -8.02 26.87
N THR N 108 -56.34 -7.68 27.02
CA THR N 108 -57.36 -8.70 27.19
C THR N 108 -57.43 -9.62 25.98
N GLY N 109 -57.39 -9.03 24.79
CA GLY N 109 -57.42 -9.83 23.58
C GLY N 109 -56.27 -10.81 23.51
N ARG N 110 -55.12 -10.43 24.08
CA ARG N 110 -54.03 -11.39 24.17
C ARG N 110 -54.32 -12.47 25.21
N ALA N 111 -54.82 -12.06 26.37
CA ALA N 111 -54.84 -12.98 27.52
C ALA N 111 -55.96 -14.00 27.45
N VAL N 112 -57.07 -13.67 26.78
CA VAL N 112 -58.22 -14.57 26.80
C VAL N 112 -57.99 -15.87 26.06
N ILE N 113 -56.94 -15.97 25.25
CA ILE N 113 -56.77 -17.15 24.40
C ILE N 113 -56.61 -18.43 25.21
N ALA N 114 -56.00 -18.36 26.39
CA ALA N 114 -55.68 -19.59 27.11
C ALA N 114 -56.92 -20.23 27.75
N PRO N 115 -57.67 -19.53 28.60
CA PRO N 115 -58.80 -20.21 29.26
C PRO N 115 -59.84 -20.72 28.28
N LEU N 116 -60.12 -19.96 27.22
CA LEU N 116 -61.15 -20.40 26.29
C LEU N 116 -60.71 -21.65 25.55
N THR N 117 -59.43 -21.74 25.18
CA THR N 117 -58.98 -22.96 24.51
C THR N 117 -58.93 -24.13 25.47
N TRP N 118 -58.63 -23.89 26.75
CA TRP N 118 -58.68 -24.98 27.71
C TRP N 118 -60.10 -25.53 27.84
N LEU N 119 -61.06 -24.64 28.07
CA LEU N 119 -62.46 -25.06 28.14
C LEU N 119 -62.88 -25.78 26.87
N ALA N 120 -62.47 -25.26 25.71
CA ALA N 120 -62.89 -25.87 24.45
C ALA N 120 -62.37 -27.29 24.35
N VAL N 121 -61.08 -27.49 24.60
CA VAL N 121 -60.52 -28.83 24.42
C VAL N 121 -61.07 -29.80 25.45
N THR N 122 -61.29 -29.33 26.68
CA THR N 122 -61.76 -30.26 27.69
C THR N 122 -63.22 -30.60 27.48
N LEU N 123 -64.02 -29.69 26.91
CA LEU N 123 -65.39 -30.05 26.60
C LEU N 123 -65.47 -30.94 25.38
N LEU N 124 -64.61 -30.70 24.38
CA LEU N 124 -64.66 -31.51 23.18
C LEU N 124 -64.23 -32.94 23.46
N THR N 125 -63.16 -33.13 24.21
CA THR N 125 -62.84 -34.49 24.64
C THR N 125 -63.93 -35.02 25.57
N GLY N 126 -64.50 -34.15 26.39
CA GLY N 126 -65.70 -34.46 27.14
C GLY N 126 -65.52 -35.39 28.32
N THR N 127 -64.36 -36.05 28.46
CA THR N 127 -64.19 -37.01 29.53
C THR N 127 -64.33 -36.39 30.90
N TYR N 128 -64.22 -35.05 31.00
CA TYR N 128 -64.43 -34.40 32.28
C TYR N 128 -65.91 -34.25 32.58
N TYR N 129 -66.70 -33.87 31.58
CA TYR N 129 -68.09 -33.52 31.84
C TYR N 129 -68.88 -34.73 32.30
N GLU N 130 -68.61 -35.91 31.73
CA GLU N 130 -69.35 -37.09 32.12
C GLU N 130 -69.17 -37.36 33.62
N CYS N 131 -67.96 -37.20 34.14
CA CYS N 131 -67.75 -37.31 35.58
C CYS N 131 -68.40 -36.15 36.30
N ALA N 132 -68.50 -35.00 35.65
CA ALA N 132 -69.06 -33.84 36.34
C ALA N 132 -70.54 -34.02 36.62
N ALA N 133 -71.29 -34.59 35.69
CA ALA N 133 -72.73 -34.71 35.83
C ALA N 133 -73.19 -36.14 35.58
N SER N 134 -72.45 -37.11 36.10
CA SER N 134 -72.87 -38.51 36.00
C SER N 134 -73.98 -38.85 36.96
N GLU N 135 -74.39 -37.93 37.82
CA GLU N 135 -75.47 -38.19 38.76
C GLU N 135 -76.79 -37.56 38.36
N PHE N 136 -76.77 -36.54 37.51
CA PHE N 136 -78.00 -35.85 37.16
C PHE N 136 -78.80 -36.52 36.06
N ALA N 137 -78.38 -37.69 35.59
CA ALA N 137 -79.07 -38.34 34.48
C ALA N 137 -80.51 -38.66 34.85
N SER N 138 -81.45 -38.11 34.10
CA SER N 138 -82.87 -38.32 34.37
C SER N 138 -83.25 -39.72 33.93
N VAL N 139 -83.40 -40.62 34.89
CA VAL N 139 -83.77 -42.01 34.60
C VAL N 139 -85.23 -42.18 34.99
N ASP N 140 -86.08 -42.35 33.98
CA ASP N 140 -87.50 -42.60 34.19
C ASP N 140 -88.07 -43.70 33.31
N HIS N 141 -87.39 -44.11 32.25
CA HIS N 141 -87.93 -45.05 31.29
C HIS N 141 -87.03 -46.26 31.15
N TYR N 142 -86.59 -46.81 32.27
CA TYR N 142 -85.72 -47.97 32.28
C TYR N 142 -86.25 -49.00 33.25
N PRO N 143 -86.09 -50.28 32.95
CA PRO N 143 -86.78 -51.31 33.74
C PRO N 143 -86.10 -51.62 35.06
N MET N 144 -84.80 -51.40 35.14
CA MET N 144 -84.05 -51.77 36.34
C MET N 144 -84.04 -50.68 37.41
N PHE N 145 -84.59 -49.50 37.12
CA PHE N 145 -84.66 -48.41 38.09
C PHE N 145 -86.07 -48.17 38.61
N ASP N 146 -86.96 -49.16 38.50
CA ASP N 146 -88.34 -48.95 38.93
C ASP N 146 -88.52 -49.20 40.42
N ASN N 147 -88.24 -50.42 40.88
CA ASN N 147 -88.53 -50.79 42.26
C ASN N 147 -87.43 -50.37 43.22
N VAL N 148 -86.20 -50.21 42.73
CA VAL N 148 -85.05 -49.98 43.60
C VAL N 148 -85.22 -48.67 44.37
N SER N 149 -84.59 -48.61 45.54
CA SER N 149 -84.72 -47.44 46.40
C SER N 149 -83.96 -46.26 45.83
N ALA N 150 -84.30 -45.07 46.33
CA ALA N 150 -83.71 -43.84 45.81
C ALA N 150 -82.20 -43.80 46.06
N SER N 151 -81.79 -44.00 47.31
CA SER N 151 -80.36 -44.01 47.61
C SER N 151 -79.65 -45.13 46.90
N LYS N 152 -80.29 -46.29 46.77
CA LYS N 152 -79.71 -47.36 45.97
C LYS N 152 -79.55 -46.93 44.52
N ARG N 153 -80.50 -46.14 44.01
CA ARG N 153 -80.38 -45.62 42.66
C ARG N 153 -79.22 -44.66 42.54
N GLU N 154 -79.04 -43.78 43.52
CA GLU N 154 -77.88 -42.88 43.51
C GLU N 154 -76.58 -43.67 43.50
N GLU N 155 -76.49 -44.69 44.35
CA GLU N 155 -75.29 -45.50 44.42
C GLU N 155 -75.00 -46.18 43.09
N ILE N 156 -76.01 -46.79 42.48
CA ILE N 156 -75.77 -47.51 41.24
C ILE N 156 -75.57 -46.55 40.08
N LEU N 157 -76.04 -45.31 40.21
CA LEU N 157 -75.91 -44.34 39.14
C LEU N 157 -74.54 -43.69 39.13
N ALA N 158 -74.02 -43.35 40.31
CA ALA N 158 -72.74 -42.67 40.36
C ALA N 158 -71.56 -43.60 40.10
N GLY N 159 -71.79 -44.92 40.08
CA GLY N 159 -70.72 -45.86 39.81
C GLY N 159 -70.46 -46.12 38.36
N PHE N 160 -71.30 -45.56 37.48
CA PHE N 160 -71.19 -45.85 36.04
C PHE N 160 -69.86 -45.48 35.43
N PRO N 161 -69.33 -44.25 35.58
CA PRO N 161 -68.20 -43.85 34.73
C PRO N 161 -66.94 -44.69 34.91
N CYS N 162 -66.57 -45.00 36.15
CA CYS N 162 -65.23 -45.56 36.39
C CYS N 162 -65.12 -47.03 36.00
N CYS N 163 -66.00 -47.90 36.47
CA CYS N 163 -65.78 -49.31 36.23
C CYS N 163 -67.08 -50.00 35.83
N ARG N 164 -66.96 -51.25 35.43
CA ARG N 164 -68.11 -52.06 35.03
C ARG N 164 -67.87 -53.53 35.37
N SER N 165 -68.80 -54.10 36.13
CA SER N 165 -68.77 -55.53 36.43
C SER N 165 -70.15 -56.18 36.39
N ALA N 166 -71.21 -55.43 36.11
CA ALA N 166 -72.58 -55.90 36.25
C ALA N 166 -73.00 -56.71 35.03
N PRO N 167 -74.23 -57.27 35.04
CA PRO N 167 -74.74 -57.98 33.85
C PRO N 167 -74.89 -57.09 32.62
N SER N 168 -75.34 -57.71 31.52
CA SER N 168 -75.32 -57.05 30.22
C SER N 168 -76.21 -55.81 30.20
N ASP N 169 -77.46 -55.94 30.68
CA ASP N 169 -78.38 -54.81 30.58
C ASP N 169 -77.85 -53.59 31.31
N VAL N 170 -77.20 -53.79 32.45
CA VAL N 170 -76.64 -52.67 33.20
C VAL N 170 -75.54 -52.00 32.40
N ILE N 171 -74.64 -52.77 31.79
CA ILE N 171 -73.55 -52.13 31.07
C ILE N 171 -74.08 -51.48 29.80
N LEU N 172 -75.19 -51.97 29.26
CA LEU N 172 -75.78 -51.34 28.09
C LEU N 172 -76.39 -49.99 28.46
N VAL N 173 -77.16 -49.94 29.54
CA VAL N 173 -77.71 -48.65 29.94
C VAL N 173 -76.58 -47.70 30.34
N ARG N 174 -75.48 -48.25 30.86
CA ARG N 174 -74.30 -47.45 31.15
C ARG N 174 -73.74 -46.83 29.88
N ASP N 175 -73.52 -47.65 28.86
CA ASP N 175 -73.03 -47.13 27.59
C ASP N 175 -73.97 -46.06 27.04
N GLU N 176 -75.28 -46.26 27.19
CA GLU N 176 -76.23 -45.29 26.66
C GLU N 176 -76.11 -43.95 27.39
N ILE N 177 -76.06 -43.99 28.72
CA ILE N 177 -75.92 -42.77 29.49
C ILE N 177 -74.62 -42.06 29.12
N ALA N 178 -73.55 -42.83 28.94
CA ALA N 178 -72.26 -42.23 28.60
C ALA N 178 -72.33 -41.52 27.26
N LEU N 179 -72.94 -42.16 26.26
CA LEU N 179 -73.05 -41.52 24.96
C LEU N 179 -73.89 -40.25 25.03
N LEU N 180 -75.00 -40.29 25.76
CA LEU N 180 -75.82 -39.09 25.91
C LEU N 180 -75.01 -37.95 26.52
N HIS N 181 -74.27 -38.25 27.58
CA HIS N 181 -73.53 -37.18 28.25
C HIS N 181 -72.40 -36.65 27.39
N ARG N 182 -71.73 -37.53 26.62
CA ARG N 182 -70.71 -37.04 25.71
C ARG N 182 -71.30 -36.13 24.65
N TYR N 183 -72.47 -36.48 24.13
CA TYR N 183 -73.14 -35.61 23.17
C TYR N 183 -73.40 -34.25 23.79
N GLN N 184 -73.94 -34.22 25.00
CA GLN N 184 -74.21 -32.95 25.65
C GLN N 184 -72.94 -32.14 25.82
N SER N 185 -71.86 -32.79 26.23
CA SER N 185 -70.59 -32.07 26.43
C SER N 185 -70.12 -31.45 25.13
N GLN N 186 -70.13 -32.22 24.04
CA GLN N 186 -69.60 -31.68 22.79
C GLN N 186 -70.47 -30.54 22.27
N MET N 187 -71.79 -30.66 22.39
CA MET N 187 -72.64 -29.55 21.98
C MET N 187 -72.37 -28.30 22.80
N LEU N 188 -72.23 -28.47 24.12
CA LEU N 188 -71.93 -27.33 24.95
C LEU N 188 -70.61 -26.69 24.54
N GLY N 189 -69.63 -27.51 24.18
CA GLY N 189 -68.36 -26.97 23.73
C GLY N 189 -68.49 -26.15 22.47
N TRP N 190 -69.22 -26.67 21.48
CA TRP N 190 -69.39 -25.91 20.25
C TRP N 190 -70.13 -24.60 20.51
N ILE N 191 -71.11 -24.64 21.41
CA ILE N 191 -71.82 -23.42 21.76
C ILE N 191 -70.87 -22.41 22.37
N LEU N 192 -70.02 -22.87 23.28
CA LEU N 192 -69.05 -21.97 23.89
C LEU N 192 -68.14 -21.34 22.83
N ILE N 193 -67.66 -22.15 21.87
CA ILE N 193 -66.79 -21.62 20.84
C ILE N 193 -67.51 -20.56 20.01
N THR N 194 -68.73 -20.86 19.56
CA THR N 194 -69.40 -19.90 18.69
C THR N 194 -69.73 -18.61 19.43
N LEU N 195 -70.16 -18.72 20.69
CA LEU N 195 -70.47 -17.51 21.44
C LEU N 195 -69.21 -16.69 21.70
N ALA N 196 -68.10 -17.37 22.03
CA ALA N 196 -66.86 -16.66 22.25
C ALA N 196 -66.41 -15.93 21.01
N THR N 197 -66.51 -16.57 19.85
CA THR N 197 -66.08 -15.94 18.61
C THR N 197 -66.95 -14.74 18.29
N ILE N 198 -68.27 -14.88 18.40
CA ILE N 198 -69.15 -13.77 18.04
C ILE N 198 -68.94 -12.61 19.01
N ALA N 199 -68.71 -12.91 20.30
CA ALA N 199 -68.47 -11.85 21.26
C ALA N 199 -67.16 -11.14 20.98
N ALA N 200 -66.11 -11.90 20.67
CA ALA N 200 -64.83 -11.29 20.35
C ALA N 200 -64.95 -10.38 19.13
N LEU N 201 -65.66 -10.84 18.10
CA LEU N 201 -65.79 -10.04 16.89
C LEU N 201 -66.55 -8.75 17.17
N VAL N 202 -67.72 -8.86 17.82
CA VAL N 202 -68.50 -7.65 18.08
C VAL N 202 -67.74 -6.71 18.99
N SER N 203 -66.98 -7.24 19.95
CA SER N 203 -66.24 -6.38 20.85
C SER N 203 -65.12 -5.65 20.14
N CYS N 204 -64.38 -6.36 19.27
CA CYS N 204 -63.33 -5.69 18.52
C CYS N 204 -63.91 -4.62 17.60
N CYS N 205 -65.05 -4.91 16.97
CA CYS N 205 -65.65 -3.91 16.10
C CYS N 205 -66.11 -2.70 16.88
N VAL N 206 -66.70 -2.92 18.06
CA VAL N 206 -67.12 -1.80 18.89
C VAL N 206 -65.91 -0.97 19.33
N ALA N 207 -64.82 -1.63 19.69
CA ALA N 207 -63.63 -0.91 20.10
C ALA N 207 -63.08 -0.07 18.94
N LYS N 208 -63.10 -0.63 17.74
CA LYS N 208 -62.65 0.14 16.58
C LYS N 208 -63.60 1.29 16.29
N CYS N 209 -64.88 1.12 16.62
CA CYS N 209 -65.86 2.18 16.38
C CYS N 209 -65.66 3.35 17.34
N CYS N 210 -65.63 3.06 18.63
CA CYS N 210 -65.52 4.10 19.65
C CYS N 210 -64.13 4.71 19.74
N SER N 211 -63.20 4.28 18.91
CA SER N 211 -61.84 4.80 18.98
C SER N 211 -61.83 6.25 18.49
N PRO N 212 -61.14 7.15 19.19
CA PRO N 212 -61.05 8.54 18.72
C PRO N 212 -59.97 8.77 17.69
N LEU N 213 -59.13 7.79 17.41
CA LEU N 213 -58.01 7.97 16.51
C LEU N 213 -58.33 7.43 15.13
N THR N 214 -57.53 7.86 14.15
CA THR N 214 -57.73 7.45 12.77
C THR N 214 -57.12 6.07 12.53
N SER N 215 -57.04 5.68 11.26
CA SER N 215 -56.43 4.41 10.90
C SER N 215 -54.92 4.45 10.89
N LEU N 216 -54.33 5.63 11.06
CA LEU N 216 -52.88 5.79 11.05
C LEU N 216 -52.31 6.22 12.39
N GLN N 217 -53.01 7.08 13.12
CA GLN N 217 -52.54 7.48 14.44
C GLN N 217 -52.41 6.29 15.38
N HIS N 218 -53.22 5.25 15.18
CA HIS N 218 -53.18 4.10 16.07
C HIS N 218 -51.85 3.37 15.99
N CYS N 219 -51.37 3.12 14.77
CA CYS N 219 -50.10 2.41 14.61
C CYS N 219 -48.96 3.23 15.19
N TYR N 220 -48.93 4.52 14.84
CA TYR N 220 -47.97 5.43 15.44
C TYR N 220 -48.01 5.35 16.96
N TRP N 221 -49.21 5.26 17.52
CA TRP N 221 -49.36 5.25 18.97
C TRP N 221 -48.77 3.99 19.58
N THR N 222 -49.04 2.84 18.97
CA THR N 222 -48.50 1.59 19.49
C THR N 222 -46.99 1.58 19.43
N SER N 223 -46.43 2.01 18.30
CA SER N 223 -44.98 2.10 18.20
C SER N 223 -44.42 3.05 19.23
N HIS N 224 -45.11 4.17 19.45
CA HIS N 224 -44.71 5.11 20.49
C HIS N 224 -44.60 4.43 21.84
N LEU N 225 -45.65 3.71 22.24
CA LEU N 225 -45.64 3.05 23.55
C LEU N 225 -44.47 2.07 23.67
N GLN N 226 -44.36 1.16 22.70
CA GLN N 226 -43.34 0.13 22.81
C GLN N 226 -41.94 0.71 22.86
N ASN N 227 -41.61 1.58 21.88
CA ASN N 227 -40.26 2.13 21.84
C ASN N 227 -39.99 3.01 23.04
N GLU N 228 -41.01 3.70 23.55
CA GLU N 228 -40.85 4.48 24.76
C GLU N 228 -40.37 3.61 25.90
N ARG N 229 -41.10 2.53 26.17
CA ARG N 229 -40.71 1.64 27.26
C ARG N 229 -39.27 1.18 27.09
N GLU N 230 -38.95 0.66 25.91
CA GLU N 230 -37.62 0.09 25.72
C GLU N 230 -36.52 1.13 25.91
N LEU N 231 -36.66 2.29 25.26
CA LEU N 231 -35.60 3.30 25.32
C LEU N 231 -35.44 3.83 26.73
N PHE N 232 -36.54 4.08 27.44
CA PHE N 232 -36.39 4.59 28.79
C PHE N 232 -35.69 3.58 29.68
N GLU N 233 -35.99 2.29 29.52
CA GLU N 233 -35.28 1.29 30.30
C GLU N 233 -33.78 1.36 30.04
N GLN N 234 -33.40 1.35 28.76
CA GLN N 234 -31.97 1.36 28.43
C GLN N 234 -31.29 2.60 28.97
N ALA N 235 -31.94 3.75 28.83
CA ALA N 235 -31.32 5.00 29.26
C ALA N 235 -31.15 5.04 30.77
N ALA N 236 -32.19 4.65 31.51
CA ALA N 236 -32.07 4.63 32.96
C ALA N 236 -30.94 3.72 33.41
N GLU N 237 -30.85 2.53 32.80
CA GLU N 237 -29.77 1.62 33.15
C GLU N 237 -28.41 2.29 32.94
N GLN N 238 -28.19 2.84 31.75
CA GLN N 238 -26.88 3.41 31.43
C GLN N 238 -26.56 4.58 32.35
N HIS N 239 -27.55 5.42 32.65
CA HIS N 239 -27.32 6.59 33.49
C HIS N 239 -26.94 6.17 34.90
N SER N 240 -27.68 5.23 35.47
CA SER N 240 -27.34 4.79 36.82
C SER N 240 -25.98 4.13 36.85
N ARG N 241 -25.64 3.38 35.80
CA ARG N 241 -24.32 2.78 35.73
C ARG N 241 -23.23 3.84 35.74
N LEU N 242 -23.41 4.89 34.94
CA LEU N 242 -22.40 5.95 34.91
C LEU N 242 -22.28 6.64 36.25
N LEU N 243 -23.39 6.92 36.91
CA LEU N 243 -23.32 7.60 38.20
C LEU N 243 -22.62 6.74 39.24
N MET N 244 -22.97 5.46 39.31
CA MET N 244 -22.29 4.59 40.26
C MET N 244 -20.81 4.48 39.92
N MET N 245 -20.48 4.48 38.64
CA MET N 245 -19.07 4.43 38.23
C MET N 245 -18.33 5.68 38.70
N HIS N 246 -18.98 6.85 38.60
CA HIS N 246 -18.35 8.06 39.08
C HIS N 246 -18.14 8.03 40.59
N ARG N 247 -19.12 7.53 41.35
CA ARG N 247 -18.92 7.41 42.78
C ARG N 247 -17.77 6.47 43.10
N ILE N 248 -17.68 5.36 42.38
CA ILE N 248 -16.59 4.43 42.61
C ILE N 248 -15.25 5.11 42.34
N LYS N 249 -15.16 5.86 41.25
CA LYS N 249 -13.90 6.52 40.93
C LYS N 249 -13.55 7.59 41.96
N LYS N 250 -14.56 8.27 42.50
CA LYS N 250 -14.29 9.23 43.57
C LYS N 250 -13.76 8.53 44.80
N LEU N 251 -14.27 7.33 45.08
CA LEU N 251 -13.81 6.63 46.28
C LEU N 251 -12.42 6.05 46.09
N PHE N 252 -12.26 5.13 45.14
CA PHE N 252 -11.00 4.41 45.02
C PHE N 252 -9.95 5.19 44.24
N GLY N 253 -10.37 6.08 43.36
CA GLY N 253 -9.45 6.93 42.65
C GLY N 253 -9.25 6.61 41.19
N PHE N 254 -10.17 5.86 40.58
CA PHE N 254 -10.02 5.49 39.17
C PHE N 254 -11.34 4.91 38.69
N ILE N 255 -11.55 4.99 37.38
CA ILE N 255 -12.74 4.42 36.77
C ILE N 255 -12.53 2.91 36.63
N PRO N 256 -13.49 2.08 37.04
CA PRO N 256 -13.26 0.63 37.00
C PRO N 256 -13.00 0.10 35.59
N GLY N 257 -13.73 0.59 34.59
CA GLY N 257 -13.53 0.12 33.24
C GLY N 257 -12.19 0.48 32.66
N SER N 258 -11.30 0.99 33.50
CA SER N 258 -10.01 1.42 33.03
C SER N 258 -9.01 0.29 33.08
N GLU N 259 -7.86 0.58 32.48
CA GLU N 259 -6.65 -0.23 32.46
C GLU N 259 -5.43 0.67 32.60
N ASP N 260 -4.37 0.06 33.12
CA ASP N 260 -3.06 0.68 33.36
C ASP N 260 -3.17 1.97 34.17
N VAL N 261 -4.06 1.99 35.15
CA VAL N 261 -4.25 3.16 36.00
C VAL N 261 -2.97 3.40 36.82
N LYS N 262 -2.49 4.63 36.83
CA LYS N 262 -1.27 4.94 37.55
C LYS N 262 -1.51 5.66 38.88
N HIS N 263 -2.75 5.71 39.36
CA HIS N 263 -2.99 6.36 40.64
C HIS N 263 -4.08 5.62 41.40
N ILE N 264 -3.83 5.35 42.68
CA ILE N 264 -4.73 4.59 43.53
C ILE N 264 -4.94 5.37 44.83
N ARG N 265 -6.18 5.49 45.26
CA ARG N 265 -6.50 6.19 46.50
C ARG N 265 -6.98 5.17 47.52
N ILE N 266 -6.23 5.03 48.60
CA ILE N 266 -6.64 4.12 49.67
C ILE N 266 -7.81 4.72 50.42
N PRO N 267 -8.89 3.97 50.68
CA PRO N 267 -10.02 4.55 51.38
C PRO N 267 -9.73 4.75 52.85
N SER N 268 -10.50 5.64 53.46
CA SER N 268 -10.41 5.87 54.89
C SER N 268 -11.45 5.02 55.61
N CYS N 269 -11.29 4.91 56.92
CA CYS N 269 -12.23 4.11 57.70
C CYS N 269 -13.61 4.72 57.77
N GLN N 270 -13.81 5.90 57.19
CA GLN N 270 -15.11 6.55 57.12
C GLN N 270 -15.74 6.49 55.74
N ASP N 271 -14.92 6.52 54.68
CA ASP N 271 -15.44 6.47 53.32
C ASP N 271 -16.38 5.28 53.12
N TRP N 272 -16.05 4.15 53.76
CA TRP N 272 -16.95 3.01 53.74
C TRP N 272 -18.30 3.38 54.34
N LYS N 273 -18.29 4.15 55.43
CA LYS N 273 -19.55 4.62 56.00
C LYS N 273 -20.29 5.51 55.04
N ASP N 274 -19.57 6.30 54.25
CA ASP N 274 -20.23 7.21 53.31
C ASP N 274 -20.90 6.46 52.18
N ILE N 275 -20.16 5.54 51.53
CA ILE N 275 -20.70 4.84 50.37
C ILE N 275 -21.81 3.88 50.75
N SER N 276 -22.04 3.68 52.05
CA SER N 276 -23.04 2.72 52.50
C SER N 276 -24.44 3.09 52.04
N VAL N 277 -24.75 4.39 51.94
CA VAL N 277 -26.10 4.79 51.57
C VAL N 277 -26.23 4.88 50.05
N PRO N 278 -27.40 4.58 49.49
CA PRO N 278 -27.55 4.49 48.03
C PRO N 278 -28.05 5.74 47.32
N THR N 279 -28.41 6.80 48.05
CA THR N 279 -28.91 8.07 47.51
C THR N 279 -30.25 7.88 46.80
N LEU N 280 -30.76 6.65 46.71
CA LEU N 280 -32.04 6.36 46.08
C LEU N 280 -32.10 6.88 44.64
N THR O 4 -22.81 -14.47 19.55
CA THR O 4 -24.18 -14.04 19.74
C THR O 4 -24.77 -14.82 20.92
N LEU O 5 -24.02 -15.83 21.36
CA LEU O 5 -24.50 -16.70 22.44
C LEU O 5 -24.77 -15.91 23.71
N ASN O 6 -23.75 -15.22 24.22
CA ASN O 6 -23.88 -14.54 25.51
C ASN O 6 -25.03 -13.53 25.52
N ASN O 7 -25.36 -12.96 24.36
CA ASN O 7 -26.53 -12.10 24.27
C ASN O 7 -27.80 -12.84 24.69
N ILE O 8 -28.09 -13.97 24.05
CA ILE O 8 -29.30 -14.71 24.37
C ILE O 8 -29.21 -15.29 25.78
N VAL O 9 -28.01 -15.64 26.23
CA VAL O 9 -27.86 -16.15 27.60
C VAL O 9 -28.27 -15.09 28.60
N SER O 10 -27.76 -13.87 28.45
CA SER O 10 -28.15 -12.81 29.36
C SER O 10 -29.63 -12.46 29.22
N SER O 11 -30.16 -12.53 27.99
CA SER O 11 -31.57 -12.20 27.78
C SER O 11 -32.48 -13.15 28.54
N LEU O 12 -32.21 -14.45 28.45
CA LEU O 12 -33.00 -15.41 29.22
C LEU O 12 -32.72 -15.28 30.71
N GLN O 13 -31.46 -15.01 31.09
CA GLN O 13 -31.11 -14.91 32.49
C GLN O 13 -31.84 -13.76 33.19
N ARG O 14 -32.10 -12.67 32.46
CA ARG O 14 -32.92 -11.61 33.05
C ARG O 14 -34.38 -12.00 33.06
N ASN O 15 -34.82 -12.81 32.09
CA ASN O 15 -36.24 -13.16 31.94
C ASN O 15 -36.65 -14.04 33.12
N GLY O 16 -37.48 -13.49 34.01
CA GLY O 16 -37.95 -14.24 35.15
C GLY O 16 -38.84 -15.43 34.81
N ILE O 17 -39.63 -15.31 33.74
CA ILE O 17 -40.58 -16.37 33.42
C ILE O 17 -39.85 -17.68 33.14
N PHE O 18 -38.78 -17.62 32.34
CA PHE O 18 -38.07 -18.85 32.00
C PHE O 18 -37.43 -19.48 33.23
N ILE O 19 -36.84 -18.67 34.10
CA ILE O 19 -36.20 -19.21 35.30
C ILE O 19 -37.23 -19.88 36.19
N ASN O 20 -38.37 -19.22 36.42
CA ASN O 20 -39.39 -19.83 37.28
C ASN O 20 -39.94 -21.11 36.66
N SER O 21 -40.17 -21.11 35.36
CA SER O 21 -40.68 -22.31 34.71
C SER O 21 -39.67 -23.46 34.81
N LEU O 22 -38.39 -23.15 34.65
CA LEU O 22 -37.38 -24.20 34.77
C LEU O 22 -37.34 -24.75 36.19
N ILE O 23 -37.44 -23.88 37.20
CA ILE O 23 -37.47 -24.36 38.57
C ILE O 23 -38.65 -25.29 38.79
N ALA O 24 -39.82 -24.90 38.29
CA ALA O 24 -41.00 -25.75 38.48
C ALA O 24 -40.82 -27.10 37.79
N ALA O 25 -40.30 -27.09 36.57
CA ALA O 25 -40.10 -28.36 35.87
C ALA O 25 -39.12 -29.26 36.60
N LEU O 26 -38.03 -28.67 37.08
CA LEU O 26 -37.04 -29.43 37.84
C LEU O 26 -37.65 -30.04 39.08
N THR O 27 -38.47 -29.29 39.80
CA THR O 27 -39.09 -29.84 41.00
C THR O 27 -40.05 -30.96 40.65
N ILE O 28 -40.78 -30.83 39.53
CA ILE O 28 -41.70 -31.90 39.14
C ILE O 28 -40.92 -33.18 38.88
N GLY O 29 -39.88 -33.08 38.05
CA GLY O 29 -39.08 -34.26 37.74
C GLY O 29 -38.46 -34.89 38.97
N GLY O 30 -37.86 -34.06 39.81
CA GLY O 30 -37.23 -34.57 41.02
C GLY O 30 -38.23 -35.26 41.94
N GLN O 31 -39.40 -34.65 42.12
CA GLN O 31 -40.42 -35.27 42.96
C GLN O 31 -40.84 -36.61 42.40
N GLN O 32 -41.04 -36.68 41.08
CA GLN O 32 -41.47 -37.94 40.49
C GLN O 32 -40.43 -39.03 40.72
N LEU O 33 -39.16 -38.74 40.43
CA LEU O 33 -38.11 -39.73 40.65
C LEU O 33 -38.05 -40.15 42.11
N PHE O 34 -38.06 -39.17 43.01
CA PHE O 34 -38.00 -39.45 44.44
C PHE O 34 -39.11 -40.38 44.87
N SER O 35 -40.36 -40.02 44.57
CA SER O 35 -41.48 -40.83 44.99
C SER O 35 -41.41 -42.23 44.38
N SER O 36 -41.02 -42.33 43.11
CA SER O 36 -40.97 -43.64 42.49
C SER O 36 -39.89 -44.52 43.09
N SER O 37 -38.82 -43.92 43.62
CA SER O 37 -37.72 -44.76 44.06
C SER O 37 -37.84 -45.19 45.52
N THR O 38 -38.04 -44.24 46.43
CA THR O 38 -37.83 -44.51 47.85
C THR O 38 -39.08 -44.29 48.69
N PHE O 39 -40.23 -44.81 48.25
CA PHE O 39 -41.46 -44.65 48.99
C PHE O 39 -42.17 -45.99 49.15
N SER O 40 -42.57 -46.30 50.39
CA SER O 40 -43.33 -47.51 50.67
C SER O 40 -44.06 -47.29 51.99
N CYS O 41 -45.37 -47.51 51.99
CA CYS O 41 -46.16 -47.23 53.17
C CYS O 41 -45.73 -48.19 54.27
N PRO O 42 -45.59 -47.73 55.51
CA PRO O 42 -45.20 -48.64 56.59
C PRO O 42 -46.25 -49.67 56.95
N CYS O 43 -47.54 -49.34 56.86
CA CYS O 43 -48.61 -50.27 57.23
C CYS O 43 -48.44 -50.76 58.67
N GLN O 44 -47.91 -49.90 59.53
CA GLN O 44 -47.80 -50.18 60.95
C GLN O 44 -49.08 -49.74 61.65
N VAL O 45 -49.06 -49.72 62.98
CA VAL O 45 -50.28 -49.47 63.73
C VAL O 45 -50.55 -47.99 63.91
N GLY O 46 -49.59 -47.25 64.45
CA GLY O 46 -49.79 -45.84 64.71
C GLY O 46 -48.73 -44.98 64.06
N LYS O 47 -47.75 -45.63 63.43
CA LYS O 47 -46.61 -44.95 62.84
C LYS O 47 -46.77 -44.73 61.33
N ASN O 48 -47.99 -44.58 60.86
CA ASN O 48 -48.27 -44.33 59.45
C ASN O 48 -48.42 -42.84 59.14
N PHE O 49 -49.18 -42.13 59.98
CA PHE O 49 -49.48 -40.73 59.73
C PHE O 49 -48.20 -39.90 59.69
N TYR O 50 -47.24 -40.22 60.55
CA TYR O 50 -45.98 -39.50 60.51
C TYR O 50 -45.23 -39.77 59.21
N TYR O 51 -45.20 -41.03 58.78
CA TYR O 51 -44.49 -41.36 57.55
C TYR O 51 -45.11 -40.67 56.36
N GLY O 52 -46.39 -40.38 56.42
CA GLY O 52 -46.99 -39.60 55.35
C GLY O 52 -46.65 -38.13 55.46
N SER O 53 -46.88 -37.56 56.65
CA SER O 53 -46.70 -36.13 56.84
C SER O 53 -45.27 -35.69 56.57
N ALA O 54 -44.29 -36.54 56.88
CA ALA O 54 -42.90 -36.16 56.62
C ALA O 54 -42.69 -35.89 55.14
N PHE O 55 -42.98 -36.88 54.30
CA PHE O 55 -42.80 -36.69 52.86
C PHE O 55 -43.69 -35.58 52.34
N LEU O 56 -44.81 -35.32 53.00
CA LEU O 56 -45.70 -34.27 52.48
C LEU O 56 -45.16 -32.87 52.78
N VAL O 57 -44.55 -32.67 53.95
CA VAL O 57 -44.24 -31.35 54.45
C VAL O 57 -42.75 -31.05 54.38
N ILE O 58 -41.92 -31.91 54.97
CA ILE O 58 -40.51 -31.56 55.18
C ILE O 58 -39.82 -31.06 53.92
N PRO O 59 -39.97 -31.70 52.75
CA PRO O 59 -39.41 -31.12 51.54
C PRO O 59 -39.87 -29.71 51.27
N ALA O 60 -41.11 -29.37 51.61
CA ALA O 60 -41.56 -28.00 51.40
C ALA O 60 -40.74 -27.02 52.23
N LEU O 61 -40.60 -27.30 53.53
CA LEU O 61 -39.81 -26.42 54.38
C LEU O 61 -38.37 -26.33 53.90
N ILE O 62 -37.77 -27.48 53.55
CA ILE O 62 -36.38 -27.47 53.12
C ILE O 62 -36.22 -26.63 51.86
N LEU O 63 -37.04 -26.88 50.85
CA LEU O 63 -36.90 -26.15 49.60
C LEU O 63 -37.21 -24.67 49.77
N LEU O 64 -38.16 -24.33 50.64
CA LEU O 64 -38.48 -22.93 50.88
C LEU O 64 -37.31 -22.22 51.54
N VAL O 65 -36.77 -22.78 52.62
CA VAL O 65 -35.64 -22.16 53.29
C VAL O 65 -34.45 -22.06 52.35
N ALA O 66 -34.25 -23.08 51.50
CA ALA O 66 -33.13 -23.03 50.58
C ALA O 66 -33.32 -21.93 49.54
N GLY O 67 -34.53 -21.83 48.97
CA GLY O 67 -34.81 -20.80 48.00
C GLY O 67 -34.79 -19.40 48.57
N PHE O 68 -35.00 -19.26 49.87
CA PHE O 68 -34.87 -17.95 50.50
C PHE O 68 -33.43 -17.61 50.80
N ALA O 69 -32.74 -18.48 51.52
CA ALA O 69 -31.40 -18.19 52.02
C ALA O 69 -30.36 -18.10 50.91
N LEU O 70 -30.59 -18.74 49.77
CA LEU O 70 -29.60 -18.74 48.71
C LEU O 70 -29.54 -17.43 47.93
N ARG O 71 -30.52 -16.54 48.09
CA ARG O 71 -30.52 -15.29 47.36
C ARG O 71 -29.59 -14.32 48.06
N SER O 72 -28.54 -13.91 47.35
CA SER O 72 -27.52 -13.04 47.93
C SER O 72 -28.12 -11.78 48.52
N GLN O 73 -29.10 -11.19 47.84
CA GLN O 73 -29.63 -9.91 48.30
C GLN O 73 -30.31 -10.04 49.65
N MET O 74 -30.90 -11.20 49.94
CA MET O 74 -31.58 -11.37 51.22
C MET O 74 -30.62 -11.25 52.38
N TRP O 75 -29.39 -11.74 52.22
CA TRP O 75 -28.41 -11.59 53.28
C TRP O 75 -28.07 -10.12 53.52
N THR O 76 -27.91 -9.35 52.45
CA THR O 76 -27.61 -7.93 52.59
C THR O 76 -28.77 -7.20 53.26
N ILE O 77 -29.99 -7.53 52.90
CA ILE O 77 -31.15 -6.89 53.52
C ILE O 77 -31.21 -7.22 55.00
N THR O 78 -30.97 -8.48 55.36
CA THR O 78 -30.92 -8.84 56.77
C THR O 78 -29.82 -8.08 57.50
N GLY O 79 -28.65 -7.95 56.87
CA GLY O 79 -27.58 -7.20 57.50
C GLY O 79 -27.95 -5.75 57.74
N GLU O 80 -28.65 -5.14 56.78
CA GLU O 80 -29.25 -3.83 57.02
C GLU O 80 -30.20 -3.87 58.21
N TYR O 81 -30.95 -4.97 58.36
CA TYR O 81 -31.90 -5.07 59.45
C TYR O 81 -31.24 -5.53 60.75
N CYS O 82 -30.41 -6.57 60.69
CA CYS O 82 -29.81 -7.13 61.90
C CYS O 82 -28.85 -6.14 62.54
N CYS O 83 -28.55 -6.39 63.81
CA CYS O 83 -27.62 -5.55 64.56
C CYS O 83 -26.18 -5.82 64.12
N PRO O 94 -38.83 5.79 57.28
CA PRO O 94 -39.01 6.69 56.14
C PRO O 94 -39.19 5.94 54.83
N LEU O 95 -38.29 6.17 53.89
CA LEU O 95 -38.36 5.49 52.60
C LEU O 95 -37.55 4.20 52.58
N GLU O 96 -36.46 4.14 53.36
CA GLU O 96 -35.61 2.97 53.35
C GLU O 96 -36.38 1.73 53.79
N CYS O 97 -37.28 1.88 54.76
CA CYS O 97 -38.04 0.73 55.22
C CYS O 97 -38.94 0.18 54.12
N LYS O 98 -39.69 1.06 53.45
CA LYS O 98 -40.57 0.61 52.38
C LYS O 98 -39.77 -0.02 51.24
N LEU O 99 -38.61 0.56 50.92
CA LEU O 99 -37.80 -0.01 49.85
C LEU O 99 -37.28 -1.38 50.23
N ALA O 100 -36.85 -1.55 51.48
CA ALA O 100 -36.44 -2.86 51.95
C ALA O 100 -37.59 -3.85 51.87
N CYS O 101 -38.80 -3.41 52.22
CA CYS O 101 -39.93 -4.30 52.14
C CYS O 101 -40.19 -4.75 50.71
N LEU O 102 -40.07 -3.83 49.76
CA LEU O 102 -40.27 -4.18 48.35
C LEU O 102 -39.19 -5.14 47.87
N ARG O 103 -37.95 -4.92 48.26
CA ARG O 103 -36.87 -5.82 47.90
C ARG O 103 -37.12 -7.24 48.42
N PHE O 104 -37.41 -7.34 49.71
CA PHE O 104 -37.73 -8.61 50.33
C PHE O 104 -38.90 -9.28 49.63
N PHE O 105 -39.90 -8.49 49.24
CA PHE O 105 -41.07 -9.07 48.59
C PHE O 105 -40.72 -9.66 47.23
N SER O 106 -39.89 -8.97 46.46
CA SER O 106 -39.50 -9.52 45.17
C SER O 106 -38.75 -10.84 45.34
N ILE O 107 -37.81 -10.87 46.28
CA ILE O 107 -37.08 -12.11 46.52
C ILE O 107 -38.03 -13.23 46.95
N THR O 108 -39.02 -12.88 47.77
CA THR O 108 -40.02 -13.87 48.16
C THR O 108 -40.79 -14.37 46.95
N GLY O 109 -41.19 -13.47 46.07
CA GLY O 109 -41.90 -13.86 44.86
C GLY O 109 -41.09 -14.82 44.01
N ARG O 110 -39.77 -14.69 44.03
CA ARG O 110 -38.95 -15.68 43.35
C ARG O 110 -38.93 -17.00 44.11
N ALA O 111 -38.78 -16.95 45.42
CA ALA O 111 -38.45 -18.16 46.17
C ALA O 111 -39.64 -19.06 46.41
N VAL O 112 -40.85 -18.51 46.46
CA VAL O 112 -42.01 -19.31 46.81
C VAL O 112 -42.38 -20.35 45.76
N ILE O 113 -41.84 -20.24 44.55
CA ILE O 113 -42.28 -21.12 43.46
C ILE O 113 -42.00 -22.58 43.76
N ALA O 114 -40.92 -22.89 44.47
CA ALA O 114 -40.56 -24.30 44.63
C ALA O 114 -41.47 -25.05 45.60
N PRO O 115 -41.62 -24.60 46.86
CA PRO O 115 -42.44 -25.40 47.78
C PRO O 115 -43.88 -25.55 47.34
N LEU O 116 -44.46 -24.50 46.75
CA LEU O 116 -45.86 -24.59 46.35
C LEU O 116 -46.04 -25.58 45.22
N THR O 117 -45.09 -25.61 44.27
CA THR O 117 -45.22 -26.59 43.20
C THR O 117 -44.95 -28.00 43.69
N TRP O 118 -44.08 -28.16 44.68
CA TRP O 118 -43.89 -29.49 45.25
C TRP O 118 -45.17 -29.99 45.91
N LEU O 119 -45.75 -29.17 46.79
CA LEU O 119 -47.02 -29.53 47.41
C LEU O 119 -48.08 -29.82 46.37
N ALA O 120 -48.16 -28.99 45.33
CA ALA O 120 -49.19 -29.18 44.32
C ALA O 120 -49.04 -30.53 43.64
N VAL O 121 -47.83 -30.85 43.18
CA VAL O 121 -47.67 -32.08 42.43
C VAL O 121 -47.86 -33.30 43.32
N THR O 122 -47.41 -33.21 44.58
CA THR O 122 -47.55 -34.38 45.43
C THR O 122 -48.99 -34.58 45.87
N LEU O 123 -49.76 -33.51 45.99
CA LEU O 123 -51.17 -33.69 46.31
C LEU O 123 -51.95 -34.18 45.10
N LEU O 124 -51.60 -33.69 43.90
CA LEU O 124 -52.33 -34.10 42.71
C LEU O 124 -52.10 -35.56 42.39
N THR O 125 -50.84 -36.02 42.47
CA THR O 125 -50.62 -37.45 42.35
C THR O 125 -51.26 -38.19 43.51
N GLY O 126 -51.23 -37.58 44.70
CA GLY O 126 -52.01 -38.05 45.84
C GLY O 126 -51.48 -39.30 46.51
N THR O 127 -50.52 -40.01 45.92
CA THR O 127 -50.07 -41.26 46.50
C THR O 127 -49.46 -41.08 47.88
N TYR O 128 -49.10 -39.84 48.23
CA TYR O 128 -48.58 -39.59 49.57
C TYR O 128 -49.72 -39.47 50.58
N TYR O 129 -50.79 -38.77 50.20
CA TYR O 129 -51.83 -38.46 51.17
C TYR O 129 -52.54 -39.72 51.64
N GLU O 130 -52.77 -40.67 50.74
CA GLU O 130 -53.45 -41.89 51.15
C GLU O 130 -52.68 -42.61 52.25
N CYS O 131 -51.35 -42.66 52.14
CA CYS O 131 -50.55 -43.21 53.23
C CYS O 131 -50.58 -42.30 54.44
N ALA O 132 -50.76 -41.00 54.22
CA ALA O 132 -50.73 -40.07 55.35
C ALA O 132 -51.94 -40.27 56.26
N ALA O 133 -53.10 -40.50 55.69
CA ALA O 133 -54.33 -40.59 56.46
C ALA O 133 -55.10 -41.86 56.12
N SER O 134 -54.40 -42.98 55.98
CA SER O 134 -55.06 -44.25 55.75
C SER O 134 -55.67 -44.82 57.01
N GLU O 135 -55.47 -44.18 58.15
CA GLU O 135 -56.04 -44.67 59.40
C GLU O 135 -57.27 -43.89 59.85
N PHE O 136 -57.46 -42.67 59.37
CA PHE O 136 -58.57 -41.84 59.84
C PHE O 136 -59.87 -42.12 59.13
N ALA O 137 -59.93 -43.12 58.25
CA ALA O 137 -61.14 -43.36 57.48
C ALA O 137 -62.29 -43.72 58.42
N SER O 138 -63.36 -42.94 58.37
CA SER O 138 -64.52 -43.15 59.22
C SER O 138 -65.30 -44.34 58.69
N VAL O 139 -65.17 -45.49 59.35
CA VAL O 139 -65.87 -46.70 58.96
C VAL O 139 -67.01 -46.92 59.94
N ASP O 140 -68.24 -46.75 59.45
CA ASP O 140 -69.43 -46.99 60.25
C ASP O 140 -70.52 -47.74 59.51
N HIS O 141 -70.46 -47.84 58.18
CA HIS O 141 -71.55 -48.43 57.41
C HIS O 141 -71.03 -49.58 56.56
N TYR O 142 -70.24 -50.45 57.16
CA TYR O 142 -69.70 -51.60 56.47
C TYR O 142 -69.90 -52.85 57.30
N PRO O 143 -70.14 -53.99 56.66
CA PRO O 143 -70.57 -55.19 57.39
C PRO O 143 -69.44 -55.90 58.12
N MET O 144 -68.22 -55.77 57.62
CA MET O 144 -67.09 -56.50 58.17
C MET O 144 -66.42 -55.79 59.33
N PHE O 145 -66.82 -54.56 59.64
CA PHE O 145 -66.24 -53.81 60.75
C PHE O 145 -67.20 -53.68 61.93
N ASP O 146 -68.21 -54.55 62.02
CA ASP O 146 -69.19 -54.42 63.09
C ASP O 146 -68.73 -55.09 64.37
N ASN O 147 -68.50 -56.40 64.33
CA ASN O 147 -68.21 -57.16 65.54
C ASN O 147 -66.73 -57.10 65.93
N VAL O 148 -65.85 -56.84 64.97
CA VAL O 148 -64.41 -56.94 65.21
C VAL O 148 -63.98 -55.92 66.25
N SER O 149 -62.90 -56.24 66.95
CA SER O 149 -62.42 -55.39 68.03
C SER O 149 -61.80 -54.11 67.46
N ALA O 150 -61.64 -53.12 68.34
CA ALA O 150 -61.14 -51.82 67.92
C ALA O 150 -59.71 -51.92 67.41
N SER O 151 -58.82 -52.50 68.23
CA SER O 151 -57.43 -52.66 67.80
C SER O 151 -57.33 -53.55 66.58
N LYS O 152 -58.16 -54.58 66.49
CA LYS O 152 -58.21 -55.39 65.28
C LYS O 152 -58.63 -54.54 64.09
N ARG O 153 -59.55 -53.61 64.30
CA ARG O 153 -59.96 -52.71 63.23
C ARG O 153 -58.81 -51.81 62.80
N GLU O 154 -58.05 -51.26 63.76
CA GLU O 154 -56.88 -50.46 63.43
C GLU O 154 -55.89 -51.26 62.61
N GLU O 155 -55.62 -52.49 63.03
CA GLU O 155 -54.67 -53.33 62.31
C GLU O 155 -55.15 -53.59 60.88
N ILE O 156 -56.41 -53.96 60.71
CA ILE O 156 -56.89 -54.28 59.37
C ILE O 156 -57.06 -53.03 58.53
N LEU O 157 -57.18 -51.86 59.17
CA LEU O 157 -57.37 -50.62 58.43
C LEU O 157 -56.06 -50.07 57.93
N ALA O 158 -55.02 -50.11 58.76
CA ALA O 158 -53.74 -49.54 58.36
C ALA O 158 -53.01 -50.40 57.34
N GLY O 159 -53.45 -51.63 57.11
CA GLY O 159 -52.80 -52.49 56.14
C GLY O 159 -53.28 -52.31 54.72
N PHE O 160 -54.29 -51.48 54.53
CA PHE O 160 -54.89 -51.34 53.20
C PHE O 160 -53.93 -50.86 52.13
N PRO O 161 -53.18 -49.76 52.31
CA PRO O 161 -52.50 -49.17 51.14
C PRO O 161 -51.47 -50.08 50.48
N CYS O 162 -50.65 -50.76 51.27
CA CYS O 162 -49.47 -51.41 50.70
C CYS O 162 -49.80 -52.70 49.95
N CYS O 163 -50.52 -53.63 50.57
CA CYS O 163 -50.69 -54.93 49.92
C CYS O 163 -52.13 -55.40 50.04
N ARG O 164 -52.44 -56.49 49.34
CA ARG O 164 -53.76 -57.08 49.35
C ARG O 164 -53.67 -58.59 49.17
N SER O 165 -54.25 -59.33 50.11
CA SER O 165 -54.34 -60.78 50.00
C SER O 165 -55.69 -61.33 50.47
N ALA O 166 -56.60 -60.48 50.93
CA ALA O 166 -57.82 -60.91 51.59
C ALA O 166 -58.88 -61.31 50.56
N PRO O 167 -60.06 -61.79 51.03
CA PRO O 167 -61.16 -62.08 50.09
C PRO O 167 -61.69 -60.87 49.33
N SER O 168 -62.69 -61.10 48.49
CA SER O 168 -63.14 -60.08 47.54
C SER O 168 -63.70 -58.86 48.26
N ASP O 169 -64.60 -59.07 49.23
CA ASP O 169 -65.25 -57.93 49.86
C ASP O 169 -64.24 -57.00 50.51
N VAL O 170 -63.19 -57.57 51.11
CA VAL O 170 -62.17 -56.75 51.74
C VAL O 170 -61.44 -55.91 50.71
N ILE O 171 -61.07 -56.51 49.58
CA ILE O 171 -60.31 -55.73 48.60
C ILE O 171 -61.23 -54.70 47.94
N LEU O 172 -62.53 -54.97 47.90
CA LEU O 172 -63.46 -53.98 47.35
C LEU O 172 -63.60 -52.78 48.28
N VAL O 173 -63.78 -53.02 49.58
CA VAL O 173 -63.83 -51.89 50.50
C VAL O 173 -62.49 -51.16 50.53
N ARG O 174 -61.40 -51.89 50.30
CA ARG O 174 -60.09 -51.26 50.17
C ARG O 174 -60.05 -50.31 48.99
N ASP O 175 -60.48 -50.79 47.82
CA ASP O 175 -60.52 -49.94 46.64
C ASP O 175 -61.39 -48.71 46.89
N GLU O 176 -62.50 -48.89 47.59
CA GLU O 176 -63.40 -47.77 47.85
C GLU O 176 -62.73 -46.72 48.72
N ILE O 177 -62.09 -47.16 49.81
CA ILE O 177 -61.40 -46.22 50.69
C ILE O 177 -60.31 -45.50 49.93
N ALA O 178 -59.58 -46.23 49.08
CA ALA O 178 -58.51 -45.61 48.32
C ALA O 178 -59.04 -44.53 47.39
N LEU O 179 -60.13 -44.81 46.69
CA LEU O 179 -60.70 -43.81 45.80
C LEU O 179 -61.16 -42.58 46.57
N LEU O 180 -61.83 -42.80 47.71
CA LEU O 180 -62.26 -41.66 48.52
C LEU O 180 -61.07 -40.79 48.92
N HIS O 181 -59.99 -41.42 49.39
CA HIS O 181 -58.86 -40.64 49.86
C HIS O 181 -58.16 -39.92 48.71
N ARG O 182 -58.08 -40.56 47.55
CA ARG O 182 -57.50 -39.87 46.40
C ARG O 182 -58.32 -38.65 46.02
N TYR O 183 -59.65 -38.79 46.05
CA TYR O 183 -60.51 -37.63 45.78
C TYR O 183 -60.21 -36.50 46.75
N GLN O 184 -60.13 -36.83 48.04
CA GLN O 184 -59.86 -35.79 49.02
C GLN O 184 -58.51 -35.12 48.76
N SER O 185 -57.50 -35.91 48.42
CA SER O 185 -56.19 -35.35 48.16
C SER O 185 -56.23 -34.38 47.00
N GLN O 186 -56.86 -34.79 45.90
CA GLN O 186 -56.86 -33.92 44.72
C GLN O 186 -57.66 -32.64 44.96
N MET O 187 -58.78 -32.73 45.68
CA MET O 187 -59.51 -31.52 46.00
C MET O 187 -58.68 -30.59 46.88
N LEU O 188 -58.00 -31.15 47.88
CA LEU O 188 -57.15 -30.32 48.72
C LEU O 188 -56.06 -29.65 47.89
N GLY O 189 -55.52 -30.37 46.91
CA GLY O 189 -54.51 -29.77 46.05
C GLY O 189 -55.03 -28.60 45.25
N TRP O 190 -56.21 -28.77 44.65
CA TRP O 190 -56.77 -27.67 43.88
C TRP O 190 -57.07 -26.48 44.77
N ILE O 191 -57.54 -26.74 45.99
CA ILE O 191 -57.79 -25.65 46.93
C ILE O 191 -56.50 -24.92 47.24
N LEU O 192 -55.42 -25.66 47.47
CA LEU O 192 -54.14 -25.02 47.74
C LEU O 192 -53.70 -24.15 46.56
N ILE O 193 -53.85 -24.65 45.34
CA ILE O 193 -53.46 -23.87 44.17
C ILE O 193 -54.26 -22.58 44.08
N THR O 194 -55.59 -22.68 44.21
CA THR O 194 -56.40 -21.48 44.03
C THR O 194 -56.12 -20.46 45.13
N LEU O 195 -55.95 -20.92 46.37
CA LEU O 195 -55.67 -19.98 47.45
C LEU O 195 -54.31 -19.34 47.26
N ALA O 196 -53.31 -20.12 46.84
CA ALA O 196 -51.99 -19.57 46.61
C ALA O 196 -52.03 -18.51 45.52
N THR O 197 -52.75 -18.79 44.43
CA THR O 197 -52.80 -17.82 43.34
C THR O 197 -53.50 -16.54 43.78
N ILE O 198 -54.63 -16.66 44.46
CA ILE O 198 -55.35 -15.45 44.86
C ILE O 198 -54.53 -14.65 45.86
N ALA O 199 -53.82 -15.33 46.76
CA ALA O 199 -52.98 -14.62 47.72
C ALA O 199 -51.83 -13.92 47.02
N ALA O 200 -51.19 -14.59 46.07
CA ALA O 200 -50.10 -13.96 45.34
C ALA O 200 -50.58 -12.73 44.60
N LEU O 201 -51.74 -12.83 43.96
CA LEU O 201 -52.26 -11.69 43.19
C LEU O 201 -52.57 -10.52 44.11
N VAL O 202 -53.31 -10.76 45.19
CA VAL O 202 -53.67 -9.67 46.06
C VAL O 202 -52.43 -9.07 46.71
N SER O 203 -51.43 -9.90 47.02
CA SER O 203 -50.22 -9.38 47.64
C SER O 203 -49.43 -8.52 46.67
N CYS O 204 -49.30 -8.96 45.42
CA CYS O 204 -48.59 -8.15 44.45
C CYS O 204 -49.31 -6.83 44.20
N CYS O 205 -50.65 -6.87 44.15
CA CYS O 205 -51.39 -5.63 43.95
C CYS O 205 -51.22 -4.69 45.13
N VAL O 206 -51.24 -5.22 46.35
CA VAL O 206 -51.03 -4.39 47.53
C VAL O 206 -49.64 -3.78 47.51
N ALA O 207 -48.64 -4.57 47.14
CA ALA O 207 -47.29 -4.05 47.08
C ALA O 207 -47.17 -2.93 46.06
N LYS O 208 -47.81 -3.11 44.90
CA LYS O 208 -47.81 -2.04 43.91
C LYS O 208 -48.56 -0.81 44.40
N CYS O 209 -49.57 -1.01 45.24
CA CYS O 209 -50.35 0.10 45.78
C CYS O 209 -49.53 0.92 46.77
N CYS O 210 -48.97 0.25 47.77
CA CYS O 210 -48.24 0.94 48.83
C CYS O 210 -46.88 1.43 48.39
N SER O 211 -46.50 1.23 47.14
CA SER O 211 -45.19 1.66 46.68
C SER O 211 -45.14 3.18 46.61
N PRO O 212 -44.05 3.80 47.09
CA PRO O 212 -43.93 5.25 46.99
C PRO O 212 -43.40 5.74 45.66
N LEU O 213 -42.97 4.85 44.78
CA LEU O 213 -42.36 5.24 43.52
C LEU O 213 -43.36 5.16 42.38
N THR O 214 -43.02 5.82 41.27
CA THR O 214 -43.88 5.86 40.11
C THR O 214 -43.69 4.60 39.28
N SER O 215 -44.27 4.59 38.08
CA SER O 215 -44.13 3.46 37.17
C SER O 215 -42.80 3.44 36.45
N LEU O 216 -41.99 4.48 36.59
CA LEU O 216 -40.70 4.59 35.93
C LEU O 216 -39.53 4.56 36.89
N GLN O 217 -39.66 5.20 38.06
CA GLN O 217 -38.58 5.16 39.04
C GLN O 217 -38.26 3.74 39.48
N HIS O 218 -39.25 2.84 39.45
CA HIS O 218 -39.02 1.48 39.90
C HIS O 218 -38.03 0.75 39.01
N CYS O 219 -38.20 0.85 37.68
CA CYS O 219 -37.29 0.17 36.78
C CYS O 219 -35.87 0.74 36.92
N TYR O 220 -35.77 2.07 36.92
CA TYR O 220 -34.50 2.71 37.18
C TYR O 220 -33.87 2.19 38.47
N TRP O 221 -34.68 1.98 39.49
CA TRP O 221 -34.17 1.54 40.78
C TRP O 221 -33.61 0.14 40.71
N THR O 222 -34.33 -0.77 40.04
CA THR O 222 -33.86 -2.15 39.92
C THR O 222 -32.55 -2.20 39.15
N SER O 223 -32.49 -1.47 38.03
CA SER O 223 -31.25 -1.42 37.26
C SER O 223 -30.11 -0.86 38.11
N HIS O 224 -30.42 0.18 38.89
CA HIS O 224 -29.45 0.75 39.80
C HIS O 224 -28.87 -0.32 40.72
N LEU O 225 -29.74 -1.07 41.39
CA LEU O 225 -29.27 -2.09 42.33
C LEU O 225 -28.37 -3.11 41.63
N GLN O 226 -28.86 -3.69 40.54
CA GLN O 226 -28.11 -4.76 39.88
C GLN O 226 -26.75 -4.27 39.39
N ASN O 227 -26.74 -3.17 38.63
CA ASN O 227 -25.49 -2.70 38.09
C ASN O 227 -24.54 -2.22 39.18
N GLU O 228 -25.08 -1.67 40.26
CA GLU O 228 -24.27 -1.29 41.40
C GLU O 228 -23.49 -2.50 41.92
N ARG O 229 -24.21 -3.57 42.24
CA ARG O 229 -23.54 -4.75 42.74
C ARG O 229 -22.43 -5.20 41.81
N GLU O 230 -22.77 -5.36 40.52
CA GLU O 230 -21.80 -5.91 39.58
C GLU O 230 -20.56 -5.01 39.48
N LEU O 231 -20.76 -3.71 39.27
CA LEU O 231 -19.63 -2.82 39.07
C LEU O 231 -18.76 -2.74 40.31
N PHE O 232 -19.36 -2.68 41.49
CA PHE O 232 -18.54 -2.60 42.69
C PHE O 232 -17.71 -3.85 42.85
N GLU O 233 -18.28 -5.02 42.55
CA GLU O 233 -17.48 -6.24 42.62
C GLU O 233 -16.28 -6.16 41.70
N GLN O 234 -16.52 -5.80 40.44
CA GLN O 234 -15.41 -5.76 39.48
C GLN O 234 -14.34 -4.77 39.91
N ALA O 235 -14.77 -3.60 40.38
CA ALA O 235 -13.81 -2.57 40.75
C ALA O 235 -12.98 -2.99 41.95
N ALA O 236 -13.63 -3.54 42.97
CA ALA O 236 -12.88 -3.99 44.14
C ALA O 236 -11.86 -5.05 43.74
N GLU O 237 -12.27 -6.00 42.90
CA GLU O 237 -11.33 -7.01 42.46
C GLU O 237 -10.11 -6.38 41.80
N GLN O 238 -10.35 -5.50 40.81
CA GLN O 238 -9.24 -4.92 40.07
C GLN O 238 -8.33 -4.09 40.97
N HIS O 239 -8.93 -3.34 41.90
CA HIS O 239 -8.13 -2.50 42.78
C HIS O 239 -7.24 -3.32 43.68
N SER O 240 -7.81 -4.37 44.30
CA SER O 240 -6.98 -5.20 45.17
C SER O 240 -5.90 -5.90 44.38
N ARG O 241 -6.21 -6.31 43.15
CA ARG O 241 -5.19 -6.93 42.30
C ARG O 241 -4.04 -5.96 42.05
N LEU O 242 -4.36 -4.71 41.71
CA LEU O 242 -3.30 -3.74 41.46
C LEU O 242 -2.47 -3.49 42.70
N LEU O 243 -3.10 -3.37 43.87
CA LEU O 243 -2.35 -3.11 45.08
C LEU O 243 -1.42 -4.27 45.42
N MET O 244 -1.93 -5.50 45.33
CA MET O 244 -1.07 -6.65 45.58
C MET O 244 0.06 -6.72 44.57
N MET O 245 -0.22 -6.34 43.32
CA MET O 245 0.82 -6.32 42.30
C MET O 245 1.90 -5.31 42.64
N HIS O 246 1.50 -4.15 43.16
CA HIS O 246 2.50 -3.15 43.56
C HIS O 246 3.35 -3.66 44.72
N ARG O 247 2.72 -4.31 45.70
CA ARG O 247 3.52 -4.86 46.79
C ARG O 247 4.50 -5.90 46.28
N ILE O 248 4.06 -6.75 45.36
CA ILE O 248 4.96 -7.76 44.79
C ILE O 248 6.13 -7.08 44.10
N LYS O 249 5.87 -6.04 43.32
CA LYS O 249 6.94 -5.37 42.60
C LYS O 249 7.89 -4.68 43.57
N LYS O 250 7.38 -4.14 44.67
CA LYS O 250 8.27 -3.55 45.67
C LYS O 250 9.15 -4.62 46.29
N LEU O 251 8.62 -5.83 46.48
CA LEU O 251 9.43 -6.87 47.09
C LEU O 251 10.46 -7.43 46.13
N PHE O 252 10.01 -8.03 45.03
CA PHE O 252 10.93 -8.73 44.14
C PHE O 252 11.64 -7.80 43.18
N GLY O 253 11.04 -6.67 42.86
CA GLY O 253 11.67 -5.68 42.02
C GLY O 253 11.14 -5.56 40.61
N PHE O 254 9.93 -6.04 40.36
CA PHE O 254 9.37 -5.99 39.01
C PHE O 254 7.90 -6.34 39.09
N ILE O 255 7.15 -5.86 38.11
CA ILE O 255 5.72 -6.18 38.03
C ILE O 255 5.56 -7.58 37.44
N PRO O 256 4.75 -8.45 38.05
CA PRO O 256 4.69 -9.82 37.54
C PRO O 256 4.19 -9.93 36.12
N GLY O 257 3.19 -9.12 35.73
CA GLY O 257 2.68 -9.18 34.38
C GLY O 257 3.66 -8.71 33.34
N SER O 258 4.90 -8.51 33.75
CA SER O 258 5.91 -8.02 32.84
C SER O 258 6.60 -9.16 32.11
N GLU O 259 7.39 -8.76 31.14
CA GLU O 259 8.30 -9.57 30.34
C GLU O 259 9.59 -8.81 30.10
N ASP O 260 10.64 -9.60 29.87
CA ASP O 260 12.01 -9.13 29.60
C ASP O 260 12.51 -8.13 30.64
N VAL O 261 12.17 -8.39 31.91
CA VAL O 261 12.61 -7.50 32.99
C VAL O 261 14.11 -7.58 33.13
N LYS O 262 14.77 -6.43 33.23
CA LYS O 262 16.22 -6.41 33.31
C LYS O 262 16.73 -6.11 34.72
N HIS O 263 15.87 -6.15 35.73
CA HIS O 263 16.35 -5.91 37.09
C HIS O 263 15.59 -6.79 38.08
N ILE O 264 16.33 -7.44 38.96
CA ILE O 264 15.79 -8.38 39.93
C ILE O 264 16.33 -8.02 41.30
N ARG O 265 15.45 -7.99 42.30
CA ARG O 265 15.85 -7.67 43.67
C ARG O 265 15.71 -8.93 44.51
N ILE O 266 16.83 -9.43 45.02
CA ILE O 266 16.77 -10.60 45.90
C ILE O 266 16.19 -10.20 47.25
N PRO O 267 15.23 -10.94 47.79
CA PRO O 267 14.64 -10.55 49.08
C PRO O 267 15.60 -10.81 50.22
N SER O 268 15.35 -10.10 51.32
CA SER O 268 16.11 -10.32 52.54
C SER O 268 15.37 -11.30 53.43
N CYS O 269 16.08 -11.82 54.44
CA CYS O 269 15.46 -12.77 55.35
C CYS O 269 14.38 -12.15 56.22
N GLN O 270 14.17 -10.84 56.12
CA GLN O 270 13.10 -10.15 56.84
C GLN O 270 11.93 -9.76 55.95
N ASP O 271 12.18 -9.45 54.68
CA ASP O 271 11.11 -9.07 53.78
C ASP O 271 9.99 -10.10 53.76
N TRP O 272 10.35 -11.39 53.87
CA TRP O 272 9.35 -12.43 54.01
C TRP O 272 8.50 -12.19 55.25
N LYS O 273 9.14 -11.79 56.36
CA LYS O 273 8.38 -11.47 57.56
C LYS O 273 7.45 -10.28 57.32
N ASP O 274 7.88 -9.33 56.49
CA ASP O 274 7.05 -8.15 56.24
C ASP O 274 5.82 -8.50 55.42
N ILE O 275 6.01 -9.21 54.31
CA ILE O 275 4.90 -9.51 53.41
C ILE O 275 3.92 -10.49 54.04
N SER O 276 4.26 -11.06 55.19
CA SER O 276 3.41 -12.06 55.82
C SER O 276 2.05 -11.51 56.19
N VAL O 277 1.96 -10.24 56.57
CA VAL O 277 0.68 -9.68 57.01
C VAL O 277 -0.08 -9.14 55.81
N PRO O 278 -1.41 -9.20 55.83
CA PRO O 278 -2.22 -8.85 54.64
C PRO O 278 -2.74 -7.42 54.59
N THR O 279 -2.55 -6.62 55.63
CA THR O 279 -2.99 -5.22 55.73
C THR O 279 -4.53 -5.13 55.73
N LEU O 280 -5.23 -6.25 55.60
CA LEU O 280 -6.69 -6.28 55.60
C LEU O 280 -7.28 -5.36 54.55
N THR P 4 -13.76 -18.29 23.97
CA THR P 4 -14.82 -17.88 24.88
C THR P 4 -14.96 -18.95 25.97
N LEU P 5 -14.28 -20.07 25.75
CA LEU P 5 -14.38 -21.20 26.67
C LEU P 5 -13.92 -20.82 28.07
N ASN P 6 -12.68 -20.35 28.19
CA ASN P 6 -12.11 -20.07 29.51
C ASN P 6 -12.93 -19.08 30.30
N ASN P 7 -13.64 -18.17 29.62
CA ASN P 7 -14.56 -17.27 30.30
C ASN P 7 -15.62 -18.05 31.08
N ILE P 8 -16.35 -18.93 30.39
CA ILE P 8 -17.41 -19.68 31.07
C ILE P 8 -16.81 -20.66 32.07
N VAL P 9 -15.61 -21.17 31.81
CA VAL P 9 -14.97 -22.08 32.76
C VAL P 9 -14.71 -21.35 34.07
N SER P 10 -14.11 -20.16 33.99
CA SER P 10 -13.88 -19.40 35.21
C SER P 10 -15.18 -18.96 35.87
N SER P 11 -16.20 -18.65 35.06
CA SER P 11 -17.47 -18.21 35.63
C SER P 11 -18.11 -19.30 36.47
N LEU P 12 -18.13 -20.53 35.94
CA LEU P 12 -18.66 -21.64 36.75
C LEU P 12 -17.73 -21.97 37.90
N GLN P 13 -16.42 -21.87 37.70
CA GLN P 13 -15.47 -22.21 38.76
C GLN P 13 -15.61 -21.29 39.96
N ARG P 14 -15.96 -20.02 39.73
CA ARG P 14 -16.24 -19.15 40.87
C ARG P 14 -17.60 -19.47 41.48
N ASN P 15 -18.55 -19.93 40.68
CA ASN P 15 -19.92 -20.17 41.13
C ASN P 15 -19.92 -21.34 42.10
N GLY P 16 -20.16 -21.03 43.38
CA GLY P 16 -20.20 -22.08 44.39
C GLY P 16 -21.34 -23.08 44.23
N ILE P 17 -22.49 -22.62 43.73
CA ILE P 17 -23.66 -23.49 43.64
C ILE P 17 -23.36 -24.69 42.74
N PHE P 18 -22.77 -24.45 41.58
CA PHE P 18 -22.50 -25.54 40.66
C PHE P 18 -21.51 -26.53 41.25
N ILE P 19 -20.46 -26.03 41.90
CA ILE P 19 -19.47 -26.93 42.49
C ILE P 19 -20.10 -27.80 43.56
N ASN P 20 -20.88 -27.19 44.45
CA ASN P 20 -21.51 -27.97 45.51
C ASN P 20 -22.48 -28.99 44.94
N SER P 21 -23.28 -28.61 43.93
CA SER P 21 -24.20 -29.54 43.34
C SER P 21 -23.48 -30.70 42.68
N LEU P 22 -22.36 -30.42 42.00
CA LEU P 22 -21.61 -31.50 41.38
C LEU P 22 -21.05 -32.44 42.43
N ILE P 23 -20.54 -31.90 43.53
CA ILE P 23 -20.04 -32.77 44.60
C ILE P 23 -21.15 -33.68 45.11
N ALA P 24 -22.33 -33.11 45.34
CA ALA P 24 -23.43 -33.92 45.85
C ALA P 24 -23.82 -35.01 44.86
N ALA P 25 -23.89 -34.68 43.57
CA ALA P 25 -24.25 -35.67 42.58
C ALA P 25 -23.22 -36.79 42.51
N LEU P 26 -21.94 -36.42 42.55
CA LEU P 26 -20.88 -37.41 42.54
C LEU P 26 -20.97 -38.34 43.73
N THR P 27 -21.24 -37.79 44.91
CA THR P 27 -21.36 -38.65 46.08
C THR P 27 -22.56 -39.57 45.97
N ILE P 28 -23.67 -39.09 45.39
CA ILE P 28 -24.83 -39.95 45.24
C ILE P 28 -24.49 -41.14 44.34
N GLY P 29 -23.90 -40.84 43.17
CA GLY P 29 -23.57 -41.91 42.25
C GLY P 29 -22.58 -42.89 42.84
N GLY P 30 -21.52 -42.37 43.47
CA GLY P 30 -20.54 -43.25 44.08
C GLY P 30 -21.13 -44.13 45.16
N GLN P 31 -21.98 -43.56 46.01
CA GLN P 31 -22.61 -44.36 47.05
C GLN P 31 -23.47 -45.45 46.45
N GLN P 32 -24.23 -45.13 45.41
CA GLN P 32 -25.09 -46.14 44.81
C GLN P 32 -24.26 -47.29 44.25
N LEU P 33 -23.22 -46.97 43.47
CA LEU P 33 -22.38 -48.03 42.92
C LEU P 33 -21.75 -48.86 44.02
N PHE P 34 -21.20 -48.19 45.03
CA PHE P 34 -20.56 -48.88 46.14
C PHE P 34 -21.51 -49.85 46.80
N SER P 35 -22.68 -49.37 47.23
CA SER P 35 -23.64 -50.23 47.92
C SER P 35 -24.07 -51.39 47.04
N SER P 36 -24.30 -51.11 45.74
CA SER P 36 -24.77 -52.19 44.87
C SER P 36 -23.70 -53.24 44.66
N SER P 37 -22.43 -52.87 44.75
CA SER P 37 -21.40 -53.85 44.40
C SER P 37 -20.94 -54.68 45.59
N THR P 38 -20.55 -54.04 46.69
CA THR P 38 -19.80 -54.73 47.73
C THR P 38 -20.50 -54.72 49.09
N PHE P 39 -21.78 -55.05 49.12
CA PHE P 39 -22.51 -55.06 50.38
C PHE P 39 -23.30 -56.35 50.52
N SER P 40 -23.15 -57.01 51.67
CA SER P 40 -23.91 -58.21 51.98
C SER P 40 -23.95 -58.36 53.50
N CYS P 41 -25.14 -58.51 54.05
CA CYS P 41 -25.26 -58.58 55.50
C CYS P 41 -24.56 -59.84 55.99
N PRO P 42 -23.82 -59.76 57.10
CA PRO P 42 -23.16 -60.96 57.60
C PRO P 42 -24.11 -62.01 58.16
N CYS P 43 -25.22 -61.62 58.76
CA CYS P 43 -26.16 -62.57 59.36
C CYS P 43 -25.47 -63.48 60.37
N GLN P 44 -24.47 -62.93 61.07
CA GLN P 44 -23.80 -63.63 62.15
C GLN P 44 -24.54 -63.35 63.45
N VAL P 45 -23.94 -63.72 64.58
CA VAL P 45 -24.63 -63.68 65.85
C VAL P 45 -24.54 -62.30 66.49
N GLY P 46 -23.33 -61.79 66.68
CA GLY P 46 -23.14 -60.51 67.33
C GLY P 46 -22.34 -59.55 66.49
N LYS P 47 -21.88 -60.01 65.33
CA LYS P 47 -21.01 -59.23 64.46
C LYS P 47 -21.77 -58.58 63.32
N ASN P 48 -23.04 -58.24 63.53
CA ASN P 48 -23.84 -57.57 62.52
C ASN P 48 -23.86 -56.06 62.70
N PHE P 49 -24.05 -55.61 63.94
CA PHE P 49 -24.17 -54.18 64.21
C PHE P 49 -22.91 -53.42 63.78
N TYR P 50 -21.75 -54.02 63.98
CA TYR P 50 -20.52 -53.37 63.52
C TYR P 50 -20.48 -53.29 62.00
N TYR P 51 -20.88 -54.35 61.31
CA TYR P 51 -20.84 -54.34 59.86
C TYR P 51 -21.79 -53.30 59.30
N GLY P 52 -22.84 -52.98 60.04
CA GLY P 52 -23.70 -51.89 59.60
C GLY P 52 -23.09 -50.54 59.90
N SER P 53 -22.68 -50.35 61.14
CA SER P 53 -22.19 -49.04 61.57
C SER P 53 -20.98 -48.60 60.78
N ALA P 54 -20.11 -49.54 60.37
CA ALA P 54 -18.95 -49.17 59.59
C ALA P 54 -19.36 -48.47 58.29
N PHE P 55 -20.16 -49.16 57.49
CA PHE P 55 -20.61 -48.56 56.23
C PHE P 55 -21.42 -47.30 56.48
N LEU P 56 -22.08 -47.20 57.62
CA LEU P 56 -22.89 -46.01 57.85
C LEU P 56 -22.04 -44.80 58.19
N VAL P 57 -20.97 -44.98 58.95
CA VAL P 57 -20.24 -43.87 59.55
C VAL P 57 -18.90 -43.63 58.86
N ILE P 58 -18.06 -44.65 58.76
CA ILE P 58 -16.66 -44.44 58.36
C ILE P 58 -16.53 -43.62 57.08
N PRO P 59 -17.29 -43.88 56.01
CA PRO P 59 -17.21 -42.98 54.85
C PRO P 59 -17.50 -41.54 55.19
N ALA P 60 -18.39 -41.26 56.15
CA ALA P 60 -18.64 -39.88 56.51
C ALA P 60 -17.38 -39.23 57.07
N LEU P 61 -16.74 -39.88 58.04
CA LEU P 61 -15.50 -39.33 58.60
C LEU P 61 -14.44 -39.16 57.53
N ILE P 62 -14.26 -40.17 56.68
CA ILE P 62 -13.23 -40.09 55.65
C ILE P 62 -13.49 -38.93 54.72
N LEU P 63 -14.70 -38.83 54.19
CA LEU P 63 -15.00 -37.77 53.24
C LEU P 63 -14.94 -36.41 53.90
N LEU P 64 -15.34 -36.29 55.16
CA LEU P 64 -15.27 -35.01 55.85
C LEU P 64 -13.83 -34.58 56.04
N VAL P 65 -12.97 -35.46 56.56
CA VAL P 65 -11.57 -35.11 56.75
C VAL P 65 -10.92 -34.79 55.40
N ALA P 66 -11.29 -35.52 54.35
CA ALA P 66 -10.71 -35.24 53.05
C ALA P 66 -11.14 -33.88 52.53
N GLY P 67 -12.43 -33.56 52.63
CA GLY P 67 -12.94 -32.28 52.20
C GLY P 67 -12.41 -31.11 53.02
N PHE P 68 -12.00 -31.35 54.25
CA PHE P 68 -11.39 -30.30 55.05
C PHE P 68 -9.92 -30.12 54.70
N ALA P 69 -9.15 -31.21 54.77
CA ALA P 69 -7.70 -31.12 54.63
C ALA P 69 -7.26 -30.74 53.23
N LEU P 70 -8.08 -31.00 52.22
CA LEU P 70 -7.67 -30.73 50.84
C LEU P 70 -7.74 -29.26 50.48
N ARG P 71 -8.37 -28.42 51.30
CA ARG P 71 -8.47 -27.01 50.98
C ARG P 71 -7.17 -26.32 51.36
N SER P 72 -6.49 -25.76 50.37
CA SER P 72 -5.18 -25.15 50.59
C SER P 72 -5.23 -24.10 51.68
N GLN P 73 -6.29 -23.29 51.71
CA GLN P 73 -6.33 -22.19 52.66
C GLN P 73 -6.36 -22.68 54.10
N MET P 74 -6.95 -23.86 54.34
CA MET P 74 -7.02 -24.37 55.71
C MET P 74 -5.64 -24.63 56.27
N TRP P 75 -4.72 -25.11 55.44
CA TRP P 75 -3.35 -25.33 55.90
C TRP P 75 -2.69 -24.01 56.30
N THR P 76 -2.90 -22.95 55.50
CA THR P 76 -2.33 -21.66 55.83
C THR P 76 -2.92 -21.11 57.12
N ILE P 77 -4.22 -21.27 57.31
CA ILE P 77 -4.85 -20.79 58.54
C ILE P 77 -4.31 -21.54 59.75
N THR P 78 -4.16 -22.86 59.62
CA THR P 78 -3.56 -23.62 60.71
C THR P 78 -2.14 -23.17 60.99
N GLY P 79 -1.36 -22.90 59.94
CA GLY P 79 0.00 -22.41 60.15
C GLY P 79 0.02 -21.08 60.89
N GLU P 80 -0.91 -20.19 60.55
CA GLU P 80 -1.10 -18.99 61.35
C GLU P 80 -1.42 -19.35 62.80
N TYR P 81 -2.20 -20.40 63.01
CA TYR P 81 -2.58 -20.79 64.37
C TYR P 81 -1.52 -21.64 65.05
N CYS P 82 -0.99 -22.64 64.35
CA CYS P 82 -0.03 -23.56 64.96
C CYS P 82 1.28 -22.84 65.28
N CYS P 83 2.06 -23.47 66.16
CA CYS P 83 3.35 -22.93 66.56
C CYS P 83 4.37 -23.12 65.45
N PRO P 94 -7.75 -9.51 68.43
CA PRO P 94 -8.25 -8.29 67.78
C PRO P 94 -9.11 -8.61 66.57
N LEU P 95 -8.70 -8.15 65.40
CA LEU P 95 -9.44 -8.42 64.17
C LEU P 95 -8.96 -9.68 63.47
N GLU P 96 -7.67 -10.00 63.59
CA GLU P 96 -7.13 -11.15 62.89
C GLU P 96 -7.83 -12.43 63.33
N CYS P 97 -8.17 -12.54 64.61
CA CYS P 97 -8.85 -13.75 65.08
C CYS P 97 -10.22 -13.90 64.45
N LYS P 98 -11.02 -12.84 64.44
CA LYS P 98 -12.34 -12.92 63.84
C LYS P 98 -12.24 -13.21 62.35
N LEU P 99 -11.27 -12.61 61.67
CA LEU P 99 -11.13 -12.86 60.24
C LEU P 99 -10.74 -14.31 59.99
N ALA P 100 -9.84 -14.86 60.80
CA ALA P 100 -9.49 -16.27 60.68
C ALA P 100 -10.72 -17.14 60.92
N CYS P 101 -11.54 -16.78 61.89
CA CYS P 101 -12.75 -17.56 62.15
C CYS P 101 -13.67 -17.55 60.95
N LEU P 102 -13.82 -16.39 60.30
CA LEU P 102 -14.68 -16.31 59.12
C LEU P 102 -14.12 -17.13 57.96
N ARG P 103 -12.81 -17.07 57.78
CA ARG P 103 -12.17 -17.87 56.73
C ARG P 103 -12.42 -19.36 56.95
N PHE P 104 -12.13 -19.83 58.16
CA PHE P 104 -12.35 -21.22 58.52
C PHE P 104 -13.80 -21.60 58.32
N PHE P 105 -14.72 -20.69 58.65
CA PHE P 105 -16.13 -21.01 58.51
C PHE P 105 -16.54 -21.18 57.06
N SER P 106 -16.01 -20.33 56.17
CA SER P 106 -16.34 -20.48 54.75
C SER P 106 -15.83 -21.81 54.23
N ILE P 107 -14.60 -22.17 54.59
CA ILE P 107 -14.07 -23.46 54.12
C ILE P 107 -14.92 -24.61 54.67
N THR P 108 -15.35 -24.49 55.92
CA THR P 108 -16.24 -25.50 56.48
C THR P 108 -17.54 -25.60 55.69
N GLY P 109 -18.12 -24.45 55.35
CA GLY P 109 -19.34 -24.44 54.57
C GLY P 109 -19.18 -25.14 53.25
N ARG P 110 -17.98 -25.07 52.67
CA ARG P 110 -17.72 -25.84 51.46
C ARG P 110 -17.61 -27.33 51.77
N ALA P 111 -16.88 -27.68 52.83
CA ALA P 111 -16.48 -29.06 53.01
C ALA P 111 -17.58 -29.95 53.56
N VAL P 112 -18.53 -29.38 54.31
CA VAL P 112 -19.54 -30.21 54.95
C VAL P 112 -20.50 -30.88 53.98
N ILE P 113 -20.54 -30.43 52.73
CA ILE P 113 -21.57 -30.93 51.81
C ILE P 113 -21.45 -32.43 51.56
N ALA P 114 -20.24 -32.98 51.59
CA ALA P 114 -20.08 -34.38 51.20
C ALA P 114 -20.59 -35.35 52.27
N PRO P 115 -20.10 -35.29 53.52
CA PRO P 115 -20.55 -36.28 54.50
C PRO P 115 -22.04 -36.24 54.75
N LEU P 116 -22.62 -35.05 54.80
CA LEU P 116 -24.05 -34.96 55.10
C LEU P 116 -24.88 -35.55 53.97
N THR P 117 -24.46 -35.34 52.72
CA THR P 117 -25.22 -35.94 51.62
C THR P 117 -25.02 -37.46 51.58
N TRP P 118 -23.83 -37.94 51.97
CA TRP P 118 -23.65 -39.39 52.04
C TRP P 118 -24.58 -39.99 53.08
N LEU P 119 -24.56 -39.45 54.30
CA LEU P 119 -25.47 -39.94 55.34
C LEU P 119 -26.92 -39.86 54.89
N ALA P 120 -27.30 -38.76 54.23
CA ALA P 120 -28.68 -38.60 53.82
C ALA P 120 -29.09 -39.68 52.85
N VAL P 121 -28.28 -39.90 51.81
CA VAL P 121 -28.67 -40.86 50.80
C VAL P 121 -28.66 -42.28 51.35
N THR P 122 -27.70 -42.58 52.23
CA THR P 122 -27.65 -43.95 52.72
C THR P 122 -28.76 -44.22 53.73
N LEU P 123 -29.20 -43.20 54.47
CA LEU P 123 -30.34 -43.41 55.34
C LEU P 123 -31.64 -43.48 54.57
N LEU P 124 -31.77 -42.67 53.51
CA LEU P 124 -33.01 -42.68 52.75
C LEU P 124 -33.20 -43.98 52.00
N THR P 125 -32.14 -44.50 51.37
CA THR P 125 -32.25 -45.84 50.81
C THR P 125 -32.43 -46.87 51.93
N GLY P 126 -31.78 -46.64 53.07
CA GLY P 126 -32.04 -47.40 54.28
C GLY P 126 -31.50 -48.81 54.31
N THR P 127 -31.05 -49.34 53.17
CA THR P 127 -30.61 -50.73 53.15
C THR P 127 -29.43 -50.99 54.08
N TYR P 128 -28.73 -49.93 54.51
CA TYR P 128 -27.64 -50.10 55.46
C TYR P 128 -28.19 -50.25 56.87
N TYR P 129 -29.17 -49.43 57.23
CA TYR P 129 -29.61 -49.38 58.62
C TYR P 129 -30.24 -50.68 59.05
N GLU P 130 -31.02 -51.31 58.16
CA GLU P 130 -31.64 -52.58 58.52
C GLU P 130 -30.60 -53.62 58.92
N CYS P 131 -29.49 -53.69 58.20
CA CYS P 131 -28.41 -54.57 58.61
C CYS P 131 -27.74 -54.05 59.87
N ALA P 132 -27.76 -52.74 60.08
CA ALA P 132 -27.08 -52.19 61.25
C ALA P 132 -27.78 -52.60 62.54
N ALA P 133 -29.10 -52.60 62.56
CA ALA P 133 -29.86 -52.88 63.77
C ALA P 133 -30.90 -53.95 63.53
N SER P 134 -30.54 -55.00 62.80
CA SER P 134 -31.45 -56.12 62.61
C SER P 134 -31.53 -57.02 63.84
N GLU P 135 -30.74 -56.75 64.86
CA GLU P 135 -30.78 -57.57 66.07
C GLU P 135 -31.53 -56.91 67.23
N PHE P 136 -31.69 -55.59 67.20
CA PHE P 136 -32.32 -54.90 68.32
C PHE P 136 -33.83 -54.90 68.26
N ALA P 137 -34.44 -55.59 67.31
CA ALA P 137 -35.89 -55.54 67.17
C ALA P 137 -36.56 -56.12 68.41
N SER P 138 -37.38 -55.30 69.06
CA SER P 138 -38.07 -55.72 70.28
C SER P 138 -39.19 -56.67 69.91
N VAL P 139 -38.99 -57.96 70.13
CA VAL P 139 -39.99 -58.98 69.82
C VAL P 139 -40.61 -59.42 71.15
N ASP P 140 -41.86 -59.06 71.35
CA ASP P 140 -42.61 -59.48 72.54
C ASP P 140 -44.02 -59.94 72.24
N HIS P 141 -44.57 -59.65 71.07
CA HIS P 141 -45.97 -59.93 70.78
C HIS P 141 -46.09 -60.79 69.54
N TYR P 142 -45.29 -61.84 69.46
CA TYR P 142 -45.30 -62.75 68.34
C TYR P 142 -45.34 -64.19 68.84
N PRO P 143 -46.03 -65.08 68.11
CA PRO P 143 -46.29 -66.41 68.66
C PRO P 143 -45.11 -67.35 68.57
N MET P 144 -44.23 -67.14 67.59
CA MET P 144 -43.12 -68.05 67.35
C MET P 144 -41.88 -67.74 68.19
N PHE P 145 -41.89 -66.64 68.95
CA PHE P 145 -40.77 -66.27 69.80
C PHE P 145 -41.07 -66.46 71.28
N ASP P 146 -42.07 -67.28 71.62
CA ASP P 146 -42.44 -67.43 73.03
C ASP P 146 -41.58 -68.48 73.73
N ASN P 147 -41.63 -69.72 73.26
CA ASN P 147 -40.97 -70.82 73.96
C ASN P 147 -39.49 -70.94 73.62
N VAL P 148 -39.09 -70.44 72.44
CA VAL P 148 -37.75 -70.65 71.95
C VAL P 148 -36.72 -70.01 72.88
N SER P 149 -35.51 -70.57 72.89
CA SER P 149 -34.47 -70.09 73.78
C SER P 149 -33.94 -68.74 73.31
N ALA P 150 -33.25 -68.06 74.23
CA ALA P 150 -32.77 -66.70 73.95
C ALA P 150 -31.75 -66.71 72.83
N SER P 151 -30.71 -67.54 72.95
CA SER P 151 -29.70 -67.63 71.91
C SER P 151 -30.31 -68.11 70.59
N LYS P 152 -31.26 -69.05 70.66
CA LYS P 152 -31.97 -69.45 69.46
C LYS P 152 -32.72 -68.28 68.85
N ARG P 153 -33.27 -67.40 69.71
CA ARG P 153 -33.94 -66.22 69.21
C ARG P 153 -32.97 -65.27 68.52
N GLU P 154 -31.79 -65.08 69.11
CA GLU P 154 -30.76 -64.24 68.47
C GLU P 154 -30.40 -64.81 67.11
N GLU P 155 -30.18 -66.12 67.04
CA GLU P 155 -29.81 -66.75 65.78
C GLU P 155 -30.89 -66.56 64.73
N ILE P 156 -32.15 -66.81 65.09
CA ILE P 156 -33.22 -66.69 64.10
C ILE P 156 -33.52 -65.24 63.77
N LEU P 157 -33.15 -64.32 64.66
CA LEU P 157 -33.42 -62.91 64.43
C LEU P 157 -32.39 -62.28 63.52
N ALA P 158 -31.11 -62.61 63.72
CA ALA P 158 -30.06 -62.00 62.91
C ALA P 158 -30.01 -62.55 61.49
N GLY P 159 -30.72 -63.63 61.21
CA GLY P 159 -30.73 -64.20 59.88
C GLY P 159 -31.74 -63.59 58.94
N PHE P 160 -32.57 -62.70 59.45
CA PHE P 160 -33.66 -62.14 58.65
C PHE P 160 -33.20 -61.40 57.40
N PRO P 161 -32.27 -60.44 57.46
CA PRO P 161 -32.07 -59.56 56.29
C PRO P 161 -31.61 -60.27 55.04
N CYS P 162 -30.67 -61.19 55.15
CA CYS P 162 -29.99 -61.69 53.95
C CYS P 162 -30.84 -62.68 53.16
N CYS P 163 -31.37 -63.73 53.79
CA CYS P 163 -32.03 -64.76 53.01
C CYS P 163 -33.33 -65.18 53.69
N ARG P 164 -34.10 -66.00 52.95
CA ARG P 164 -35.37 -66.52 53.45
C ARG P 164 -35.62 -67.91 52.89
N SER P 165 -35.85 -68.87 53.78
CA SER P 165 -36.24 -70.22 53.39
C SER P 165 -37.30 -70.82 54.28
N ALA P 166 -37.76 -70.12 55.30
CA ALA P 166 -38.62 -70.68 56.34
C ALA P 166 -40.08 -70.71 55.87
N PRO P 167 -41.00 -71.25 56.70
CA PRO P 167 -42.43 -71.20 56.35
C PRO P 167 -43.01 -69.81 56.26
N SER P 168 -44.31 -69.74 55.95
CA SER P 168 -44.94 -68.46 55.62
C SER P 168 -44.90 -67.49 56.78
N ASP P 169 -45.30 -67.94 57.97
CA ASP P 169 -45.41 -67.01 59.10
C ASP P 169 -44.07 -66.36 59.41
N VAL P 170 -42.98 -67.13 59.28
CA VAL P 170 -41.66 -66.57 59.53
C VAL P 170 -41.32 -65.50 58.52
N ILE P 171 -41.59 -65.74 57.23
CA ILE P 171 -41.23 -64.74 56.24
C ILE P 171 -42.14 -63.52 56.36
N LEU P 172 -43.36 -63.72 56.87
CA LEU P 172 -44.24 -62.57 57.09
C LEU P 172 -43.74 -61.70 58.23
N VAL P 173 -43.37 -62.31 59.36
CA VAL P 173 -42.82 -61.50 60.43
C VAL P 173 -41.50 -60.87 60.00
N ARG P 174 -40.77 -61.54 59.12
CA ARG P 174 -39.56 -60.95 58.56
C ARG P 174 -39.88 -59.70 57.76
N ASP P 175 -40.84 -59.80 56.85
CA ASP P 175 -41.26 -58.62 56.09
C ASP P 175 -41.70 -57.50 57.01
N GLU P 176 -42.41 -57.83 58.08
CA GLU P 176 -42.89 -56.80 58.99
C GLU P 176 -41.73 -56.08 59.68
N ILE P 177 -40.76 -56.85 60.19
CA ILE P 177 -39.61 -56.25 60.84
C ILE P 177 -38.85 -55.37 59.85
N ALA P 178 -38.72 -55.85 58.61
CA ALA P 178 -37.99 -55.08 57.60
C ALA P 178 -38.68 -53.74 57.34
N LEU P 179 -40.01 -53.77 57.19
CA LEU P 179 -40.72 -52.52 56.94
C LEU P 179 -40.57 -51.56 58.12
N LEU P 180 -40.69 -52.07 59.35
CA LEU P 180 -40.51 -51.21 60.51
C LEU P 180 -39.14 -50.56 60.50
N HIS P 181 -38.10 -51.34 60.23
CA HIS P 181 -36.76 -50.78 60.30
C HIS P 181 -36.52 -49.78 59.17
N ARG P 182 -37.07 -50.04 57.98
CA ARG P 182 -36.95 -49.07 56.90
C ARG P 182 -37.63 -47.76 57.26
N TYR P 183 -38.81 -47.84 57.88
CA TYR P 183 -39.48 -46.63 58.34
C TYR P 183 -38.59 -45.86 59.30
N GLN P 184 -38.01 -46.55 60.27
CA GLN P 184 -37.16 -45.86 61.23
C GLN P 184 -35.98 -45.21 60.54
N SER P 185 -35.37 -45.90 59.59
CA SER P 185 -34.23 -45.34 58.88
C SER P 185 -34.62 -44.06 58.14
N GLN P 186 -35.73 -44.10 57.42
CA GLN P 186 -36.09 -42.93 56.63
C GLN P 186 -36.46 -41.74 57.52
N MET P 187 -37.14 -42.00 58.64
CA MET P 187 -37.43 -40.90 59.55
C MET P 187 -36.16 -40.31 60.12
N LEU P 188 -35.22 -41.17 60.51
CA LEU P 188 -33.95 -40.67 61.02
C LEU P 188 -33.25 -39.83 59.98
N GLY P 189 -33.33 -40.24 58.72
CA GLY P 189 -32.70 -39.46 57.66
C GLY P 189 -33.31 -38.08 57.51
N TRP P 190 -34.64 -38.02 57.52
CA TRP P 190 -35.29 -36.71 57.39
C TRP P 190 -34.96 -35.82 58.58
N ILE P 191 -34.87 -36.42 59.77
CA ILE P 191 -34.49 -35.65 60.95
C ILE P 191 -33.09 -35.09 60.78
N LEU P 192 -32.16 -35.92 60.29
CA LEU P 192 -30.81 -35.44 60.06
C LEU P 192 -30.79 -34.28 59.08
N ILE P 193 -31.55 -34.39 58.00
CA ILE P 193 -31.57 -33.31 57.01
C ILE P 193 -32.10 -32.02 57.62
N THR P 194 -33.23 -32.10 58.32
CA THR P 194 -33.81 -30.86 58.86
C THR P 194 -32.91 -30.23 59.90
N LEU P 195 -32.29 -31.04 60.76
CA LEU P 195 -31.41 -30.47 61.77
C LEU P 195 -30.17 -29.86 61.12
N ALA P 196 -29.62 -30.54 60.11
CA ALA P 196 -28.46 -29.98 59.43
C ALA P 196 -28.78 -28.66 58.78
N THR P 197 -29.95 -28.57 58.13
CA THR P 197 -30.31 -27.32 57.46
C THR P 197 -30.50 -26.20 58.47
N ILE P 198 -31.23 -26.47 59.56
CA ILE P 198 -31.48 -25.41 60.53
C ILE P 198 -30.17 -24.97 61.19
N ALA P 199 -29.26 -25.91 61.45
CA ALA P 199 -27.98 -25.56 62.04
C ALA P 199 -27.15 -24.73 61.07
N ALA P 200 -27.12 -25.12 59.80
CA ALA P 200 -26.37 -24.34 58.82
C ALA P 200 -26.91 -22.93 58.72
N LEU P 201 -28.24 -22.78 58.70
CA LEU P 201 -28.83 -21.45 58.57
C LEU P 201 -28.49 -20.59 59.78
N VAL P 202 -28.71 -21.12 60.98
CA VAL P 202 -28.46 -20.31 62.17
C VAL P 202 -26.97 -19.98 62.27
N SER P 203 -26.10 -20.90 61.86
CA SER P 203 -24.67 -20.64 61.94
C SER P 203 -24.25 -19.57 60.96
N CYS P 204 -24.77 -19.62 59.73
CA CYS P 204 -24.42 -18.59 58.77
C CYS P 204 -24.94 -17.23 59.22
N CYS P 205 -26.14 -17.19 59.80
CA CYS P 205 -26.67 -15.93 60.29
C CYS P 205 -25.83 -15.38 61.43
N VAL P 206 -25.42 -16.25 62.34
CA VAL P 206 -24.57 -15.82 63.45
C VAL P 206 -23.24 -15.29 62.93
N ALA P 207 -22.66 -15.97 61.95
CA ALA P 207 -21.40 -15.52 61.38
C ALA P 207 -21.56 -14.15 60.73
N LYS P 208 -22.66 -13.94 60.02
CA LYS P 208 -22.91 -12.64 59.43
C LYS P 208 -23.15 -11.58 60.50
N CYS P 209 -23.70 -11.98 61.64
CA CYS P 209 -23.95 -11.04 62.73
C CYS P 209 -22.65 -10.59 63.37
N CYS P 210 -21.83 -11.55 63.81
CA CYS P 210 -20.60 -11.24 64.53
C CYS P 210 -19.51 -10.69 63.63
N SER P 211 -19.76 -10.52 62.34
CA SER P 211 -18.74 -10.03 61.44
C SER P 211 -18.46 -8.57 61.72
N PRO P 212 -17.18 -8.16 61.78
CA PRO P 212 -16.86 -6.75 61.99
C PRO P 212 -16.91 -5.92 60.73
N LEU P 213 -17.06 -6.52 59.56
CA LEU P 213 -17.01 -5.80 58.31
C LEU P 213 -18.41 -5.49 57.79
N THR P 214 -18.47 -4.56 56.85
CA THR P 214 -19.74 -4.13 56.28
C THR P 214 -20.16 -5.10 55.18
N SER P 215 -21.20 -4.72 54.44
CA SER P 215 -21.67 -5.54 53.33
C SER P 215 -20.82 -5.39 52.08
N LEU P 216 -19.85 -4.48 52.08
CA LEU P 216 -18.99 -4.24 50.93
C LEU P 216 -17.55 -4.59 51.18
N GLN P 217 -17.04 -4.32 52.39
CA GLN P 217 -15.67 -4.70 52.70
C GLN P 217 -15.44 -6.20 52.58
N HIS P 218 -16.48 -7.00 52.80
CA HIS P 218 -16.33 -8.44 52.75
C HIS P 218 -15.97 -8.92 51.34
N CYS P 219 -16.67 -8.43 50.33
CA CYS P 219 -16.38 -8.84 48.96
C CYS P 219 -14.99 -8.40 48.55
N TYR P 220 -14.66 -7.14 48.83
CA TYR P 220 -13.31 -6.65 48.60
C TYR P 220 -12.29 -7.56 49.27
N TRP P 221 -12.59 -8.03 50.48
CA TRP P 221 -11.64 -8.85 51.21
C TRP P 221 -11.43 -10.19 50.55
N THR P 222 -12.51 -10.83 50.11
CA THR P 222 -12.38 -12.12 49.45
C THR P 222 -11.58 -11.99 48.16
N SER P 223 -11.89 -10.97 47.36
CA SER P 223 -11.13 -10.76 46.14
C SER P 223 -9.67 -10.50 46.46
N HIS P 224 -9.41 -9.74 47.53
CA HIS P 224 -8.05 -9.50 47.97
C HIS P 224 -7.32 -10.82 48.22
N LEU P 225 -7.93 -11.70 49.01
CA LEU P 225 -7.28 -12.97 49.32
C LEU P 225 -6.97 -13.77 48.06
N GLN P 226 -7.99 -13.99 47.24
CA GLN P 226 -7.80 -14.84 46.07
C GLN P 226 -6.73 -14.28 45.14
N ASN P 227 -6.87 -13.01 44.74
CA ASN P 227 -5.91 -12.44 43.81
C ASN P 227 -4.53 -12.35 44.41
N GLU P 228 -4.44 -12.13 45.72
CA GLU P 228 -3.14 -12.14 46.38
C GLU P 228 -2.45 -13.47 46.17
N ARG P 229 -3.13 -14.56 46.52
CA ARG P 229 -2.51 -15.87 46.35
C ARG P 229 -2.04 -16.07 44.91
N GLU P 230 -2.93 -15.83 43.95
CA GLU P 230 -2.57 -16.10 42.56
C GLU P 230 -1.37 -15.27 42.10
N LEU P 231 -1.42 -13.96 42.34
CA LEU P 231 -0.35 -13.09 41.85
C LEU P 231 0.97 -13.41 42.51
N PHE P 232 0.97 -13.68 43.82
CA PHE P 232 2.24 -14.00 44.46
C PHE P 232 2.83 -15.28 43.89
N GLU P 233 1.99 -16.28 43.63
CA GLU P 233 2.50 -17.50 43.02
C GLU P 233 3.18 -17.20 41.69
N GLN P 234 2.47 -16.47 40.82
CA GLN P 234 3.03 -16.19 39.50
C GLN P 234 4.34 -15.42 39.60
N ALA P 235 4.37 -14.43 40.48
CA ALA P 235 5.56 -13.58 40.60
C ALA P 235 6.75 -14.38 41.12
N ALA P 236 6.53 -15.18 42.16
CA ALA P 236 7.62 -15.99 42.68
C ALA P 236 8.16 -16.92 41.61
N GLU P 237 7.27 -17.56 40.86
CA GLU P 237 7.72 -18.44 39.79
C GLU P 237 8.62 -17.68 38.80
N GLN P 238 8.13 -16.55 38.30
CA GLN P 238 8.88 -15.82 37.28
C GLN P 238 10.22 -15.34 37.83
N HIS P 239 10.23 -14.87 39.08
CA HIS P 239 11.47 -14.36 39.65
C HIS P 239 12.50 -15.45 39.80
N SER P 240 12.09 -16.60 40.33
CA SER P 240 13.05 -17.69 40.48
C SER P 240 13.54 -18.17 39.12
N ARG P 241 12.65 -18.18 38.12
CA ARG P 241 13.08 -18.55 36.78
C ARG P 241 14.15 -17.61 36.27
N LEU P 242 13.93 -16.30 36.43
CA LEU P 242 14.92 -15.35 35.96
C LEU P 242 16.25 -15.51 36.68
N LEU P 243 16.22 -15.71 37.99
CA LEU P 243 17.48 -15.86 38.72
C LEU P 243 18.23 -17.11 38.29
N MET P 244 17.53 -18.23 38.16
CA MET P 244 18.21 -19.44 37.69
C MET P 244 18.74 -19.25 36.28
N MET P 245 18.00 -18.51 35.44
CA MET P 245 18.48 -18.22 34.10
C MET P 245 19.76 -17.40 34.12
N HIS P 246 19.84 -16.43 35.02
CA HIS P 246 21.06 -15.65 35.14
C HIS P 246 22.22 -16.50 35.61
N ARG P 247 22.00 -17.40 36.57
CA ARG P 247 23.09 -18.28 36.98
C ARG P 247 23.55 -19.15 35.83
N ILE P 248 22.60 -19.67 35.05
CA ILE P 248 22.97 -20.50 33.91
C ILE P 248 23.82 -19.70 32.93
N LYS P 249 23.41 -18.46 32.65
CA LYS P 249 24.17 -17.66 31.69
C LYS P 249 25.55 -17.33 32.23
N LYS P 250 25.68 -17.12 33.54
CA LYS P 250 27.00 -16.89 34.11
C LYS P 250 27.87 -18.12 33.96
N LEU P 251 27.28 -19.31 34.08
CA LEU P 251 28.08 -20.52 33.97
C LEU P 251 28.46 -20.81 32.52
N PHE P 252 27.47 -21.05 31.65
CA PHE P 252 27.78 -21.49 30.30
C PHE P 252 28.13 -20.33 29.38
N GLY P 253 27.66 -19.14 29.66
CA GLY P 253 28.03 -17.98 28.89
C GLY P 253 26.96 -17.42 27.98
N PHE P 254 25.69 -17.76 28.21
CA PHE P 254 24.62 -17.28 27.35
C PHE P 254 23.28 -17.58 28.03
N ILE P 255 22.28 -16.81 27.67
CA ILE P 255 20.94 -17.02 28.20
C ILE P 255 20.30 -18.17 27.43
N PRO P 256 19.70 -19.15 28.12
CA PRO P 256 19.17 -20.32 27.38
C PRO P 256 18.09 -19.96 26.38
N GLY P 257 17.20 -19.05 26.72
CA GLY P 257 16.13 -18.68 25.81
C GLY P 257 16.61 -17.97 24.58
N SER P 258 17.93 -17.95 24.39
CA SER P 258 18.49 -17.25 23.27
C SER P 258 18.59 -18.16 22.05
N GLU P 259 18.93 -17.51 20.94
CA GLU P 259 19.23 -18.08 19.64
C GLU P 259 20.39 -17.34 19.01
N ASP P 260 21.08 -18.07 18.13
CA ASP P 260 22.25 -17.59 17.37
C ASP P 260 23.32 -16.97 18.27
N VAL P 261 23.54 -17.58 19.43
CA VAL P 261 24.55 -17.07 20.37
C VAL P 261 25.92 -17.25 19.75
N LYS P 262 26.74 -16.21 19.80
CA LYS P 262 28.07 -16.27 19.19
C LYS P 262 29.19 -16.41 20.22
N HIS P 263 28.87 -16.73 21.47
CA HIS P 263 29.93 -16.92 22.45
C HIS P 263 29.55 -18.02 23.42
N ILE P 264 30.48 -18.94 23.67
CA ILE P 264 30.26 -20.11 24.52
C ILE P 264 31.40 -20.19 25.53
N ARG P 265 31.07 -20.41 26.79
CA ARG P 265 32.08 -20.54 27.83
C ARG P 265 32.11 -21.98 28.31
N ILE P 266 33.23 -22.66 28.10
CA ILE P 266 33.36 -24.03 28.58
C ILE P 266 33.51 -24.01 30.10
N PRO P 267 32.78 -24.85 30.83
CA PRO P 267 32.89 -24.84 32.29
C PRO P 267 34.20 -25.46 32.74
N SER P 268 34.58 -25.11 33.97
CA SER P 268 35.75 -25.70 34.59
C SER P 268 35.32 -26.88 35.45
N CYS P 269 36.30 -27.69 35.85
CA CYS P 269 35.99 -28.85 36.68
C CYS P 269 35.53 -28.47 38.07
N GLN P 270 35.52 -27.18 38.41
CA GLN P 270 35.02 -26.69 39.69
C GLN P 270 33.67 -26.02 39.59
N ASP P 271 33.39 -25.35 38.46
CA ASP P 271 32.11 -24.68 38.30
C ASP P 271 30.94 -25.61 38.57
N TRP P 272 31.09 -26.88 38.17
CA TRP P 272 30.07 -27.87 38.51
C TRP P 272 29.91 -27.99 40.01
N LYS P 273 31.03 -27.96 40.76
CA LYS P 273 30.95 -27.97 42.21
C LYS P 273 30.23 -26.73 42.73
N ASP P 274 30.42 -25.60 42.06
CA ASP P 274 29.78 -24.37 42.54
C ASP P 274 28.27 -24.41 42.33
N ILE P 275 27.82 -24.76 41.12
CA ILE P 275 26.40 -24.73 40.81
C ILE P 275 25.64 -25.81 41.56
N SER P 276 26.35 -26.70 42.24
CA SER P 276 25.71 -27.82 42.93
C SER P 276 24.77 -27.35 44.03
N VAL P 277 25.08 -26.24 44.69
CA VAL P 277 24.24 -25.79 45.80
C VAL P 277 23.13 -24.89 45.30
N PRO P 278 21.96 -24.89 45.91
CA PRO P 278 20.79 -24.17 45.37
C PRO P 278 20.55 -22.77 45.92
N THR P 279 21.31 -22.32 46.91
CA THR P 279 21.22 -21.00 47.54
C THR P 279 19.89 -20.85 48.29
N LEU P 280 19.01 -21.85 48.23
CA LEU P 280 17.72 -21.83 48.91
C LEU P 280 16.90 -20.60 48.53
N THR Q 4 -4.76 -23.61 22.59
CA THR Q 4 -5.21 -23.45 23.97
C THR Q 4 -5.04 -24.79 24.69
N LEU Q 5 -4.75 -25.83 23.90
CA LEU Q 5 -4.63 -27.17 24.46
C LEU Q 5 -3.54 -27.25 25.51
N ASN Q 6 -2.30 -26.90 25.14
CA ASN Q 6 -1.17 -27.07 26.04
C ASN Q 6 -1.36 -26.31 27.34
N ASN Q 7 -2.11 -25.21 27.33
CA ASN Q 7 -2.46 -24.52 28.57
C ASN Q 7 -3.18 -25.44 29.53
N ILE Q 8 -4.30 -26.04 29.08
CA ILE Q 8 -5.06 -26.91 29.98
C ILE Q 8 -4.26 -28.17 30.31
N VAL Q 9 -3.43 -28.64 29.39
CA VAL Q 9 -2.61 -29.81 29.67
C VAL Q 9 -1.66 -29.53 30.82
N SER Q 10 -0.95 -28.40 30.76
CA SER Q 10 -0.06 -28.05 31.86
C SER Q 10 -0.84 -27.77 33.14
N SER Q 11 -2.03 -27.18 33.02
CA SER Q 11 -2.81 -26.87 34.22
C SER Q 11 -3.19 -28.14 34.96
N LEU Q 12 -3.68 -29.15 34.24
CA LEU Q 12 -3.98 -30.42 34.89
C LEU Q 12 -2.72 -31.13 35.35
N GLN Q 13 -1.64 -31.03 34.57
CA GLN Q 13 -0.40 -31.73 34.93
C GLN Q 13 0.18 -31.20 36.23
N ARG Q 14 0.01 -29.92 36.52
CA ARG Q 14 0.43 -29.41 37.82
C ARG Q 14 -0.55 -29.84 38.91
N ASN Q 15 -1.83 -29.98 38.57
CA ASN Q 15 -2.87 -30.28 39.56
C ASN Q 15 -2.66 -31.69 40.09
N GLY Q 16 -2.25 -31.78 41.36
CA GLY Q 16 -2.02 -33.08 41.97
C GLY Q 16 -3.27 -33.93 42.15
N ILE Q 17 -4.43 -33.29 42.39
CA ILE Q 17 -5.65 -34.04 42.65
C ILE Q 17 -6.01 -34.92 41.47
N PHE Q 18 -5.95 -34.36 40.25
CA PHE Q 18 -6.34 -35.14 39.08
C PHE Q 18 -5.39 -36.31 38.87
N ILE Q 19 -4.09 -36.09 39.03
CA ILE Q 19 -3.12 -37.15 38.84
C ILE Q 19 -3.35 -38.28 39.83
N ASN Q 20 -3.53 -37.93 41.11
CA ASN Q 20 -3.76 -38.96 42.11
C ASN Q 20 -5.06 -39.72 41.85
N SER Q 21 -6.12 -39.01 41.47
CA SER Q 21 -7.38 -39.68 41.19
C SER Q 21 -7.24 -40.61 39.99
N LEU Q 22 -6.52 -40.20 38.97
CA LEU Q 22 -6.32 -41.07 37.82
C LEU Q 22 -5.54 -42.31 38.20
N ILE Q 23 -4.50 -42.16 39.03
CA ILE Q 23 -3.76 -43.33 39.48
C ILE Q 23 -4.67 -44.29 40.22
N ALA Q 24 -5.50 -43.77 41.12
CA ALA Q 24 -6.39 -44.64 41.87
C ALA Q 24 -7.37 -45.36 40.95
N ALA Q 25 -7.94 -44.65 39.99
CA ALA Q 25 -8.88 -45.29 39.08
C ALA Q 25 -8.21 -46.37 38.26
N LEU Q 26 -7.00 -46.10 37.77
CA LEU Q 26 -6.26 -47.09 37.01
C LEU Q 26 -5.98 -48.33 37.84
N THR Q 27 -5.59 -48.15 39.10
CA THR Q 27 -5.33 -49.31 39.92
C THR Q 27 -6.61 -50.10 40.18
N ILE Q 28 -7.74 -49.42 40.34
CA ILE Q 28 -8.99 -50.14 40.56
C ILE Q 28 -9.31 -51.00 39.34
N GLY Q 29 -9.26 -50.41 38.16
CA GLY Q 29 -9.57 -51.15 36.95
C GLY Q 29 -8.62 -52.32 36.73
N GLY Q 30 -7.32 -52.07 36.90
CA GLY Q 30 -6.35 -53.13 36.73
C GLY Q 30 -6.55 -54.27 37.70
N GLN Q 31 -6.81 -53.94 38.96
CA GLN Q 31 -7.05 -54.98 39.95
C GLN Q 31 -8.27 -55.80 39.59
N GLN Q 32 -9.34 -55.15 39.16
CA GLN Q 32 -10.55 -55.88 38.81
C GLN Q 32 -10.28 -56.85 37.67
N LEU Q 33 -9.65 -56.36 36.59
CA LEU Q 33 -9.36 -57.25 35.46
C LEU Q 33 -8.46 -58.40 35.89
N PHE Q 34 -7.41 -58.09 36.64
CA PHE Q 34 -6.48 -59.12 37.11
C PHE Q 34 -7.20 -60.20 37.89
N SER Q 35 -7.95 -59.81 38.92
CA SER Q 35 -8.65 -60.79 39.74
C SER Q 35 -9.64 -61.60 38.93
N SER Q 36 -10.36 -60.94 38.02
CA SER Q 36 -11.35 -61.68 37.24
C SER Q 36 -10.70 -62.67 36.30
N SER Q 37 -9.47 -62.41 35.85
CA SER Q 37 -8.91 -63.27 34.82
C SER Q 37 -8.14 -64.45 35.41
N THR Q 38 -7.18 -64.19 36.30
CA THR Q 38 -6.20 -65.20 36.66
C THR Q 38 -6.21 -65.57 38.13
N PHE Q 39 -7.38 -65.82 38.70
CA PHE Q 39 -7.46 -66.19 40.11
C PHE Q 39 -8.32 -67.42 40.29
N SER Q 40 -7.80 -68.40 41.03
CA SER Q 40 -8.55 -69.59 41.37
C SER Q 40 -7.93 -70.20 42.62
N CYS Q 41 -8.75 -70.46 43.62
CA CYS Q 41 -8.24 -70.94 44.89
C CYS Q 41 -7.64 -72.33 44.66
N PRO Q 42 -6.48 -72.62 45.25
CA PRO Q 42 -5.90 -73.95 45.08
C PRO Q 42 -6.67 -75.08 45.74
N CYS Q 43 -7.31 -74.83 46.88
CA CYS Q 43 -8.05 -75.87 47.60
C CYS Q 43 -7.15 -77.07 47.91
N GLN Q 44 -5.87 -76.80 48.15
CA GLN Q 44 -4.94 -77.83 48.57
C GLN Q 44 -4.95 -77.93 50.09
N VAL Q 45 -3.98 -78.65 50.66
CA VAL Q 45 -4.03 -78.96 52.08
C VAL Q 45 -3.40 -77.84 52.91
N GLY Q 46 -2.16 -77.47 52.61
CA GLY Q 46 -1.47 -76.46 53.38
C GLY Q 46 -0.97 -75.32 52.52
N LYS Q 47 -1.16 -75.43 51.22
CA LYS Q 47 -0.65 -74.47 50.26
C LYS Q 47 -1.71 -73.47 49.81
N ASN Q 48 -2.65 -73.16 50.68
CA ASN Q 48 -3.69 -72.17 50.38
C ASN Q 48 -3.34 -70.79 50.90
N PHE Q 49 -2.87 -70.71 52.15
CA PHE Q 49 -2.60 -69.43 52.78
C PHE Q 49 -1.56 -68.64 52.00
N TYR Q 50 -0.55 -69.33 51.46
CA TYR Q 50 0.44 -68.64 50.65
C TYR Q 50 -0.18 -68.09 49.38
N TYR Q 51 -1.03 -68.89 48.72
CA TYR Q 51 -1.64 -68.42 47.48
C TYR Q 51 -2.53 -67.23 47.72
N GLY Q 52 -3.07 -67.10 48.92
CA GLY Q 52 -3.82 -65.89 49.23
C GLY Q 52 -2.90 -64.72 49.51
N SER Q 53 -1.95 -64.93 50.42
CA SER Q 53 -1.09 -63.84 50.85
C SER Q 53 -0.30 -63.24 49.71
N ALA Q 54 0.09 -64.05 48.73
CA ALA Q 54 0.85 -63.51 47.61
C ALA Q 54 0.04 -62.45 46.88
N PHE Q 55 -1.16 -62.81 46.41
CA PHE Q 55 -1.99 -61.84 45.71
C PHE Q 55 -2.36 -60.68 46.61
N LEU Q 56 -2.40 -60.90 47.93
CA LEU Q 56 -2.80 -59.81 48.80
C LEU Q 56 -1.68 -58.79 48.98
N VAL Q 57 -0.44 -59.23 49.05
CA VAL Q 57 0.67 -58.40 49.48
C VAL Q 57 1.59 -58.02 48.31
N ILE Q 58 2.09 -59.01 47.58
CA ILE Q 58 3.17 -58.75 46.63
C ILE Q 58 2.87 -57.59 45.69
N PRO Q 59 1.68 -57.48 45.08
CA PRO Q 59 1.40 -56.29 44.29
C PRO Q 59 1.56 -55.00 45.06
N ALA Q 60 1.26 -54.98 46.36
CA ALA Q 60 1.47 -53.76 47.13
C ALA Q 60 2.93 -53.37 47.14
N LEU Q 61 3.81 -54.31 47.50
CA LEU Q 61 5.24 -54.00 47.52
C LEU Q 61 5.73 -53.58 46.14
N ILE Q 62 5.31 -54.29 45.10
CA ILE Q 62 5.79 -53.95 43.76
C ILE Q 62 5.35 -52.54 43.38
N LEU Q 63 4.07 -52.24 43.53
CA LEU Q 63 3.58 -50.93 43.13
C LEU Q 63 4.18 -49.83 43.99
N LEU Q 64 4.41 -50.09 45.28
CA LEU Q 64 5.02 -49.08 46.13
C LEU Q 64 6.45 -48.79 45.71
N VAL Q 65 7.26 -49.83 45.53
CA VAL Q 65 8.64 -49.62 45.10
C VAL Q 65 8.68 -48.94 43.73
N ALA Q 66 7.75 -49.30 42.85
CA ALA Q 66 7.74 -48.67 41.53
C ALA Q 66 7.36 -47.20 41.63
N GLY Q 67 6.34 -46.87 42.42
CA GLY Q 67 5.94 -45.49 42.61
C GLY Q 67 6.97 -44.64 43.32
N PHE Q 68 7.84 -45.27 44.11
CA PHE Q 68 8.93 -44.53 44.75
C PHE Q 68 10.09 -44.33 43.80
N ALA Q 69 10.60 -45.42 43.23
CA ALA Q 69 11.82 -45.35 42.44
C ALA Q 69 11.66 -44.60 41.13
N LEU Q 70 10.44 -44.51 40.60
CA LEU Q 70 10.24 -43.85 39.32
C LEU Q 70 10.28 -42.34 39.40
N ARG Q 71 10.25 -41.76 40.60
CA ARG Q 71 10.29 -40.31 40.72
C ARG Q 71 11.72 -39.84 40.59
N SER Q 72 11.98 -39.03 39.56
CA SER Q 72 13.33 -38.58 39.26
C SER Q 72 13.97 -37.90 40.47
N GLN Q 73 13.20 -37.09 41.20
CA GLN Q 73 13.79 -36.33 42.29
C GLN Q 73 14.31 -37.23 43.40
N MET Q 74 13.68 -38.39 43.60
CA MET Q 74 14.13 -39.29 44.65
C MET Q 74 15.55 -39.78 44.40
N TRP Q 75 15.90 -40.01 43.13
CA TRP Q 75 17.27 -40.43 42.84
C TRP Q 75 18.26 -39.33 43.18
N THR Q 76 17.92 -38.08 42.86
CA THR Q 76 18.82 -36.97 43.18
C THR Q 76 18.98 -36.80 44.68
N ILE Q 77 17.88 -36.95 45.43
CA ILE Q 77 17.95 -36.84 46.88
C ILE Q 77 18.83 -37.95 47.45
N THR Q 78 18.67 -39.17 46.96
CA THR Q 78 19.54 -40.26 47.41
C THR Q 78 20.99 -39.97 47.07
N GLY Q 79 21.26 -39.44 45.88
CA GLY Q 79 22.62 -39.10 45.52
C GLY Q 79 23.21 -38.06 46.46
N GLU Q 80 22.42 -37.06 46.83
CA GLU Q 80 22.83 -36.15 47.90
C GLU Q 80 23.13 -36.91 49.18
N TYR Q 81 22.34 -37.94 49.48
CA TYR Q 81 22.53 -38.70 50.71
C TYR Q 81 23.62 -39.77 50.56
N CYS Q 82 23.59 -40.53 49.48
CA CYS Q 82 24.52 -41.63 49.31
C CYS Q 82 25.95 -41.11 49.14
N CYS Q 83 26.91 -42.02 49.34
CA CYS Q 83 28.32 -41.68 49.19
C CYS Q 83 28.69 -41.58 47.72
N PRO Q 94 21.90 -28.94 59.36
CA PRO Q 94 21.38 -27.56 59.35
C PRO Q 94 20.04 -27.46 58.66
N LEU Q 95 19.96 -26.69 57.58
CA LEU Q 95 18.71 -26.54 56.84
C LEU Q 95 18.59 -27.54 55.71
N GLU Q 96 19.71 -27.95 55.13
CA GLU Q 96 19.67 -28.87 53.99
C GLU Q 96 19.01 -30.18 54.38
N CYS Q 97 19.26 -30.66 55.60
CA CYS Q 97 18.67 -31.91 56.03
C CYS Q 97 17.15 -31.81 56.11
N LYS Q 98 16.64 -30.76 56.75
CA LYS Q 98 15.20 -30.59 56.85
C LYS Q 98 14.57 -30.41 55.48
N LEU Q 99 15.23 -29.69 54.59
CA LEU Q 99 14.67 -29.52 53.25
C LEU Q 99 14.63 -30.84 52.49
N ALA Q 100 15.69 -31.64 52.62
CA ALA Q 100 15.68 -32.96 52.02
C ALA Q 100 14.55 -33.80 52.58
N CYS Q 101 14.32 -33.71 53.89
CA CYS Q 101 13.23 -34.48 54.49
C CYS Q 101 11.88 -34.06 53.93
N LEU Q 102 11.69 -32.76 53.73
CA LEU Q 102 10.42 -32.28 53.17
C LEU Q 102 10.25 -32.74 51.72
N ARG Q 103 11.33 -32.69 50.95
CA ARG Q 103 11.28 -33.17 49.56
C ARG Q 103 10.88 -34.64 49.50
N PHE Q 104 11.59 -35.47 50.27
CA PHE Q 104 11.30 -36.89 50.34
C PHE Q 104 9.86 -37.12 50.79
N PHE Q 105 9.37 -36.32 51.72
CA PHE Q 105 8.01 -36.51 52.20
C PHE Q 105 6.98 -36.21 51.12
N SER Q 106 7.20 -35.15 50.33
CA SER Q 106 6.27 -34.86 49.26
C SER Q 106 6.23 -36.00 48.24
N ILE Q 107 7.40 -36.50 47.87
CA ILE Q 107 7.43 -37.61 46.92
C ILE Q 107 6.72 -38.83 47.50
N THR Q 108 6.91 -39.08 48.80
CA THR Q 108 6.19 -40.17 49.45
C THR Q 108 4.68 -39.95 49.38
N GLY Q 109 4.24 -38.74 49.65
CA GLY Q 109 2.82 -38.44 49.57
C GLY Q 109 2.25 -38.71 48.21
N ARG Q 110 3.06 -38.53 47.17
CA ARG Q 110 2.59 -38.91 45.83
C ARG Q 110 2.56 -40.42 45.69
N ALA Q 111 3.61 -41.11 46.13
CA ALA Q 111 3.79 -42.50 45.76
C ALA Q 111 2.89 -43.46 46.54
N VAL Q 112 2.50 -43.10 47.76
CA VAL Q 112 1.76 -44.04 48.60
C VAL Q 112 0.35 -44.33 48.07
N ILE Q 113 -0.15 -43.53 47.14
CA ILE Q 113 -1.55 -43.67 46.72
C ILE Q 113 -1.84 -45.04 46.10
N ALA Q 114 -0.86 -45.63 45.41
CA ALA Q 114 -1.16 -46.85 44.68
C ALA Q 114 -1.30 -48.07 45.58
N PRO Q 115 -0.31 -48.42 46.41
CA PRO Q 115 -0.45 -49.64 47.21
C PRO Q 115 -1.64 -49.60 48.15
N LEU Q 116 -1.91 -48.45 48.76
CA LEU Q 116 -3.00 -48.39 49.71
C LEU Q 116 -4.34 -48.58 49.02
N THR Q 117 -4.50 -48.02 47.82
CA THR Q 117 -5.75 -48.23 47.11
C THR Q 117 -5.88 -49.66 46.61
N TRP Q 118 -4.76 -50.30 46.25
CA TRP Q 118 -4.83 -51.71 45.88
C TRP Q 118 -5.29 -52.55 47.04
N LEU Q 119 -4.63 -52.40 48.20
CA LEU Q 119 -5.05 -53.14 49.38
C LEU Q 119 -6.52 -52.85 49.71
N ALA Q 120 -6.94 -51.60 49.62
CA ALA Q 120 -8.30 -51.25 49.97
C ALA Q 120 -9.29 -51.97 49.08
N VAL Q 121 -9.09 -51.91 47.76
CA VAL Q 121 -10.07 -52.50 46.86
C VAL Q 121 -10.06 -54.01 46.98
N THR Q 122 -8.89 -54.61 47.19
CA THR Q 122 -8.87 -56.07 47.25
C THR Q 122 -9.44 -56.57 48.56
N LEU Q 123 -9.32 -55.81 49.64
CA LEU Q 123 -9.96 -56.22 50.87
C LEU Q 123 -11.46 -55.98 50.83
N LEU Q 124 -11.90 -54.90 50.20
CA LEU Q 124 -13.33 -54.61 50.15
C LEU Q 124 -14.06 -55.62 49.28
N THR Q 125 -13.51 -55.98 48.13
CA THR Q 125 -14.10 -57.08 47.37
C THR Q 125 -13.95 -58.39 48.15
N GLY Q 126 -12.84 -58.54 48.86
CA GLY Q 126 -12.66 -59.61 49.82
C GLY Q 126 -12.44 -60.99 49.24
N THR Q 127 -12.64 -61.18 47.94
CA THR Q 127 -12.53 -62.52 47.37
C THR Q 127 -11.13 -63.09 47.53
N TYR Q 128 -10.13 -62.25 47.81
CA TYR Q 128 -8.79 -62.76 48.06
C TYR Q 128 -8.66 -63.29 49.48
N TYR Q 129 -9.21 -62.57 50.44
CA TYR Q 129 -8.97 -62.92 51.83
C TYR Q 129 -9.58 -64.27 52.18
N GLU Q 130 -10.76 -64.57 51.65
CA GLU Q 130 -11.39 -65.84 51.96
C GLU Q 130 -10.49 -67.00 51.54
N CYS Q 131 -9.85 -66.91 50.37
CA CYS Q 131 -8.87 -67.92 49.99
C CYS Q 131 -7.64 -67.84 50.87
N ALA Q 132 -7.32 -66.65 51.37
CA ALA Q 132 -6.10 -66.51 52.17
C ALA Q 132 -6.22 -67.26 53.48
N ALA Q 133 -7.37 -67.20 54.13
CA ALA Q 133 -7.55 -67.80 55.44
C ALA Q 133 -8.76 -68.70 55.49
N SER Q 134 -8.96 -69.50 54.45
CA SER Q 134 -10.05 -70.46 54.45
C SER Q 134 -9.75 -71.68 55.30
N GLU Q 135 -8.54 -71.78 55.86
CA GLU Q 135 -8.19 -72.91 56.69
C GLU Q 135 -8.21 -72.60 58.18
N PHE Q 136 -8.13 -71.33 58.56
CA PHE Q 136 -8.04 -70.98 59.97
C PHE Q 136 -9.41 -70.89 60.65
N ALA Q 137 -10.49 -71.23 59.97
CA ALA Q 137 -11.82 -71.08 60.56
C ALA Q 137 -11.95 -71.96 61.78
N SER Q 138 -12.23 -71.35 62.92
CA SER Q 138 -12.37 -72.08 64.18
C SER Q 138 -13.70 -72.81 64.17
N VAL Q 139 -13.65 -74.13 63.95
CA VAL Q 139 -14.86 -74.95 63.92
C VAL Q 139 -14.89 -75.75 65.22
N ASP Q 140 -15.84 -75.41 66.09
CA ASP Q 140 -16.04 -76.13 67.34
C ASP Q 140 -17.50 -76.41 67.66
N HIS Q 141 -18.45 -75.74 67.00
CA HIS Q 141 -19.85 -75.86 67.36
C HIS Q 141 -20.67 -76.31 66.16
N TYR Q 142 -20.18 -77.32 65.45
CA TYR Q 142 -20.87 -77.85 64.29
C TYR Q 142 -20.95 -79.37 64.38
N PRO Q 143 -22.03 -79.97 63.89
CA PRO Q 143 -22.27 -81.38 64.15
C PRO Q 143 -21.45 -82.31 63.28
N MET Q 144 -21.06 -81.85 62.08
CA MET Q 144 -20.37 -82.70 61.13
C MET Q 144 -18.86 -82.71 61.33
N PHE Q 145 -18.33 -81.89 62.23
CA PHE Q 145 -16.89 -81.85 62.50
C PHE Q 145 -16.54 -82.47 63.85
N ASP Q 146 -17.41 -83.30 64.41
CA ASP Q 146 -17.14 -83.85 65.74
C ASP Q 146 -16.26 -85.09 65.67
N ASN Q 147 -16.74 -86.15 65.00
CA ASN Q 147 -16.05 -87.43 65.01
C ASN Q 147 -14.94 -87.51 63.98
N VAL Q 148 -15.02 -86.70 62.92
CA VAL Q 148 -14.09 -86.83 61.80
C VAL Q 148 -12.66 -86.53 62.25
N SER Q 149 -11.70 -87.13 61.55
CA SER Q 149 -10.31 -86.99 61.92
C SER Q 149 -9.80 -85.58 61.60
N ALA Q 150 -8.67 -85.24 62.21
CA ALA Q 150 -8.11 -83.89 62.07
C ALA Q 150 -7.72 -83.61 60.63
N SER Q 151 -6.91 -84.50 60.03
CA SER Q 151 -6.50 -84.30 58.65
C SER Q 151 -7.71 -84.33 57.71
N LYS Q 152 -8.68 -85.20 58.00
CA LYS Q 152 -9.91 -85.19 57.23
C LYS Q 152 -10.63 -83.86 57.36
N ARG Q 153 -10.57 -83.26 58.55
CA ARG Q 153 -11.16 -81.94 58.75
C ARG Q 153 -10.44 -80.89 57.93
N GLU Q 154 -9.10 -80.93 57.92
CA GLU Q 154 -8.34 -80.00 57.08
C GLU Q 154 -8.72 -80.14 55.62
N GLU Q 155 -8.81 -81.38 55.15
CA GLU Q 155 -9.17 -81.62 53.75
C GLU Q 155 -10.54 -81.06 53.42
N ILE Q 156 -11.53 -81.35 54.27
CA ILE Q 156 -12.88 -80.90 53.98
C ILE Q 156 -13.02 -79.40 54.20
N LEU Q 157 -12.14 -78.81 54.99
CA LEU Q 157 -12.22 -77.38 55.28
C LEU Q 157 -11.60 -76.55 54.16
N ALA Q 158 -10.45 -76.99 53.64
CA ALA Q 158 -9.78 -76.21 52.61
C ALA Q 158 -10.47 -76.31 51.26
N GLY Q 159 -11.42 -77.23 51.09
CA GLY Q 159 -12.11 -77.36 49.83
C GLY Q 159 -13.30 -76.45 49.67
N PHE Q 160 -13.65 -75.71 50.72
CA PHE Q 160 -14.86 -74.89 50.70
C PHE Q 160 -14.87 -73.84 49.60
N PRO Q 161 -13.86 -72.98 49.45
CA PRO Q 161 -14.03 -71.80 48.58
C PRO Q 161 -14.33 -72.12 47.13
N CYS Q 162 -13.62 -73.08 46.54
CA CYS Q 162 -13.65 -73.23 45.09
C CYS Q 162 -14.92 -73.89 44.59
N CYS Q 163 -15.30 -75.05 45.12
CA CYS Q 163 -16.42 -75.76 44.52
C CYS Q 163 -17.34 -76.31 45.60
N ARG Q 164 -18.48 -76.83 45.16
CA ARG Q 164 -19.46 -77.42 46.06
C ARG Q 164 -20.20 -78.56 45.37
N SER Q 165 -20.18 -79.73 46.00
CA SER Q 165 -20.95 -80.88 45.52
C SER Q 165 -21.58 -81.68 46.64
N ALA Q 166 -21.41 -81.29 47.89
CA ALA Q 166 -21.80 -82.10 49.05
C ALA Q 166 -23.29 -81.91 49.34
N PRO Q 167 -23.83 -82.64 50.34
CA PRO Q 167 -25.23 -82.43 50.75
C PRO Q 167 -25.53 -81.03 51.29
N SER Q 168 -26.79 -80.82 51.67
CA SER Q 168 -27.26 -79.47 51.99
C SER Q 168 -26.53 -78.89 53.20
N ASP Q 169 -26.43 -79.66 54.29
CA ASP Q 169 -25.86 -79.12 55.51
C ASP Q 169 -24.42 -78.65 55.28
N VAL Q 170 -23.67 -79.39 54.47
CA VAL Q 170 -22.29 -79.01 54.19
C VAL Q 170 -22.26 -77.69 53.43
N ILE Q 171 -23.10 -77.53 52.42
CA ILE Q 171 -23.04 -76.29 51.65
C ILE Q 171 -23.56 -75.13 52.49
N LEU Q 172 -24.44 -75.40 53.46
CA LEU Q 172 -24.90 -74.33 54.34
C LEU Q 172 -23.80 -73.87 55.27
N VAL Q 173 -23.08 -74.81 55.90
CA VAL Q 173 -21.97 -74.40 56.74
C VAL Q 173 -20.89 -73.73 55.91
N ARG Q 174 -20.77 -74.13 54.65
CA ARG Q 174 -19.85 -73.46 53.72
C ARG Q 174 -20.26 -72.01 53.51
N ASP Q 175 -21.52 -71.77 53.19
CA ASP Q 175 -22.01 -70.41 53.03
C ASP Q 175 -21.78 -69.59 54.29
N GLU Q 176 -21.98 -70.20 55.45
CA GLU Q 176 -21.82 -69.47 56.70
C GLU Q 176 -20.36 -69.06 56.89
N ILE Q 177 -19.43 -70.00 56.68
CA ILE Q 177 -18.02 -69.67 56.82
C ILE Q 177 -17.63 -68.57 55.84
N ALA Q 178 -18.15 -68.65 54.61
CA ALA Q 178 -17.82 -67.65 53.61
C ALA Q 178 -18.29 -66.28 54.04
N LEU Q 179 -19.53 -66.18 54.54
CA LEU Q 179 -20.03 -64.89 54.98
C LEU Q 179 -19.21 -64.33 56.13
N LEU Q 180 -18.86 -65.19 57.10
CA LEU Q 180 -18.03 -64.72 58.21
C LEU Q 180 -16.72 -64.16 57.70
N HIS Q 181 -16.06 -64.88 56.79
CA HIS Q 181 -14.75 -64.43 56.33
C HIS Q 181 -14.87 -63.15 55.51
N ARG Q 182 -15.92 -63.01 54.72
CA ARG Q 182 -16.11 -61.77 53.98
C ARG Q 182 -16.31 -60.60 54.93
N TYR Q 183 -17.08 -60.81 55.99
CA TYR Q 183 -17.24 -59.76 56.99
C TYR Q 183 -15.89 -59.34 57.58
N GLN Q 184 -15.08 -60.33 57.95
CA GLN Q 184 -13.77 -60.01 58.51
C GLN Q 184 -12.93 -59.22 57.52
N SER Q 185 -12.95 -59.63 56.26
CA SER Q 185 -12.16 -58.93 55.25
C SER Q 185 -12.59 -57.48 55.13
N GLN Q 186 -13.90 -57.24 55.03
CA GLN Q 186 -14.35 -55.88 54.83
C GLN Q 186 -14.06 -55.00 56.05
N MET Q 187 -14.21 -55.54 57.25
CA MET Q 187 -13.86 -54.77 58.43
C MET Q 187 -12.38 -54.44 58.44
N LEU Q 188 -11.54 -55.41 58.12
CA LEU Q 188 -10.10 -55.15 58.07
C LEU Q 188 -9.80 -54.06 57.05
N GLY Q 189 -10.50 -54.07 55.93
CA GLY Q 189 -10.28 -53.04 54.92
C GLY Q 189 -10.64 -51.66 55.43
N TRP Q 190 -11.78 -51.53 56.09
CA TRP Q 190 -12.17 -50.22 56.60
C TRP Q 190 -11.18 -49.75 57.66
N ILE Q 191 -10.69 -50.68 58.49
CA ILE Q 191 -9.69 -50.32 59.48
C ILE Q 191 -8.43 -49.80 58.81
N LEU Q 192 -7.99 -50.49 57.75
CA LEU Q 192 -6.81 -50.03 57.03
C LEU Q 192 -7.02 -48.63 56.47
N ILE Q 193 -8.19 -48.37 55.89
CA ILE Q 193 -8.46 -47.04 55.33
C ILE Q 193 -8.41 -45.97 56.42
N THR Q 194 -9.10 -46.21 57.53
CA THR Q 194 -9.14 -45.17 58.55
C THR Q 194 -7.77 -44.92 59.16
N LEU Q 195 -6.99 -45.98 59.40
CA LEU Q 195 -5.67 -45.79 59.96
C LEU Q 195 -4.76 -45.07 58.96
N ALA Q 196 -4.85 -45.43 57.69
CA ALA Q 196 -4.03 -44.75 56.69
C ALA Q 196 -4.37 -43.27 56.62
N THR Q 197 -5.65 -42.94 56.65
CA THR Q 197 -6.04 -41.53 56.56
C THR Q 197 -5.55 -40.76 57.79
N ILE Q 198 -5.76 -41.31 58.98
CA ILE Q 198 -5.34 -40.58 60.17
C ILE Q 198 -3.83 -40.43 60.21
N ALA Q 199 -3.09 -41.45 59.77
CA ALA Q 199 -1.65 -41.35 59.74
C ALA Q 199 -1.19 -40.31 58.73
N ALA Q 200 -1.80 -40.29 57.55
CA ALA Q 200 -1.43 -39.29 56.55
C ALA Q 200 -1.69 -37.89 57.07
N LEU Q 201 -2.84 -37.69 57.72
CA LEU Q 201 -3.17 -36.36 58.22
C LEU Q 201 -2.18 -35.91 59.29
N VAL Q 202 -1.94 -36.76 60.29
CA VAL Q 202 -1.03 -36.36 61.36
C VAL Q 202 0.38 -36.16 60.82
N SER Q 203 0.79 -36.95 59.82
CA SER Q 203 2.12 -36.79 59.27
C SER Q 203 2.25 -35.49 58.49
N CYS Q 204 1.25 -35.15 57.70
CA CYS Q 204 1.30 -33.89 56.97
C CYS Q 204 1.30 -32.71 57.94
N CYS Q 205 0.51 -32.80 59.00
CA CYS Q 205 0.50 -31.71 59.97
C CYS Q 205 1.85 -31.57 60.68
N VAL Q 206 2.46 -32.70 61.04
CA VAL Q 206 3.77 -32.65 61.67
C VAL Q 206 4.80 -32.06 60.72
N ALA Q 207 4.75 -32.44 59.45
CA ALA Q 207 5.68 -31.90 58.48
C ALA Q 207 5.51 -30.39 58.35
N LYS Q 208 4.26 -29.93 58.32
CA LYS Q 208 4.02 -28.49 58.26
C LYS Q 208 4.49 -27.80 59.53
N CYS Q 209 4.43 -28.50 60.66
CA CYS Q 209 4.87 -27.92 61.92
C CYS Q 209 6.39 -27.75 61.96
N CYS Q 210 7.12 -28.83 61.70
CA CYS Q 210 8.57 -28.80 61.80
C CYS Q 210 9.23 -28.06 60.64
N SER Q 211 8.46 -27.51 59.73
CA SER Q 211 9.05 -26.81 58.59
C SER Q 211 9.69 -25.52 59.05
N PRO Q 212 10.90 -25.21 58.59
CA PRO Q 212 11.55 -23.94 58.95
C PRO Q 212 11.10 -22.77 58.11
N LEU Q 213 10.33 -22.98 57.06
CA LEU Q 213 9.96 -21.92 56.15
C LEU Q 213 8.55 -21.41 56.46
N THR Q 214 8.26 -20.23 55.93
CA THR Q 214 6.97 -19.58 56.15
C THR Q 214 5.93 -20.16 55.20
N SER Q 215 4.76 -19.53 55.15
CA SER Q 215 3.70 -19.95 54.24
C SER Q 215 3.92 -19.48 52.81
N LEU Q 216 4.93 -18.65 52.59
CA LEU Q 216 5.22 -18.11 51.26
C LEU Q 216 6.55 -18.60 50.69
N GLN Q 217 7.57 -18.73 51.53
CA GLN Q 217 8.85 -19.25 51.04
C GLN Q 217 8.71 -20.64 50.47
N HIS Q 218 7.75 -21.43 50.96
CA HIS Q 218 7.60 -22.79 50.49
C HIS Q 218 7.21 -22.84 49.02
N CYS Q 219 6.22 -22.03 48.63
CA CYS Q 219 5.79 -22.03 47.23
C CYS Q 219 6.91 -21.54 46.32
N TYR Q 220 7.56 -20.45 46.70
CA TYR Q 220 8.73 -19.98 45.99
C TYR Q 220 9.76 -21.09 45.84
N TRP Q 221 9.94 -21.89 46.89
CA TRP Q 221 10.95 -22.94 46.86
C TRP Q 221 10.59 -24.03 45.86
N THR Q 222 9.32 -24.45 45.86
CA THR Q 222 8.91 -25.48 44.93
C THR Q 222 9.06 -25.02 43.49
N SER Q 223 8.62 -23.79 43.21
CA SER Q 223 8.79 -23.25 41.87
C SER Q 223 10.27 -23.17 41.50
N HIS Q 224 11.10 -22.78 42.46
CA HIS Q 224 12.54 -22.75 42.24
C HIS Q 224 13.04 -24.12 41.78
N LEU Q 225 12.70 -25.17 42.52
CA LEU Q 225 13.18 -26.50 42.17
C LEU Q 225 12.74 -26.89 40.76
N GLN Q 226 11.44 -26.80 40.50
CA GLN Q 226 10.93 -27.27 39.21
C GLN Q 226 11.55 -26.51 38.05
N ASN Q 227 11.49 -25.18 38.11
CA ASN Q 227 12.02 -24.40 36.99
C ASN Q 227 13.52 -24.56 36.86
N GLU Q 228 14.22 -24.74 37.97
CA GLU Q 228 15.65 -25.01 37.91
C GLU Q 228 15.92 -26.25 37.07
N ARG Q 229 15.27 -27.36 37.42
CA ARG Q 229 15.50 -28.59 36.67
C ARG Q 229 15.25 -28.36 35.19
N GLU Q 230 14.09 -27.80 34.85
CA GLU Q 230 13.72 -27.66 33.45
C GLU Q 230 14.72 -26.79 32.69
N LEU Q 231 15.03 -25.61 33.23
CA LEU Q 231 15.91 -24.69 32.52
C LEU Q 231 17.29 -25.26 32.36
N PHE Q 232 17.84 -25.90 33.40
CA PHE Q 232 19.17 -26.46 33.26
C PHE Q 232 19.20 -27.54 32.19
N GLU Q 233 18.16 -28.37 32.13
CA GLU Q 233 18.11 -29.37 31.07
C GLU Q 233 18.17 -28.71 29.70
N GLN Q 234 17.30 -27.73 29.48
CA GLN Q 234 17.25 -27.09 28.16
C GLN Q 234 18.58 -26.44 27.81
N ALA Q 235 19.20 -25.77 28.78
CA ALA Q 235 20.44 -25.05 28.51
C ALA Q 235 21.57 -26.03 28.19
N ALA Q 236 21.69 -27.09 28.97
CA ALA Q 236 22.73 -28.08 28.69
C ALA Q 236 22.56 -28.67 27.31
N GLU Q 237 21.33 -29.00 26.95
CA GLU Q 237 21.09 -29.54 25.62
C GLU Q 237 21.57 -28.56 24.54
N GLN Q 238 21.12 -27.31 24.63
CA GLN Q 238 21.47 -26.35 23.59
C GLN Q 238 22.97 -26.11 23.52
N HIS Q 239 23.63 -26.04 24.68
CA HIS Q 239 25.06 -25.79 24.70
C HIS Q 239 25.83 -26.92 24.06
N SER Q 240 25.50 -28.16 24.43
CA SER Q 240 26.21 -29.28 23.82
C SER Q 240 25.94 -29.35 22.33
N ARG Q 241 24.72 -29.02 21.92
CA ARG Q 241 24.43 -28.99 20.48
C ARG Q 241 25.30 -27.98 19.77
N LEU Q 242 25.43 -26.78 20.33
CA LEU Q 242 26.26 -25.78 19.69
C LEU Q 242 27.72 -26.21 19.62
N LEU Q 243 28.24 -26.81 20.69
CA LEU Q 243 29.64 -27.22 20.68
C LEU Q 243 29.88 -28.31 19.65
N MET Q 244 28.99 -29.31 19.59
CA MET Q 244 29.15 -30.35 18.58
C MET Q 244 29.03 -29.76 17.18
N MET Q 245 28.16 -28.77 17.00
CA MET Q 245 28.03 -28.12 15.71
C MET Q 245 29.31 -27.41 15.32
N HIS Q 246 29.96 -26.76 16.28
CA HIS Q 246 31.22 -26.10 16.00
C HIS Q 246 32.30 -27.11 15.62
N ARG Q 247 32.36 -28.24 16.33
CA ARG Q 247 33.34 -29.26 15.93
C ARG Q 247 33.07 -29.77 14.52
N ILE Q 248 31.79 -29.99 14.20
CA ILE Q 248 31.45 -30.44 12.85
C ILE Q 248 31.91 -29.43 11.83
N LYS Q 249 31.66 -28.15 12.07
CA LYS Q 249 32.05 -27.13 11.11
C LYS Q 249 33.56 -27.04 10.98
N LYS Q 250 34.29 -27.24 12.07
CA LYS Q 250 35.75 -27.26 11.97
C LYS Q 250 36.22 -28.43 11.13
N LEU Q 251 35.53 -29.57 11.23
CA LEU Q 251 35.96 -30.72 10.46
C LEU Q 251 35.60 -30.59 8.98
N PHE Q 252 34.31 -30.50 8.67
CA PHE Q 252 33.89 -30.52 7.28
C PHE Q 252 34.01 -29.17 6.60
N GLY Q 253 33.94 -28.09 7.36
CA GLY Q 253 34.12 -26.77 6.82
C GLY Q 253 32.89 -25.92 6.70
N PHE Q 254 31.82 -26.25 7.41
CA PHE Q 254 30.58 -25.48 7.33
C PHE Q 254 29.67 -25.91 8.45
N ILE Q 255 28.77 -25.01 8.82
CA ILE Q 255 27.78 -25.32 9.86
C ILE Q 255 26.67 -26.16 9.24
N PRO Q 256 26.27 -27.26 9.86
CA PRO Q 256 25.26 -28.12 9.21
C PRO Q 256 23.94 -27.44 8.97
N GLY Q 257 23.47 -26.62 9.91
CA GLY Q 257 22.20 -25.95 9.75
C GLY Q 257 22.22 -24.92 8.64
N SER Q 258 23.27 -24.91 7.86
CA SER Q 258 23.41 -23.92 6.80
C SER Q 258 22.78 -24.43 5.52
N GLU Q 259 22.70 -23.49 4.58
CA GLU Q 259 22.28 -23.67 3.20
C GLU Q 259 23.16 -22.83 2.29
N ASP Q 260 23.25 -23.28 1.04
CA ASP Q 260 24.01 -22.65 -0.04
C ASP Q 260 25.47 -22.39 0.34
N VAL Q 261 26.07 -23.32 1.08
CA VAL Q 261 27.46 -23.17 1.50
C VAL Q 261 28.36 -23.22 0.28
N LYS Q 262 29.29 -22.28 0.19
CA LYS Q 262 30.17 -22.22 -0.97
C LYS Q 262 31.58 -22.72 -0.68
N HIS Q 263 31.81 -23.39 0.46
CA HIS Q 263 33.14 -23.91 0.73
C HIS Q 263 33.02 -25.23 1.47
N ILE Q 264 33.79 -26.22 1.01
CA ILE Q 264 33.76 -27.58 1.55
C ILE Q 264 35.18 -28.02 1.83
N ARG Q 265 35.42 -28.60 3.00
CA ARG Q 265 36.74 -29.07 3.36
C ARG Q 265 36.71 -30.60 3.39
N ILE Q 266 37.48 -31.23 2.52
CA ILE Q 266 37.56 -32.69 2.53
C ILE Q 266 38.36 -33.14 3.74
N PRO Q 267 37.89 -34.12 4.50
CA PRO Q 267 38.64 -34.55 5.68
C PRO Q 267 39.87 -35.34 5.30
N SER Q 268 40.82 -35.39 6.22
CA SER Q 268 42.01 -36.21 6.04
C SER Q 268 41.81 -37.56 6.69
N CYS Q 269 42.69 -38.50 6.36
CA CYS Q 269 42.57 -39.84 6.93
C CYS Q 269 42.86 -39.88 8.42
N GLN Q 270 43.23 -38.75 9.02
CA GLN Q 270 43.46 -38.65 10.45
C GLN Q 270 42.36 -37.91 11.18
N ASP Q 271 41.72 -36.93 10.53
CA ASP Q 271 40.65 -36.17 11.17
C ASP Q 271 39.58 -37.10 11.72
N TRP Q 272 39.29 -38.19 11.01
CA TRP Q 272 38.37 -39.19 11.54
C TRP Q 272 38.89 -39.74 12.86
N LYS Q 273 40.19 -39.98 12.96
CA LYS Q 273 40.77 -40.43 14.22
C LYS Q 273 40.60 -39.38 15.31
N ASP Q 274 40.67 -38.11 14.93
CA ASP Q 274 40.55 -37.05 15.93
C ASP Q 274 39.13 -36.95 16.47
N ILE Q 275 38.13 -36.90 15.58
CA ILE Q 275 36.75 -36.72 16.01
C ILE Q 275 36.22 -37.94 16.74
N SER Q 276 36.98 -39.02 16.76
CA SER Q 276 36.52 -40.26 17.37
C SER Q 276 36.27 -40.10 18.86
N VAL Q 277 37.03 -39.26 19.55
CA VAL Q 277 36.88 -39.13 21.00
C VAL Q 277 35.85 -38.06 21.31
N PRO Q 278 35.09 -38.21 22.40
CA PRO Q 278 33.97 -37.29 22.67
C PRO Q 278 34.26 -36.12 23.60
N THR Q 279 35.46 -36.02 24.17
CA THR Q 279 35.89 -34.95 25.07
C THR Q 279 35.08 -34.97 26.38
N LEU Q 280 34.11 -35.87 26.50
CA LEU Q 280 33.28 -35.99 27.70
C LEU Q 280 32.62 -34.67 28.07
N THR R 4 1.28 -29.26 15.56
CA THR R 4 1.52 -29.49 16.97
C THR R 4 1.75 -31.00 17.17
N LEU R 5 1.48 -31.77 16.12
CA LEU R 5 1.58 -33.22 16.21
C LEU R 5 3.00 -33.65 16.57
N ASN R 6 3.98 -33.26 15.75
CA ASN R 6 5.35 -33.73 15.94
C ASN R 6 5.89 -33.39 17.32
N ASN R 7 5.41 -32.31 17.93
CA ASN R 7 5.78 -31.99 19.31
C ASN R 7 5.39 -33.13 20.25
N ILE R 8 4.12 -33.52 20.25
CA ILE R 8 3.68 -34.59 21.15
C ILE R 8 4.30 -35.92 20.76
N VAL R 9 4.55 -36.13 19.46
CA VAL R 9 5.19 -37.37 19.03
C VAL R 9 6.59 -37.48 19.63
N SER R 10 7.38 -36.41 19.52
CA SER R 10 8.70 -36.45 20.12
C SER R 10 8.63 -36.53 21.63
N SER R 11 7.63 -35.88 22.25
CA SER R 11 7.53 -35.91 23.70
C SER R 11 7.29 -37.32 24.20
N LEU R 12 6.37 -38.06 23.57
CA LEU R 12 6.17 -39.44 23.97
C LEU R 12 7.35 -40.31 23.58
N GLN R 13 7.98 -40.03 22.44
CA GLN R 13 9.11 -40.84 21.99
C GLN R 13 10.28 -40.76 22.95
N ARG R 14 10.48 -39.61 23.59
CA ARG R 14 11.51 -39.54 24.62
C ARG R 14 11.06 -40.22 25.89
N ASN R 15 9.75 -40.20 26.17
CA ASN R 15 9.22 -40.74 27.42
C ASN R 15 9.39 -42.25 27.44
N GLY R 16 10.29 -42.73 28.30
CA GLY R 16 10.53 -44.16 28.40
C GLY R 16 9.36 -44.96 28.93
N ILE R 17 8.57 -44.38 29.83
CA ILE R 17 7.47 -45.12 30.45
C ILE R 17 6.48 -45.60 29.39
N PHE R 18 6.09 -44.71 28.48
CA PHE R 18 5.10 -45.09 27.47
C PHE R 18 5.63 -46.17 26.56
N ILE R 19 6.90 -46.07 26.15
CA ILE R 19 7.48 -47.08 25.26
C ILE R 19 7.51 -48.44 25.95
N ASN R 20 7.97 -48.47 27.19
CA ASN R 20 8.03 -49.74 27.91
C ASN R 20 6.64 -50.33 28.11
N SER R 21 5.67 -49.50 28.46
CA SER R 21 4.32 -50.00 28.65
C SER R 21 3.74 -50.54 27.35
N LEU R 22 4.01 -49.87 26.24
CA LEU R 22 3.52 -50.37 24.97
C LEU R 22 4.15 -51.70 24.62
N ILE R 23 5.46 -51.84 24.86
CA ILE R 23 6.11 -53.13 24.61
C ILE R 23 5.46 -54.22 25.44
N ALA R 24 5.22 -53.95 26.71
CA ALA R 24 4.61 -54.98 27.56
C ALA R 24 3.22 -55.35 27.06
N ALA R 25 2.41 -54.35 26.69
CA ALA R 25 1.07 -54.66 26.21
C ALA R 25 1.12 -55.48 24.93
N LEU R 26 2.02 -55.11 24.02
CA LEU R 26 2.16 -55.86 22.78
C LEU R 26 2.55 -57.31 23.05
N THR R 27 3.47 -57.53 23.97
CA THR R 27 3.86 -58.91 24.27
C THR R 27 2.72 -59.67 24.90
N ILE R 28 1.91 -59.02 25.74
CA ILE R 28 0.78 -59.73 26.34
C ILE R 28 -0.19 -60.18 25.25
N GLY R 29 -0.56 -59.25 24.36
CA GLY R 29 -1.49 -59.60 23.31
C GLY R 29 -0.96 -60.67 22.39
N GLY R 30 0.31 -60.54 21.98
CA GLY R 30 0.89 -61.54 21.11
C GLY R 30 0.95 -62.91 21.76
N GLN R 31 1.33 -62.97 23.04
CA GLN R 31 1.36 -64.24 23.74
C GLN R 31 -0.01 -64.87 23.79
N GLN R 32 -1.03 -64.07 24.10
CA GLN R 32 -2.38 -64.62 24.18
C GLN R 32 -2.81 -65.21 22.86
N LEU R 33 -2.65 -64.45 21.77
CA LEU R 33 -3.03 -64.97 20.46
C LEU R 33 -2.27 -66.24 20.12
N PHE R 34 -0.95 -66.21 20.34
CA PHE R 34 -0.11 -67.36 20.05
C PHE R 34 -0.59 -68.60 20.78
N SER R 35 -0.73 -68.50 22.11
CA SER R 35 -1.14 -69.65 22.90
C SER R 35 -2.52 -70.14 22.47
N SER R 36 -3.44 -69.22 22.19
CA SER R 36 -4.78 -69.65 21.83
C SER R 36 -4.80 -70.34 20.48
N SER R 37 -3.87 -70.01 19.59
CA SER R 37 -3.97 -70.55 18.25
C SER R 37 -3.25 -71.88 18.09
N THR R 38 -1.97 -71.94 18.47
CA THR R 38 -1.11 -73.05 18.05
C THR R 38 -0.54 -73.83 19.22
N PHE R 39 -1.36 -74.20 20.19
CA PHE R 39 -0.89 -74.96 21.34
C PHE R 39 -1.79 -76.16 21.59
N SER R 40 -1.18 -77.33 21.75
CA SER R 40 -1.90 -78.54 22.09
C SER R 40 -0.91 -79.52 22.70
N CYS R 41 -1.24 -80.02 23.89
CA CYS R 41 -0.31 -80.88 24.60
C CYS R 41 -0.13 -82.17 23.79
N PRO R 42 1.11 -82.67 23.67
CA PRO R 42 1.31 -83.91 22.93
C PRO R 42 0.71 -85.15 23.58
N CYS R 43 0.70 -85.22 24.91
CA CYS R 43 0.19 -86.40 25.62
C CYS R 43 0.89 -87.67 25.16
N GLN R 44 2.17 -87.55 24.83
CA GLN R 44 3.01 -88.69 24.49
C GLN R 44 3.64 -89.23 25.77
N VAL R 45 4.61 -90.13 25.62
CA VAL R 45 5.15 -90.84 26.77
C VAL R 45 6.26 -90.05 27.45
N GLY R 46 7.28 -89.66 26.69
CA GLY R 46 8.40 -88.95 27.27
C GLY R 46 8.68 -87.64 26.59
N LYS R 47 7.91 -87.35 25.53
CA LYS R 47 8.11 -86.17 24.71
C LYS R 47 7.16 -85.04 25.08
N ASN R 48 6.76 -84.95 26.35
CA ASN R 48 5.89 -83.88 26.81
C ASN R 48 6.67 -82.73 27.43
N PHE R 49 7.64 -83.05 28.28
CA PHE R 49 8.39 -82.02 29.00
C PHE R 49 9.10 -81.09 28.04
N TYR R 50 9.63 -81.62 26.95
CA TYR R 50 10.27 -80.76 25.96
C TYR R 50 9.26 -79.83 25.30
N TYR R 51 8.08 -80.36 24.95
CA TYR R 51 7.08 -79.53 24.30
C TYR R 51 6.61 -78.42 25.21
N GLY R 52 6.69 -78.63 26.52
CA GLY R 52 6.38 -77.54 27.42
C GLY R 52 7.52 -76.54 27.52
N SER R 53 8.72 -77.05 27.79
CA SER R 53 9.85 -76.18 28.03
C SER R 53 10.15 -75.31 26.82
N ALA R 54 9.93 -75.80 25.61
CA ALA R 54 10.19 -74.98 24.43
C ALA R 54 9.35 -73.72 24.46
N PHE R 55 8.03 -73.88 24.52
CA PHE R 55 7.16 -72.71 24.56
C PHE R 55 7.43 -71.85 25.78
N LEU R 56 7.93 -72.45 26.87
CA LEU R 56 8.15 -71.65 28.06
C LEU R 56 9.38 -70.78 27.93
N VAL R 57 10.44 -71.28 27.29
CA VAL R 57 11.76 -70.67 27.34
C VAL R 57 12.11 -69.99 26.02
N ILE R 58 12.06 -70.74 24.91
CA ILE R 58 12.64 -70.26 23.66
C ILE R 58 12.17 -68.85 23.28
N PRO R 59 10.88 -68.52 23.36
CA PRO R 59 10.49 -67.13 23.12
C PRO R 59 11.20 -66.13 24.00
N ALA R 60 11.50 -66.49 25.25
CA ALA R 60 12.23 -65.57 26.10
C ALA R 60 13.60 -65.26 25.51
N LEU R 61 14.37 -66.30 25.17
CA LEU R 61 15.69 -66.08 24.60
C LEU R 61 15.59 -65.28 23.31
N ILE R 62 14.65 -65.63 22.44
CA ILE R 62 14.53 -64.93 21.16
C ILE R 62 14.23 -63.46 21.38
N LEU R 63 13.22 -63.16 22.20
CA LEU R 63 12.84 -61.77 22.40
C LEU R 63 13.94 -61.00 23.11
N LEU R 64 14.66 -61.65 24.03
CA LEU R 64 15.76 -60.96 24.72
C LEU R 64 16.88 -60.61 23.76
N VAL R 65 17.33 -61.59 22.97
CA VAL R 65 18.40 -61.31 22.00
C VAL R 65 17.95 -60.26 21.00
N ALA R 66 16.67 -60.30 20.60
CA ALA R 66 16.19 -59.31 19.65
C ALA R 66 16.18 -57.92 20.26
N GLY R 67 15.68 -57.80 21.49
CA GLY R 67 15.65 -56.52 22.17
C GLY R 67 17.02 -55.98 22.50
N PHE R 68 18.02 -56.84 22.61
CA PHE R 68 19.39 -56.38 22.81
C PHE R 68 20.04 -55.94 21.50
N ALA R 69 20.04 -56.84 20.51
CA ALA R 69 20.78 -56.60 19.28
C ALA R 69 20.19 -55.48 18.44
N LEU R 70 18.91 -55.18 18.58
CA LEU R 70 18.28 -54.17 17.75
C LEU R 70 18.62 -52.74 18.17
N ARG R 71 19.21 -52.55 19.34
CA ARG R 71 19.56 -51.20 19.78
C ARG R 71 20.85 -50.78 19.11
N SER R 72 20.77 -49.72 18.31
CA SER R 72 21.91 -49.26 17.54
C SER R 72 23.12 -48.99 18.42
N GLN R 73 22.91 -48.40 19.59
CA GLN R 73 24.04 -48.02 20.43
C GLN R 73 24.82 -49.24 20.90
N MET R 74 24.16 -50.37 21.09
CA MET R 74 24.86 -51.56 21.56
C MET R 74 25.91 -52.01 20.55
N TRP R 75 25.62 -51.89 19.26
CA TRP R 75 26.62 -52.24 18.26
C TRP R 75 27.84 -51.33 18.35
N THR R 76 27.62 -50.04 18.54
CA THR R 76 28.74 -49.11 18.66
C THR R 76 29.57 -49.41 19.90
N ILE R 77 28.90 -49.73 21.01
CA ILE R 77 29.64 -50.05 22.23
C ILE R 77 30.47 -51.31 22.04
N THR R 78 29.88 -52.33 21.40
CA THR R 78 30.65 -53.53 21.11
C THR R 78 31.85 -53.22 20.21
N GLY R 79 31.65 -52.37 19.20
CA GLY R 79 32.76 -51.99 18.34
C GLY R 79 33.87 -51.31 19.11
N GLU R 80 33.50 -50.43 20.04
CA GLU R 80 34.50 -49.89 20.97
C GLU R 80 35.19 -51.02 21.74
N TYR R 81 34.44 -52.06 22.11
CA TYR R 81 35.03 -53.16 22.88
C TYR R 81 35.73 -54.17 21.98
N CYS R 82 35.08 -54.59 20.89
CA CYS R 82 35.65 -55.62 20.04
C CYS R 82 36.92 -55.14 19.35
N CYS R 83 37.70 -56.10 18.85
CA CYS R 83 38.93 -55.79 18.15
C CYS R 83 38.63 -55.27 16.75
N PRO R 94 39.97 -46.39 32.89
CA PRO R 94 39.75 -45.04 33.45
C PRO R 94 38.28 -44.68 33.53
N LEU R 95 37.88 -43.62 32.83
CA LEU R 95 36.48 -43.22 32.83
C LEU R 95 35.70 -43.83 31.68
N GLU R 96 36.36 -44.09 30.56
CA GLU R 96 35.66 -44.62 29.40
C GLU R 96 35.02 -45.97 29.72
N CYS R 97 35.70 -46.79 30.52
CA CYS R 97 35.14 -48.10 30.86
C CYS R 97 33.85 -47.96 31.66
N LYS R 98 33.88 -47.12 32.70
CA LYS R 98 32.67 -46.93 33.51
C LYS R 98 31.55 -46.32 32.69
N LEU R 99 31.87 -45.40 31.80
CA LEU R 99 30.82 -44.81 30.97
C LEU R 99 30.23 -45.85 30.02
N ALA R 100 31.07 -46.70 29.43
CA ALA R 100 30.56 -47.78 28.60
C ALA R 100 29.66 -48.69 29.42
N CYS R 101 30.05 -48.99 30.66
CA CYS R 101 29.22 -49.86 31.48
C CYS R 101 27.86 -49.23 31.74
N LEU R 102 27.83 -47.92 31.99
CA LEU R 102 26.56 -47.24 32.22
C LEU R 102 25.69 -47.25 30.96
N ARG R 103 26.30 -47.02 29.81
CA ARG R 103 25.57 -47.07 28.56
C ARG R 103 24.94 -48.43 28.33
N PHE R 104 25.75 -49.47 28.45
CA PHE R 104 25.28 -50.84 28.30
C PHE R 104 24.16 -51.13 29.29
N PHE R 105 24.29 -50.62 30.51
CA PHE R 105 23.27 -50.89 31.52
C PHE R 105 21.94 -50.25 31.16
N SER R 106 21.97 -49.02 30.64
CA SER R 106 20.72 -48.38 30.24
C SER R 106 20.04 -49.15 29.13
N ILE R 107 20.83 -49.57 28.14
CA ILE R 107 20.23 -50.35 27.05
C ILE R 107 19.65 -51.66 27.57
N THR R 108 20.34 -52.29 28.52
CA THR R 108 19.81 -53.49 29.15
C THR R 108 18.49 -53.20 29.85
N GLY R 109 18.43 -52.10 30.59
CA GLY R 109 17.20 -51.74 31.27
C GLY R 109 16.05 -51.56 30.30
N ARG R 110 16.33 -51.12 29.09
CA ARG R 110 15.27 -51.06 28.09
C ARG R 110 14.92 -52.46 27.60
N ALA R 111 15.92 -53.29 27.33
CA ALA R 111 15.67 -54.52 26.59
C ALA R 111 15.05 -55.62 27.44
N VAL R 112 15.31 -55.64 28.74
CA VAL R 112 14.84 -56.74 29.57
C VAL R 112 13.34 -56.81 29.72
N ILE R 113 12.61 -55.75 29.36
CA ILE R 113 11.17 -55.70 29.64
C ILE R 113 10.41 -56.81 28.90
N ALA R 114 10.87 -57.20 27.71
CA ALA R 114 10.07 -58.14 26.93
C ALA R 114 10.12 -59.57 27.48
N PRO R 115 11.30 -60.19 27.63
CA PRO R 115 11.31 -61.58 28.08
C PRO R 115 10.69 -61.77 29.44
N LEU R 116 10.92 -60.84 30.36
CA LEU R 116 10.38 -61.02 31.70
C LEU R 116 8.86 -60.94 31.70
N THR R 117 8.29 -60.04 30.89
CA THR R 117 6.84 -59.98 30.83
C THR R 117 6.26 -61.19 30.11
N TRP R 118 6.98 -61.74 29.13
CA TRP R 118 6.50 -62.96 28.50
C TRP R 118 6.46 -64.11 29.50
N LEU R 119 7.57 -64.33 30.20
CA LEU R 119 7.59 -65.36 31.24
C LEU R 119 6.50 -65.14 32.28
N ALA R 120 6.32 -63.88 32.70
CA ALA R 120 5.32 -63.60 33.72
C ALA R 120 3.92 -63.98 33.25
N VAL R 121 3.55 -63.54 32.06
CA VAL R 121 2.18 -63.79 31.61
C VAL R 121 1.98 -65.28 31.34
N THR R 122 2.99 -65.96 30.82
CA THR R 122 2.78 -67.37 30.51
C THR R 122 2.76 -68.21 31.77
N LEU R 123 3.48 -67.80 32.82
CA LEU R 123 3.38 -68.55 34.06
C LEU R 123 2.08 -68.24 34.79
N LEU R 124 1.60 -66.99 34.72
CA LEU R 124 0.38 -66.65 35.42
C LEU R 124 -0.82 -67.33 34.79
N THR R 125 -0.91 -67.34 33.47
CA THR R 125 -1.96 -68.15 32.84
C THR R 125 -1.71 -69.63 33.12
N GLY R 126 -0.44 -70.03 33.15
CA GLY R 126 -0.06 -71.35 33.62
C GLY R 126 -0.36 -72.50 32.69
N THR R 127 -1.14 -72.29 31.64
CA THR R 127 -1.52 -73.40 30.77
C THR R 127 -0.32 -74.05 30.11
N TYR R 128 0.83 -73.38 30.08
CA TYR R 128 2.03 -73.99 29.53
C TYR R 128 2.67 -74.93 30.55
N TYR R 129 2.74 -74.50 31.80
CA TYR R 129 3.50 -75.26 32.78
C TYR R 129 2.88 -76.62 33.03
N GLU R 130 1.55 -76.70 33.07
CA GLU R 130 0.91 -77.98 33.31
C GLU R 130 1.32 -79.00 32.26
N CYS R 131 1.39 -78.59 30.99
CA CYS R 131 1.90 -79.48 29.96
C CYS R 131 3.39 -79.72 30.13
N ALA R 132 4.09 -78.75 30.71
CA ALA R 132 5.54 -78.91 30.84
C ALA R 132 5.89 -80.01 31.83
N ALA R 133 5.16 -80.10 32.93
CA ALA R 133 5.48 -81.04 33.99
C ALA R 133 4.28 -81.86 34.38
N SER R 134 3.50 -82.31 33.39
CA SER R 134 2.37 -83.19 33.68
C SER R 134 2.80 -84.62 33.95
N GLU R 135 4.08 -84.92 33.84
CA GLU R 135 4.56 -86.27 34.11
C GLU R 135 5.26 -86.41 35.46
N PHE R 136 5.72 -85.31 36.05
CA PHE R 136 6.47 -85.40 37.29
C PHE R 136 5.59 -85.46 38.53
N ALA R 137 4.27 -85.53 38.38
CA ALA R 137 3.39 -85.51 39.54
C ALA R 137 3.66 -86.71 40.43
N SER R 138 4.01 -86.46 41.68
CA SER R 138 4.32 -87.52 42.63
C SER R 138 3.02 -88.17 43.07
N VAL R 139 2.72 -89.34 42.53
CA VAL R 139 1.51 -90.07 42.89
C VAL R 139 1.91 -91.22 43.81
N ASP R 140 1.51 -91.11 45.07
CA ASP R 140 1.76 -92.17 46.05
C ASP R 140 0.56 -92.46 46.93
N HIS R 141 -0.45 -91.60 46.99
CA HIS R 141 -1.54 -91.76 47.93
C HIS R 141 -2.87 -91.79 47.18
N TYR R 142 -2.93 -92.57 46.11
CA TYR R 142 -4.14 -92.70 45.33
C TYR R 142 -4.43 -94.17 45.07
N PRO R 143 -5.71 -94.54 45.01
CA PRO R 143 -6.06 -95.97 45.01
C PRO R 143 -5.88 -96.63 43.64
N MET R 144 -5.98 -95.85 42.57
CA MET R 144 -5.94 -96.40 41.23
C MET R 144 -4.52 -96.54 40.68
N PHE R 145 -3.52 -96.06 41.40
CA PHE R 145 -2.13 -96.16 40.96
C PHE R 145 -1.32 -97.16 41.79
N ASP R 146 -2.00 -98.08 42.48
CA ASP R 146 -1.27 -99.01 43.34
C ASP R 146 -0.76 -100.22 42.56
N ASN R 147 -1.65 -101.00 41.96
CA ASN R 147 -1.26 -102.25 41.34
C ASN R 147 -0.75 -102.07 39.92
N VAL R 148 -1.14 -100.98 39.25
CA VAL R 148 -0.84 -100.81 37.84
C VAL R 148 0.67 -100.73 37.62
N SER R 149 1.10 -101.12 36.43
CA SER R 149 2.52 -101.16 36.11
C SER R 149 3.07 -99.74 35.95
N ALA R 150 4.40 -99.64 36.02
CA ALA R 150 5.06 -98.35 35.96
C ALA R 150 4.83 -97.66 34.62
N SER R 151 5.12 -98.36 33.53
CA SER R 151 4.91 -97.78 32.21
C SER R 151 3.43 -97.50 31.97
N LYS R 152 2.55 -98.37 32.46
CA LYS R 152 1.13 -98.07 32.39
C LYS R 152 0.79 -96.80 33.16
N ARG R 153 1.47 -96.60 34.29
CA ARG R 153 1.26 -95.37 35.06
C ARG R 153 1.73 -94.15 34.27
N GLU R 154 2.89 -94.24 33.62
CA GLU R 154 3.35 -93.14 32.79
C GLU R 154 2.35 -92.82 31.69
N GLU R 155 1.85 -93.86 31.03
CA GLU R 155 0.88 -93.66 29.95
C GLU R 155 -0.38 -92.98 30.46
N ILE R 156 -0.92 -93.46 31.58
CA ILE R 156 -2.16 -92.88 32.07
C ILE R 156 -1.93 -91.51 32.69
N LEU R 157 -0.69 -91.21 33.09
CA LEU R 157 -0.40 -89.94 33.71
C LEU R 157 -0.19 -88.85 32.68
N ALA R 158 0.52 -89.16 31.60
CA ALA R 158 0.79 -88.14 30.59
C ALA R 158 -0.43 -87.80 29.75
N GLY R 159 -1.50 -88.59 29.82
CA GLY R 159 -2.69 -88.30 29.05
C GLY R 159 -3.65 -87.35 29.70
N PHE R 160 -3.36 -86.94 30.93
CA PHE R 160 -4.29 -86.10 31.68
C PHE R 160 -4.59 -84.76 31.02
N PRO R 161 -3.61 -83.94 30.61
CA PRO R 161 -3.95 -82.55 30.25
C PRO R 161 -4.90 -82.41 29.08
N CYS R 162 -4.70 -83.18 28.01
CA CYS R 162 -5.39 -82.89 26.76
C CYS R 162 -6.86 -83.33 26.77
N CYS R 163 -7.16 -84.57 27.12
CA CYS R 163 -8.53 -85.03 26.97
C CYS R 163 -8.96 -85.83 28.19
N ARG R 164 -10.25 -86.15 28.22
CA ARG R 164 -10.83 -86.94 29.31
C ARG R 164 -11.98 -87.79 28.78
N SER R 165 -11.89 -89.09 29.03
CA SER R 165 -12.97 -90.01 28.70
C SER R 165 -13.20 -91.08 29.77
N ALA R 166 -12.42 -91.09 30.83
CA ALA R 166 -12.40 -92.18 31.80
C ALA R 166 -13.55 -92.03 32.80
N PRO R 167 -13.72 -93.01 33.73
CA PRO R 167 -14.73 -92.86 34.78
C PRO R 167 -14.51 -91.68 35.72
N SER R 168 -15.41 -91.53 36.69
CA SER R 168 -15.45 -90.33 37.51
C SER R 168 -14.18 -90.16 38.34
N ASP R 169 -13.76 -91.22 39.02
CA ASP R 169 -12.61 -91.09 39.91
C ASP R 169 -11.36 -90.65 39.16
N VAL R 170 -11.19 -91.13 37.94
CA VAL R 170 -10.03 -90.75 37.15
C VAL R 170 -10.10 -89.26 36.81
N ILE R 171 -11.27 -88.78 36.38
CA ILE R 171 -11.33 -87.36 36.01
C ILE R 171 -11.21 -86.48 37.24
N LEU R 172 -11.62 -86.99 38.41
CA LEU R 172 -11.44 -86.22 39.63
C LEU R 172 -9.98 -86.10 40.01
N VAL R 173 -9.24 -87.21 39.99
CA VAL R 173 -7.82 -87.11 40.29
C VAL R 173 -7.12 -86.27 39.23
N ARG R 174 -7.63 -86.29 38.00
CA ARG R 174 -7.10 -85.42 36.96
C ARG R 174 -7.30 -83.95 37.32
N ASP R 175 -8.52 -83.58 37.69
CA ASP R 175 -8.79 -82.21 38.11
C ASP R 175 -7.88 -81.81 39.27
N GLU R 176 -7.66 -82.74 40.21
CA GLU R 176 -6.83 -82.41 41.36
C GLU R 176 -5.39 -82.14 40.94
N ILE R 177 -4.83 -83.00 40.10
CA ILE R 177 -3.46 -82.79 39.63
C ILE R 177 -3.37 -81.47 38.89
N ALA R 178 -4.38 -81.16 38.07
CA ALA R 178 -4.35 -79.93 37.30
C ALA R 178 -4.34 -78.72 38.22
N LEU R 179 -5.18 -78.73 39.25
CA LEU R 179 -5.21 -77.60 40.17
C LEU R 179 -3.88 -77.45 40.91
N LEU R 180 -3.30 -78.57 41.35
CA LEU R 180 -2.01 -78.49 42.01
C LEU R 180 -0.96 -77.86 41.10
N HIS R 181 -0.91 -78.29 39.85
CA HIS R 181 0.12 -77.78 38.95
C HIS R 181 -0.11 -76.32 38.62
N ARG R 182 -1.38 -75.91 38.48
CA ARG R 182 -1.64 -74.50 38.24
C ARG R 182 -1.21 -73.65 39.42
N TYR R 183 -1.45 -74.14 40.64
CA TYR R 183 -0.97 -73.43 41.82
C TYR R 183 0.54 -73.26 41.78
N GLN R 184 1.25 -74.35 41.48
CA GLN R 184 2.70 -74.26 41.42
C GLN R 184 3.16 -73.26 40.36
N SER R 185 2.51 -73.27 39.20
CA SER R 185 2.89 -72.33 38.15
C SER R 185 2.71 -70.90 38.60
N GLN R 186 1.57 -70.59 39.20
CA GLN R 186 1.31 -69.20 39.57
C GLN R 186 2.26 -68.74 40.68
N MET R 187 2.55 -69.62 41.64
CA MET R 187 3.51 -69.23 42.66
C MET R 187 4.89 -68.98 42.05
N LEU R 188 5.32 -69.86 41.15
CA LEU R 188 6.60 -69.65 40.49
C LEU R 188 6.62 -68.32 39.76
N GLY R 189 5.50 -67.97 39.12
CA GLY R 189 5.43 -66.69 38.42
C GLY R 189 5.59 -65.51 39.35
N TRP R 190 4.88 -65.54 40.47
CA TRP R 190 5.01 -64.43 41.42
C TRP R 190 6.42 -64.34 41.97
N ILE R 191 7.06 -65.48 42.20
CA ILE R 191 8.43 -65.48 42.66
C ILE R 191 9.34 -64.84 41.62
N LEU R 192 9.14 -65.20 40.36
CA LEU R 192 9.94 -64.59 39.30
C LEU R 192 9.76 -63.08 39.27
N ILE R 193 8.52 -62.61 39.39
CA ILE R 193 8.28 -61.17 39.36
C ILE R 193 8.98 -60.48 40.52
N THR R 194 8.82 -61.00 41.73
CA THR R 194 9.41 -60.31 42.88
C THR R 194 10.94 -60.31 42.80
N LEU R 195 11.53 -61.43 42.38
CA LEU R 195 12.98 -61.47 42.28
C LEU R 195 13.48 -60.53 41.19
N ALA R 196 12.78 -60.48 40.06
CA ALA R 196 13.17 -59.59 38.99
C ALA R 196 13.10 -58.14 39.44
N THR R 197 12.04 -57.77 40.16
CA THR R 197 11.92 -56.39 40.61
C THR R 197 13.01 -56.03 41.61
N ILE R 198 13.27 -56.90 42.58
CA ILE R 198 14.28 -56.58 43.58
C ILE R 198 15.66 -56.50 42.93
N ALA R 199 15.93 -57.38 41.96
CA ALA R 199 17.22 -57.34 41.28
C ALA R 199 17.35 -56.06 40.46
N ALA R 200 16.29 -55.67 39.75
CA ALA R 200 16.36 -54.44 38.97
C ALA R 200 16.60 -53.24 39.88
N LEU R 201 15.92 -53.20 41.02
CA LEU R 201 16.08 -52.06 41.92
C LEU R 201 17.50 -52.00 42.47
N VAL R 202 18.00 -53.11 43.00
CA VAL R 202 19.35 -53.09 43.57
C VAL R 202 20.37 -52.79 42.50
N SER R 203 20.16 -53.27 41.27
CA SER R 203 21.13 -53.01 40.21
C SER R 203 21.14 -51.55 39.82
N CYS R 204 19.96 -50.94 39.69
CA CYS R 204 19.91 -49.53 39.36
C CYS R 204 20.54 -48.69 40.46
N CYS R 205 20.30 -49.05 41.72
CA CYS R 205 20.91 -48.30 42.81
C CYS R 205 22.42 -48.44 42.81
N VAL R 206 22.92 -49.64 42.55
CA VAL R 206 24.36 -49.84 42.48
C VAL R 206 24.96 -49.03 41.34
N ALA R 207 24.29 -49.02 40.19
CA ALA R 207 24.78 -48.25 39.06
C ALA R 207 24.83 -46.77 39.38
N LYS R 208 23.80 -46.27 40.07
CA LYS R 208 23.81 -44.87 40.48
C LYS R 208 24.91 -44.60 41.50
N CYS R 209 25.23 -45.60 42.31
CA CYS R 209 26.27 -45.44 43.32
C CYS R 209 27.66 -45.36 42.69
N CYS R 210 28.00 -46.34 41.86
CA CYS R 210 29.32 -46.41 41.25
C CYS R 210 29.53 -45.39 40.16
N SER R 211 28.55 -44.56 39.87
CA SER R 211 28.69 -43.59 38.80
C SER R 211 29.68 -42.51 39.20
N PRO R 212 30.60 -42.13 38.31
CA PRO R 212 31.55 -41.05 38.63
C PRO R 212 30.99 -39.66 38.41
N LEU R 213 29.81 -39.53 37.83
CA LEU R 213 29.28 -38.22 37.49
C LEU R 213 28.27 -37.77 38.54
N THR R 214 27.98 -36.48 38.52
CA THR R 214 27.05 -35.87 39.47
C THR R 214 25.62 -36.10 39.01
N SER R 215 24.68 -35.43 39.67
CA SER R 215 23.28 -35.51 39.30
C SER R 215 22.92 -34.66 38.10
N LEU R 216 23.86 -33.84 37.62
CA LEU R 216 23.62 -32.94 36.50
C LEU R 216 24.45 -33.30 35.27
N GLN R 217 25.70 -33.71 35.48
CA GLN R 217 26.53 -34.11 34.33
C GLN R 217 25.91 -35.28 33.57
N HIS R 218 25.14 -36.12 34.25
CA HIS R 218 24.55 -37.29 33.59
C HIS R 218 23.55 -36.87 32.52
N CYS R 219 22.65 -35.94 32.84
CA CYS R 219 21.67 -35.50 31.86
C CYS R 219 22.35 -34.83 30.68
N TYR R 220 23.27 -33.92 30.97
CA TYR R 220 24.08 -33.31 29.92
C TYR R 220 24.72 -34.37 29.04
N TRP R 221 25.20 -35.45 29.65
CA TRP R 221 25.90 -36.49 28.90
C TRP R 221 24.94 -37.21 27.96
N THR R 222 23.76 -37.56 28.44
CA THR R 222 22.79 -38.25 27.60
C THR R 222 22.38 -37.38 26.42
N SER R 223 22.08 -36.11 26.69
CA SER R 223 21.74 -35.20 25.60
C SER R 223 22.89 -35.08 24.62
N HIS R 224 24.12 -35.04 25.13
CA HIS R 224 25.29 -35.01 24.27
C HIS R 224 25.30 -36.19 23.32
N LEU R 225 25.14 -37.40 23.86
CA LEU R 225 25.17 -38.59 23.01
C LEU R 225 24.10 -38.53 21.93
N GLN R 226 22.86 -38.31 22.33
CA GLN R 226 21.76 -38.35 21.38
C GLN R 226 21.93 -37.30 20.28
N ASN R 227 22.13 -36.04 20.67
CA ASN R 227 22.24 -34.99 19.67
C ASN R 227 23.47 -35.17 18.81
N GLU R 228 24.56 -35.70 19.39
CA GLU R 228 25.74 -36.01 18.59
C GLU R 228 25.39 -36.95 17.46
N ARG R 229 24.78 -38.09 17.78
CA ARG R 229 24.43 -39.04 16.74
C ARG R 229 23.60 -38.38 15.66
N GLU R 230 22.53 -37.69 16.06
CA GLU R 230 21.61 -37.13 15.07
C GLU R 230 22.31 -36.11 14.17
N LEU R 231 23.03 -35.16 14.76
CA LEU R 231 23.65 -34.11 13.98
C LEU R 231 24.71 -34.66 13.04
N PHE R 232 25.53 -35.61 13.52
CA PHE R 232 26.55 -36.15 12.64
C PHE R 232 25.91 -36.87 11.46
N GLU R 233 24.82 -37.60 11.69
CA GLU R 233 24.14 -38.24 10.56
C GLU R 233 23.70 -37.21 9.54
N GLN R 234 23.01 -36.16 10.00
CA GLN R 234 22.51 -35.15 9.06
C GLN R 234 23.64 -34.49 8.30
N ALA R 235 24.72 -34.16 8.99
CA ALA R 235 25.83 -33.46 8.35
C ALA R 235 26.51 -34.34 7.32
N ALA R 236 26.78 -35.60 7.66
CA ALA R 236 27.40 -36.49 6.70
C ALA R 236 26.54 -36.64 5.46
N GLU R 237 25.23 -36.80 5.65
CA GLU R 237 24.34 -36.90 4.50
C GLU R 237 24.46 -35.68 3.61
N GLN R 238 24.33 -34.49 4.20
CA GLN R 238 24.34 -33.27 3.38
C GLN R 238 25.68 -33.09 2.68
N HIS R 239 26.79 -33.39 3.37
CA HIS R 239 28.10 -33.22 2.77
C HIS R 239 28.29 -34.14 1.59
N SER R 240 27.95 -35.42 1.76
CA SER R 240 28.11 -36.34 0.64
C SER R 240 27.21 -35.96 -0.52
N ARG R 241 26.00 -35.46 -0.22
CA ARG R 241 25.12 -35.00 -1.29
C ARG R 241 25.76 -33.87 -2.06
N LEU R 242 26.33 -32.89 -1.36
CA LEU R 242 26.96 -31.77 -2.05
C LEU R 242 28.14 -32.23 -2.90
N LEU R 243 28.95 -33.14 -2.37
CA LEU R 243 30.11 -33.59 -3.14
C LEU R 243 29.68 -34.32 -4.40
N MET R 244 28.70 -35.23 -4.27
CA MET R 244 28.22 -35.93 -5.46
C MET R 244 27.60 -34.96 -6.44
N MET R 245 26.93 -33.92 -5.94
CA MET R 245 26.36 -32.91 -6.81
C MET R 245 27.45 -32.17 -7.58
N HIS R 246 28.55 -31.86 -6.91
CA HIS R 246 29.65 -31.20 -7.59
C HIS R 246 30.26 -32.10 -8.67
N ARG R 247 30.42 -33.38 -8.38
CA ARG R 247 30.94 -34.29 -9.41
C ARG R 247 29.98 -34.34 -10.60
N ILE R 248 28.69 -34.40 -10.33
CA ILE R 248 27.72 -34.42 -11.42
C ILE R 248 27.84 -33.17 -12.26
N LYS R 249 27.96 -32.00 -11.62
CA LYS R 249 28.05 -30.76 -12.38
C LYS R 249 29.34 -30.70 -13.18
N LYS R 250 30.43 -31.25 -12.64
CA LYS R 250 31.67 -31.29 -13.41
C LYS R 250 31.50 -32.19 -14.64
N LEU R 251 30.74 -33.27 -14.51
CA LEU R 251 30.58 -34.16 -15.65
C LEU R 251 29.64 -33.58 -16.69
N PHE R 252 28.38 -33.35 -16.33
CA PHE R 252 27.39 -32.94 -17.32
C PHE R 252 27.45 -31.45 -17.62
N GLY R 253 27.90 -30.64 -16.68
CA GLY R 253 28.07 -29.23 -16.91
C GLY R 253 27.07 -28.34 -16.22
N PHE R 254 26.39 -28.81 -15.18
CA PHE R 254 25.39 -28.01 -14.50
C PHE R 254 25.00 -28.71 -13.20
N ILE R 255 24.53 -27.92 -12.26
CA ILE R 255 24.06 -28.48 -10.98
C ILE R 255 22.66 -29.05 -11.19
N PRO R 256 22.38 -30.28 -10.74
CA PRO R 256 21.07 -30.86 -11.03
C PRO R 256 19.92 -30.09 -10.44
N GLY R 257 20.06 -29.56 -9.22
CA GLY R 257 18.99 -28.82 -8.60
C GLY R 257 18.69 -27.51 -9.29
N SER R 258 19.29 -27.31 -10.46
CA SER R 258 19.11 -26.06 -11.18
C SER R 258 17.91 -26.14 -12.10
N GLU R 259 17.59 -24.96 -12.63
CA GLU R 259 16.58 -24.70 -13.64
C GLU R 259 17.11 -23.66 -14.63
N ASP R 260 16.55 -23.74 -15.83
CA ASP R 260 16.86 -22.84 -16.96
C ASP R 260 18.36 -22.76 -17.25
N VAL R 261 19.05 -23.90 -17.14
CA VAL R 261 20.48 -23.94 -17.39
C VAL R 261 20.74 -23.67 -18.88
N LYS R 262 21.67 -22.78 -19.16
CA LYS R 262 21.95 -22.41 -20.54
C LYS R 262 23.24 -23.05 -21.07
N HIS R 263 23.82 -24.02 -20.39
CA HIS R 263 25.02 -24.66 -20.91
C HIS R 263 25.01 -26.14 -20.55
N ILE R 264 25.30 -26.98 -21.54
CA ILE R 264 25.28 -28.43 -21.41
C ILE R 264 26.59 -28.99 -21.93
N ARG R 265 27.20 -29.89 -21.20
CA ARG R 265 28.44 -30.52 -21.63
C ARG R 265 28.17 -31.98 -21.95
N ILE R 266 28.35 -32.35 -23.21
CA ILE R 266 28.16 -33.75 -23.60
C ILE R 266 29.33 -34.58 -23.06
N PRO R 267 29.08 -35.71 -22.43
CA PRO R 267 30.18 -36.52 -21.89
C PRO R 267 30.95 -37.21 -22.99
N SER R 268 32.18 -37.57 -22.66
CA SER R 268 33.01 -38.34 -23.57
C SER R 268 32.89 -39.82 -23.25
N CYS R 269 33.34 -40.66 -24.17
CA CYS R 269 33.26 -42.10 -23.97
C CYS R 269 34.16 -42.59 -22.85
N GLN R 270 34.94 -41.71 -22.24
CA GLN R 270 35.80 -42.04 -21.11
C GLN R 270 35.27 -41.51 -19.78
N ASP R 271 34.60 -40.35 -19.80
CA ASP R 271 34.07 -39.78 -18.57
C ASP R 271 33.21 -40.77 -17.82
N TRP R 272 32.45 -41.59 -18.56
CA TRP R 272 31.71 -42.67 -17.92
C TRP R 272 32.63 -43.60 -17.18
N LYS R 273 33.79 -43.93 -17.77
CA LYS R 273 34.77 -44.75 -17.08
C LYS R 273 35.28 -44.06 -15.82
N ASP R 274 35.40 -42.73 -15.86
CA ASP R 274 35.92 -42.01 -14.70
C ASP R 274 34.92 -42.03 -13.55
N ILE R 275 33.66 -41.66 -13.82
CA ILE R 275 32.67 -41.56 -12.76
C ILE R 275 32.30 -42.92 -12.19
N SER R 276 32.79 -44.00 -12.80
CA SER R 276 32.44 -45.34 -12.36
C SER R 276 32.89 -45.62 -10.94
N VAL R 277 34.02 -45.06 -10.51
CA VAL R 277 34.54 -45.35 -9.18
C VAL R 277 33.96 -44.37 -8.17
N PRO R 278 33.75 -44.81 -6.93
CA PRO R 278 33.03 -43.97 -5.94
C PRO R 278 33.90 -43.14 -5.01
N THR R 279 35.23 -43.27 -5.06
CA THR R 279 36.19 -42.54 -4.24
C THR R 279 36.04 -42.90 -2.76
N LEU R 280 35.09 -43.75 -2.41
CA LEU R 280 34.87 -44.19 -1.04
C LEU R 280 34.68 -43.01 -0.09
N THR S 4 2.64 -32.72 5.62
CA THR S 4 3.44 -33.36 6.65
C THR S 4 3.48 -34.86 6.36
N LEU S 5 2.65 -35.27 5.40
CA LEU S 5 2.54 -36.70 5.07
C LEU S 5 3.87 -37.28 4.62
N ASN S 6 4.44 -36.70 3.56
CA ASN S 6 5.65 -37.25 2.97
C ASN S 6 6.80 -37.35 3.97
N ASN S 7 6.82 -36.47 4.97
CA ASN S 7 7.80 -36.59 6.05
C ASN S 7 7.69 -37.94 6.76
N ILE S 8 6.49 -38.26 7.26
CA ILE S 8 6.33 -39.52 7.97
C ILE S 8 6.48 -40.71 7.02
N VAL S 9 6.09 -40.54 5.76
CA VAL S 9 6.26 -41.62 4.79
C VAL S 9 7.74 -41.95 4.62
N SER S 10 8.57 -40.93 4.41
CA SER S 10 10.01 -41.19 4.29
C SER S 10 10.59 -41.70 5.60
N SER S 11 10.08 -41.23 6.74
CA SER S 11 10.61 -41.67 8.02
C SER S 11 10.40 -43.16 8.21
N LEU S 12 9.18 -43.64 7.94
CA LEU S 12 8.94 -45.08 8.03
C LEU S 12 9.68 -45.84 6.94
N GLN S 13 9.77 -45.26 5.73
CA GLN S 13 10.44 -45.95 4.63
C GLN S 13 11.91 -46.20 4.92
N ARG S 14 12.56 -45.28 5.64
CA ARG S 14 13.93 -45.55 6.05
C ARG S 14 13.97 -46.57 7.19
N ASN S 15 12.95 -46.58 8.05
CA ASN S 15 12.93 -47.43 9.23
C ASN S 15 12.84 -48.89 8.80
N GLY S 16 13.93 -49.64 8.99
CA GLY S 16 13.95 -51.04 8.62
C GLY S 16 13.01 -51.92 9.43
N ILE S 17 12.80 -51.59 10.70
CA ILE S 17 11.98 -52.44 11.56
C ILE S 17 10.56 -52.55 11.02
N PHE S 18 9.97 -51.42 10.64
CA PHE S 18 8.60 -51.46 10.15
C PHE S 18 8.48 -52.25 8.86
N ILE S 19 9.43 -52.07 7.95
CA ILE S 19 9.39 -52.80 6.68
C ILE S 19 9.49 -54.30 6.92
N ASN S 20 10.43 -54.72 7.76
CA ASN S 20 10.59 -56.14 8.03
C ASN S 20 9.34 -56.71 8.71
N SER S 21 8.79 -55.98 9.67
CA SER S 21 7.59 -56.46 10.34
C SER S 21 6.43 -56.59 9.37
N LEU S 22 6.28 -55.63 8.46
CA LEU S 22 5.20 -55.71 7.48
C LEU S 22 5.39 -56.91 6.56
N ILE S 23 6.63 -57.17 6.14
CA ILE S 23 6.88 -58.33 5.31
C ILE S 23 6.49 -59.61 6.05
N ALA S 24 6.87 -59.72 7.32
CA ALA S 24 6.53 -60.91 8.07
C ALA S 24 5.03 -61.07 8.21
N ALA S 25 4.32 -59.98 8.51
CA ALA S 25 2.88 -60.08 8.66
C ALA S 25 2.22 -60.50 7.34
N LEU S 26 2.67 -59.92 6.24
CA LEU S 26 2.13 -60.29 4.94
C LEU S 26 2.35 -61.76 4.64
N THR S 27 3.54 -62.28 4.94
CA THR S 27 3.79 -63.69 4.68
C THR S 27 2.92 -64.57 5.56
N ILE S 28 2.68 -64.15 6.81
CA ILE S 28 1.82 -64.95 7.68
C ILE S 28 0.42 -65.03 7.10
N GLY S 29 -0.15 -63.88 6.75
CA GLY S 29 -1.49 -63.87 6.20
C GLY S 29 -1.60 -64.66 4.92
N GLY S 30 -0.64 -64.45 4.00
CA GLY S 30 -0.67 -65.19 2.75
C GLY S 30 -0.57 -66.68 2.95
N GLN S 31 0.32 -67.12 3.84
CA GLN S 31 0.44 -68.54 4.11
C GLN S 31 -0.86 -69.11 4.65
N GLN S 32 -1.49 -68.38 5.58
CA GLN S 32 -2.72 -68.89 6.16
C GLN S 32 -3.79 -69.06 5.08
N LEU S 33 -3.99 -68.03 4.26
CA LEU S 33 -5.00 -68.12 3.20
C LEU S 33 -4.68 -69.26 2.25
N PHE S 34 -3.42 -69.35 1.83
CA PHE S 34 -3.00 -70.40 0.91
C PHE S 34 -3.30 -71.78 1.46
N SER S 35 -2.83 -72.06 2.67
CA SER S 35 -3.05 -73.38 3.26
C SER S 35 -4.53 -73.66 3.42
N SER S 36 -5.31 -72.67 3.85
CA SER S 36 -6.73 -72.92 4.06
C SER S 36 -7.46 -73.20 2.76
N SER S 37 -6.97 -72.65 1.64
CA SER S 37 -7.74 -72.78 0.41
C SER S 37 -7.38 -74.03 -0.38
N THR S 38 -6.10 -74.25 -0.67
CA THR S 38 -5.72 -75.21 -1.68
C THR S 38 -4.83 -76.31 -1.15
N PHE S 39 -5.19 -76.92 -0.02
CA PHE S 39 -4.40 -78.01 0.54
C PHE S 39 -5.27 -79.19 0.89
N SER S 40 -4.87 -80.37 0.45
CA SER S 40 -5.56 -81.61 0.79
C SER S 40 -4.58 -82.75 0.61
N CYS S 41 -4.44 -83.58 1.66
CA CYS S 41 -3.45 -84.64 1.62
C CYS S 41 -3.85 -85.63 0.54
N PRO S 42 -2.90 -86.13 -0.26
CA PRO S 42 -3.26 -87.11 -1.29
C PRO S 42 -3.70 -88.45 -0.75
N CYS S 43 -3.15 -88.91 0.36
CA CYS S 43 -3.49 -90.23 0.93
C CYS S 43 -3.27 -91.33 -0.11
N GLN S 44 -2.27 -91.16 -0.96
CA GLN S 44 -1.87 -92.19 -1.91
C GLN S 44 -0.85 -93.11 -1.25
N VAL S 45 -0.21 -93.95 -2.04
CA VAL S 45 0.66 -94.99 -1.49
C VAL S 45 2.06 -94.47 -1.25
N GLY S 46 2.70 -93.92 -2.27
CA GLY S 46 4.06 -93.45 -2.13
C GLY S 46 4.23 -92.00 -2.52
N LYS S 47 3.15 -91.40 -2.99
CA LYS S 47 3.15 -90.03 -3.50
C LYS S 47 2.67 -89.02 -2.47
N ASN S 48 2.88 -89.29 -1.19
CA ASN S 48 2.49 -88.38 -0.12
C ASN S 48 3.65 -87.49 0.32
N PHE S 49 4.83 -88.08 0.50
CA PHE S 49 5.97 -87.33 1.02
C PHE S 49 6.34 -86.18 0.09
N TYR S 50 6.23 -86.39 -1.22
CA TYR S 50 6.51 -85.30 -2.15
C TYR S 50 5.49 -84.20 -2.01
N TYR S 51 4.20 -84.55 -1.88
CA TYR S 51 3.18 -83.53 -1.77
C TYR S 51 3.34 -82.72 -0.50
N GLY S 52 3.95 -83.30 0.51
CA GLY S 52 4.26 -82.51 1.69
C GLY S 52 5.47 -81.62 1.49
N SER S 53 6.56 -82.24 1.02
CA SER S 53 7.81 -81.51 0.91
C SER S 53 7.70 -80.34 -0.04
N ALA S 54 6.89 -80.45 -1.10
CA ALA S 54 6.74 -79.34 -2.02
C ALA S 54 6.22 -78.10 -1.30
N PHE S 55 5.06 -78.23 -0.66
CA PHE S 55 4.50 -77.09 0.07
C PHE S 55 5.42 -76.64 1.18
N LEU S 56 6.23 -77.54 1.72
CA LEU S 56 7.08 -77.13 2.83
C LEU S 56 8.27 -76.31 2.35
N VAL S 57 8.84 -76.64 1.19
CA VAL S 57 10.12 -76.11 0.76
C VAL S 57 9.97 -75.09 -0.37
N ILE S 58 9.31 -75.49 -1.46
CA ILE S 58 9.36 -74.68 -2.69
C ILE S 58 9.01 -73.22 -2.44
N PRO S 59 7.96 -72.87 -1.69
CA PRO S 59 7.74 -71.45 -1.39
C PRO S 59 8.93 -70.79 -0.73
N ALA S 60 9.68 -71.51 0.11
CA ALA S 60 10.86 -70.90 0.71
C ALA S 60 11.86 -70.48 -0.35
N LEU S 61 12.21 -71.41 -1.24
CA LEU S 61 13.16 -71.07 -2.31
C LEU S 61 12.65 -69.94 -3.17
N ILE S 62 11.37 -69.98 -3.55
CA ILE S 62 10.83 -68.94 -4.41
C ILE S 62 10.91 -67.58 -3.72
N LEU S 63 10.42 -67.50 -2.49
CA LEU S 63 10.41 -66.22 -1.80
C LEU S 63 11.82 -65.72 -1.53
N LEU S 64 12.75 -66.63 -1.23
CA LEU S 64 14.13 -66.22 -1.00
C LEU S 64 14.76 -65.65 -2.26
N VAL S 65 14.65 -66.37 -3.38
CA VAL S 65 15.21 -65.87 -4.62
C VAL S 65 14.55 -64.56 -5.02
N ALA S 66 13.25 -64.42 -4.78
CA ALA S 66 12.57 -63.18 -5.13
C ALA S 66 13.06 -62.04 -4.26
N GLY S 67 13.18 -62.25 -2.95
CA GLY S 67 13.66 -61.23 -2.05
C GLY S 67 15.11 -60.86 -2.28
N PHE S 68 15.90 -61.76 -2.87
CA PHE S 68 17.27 -61.41 -3.22
C PHE S 68 17.34 -60.64 -4.52
N ALA S 69 16.76 -61.21 -5.59
CA ALA S 69 16.92 -60.65 -6.92
C ALA S 69 16.22 -59.31 -7.10
N LEU S 70 15.19 -59.03 -6.30
CA LEU S 70 14.44 -57.79 -6.47
C LEU S 70 15.17 -56.57 -5.93
N ARG S 71 16.24 -56.74 -5.17
CA ARG S 71 16.96 -55.60 -4.63
C ARG S 71 17.88 -55.04 -5.71
N SER S 72 17.63 -53.79 -6.09
CA SER S 72 18.39 -53.17 -7.17
C SER S 72 19.88 -53.22 -6.92
N GLN S 73 20.31 -52.99 -5.68
CA GLN S 73 21.74 -52.91 -5.41
C GLN S 73 22.43 -54.24 -5.66
N MET S 74 21.73 -55.36 -5.47
CA MET S 74 22.36 -56.65 -5.69
C MET S 74 22.77 -56.83 -7.14
N TRP S 75 21.97 -56.31 -8.07
CA TRP S 75 22.36 -56.40 -9.48
C TRP S 75 23.62 -55.61 -9.75
N THR S 76 23.74 -54.41 -9.17
CA THR S 76 24.93 -53.61 -9.37
C THR S 76 26.16 -54.28 -8.78
N ILE S 77 25.99 -54.89 -7.60
CA ILE S 77 27.13 -55.58 -6.98
C ILE S 77 27.56 -56.76 -7.83
N THR S 78 26.60 -57.52 -8.35
CA THR S 78 26.95 -58.61 -9.26
C THR S 78 27.66 -58.11 -10.50
N GLY S 79 27.19 -56.99 -11.06
CA GLY S 79 27.85 -56.42 -12.22
C GLY S 79 29.28 -56.03 -11.93
N GLU S 80 29.52 -55.45 -10.75
CA GLU S 80 30.89 -55.24 -10.29
C GLU S 80 31.66 -56.56 -10.23
N TYR S 81 30.98 -57.64 -9.81
CA TYR S 81 31.65 -58.93 -9.71
C TYR S 81 31.71 -59.68 -11.04
N CYS S 82 30.59 -59.73 -11.77
CA CYS S 82 30.54 -60.49 -13.00
C CYS S 82 31.44 -59.87 -14.07
N CYS S 83 31.75 -60.67 -15.09
CA CYS S 83 32.57 -60.23 -16.20
C CYS S 83 31.78 -59.31 -17.11
N PRO S 94 41.54 -55.55 -1.87
CA PRO S 94 41.82 -54.43 -0.98
C PRO S 94 40.61 -54.06 -0.13
N LEU S 95 40.13 -52.82 -0.28
CA LEU S 95 38.97 -52.39 0.47
C LEU S 95 37.66 -52.61 -0.28
N GLU S 96 37.72 -52.56 -1.62
CA GLU S 96 36.50 -52.70 -2.40
C GLU S 96 35.85 -54.05 -2.16
N CYS S 97 36.66 -55.11 -1.99
CA CYS S 97 36.10 -56.43 -1.75
C CYS S 97 35.33 -56.47 -0.43
N LYS S 98 35.95 -55.98 0.65
CA LYS S 98 35.28 -55.99 1.94
C LYS S 98 34.02 -55.13 1.91
N LEU S 99 34.07 -54.00 1.22
CA LEU S 99 32.88 -53.15 1.15
C LEU S 99 31.77 -53.85 0.37
N ALA S 100 32.12 -54.52 -0.72
CA ALA S 100 31.12 -55.29 -1.45
C ALA S 100 30.53 -56.38 -0.56
N CYS S 101 31.36 -57.03 0.24
CA CYS S 101 30.86 -58.07 1.13
C CYS S 101 29.87 -57.50 2.13
N LEU S 102 30.17 -56.32 2.68
CA LEU S 102 29.25 -55.69 3.63
C LEU S 102 27.94 -55.29 2.97
N ARG S 103 28.03 -54.77 1.75
CA ARG S 103 26.81 -54.41 1.02
C ARG S 103 25.92 -55.64 0.79
N PHE S 104 26.52 -56.70 0.26
CA PHE S 104 25.81 -57.94 0.03
C PHE S 104 25.20 -58.47 1.31
N PHE S 105 25.94 -58.34 2.43
CA PHE S 105 25.42 -58.85 3.69
C PHE S 105 24.21 -58.07 4.17
N SER S 106 24.22 -56.76 4.00
CA SER S 106 23.04 -55.98 4.41
C SER S 106 21.82 -56.38 3.58
N ILE S 107 22.01 -56.52 2.27
CA ILE S 107 20.88 -56.92 1.43
C ILE S 107 20.38 -58.30 1.85
N THR S 108 21.31 -59.21 2.18
CA THR S 108 20.90 -60.52 2.67
C THR S 108 20.10 -60.40 3.95
N GLY S 109 20.55 -59.56 4.88
CA GLY S 109 19.83 -59.36 6.11
C GLY S 109 18.41 -58.87 5.87
N ARG S 110 18.21 -58.09 4.82
CA ARG S 110 16.84 -57.72 4.47
C ARG S 110 16.07 -58.91 3.89
N ALA S 111 16.70 -59.66 2.98
CA ALA S 111 15.95 -60.61 2.18
C ALA S 111 15.60 -61.88 2.92
N VAL S 112 16.39 -62.29 3.91
CA VAL S 112 16.16 -63.57 4.57
C VAL S 112 14.88 -63.62 5.39
N ILE S 113 14.27 -62.47 5.67
CA ILE S 113 13.13 -62.46 6.59
C ILE S 113 11.95 -63.26 6.06
N ALA S 114 11.76 -63.32 4.74
CA ALA S 114 10.55 -63.96 4.23
C ALA S 114 10.60 -65.49 4.32
N PRO S 115 11.60 -66.16 3.75
CA PRO S 115 11.58 -67.63 3.79
C PRO S 115 11.59 -68.19 5.19
N LEU S 116 12.35 -67.58 6.09
CA LEU S 116 12.43 -68.12 7.44
C LEU S 116 11.11 -67.97 8.16
N THR S 117 10.41 -66.87 7.96
CA THR S 117 9.09 -66.74 8.60
C THR S 117 8.07 -67.66 7.98
N TRP S 118 8.18 -67.93 6.67
CA TRP S 118 7.28 -68.90 6.07
C TRP S 118 7.49 -70.28 6.66
N LEU S 119 8.74 -70.74 6.69
CA LEU S 119 9.04 -72.02 7.31
C LEU S 119 8.57 -72.06 8.75
N ALA S 120 8.79 -70.98 9.50
CA ALA S 120 8.42 -70.98 10.90
C ALA S 120 6.93 -71.16 11.06
N VAL S 121 6.14 -70.37 10.34
CA VAL S 121 4.70 -70.44 10.53
C VAL S 121 4.14 -71.77 10.05
N THR S 122 4.69 -72.31 8.96
CA THR S 122 4.14 -73.56 8.46
C THR S 122 4.53 -74.73 9.34
N LEU S 123 5.69 -74.67 9.98
CA LEU S 123 6.03 -75.74 10.91
C LEU S 123 5.25 -75.61 12.20
N LEU S 124 5.01 -74.38 12.67
CA LEU S 124 4.30 -74.21 13.93
C LEU S 124 2.84 -74.63 13.78
N THR S 125 2.18 -74.25 12.70
CA THR S 125 0.85 -74.80 12.46
C THR S 125 0.93 -76.31 12.22
N GLY S 126 2.01 -76.75 11.56
CA GLY S 126 2.33 -78.16 11.46
C GLY S 126 1.47 -78.98 10.54
N THR S 127 0.34 -78.44 10.06
CA THR S 127 -0.55 -79.24 9.23
C THR S 127 0.11 -79.71 7.95
N TYR S 128 1.22 -79.10 7.55
CA TYR S 128 1.94 -79.58 6.38
C TYR S 128 2.79 -80.79 6.71
N TYR S 129 3.47 -80.75 7.85
CA TYR S 129 4.46 -81.78 8.15
C TYR S 129 3.78 -83.14 8.32
N GLU S 130 2.61 -83.17 8.96
CA GLU S 130 1.94 -84.45 9.15
C GLU S 130 1.66 -85.13 7.82
N CYS S 131 1.23 -84.37 6.81
CA CYS S 131 1.08 -84.95 5.47
C CYS S 131 2.43 -85.28 4.88
N ALA S 132 3.48 -84.54 5.27
CA ALA S 132 4.79 -84.78 4.66
C ALA S 132 5.35 -86.13 5.07
N ALA S 133 5.18 -86.51 6.33
CA ALA S 133 5.77 -87.74 6.85
C ALA S 133 4.72 -88.59 7.55
N SER S 134 3.54 -88.70 6.97
CA SER S 134 2.52 -89.58 7.53
C SER S 134 2.77 -91.05 7.22
N GLU S 135 3.81 -91.35 6.44
CA GLU S 135 4.12 -92.74 6.13
C GLU S 135 5.30 -93.29 6.91
N PHE S 136 6.16 -92.43 7.46
CA PHE S 136 7.35 -92.90 8.15
C PHE S 136 7.10 -93.29 9.60
N ALA S 137 5.86 -93.26 10.07
CA ALA S 137 5.59 -93.55 11.48
C ALA S 137 6.01 -94.97 11.82
N SER S 138 6.92 -95.09 12.77
CA SER S 138 7.43 -96.41 13.18
C SER S 138 6.36 -97.10 14.02
N VAL S 139 5.68 -98.06 13.42
CA VAL S 139 4.64 -98.82 14.10
C VAL S 139 5.20 -100.20 14.43
N ASP S 140 5.42 -100.45 15.71
CA ASP S 140 5.90 -101.75 16.18
C ASP S 140 5.18 -102.25 17.41
N HIS S 141 4.46 -101.39 18.14
CA HIS S 141 3.87 -101.78 19.42
C HIS S 141 2.37 -101.55 19.39
N TYR S 142 1.71 -101.98 18.33
CA TYR S 142 0.27 -101.83 18.19
C TYR S 142 -0.35 -103.14 17.76
N PRO S 143 -1.55 -103.44 18.22
CA PRO S 143 -2.10 -104.79 18.02
C PRO S 143 -2.65 -105.03 16.62
N MET S 144 -3.08 -103.96 15.95
CA MET S 144 -3.73 -104.12 14.65
C MET S 144 -2.75 -104.13 13.49
N PHE S 145 -1.45 -103.91 13.74
CA PHE S 145 -0.44 -103.94 12.70
C PHE S 145 0.46 -105.16 12.79
N ASP S 146 0.02 -106.22 13.47
CA ASP S 146 0.87 -107.39 13.64
C ASP S 146 0.80 -108.33 12.44
N ASN S 147 -0.39 -108.87 12.16
CA ASN S 147 -0.53 -109.90 11.15
C ASN S 147 -0.66 -109.33 9.74
N VAL S 148 -1.12 -108.08 9.62
CA VAL S 148 -1.45 -107.52 8.32
C VAL S 148 -0.20 -107.43 7.45
N SER S 149 -0.41 -107.48 6.14
CA SER S 149 0.70 -107.48 5.20
C SER S 149 1.35 -106.10 5.14
N ALA S 150 2.57 -106.07 4.60
CA ALA S 150 3.35 -104.84 4.56
C ALA S 150 2.67 -103.79 3.69
N SER S 151 2.34 -104.15 2.45
CA SER S 151 1.66 -103.20 1.57
C SER S 151 0.31 -102.80 2.13
N LYS S 152 -0.41 -103.75 2.75
CA LYS S 152 -1.64 -103.39 3.43
C LYS S 152 -1.38 -102.39 4.54
N ARG S 153 -0.26 -102.55 5.24
CA ARG S 153 0.10 -101.59 6.29
C ARG S 153 0.37 -100.21 5.70
N GLU S 154 1.09 -100.15 4.57
CA GLU S 154 1.33 -98.88 3.91
C GLU S 154 0.02 -98.21 3.53
N GLU S 155 -0.90 -99.00 2.95
CA GLU S 155 -2.19 -98.45 2.53
C GLU S 155 -2.96 -97.90 3.72
N ILE S 156 -3.03 -98.67 4.81
CA ILE S 156 -3.82 -98.22 5.94
C ILE S 156 -3.11 -97.10 6.70
N LEU S 157 -1.79 -96.98 6.53
CA LEU S 157 -1.04 -95.95 7.23
C LEU S 157 -1.13 -94.61 6.52
N ALA S 158 -1.04 -94.61 5.18
CA ALA S 158 -1.06 -93.36 4.45
C ALA S 158 -2.45 -92.75 4.38
N GLY S 159 -3.49 -93.48 4.76
CA GLY S 159 -4.84 -92.95 4.73
C GLY S 159 -5.24 -92.18 5.96
N PHE S 160 -4.38 -92.16 6.97
CA PHE S 160 -4.73 -91.54 8.25
C PHE S 160 -5.07 -90.05 8.14
N PRO S 161 -4.24 -89.19 7.54
CA PRO S 161 -4.46 -87.75 7.73
C PRO S 161 -5.79 -87.24 7.21
N CYS S 162 -6.21 -87.67 6.02
CA CYS S 162 -7.32 -87.00 5.34
C CYS S 162 -8.68 -87.37 5.94
N CYS S 163 -9.00 -88.65 6.07
CA CYS S 163 -10.36 -89.00 6.48
C CYS S 163 -10.34 -90.10 7.52
N ARG S 164 -11.52 -90.36 8.08
CA ARG S 164 -11.69 -91.41 9.08
C ARG S 164 -13.07 -92.03 8.97
N SER S 165 -13.11 -93.34 8.83
CA SER S 165 -14.36 -94.09 8.83
C SER S 165 -14.28 -95.41 9.58
N ALA S 166 -13.12 -95.76 10.12
CA ALA S 166 -12.87 -97.09 10.68
C ALA S 166 -13.42 -97.20 12.10
N PRO S 167 -13.31 -98.39 12.73
CA PRO S 167 -13.72 -98.52 14.13
C PRO S 167 -12.92 -97.67 15.11
N SER S 168 -13.27 -97.78 16.40
CA SER S 168 -12.74 -96.86 17.40
C SER S 168 -11.23 -96.99 17.55
N ASP S 169 -10.73 -98.23 17.68
CA ASP S 169 -9.30 -98.40 17.94
C ASP S 169 -8.46 -97.80 16.82
N VAL S 170 -8.92 -97.92 15.58
CA VAL S 170 -8.18 -97.36 14.46
C VAL S 170 -8.14 -95.84 14.56
N ILE S 171 -9.28 -95.21 14.87
CA ILE S 171 -9.26 -93.75 14.92
C ILE S 171 -8.47 -93.27 16.11
N LEU S 172 -8.39 -94.08 17.17
CA LEU S 172 -7.59 -93.71 18.33
C LEU S 172 -6.10 -93.76 18.00
N VAL S 173 -5.65 -94.84 17.36
CA VAL S 173 -4.24 -94.89 16.97
C VAL S 173 -3.95 -93.80 15.95
N ARG S 174 -4.94 -93.44 15.13
CA ARG S 174 -4.79 -92.32 14.21
C ARG S 174 -4.56 -91.01 14.96
N ASP S 175 -5.41 -90.73 15.94
CA ASP S 175 -5.22 -89.53 16.76
C ASP S 175 -3.86 -89.52 17.42
N GLU S 176 -3.40 -90.68 17.89
CA GLU S 176 -2.11 -90.73 18.56
C GLU S 176 -0.98 -90.41 17.59
N ILE S 177 -1.00 -91.01 16.41
CA ILE S 177 0.04 -90.72 15.42
C ILE S 177 0.02 -89.25 15.05
N ALA S 178 -1.18 -88.68 14.90
CA ALA S 178 -1.27 -87.28 14.54
C ALA S 178 -0.66 -86.38 15.61
N LEU S 179 -0.97 -86.67 16.88
CA LEU S 179 -0.40 -85.86 17.95
C LEU S 179 1.12 -85.97 17.98
N LEU S 180 1.65 -87.19 17.83
CA LEU S 180 3.09 -87.36 17.79
C LEU S 180 3.72 -86.53 16.69
N HIS S 181 3.14 -86.58 15.49
CA HIS S 181 3.74 -85.88 14.37
C HIS S 181 3.64 -84.37 14.55
N ARG S 182 2.53 -83.88 15.12
CA ARG S 182 2.43 -82.46 15.38
C ARG S 182 3.48 -82.01 16.39
N TYR S 183 3.71 -82.82 17.42
CA TYR S 183 4.78 -82.50 18.36
C TYR S 183 6.12 -82.38 17.66
N GLN S 184 6.43 -83.36 16.81
CA GLN S 184 7.70 -83.32 16.10
C GLN S 184 7.81 -82.07 15.24
N SER S 185 6.72 -81.72 14.55
CA SER S 185 6.76 -80.54 13.70
C SER S 185 7.03 -79.28 14.52
N GLN S 186 6.33 -79.12 15.63
CA GLN S 186 6.51 -77.88 16.40
C GLN S 186 7.91 -77.81 17.01
N MET S 187 8.44 -78.93 17.49
CA MET S 187 9.81 -78.89 18.00
C MET S 187 10.79 -78.54 16.90
N LEU S 188 10.62 -79.12 15.71
CA LEU S 188 11.51 -78.78 14.61
C LEU S 188 11.42 -77.31 14.29
N GLY S 189 10.22 -76.74 14.36
CA GLY S 189 10.07 -75.31 14.10
C GLY S 189 10.80 -74.45 15.10
N TRP S 190 10.68 -74.78 16.38
CA TRP S 190 11.38 -73.99 17.39
C TRP S 190 12.89 -74.13 17.22
N ILE S 191 13.36 -75.32 16.84
CA ILE S 191 14.78 -75.50 16.60
C ILE S 191 15.23 -74.62 15.45
N LEU S 192 14.44 -74.58 14.37
CA LEU S 192 14.78 -73.72 13.24
C LEU S 192 14.86 -72.26 13.66
N ILE S 193 13.90 -71.80 14.46
CA ILE S 193 13.91 -70.40 14.90
C ILE S 193 15.16 -70.11 15.71
N THR S 194 15.47 -70.95 16.70
CA THR S 194 16.60 -70.65 17.57
C THR S 194 17.92 -70.69 16.79
N LEU S 195 18.07 -71.66 15.88
CA LEU S 195 19.30 -71.71 15.10
C LEU S 195 19.41 -70.52 14.18
N ALA S 196 18.30 -70.12 13.55
CA ALA S 196 18.34 -68.96 12.68
C ALA S 196 18.72 -67.71 13.44
N THR S 197 18.16 -67.52 14.64
CA THR S 197 18.47 -66.33 15.41
C THR S 197 19.93 -66.32 15.83
N ILE S 198 20.44 -67.45 16.33
CA ILE S 198 21.83 -67.47 16.78
C ILE S 198 22.78 -67.26 15.61
N ALA S 199 22.44 -67.83 14.45
CA ALA S 199 23.29 -67.64 13.27
C ALA S 199 23.27 -66.18 12.82
N ALA S 200 22.09 -65.56 12.80
CA ALA S 200 22.01 -64.16 12.41
C ALA S 200 22.82 -63.29 13.34
N LEU S 201 22.72 -63.54 14.66
CA LEU S 201 23.46 -62.73 15.62
C LEU S 201 24.95 -62.87 15.44
N VAL S 202 25.45 -64.12 15.38
CA VAL S 202 26.88 -64.31 15.25
C VAL S 202 27.37 -63.75 13.93
N SER S 203 26.58 -63.85 12.87
CA SER S 203 27.00 -63.33 11.57
C SER S 203 27.07 -61.82 11.59
N CYS S 204 26.09 -61.16 12.18
CA CYS S 204 26.13 -59.71 12.26
C CYS S 204 27.31 -59.25 13.10
N CYS S 205 27.60 -59.95 14.20
CA CYS S 205 28.73 -59.57 15.03
C CYS S 205 30.04 -59.76 14.28
N VAL S 206 30.17 -60.86 13.53
CA VAL S 206 31.38 -61.08 12.75
C VAL S 206 31.54 -59.99 11.70
N ALA S 207 30.43 -59.62 11.04
CA ALA S 207 30.51 -58.58 10.02
C ALA S 207 30.95 -57.26 10.64
N LYS S 208 30.42 -56.94 11.82
CA LYS S 208 30.85 -55.72 12.50
C LYS S 208 32.31 -55.81 12.93
N CYS S 209 32.79 -57.01 13.23
CA CYS S 209 34.18 -57.20 13.63
C CYS S 209 35.13 -56.98 12.47
N CYS S 210 34.90 -57.69 11.37
CA CYS S 210 35.80 -57.63 10.21
C CYS S 210 35.67 -56.34 9.43
N SER S 211 34.82 -55.43 9.85
CA SER S 211 34.64 -54.18 9.10
C SER S 211 35.88 -53.32 9.23
N PRO S 212 36.35 -52.72 8.14
CA PRO S 212 37.51 -51.83 8.24
C PRO S 212 37.16 -50.41 8.65
N LEU S 213 35.89 -50.07 8.73
CA LEU S 213 35.48 -48.70 9.02
C LEU S 213 35.12 -48.54 10.48
N THR S 214 35.07 -47.28 10.91
CA THR S 214 34.77 -46.95 12.29
C THR S 214 33.27 -46.98 12.52
N SER S 215 32.85 -46.49 13.69
CA SER S 215 31.43 -46.41 14.01
C SER S 215 30.74 -45.23 13.37
N LEU S 216 31.49 -44.35 12.72
CA LEU S 216 30.94 -43.16 12.08
C LEU S 216 31.08 -43.16 10.57
N GLN S 217 32.19 -43.67 10.04
CA GLN S 217 32.36 -43.76 8.61
C GLN S 217 31.29 -44.62 7.96
N HIS S 218 30.75 -45.60 8.70
CA HIS S 218 29.76 -46.49 8.12
C HIS S 218 28.47 -45.75 7.79
N CYS S 219 27.98 -44.92 8.70
CA CYS S 219 26.75 -44.18 8.44
C CYS S 219 26.94 -43.21 7.27
N TYR S 220 28.04 -42.46 7.31
CA TYR S 220 28.39 -41.61 6.19
C TYR S 220 28.40 -42.39 4.89
N TRP S 221 28.91 -43.62 4.92
CA TRP S 221 29.02 -44.41 3.70
C TRP S 221 27.65 -44.80 3.17
N THR S 222 26.75 -45.23 4.06
CA THR S 222 25.41 -45.62 3.63
C THR S 222 24.68 -44.42 3.03
N SER S 223 24.76 -43.27 3.70
CA SER S 223 24.12 -42.07 3.15
C SER S 223 24.72 -41.72 1.81
N HIS S 224 26.05 -41.86 1.68
CA HIS S 224 26.71 -41.63 0.41
C HIS S 224 26.10 -42.48 -0.68
N LEU S 225 25.99 -43.78 -0.45
CA LEU S 225 25.45 -44.68 -1.47
C LEU S 225 24.04 -44.27 -1.88
N GLN S 226 23.15 -44.13 -0.89
CA GLN S 226 21.76 -43.85 -1.21
C GLN S 226 21.60 -42.54 -1.97
N ASN S 227 22.16 -41.46 -1.43
CA ASN S 227 22.00 -40.16 -2.07
C ASN S 227 22.68 -40.13 -3.43
N GLU S 228 23.80 -40.85 -3.57
CA GLU S 228 24.45 -40.95 -4.87
C GLU S 228 23.49 -41.51 -5.91
N ARG S 229 22.89 -42.66 -5.61
CA ARG S 229 21.96 -43.27 -6.56
C ARG S 229 20.87 -42.28 -6.94
N GLU S 230 20.21 -41.70 -5.93
CA GLU S 230 19.07 -40.85 -6.21
C GLU S 230 19.46 -39.64 -7.05
N LEU S 231 20.52 -38.93 -6.65
CA LEU S 231 20.90 -37.71 -7.36
C LEU S 231 21.33 -38.01 -8.78
N PHE S 232 22.10 -39.08 -8.99
CA PHE S 232 22.51 -39.38 -10.35
C PHE S 232 21.33 -39.71 -11.23
N GLU S 233 20.34 -40.43 -10.69
CA GLU S 233 19.14 -40.69 -11.49
C GLU S 233 18.48 -39.38 -11.90
N GLN S 234 18.25 -38.50 -10.94
CA GLN S 234 17.55 -37.25 -11.27
C GLN S 234 18.33 -36.43 -12.28
N ALA S 235 19.65 -36.36 -12.11
CA ALA S 235 20.46 -35.54 -13.00
C ALA S 235 20.46 -36.11 -14.42
N ALA S 236 20.64 -37.41 -14.55
CA ALA S 236 20.62 -38.02 -15.88
C ALA S 236 19.28 -37.76 -16.56
N GLU S 237 18.18 -37.93 -15.83
CA GLU S 237 16.87 -37.65 -16.41
C GLU S 237 16.80 -36.22 -16.94
N GLN S 238 17.14 -35.25 -16.09
CA GLN S 238 17.00 -33.86 -16.49
C GLN S 238 17.90 -33.53 -17.68
N HIS S 239 19.13 -34.06 -17.67
CA HIS S 239 20.06 -33.76 -18.75
C HIS S 239 19.56 -34.32 -20.07
N SER S 240 19.10 -35.57 -20.09
CA SER S 240 18.60 -36.13 -21.33
C SER S 240 17.37 -35.39 -21.80
N ARG S 241 16.52 -34.96 -20.86
CA ARG S 241 15.35 -34.18 -21.24
C ARG S 241 15.76 -32.89 -21.93
N LEU S 242 16.75 -32.19 -21.36
CA LEU S 242 17.18 -30.94 -21.97
C LEU S 242 17.76 -31.18 -23.35
N LEU S 243 18.57 -32.22 -23.51
CA LEU S 243 19.17 -32.47 -24.81
C LEU S 243 18.12 -32.80 -25.86
N MET S 244 17.16 -33.66 -25.51
CA MET S 244 16.10 -33.97 -26.47
C MET S 244 15.29 -32.72 -26.78
N MET S 245 15.08 -31.86 -25.78
CA MET S 245 14.36 -30.62 -26.02
C MET S 245 15.11 -29.73 -27.00
N HIS S 246 16.43 -29.67 -26.87
CA HIS S 246 17.22 -28.88 -27.82
C HIS S 246 17.13 -29.44 -29.22
N ARG S 247 17.19 -30.77 -29.37
CA ARG S 247 17.04 -31.34 -30.70
C ARG S 247 15.68 -31.01 -31.28
N ILE S 248 14.64 -31.10 -30.46
CA ILE S 248 13.30 -30.77 -30.94
C ILE S 248 13.25 -29.33 -31.41
N LYS S 249 13.82 -28.41 -30.64
CA LYS S 249 13.79 -27.01 -31.03
C LYS S 249 14.58 -26.76 -32.29
N LYS S 250 15.69 -27.48 -32.47
CA LYS S 250 16.44 -27.35 -33.73
C LYS S 250 15.61 -27.84 -34.91
N LEU S 251 14.80 -28.89 -34.70
CA LEU S 251 14.01 -29.41 -35.81
C LEU S 251 12.82 -28.50 -36.11
N PHE S 252 11.91 -28.34 -35.15
CA PHE S 252 10.67 -27.63 -35.44
C PHE S 252 10.83 -26.13 -35.36
N GLY S 253 11.79 -25.63 -34.58
CA GLY S 253 12.06 -24.23 -34.51
C GLY S 253 11.64 -23.53 -33.25
N PHE S 254 11.41 -24.26 -32.16
CA PHE S 254 10.96 -23.66 -30.92
C PHE S 254 11.08 -24.69 -29.81
N ILE S 255 11.20 -24.20 -28.59
CA ILE S 255 11.26 -25.09 -27.43
C ILE S 255 9.83 -25.52 -27.08
N PRO S 256 9.58 -26.81 -26.87
CA PRO S 256 8.20 -27.23 -26.63
C PRO S 256 7.56 -26.63 -25.40
N GLY S 257 8.31 -26.48 -24.32
CA GLY S 257 7.76 -25.91 -23.11
C GLY S 257 7.42 -24.45 -23.24
N SER S 258 7.46 -23.94 -24.46
CA SER S 258 7.20 -22.54 -24.69
C SER S 258 5.72 -22.28 -24.92
N GLU S 259 5.42 -21.01 -24.94
CA GLU S 259 4.12 -20.42 -25.27
C GLU S 259 4.33 -19.16 -26.11
N ASP S 260 3.29 -18.86 -26.89
CA ASP S 260 3.22 -17.69 -27.78
C ASP S 260 4.43 -17.59 -28.72
N VAL S 261 4.90 -18.73 -29.21
CA VAL S 261 6.05 -18.75 -30.11
C VAL S 261 5.66 -18.07 -31.42
N LYS S 262 6.52 -17.16 -31.89
CA LYS S 262 6.22 -16.43 -33.10
C LYS S 262 7.02 -16.92 -34.32
N HIS S 263 7.66 -18.08 -34.23
CA HIS S 263 8.39 -18.58 -35.38
C HIS S 263 8.29 -20.10 -35.44
N ILE S 264 7.98 -20.62 -36.62
CA ILE S 264 7.78 -22.05 -36.84
C ILE S 264 8.60 -22.47 -38.04
N ARG S 265 9.31 -23.58 -37.91
CA ARG S 265 10.12 -24.10 -39.02
C ARG S 265 9.48 -25.38 -39.51
N ILE S 266 9.02 -25.39 -40.75
CA ILE S 266 8.46 -26.60 -41.34
C ILE S 266 9.59 -27.59 -41.62
N PRO S 267 9.45 -28.86 -41.25
CA PRO S 267 10.53 -29.82 -41.49
C PRO S 267 10.61 -30.19 -42.96
N SER S 268 11.79 -30.68 -43.34
CA SER S 268 11.98 -31.18 -44.69
C SER S 268 11.77 -32.68 -44.71
N CYS S 269 11.63 -33.23 -45.92
CA CYS S 269 11.40 -34.66 -46.05
C CYS S 269 12.61 -35.49 -45.64
N GLN S 270 13.71 -34.85 -45.27
CA GLN S 270 14.91 -35.54 -44.78
C GLN S 270 15.11 -35.39 -43.29
N ASP S 271 14.70 -34.25 -42.72
CA ASP S 271 14.88 -34.05 -41.28
C ASP S 271 14.27 -35.18 -40.48
N TRP S 272 13.15 -35.72 -40.95
CA TRP S 272 12.58 -36.90 -40.31
C TRP S 272 13.58 -38.05 -40.34
N LYS S 273 14.28 -38.23 -41.46
CA LYS S 273 15.31 -39.26 -41.53
C LYS S 273 16.43 -38.99 -40.54
N ASP S 274 16.74 -37.71 -40.30
CA ASP S 274 17.82 -37.38 -39.39
C ASP S 274 17.44 -37.68 -37.95
N ILE S 275 16.28 -37.22 -37.51
CA ILE S 275 15.88 -37.39 -36.12
C ILE S 275 15.58 -38.84 -35.78
N SER S 276 15.56 -39.71 -36.78
CA SER S 276 15.22 -41.11 -36.57
C SER S 276 16.21 -41.81 -35.65
N VAL S 277 17.48 -41.43 -35.68
CA VAL S 277 18.48 -42.12 -34.86
C VAL S 277 18.57 -41.46 -33.49
N PRO S 278 18.85 -42.23 -32.44
CA PRO S 278 18.79 -41.70 -31.07
C PRO S 278 20.11 -41.19 -30.48
N THR S 279 21.23 -41.36 -31.17
CA THR S 279 22.57 -40.93 -30.75
C THR S 279 23.02 -41.70 -29.51
N LEU S 280 22.20 -42.59 -28.98
CA LEU S 280 22.53 -43.40 -27.80
C LEU S 280 22.97 -42.54 -26.63
N THR T 4 -0.61 -33.06 -4.43
CA THR T 4 0.43 -34.01 -4.08
C THR T 4 0.08 -35.36 -4.71
N LEU T 5 -1.16 -35.45 -5.22
CA LEU T 5 -1.65 -36.70 -5.78
C LEU T 5 -0.79 -37.18 -6.94
N ASN T 6 -0.65 -36.34 -7.97
CA ASN T 6 0.05 -36.75 -9.18
C ASN T 6 1.48 -37.19 -8.90
N ASN T 7 2.11 -36.64 -7.86
CA ASN T 7 3.42 -37.12 -7.44
C ASN T 7 3.39 -38.60 -7.11
N ILE T 8 2.51 -39.01 -6.19
CA ILE T 8 2.46 -40.42 -5.80
C ILE T 8 1.96 -41.28 -6.96
N VAL T 9 1.09 -40.72 -7.81
CA VAL T 9 0.62 -41.48 -8.96
C VAL T 9 1.78 -41.82 -9.88
N SER T 10 2.59 -40.82 -10.22
CA SER T 10 3.75 -41.10 -11.07
C SER T 10 4.76 -41.99 -10.36
N SER T 11 4.91 -41.86 -9.04
CA SER T 11 5.87 -42.67 -8.31
C SER T 11 5.50 -44.15 -8.40
N LEU T 12 4.22 -44.47 -8.18
CA LEU T 12 3.79 -45.86 -8.31
C LEU T 12 3.82 -46.30 -9.77
N GLN T 13 3.48 -45.41 -10.70
CA GLN T 13 3.44 -45.77 -12.11
C GLN T 13 4.82 -46.15 -12.63
N ARG T 14 5.87 -45.52 -12.11
CA ARG T 14 7.21 -45.96 -12.47
C ARG T 14 7.58 -47.26 -11.78
N ASN T 15 7.05 -47.48 -10.57
CA ASN T 15 7.41 -48.65 -9.76
C ASN T 15 6.88 -49.90 -10.43
N GLY T 16 7.79 -50.72 -10.96
CA GLY T 16 7.39 -51.95 -11.61
C GLY T 16 6.78 -52.98 -10.69
N ILE T 17 7.22 -53.04 -9.43
CA ILE T 17 6.72 -54.06 -8.52
C ILE T 17 5.22 -53.94 -8.32
N PHE T 18 4.73 -52.73 -8.10
CA PHE T 18 3.31 -52.56 -7.86
C PHE T 18 2.49 -52.93 -9.09
N ILE T 19 2.95 -52.54 -10.28
CA ILE T 19 2.21 -52.86 -11.49
C ILE T 19 2.14 -54.37 -11.70
N ASN T 20 3.28 -55.05 -11.54
CA ASN T 20 3.27 -56.50 -11.72
C ASN T 20 2.39 -57.18 -10.69
N SER T 21 2.45 -56.74 -9.43
CA SER T 21 1.61 -57.35 -8.41
C SER T 21 0.14 -57.13 -8.70
N LEU T 22 -0.23 -55.94 -9.18
CA LEU T 22 -1.61 -55.69 -9.51
C LEU T 22 -2.07 -56.57 -10.66
N ILE T 23 -1.22 -56.75 -11.68
CA ILE T 23 -1.58 -57.63 -12.78
C ILE T 23 -1.82 -59.05 -12.26
N ALA T 24 -0.94 -59.54 -11.40
CA ALA T 24 -1.12 -60.89 -10.88
C ALA T 24 -2.40 -61.02 -10.08
N ALA T 25 -2.70 -60.03 -9.24
CA ALA T 25 -3.92 -60.11 -8.44
C ALA T 25 -5.15 -60.09 -9.34
N LEU T 26 -5.14 -59.23 -10.35
CA LEU T 26 -6.26 -59.17 -11.28
C LEU T 26 -6.47 -60.50 -11.99
N THR T 27 -5.38 -61.13 -12.43
CA THR T 27 -5.53 -62.42 -13.09
C THR T 27 -6.05 -63.47 -12.14
N ILE T 28 -5.63 -63.44 -10.88
CA ILE T 28 -6.15 -64.42 -9.92
C ILE T 28 -7.65 -64.26 -9.75
N GLY T 29 -8.09 -63.03 -9.52
CA GLY T 29 -9.52 -62.79 -9.33
C GLY T 29 -10.33 -63.17 -10.56
N GLY T 30 -9.85 -62.76 -11.74
CA GLY T 30 -10.57 -63.08 -12.96
C GLY T 30 -10.66 -64.58 -13.19
N GLN T 31 -9.56 -65.30 -12.97
CA GLN T 31 -9.58 -66.75 -13.14
C GLN T 31 -10.58 -67.38 -12.19
N GLN T 32 -10.59 -66.94 -10.94
CA GLN T 32 -11.51 -67.53 -9.98
C GLN T 32 -12.95 -67.32 -10.41
N LEU T 33 -13.31 -66.09 -10.77
CA LEU T 33 -14.68 -65.83 -11.20
C LEU T 33 -15.03 -66.65 -12.44
N PHE T 34 -14.14 -66.67 -13.42
CA PHE T 34 -14.36 -67.42 -14.64
C PHE T 34 -14.63 -68.89 -14.35
N SER T 35 -13.72 -69.53 -13.62
CA SER T 35 -13.88 -70.95 -13.34
C SER T 35 -15.16 -71.21 -12.56
N SER T 36 -15.48 -70.35 -11.59
CA SER T 36 -16.67 -70.58 -10.79
C SER T 36 -17.93 -70.43 -11.62
N SER T 37 -17.91 -69.61 -12.67
CA SER T 37 -19.16 -69.34 -13.36
C SER T 37 -19.42 -70.31 -14.50
N THR T 38 -18.46 -70.49 -15.41
CA THR T 38 -18.76 -71.13 -16.68
C THR T 38 -17.93 -72.40 -16.92
N PHE T 39 -17.86 -73.28 -15.93
CA PHE T 39 -17.10 -74.51 -16.09
C PHE T 39 -17.93 -75.71 -15.65
N SER T 40 -17.97 -76.73 -16.50
CA SER T 40 -18.66 -77.98 -16.18
C SER T 40 -18.07 -79.07 -17.06
N CYS T 41 -17.63 -80.16 -16.44
CA CYS T 41 -16.97 -81.20 -17.20
C CYS T 41 -17.97 -81.83 -18.16
N PRO T 42 -17.58 -82.11 -19.40
CA PRO T 42 -18.54 -82.73 -20.34
C PRO T 42 -18.93 -84.14 -19.99
N CYS T 43 -18.02 -84.94 -19.41
CA CYS T 43 -18.30 -86.35 -19.09
C CYS T 43 -18.77 -87.11 -20.32
N GLN T 44 -18.24 -86.74 -21.49
CA GLN T 44 -18.50 -87.47 -22.72
C GLN T 44 -17.46 -88.58 -22.87
N VAL T 45 -17.41 -89.18 -24.05
CA VAL T 45 -16.58 -90.37 -24.24
C VAL T 45 -15.15 -90.02 -24.58
N GLY T 46 -14.94 -89.22 -25.61
CA GLY T 46 -13.60 -88.87 -26.04
C GLY T 46 -13.38 -87.39 -26.11
N LYS T 47 -14.43 -86.62 -25.83
CA LYS T 47 -14.41 -85.17 -25.95
C LYS T 47 -14.20 -84.48 -24.61
N ASN T 48 -13.48 -85.12 -23.69
CA ASN T 48 -13.19 -84.55 -22.39
C ASN T 48 -11.83 -83.87 -22.35
N PHE T 49 -10.81 -84.54 -22.89
CA PHE T 49 -9.45 -84.04 -22.83
C PHE T 49 -9.33 -82.69 -23.52
N TYR T 50 -10.04 -82.49 -24.64
CA TYR T 50 -10.02 -81.20 -25.30
C TYR T 50 -10.66 -80.13 -24.43
N TYR T 51 -11.78 -80.45 -23.79
CA TYR T 51 -12.47 -79.46 -22.96
C TYR T 51 -11.61 -79.06 -21.77
N GLY T 52 -10.72 -79.95 -21.34
CA GLY T 52 -9.79 -79.55 -20.31
C GLY T 52 -8.67 -78.70 -20.85
N SER T 53 -8.02 -79.20 -21.90
CA SER T 53 -6.84 -78.53 -22.43
C SER T 53 -7.15 -77.12 -22.90
N ALA T 54 -8.36 -76.88 -23.43
CA ALA T 54 -8.70 -75.54 -23.88
C ALA T 54 -8.62 -74.56 -22.73
N PHE T 55 -9.37 -74.81 -21.66
CA PHE T 55 -9.34 -73.91 -20.52
C PHE T 55 -7.96 -73.84 -19.90
N LEU T 56 -7.16 -74.90 -20.05
CA LEU T 56 -5.84 -74.87 -19.42
C LEU T 56 -4.87 -74.00 -20.20
N VAL T 57 -4.94 -74.01 -21.52
CA VAL T 57 -3.91 -73.43 -22.37
C VAL T 57 -4.37 -72.12 -23.02
N ILE T 58 -5.51 -72.15 -23.72
CA ILE T 58 -5.86 -71.02 -24.59
C ILE T 58 -5.80 -69.68 -23.87
N PRO T 59 -6.33 -69.52 -22.66
CA PRO T 59 -6.13 -68.25 -21.96
C PRO T 59 -4.68 -67.86 -21.80
N ALA T 60 -3.78 -68.82 -21.63
CA ALA T 60 -2.37 -68.47 -21.54
C ALA T 60 -1.89 -67.81 -22.81
N LEU T 61 -2.14 -68.45 -23.96
CA LEU T 61 -1.72 -67.86 -25.23
C LEU T 61 -2.36 -66.50 -25.44
N ILE T 62 -3.65 -66.37 -25.16
CA ILE T 62 -4.33 -65.10 -25.39
C ILE T 62 -3.71 -64.01 -24.53
N LEU T 63 -3.57 -64.26 -23.23
CA LEU T 63 -3.05 -63.24 -22.35
C LEU T 63 -1.60 -62.92 -22.67
N LEU T 64 -0.82 -63.91 -23.08
CA LEU T 64 0.57 -63.65 -23.44
C LEU T 64 0.67 -62.76 -24.67
N VAL T 65 -0.05 -63.12 -25.73
CA VAL T 65 -0.02 -62.31 -26.94
C VAL T 65 -0.55 -60.90 -26.65
N ALA T 66 -1.56 -60.79 -25.78
CA ALA T 66 -2.08 -59.47 -25.47
C ALA T 66 -1.07 -58.64 -24.70
N GLY T 67 -0.42 -59.24 -23.69
CA GLY T 67 0.59 -58.55 -22.92
C GLY T 67 1.82 -58.19 -23.72
N PHE T 68 2.09 -58.91 -24.81
CA PHE T 68 3.20 -58.55 -25.67
C PHE T 68 2.81 -57.44 -26.63
N ALA T 69 1.74 -57.64 -27.39
CA ALA T 69 1.38 -56.73 -28.46
C ALA T 69 0.92 -55.36 -27.96
N LEU T 70 0.43 -55.28 -26.73
CA LEU T 70 -0.08 -54.02 -26.22
C LEU T 70 1.01 -53.03 -25.82
N ARG T 71 2.26 -53.47 -25.72
CA ARG T 71 3.34 -52.58 -25.34
C ARG T 71 3.76 -51.77 -26.56
N SER T 72 3.60 -50.45 -26.47
CA SER T 72 3.88 -49.57 -27.60
C SER T 72 5.30 -49.76 -28.11
N GLN T 73 6.26 -49.92 -27.21
CA GLN T 73 7.66 -49.99 -27.64
C GLN T 73 7.92 -51.21 -28.51
N MET T 74 7.19 -52.30 -28.27
CA MET T 74 7.41 -53.51 -29.06
C MET T 74 7.10 -53.27 -30.53
N TRP T 75 6.07 -52.47 -30.82
CA TRP T 75 5.77 -52.17 -32.21
C TRP T 75 6.91 -51.38 -32.86
N THR T 76 7.47 -50.41 -32.14
CA THR T 76 8.57 -49.64 -32.69
C THR T 76 9.79 -50.51 -32.93
N ILE T 77 10.08 -51.44 -32.00
CA ILE T 77 11.22 -52.32 -32.18
C ILE T 77 11.01 -53.23 -33.39
N THR T 78 9.80 -53.75 -33.55
CA THR T 78 9.51 -54.55 -34.74
C THR T 78 9.67 -53.73 -36.01
N GLY T 79 9.20 -52.49 -36.00
CA GLY T 79 9.37 -51.63 -37.16
C GLY T 79 10.83 -51.40 -37.51
N GLU T 80 11.66 -51.20 -36.48
CA GLU T 80 13.11 -51.20 -36.70
C GLU T 80 13.57 -52.52 -37.32
N TYR T 81 12.97 -53.63 -36.91
CA TYR T 81 13.37 -54.93 -37.44
C TYR T 81 12.70 -55.26 -38.76
N CYS T 82 11.40 -55.04 -38.86
CA CYS T 82 10.67 -55.41 -40.06
C CYS T 82 11.09 -54.54 -41.25
N CYS T 83 10.76 -55.03 -42.45
CA CYS T 83 11.08 -54.31 -43.67
C CYS T 83 10.13 -53.13 -43.86
N PRO T 94 26.14 -54.45 -34.72
CA PRO T 94 26.99 -53.64 -33.83
C PRO T 94 26.37 -53.48 -32.45
N LEU T 95 26.10 -52.24 -32.05
CA LEU T 95 25.49 -51.99 -30.76
C LEU T 95 23.97 -51.91 -30.83
N GLU T 96 23.44 -51.48 -31.97
CA GLU T 96 22.00 -51.34 -32.09
C GLU T 96 21.29 -52.68 -31.89
N CYS T 97 21.88 -53.76 -32.38
CA CYS T 97 21.26 -55.07 -32.23
C CYS T 97 21.18 -55.47 -30.76
N LYS T 98 22.28 -55.33 -30.03
CA LYS T 98 22.26 -55.69 -28.61
C LYS T 98 21.30 -54.81 -27.83
N LEU T 99 21.24 -53.52 -28.17
CA LEU T 99 20.32 -52.64 -27.47
C LEU T 99 18.87 -53.04 -27.76
N ALA T 100 18.57 -53.37 -29.00
CA ALA T 100 17.23 -53.85 -29.33
C ALA T 100 16.91 -55.12 -28.55
N CYS T 101 17.89 -56.02 -28.43
CA CYS T 101 17.65 -57.24 -27.68
C CYS T 101 17.34 -56.95 -26.23
N LEU T 102 18.05 -55.99 -25.63
CA LEU T 102 17.79 -55.63 -24.24
C LEU T 102 16.41 -55.00 -24.08
N ARG T 103 16.03 -54.15 -25.02
CA ARG T 103 14.70 -53.54 -24.98
C ARG T 103 13.60 -54.59 -25.04
N PHE T 104 13.71 -55.48 -26.03
CA PHE T 104 12.75 -56.57 -26.18
C PHE T 104 12.71 -57.42 -24.93
N PHE T 105 13.86 -57.66 -24.30
CA PHE T 105 13.88 -58.50 -23.11
C PHE T 105 13.17 -57.84 -21.94
N SER T 106 13.34 -56.53 -21.77
CA SER T 106 12.62 -55.85 -20.69
C SER T 106 11.12 -55.93 -20.90
N ILE T 107 10.67 -55.69 -22.14
CA ILE T 107 9.25 -55.78 -22.40
C ILE T 107 8.73 -57.20 -22.15
N THR T 108 9.53 -58.20 -22.51
CA THR T 108 9.17 -59.59 -22.21
C THR T 108 9.05 -59.81 -20.71
N GLY T 109 10.01 -59.29 -19.95
CA GLY T 109 9.96 -59.44 -18.51
C GLY T 109 8.70 -58.84 -17.92
N ARG T 110 8.18 -57.77 -18.54
CA ARG T 110 6.90 -57.26 -18.09
C ARG T 110 5.76 -58.18 -18.50
N ALA T 111 5.78 -58.66 -19.73
CA ALA T 111 4.58 -59.30 -20.28
C ALA T 111 4.38 -60.72 -19.79
N VAL T 112 5.44 -61.42 -19.42
CA VAL T 112 5.31 -62.83 -19.07
C VAL T 112 4.54 -63.06 -17.77
N ILE T 113 4.33 -62.03 -16.97
CA ILE T 113 3.73 -62.22 -15.64
C ILE T 113 2.32 -62.79 -15.72
N ALA T 114 1.56 -62.45 -16.76
CA ALA T 114 0.16 -62.85 -16.76
C ALA T 114 -0.03 -64.34 -17.07
N PRO T 115 0.48 -64.86 -18.20
CA PRO T 115 0.21 -66.28 -18.50
C PRO T 115 0.75 -67.22 -17.45
N LEU T 116 1.92 -66.93 -16.90
CA LEU T 116 2.50 -67.85 -15.92
C LEU T 116 1.69 -67.87 -14.66
N THR T 117 1.17 -66.71 -14.22
CA THR T 117 0.34 -66.72 -13.03
C THR T 117 -1.01 -67.38 -13.29
N TRP T 118 -1.54 -67.25 -14.51
CA TRP T 118 -2.77 -67.96 -14.83
C TRP T 118 -2.56 -69.47 -14.74
N LEU T 119 -1.53 -69.98 -15.43
CA LEU T 119 -1.23 -71.39 -15.36
C LEU T 119 -1.01 -71.84 -13.92
N ALA T 120 -0.29 -71.03 -13.13
CA ALA T 120 0.01 -71.42 -11.76
C ALA T 120 -1.26 -71.57 -10.96
N VAL T 121 -2.14 -70.57 -11.01
CA VAL T 121 -3.33 -70.62 -10.17
C VAL T 121 -4.27 -71.72 -10.63
N THR T 122 -4.36 -71.95 -11.95
CA THR T 122 -5.29 -72.96 -12.40
C THR T 122 -4.77 -74.36 -12.12
N LEU T 123 -3.45 -74.54 -12.12
CA LEU T 123 -2.92 -75.85 -11.75
C LEU T 123 -3.02 -76.07 -10.24
N LEU T 124 -2.80 -75.03 -9.44
CA LEU T 124 -2.84 -75.20 -8.00
C LEU T 124 -4.26 -75.49 -7.53
N THR T 125 -5.25 -74.78 -8.04
CA THR T 125 -6.63 -75.18 -7.74
C THR T 125 -6.92 -76.55 -8.34
N GLY T 126 -6.36 -76.83 -9.52
CA GLY T 126 -6.37 -78.16 -10.09
C GLY T 126 -7.68 -78.64 -10.65
N THR T 127 -8.78 -77.93 -10.40
CA THR T 127 -10.08 -78.41 -10.85
C THR T 127 -10.16 -78.52 -12.36
N TYR T 128 -9.25 -77.87 -13.09
CA TYR T 128 -9.22 -78.00 -14.54
C TYR T 128 -8.54 -79.31 -14.94
N TYR T 129 -7.43 -79.63 -14.29
CA TYR T 129 -6.62 -80.75 -14.76
C TYR T 129 -7.37 -82.07 -14.61
N GLU T 130 -8.12 -82.23 -13.53
CA GLU T 130 -8.85 -83.48 -13.34
C GLU T 130 -9.81 -83.72 -14.50
N CYS T 131 -10.50 -82.69 -14.97
CA CYS T 131 -11.33 -82.84 -16.16
C CYS T 131 -10.46 -83.04 -17.39
N ALA T 132 -9.25 -82.50 -17.39
CA ALA T 132 -8.41 -82.61 -18.58
C ALA T 132 -7.98 -84.05 -18.82
N ALA T 133 -7.63 -84.78 -17.76
CA ALA T 133 -7.10 -86.12 -17.90
C ALA T 133 -7.85 -87.09 -17.00
N SER T 134 -9.18 -86.98 -16.96
CA SER T 134 -9.98 -87.93 -16.21
C SER T 134 -10.15 -89.25 -16.94
N GLU T 135 -9.64 -89.37 -18.16
CA GLU T 135 -9.76 -90.61 -18.90
C GLU T 135 -8.47 -91.42 -18.93
N PHE T 136 -7.33 -90.79 -18.67
CA PHE T 136 -6.06 -91.50 -18.77
C PHE T 136 -5.70 -92.29 -17.52
N ALA T 137 -6.57 -92.34 -16.52
CA ALA T 137 -6.23 -93.01 -15.27
C ALA T 137 -5.97 -94.49 -15.52
N SER T 138 -4.76 -94.94 -15.18
CA SER T 138 -4.36 -96.32 -15.38
C SER T 138 -5.05 -97.18 -14.33
N VAL T 139 -6.10 -97.90 -14.74
CA VAL T 139 -6.83 -98.78 -13.84
C VAL T 139 -6.45 -100.21 -14.17
N ASP T 140 -5.72 -100.84 -13.24
CA ASP T 140 -5.33 -102.23 -13.37
C ASP T 140 -5.51 -103.04 -12.10
N HIS T 141 -5.66 -102.41 -10.94
CA HIS T 141 -5.67 -103.12 -9.68
C HIS T 141 -6.96 -102.82 -8.92
N TYR T 142 -8.09 -102.90 -9.61
CA TYR T 142 -9.38 -102.65 -9.01
C TYR T 142 -10.35 -103.75 -9.40
N PRO T 143 -11.26 -104.11 -8.50
CA PRO T 143 -12.07 -105.32 -8.71
C PRO T 143 -13.22 -105.11 -9.70
N MET T 144 -13.71 -103.88 -9.81
CA MET T 144 -14.88 -103.62 -10.63
C MET T 144 -14.53 -103.34 -12.09
N PHE T 145 -13.25 -103.25 -12.45
CA PHE T 145 -12.82 -103.03 -13.81
C PHE T 145 -12.21 -104.26 -14.46
N ASP T 146 -12.49 -105.45 -13.93
CA ASP T 146 -11.87 -106.65 -14.46
C ASP T 146 -12.64 -107.20 -15.66
N ASN T 147 -13.90 -107.58 -15.46
CA ASN T 147 -14.66 -108.26 -16.50
C ASN T 147 -15.30 -107.30 -17.49
N VAL T 148 -15.54 -106.05 -17.08
CA VAL T 148 -16.29 -105.12 -17.89
C VAL T 148 -15.57 -104.84 -19.20
N SER T 149 -16.34 -104.49 -20.23
CA SER T 149 -15.78 -104.26 -21.55
C SER T 149 -15.00 -102.96 -21.59
N ALA T 150 -14.17 -102.83 -22.61
CA ALA T 150 -13.28 -101.68 -22.73
C ALA T 150 -14.07 -100.39 -22.89
N SER T 151 -14.98 -100.35 -23.86
CA SER T 151 -15.80 -99.16 -24.06
C SER T 151 -16.67 -98.88 -22.85
N LYS T 152 -17.18 -99.94 -22.21
CA LYS T 152 -17.91 -99.74 -20.96
C LYS T 152 -17.01 -99.12 -19.90
N ARG T 153 -15.74 -99.52 -19.88
CA ARG T 153 -14.79 -98.92 -18.94
C ARG T 153 -14.57 -97.45 -19.25
N GLU T 154 -14.43 -97.10 -20.53
CA GLU T 154 -14.29 -95.70 -20.90
C GLU T 154 -15.49 -94.90 -20.44
N GLU T 155 -16.69 -95.43 -20.69
CA GLU T 155 -17.91 -94.73 -20.29
C GLU T 155 -17.96 -94.52 -18.78
N ILE T 156 -17.68 -95.57 -18.01
CA ILE T 156 -17.78 -95.43 -16.57
C ILE T 156 -16.63 -94.61 -16.01
N LEU T 157 -15.52 -94.50 -16.75
CA LEU T 157 -14.37 -93.76 -16.27
C LEU T 157 -14.53 -92.27 -16.52
N ALA T 158 -15.04 -91.90 -17.68
CA ALA T 158 -15.16 -90.48 -18.00
C ALA T 158 -16.31 -89.81 -17.25
N GLY T 159 -17.18 -90.57 -16.60
CA GLY T 159 -18.28 -89.99 -15.87
C GLY T 159 -17.95 -89.60 -14.45
N PHE T 160 -16.74 -89.92 -14.00
CA PHE T 160 -16.37 -89.69 -12.61
C PHE T 160 -16.45 -88.22 -12.18
N PRO T 161 -15.84 -87.26 -12.88
CA PRO T 161 -15.69 -85.92 -12.28
C PRO T 161 -16.99 -85.22 -11.96
N CYS T 162 -17.97 -85.27 -12.86
CA CYS T 162 -19.13 -84.39 -12.75
C CYS T 162 -20.12 -84.84 -11.69
N CYS T 163 -20.58 -86.10 -11.72
CA CYS T 163 -21.65 -86.47 -10.82
C CYS T 163 -21.36 -87.84 -10.20
N ARG T 164 -22.20 -88.21 -9.24
CA ARG T 164 -22.08 -89.49 -8.55
C ARG T 164 -23.46 -89.99 -8.13
N SER T 165 -23.79 -91.21 -8.55
CA SER T 165 -25.01 -91.85 -8.12
C SER T 165 -24.85 -93.34 -7.84
N ALA T 166 -23.64 -93.89 -8.02
CA ALA T 166 -23.41 -95.33 -7.99
C ALA T 166 -23.29 -95.81 -6.55
N PRO T 167 -23.13 -97.15 -6.34
CA PRO T 167 -22.88 -97.66 -4.99
C PRO T 167 -21.60 -97.18 -4.34
N SER T 168 -21.35 -97.64 -3.11
CA SER T 168 -20.28 -97.09 -2.30
C SER T 168 -18.91 -97.32 -2.92
N ASP T 169 -18.62 -98.56 -3.34
CA ASP T 169 -17.30 -98.86 -3.84
C ASP T 169 -16.95 -98.00 -5.05
N VAL T 170 -17.93 -97.73 -5.91
CA VAL T 170 -17.67 -96.90 -7.07
C VAL T 170 -17.32 -95.48 -6.65
N ILE T 171 -18.07 -94.91 -5.70
CA ILE T 171 -17.77 -93.55 -5.33
C ILE T 171 -16.46 -93.47 -4.56
N LEU T 172 -16.07 -94.56 -3.90
CA LEU T 172 -14.77 -94.57 -3.22
C LEU T 172 -13.63 -94.59 -4.23
N VAL T 173 -13.71 -95.46 -5.24
CA VAL T 173 -12.66 -95.45 -6.25
C VAL T 173 -12.66 -94.13 -7.00
N ARG T 174 -13.83 -93.50 -7.12
CA ARG T 174 -13.91 -92.17 -7.72
C ARG T 174 -13.14 -91.15 -6.88
N ASP T 175 -13.40 -91.13 -5.58
CA ASP T 175 -12.66 -90.23 -4.69
C ASP T 175 -11.17 -90.48 -4.79
N GLU T 176 -10.76 -91.74 -4.87
CA GLU T 176 -9.34 -92.05 -4.94
C GLU T 176 -8.72 -91.50 -6.22
N ILE T 177 -9.37 -91.74 -7.35
CA ILE T 177 -8.85 -91.22 -8.61
C ILE T 177 -8.77 -89.70 -8.56
N ALA T 178 -9.79 -89.06 -7.99
CA ALA T 178 -9.78 -87.60 -7.92
C ALA T 178 -8.61 -87.10 -7.09
N LEU T 179 -8.36 -87.73 -5.94
CA LEU T 179 -7.23 -87.29 -5.12
C LEU T 179 -5.92 -87.48 -5.85
N LEU T 180 -5.74 -88.62 -6.51
CA LEU T 180 -4.51 -88.84 -7.26
C LEU T 180 -4.31 -87.74 -8.31
N HIS T 181 -5.36 -87.42 -9.05
CA HIS T 181 -5.21 -86.45 -10.13
C HIS T 181 -4.95 -85.05 -9.56
N ARG T 182 -5.58 -84.71 -8.44
CA ARG T 182 -5.30 -83.42 -7.83
C ARG T 182 -3.85 -83.33 -7.38
N TYR T 183 -3.33 -84.42 -6.81
CA TYR T 183 -1.92 -84.43 -6.43
C TYR T 183 -1.04 -84.19 -7.64
N GLN T 184 -1.31 -84.88 -8.75
CA GLN T 184 -0.50 -84.68 -9.94
C GLN T 184 -0.57 -83.24 -10.42
N SER T 185 -1.76 -82.66 -10.41
CA SER T 185 -1.91 -81.29 -10.86
C SER T 185 -1.08 -80.34 -10.01
N GLN T 186 -1.17 -80.48 -8.69
CA GLN T 186 -0.45 -79.54 -7.84
C GLN T 186 1.06 -79.70 -7.96
N MET T 187 1.53 -80.94 -8.09
CA MET T 187 2.97 -81.12 -8.30
C MET T 187 3.41 -80.50 -9.61
N LEU T 188 2.64 -80.70 -10.67
CA LEU T 188 2.98 -80.09 -11.94
C LEU T 188 3.03 -78.58 -11.83
N GLY T 189 2.10 -78.01 -11.06
CA GLY T 189 2.10 -76.56 -10.87
C GLY T 189 3.35 -76.07 -10.17
N TRP T 190 3.75 -76.75 -9.10
CA TRP T 190 4.96 -76.33 -8.40
C TRP T 190 6.18 -76.47 -9.29
N ILE T 191 6.21 -77.52 -10.10
CA ILE T 191 7.32 -77.69 -11.04
C ILE T 191 7.36 -76.53 -12.03
N LEU T 192 6.19 -76.14 -12.55
CA LEU T 192 6.15 -75.01 -13.47
C LEU T 192 6.66 -73.75 -12.80
N ILE T 193 6.25 -73.49 -11.56
CA ILE T 193 6.71 -72.29 -10.87
C ILE T 193 8.22 -72.30 -10.70
N THR T 194 8.78 -73.42 -10.21
CA THR T 194 10.21 -73.42 -9.95
C THR T 194 11.01 -73.29 -11.24
N LEU T 195 10.57 -73.95 -12.32
CA LEU T 195 11.30 -73.84 -13.57
C LEU T 195 11.20 -72.44 -14.12
N ALA T 196 10.02 -71.82 -14.02
CA ALA T 196 9.86 -70.46 -14.52
C ALA T 196 10.77 -69.50 -13.75
N THR T 197 10.83 -69.65 -12.43
CA THR T 197 11.67 -68.75 -11.64
C THR T 197 13.14 -68.93 -11.98
N ILE T 198 13.61 -70.18 -12.06
CA ILE T 198 15.02 -70.39 -12.35
C ILE T 198 15.37 -69.89 -13.74
N ALA T 199 14.46 -70.07 -14.71
CA ALA T 199 14.71 -69.58 -16.06
C ALA T 199 14.76 -68.07 -16.09
N ALA T 200 13.81 -67.41 -15.39
CA ALA T 200 13.82 -65.96 -15.35
C ALA T 200 15.11 -65.44 -14.74
N LEU T 201 15.56 -66.06 -13.65
CA LEU T 201 16.77 -65.59 -12.99
C LEU T 201 17.98 -65.75 -13.89
N VAL T 202 18.16 -66.94 -14.47
CA VAL T 202 19.33 -67.15 -15.31
C VAL T 202 19.28 -66.26 -16.54
N SER T 203 18.08 -66.01 -17.07
CA SER T 203 17.98 -65.15 -18.25
C SER T 203 18.32 -63.71 -17.91
N CYS T 204 17.83 -63.21 -16.78
CA CYS T 204 18.17 -61.84 -16.40
C CYS T 204 19.66 -61.71 -16.13
N CYS T 205 20.27 -62.72 -15.51
CA CYS T 205 21.70 -62.65 -15.26
C CYS T 205 22.48 -62.67 -16.56
N VAL T 206 22.08 -63.50 -17.51
CA VAL T 206 22.74 -63.54 -18.80
C VAL T 206 22.61 -62.20 -19.52
N ALA T 207 21.42 -61.61 -19.46
CA ALA T 207 21.22 -60.32 -20.10
C ALA T 207 22.11 -59.26 -19.48
N LYS T 208 22.24 -59.28 -18.15
CA LYS T 208 23.12 -58.33 -17.50
C LYS T 208 24.58 -58.60 -17.85
N CYS T 209 24.91 -59.86 -18.11
CA CYS T 209 26.29 -60.21 -18.47
C CYS T 209 26.64 -59.71 -19.86
N CYS T 210 25.83 -60.06 -20.85
CA CYS T 210 26.11 -59.71 -22.24
C CYS T 210 25.88 -58.24 -22.55
N SER T 211 25.49 -57.44 -21.56
CA SER T 211 25.21 -56.04 -21.82
C SER T 211 26.51 -55.30 -22.08
N PRO T 212 26.56 -54.44 -23.11
CA PRO T 212 27.77 -53.66 -23.37
C PRO T 212 27.89 -52.41 -22.51
N LEU T 213 26.88 -52.05 -21.75
CA LEU T 213 26.89 -50.81 -20.99
C LEU T 213 27.25 -51.07 -19.54
N THR T 214 27.63 -49.99 -18.86
CA THR T 214 28.03 -50.07 -17.47
C THR T 214 26.81 -50.08 -16.56
N SER T 215 27.04 -49.95 -15.26
CA SER T 215 25.96 -49.91 -14.29
C SER T 215 25.27 -48.55 -14.23
N LEU T 216 25.80 -47.56 -14.92
CA LEU T 216 25.25 -46.21 -14.92
C LEU T 216 24.69 -45.78 -16.27
N GLN T 217 25.36 -46.16 -17.36
CA GLN T 217 24.84 -45.83 -18.68
C GLN T 217 23.47 -46.42 -18.92
N HIS T 218 23.15 -47.54 -18.28
CA HIS T 218 21.86 -48.18 -18.50
C HIS T 218 20.71 -47.31 -18.00
N CYS T 219 20.84 -46.77 -16.78
CA CYS T 219 19.77 -45.93 -16.25
C CYS T 219 19.59 -44.68 -17.10
N TYR T 220 20.71 -44.02 -17.42
CA TYR T 220 20.68 -42.89 -18.33
C TYR T 220 19.95 -43.26 -19.62
N TRP T 221 20.20 -44.46 -20.12
CA TRP T 221 19.62 -44.87 -21.39
C TRP T 221 18.10 -45.02 -21.28
N THR T 222 17.64 -45.65 -20.20
CA THR T 222 16.20 -45.82 -20.03
C THR T 222 15.51 -44.49 -19.90
N SER T 223 16.07 -43.59 -19.09
CA SER T 223 15.48 -42.26 -18.97
C SER T 223 15.48 -41.55 -20.32
N HIS T 224 16.56 -41.70 -21.08
CA HIS T 224 16.62 -41.15 -22.42
C HIS T 224 15.45 -41.61 -23.26
N LEU T 225 15.22 -42.92 -23.31
CA LEU T 225 14.12 -43.45 -24.14
C LEU T 225 12.79 -42.87 -23.72
N GLN T 226 12.47 -42.99 -22.42
CA GLN T 226 11.15 -42.57 -21.96
C GLN T 226 10.91 -41.08 -22.22
N ASN T 227 11.84 -40.24 -21.76
CA ASN T 227 11.64 -38.80 -21.93
C ASN T 227 11.64 -38.41 -23.39
N GLU T 228 12.43 -39.10 -24.21
CA GLU T 228 12.40 -38.85 -25.65
C GLU T 228 11.00 -39.03 -26.20
N ARG T 229 10.41 -40.20 -25.95
CA ARG T 229 9.07 -40.45 -26.45
C ARG T 229 8.11 -39.35 -26.01
N GLU T 230 8.09 -39.07 -24.71
CA GLU T 230 7.11 -38.11 -24.19
C GLU T 230 7.29 -36.73 -24.81
N LEU T 231 8.52 -36.22 -24.81
CA LEU T 231 8.76 -34.87 -25.30
C LEU T 231 8.45 -34.76 -26.78
N PHE T 232 8.84 -35.76 -27.58
CA PHE T 232 8.55 -35.67 -29.00
C PHE T 232 7.06 -35.66 -29.26
N GLU T 233 6.30 -36.46 -28.50
CA GLU T 233 4.85 -36.42 -28.66
C GLU T 233 4.31 -35.03 -28.40
N GLN T 234 4.70 -34.45 -27.25
CA GLN T 234 4.17 -33.13 -26.90
C GLN T 234 4.55 -32.08 -27.94
N ALA T 235 5.79 -32.12 -28.41
CA ALA T 235 6.25 -31.11 -29.36
C ALA T 235 5.52 -31.24 -30.68
N ALA T 236 5.38 -32.47 -31.19
CA ALA T 236 4.66 -32.65 -32.44
C ALA T 236 3.23 -32.14 -32.33
N GLU T 237 2.57 -32.46 -31.23
CA GLU T 237 1.21 -31.97 -31.04
C GLU T 237 1.17 -30.46 -31.10
N GLN T 238 2.01 -29.80 -30.32
CA GLN T 238 1.97 -28.34 -30.26
C GLN T 238 2.29 -27.71 -31.62
N HIS T 239 3.26 -28.27 -32.33
CA HIS T 239 3.66 -27.73 -33.62
C HIS T 239 2.53 -27.84 -34.62
N SER T 240 1.91 -29.01 -34.71
CA SER T 240 0.82 -29.17 -35.66
C SER T 240 -0.35 -28.26 -35.29
N ARG T 241 -0.60 -28.10 -33.99
CA ARG T 241 -1.66 -27.18 -33.58
C ARG T 241 -1.37 -25.77 -34.04
N LEU T 242 -0.14 -25.30 -33.87
CA LEU T 242 0.20 -23.95 -34.30
C LEU T 242 0.05 -23.80 -35.81
N LEU T 243 0.51 -24.79 -36.57
CA LEU T 243 0.42 -24.67 -38.02
C LEU T 243 -1.03 -24.63 -38.48
N MET T 244 -1.87 -25.51 -37.93
CA MET T 244 -3.28 -25.48 -38.30
C MET T 244 -3.92 -24.17 -37.89
N MET T 245 -3.50 -23.62 -36.74
CA MET T 245 -4.02 -22.32 -36.30
C MET T 245 -3.64 -21.23 -37.28
N HIS T 246 -2.41 -21.27 -37.79
CA HIS T 246 -1.99 -20.28 -38.77
C HIS T 246 -2.80 -20.40 -40.06
N ARG T 247 -3.05 -21.63 -40.52
CA ARG T 247 -3.88 -21.78 -41.72
C ARG T 247 -5.28 -21.24 -41.47
N ILE T 248 -5.84 -21.51 -40.30
CA ILE T 248 -7.17 -20.99 -39.99
C ILE T 248 -7.16 -19.47 -40.03
N LYS T 249 -6.15 -18.85 -39.43
CA LYS T 249 -6.11 -17.39 -39.41
C LYS T 249 -5.93 -16.83 -40.81
N LYS T 250 -5.17 -17.51 -41.66
CA LYS T 250 -5.05 -17.05 -43.04
C LYS T 250 -6.38 -17.14 -43.76
N LEU T 251 -7.18 -18.16 -43.45
CA LEU T 251 -8.46 -18.30 -44.14
C LEU T 251 -9.49 -17.29 -43.62
N PHE T 252 -9.84 -17.38 -42.33
CA PHE T 252 -10.92 -16.56 -41.81
C PHE T 252 -10.47 -15.14 -41.47
N GLY T 253 -9.20 -14.96 -41.15
CA GLY T 253 -8.67 -13.64 -40.89
C GLY T 253 -8.36 -13.33 -39.45
N PHE T 254 -8.21 -14.33 -38.59
CA PHE T 254 -7.94 -14.11 -37.19
C PHE T 254 -7.54 -15.42 -36.54
N ILE T 255 -6.79 -15.31 -35.45
CA ILE T 255 -6.39 -16.49 -34.70
C ILE T 255 -7.56 -16.95 -33.84
N PRO T 256 -7.91 -18.23 -33.84
CA PRO T 256 -9.10 -18.65 -33.08
C PRO T 256 -9.01 -18.39 -31.59
N GLY T 257 -7.84 -18.61 -31.00
CA GLY T 257 -7.68 -18.39 -29.58
C GLY T 257 -7.79 -16.94 -29.18
N SER T 258 -8.19 -16.10 -30.12
CA SER T 258 -8.27 -14.68 -29.85
C SER T 258 -9.64 -14.31 -29.28
N GLU T 259 -9.69 -13.06 -28.85
CA GLU T 259 -10.87 -12.35 -28.37
C GLU T 259 -10.82 -10.91 -28.88
N ASP T 260 -12.03 -10.35 -28.98
CA ASP T 260 -12.28 -8.97 -29.43
C ASP T 260 -11.62 -8.65 -30.77
N VAL T 261 -11.63 -9.62 -31.68
CA VAL T 261 -11.02 -9.42 -32.99
C VAL T 261 -11.81 -8.37 -33.75
N LYS T 262 -11.12 -7.41 -34.35
CA LYS T 262 -11.79 -6.33 -35.06
C LYS T 262 -11.72 -6.49 -36.58
N HIS T 263 -11.32 -7.64 -37.09
CA HIS T 263 -11.28 -7.82 -38.54
C HIS T 263 -11.66 -9.25 -38.90
N ILE T 264 -12.56 -9.39 -39.87
CA ILE T 264 -13.09 -10.68 -40.29
C ILE T 264 -12.98 -10.78 -41.80
N ARG T 265 -12.49 -11.90 -42.30
CA ARG T 265 -12.37 -12.11 -43.74
C ARG T 265 -13.37 -13.17 -44.16
N ILE T 266 -14.33 -12.78 -45.00
CA ILE T 266 -15.30 -13.76 -45.51
C ILE T 266 -14.61 -14.66 -46.52
N PRO T 267 -14.79 -15.98 -46.43
CA PRO T 267 -14.12 -16.87 -47.39
C PRO T 267 -14.77 -16.80 -48.76
N SER T 268 -14.00 -17.20 -49.76
CA SER T 268 -14.51 -17.30 -51.10
C SER T 268 -14.98 -18.72 -51.37
N CYS T 269 -15.73 -18.89 -52.47
CA CYS T 269 -16.24 -20.21 -52.80
C CYS T 269 -15.15 -21.18 -53.23
N GLN T 270 -13.90 -20.72 -53.30
CA GLN T 270 -12.76 -21.57 -53.62
C GLN T 270 -11.89 -21.87 -52.41
N ASP T 271 -11.79 -20.95 -51.47
CA ASP T 271 -10.96 -21.16 -50.28
C ASP T 271 -11.33 -22.46 -49.58
N TRP T 272 -12.63 -22.79 -49.57
CA TRP T 272 -13.05 -24.09 -49.05
C TRP T 272 -12.40 -25.22 -49.82
N LYS T 273 -12.31 -25.08 -51.14
CA LYS T 273 -11.62 -26.09 -51.94
C LYS T 273 -10.15 -26.18 -51.56
N ASP T 274 -9.55 -25.04 -51.21
CA ASP T 274 -8.13 -25.03 -50.88
C ASP T 274 -7.88 -25.74 -49.55
N ILE T 275 -8.62 -25.37 -48.50
CA ILE T 275 -8.38 -25.92 -47.18
C ILE T 275 -8.76 -27.39 -47.10
N SER T 276 -9.37 -27.92 -48.14
CA SER T 276 -9.82 -29.31 -48.14
C SER T 276 -8.68 -30.29 -47.98
N VAL T 277 -7.50 -29.97 -48.53
CA VAL T 277 -6.39 -30.92 -48.47
C VAL T 277 -5.58 -30.70 -47.20
N PRO T 278 -5.00 -31.75 -46.62
CA PRO T 278 -4.34 -31.64 -45.30
C PRO T 278 -2.84 -31.39 -45.33
N THR T 279 -2.19 -31.40 -46.48
CA THR T 279 -0.75 -31.17 -46.66
C THR T 279 0.06 -32.30 -46.01
N LEU T 280 -0.59 -33.26 -45.38
CA LEU T 280 0.08 -34.39 -44.74
C LEU T 280 1.14 -33.94 -43.74
N THR U 4 -8.71 -30.26 -11.36
CA THR U 4 -7.80 -31.31 -11.78
C THR U 4 -8.62 -32.40 -12.47
N LEU U 5 -9.94 -32.27 -12.36
CA LEU U 5 -10.84 -33.29 -12.90
C LEU U 5 -10.66 -33.43 -14.41
N ASN U 6 -10.84 -32.33 -15.15
CA ASN U 6 -10.82 -32.40 -16.61
C ASN U 6 -9.51 -32.96 -17.14
N ASN U 7 -8.41 -32.78 -16.41
CA ASN U 7 -7.15 -33.41 -16.78
C ASN U 7 -7.28 -34.92 -16.85
N ILE U 8 -7.74 -35.54 -15.75
CA ILE U 8 -7.85 -37.00 -15.75
C ILE U 8 -8.95 -37.46 -16.71
N VAL U 9 -9.99 -36.65 -16.89
CA VAL U 9 -11.05 -37.01 -17.84
C VAL U 9 -10.48 -37.10 -19.25
N SER U 10 -9.72 -36.08 -19.67
CA SER U 10 -9.12 -36.15 -20.99
C SER U 10 -8.08 -37.25 -21.08
N SER U 11 -7.35 -37.51 -19.99
CA SER U 11 -6.33 -38.55 -20.02
C SER U 11 -6.94 -39.92 -20.28
N LEU U 12 -8.03 -40.23 -19.57
CA LEU U 12 -8.72 -41.50 -19.82
C LEU U 12 -9.40 -41.49 -21.19
N GLN U 13 -9.95 -40.34 -21.59
CA GLN U 13 -10.66 -40.28 -22.88
C GLN U 13 -9.73 -40.55 -24.05
N ARG U 14 -8.46 -40.15 -23.94
CA ARG U 14 -7.51 -40.51 -24.99
C ARG U 14 -7.12 -41.98 -24.87
N ASN U 15 -7.09 -42.52 -23.66
CA ASN U 15 -6.63 -43.88 -23.42
C ASN U 15 -7.61 -44.87 -24.05
N GLY U 16 -7.17 -45.53 -25.13
CA GLY U 16 -8.02 -46.49 -25.79
C GLY U 16 -8.35 -47.72 -24.97
N ILE U 17 -7.42 -48.17 -24.11
CA ILE U 17 -7.64 -49.40 -23.36
C ILE U 17 -8.86 -49.28 -22.47
N PHE U 18 -8.99 -48.17 -21.76
CA PHE U 18 -10.11 -48.01 -20.85
C PHE U 18 -11.44 -47.97 -21.61
N ILE U 19 -11.47 -47.26 -22.73
CA ILE U 19 -12.70 -47.17 -23.50
C ILE U 19 -13.11 -48.56 -24.01
N ASN U 20 -12.17 -49.30 -24.57
CA ASN U 20 -12.51 -50.63 -25.08
C ASN U 20 -12.96 -51.55 -23.95
N SER U 21 -12.28 -51.50 -22.80
CA SER U 21 -12.69 -52.35 -21.69
C SER U 21 -14.08 -51.99 -21.20
N LEU U 22 -14.39 -50.70 -21.15
CA LEU U 22 -15.73 -50.30 -20.72
C LEU U 22 -16.78 -50.79 -21.70
N ILE U 23 -16.50 -50.69 -23.00
CA ILE U 23 -17.45 -51.19 -23.99
C ILE U 23 -17.69 -52.68 -23.79
N ALA U 24 -16.62 -53.44 -23.58
CA ALA U 24 -16.78 -54.88 -23.39
C ALA U 24 -17.60 -55.19 -22.14
N ALA U 25 -17.32 -54.48 -21.04
CA ALA U 25 -18.07 -54.74 -19.82
C ALA U 25 -19.54 -54.40 -20.00
N LEU U 26 -19.82 -53.28 -20.66
CA LEU U 26 -21.21 -52.91 -20.92
C LEU U 26 -21.92 -53.96 -21.75
N THR U 27 -21.26 -54.47 -22.78
CA THR U 27 -21.90 -55.50 -23.59
C THR U 27 -22.14 -56.77 -22.79
N ILE U 28 -21.21 -57.13 -21.90
CA ILE U 28 -21.42 -58.33 -21.09
C ILE U 28 -22.65 -58.16 -20.21
N GLY U 29 -22.73 -57.04 -19.50
CA GLY U 29 -23.87 -56.80 -18.63
C GLY U 29 -25.18 -56.76 -19.38
N GLY U 30 -25.20 -56.04 -20.51
CA GLY U 30 -26.42 -55.96 -21.29
C GLY U 30 -26.86 -57.31 -21.81
N GLN U 31 -25.91 -58.11 -22.31
CA GLN U 31 -26.26 -59.44 -22.79
C GLN U 31 -26.85 -60.29 -21.68
N GLN U 32 -26.23 -60.23 -20.49
CA GLN U 32 -26.73 -61.05 -19.39
C GLN U 32 -28.16 -60.66 -19.05
N LEU U 33 -28.42 -59.36 -18.87
CA LEU U 33 -29.78 -58.92 -18.55
C LEU U 33 -30.76 -59.33 -19.64
N PHE U 34 -30.39 -59.10 -20.89
CA PHE U 34 -31.24 -59.44 -22.02
C PHE U 34 -31.62 -60.92 -22.00
N SER U 35 -30.60 -61.79 -21.96
CA SER U 35 -30.87 -63.22 -21.98
C SER U 35 -31.71 -63.64 -20.79
N SER U 36 -31.43 -63.09 -19.60
CA SER U 36 -32.18 -63.51 -18.43
C SER U 36 -33.63 -63.06 -18.51
N SER U 37 -33.91 -61.97 -19.21
CA SER U 37 -35.27 -61.45 -19.16
C SER U 37 -36.17 -62.03 -20.24
N THR U 38 -35.74 -61.97 -21.50
CA THR U 38 -36.67 -62.20 -22.62
C THR U 38 -36.26 -63.36 -23.50
N PHE U 39 -35.92 -64.51 -22.91
CA PHE U 39 -35.53 -65.67 -23.70
C PHE U 39 -36.28 -66.91 -23.24
N SER U 40 -36.87 -67.63 -24.18
CA SER U 40 -37.55 -68.88 -23.90
C SER U 40 -37.60 -69.68 -25.19
N CYS U 41 -37.13 -70.93 -25.13
CA CYS U 41 -37.06 -71.74 -26.33
C CYS U 41 -38.48 -72.00 -26.83
N PRO U 42 -38.72 -71.91 -28.14
CA PRO U 42 -40.07 -72.19 -28.64
C PRO U 42 -40.51 -73.64 -28.52
N CYS U 43 -39.60 -74.60 -28.63
CA CYS U 43 -39.96 -76.01 -28.57
C CYS U 43 -41.04 -76.36 -29.60
N GLN U 44 -41.00 -75.69 -30.74
CA GLN U 44 -41.89 -76.01 -31.84
C GLN U 44 -41.23 -77.06 -32.72
N VAL U 45 -41.80 -77.30 -33.89
CA VAL U 45 -41.37 -78.41 -34.73
C VAL U 45 -40.18 -78.03 -35.61
N GLY U 46 -40.31 -76.97 -36.39
CA GLY U 46 -39.25 -76.58 -37.28
C GLY U 46 -38.82 -75.14 -37.08
N LYS U 47 -39.51 -74.44 -36.18
CA LYS U 47 -39.28 -73.03 -35.93
C LYS U 47 -38.39 -72.78 -34.72
N ASN U 48 -37.47 -73.70 -34.43
CA ASN U 48 -36.55 -73.54 -33.32
C ASN U 48 -35.21 -72.96 -33.76
N PHE U 49 -34.67 -73.49 -34.86
CA PHE U 49 -33.34 -73.08 -35.31
C PHE U 49 -33.30 -71.59 -35.63
N TYR U 50 -34.38 -71.06 -36.19
CA TYR U 50 -34.42 -69.62 -36.45
C TYR U 50 -34.43 -68.83 -35.15
N TYR U 51 -35.21 -69.28 -34.16
CA TYR U 51 -35.27 -68.55 -32.91
C TYR U 51 -33.93 -68.56 -32.20
N GLY U 52 -33.11 -69.57 -32.45
CA GLY U 52 -31.78 -69.54 -31.92
C GLY U 52 -30.87 -68.61 -32.69
N SER U 53 -30.84 -68.80 -34.01
CA SER U 53 -29.91 -68.05 -34.85
C SER U 53 -30.15 -66.56 -34.76
N ALA U 54 -31.40 -66.13 -34.59
CA ALA U 54 -31.67 -64.70 -34.48
C ALA U 54 -30.92 -64.10 -33.31
N PHE U 55 -31.17 -64.62 -32.11
CA PHE U 55 -30.49 -64.11 -30.93
C PHE U 55 -28.99 -64.28 -31.03
N LEU U 56 -28.53 -65.29 -31.79
CA LEU U 56 -27.09 -65.50 -31.85
C LEU U 56 -26.42 -64.47 -32.76
N VAL U 57 -27.06 -64.09 -33.85
CA VAL U 57 -26.41 -63.32 -34.92
C VAL U 57 -26.87 -61.88 -34.93
N ILE U 58 -28.18 -61.64 -35.01
CA ILE U 58 -28.68 -60.29 -35.31
C ILE U 58 -28.08 -59.23 -34.40
N PRO U 59 -27.99 -59.42 -33.08
CA PRO U 59 -27.29 -58.41 -32.27
C PRO U 59 -25.88 -58.15 -32.72
N ALA U 60 -25.17 -59.15 -33.22
CA ALA U 60 -23.82 -58.91 -33.71
C ALA U 60 -23.83 -57.92 -34.87
N LEU U 61 -24.66 -58.18 -35.88
CA LEU U 61 -24.75 -57.26 -37.01
C LEU U 61 -25.16 -55.88 -36.57
N ILE U 62 -26.16 -55.78 -35.70
CA ILE U 62 -26.64 -54.47 -35.27
C ILE U 62 -25.53 -53.71 -34.55
N LEU U 63 -24.89 -54.34 -33.58
CA LEU U 63 -23.86 -53.65 -32.81
C LEU U 63 -22.67 -53.31 -33.68
N LEU U 64 -22.32 -54.17 -34.64
CA LEU U 64 -21.20 -53.87 -35.53
C LEU U 64 -21.50 -52.67 -36.41
N VAL U 65 -22.67 -52.66 -37.07
CA VAL U 65 -23.02 -51.53 -37.90
C VAL U 65 -23.11 -50.25 -37.07
N ALA U 66 -23.62 -50.36 -35.85
CA ALA U 66 -23.71 -49.17 -35.00
C ALA U 66 -22.34 -48.66 -34.61
N GLY U 67 -21.43 -49.55 -34.21
CA GLY U 67 -20.09 -49.16 -33.86
C GLY U 67 -19.28 -48.63 -35.03
N PHE U 68 -19.64 -49.02 -36.25
CA PHE U 68 -18.97 -48.46 -37.41
C PHE U 68 -19.53 -47.09 -37.79
N ALA U 69 -20.85 -47.02 -37.98
CA ALA U 69 -21.48 -45.81 -38.50
C ALA U 69 -21.43 -44.64 -37.53
N LEU U 70 -21.31 -44.90 -36.23
CA LEU U 70 -21.32 -43.82 -35.25
C LEU U 70 -20.01 -43.05 -35.18
N ARG U 71 -18.94 -43.55 -35.79
CA ARG U 71 -17.67 -42.86 -35.74
C ARG U 71 -17.68 -41.74 -36.78
N SER U 72 -17.56 -40.50 -36.31
CA SER U 72 -17.65 -39.34 -37.18
C SER U 72 -16.64 -39.43 -38.32
N GLN U 73 -15.42 -39.90 -38.05
CA GLN U 73 -14.40 -39.89 -39.08
C GLN U 73 -14.76 -40.81 -40.23
N MET U 74 -15.49 -41.89 -39.96
CA MET U 74 -15.83 -42.82 -41.03
C MET U 74 -16.71 -42.14 -42.08
N TRP U 75 -17.61 -41.26 -41.65
CA TRP U 75 -18.43 -40.54 -42.62
C TRP U 75 -17.57 -39.64 -43.51
N THR U 76 -16.59 -38.96 -42.92
CA THR U 76 -15.71 -38.10 -43.71
C THR U 76 -14.89 -38.92 -44.71
N ILE U 77 -14.40 -40.08 -44.27
CA ILE U 77 -13.62 -40.92 -45.16
C ILE U 77 -14.48 -41.41 -46.32
N THR U 78 -15.72 -41.82 -46.02
CA THR U 78 -16.63 -42.22 -47.09
C THR U 78 -16.90 -41.07 -48.05
N GLY U 79 -17.09 -39.87 -47.51
CA GLY U 79 -17.29 -38.71 -48.37
C GLY U 79 -16.11 -38.46 -49.29
N GLU U 80 -14.90 -38.61 -48.76
CA GLU U 80 -13.71 -38.61 -49.62
C GLU U 80 -13.81 -39.68 -50.68
N TYR U 81 -14.35 -40.85 -50.32
CA TYR U 81 -14.44 -41.95 -51.28
C TYR U 81 -15.67 -41.84 -52.18
N CYS U 82 -16.83 -41.55 -51.60
CA CYS U 82 -18.07 -41.51 -52.37
C CYS U 82 -18.05 -40.36 -53.37
N CYS U 83 -18.94 -40.45 -54.35
CA CYS U 83 -19.07 -39.42 -55.37
C CYS U 83 -19.79 -38.20 -54.80
N PRO U 94 -1.90 -42.83 -54.79
CA PRO U 94 -0.63 -42.36 -54.23
C PRO U 94 -0.55 -42.59 -52.72
N LEU U 95 -0.40 -41.52 -51.96
CA LEU U 95 -0.32 -41.63 -50.51
C LEU U 95 -1.68 -41.47 -49.85
N GLU U 96 -2.58 -40.71 -50.47
CA GLU U 96 -3.88 -40.46 -49.86
C GLU U 96 -4.65 -41.77 -49.69
N CYS U 97 -4.52 -42.69 -50.65
CA CYS U 97 -5.24 -43.95 -50.55
C CYS U 97 -4.75 -44.77 -49.35
N LYS U 98 -3.43 -44.90 -49.22
CA LYS U 98 -2.89 -45.66 -48.09
C LYS U 98 -3.25 -45.01 -46.76
N LEU U 99 -3.23 -43.69 -46.71
CA LEU U 99 -3.59 -43.01 -45.47
C LEU U 99 -5.06 -43.23 -45.13
N ALA U 100 -5.93 -43.17 -46.13
CA ALA U 100 -7.33 -43.48 -45.91
C ALA U 100 -7.50 -44.91 -45.41
N CYS U 101 -6.74 -45.84 -45.98
CA CYS U 101 -6.83 -47.22 -45.53
C CYS U 101 -6.43 -47.35 -44.07
N LEU U 102 -5.38 -46.66 -43.66
CA LEU U 102 -4.95 -46.70 -42.27
C LEU U 102 -5.98 -46.10 -41.34
N ARG U 103 -6.58 -44.99 -41.75
CA ARG U 103 -7.63 -44.36 -40.96
C ARG U 103 -8.81 -45.31 -40.75
N PHE U 104 -9.31 -45.86 -41.86
CA PHE U 104 -10.40 -46.82 -41.81
C PHE U 104 -10.04 -48.00 -40.92
N PHE U 105 -8.79 -48.45 -40.99
CA PHE U 105 -8.40 -49.60 -40.19
C PHE U 105 -8.41 -49.30 -38.70
N SER U 106 -7.96 -48.11 -38.32
CA SER U 106 -8.01 -47.75 -36.90
C SER U 106 -9.45 -47.70 -36.39
N ILE U 107 -10.33 -47.09 -37.18
CA ILE U 107 -11.73 -47.04 -36.76
C ILE U 107 -12.31 -48.44 -36.65
N THR U 108 -11.94 -49.33 -37.58
CA THR U 108 -12.38 -50.72 -37.49
C THR U 108 -11.87 -51.38 -36.22
N GLY U 109 -10.60 -51.14 -35.88
CA GLY U 109 -10.05 -51.71 -34.68
C GLY U 109 -10.80 -51.25 -33.44
N ARG U 110 -11.34 -50.04 -33.47
CA ARG U 110 -12.19 -49.61 -32.36
C ARG U 110 -13.54 -50.34 -32.40
N ALA U 111 -14.14 -50.43 -33.58
CA ALA U 111 -15.54 -50.82 -33.65
C ALA U 111 -15.75 -52.32 -33.48
N VAL U 112 -14.77 -53.14 -33.84
CA VAL U 112 -14.98 -54.59 -33.82
C VAL U 112 -15.15 -55.15 -32.41
N ILE U 113 -14.80 -54.39 -31.37
CA ILE U 113 -14.78 -54.95 -30.02
C ILE U 113 -16.16 -55.41 -29.57
N ALA U 114 -17.23 -54.75 -30.01
CA ALA U 114 -18.54 -55.07 -29.46
C ALA U 114 -19.10 -56.38 -30.00
N PRO U 115 -19.23 -56.58 -31.33
CA PRO U 115 -19.85 -57.82 -31.80
C PRO U 115 -19.08 -59.06 -31.38
N LEU U 116 -17.75 -59.00 -31.40
CA LEU U 116 -16.97 -60.18 -31.06
C LEU U 116 -17.14 -60.55 -29.60
N THR U 117 -17.22 -59.54 -28.71
CA THR U 117 -17.43 -59.87 -27.30
C THR U 117 -18.86 -60.37 -27.07
N TRP U 118 -19.83 -59.86 -27.83
CA TRP U 118 -21.18 -60.39 -27.69
C TRP U 118 -21.23 -61.86 -28.09
N LEU U 119 -20.70 -62.18 -29.27
CA LEU U 119 -20.64 -63.57 -29.69
C LEU U 119 -19.90 -64.43 -28.68
N ALA U 120 -18.78 -63.93 -28.16
CA ALA U 120 -17.99 -64.71 -27.23
C ALA U 120 -18.79 -65.04 -25.98
N VAL U 121 -19.42 -64.03 -25.38
CA VAL U 121 -20.12 -64.28 -24.12
C VAL U 121 -21.34 -65.16 -24.35
N THR U 122 -22.03 -64.98 -25.48
CA THR U 122 -23.23 -65.78 -25.67
C THR U 122 -22.88 -67.21 -26.03
N LEU U 123 -21.74 -67.46 -26.67
CA LEU U 123 -21.35 -68.83 -26.92
C LEU U 123 -20.82 -69.48 -25.65
N LEU U 124 -20.10 -68.72 -24.82
CA LEU U 124 -19.54 -69.32 -23.61
C LEU U 124 -20.64 -69.68 -22.62
N THR U 125 -21.62 -68.80 -22.42
CA THR U 125 -22.76 -69.21 -21.64
C THR U 125 -23.53 -70.33 -22.34
N GLY U 126 -23.58 -70.27 -23.66
CA GLY U 126 -24.08 -71.37 -24.47
C GLY U 126 -25.56 -71.60 -24.46
N THR U 127 -26.30 -70.96 -23.55
CA THR U 127 -27.73 -71.24 -23.45
C THR U 127 -28.48 -70.88 -24.73
N TYR U 128 -27.87 -70.09 -25.61
CA TYR U 128 -28.50 -69.79 -26.89
C TYR U 128 -28.30 -70.94 -27.87
N TYR U 129 -27.09 -71.49 -27.92
CA TYR U 129 -26.77 -72.46 -28.97
C TYR U 129 -27.60 -73.72 -28.81
N GLU U 130 -27.83 -74.17 -27.57
CA GLU U 130 -28.60 -75.38 -27.38
C GLU U 130 -30.00 -75.24 -27.98
N CYS U 131 -30.63 -74.08 -27.81
CA CYS U 131 -31.90 -73.83 -28.47
C CYS U 131 -31.71 -73.70 -29.97
N ALA U 132 -30.54 -73.23 -30.40
CA ALA U 132 -30.34 -73.02 -31.83
C ALA U 132 -30.31 -74.34 -32.58
N ALA U 133 -29.67 -75.36 -32.02
CA ALA U 133 -29.50 -76.63 -32.71
C ALA U 133 -29.95 -77.79 -31.84
N SER U 134 -31.07 -77.64 -31.15
CA SER U 134 -31.62 -78.74 -30.37
C SER U 134 -32.31 -79.77 -31.24
N GLU U 135 -32.42 -79.55 -32.54
CA GLU U 135 -33.05 -80.50 -33.43
C GLU U 135 -32.06 -81.32 -34.24
N PHE U 136 -30.84 -80.85 -34.41
CA PHE U 136 -29.88 -81.55 -35.25
C PHE U 136 -29.15 -82.69 -34.55
N ALA U 137 -29.50 -83.00 -33.30
CA ALA U 137 -28.77 -84.02 -32.56
C ALA U 137 -28.90 -85.37 -33.25
N SER U 138 -27.77 -85.95 -33.63
CA SER U 138 -27.75 -87.23 -34.32
C SER U 138 -28.05 -88.33 -33.33
N VAL U 139 -29.28 -88.85 -33.36
CA VAL U 139 -29.69 -89.92 -32.45
C VAL U 139 -29.74 -91.21 -33.26
N ASP U 140 -28.81 -92.11 -32.97
CA ASP U 140 -28.76 -93.43 -33.61
C ASP U 140 -28.50 -94.55 -32.64
N HIS U 141 -28.02 -94.29 -31.42
CA HIS U 141 -27.62 -95.36 -30.52
C HIS U 141 -28.37 -95.24 -29.20
N TYR U 142 -29.69 -95.04 -29.28
CA TYR U 142 -30.52 -94.93 -28.10
C TYR U 142 -31.74 -95.83 -28.26
N PRO U 143 -32.22 -96.41 -27.16
CA PRO U 143 -33.24 -97.46 -27.26
C PRO U 143 -34.64 -96.92 -27.51
N MET U 144 -34.91 -95.69 -27.08
CA MET U 144 -36.25 -95.14 -27.18
C MET U 144 -36.53 -94.46 -28.50
N PHE U 145 -35.54 -94.33 -29.38
CA PHE U 145 -35.72 -93.73 -30.69
C PHE U 145 -35.67 -94.74 -31.83
N ASP U 146 -35.89 -96.02 -31.54
CA ASP U 146 -35.78 -97.04 -32.57
C ASP U 146 -37.08 -97.18 -33.36
N ASN U 147 -38.17 -97.54 -32.70
CA ASN U 147 -39.41 -97.86 -33.39
C ASN U 147 -40.24 -96.62 -33.71
N VAL U 148 -40.05 -95.54 -32.95
CA VAL U 148 -40.91 -94.38 -33.05
C VAL U 148 -40.79 -93.75 -34.44
N SER U 149 -41.86 -93.08 -34.86
CA SER U 149 -41.90 -92.50 -36.19
C SER U 149 -41.00 -91.27 -36.27
N ALA U 150 -40.68 -90.88 -37.50
CA ALA U 150 -39.75 -89.79 -37.73
C ALA U 150 -40.30 -88.47 -37.19
N SER U 151 -41.52 -88.11 -37.58
CA SER U 151 -42.12 -86.88 -37.09
C SER U 151 -42.32 -86.94 -35.58
N LYS U 152 -42.67 -88.11 -35.05
CA LYS U 152 -42.74 -88.26 -33.61
C LYS U 152 -41.38 -88.03 -32.98
N ARG U 153 -40.31 -88.46 -33.64
CA ARG U 153 -38.97 -88.22 -33.14
C ARG U 153 -38.65 -86.73 -33.15
N GLU U 154 -39.01 -86.02 -34.22
CA GLU U 154 -38.80 -84.57 -34.26
C GLU U 154 -39.54 -83.89 -33.11
N GLU U 155 -40.79 -84.29 -32.89
CA GLU U 155 -41.58 -83.68 -31.82
C GLU U 155 -40.94 -83.93 -30.46
N ILE U 156 -40.53 -85.17 -30.19
CA ILE U 156 -39.97 -85.45 -28.88
C ILE U 156 -38.57 -84.89 -28.74
N LEU U 157 -37.90 -84.62 -29.86
CA LEU U 157 -36.54 -84.10 -29.80
C LEU U 157 -36.53 -82.60 -29.58
N ALA U 158 -37.42 -81.87 -30.24
CA ALA U 158 -37.43 -80.42 -30.11
C ALA U 158 -37.99 -79.95 -28.78
N GLY U 159 -38.62 -80.84 -28.01
CA GLY U 159 -39.17 -80.46 -26.72
C GLY U 159 -38.19 -80.52 -25.58
N PHE U 160 -36.99 -81.00 -25.83
CA PHE U 160 -36.01 -81.20 -24.77
C PHE U 160 -35.64 -79.93 -24.01
N PRO U 161 -35.24 -78.83 -24.65
CA PRO U 161 -34.61 -77.75 -23.89
C PRO U 161 -35.52 -77.11 -22.83
N CYS U 162 -36.78 -76.85 -23.17
CA CYS U 162 -37.59 -75.99 -22.32
C CYS U 162 -38.09 -76.70 -21.06
N CYS U 163 -38.72 -77.87 -21.18
CA CYS U 163 -39.35 -78.45 -20.01
C CYS U 163 -39.05 -79.94 -19.95
N ARG U 164 -39.44 -80.55 -18.83
CA ARG U 164 -39.27 -81.98 -18.60
C ARG U 164 -40.38 -82.52 -17.73
N SER U 165 -41.08 -83.54 -18.24
CA SER U 165 -42.09 -84.24 -17.45
C SER U 165 -42.07 -85.75 -17.66
N ALA U 166 -41.18 -86.26 -18.50
CA ALA U 166 -41.22 -87.66 -18.92
C ALA U 166 -40.56 -88.56 -17.88
N PRO U 167 -40.57 -89.89 -18.10
CA PRO U 167 -39.85 -90.81 -17.19
C PRO U 167 -38.35 -90.58 -17.12
N SER U 168 -37.68 -91.40 -16.30
CA SER U 168 -36.28 -91.16 -15.97
C SER U 168 -35.38 -91.26 -17.20
N ASP U 169 -35.53 -92.32 -17.99
CA ASP U 169 -34.62 -92.52 -19.12
C ASP U 169 -34.69 -91.35 -20.09
N VAL U 170 -35.88 -90.80 -20.30
CA VAL U 170 -36.02 -89.67 -21.21
C VAL U 170 -35.28 -88.46 -20.66
N ILE U 171 -35.43 -88.17 -19.38
CA ILE U 171 -34.77 -86.98 -18.85
C ILE U 171 -33.26 -87.19 -18.81
N LEU U 172 -32.81 -88.44 -18.69
CA LEU U 172 -31.39 -88.72 -18.71
C LEU U 172 -30.81 -88.49 -20.10
N VAL U 173 -31.47 -89.01 -21.14
CA VAL U 173 -30.97 -88.74 -22.49
C VAL U 173 -31.07 -87.26 -22.79
N ARG U 174 -32.05 -86.57 -22.21
CA ARG U 174 -32.14 -85.13 -22.35
C ARG U 174 -30.92 -84.44 -21.75
N ASP U 175 -30.58 -84.79 -20.51
CA ASP U 175 -29.40 -84.22 -19.88
C ASP U 175 -28.16 -84.50 -20.72
N GLU U 176 -28.06 -85.69 -21.30
CA GLU U 176 -26.89 -86.03 -22.09
C GLU U 176 -26.79 -85.16 -23.33
N ILE U 177 -27.90 -85.01 -24.05
CA ILE U 177 -27.90 -84.16 -25.24
C ILE U 177 -27.54 -82.74 -24.87
N ALA U 178 -28.08 -82.25 -23.75
CA ALA U 178 -27.79 -80.89 -23.32
C ALA U 178 -26.31 -80.69 -23.05
N LEU U 179 -25.69 -81.65 -22.34
CA LEU U 179 -24.28 -81.52 -22.05
C LEU U 179 -23.46 -81.54 -23.34
N LEU U 180 -23.79 -82.44 -24.26
CA LEU U 180 -23.07 -82.48 -25.53
C LEU U 180 -23.15 -81.14 -26.25
N HIS U 181 -24.34 -80.56 -26.31
CA HIS U 181 -24.50 -79.32 -27.06
C HIS U 181 -23.79 -78.16 -26.37
N ARG U 182 -23.80 -78.14 -25.03
CA ARG U 182 -23.07 -77.10 -24.33
C ARG U 182 -21.58 -77.22 -24.59
N TYR U 183 -21.05 -78.45 -24.61
CA TYR U 183 -19.65 -78.63 -24.95
C TYR U 183 -19.35 -78.07 -26.34
N GLN U 184 -20.19 -78.40 -27.31
CA GLN U 184 -19.95 -77.90 -28.66
C GLN U 184 -19.98 -76.38 -28.69
N SER U 185 -20.93 -75.78 -27.98
CA SER U 185 -21.01 -74.32 -27.96
C SER U 185 -19.74 -73.70 -27.40
N GLN U 186 -19.27 -74.22 -26.26
CA GLN U 186 -18.11 -73.61 -25.63
C GLN U 186 -16.86 -73.79 -26.49
N MET U 187 -16.70 -74.95 -27.12
CA MET U 187 -15.56 -75.12 -28.01
C MET U 187 -15.62 -74.15 -29.18
N LEU U 188 -16.81 -74.00 -29.77
CA LEU U 188 -16.95 -73.06 -30.87
C LEU U 188 -16.60 -71.66 -30.43
N GLY U 189 -16.98 -71.30 -29.19
CA GLY U 189 -16.65 -69.98 -28.68
C GLY U 189 -15.15 -69.77 -28.55
N TRP U 190 -14.45 -70.75 -27.99
CA TRP U 190 -13.01 -70.61 -27.85
C TRP U 190 -12.34 -70.52 -29.21
N ILE U 191 -12.85 -71.28 -30.19
CA ILE U 191 -12.31 -71.22 -31.53
C ILE U 191 -12.50 -69.82 -32.10
N LEU U 192 -13.68 -69.25 -31.92
CA LEU U 192 -13.92 -67.90 -32.40
C LEU U 192 -12.96 -66.90 -31.76
N ILE U 193 -12.75 -67.02 -30.45
CA ILE U 193 -11.83 -66.10 -29.79
C ILE U 193 -10.41 -66.22 -30.34
N THR U 194 -9.91 -67.45 -30.46
CA THR U 194 -8.53 -67.60 -30.91
C THR U 194 -8.37 -67.12 -32.35
N LEU U 195 -9.33 -67.42 -33.22
CA LEU U 195 -9.22 -66.97 -34.60
C LEU U 195 -9.30 -65.46 -34.68
N ALA U 196 -10.19 -64.85 -33.90
CA ALA U 196 -10.30 -63.40 -33.91
C ALA U 196 -9.01 -62.76 -33.45
N THR U 197 -8.41 -63.29 -32.39
CA THR U 197 -7.17 -62.70 -31.89
C THR U 197 -6.05 -62.83 -32.91
N ILE U 198 -5.89 -64.02 -33.51
CA ILE U 198 -4.79 -64.19 -34.45
C ILE U 198 -5.01 -63.32 -35.68
N ALA U 199 -6.26 -63.17 -36.12
CA ALA U 199 -6.54 -62.31 -37.27
C ALA U 199 -6.25 -60.86 -36.95
N ALA U 200 -6.67 -60.40 -35.76
CA ALA U 200 -6.39 -59.03 -35.37
C ALA U 200 -4.89 -58.77 -35.33
N LEU U 201 -4.13 -59.70 -34.76
CA LEU U 201 -2.69 -59.50 -34.65
C LEU U 201 -2.05 -59.44 -36.02
N VAL U 202 -2.34 -60.41 -36.88
CA VAL U 202 -1.70 -60.41 -38.19
C VAL U 202 -2.13 -59.19 -38.99
N SER U 203 -3.37 -58.73 -38.83
CA SER U 203 -3.83 -57.58 -39.57
C SER U 203 -3.13 -56.31 -39.09
N CYS U 204 -2.99 -56.15 -37.78
CA CYS U 204 -2.29 -54.97 -37.28
C CYS U 204 -0.83 -54.99 -37.72
N CYS U 205 -0.20 -56.16 -37.71
CA CYS U 205 1.19 -56.23 -38.15
C CYS U 205 1.32 -55.90 -39.63
N VAL U 206 0.40 -56.39 -40.45
CA VAL U 206 0.43 -56.08 -41.87
C VAL U 206 0.22 -54.58 -42.09
N ALA U 207 -0.70 -53.98 -41.35
CA ALA U 207 -0.93 -52.54 -41.49
C ALA U 207 0.31 -51.76 -41.11
N LYS U 208 0.99 -52.17 -40.05
CA LYS U 208 2.23 -51.51 -39.67
C LYS U 208 3.32 -51.72 -40.71
N CYS U 209 3.29 -52.86 -41.40
CA CYS U 209 4.28 -53.15 -42.42
C CYS U 209 4.07 -52.27 -43.65
N CYS U 210 2.87 -52.27 -44.21
CA CYS U 210 2.57 -51.54 -45.43
C CYS U 210 2.50 -50.03 -45.22
N SER U 211 2.70 -49.56 -44.01
CA SER U 211 2.61 -48.13 -43.75
C SER U 211 3.76 -47.40 -44.41
N PRO U 212 3.51 -46.28 -45.09
CA PRO U 212 4.60 -45.51 -45.68
C PRO U 212 5.30 -44.57 -44.72
N LEU U 213 4.79 -44.41 -43.50
CA LEU U 213 5.34 -43.45 -42.56
C LEU U 213 6.25 -44.14 -41.56
N THR U 214 7.07 -43.33 -40.90
CA THR U 214 8.03 -43.84 -39.92
C THR U 214 7.33 -44.06 -38.58
N SER U 215 8.12 -44.33 -37.55
CA SER U 215 7.59 -44.53 -36.20
C SER U 215 7.24 -43.23 -35.51
N LEU U 216 7.59 -42.09 -36.10
CA LEU U 216 7.33 -40.79 -35.52
C LEU U 216 6.33 -39.95 -36.30
N GLN U 217 6.37 -40.02 -37.64
CA GLN U 217 5.40 -39.29 -38.43
C GLN U 217 3.98 -39.73 -38.14
N HIS U 218 3.79 -40.98 -37.72
CA HIS U 218 2.44 -41.47 -37.46
C HIS U 218 1.79 -40.74 -36.29
N CYS U 219 2.52 -40.59 -35.19
CA CYS U 219 1.95 -39.90 -34.03
C CYS U 219 1.65 -38.45 -34.36
N TYR U 220 2.61 -37.77 -35.00
CA TYR U 220 2.38 -36.42 -35.47
C TYR U 220 1.13 -36.36 -36.33
N TRP U 221 0.91 -37.36 -37.17
CA TRP U 221 -0.22 -37.35 -38.08
C TRP U 221 -1.54 -37.48 -37.32
N THR U 222 -1.60 -38.37 -36.34
CA THR U 222 -2.82 -38.53 -35.56
C THR U 222 -3.15 -37.26 -34.80
N SER U 223 -2.14 -36.66 -34.16
CA SER U 223 -2.38 -35.41 -33.46
C SER U 223 -2.84 -34.33 -34.43
N HIS U 224 -2.25 -34.30 -35.63
CA HIS U 224 -2.67 -33.38 -36.66
C HIS U 224 -4.16 -33.52 -36.93
N LEU U 225 -4.61 -34.74 -37.20
CA LEU U 225 -6.02 -34.96 -37.51
C LEU U 225 -6.93 -34.48 -36.39
N GLN U 226 -6.66 -34.95 -35.17
CA GLN U 226 -7.56 -34.64 -34.06
C GLN U 226 -7.62 -33.13 -33.81
N ASN U 227 -6.45 -32.50 -33.65
CA ASN U 227 -6.46 -31.08 -33.35
C ASN U 227 -7.03 -30.26 -34.50
N GLU U 228 -6.80 -30.71 -35.74
CA GLU U 228 -7.41 -30.04 -36.88
C GLU U 228 -8.92 -30.00 -36.74
N ARG U 229 -9.53 -31.16 -36.53
CA ARG U 229 -10.98 -31.20 -36.40
C ARG U 229 -11.45 -30.24 -35.31
N GLU U 230 -10.85 -30.35 -34.12
CA GLU U 230 -11.32 -29.55 -33.00
C GLU U 230 -11.20 -28.06 -33.28
N LEU U 231 -10.01 -27.63 -33.72
CA LEU U 231 -9.79 -26.19 -33.92
C LEU U 231 -10.68 -25.64 -35.01
N PHE U 232 -10.84 -26.37 -36.11
CA PHE U 232 -11.71 -25.86 -37.16
C PHE U 232 -13.14 -25.71 -36.68
N GLU U 233 -13.62 -26.67 -35.89
CA GLU U 233 -14.97 -26.52 -35.34
C GLU U 233 -15.09 -25.25 -34.52
N GLN U 234 -14.14 -25.04 -33.59
CA GLN U 234 -14.23 -23.87 -32.73
C GLN U 234 -14.18 -22.58 -33.53
N ALA U 235 -13.28 -22.53 -34.52
CA ALA U 235 -13.11 -21.31 -35.29
C ALA U 235 -14.35 -21.00 -36.12
N ALA U 236 -14.91 -22.02 -36.79
CA ALA U 236 -16.12 -21.79 -37.56
C ALA U 236 -17.25 -21.29 -36.67
N GLU U 237 -17.41 -21.89 -35.50
CA GLU U 237 -18.44 -21.42 -34.58
C GLU U 237 -18.25 -19.95 -34.26
N GLN U 238 -17.04 -19.59 -33.82
CA GLN U 238 -16.81 -18.21 -33.39
C GLN U 238 -17.00 -17.23 -34.55
N HIS U 239 -16.56 -17.60 -35.74
CA HIS U 239 -16.66 -16.70 -36.88
C HIS U 239 -18.12 -16.47 -37.25
N SER U 240 -18.91 -17.55 -37.32
CA SER U 240 -20.31 -17.36 -37.65
C SER U 240 -21.03 -16.55 -36.58
N ARG U 241 -20.66 -16.77 -35.32
CA ARG U 241 -21.25 -15.98 -34.25
C ARG U 241 -20.95 -14.50 -34.44
N LEU U 242 -19.70 -14.17 -34.74
CA LEU U 242 -19.36 -12.76 -34.95
C LEU U 242 -20.11 -12.17 -36.12
N LEU U 243 -20.22 -12.90 -37.22
CA LEU U 243 -20.91 -12.36 -38.39
C LEU U 243 -22.38 -12.12 -38.09
N MET U 244 -23.04 -13.09 -37.46
CA MET U 244 -24.44 -12.89 -37.10
C MET U 244 -24.59 -11.73 -36.13
N MET U 245 -23.63 -11.56 -35.22
CA MET U 245 -23.67 -10.44 -34.29
C MET U 245 -23.57 -9.12 -35.03
N HIS U 246 -22.72 -9.06 -36.05
CA HIS U 246 -22.60 -7.83 -36.83
C HIS U 246 -23.89 -7.54 -37.58
N ARG U 247 -24.52 -8.56 -38.16
CA ARG U 247 -25.80 -8.32 -38.83
C ARG U 247 -26.85 -7.81 -37.84
N ILE U 248 -26.88 -8.40 -36.65
CA ILE U 248 -27.83 -7.94 -35.64
C ILE U 248 -27.58 -6.48 -35.30
N LYS U 249 -26.32 -6.11 -35.12
CA LYS U 249 -26.02 -4.72 -34.77
C LYS U 249 -26.36 -3.77 -35.90
N LYS U 250 -26.18 -4.20 -37.14
CA LYS U 250 -26.59 -3.37 -38.27
C LYS U 250 -28.10 -3.18 -38.27
N LEU U 251 -28.85 -4.21 -37.89
CA LEU U 251 -30.30 -4.09 -37.91
C LEU U 251 -30.80 -3.23 -36.74
N PHE U 252 -30.57 -3.68 -35.51
CA PHE U 252 -31.16 -3.01 -34.37
C PHE U 252 -30.38 -1.78 -33.94
N GLY U 253 -29.09 -1.75 -34.21
CA GLY U 253 -28.27 -0.59 -33.91
C GLY U 253 -27.31 -0.73 -32.76
N PHE U 254 -26.99 -1.96 -32.35
CA PHE U 254 -26.10 -2.16 -31.22
C PHE U 254 -25.69 -3.63 -31.18
N ILE U 255 -24.55 -3.88 -30.57
CA ILE U 255 -24.07 -5.24 -30.41
C ILE U 255 -24.80 -5.88 -29.23
N PRO U 256 -25.35 -7.09 -29.39
CA PRO U 256 -26.14 -7.66 -28.29
C PRO U 256 -25.37 -7.86 -27.01
N GLY U 257 -24.11 -8.30 -27.09
CA GLY U 257 -23.32 -8.51 -25.90
C GLY U 257 -22.98 -7.24 -25.16
N SER U 258 -23.61 -6.15 -25.57
CA SER U 258 -23.32 -4.87 -24.96
C SER U 258 -24.20 -4.62 -23.76
N GLU U 259 -23.85 -3.56 -23.06
CA GLU U 259 -24.56 -2.97 -21.93
C GLU U 259 -24.50 -1.45 -22.03
N ASP U 260 -25.50 -0.84 -21.42
CA ASP U 260 -25.68 0.62 -21.34
C ASP U 260 -25.62 1.30 -22.71
N VAL U 261 -26.19 0.65 -23.73
CA VAL U 261 -26.20 1.19 -25.07
C VAL U 261 -27.05 2.45 -25.10
N LYS U 262 -26.51 3.52 -25.70
CA LYS U 262 -27.24 4.78 -25.73
C LYS U 262 -27.86 5.09 -27.09
N HIS U 263 -27.92 4.11 -28.00
CA HIS U 263 -28.55 4.37 -29.28
C HIS U 263 -29.29 3.13 -29.76
N ILE U 264 -30.53 3.31 -30.20
CA ILE U 264 -31.41 2.23 -30.63
C ILE U 264 -31.98 2.59 -31.99
N ARG U 265 -31.96 1.64 -32.92
CA ARG U 265 -32.51 1.87 -34.25
C ARG U 265 -33.77 1.02 -34.40
N ILE U 266 -34.90 1.68 -34.57
CA ILE U 266 -36.15 0.95 -34.80
C ILE U 266 -36.14 0.35 -36.19
N PRO U 267 -36.49 -0.92 -36.36
CA PRO U 267 -36.47 -1.52 -37.69
C PRO U 267 -37.62 -1.03 -38.55
N SER U 268 -37.44 -1.15 -39.85
CA SER U 268 -38.49 -0.82 -40.79
C SER U 268 -39.27 -2.07 -41.15
N CYS U 269 -40.44 -1.88 -41.76
CA CYS U 269 -41.27 -3.02 -42.13
C CYS U 269 -40.65 -3.87 -43.23
N GLN U 270 -39.51 -3.46 -43.77
CA GLN U 270 -38.78 -4.22 -44.77
C GLN U 270 -37.54 -4.91 -44.22
N ASP U 271 -36.88 -4.31 -43.25
CA ASP U 271 -35.68 -4.90 -42.67
C ASP U 271 -35.93 -6.32 -42.22
N TRP U 272 -37.13 -6.59 -41.70
CA TRP U 272 -37.50 -7.96 -41.36
C TRP U 272 -37.45 -8.85 -42.60
N LYS U 273 -37.92 -8.32 -43.73
CA LYS U 273 -37.83 -9.09 -44.98
C LYS U 273 -36.38 -9.33 -45.36
N ASP U 274 -35.50 -8.38 -45.07
CA ASP U 274 -34.09 -8.54 -45.44
C ASP U 274 -33.42 -9.61 -44.60
N ILE U 275 -33.57 -9.53 -43.27
CA ILE U 275 -32.87 -10.47 -42.39
C ILE U 275 -33.42 -11.87 -42.51
N SER U 276 -34.51 -12.05 -43.24
CA SER U 276 -35.15 -13.36 -43.36
C SER U 276 -34.24 -14.39 -44.01
N VAL U 277 -33.38 -13.98 -44.94
CA VAL U 277 -32.53 -14.94 -45.64
C VAL U 277 -31.24 -15.14 -44.88
N PRO U 278 -30.65 -16.33 -44.92
CA PRO U 278 -29.48 -16.65 -44.07
C PRO U 278 -28.12 -16.47 -44.73
N THR U 279 -28.05 -16.16 -46.01
CA THR U 279 -26.81 -15.95 -46.77
C THR U 279 -26.01 -17.25 -46.88
N LEU U 280 -26.47 -18.34 -46.27
CA LEU U 280 -25.80 -19.63 -46.31
C LEU U 280 -24.35 -19.53 -45.85
N THR V 4 -17.80 -25.09 -12.97
CA THR V 4 -17.38 -26.02 -14.02
C THR V 4 -18.60 -26.82 -14.47
N LEU V 5 -19.69 -26.67 -13.71
CA LEU V 5 -20.90 -27.43 -13.98
C LEU V 5 -21.45 -27.14 -15.38
N ASN V 6 -21.73 -25.87 -15.65
CA ASN V 6 -22.38 -25.50 -16.91
C ASN V 6 -21.57 -25.94 -18.12
N ASN V 7 -20.25 -26.02 -17.98
CA ASN V 7 -19.42 -26.57 -19.05
C ASN V 7 -19.83 -27.99 -19.41
N ILE V 8 -19.85 -28.89 -18.42
CA ILE V 8 -20.22 -30.27 -18.69
C ILE V 8 -21.69 -30.38 -19.09
N VAL V 9 -22.53 -29.51 -18.56
CA VAL V 9 -23.94 -29.53 -18.94
C VAL V 9 -24.09 -29.23 -20.42
N SER V 10 -23.44 -28.16 -20.90
CA SER V 10 -23.51 -27.86 -22.32
C SER V 10 -22.84 -28.94 -23.16
N SER V 11 -21.75 -29.54 -22.65
CA SER V 11 -21.06 -30.56 -23.41
C SER V 11 -21.96 -31.76 -23.65
N LEU V 12 -22.65 -32.23 -22.61
CA LEU V 12 -23.58 -33.33 -22.81
C LEU V 12 -24.79 -32.90 -23.63
N GLN V 13 -25.26 -31.65 -23.43
CA GLN V 13 -26.43 -31.19 -24.15
C GLN V 13 -26.19 -31.14 -25.66
N ARG V 14 -24.97 -30.84 -26.09
CA ARG V 14 -24.66 -30.93 -27.51
C ARG V 14 -24.53 -32.37 -27.95
N ASN V 15 -24.06 -33.25 -27.06
CA ASN V 15 -23.79 -34.65 -27.42
C ASN V 15 -25.10 -35.35 -27.72
N GLY V 16 -25.31 -35.68 -28.99
CA GLY V 16 -26.53 -36.37 -29.38
C GLY V 16 -26.66 -37.77 -28.82
N ILE V 17 -25.55 -38.49 -28.64
CA ILE V 17 -25.62 -39.88 -28.20
C ILE V 17 -26.28 -39.97 -26.83
N PHE V 18 -25.86 -39.12 -25.90
CA PHE V 18 -26.43 -39.18 -24.55
C PHE V 18 -27.92 -38.87 -24.55
N ILE V 19 -28.33 -37.86 -25.32
CA ILE V 19 -29.74 -37.50 -25.36
C ILE V 19 -30.57 -38.65 -25.92
N ASN V 20 -30.12 -39.23 -27.02
CA ASN V 20 -30.88 -40.34 -27.61
C ASN V 20 -30.93 -41.53 -26.67
N SER V 21 -29.82 -41.85 -26.00
CA SER V 21 -29.82 -42.97 -25.08
C SER V 21 -30.76 -42.71 -23.91
N LEU V 22 -30.79 -41.48 -23.41
CA LEU V 22 -31.70 -41.16 -22.31
C LEU V 22 -33.14 -41.30 -22.75
N ILE V 23 -33.46 -40.84 -23.96
CA ILE V 23 -34.83 -40.98 -24.46
C ILE V 23 -35.21 -42.46 -24.53
N ALA V 24 -34.31 -43.29 -25.05
CA ALA V 24 -34.62 -44.71 -25.16
C ALA V 24 -34.84 -45.33 -23.78
N ALA V 25 -33.98 -44.99 -22.82
CA ALA V 25 -34.13 -45.57 -21.48
C ALA V 25 -35.44 -45.13 -20.86
N LEU V 26 -35.78 -43.86 -21.01
CA LEU V 26 -37.06 -43.36 -20.48
C LEU V 26 -38.24 -44.08 -21.09
N THR V 27 -38.21 -44.31 -22.39
CA THR V 27 -39.31 -45.02 -23.02
C THR V 27 -39.40 -46.45 -22.53
N ILE V 28 -38.25 -47.10 -22.30
CA ILE V 28 -38.28 -48.47 -21.82
C ILE V 28 -38.94 -48.51 -20.44
N GLY V 29 -38.48 -47.65 -19.54
CA GLY V 29 -39.05 -47.64 -18.20
C GLY V 29 -40.53 -47.33 -18.20
N GLY V 30 -40.92 -46.30 -18.96
CA GLY V 30 -42.33 -45.94 -19.03
C GLY V 30 -43.19 -47.06 -19.57
N GLN V 31 -42.73 -47.71 -20.65
CA GLN V 31 -43.48 -48.83 -21.20
C GLN V 31 -43.64 -49.94 -20.19
N GLN V 32 -42.57 -50.26 -19.47
CA GLN V 32 -42.66 -51.34 -18.49
C GLN V 32 -43.69 -51.02 -17.42
N LEU V 33 -43.61 -49.81 -16.85
CA LEU V 33 -44.58 -49.43 -15.81
C LEU V 33 -46.00 -49.46 -16.36
N PHE V 34 -46.19 -48.88 -17.55
CA PHE V 34 -47.51 -48.84 -18.16
C PHE V 34 -48.08 -50.23 -18.32
N SER V 35 -47.34 -51.12 -18.98
CA SER V 35 -47.84 -52.47 -19.21
C SER V 35 -48.11 -53.20 -17.90
N SER V 36 -47.24 -53.03 -16.91
CA SER V 36 -47.45 -53.74 -15.66
C SER V 36 -48.67 -53.23 -14.92
N SER V 37 -49.04 -51.97 -15.11
CA SER V 37 -50.11 -51.43 -14.30
C SER V 37 -51.49 -51.62 -14.92
N THR V 38 -51.67 -51.21 -16.17
CA THR V 38 -53.02 -51.07 -16.72
C THR V 38 -53.27 -51.94 -17.95
N PHE V 39 -52.91 -53.21 -17.89
CA PHE V 39 -53.12 -54.11 -19.02
C PHE V 39 -53.79 -55.40 -18.56
N SER V 40 -54.85 -55.78 -19.25
CA SER V 40 -55.54 -57.03 -18.99
C SER V 40 -56.31 -57.41 -20.24
N CYS V 41 -56.10 -58.63 -20.72
CA CYS V 41 -56.71 -59.06 -21.96
C CYS V 41 -58.23 -59.10 -21.77
N PRO V 42 -59.01 -58.62 -22.74
CA PRO V 42 -60.47 -58.69 -22.58
C PRO V 42 -61.06 -60.07 -22.61
N CYS V 43 -60.48 -61.00 -23.38
CA CYS V 43 -61.01 -62.36 -23.49
C CYS V 43 -62.48 -62.34 -23.92
N GLN V 44 -62.84 -61.37 -24.74
CA GLN V 44 -64.17 -61.31 -25.32
C GLN V 44 -64.18 -62.08 -26.63
N VAL V 45 -65.24 -61.93 -27.41
CA VAL V 45 -65.43 -62.77 -28.60
C VAL V 45 -64.71 -62.20 -29.80
N GLY V 46 -64.99 -60.95 -30.15
CA GLY V 46 -64.39 -60.35 -31.32
C GLY V 46 -63.67 -59.06 -31.02
N LYS V 47 -63.74 -58.63 -29.76
CA LYS V 47 -63.18 -57.36 -29.32
C LYS V 47 -61.81 -57.52 -28.66
N ASN V 48 -61.04 -58.52 -29.07
CA ASN V 48 -59.71 -58.74 -28.54
C ASN V 48 -58.63 -58.11 -29.42
N PHE V 49 -58.73 -58.32 -30.73
CA PHE V 49 -57.71 -57.85 -31.65
C PHE V 49 -57.55 -56.34 -31.58
N TYR V 50 -58.66 -55.62 -31.41
CA TYR V 50 -58.55 -54.17 -31.26
C TYR V 50 -57.83 -53.80 -29.97
N TYR V 51 -58.16 -54.48 -28.88
CA TYR V 51 -57.52 -54.15 -27.61
C TYR V 51 -56.03 -54.43 -27.66
N GLY V 52 -55.61 -55.36 -28.50
CA GLY V 52 -54.18 -55.54 -28.69
C GLY V 52 -53.57 -54.47 -29.55
N SER V 53 -54.17 -54.26 -30.73
CA SER V 53 -53.60 -53.34 -31.70
C SER V 53 -53.49 -51.93 -31.15
N ALA V 54 -54.45 -51.51 -30.31
CA ALA V 54 -54.38 -50.16 -29.75
C ALA V 54 -53.08 -49.98 -28.97
N PHE V 55 -52.87 -50.82 -27.96
CA PHE V 55 -51.65 -50.70 -27.17
C PHE V 55 -50.41 -50.91 -28.02
N LEU V 56 -50.52 -51.66 -29.11
CA LEU V 56 -49.33 -51.90 -29.91
C LEU V 56 -48.96 -50.69 -30.75
N VAL V 57 -49.95 -49.97 -31.27
CA VAL V 57 -49.72 -48.96 -32.30
C VAL V 57 -49.88 -47.55 -31.76
N ILE V 58 -51.02 -47.24 -31.13
CA ILE V 58 -51.35 -45.85 -30.82
C ILE V 58 -50.23 -45.12 -30.09
N PRO V 59 -49.60 -45.70 -29.06
CA PRO V 59 -48.44 -45.01 -28.46
C PRO V 59 -47.35 -44.68 -29.46
N ALA V 60 -47.14 -45.53 -30.47
CA ALA V 60 -46.12 -45.21 -31.47
C ALA V 60 -46.47 -43.92 -32.20
N LEU V 61 -47.70 -43.84 -32.72
CA LEU V 61 -48.12 -42.63 -33.42
C LEU V 61 -48.04 -41.40 -32.51
N ILE V 62 -48.51 -41.54 -31.28
CA ILE V 62 -48.51 -40.39 -30.37
C ILE V 62 -47.08 -39.92 -30.11
N LEU V 63 -46.19 -40.85 -29.75
CA LEU V 63 -44.83 -40.45 -29.43
C LEU V 63 -44.11 -39.92 -30.66
N LEU V 64 -44.39 -40.48 -31.84
CA LEU V 64 -43.75 -39.98 -33.05
C LEU V 64 -44.19 -38.55 -33.36
N VAL V 65 -45.50 -38.31 -33.36
CA VAL V 65 -45.99 -36.95 -33.63
C VAL V 65 -45.47 -35.98 -32.57
N ALA V 66 -45.39 -36.43 -31.32
CA ALA V 66 -44.88 -35.53 -30.28
C ALA V 66 -43.41 -35.21 -30.49
N GLY V 67 -42.60 -36.23 -30.80
CA GLY V 67 -41.19 -36.02 -31.04
C GLY V 67 -40.91 -35.20 -32.29
N PHE V 68 -41.84 -35.20 -33.24
CA PHE V 68 -41.68 -34.34 -34.42
C PHE V 68 -42.09 -32.92 -34.14
N ALA V 69 -43.31 -32.73 -33.65
CA ALA V 69 -43.88 -31.40 -33.50
C ALA V 69 -43.20 -30.57 -32.43
N LEU V 70 -42.56 -31.21 -31.45
CA LEU V 70 -41.95 -30.46 -30.36
C LEU V 70 -40.63 -29.80 -30.74
N ARG V 71 -40.05 -30.14 -31.89
CA ARG V 71 -38.79 -29.55 -32.29
C ARG V 71 -39.07 -28.18 -32.90
N SER V 72 -38.53 -27.14 -32.26
CA SER V 72 -38.79 -25.77 -32.68
C SER V 72 -38.44 -25.57 -34.14
N GLN V 73 -37.33 -26.14 -34.60
CA GLN V 73 -36.89 -25.87 -35.97
C GLN V 73 -37.88 -26.40 -36.99
N MET V 74 -38.59 -27.48 -36.68
CA MET V 74 -39.54 -28.04 -37.63
C MET V 74 -40.66 -27.04 -37.93
N TRP V 75 -41.09 -26.28 -36.93
CA TRP V 75 -42.12 -25.28 -37.18
C TRP V 75 -41.61 -24.20 -38.14
N THR V 76 -40.36 -23.76 -37.95
CA THR V 76 -39.79 -22.75 -38.82
C THR V 76 -39.65 -23.27 -40.25
N ILE V 77 -39.24 -24.53 -40.39
CA ILE V 77 -39.11 -25.10 -41.73
C ILE V 77 -40.47 -25.20 -42.40
N THR V 78 -41.50 -25.61 -41.66
CA THR V 78 -42.84 -25.65 -42.22
C THR V 78 -43.30 -24.25 -42.63
N GLY V 79 -43.01 -23.25 -41.80
CA GLY V 79 -43.37 -21.89 -42.14
C GLY V 79 -42.70 -21.43 -43.43
N GLU V 80 -41.43 -21.78 -43.60
CA GLU V 80 -40.77 -21.57 -44.89
C GLU V 80 -41.52 -22.29 -46.00
N TYR V 81 -42.04 -23.49 -45.71
CA TYR V 81 -42.74 -24.25 -46.74
C TYR V 81 -44.20 -23.82 -46.88
N CYS V 82 -44.91 -23.66 -45.77
CA CYS V 82 -46.33 -23.35 -45.82
C CYS V 82 -46.56 -21.95 -46.39
N CYS V 83 -47.80 -21.72 -46.82
CA CYS V 83 -48.18 -20.43 -47.37
C CYS V 83 -48.33 -19.40 -46.26
N PRO V 94 -33.47 -24.59 -55.93
CA PRO V 94 -32.02 -24.37 -55.95
C PRO V 94 -31.31 -25.03 -54.77
N LEU V 95 -30.65 -24.24 -53.95
CA LEU V 95 -29.97 -24.77 -52.78
C LEU V 95 -30.83 -24.76 -51.54
N GLU V 96 -31.76 -23.81 -51.43
CA GLU V 96 -32.58 -23.70 -50.25
C GLU V 96 -33.42 -24.96 -50.05
N CYS V 97 -33.89 -25.56 -51.14
CA CYS V 97 -34.70 -26.77 -51.01
C CYS V 97 -33.89 -27.92 -50.44
N LYS V 98 -32.68 -28.15 -50.98
CA LYS V 98 -31.85 -29.23 -50.47
C LYS V 98 -31.45 -28.98 -49.02
N LEU V 99 -31.18 -27.73 -48.67
CA LEU V 99 -30.81 -27.45 -47.28
C LEU V 99 -32.00 -27.69 -46.34
N ALA V 100 -33.20 -27.30 -46.76
CA ALA V 100 -34.38 -27.60 -45.98
C ALA V 100 -34.55 -29.10 -45.82
N CYS V 101 -34.31 -29.86 -46.88
CA CYS V 101 -34.44 -31.30 -46.80
C CYS V 101 -33.46 -31.88 -45.78
N LEU V 102 -32.23 -31.37 -45.77
CA LEU V 102 -31.23 -31.85 -44.81
C LEU V 102 -31.61 -31.50 -43.39
N ARG V 103 -32.13 -30.29 -43.19
CA ARG V 103 -32.59 -29.88 -41.86
C ARG V 103 -33.70 -30.80 -41.34
N PHE V 104 -34.73 -30.98 -42.18
CA PHE V 104 -35.83 -31.85 -41.84
C PHE V 104 -35.33 -33.26 -41.55
N PHE V 105 -34.35 -33.74 -42.31
CA PHE V 105 -33.85 -35.09 -42.10
C PHE V 105 -33.14 -35.23 -40.76
N SER V 106 -32.36 -34.22 -40.37
CA SER V 106 -31.70 -34.30 -39.06
C SER V 106 -32.73 -34.34 -37.94
N ILE V 107 -33.75 -33.48 -38.03
CA ILE V 107 -34.78 -33.50 -37.00
C ILE V 107 -35.49 -34.85 -36.96
N THR V 108 -35.74 -35.43 -38.13
CA THR V 108 -36.33 -36.77 -38.18
C THR V 108 -35.42 -37.79 -37.51
N GLY V 109 -34.12 -37.73 -37.78
CA GLY V 109 -33.19 -38.64 -37.15
C GLY V 109 -33.22 -38.54 -35.64
N ARG V 110 -33.49 -37.35 -35.12
CA ARG V 110 -33.67 -37.23 -33.67
C ARG V 110 -35.00 -37.85 -33.24
N ALA V 111 -36.07 -37.57 -33.96
CA ALA V 111 -37.41 -37.87 -33.44
C ALA V 111 -37.78 -39.33 -33.56
N VAL V 112 -37.23 -40.05 -34.53
CA VAL V 112 -37.66 -41.44 -34.75
C VAL V 112 -37.27 -42.38 -33.62
N ILE V 113 -36.37 -41.97 -32.73
CA ILE V 113 -35.85 -42.91 -31.73
C ILE V 113 -36.94 -43.42 -30.79
N ALA V 114 -37.96 -42.61 -30.50
CA ALA V 114 -38.92 -43.02 -29.49
C ALA V 114 -39.88 -44.09 -29.99
N PRO V 115 -40.62 -43.88 -31.09
CA PRO V 115 -41.59 -44.91 -31.49
C PRO V 115 -40.95 -46.24 -31.81
N LEU V 116 -39.78 -46.24 -32.45
CA LEU V 116 -39.17 -47.50 -32.81
C LEU V 116 -38.73 -48.26 -31.58
N THR V 117 -38.21 -47.58 -30.56
CA THR V 117 -37.83 -48.29 -29.35
C THR V 117 -39.07 -48.77 -28.58
N TRP V 118 -40.17 -48.03 -28.64
CA TRP V 118 -41.39 -48.51 -28.00
C TRP V 118 -41.86 -49.79 -28.66
N LEU V 119 -41.98 -49.78 -29.99
CA LEU V 119 -42.37 -50.99 -30.71
C LEU V 119 -41.42 -52.13 -30.41
N ALA V 120 -40.12 -51.85 -30.39
CA ALA V 120 -39.15 -52.91 -30.17
C ALA V 120 -39.35 -53.56 -28.81
N VAL V 121 -39.45 -52.75 -27.76
CA VAL V 121 -39.56 -53.33 -26.43
C VAL V 121 -40.88 -54.04 -26.24
N THR V 122 -41.95 -53.51 -26.82
CA THR V 122 -43.24 -54.16 -26.60
C THR V 122 -43.35 -55.45 -27.40
N LEU V 123 -42.68 -55.53 -28.56
CA LEU V 123 -42.68 -56.79 -29.28
C LEU V 123 -41.77 -57.80 -28.63
N LEU V 124 -40.64 -57.35 -28.09
CA LEU V 124 -39.71 -58.31 -27.47
C LEU V 124 -40.29 -58.89 -26.20
N THR V 125 -40.91 -58.08 -25.35
CA THR V 125 -41.63 -58.65 -24.23
C THR V 125 -42.81 -59.47 -24.73
N GLY V 126 -43.44 -59.03 -25.81
CA GLY V 126 -44.43 -59.82 -26.52
C GLY V 126 -45.78 -59.98 -25.84
N THR V 127 -45.90 -59.61 -24.58
CA THR V 127 -47.16 -59.83 -23.88
C THR V 127 -48.32 -59.08 -24.52
N TYR V 128 -48.04 -58.09 -25.36
CA TYR V 128 -49.12 -57.40 -26.07
C TYR V 128 -49.58 -58.21 -27.27
N TYR V 129 -48.64 -58.79 -28.01
CA TYR V 129 -49.00 -59.41 -29.28
C TYR V 129 -49.88 -60.63 -29.06
N GLU V 130 -49.60 -61.41 -28.01
CA GLU V 130 -50.42 -62.60 -27.76
C GLU V 130 -51.88 -62.22 -27.57
N CYS V 131 -52.15 -61.14 -26.85
CA CYS V 131 -53.53 -60.65 -26.74
C CYS V 131 -54.00 -60.09 -28.07
N ALA V 132 -53.08 -59.57 -28.88
CA ALA V 132 -53.50 -58.96 -30.13
C ALA V 132 -54.05 -59.99 -31.10
N ALA V 133 -53.42 -61.16 -31.17
CA ALA V 133 -53.80 -62.18 -32.14
C ALA V 133 -54.01 -63.53 -31.47
N SER V 134 -54.67 -63.52 -30.31
CA SER V 134 -55.00 -64.78 -29.66
C SER V 134 -56.18 -65.49 -30.29
N GLU V 135 -56.80 -64.88 -31.30
CA GLU V 135 -57.93 -65.50 -31.97
C GLU V 135 -57.58 -66.09 -33.33
N PHE V 136 -56.48 -65.65 -33.94
CA PHE V 136 -56.15 -66.11 -35.28
C PHE V 136 -55.39 -67.43 -35.30
N ALA V 137 -55.20 -68.08 -34.16
CA ALA V 137 -54.42 -69.31 -34.12
C ALA V 137 -55.07 -70.38 -34.97
N SER V 138 -54.35 -70.88 -35.97
CA SER V 138 -54.87 -71.89 -36.87
C SER V 138 -54.89 -73.22 -36.15
N VAL V 139 -56.07 -73.66 -35.71
CA VAL V 139 -56.22 -74.92 -35.01
C VAL V 139 -56.85 -75.91 -35.98
N ASP V 140 -56.06 -76.90 -36.39
CA ASP V 140 -56.53 -77.97 -37.26
C ASP V 140 -56.08 -79.36 -36.84
N HIS V 141 -55.07 -79.48 -35.98
CA HIS V 141 -54.49 -80.77 -35.66
C HIS V 141 -54.55 -81.01 -34.16
N TYR V 142 -55.70 -80.76 -33.57
CA TYR V 142 -55.90 -80.96 -32.14
C TYR V 142 -57.19 -81.72 -31.90
N PRO V 143 -57.21 -82.57 -30.87
CA PRO V 143 -58.34 -83.51 -30.72
C PRO V 143 -59.59 -82.86 -30.13
N MET V 144 -59.42 -81.80 -29.35
CA MET V 144 -60.54 -81.19 -28.65
C MET V 144 -61.26 -80.14 -29.47
N PHE V 145 -60.76 -79.80 -30.67
CA PHE V 145 -61.39 -78.82 -31.54
C PHE V 145 -62.03 -79.46 -32.77
N ASP V 146 -62.33 -80.76 -32.72
CA ASP V 146 -62.87 -81.42 -33.89
C ASP V 146 -64.39 -81.27 -33.98
N ASN V 147 -65.11 -81.77 -32.98
CA ASN V 147 -66.57 -81.81 -33.04
C ASN V 147 -67.22 -80.50 -32.61
N VAL V 148 -66.51 -79.70 -31.80
CA VAL V 148 -67.12 -78.52 -31.21
C VAL V 148 -67.52 -77.52 -32.28
N SER V 149 -68.53 -76.71 -31.97
CA SER V 149 -69.05 -75.76 -32.93
C SER V 149 -68.07 -74.61 -33.15
N ALA V 150 -68.28 -73.89 -34.24
CA ALA V 150 -67.37 -72.81 -34.62
C ALA V 150 -67.38 -71.69 -33.59
N SER V 151 -68.56 -71.18 -33.25
CA SER V 151 -68.65 -70.13 -32.25
C SER V 151 -68.15 -70.62 -30.89
N LYS V 152 -68.44 -71.88 -30.55
CA LYS V 152 -67.88 -72.45 -29.33
C LYS V 152 -66.36 -72.47 -29.40
N ARG V 153 -65.80 -72.73 -30.58
CA ARG V 153 -64.36 -72.70 -30.74
C ARG V 153 -63.82 -71.30 -30.54
N GLU V 154 -64.49 -70.28 -31.11
CA GLU V 154 -64.07 -68.90 -30.89
C GLU V 154 -64.08 -68.56 -29.41
N GLU V 155 -65.14 -68.95 -28.71
CA GLU V 155 -65.25 -68.65 -27.29
C GLU V 155 -64.13 -69.31 -26.51
N ILE V 156 -63.87 -70.59 -26.77
CA ILE V 156 -62.84 -71.28 -26.00
C ILE V 156 -61.44 -70.83 -26.42
N LEU V 157 -61.31 -70.28 -27.62
CA LEU V 157 -60.00 -69.86 -28.11
C LEU V 157 -59.63 -68.49 -27.56
N ALA V 158 -60.58 -67.56 -27.52
CA ALA V 158 -60.26 -66.22 -27.05
C ALA V 158 -60.08 -66.15 -25.54
N GLY V 159 -60.44 -67.19 -24.81
CA GLY V 159 -60.29 -67.17 -23.37
C GLY V 159 -58.93 -67.61 -22.88
N PHE V 160 -58.08 -68.05 -23.79
CA PHE V 160 -56.78 -68.60 -23.40
C PHE V 160 -55.90 -67.63 -22.64
N PRO V 161 -55.63 -66.41 -23.11
CA PRO V 161 -54.55 -65.62 -22.51
C PRO V 161 -54.75 -65.29 -21.03
N CYS V 162 -55.96 -64.88 -20.64
CA CYS V 162 -56.14 -64.28 -19.33
C CYS V 162 -56.14 -65.31 -18.20
N CYS V 163 -56.96 -66.35 -18.29
CA CYS V 163 -57.09 -67.23 -17.13
C CYS V 163 -57.07 -68.69 -17.57
N ARG V 164 -57.01 -69.58 -16.58
CA ARG V 164 -57.02 -71.01 -16.83
C ARG V 164 -57.70 -71.74 -15.68
N SER V 165 -58.71 -72.55 -16.02
CA SER V 165 -59.37 -73.39 -15.04
C SER V 165 -59.72 -74.77 -15.58
N ALA V 166 -59.41 -75.06 -16.85
CA ALA V 166 -59.88 -76.26 -17.52
C ALA V 166 -58.99 -77.46 -17.16
N PRO V 167 -59.34 -78.66 -17.67
CA PRO V 167 -58.46 -79.83 -17.46
C PRO V 167 -57.08 -79.70 -18.07
N SER V 168 -56.27 -80.76 -17.90
CA SER V 168 -54.85 -80.68 -18.23
C SER V 168 -54.62 -80.46 -19.72
N ASP V 169 -55.30 -81.23 -20.57
CA ASP V 169 -55.04 -81.13 -22.00
C ASP V 169 -55.33 -79.72 -22.52
N VAL V 170 -56.37 -79.09 -21.99
CA VAL V 170 -56.70 -77.73 -22.42
C VAL V 170 -55.59 -76.76 -22.03
N ILE V 171 -55.10 -76.86 -20.79
CA ILE V 171 -54.07 -75.91 -20.39
C ILE V 171 -52.77 -76.20 -21.12
N LEU V 172 -52.55 -77.44 -21.53
CA LEU V 172 -51.35 -77.75 -22.30
C LEU V 172 -51.43 -77.15 -23.70
N VAL V 173 -52.55 -77.32 -24.38
CA VAL V 173 -52.68 -76.69 -25.70
C VAL V 173 -52.64 -75.17 -25.56
N ARG V 174 -53.12 -74.65 -24.42
CA ARG V 174 -53.00 -73.22 -24.15
C ARG V 174 -51.54 -72.79 -24.07
N ASP V 175 -50.76 -73.51 -23.27
CA ASP V 175 -49.34 -73.21 -23.17
C ASP V 175 -48.67 -73.27 -24.53
N GLU V 176 -49.05 -74.25 -25.35
CA GLU V 176 -48.43 -74.39 -26.66
C GLU V 176 -48.75 -73.19 -27.55
N ILE V 177 -50.03 -72.80 -27.59
CA ILE V 177 -50.40 -71.64 -28.40
C ILE V 177 -49.67 -70.40 -27.91
N ALA V 178 -49.55 -70.25 -26.60
CA ALA V 178 -48.87 -69.08 -26.05
C ALA V 178 -47.42 -69.04 -26.48
N LEU V 179 -46.73 -70.19 -26.40
CA LEU V 179 -45.33 -70.22 -26.81
C LEU V 179 -45.19 -69.89 -28.30
N LEU V 180 -46.05 -70.46 -29.13
CA LEU V 180 -45.99 -70.15 -30.56
C LEU V 180 -46.15 -68.66 -30.80
N HIS V 181 -47.12 -68.04 -30.14
CA HIS V 181 -47.37 -66.63 -30.40
C HIS V 181 -46.24 -65.76 -29.87
N ARG V 182 -45.65 -66.13 -28.74
CA ARG V 182 -44.50 -65.38 -28.25
C ARG V 182 -43.33 -65.47 -29.22
N TYR V 183 -43.10 -66.66 -29.78
CA TYR V 183 -42.06 -66.80 -30.78
C TYR V 183 -42.31 -65.87 -31.96
N GLN V 184 -43.55 -65.86 -32.46
CA GLN V 184 -43.85 -64.99 -33.59
C GLN V 184 -43.62 -63.53 -33.24
N SER V 185 -44.02 -63.12 -32.04
CA SER V 185 -43.83 -61.73 -31.65
C SER V 185 -42.35 -61.37 -31.62
N GLN V 186 -41.53 -62.21 -31.02
CA GLN V 186 -40.11 -61.86 -30.90
C GLN V 186 -39.44 -61.84 -32.26
N MET V 187 -39.79 -62.77 -33.15
CA MET V 187 -39.21 -62.72 -34.48
C MET V 187 -39.63 -61.45 -35.21
N LEU V 188 -40.90 -61.08 -35.10
CA LEU V 188 -41.35 -59.86 -35.74
C LEU V 188 -40.58 -58.66 -35.19
N GLY V 189 -40.31 -58.66 -33.89
CA GLY V 189 -39.56 -57.57 -33.30
C GLY V 189 -38.15 -57.47 -33.86
N TRP V 190 -37.46 -58.61 -33.94
CA TRP V 190 -36.10 -58.58 -34.49
C TRP V 190 -36.12 -58.12 -35.94
N ILE V 191 -37.13 -58.54 -36.70
CA ILE V 191 -37.24 -58.10 -38.09
C ILE V 191 -37.41 -56.59 -38.15
N LEU V 192 -38.27 -56.05 -37.28
CA LEU V 192 -38.46 -54.60 -37.25
C LEU V 192 -37.16 -53.88 -36.94
N ILE V 193 -36.40 -54.38 -35.96
CA ILE V 193 -35.13 -53.74 -35.61
C ILE V 193 -34.17 -53.76 -36.78
N THR V 194 -33.99 -54.92 -37.43
CA THR V 194 -33.01 -54.98 -38.50
C THR V 194 -33.43 -54.11 -39.68
N LEU V 195 -34.71 -54.10 -40.03
CA LEU V 195 -35.15 -53.27 -41.13
C LEU V 195 -34.98 -51.80 -40.80
N ALA V 196 -35.32 -51.41 -39.57
CA ALA V 196 -35.16 -50.01 -39.18
C ALA V 196 -33.71 -49.59 -39.25
N THR V 197 -32.80 -50.44 -38.78
CA THR V 197 -31.39 -50.09 -38.81
C THR V 197 -30.88 -49.96 -40.23
N ILE V 198 -31.21 -50.92 -41.10
CA ILE V 198 -30.71 -50.85 -42.47
C ILE V 198 -31.30 -49.64 -43.19
N ALA V 199 -32.57 -49.32 -42.93
CA ALA V 199 -33.17 -48.16 -43.56
C ALA V 199 -32.51 -46.88 -43.07
N ALA V 200 -32.26 -46.77 -41.77
CA ALA V 200 -31.61 -45.58 -41.25
C ALA V 200 -30.23 -45.42 -41.86
N LEU V 201 -29.47 -46.50 -41.97
CA LEU V 201 -28.12 -46.41 -42.51
C LEU V 201 -28.15 -45.98 -43.96
N VAL V 202 -28.97 -46.64 -44.79
CA VAL V 202 -29.00 -46.27 -46.21
C VAL V 202 -29.51 -44.86 -46.39
N SER V 203 -30.45 -44.42 -45.54
CA SER V 203 -30.98 -43.07 -45.68
C SER V 203 -29.93 -42.04 -45.30
N CYS V 204 -29.19 -42.27 -44.22
CA CYS V 204 -28.14 -41.33 -43.85
C CYS V 204 -27.06 -41.27 -44.92
N CYS V 205 -26.71 -42.42 -45.50
CA CYS V 205 -25.71 -42.42 -46.55
C CYS V 205 -26.20 -41.67 -47.78
N VAL V 206 -27.45 -41.86 -48.15
CA VAL V 206 -28.01 -41.14 -49.30
C VAL V 206 -28.02 -39.64 -49.03
N ALA V 207 -28.39 -39.25 -47.82
CA ALA V 207 -28.40 -37.83 -47.48
C ALA V 207 -27.00 -37.24 -47.56
N LYS V 208 -26.00 -37.98 -47.09
CA LYS V 208 -24.63 -37.50 -47.20
C LYS V 208 -24.18 -37.45 -48.66
N CYS V 209 -24.72 -38.34 -49.49
CA CYS V 209 -24.36 -38.35 -50.91
C CYS V 209 -24.93 -37.15 -51.64
N CYS V 210 -26.24 -36.93 -51.52
CA CYS V 210 -26.91 -35.86 -52.25
C CYS V 210 -26.62 -34.48 -51.67
N SER V 211 -25.81 -34.39 -50.63
CA SER V 211 -25.53 -33.09 -50.02
C SER V 211 -24.68 -32.26 -50.96
N PRO V 212 -25.01 -30.97 -51.15
CA PRO V 212 -24.17 -30.11 -51.99
C PRO V 212 -22.97 -29.54 -51.28
N LEU V 213 -22.84 -29.71 -49.98
CA LEU V 213 -21.76 -29.10 -49.22
C LEU V 213 -20.64 -30.09 -48.96
N THR V 214 -19.48 -29.55 -48.60
CA THR V 214 -18.30 -30.36 -48.36
C THR V 214 -18.35 -30.95 -46.95
N SER V 215 -17.25 -31.54 -46.51
CA SER V 215 -17.16 -32.11 -45.18
C SER V 215 -16.91 -31.05 -44.12
N LEU V 216 -16.67 -29.80 -44.50
CA LEU V 216 -16.40 -28.72 -43.57
C LEU V 216 -17.48 -27.66 -43.56
N GLN V 217 -18.05 -27.33 -44.72
CA GLN V 217 -19.13 -26.35 -44.76
C GLN V 217 -20.32 -26.79 -43.93
N HIS V 218 -20.53 -28.10 -43.79
CA HIS V 218 -21.68 -28.59 -43.05
C HIS V 218 -21.60 -28.21 -41.57
N CYS V 219 -20.44 -28.42 -40.94
CA CYS V 219 -20.29 -28.08 -39.54
C CYS V 219 -20.45 -26.58 -39.32
N TYR V 220 -19.77 -25.79 -40.15
CA TYR V 220 -19.95 -24.35 -40.13
C TYR V 220 -21.42 -23.98 -40.23
N TRP V 221 -22.15 -24.69 -41.08
CA TRP V 221 -23.57 -24.37 -41.30
C TRP V 221 -24.40 -24.65 -40.06
N THR V 222 -24.17 -25.79 -39.42
CA THR V 222 -24.92 -26.12 -38.22
C THR V 222 -24.64 -25.11 -37.11
N SER V 223 -23.37 -24.77 -36.90
CA SER V 223 -23.04 -23.77 -35.91
C SER V 223 -23.68 -22.44 -36.25
N HIS V 224 -23.70 -22.08 -37.53
CA HIS V 224 -24.37 -20.87 -37.97
C HIS V 224 -25.82 -20.86 -37.53
N LEU V 225 -26.55 -21.94 -37.83
CA LEU V 225 -27.97 -21.99 -37.48
C LEU V 225 -28.16 -21.83 -35.98
N GLN V 226 -27.48 -22.65 -35.18
CA GLN V 226 -27.71 -22.63 -33.75
C GLN V 226 -27.39 -21.27 -33.15
N ASN V 227 -26.19 -20.76 -33.42
CA ASN V 227 -25.80 -19.50 -32.82
C ASN V 227 -26.66 -18.35 -33.33
N GLU V 228 -27.10 -18.42 -34.59
CA GLU V 228 -28.02 -17.42 -35.10
C GLU V 228 -29.28 -17.36 -34.25
N ARG V 229 -29.93 -18.51 -34.06
CA ARG V 229 -31.15 -18.51 -33.26
C ARG V 229 -30.90 -17.90 -31.89
N GLU V 230 -29.87 -18.39 -31.20
CA GLU V 230 -29.64 -17.93 -29.83
C GLU V 230 -29.38 -16.43 -29.77
N LEU V 231 -28.47 -15.93 -30.60
CA LEU V 231 -28.11 -14.53 -30.54
C LEU V 231 -29.28 -13.63 -30.90
N PHE V 232 -30.05 -14.00 -31.93
CA PHE V 232 -31.18 -13.16 -32.28
C PHE V 232 -32.19 -13.10 -31.16
N GLU V 233 -32.43 -14.23 -30.48
CA GLU V 233 -33.34 -14.19 -29.33
C GLU V 233 -32.85 -13.21 -28.29
N GLN V 234 -31.58 -13.33 -27.90
CA GLN V 234 -31.06 -12.46 -26.85
C GLN V 234 -31.14 -10.99 -27.25
N ALA V 235 -30.79 -10.69 -28.49
CA ALA V 235 -30.77 -9.31 -28.94
C ALA V 235 -32.17 -8.73 -28.97
N ALA V 236 -33.14 -9.48 -29.50
CA ALA V 236 -34.51 -8.98 -29.53
C ALA V 236 -35.00 -8.70 -28.12
N GLU V 237 -34.73 -9.62 -27.20
CA GLU V 237 -35.15 -9.39 -25.82
C GLU V 237 -34.57 -8.10 -25.28
N GLN V 238 -33.25 -7.93 -25.40
CA GLN V 238 -32.61 -6.76 -24.82
C GLN V 238 -33.12 -5.47 -25.47
N HIS V 239 -33.32 -5.48 -26.79
CA HIS V 239 -33.78 -4.29 -27.48
C HIS V 239 -35.17 -3.90 -27.05
N SER V 240 -36.09 -4.87 -26.98
CA SER V 240 -37.44 -4.53 -26.54
C SER V 240 -37.44 -4.05 -25.10
N ARG V 241 -36.59 -4.65 -24.27
CA ARG V 241 -36.49 -4.18 -22.89
C ARG V 241 -36.06 -2.72 -22.83
N LEU V 242 -35.03 -2.36 -23.62
CA LEU V 242 -34.57 -0.98 -23.61
C LEU V 242 -35.65 -0.03 -24.10
N LEU V 243 -36.37 -0.41 -25.16
CA LEU V 243 -37.40 0.49 -25.68
C LEU V 243 -38.51 0.68 -24.67
N MET V 244 -38.99 -0.40 -24.04
CA MET V 244 -40.02 -0.25 -23.03
C MET V 244 -39.51 0.58 -21.86
N MET V 245 -38.23 0.43 -21.51
CA MET V 245 -37.65 1.23 -20.44
C MET V 245 -37.66 2.70 -20.80
N HIS V 246 -37.35 3.03 -22.06
CA HIS V 246 -37.39 4.42 -22.48
C HIS V 246 -38.80 4.97 -22.42
N ARG V 247 -39.80 4.20 -22.86
CA ARG V 247 -41.17 4.68 -22.74
C ARG V 247 -41.55 4.92 -21.29
N ILE V 248 -41.16 4.01 -20.40
CA ILE V 248 -41.45 4.19 -18.99
C ILE V 248 -40.82 5.47 -18.48
N LYS V 249 -39.57 5.72 -18.83
CA LYS V 249 -38.91 6.93 -18.35
C LYS V 249 -39.55 8.18 -18.92
N LYS V 250 -40.02 8.13 -20.15
CA LYS V 250 -40.73 9.27 -20.71
C LYS V 250 -42.03 9.52 -19.94
N LEU V 251 -42.69 8.46 -19.52
CA LEU V 251 -43.95 8.65 -18.80
C LEU V 251 -43.72 9.14 -17.37
N PHE V 252 -43.05 8.34 -16.55
CA PHE V 252 -42.94 8.66 -15.13
C PHE V 252 -41.84 9.68 -14.86
N GLY V 253 -40.82 9.73 -15.70
CA GLY V 253 -39.77 10.72 -15.56
C GLY V 253 -38.44 10.19 -15.08
N PHE V 254 -38.19 8.90 -15.17
CA PHE V 254 -36.94 8.33 -14.70
C PHE V 254 -36.82 6.90 -15.21
N ILE V 255 -35.59 6.43 -15.30
CA ILE V 255 -35.33 5.06 -15.73
C ILE V 255 -35.58 4.14 -14.54
N PRO V 256 -36.33 3.05 -14.70
CA PRO V 256 -36.64 2.22 -13.53
C PRO V 256 -35.42 1.61 -12.86
N GLY V 257 -34.44 1.18 -13.63
CA GLY V 257 -33.25 0.58 -13.07
C GLY V 257 -32.40 1.56 -12.29
N SER V 258 -32.93 2.75 -12.08
CA SER V 258 -32.18 3.77 -11.39
C SER V 258 -32.38 3.69 -9.89
N GLU V 259 -31.56 4.49 -9.22
CA GLU V 259 -31.58 4.76 -7.78
C GLU V 259 -31.30 6.23 -7.54
N ASP V 260 -31.80 6.68 -6.39
CA ASP V 260 -31.66 8.06 -5.89
C ASP V 260 -32.10 9.11 -6.93
N VAL V 261 -33.17 8.80 -7.65
CA VAL V 261 -33.69 9.73 -8.66
C VAL V 261 -34.22 10.97 -7.98
N LYS V 262 -33.83 12.14 -8.48
CA LYS V 262 -34.25 13.39 -7.86
C LYS V 262 -35.35 14.11 -8.64
N HIS V 263 -35.98 13.45 -9.61
CA HIS V 263 -37.06 14.10 -10.33
C HIS V 263 -38.15 13.09 -10.68
N ILE V 264 -39.40 13.45 -10.42
CA ILE V 264 -40.55 12.58 -10.61
C ILE V 264 -41.59 13.35 -11.41
N ARG V 265 -42.16 12.71 -12.42
CA ARG V 265 -43.20 13.34 -13.23
C ARG V 265 -44.52 12.64 -12.96
N ILE V 266 -45.47 13.36 -12.40
CA ILE V 266 -46.80 12.78 -12.17
C ILE V 266 -47.52 12.63 -13.50
N PRO V 267 -48.13 11.47 -13.77
CA PRO V 267 -48.81 11.29 -15.05
C PRO V 267 -50.11 12.07 -15.10
N SER V 268 -50.56 12.32 -16.33
CA SER V 268 -51.85 12.97 -16.53
C SER V 268 -52.92 11.91 -16.76
N CYS V 269 -54.18 12.32 -16.67
CA CYS V 269 -55.27 11.38 -16.86
C CYS V 269 -55.38 10.87 -18.29
N GLN V 270 -54.53 11.37 -19.20
CA GLN V 270 -54.48 10.90 -20.57
C GLN V 270 -53.27 10.03 -20.87
N ASP V 271 -52.14 10.29 -20.21
CA ASP V 271 -50.94 9.51 -20.45
C ASP V 271 -51.21 8.02 -20.28
N TRP V 272 -52.07 7.66 -19.33
CA TRP V 272 -52.49 6.28 -19.20
C TRP V 272 -53.16 5.79 -20.48
N LYS V 273 -53.99 6.64 -21.08
CA LYS V 273 -54.60 6.28 -22.36
C LYS V 273 -53.55 6.09 -23.44
N ASP V 274 -52.47 6.88 -23.38
CA ASP V 274 -51.43 6.77 -24.42
C ASP V 274 -50.66 5.47 -24.28
N ILE V 275 -50.18 5.16 -23.07
CA ILE V 275 -49.34 3.99 -22.88
C ILE V 275 -50.13 2.70 -23.06
N SER V 276 -51.44 2.80 -23.20
CA SER V 276 -52.29 1.61 -23.30
C SER V 276 -51.96 0.78 -24.53
N VAL V 277 -51.55 1.40 -25.63
CA VAL V 277 -51.29 0.66 -26.86
C VAL V 277 -49.85 0.18 -26.89
N PRO V 278 -49.57 -0.98 -27.49
CA PRO V 278 -48.22 -1.57 -27.40
C PRO V 278 -47.29 -1.27 -28.56
N THR V 279 -47.74 -0.59 -29.61
CA THR V 279 -46.97 -0.22 -30.80
C THR V 279 -46.54 -1.46 -31.59
N LEU V 280 -46.86 -2.66 -31.10
CA LEU V 280 -46.52 -3.92 -31.77
C LEU V 280 -45.03 -4.02 -32.05
#